data_1YHO
#
_entry.id   1YHO
#
_cell.length_a   1.000
_cell.length_b   1.000
_cell.length_c   1.000
_cell.angle_alpha   90.00
_cell.angle_beta   90.00
_cell.angle_gamma   90.00
#
_symmetry.space_group_name_H-M   'P 1'
#
loop_
_entity.id
_entity.type
_entity.pdbx_description
1 polymer 'Dihydrofolate reductase'
2 non-polymer 'NADPH DIHYDRO-NICOTINAMIDE-ADENINE-DINUCLEOTIDE PHOSPHATE'
3 non-polymer 2,4-DIAMINO-5-(3,4,5-TRIMETHOXY-BENZYL)-PYRIMIDIN-1-IUM
#
_entity_poly.entity_id   1
_entity_poly.type   'polypeptide(L)'
_entity_poly.pdbx_seq_one_letter_code
;VGSLNCIVAVSQNMGIGKNGDLPWPPLRNEFRYFQRMTTTSSVEGKQNLVIMGKKTWFSIPEKNRPLKGRINLVLSRELK
EPPQGAHFLSRSLDDALKLTEQPELANKVDMVWIVGGSSVYKEAMNHPGHLKLFVTRIMQDFESDTFFPEIDLEKYKLLP
EYPGVLSDVQEEKGIKYKFEVYEKND
;
_entity_poly.pdbx_strand_id   A
#
loop_
_chem_comp.id
_chem_comp.type
_chem_comp.name
_chem_comp.formula
NDP non-polymer 'NADPH DIHYDRO-NICOTINAMIDE-ADENINE-DINUCLEOTIDE PHOSPHATE' 'C21 H30 N7 O17 P3'
TRR non-polymer 2,4-DIAMINO-5-(3,4,5-TRIMETHOXY-BENZYL)-PYRIMIDIN-1-IUM 'C14 H19 N4 O3 1'
#
# COMPACT_ATOMS: atom_id res chain seq x y z
N VAL A 1 -11.47 -5.70 11.86
CA VAL A 1 -10.52 -5.38 12.95
C VAL A 1 -9.26 -6.25 12.85
N GLY A 2 -8.11 -5.65 13.11
CA GLY A 2 -6.86 -6.38 13.06
C GLY A 2 -6.58 -6.95 11.68
N SER A 3 -7.13 -6.29 10.65
CA SER A 3 -6.93 -6.74 9.28
C SER A 3 -5.89 -5.88 8.57
N LEU A 4 -5.01 -6.54 7.80
CA LEU A 4 -3.96 -5.83 7.07
C LEU A 4 -4.13 -6.03 5.57
N ASN A 5 -4.13 -4.91 4.84
CA ASN A 5 -4.29 -4.97 3.39
C ASN A 5 -3.12 -4.27 2.69
N CYS A 6 -2.45 -5.00 1.80
CA CYS A 6 -1.31 -4.46 1.08
C CYS A 6 -1.73 -4.04 -0.34
N ILE A 7 -1.25 -2.87 -0.77
CA ILE A 7 -1.56 -2.37 -2.09
C ILE A 7 -0.36 -1.65 -2.71
N VAL A 8 0.21 -2.26 -3.75
CA VAL A 8 1.36 -1.68 -4.43
C VAL A 8 1.38 -2.08 -5.90
N ALA A 9 2.01 -1.25 -6.74
CA ALA A 9 2.11 -1.52 -8.16
C ALA A 9 3.52 -1.98 -8.54
N VAL A 10 3.61 -2.77 -9.60
CA VAL A 10 4.89 -3.28 -10.07
C VAL A 10 4.91 -3.39 -11.59
N SER A 11 6.07 -3.14 -12.18
CA SER A 11 6.23 -3.22 -13.64
C SER A 11 6.37 -4.66 -14.10
N GLN A 12 6.22 -4.89 -15.39
CA GLN A 12 6.32 -6.23 -15.96
C GLN A 12 7.70 -6.83 -15.68
N ASN A 13 8.68 -5.98 -15.42
CA ASN A 13 10.04 -6.43 -15.13
C ASN A 13 10.28 -6.53 -13.62
N MET A 14 9.20 -6.69 -12.86
CA MET A 14 9.31 -6.81 -11.41
C MET A 14 9.91 -5.54 -10.81
N GLY A 15 9.55 -4.39 -11.37
CA GLY A 15 10.06 -3.13 -10.88
C GLY A 15 9.03 -2.37 -10.08
N ILE A 16 9.50 -1.57 -9.11
CA ILE A 16 8.61 -0.79 -8.27
C ILE A 16 8.81 0.71 -8.50
N GLY A 17 10.07 1.12 -8.62
CA GLY A 17 10.36 2.52 -8.85
C GLY A 17 11.85 2.81 -8.82
N LYS A 18 12.23 3.97 -9.34
CA LYS A 18 13.64 4.38 -9.38
C LYS A 18 13.83 5.73 -8.72
N ASN A 19 14.77 5.80 -7.78
CA ASN A 19 15.05 7.04 -7.08
C ASN A 19 13.83 7.53 -6.30
N GLY A 20 13.00 6.58 -5.88
CA GLY A 20 11.80 6.94 -5.13
C GLY A 20 10.67 7.40 -6.03
N ASP A 21 10.72 7.03 -7.31
CA ASP A 21 9.69 7.41 -8.26
C ASP A 21 9.21 6.21 -9.07
N LEU A 22 7.94 6.23 -9.45
CA LEU A 22 7.36 5.13 -10.22
C LEU A 22 7.98 5.07 -11.61
N PRO A 23 8.16 3.85 -12.16
CA PRO A 23 8.76 3.66 -13.49
C PRO A 23 7.98 4.40 -14.58
N TRP A 24 6.66 4.44 -14.44
CA TRP A 24 5.81 5.12 -15.41
C TRP A 24 5.36 6.48 -14.89
N PRO A 25 5.19 7.46 -15.79
CA PRO A 25 4.76 8.82 -15.41
C PRO A 25 3.47 8.80 -14.60
N PRO A 26 3.10 9.95 -14.00
CA PRO A 26 1.89 10.07 -13.18
C PRO A 26 0.65 9.59 -13.93
N LEU A 27 -0.01 8.58 -13.38
CA LEU A 27 -1.22 8.03 -13.99
C LEU A 27 -2.47 8.53 -13.27
N ARG A 28 -3.28 9.29 -14.01
CA ARG A 28 -4.52 9.84 -13.44
C ARG A 28 -5.46 8.73 -13.00
N ASN A 29 -5.47 7.63 -13.75
CA ASN A 29 -6.32 6.50 -13.44
C ASN A 29 -5.78 5.72 -12.24
N GLU A 30 -4.47 5.49 -12.23
CA GLU A 30 -3.83 4.76 -11.15
C GLU A 30 -3.90 5.55 -9.84
N PHE A 31 -3.78 6.86 -9.94
CA PHE A 31 -3.83 7.74 -8.77
C PHE A 31 -5.24 7.80 -8.20
N ARG A 32 -6.21 8.04 -9.07
CA ARG A 32 -7.61 8.13 -8.65
C ARG A 32 -8.11 6.78 -8.16
N TYR A 33 -7.74 5.71 -8.88
CA TYR A 33 -8.16 4.37 -8.51
C TYR A 33 -7.64 3.99 -7.12
N PHE A 34 -6.39 4.34 -6.84
CA PHE A 34 -5.77 4.05 -5.56
C PHE A 34 -6.50 4.77 -4.43
N GLN A 35 -6.75 6.07 -4.63
CA GLN A 35 -7.44 6.87 -3.63
C GLN A 35 -8.88 6.42 -3.45
N ARG A 36 -9.60 6.31 -4.57
CA ARG A 36 -10.99 5.89 -4.54
C ARG A 36 -11.13 4.48 -3.95
N MET A 37 -10.18 3.62 -4.29
CA MET A 37 -10.19 2.25 -3.79
C MET A 37 -10.08 2.22 -2.27
N THR A 38 -9.05 2.87 -1.74
CA THR A 38 -8.83 2.92 -0.30
C THR A 38 -9.96 3.67 0.40
N THR A 39 -10.43 4.75 -0.22
CA THR A 39 -11.50 5.55 0.33
C THR A 39 -12.77 4.72 0.49
N THR A 40 -12.95 3.76 -0.41
CA THR A 40 -14.12 2.90 -0.38
C THR A 40 -14.08 1.96 0.83
N SER A 41 -14.59 2.46 1.96
CA SER A 41 -14.61 1.67 3.19
C SER A 41 -15.81 0.73 3.21
N SER A 42 -15.61 -0.45 3.79
CA SER A 42 -16.68 -1.45 3.88
C SER A 42 -17.60 -1.16 5.05
N VAL A 43 -17.03 -0.61 6.12
CA VAL A 43 -17.81 -0.28 7.31
C VAL A 43 -18.00 1.22 7.45
N GLU A 44 -19.23 1.63 7.70
CA GLU A 44 -19.56 3.05 7.85
C GLU A 44 -19.33 3.52 9.29
N GLY A 45 -18.84 4.73 9.44
CA GLY A 45 -18.59 5.28 10.76
C GLY A 45 -17.20 4.95 11.27
N LYS A 46 -16.32 4.50 10.38
CA LYS A 46 -14.96 4.15 10.76
C LYS A 46 -13.95 4.75 9.79
N GLN A 47 -12.70 4.87 10.22
CA GLN A 47 -11.64 5.43 9.39
C GLN A 47 -10.58 4.37 9.08
N ASN A 48 -9.89 4.56 7.96
CA ASN A 48 -8.84 3.63 7.56
C ASN A 48 -7.46 4.14 7.95
N LEU A 49 -6.60 3.24 8.41
CA LEU A 49 -5.25 3.62 8.83
C LEU A 49 -4.22 3.10 7.83
N VAL A 50 -3.54 4.02 7.16
CA VAL A 50 -2.53 3.66 6.18
C VAL A 50 -1.12 3.94 6.70
N ILE A 51 -0.16 3.15 6.23
CA ILE A 51 1.22 3.31 6.66
C ILE A 51 2.15 3.48 5.46
N MET A 52 3.00 4.50 5.51
CA MET A 52 3.93 4.77 4.42
C MET A 52 5.36 4.92 4.95
N GLY A 53 6.33 4.61 4.10
CA GLY A 53 7.72 4.72 4.50
C GLY A 53 8.25 6.13 4.37
N LYS A 54 9.47 6.34 4.87
CA LYS A 54 10.09 7.66 4.80
C LYS A 54 10.22 8.13 3.35
N LYS A 55 10.66 7.24 2.48
CA LYS A 55 10.82 7.57 1.06
C LYS A 55 9.47 7.92 0.44
N THR A 56 8.46 7.11 0.71
CA THR A 56 7.12 7.33 0.17
C THR A 56 6.57 8.68 0.62
N TRP A 57 6.71 8.98 1.91
CA TRP A 57 6.23 10.24 2.46
C TRP A 57 6.87 11.43 1.76
N PHE A 58 8.20 11.47 1.79
CA PHE A 58 8.94 12.56 1.15
C PHE A 58 8.68 12.59 -0.35
N SER A 59 8.21 11.48 -0.90
CA SER A 59 7.93 11.39 -2.33
C SER A 59 6.57 12.02 -2.66
N ILE A 60 5.65 11.94 -1.71
CA ILE A 60 4.31 12.50 -1.90
C ILE A 60 4.34 14.01 -1.77
N PRO A 61 3.75 14.73 -2.75
CA PRO A 61 3.72 16.20 -2.73
C PRO A 61 2.85 16.75 -1.61
N GLU A 62 3.25 17.88 -1.05
CA GLU A 62 2.51 18.51 0.04
C GLU A 62 1.11 18.90 -0.42
N LYS A 63 0.94 19.13 -1.72
CA LYS A 63 -0.35 19.51 -2.27
C LYS A 63 -1.43 18.51 -1.89
N ASN A 64 -1.03 17.25 -1.71
CA ASN A 64 -1.96 16.20 -1.34
C ASN A 64 -1.91 15.91 0.16
N ARG A 65 -0.74 16.12 0.75
CA ARG A 65 -0.55 15.88 2.18
C ARG A 65 -1.04 17.08 3.00
N PRO A 66 -1.71 16.84 4.14
CA PRO A 66 -2.12 15.49 4.56
C PRO A 66 -3.25 14.93 3.71
N LEU A 67 -3.18 13.64 3.43
CA LEU A 67 -4.21 12.98 2.62
C LEU A 67 -5.51 12.83 3.40
N LYS A 68 -6.49 13.67 3.07
CA LYS A 68 -7.78 13.63 3.73
C LYS A 68 -8.53 12.34 3.42
N GLY A 69 -9.45 11.96 4.29
CA GLY A 69 -10.22 10.75 4.08
C GLY A 69 -9.64 9.56 4.81
N ARG A 70 -8.33 9.59 5.05
CA ARG A 70 -7.65 8.50 5.75
C ARG A 70 -6.47 9.03 6.56
N ILE A 71 -6.12 8.32 7.62
CA ILE A 71 -5.01 8.70 8.48
C ILE A 71 -3.68 8.24 7.91
N ASN A 72 -2.74 9.17 7.75
CA ASN A 72 -1.42 8.85 7.22
C ASN A 72 -0.44 8.56 8.34
N LEU A 73 0.22 7.41 8.25
CA LEU A 73 1.20 7.02 9.26
C LEU A 73 2.57 6.79 8.63
N VAL A 74 3.59 7.41 9.21
CA VAL A 74 4.96 7.29 8.70
C VAL A 74 5.80 6.41 9.62
N LEU A 75 6.62 5.56 9.02
CA LEU A 75 7.48 4.66 9.77
C LEU A 75 8.93 5.15 9.76
N SER A 76 9.40 5.63 10.91
CA SER A 76 10.77 6.12 11.01
C SER A 76 11.42 5.63 12.30
N ARG A 77 12.65 5.11 12.16
CA ARG A 77 13.39 4.60 13.31
C ARG A 77 14.42 5.61 13.79
N GLU A 78 14.84 6.50 12.90
CA GLU A 78 15.83 7.52 13.23
C GLU A 78 15.16 8.76 13.81
N LEU A 79 14.00 9.10 13.28
CA LEU A 79 13.25 10.27 13.75
C LEU A 79 12.63 10.00 15.12
N LYS A 80 12.63 11.03 15.97
CA LYS A 80 12.06 10.90 17.30
C LYS A 80 10.60 11.36 17.31
N GLU A 81 10.30 12.41 16.56
CA GLU A 81 8.95 12.95 16.49
C GLU A 81 8.41 12.84 15.06
N PRO A 82 7.09 12.62 14.92
CA PRO A 82 6.45 12.50 13.61
C PRO A 82 6.76 13.68 12.70
N PRO A 83 6.84 13.44 11.37
CA PRO A 83 7.13 14.50 10.40
C PRO A 83 5.96 15.44 10.20
N GLN A 84 6.25 16.66 9.77
CA GLN A 84 5.21 17.67 9.54
C GLN A 84 4.21 17.18 8.49
N GLY A 85 2.93 17.20 8.84
CA GLY A 85 1.90 16.76 7.92
C GLY A 85 1.41 15.36 8.21
N ALA A 86 2.23 14.57 8.88
CA ALA A 86 1.87 13.21 9.23
C ALA A 86 0.91 13.18 10.42
N HIS A 87 0.13 12.11 10.53
CA HIS A 87 -0.83 11.97 11.61
C HIS A 87 -0.19 11.29 12.83
N PHE A 88 0.60 10.26 12.56
CA PHE A 88 1.28 9.52 13.63
C PHE A 88 2.59 8.92 13.12
N LEU A 89 3.48 8.60 14.06
CA LEU A 89 4.77 8.01 13.71
C LEU A 89 5.02 6.73 14.50
N SER A 90 5.69 5.77 13.87
CA SER A 90 5.98 4.50 14.51
C SER A 90 7.45 4.12 14.31
N ARG A 91 8.07 3.59 15.36
CA ARG A 91 9.46 3.19 15.30
C ARG A 91 9.63 1.97 14.40
N SER A 92 8.81 0.95 14.62
CA SER A 92 8.86 -0.28 13.83
C SER A 92 7.47 -0.69 13.37
N LEU A 93 7.41 -1.68 12.48
CA LEU A 93 6.14 -2.17 11.96
C LEU A 93 5.30 -2.77 13.08
N ASP A 94 5.95 -3.57 13.93
CA ASP A 94 5.25 -4.21 15.04
C ASP A 94 4.64 -3.17 15.98
N ASP A 95 5.34 -2.04 16.13
CA ASP A 95 4.87 -0.97 17.01
C ASP A 95 3.62 -0.33 16.44
N ALA A 96 3.66 0.01 15.16
CA ALA A 96 2.52 0.64 14.50
C ALA A 96 1.33 -0.32 14.42
N LEU A 97 1.62 -1.59 14.16
CA LEU A 97 0.57 -2.59 14.06
C LEU A 97 -0.02 -2.90 15.42
N LYS A 98 0.84 -2.96 16.44
CA LYS A 98 0.39 -3.25 17.80
C LYS A 98 -0.50 -2.12 18.32
N LEU A 99 -0.11 -0.88 18.05
CA LEU A 99 -0.88 0.27 18.50
C LEU A 99 -2.26 0.29 17.85
N THR A 100 -2.29 0.10 16.53
CA THR A 100 -3.54 0.09 15.78
C THR A 100 -4.40 -1.12 16.15
N GLU A 101 -3.76 -2.16 16.68
CA GLU A 101 -4.47 -3.37 17.08
C GLU A 101 -5.02 -3.24 18.49
N GLN A 102 -4.41 -2.36 19.28
CA GLN A 102 -4.85 -2.16 20.66
C GLN A 102 -6.26 -1.57 20.71
N PRO A 103 -7.06 -1.96 21.71
CA PRO A 103 -8.44 -1.46 21.86
C PRO A 103 -8.50 0.06 21.88
N GLU A 104 -7.44 0.68 22.37
CA GLU A 104 -7.38 2.14 22.46
C GLU A 104 -7.54 2.77 21.07
N LEU A 105 -6.93 2.16 20.07
CA LEU A 105 -7.01 2.65 18.70
C LEU A 105 -8.00 1.84 17.88
N ALA A 106 -8.20 0.59 18.27
CA ALA A 106 -9.12 -0.30 17.56
C ALA A 106 -10.52 0.30 17.48
N ASN A 107 -10.84 1.18 18.42
CA ASN A 107 -12.14 1.83 18.46
C ASN A 107 -12.26 2.86 17.34
N LYS A 108 -11.14 3.47 16.97
CA LYS A 108 -11.11 4.47 15.92
C LYS A 108 -10.69 3.85 14.58
N VAL A 109 -9.83 2.84 14.66
CA VAL A 109 -9.34 2.17 13.46
C VAL A 109 -9.93 0.77 13.34
N ASP A 110 -10.15 0.32 12.11
CA ASP A 110 -10.70 -1.00 11.86
C ASP A 110 -9.80 -1.82 10.96
N MET A 111 -9.46 -1.25 9.80
CA MET A 111 -8.59 -1.93 8.85
C MET A 111 -7.37 -1.08 8.51
N VAL A 112 -6.28 -1.74 8.14
CA VAL A 112 -5.04 -1.05 7.80
C VAL A 112 -4.69 -1.27 6.34
N TRP A 113 -4.04 -0.27 5.73
CA TRP A 113 -3.64 -0.36 4.33
C TRP A 113 -2.19 0.04 4.14
N ILE A 114 -1.39 -0.88 3.61
CA ILE A 114 0.03 -0.62 3.38
C ILE A 114 0.25 0.04 2.03
N VAL A 115 0.81 1.24 2.04
CA VAL A 115 1.08 1.98 0.82
C VAL A 115 2.58 2.09 0.54
N GLY A 116 3.29 1.01 0.80
CA GLY A 116 4.73 1.00 0.58
C GLY A 116 5.52 1.44 1.81
N GLY A 117 6.85 1.35 1.75
CA GLY A 117 7.54 0.87 0.57
C GLY A 117 7.87 -0.61 0.65
N SER A 118 8.94 -1.01 -0.05
CA SER A 118 9.36 -2.40 -0.06
C SER A 118 9.77 -2.85 1.35
N SER A 119 10.40 -1.96 2.09
CA SER A 119 10.85 -2.26 3.45
C SER A 119 9.68 -2.69 4.31
N VAL A 120 8.58 -1.95 4.24
CA VAL A 120 7.39 -2.27 5.01
C VAL A 120 6.80 -3.60 4.58
N TYR A 121 6.83 -3.86 3.28
CA TYR A 121 6.30 -5.11 2.73
C TYR A 121 7.14 -6.30 3.19
N LYS A 122 8.46 -6.11 3.22
CA LYS A 122 9.36 -7.17 3.64
C LYS A 122 9.07 -7.61 5.07
N GLU A 123 8.91 -6.63 5.95
CA GLU A 123 8.62 -6.91 7.36
C GLU A 123 7.25 -7.58 7.52
N ALA A 124 6.26 -7.06 6.79
CA ALA A 124 4.91 -7.60 6.86
C ALA A 124 4.82 -8.94 6.13
N MET A 125 5.69 -9.14 5.15
CA MET A 125 5.71 -10.38 4.39
C MET A 125 5.94 -11.59 5.29
N ASN A 126 6.51 -11.34 6.48
CA ASN A 126 6.77 -12.41 7.43
C ASN A 126 5.64 -12.56 8.44
N HIS A 127 4.45 -12.07 8.08
CA HIS A 127 3.30 -12.15 8.96
C HIS A 127 2.65 -13.54 8.88
N PRO A 128 2.41 -14.18 10.02
CA PRO A 128 1.79 -15.52 10.07
C PRO A 128 0.29 -15.47 9.84
N GLY A 129 -0.36 -14.44 10.37
CA GLY A 129 -1.79 -14.30 10.20
C GLY A 129 -2.19 -14.04 8.76
N HIS A 130 -3.50 -14.00 8.50
CA HIS A 130 -4.01 -13.76 7.16
C HIS A 130 -3.79 -12.31 6.75
N LEU A 131 -3.31 -12.11 5.52
CA LEU A 131 -3.05 -10.77 5.01
C LEU A 131 -3.31 -10.70 3.51
N LYS A 132 -3.82 -9.56 3.05
CA LYS A 132 -4.12 -9.37 1.63
C LYS A 132 -3.03 -8.55 0.96
N LEU A 133 -2.72 -8.89 -0.28
CA LEU A 133 -1.69 -8.19 -1.04
C LEU A 133 -2.16 -7.89 -2.46
N PHE A 134 -2.23 -6.61 -2.80
CA PHE A 134 -2.67 -6.20 -4.13
C PHE A 134 -1.47 -5.78 -4.99
N VAL A 135 -1.18 -6.58 -6.01
CA VAL A 135 -0.05 -6.31 -6.91
C VAL A 135 -0.54 -5.92 -8.30
N THR A 136 -0.15 -4.74 -8.75
CA THR A 136 -0.54 -4.25 -10.07
C THR A 136 0.58 -4.47 -11.08
N ARG A 137 0.32 -5.29 -12.09
CA ARG A 137 1.31 -5.58 -13.12
C ARG A 137 1.18 -4.60 -14.28
N ILE A 138 2.24 -3.85 -14.54
CA ILE A 138 2.24 -2.88 -15.63
C ILE A 138 2.84 -3.48 -16.90
N MET A 139 2.01 -3.69 -17.91
CA MET A 139 2.45 -4.26 -19.17
C MET A 139 3.28 -3.25 -19.96
N GLN A 140 4.51 -3.04 -19.54
CA GLN A 140 5.41 -2.11 -20.20
C GLN A 140 6.81 -2.16 -19.59
N ASP A 141 7.82 -2.08 -20.45
CA ASP A 141 9.21 -2.12 -20.00
C ASP A 141 9.66 -0.75 -19.53
N PHE A 142 10.17 -0.70 -18.29
CA PHE A 142 10.64 0.56 -17.71
C PHE A 142 11.87 0.32 -16.84
N GLU A 143 12.64 1.38 -16.61
CA GLU A 143 13.84 1.29 -15.80
C GLU A 143 13.50 1.36 -14.31
N SER A 144 14.14 0.49 -13.53
CA SER A 144 13.89 0.45 -12.09
C SER A 144 15.18 0.13 -11.33
N ASP A 145 15.25 0.57 -10.09
CA ASP A 145 16.43 0.33 -9.25
C ASP A 145 16.13 -0.72 -8.19
N THR A 146 14.92 -0.71 -7.67
CA THR A 146 14.52 -1.66 -6.64
C THR A 146 13.64 -2.76 -7.23
N PHE A 147 13.94 -4.00 -6.86
CA PHE A 147 13.18 -5.15 -7.36
C PHE A 147 12.23 -5.67 -6.28
N PHE A 148 11.07 -6.16 -6.72
CA PHE A 148 10.08 -6.70 -5.80
C PHE A 148 10.30 -8.19 -5.55
N PRO A 149 10.16 -8.64 -4.29
CA PRO A 149 10.36 -10.05 -3.94
C PRO A 149 9.28 -10.95 -4.54
N GLU A 150 9.69 -12.13 -5.00
CA GLU A 150 8.77 -13.09 -5.60
C GLU A 150 7.82 -13.65 -4.55
N ILE A 151 6.52 -13.54 -4.83
CA ILE A 151 5.51 -14.04 -3.91
C ILE A 151 5.27 -15.53 -4.11
N ASP A 152 5.23 -16.27 -3.01
CA ASP A 152 5.00 -17.72 -3.06
C ASP A 152 3.55 -18.04 -3.39
N LEU A 153 3.34 -18.68 -4.54
CA LEU A 153 1.99 -19.04 -4.97
C LEU A 153 1.40 -20.12 -4.08
N GLU A 154 2.27 -20.94 -3.49
CA GLU A 154 1.83 -22.02 -2.61
C GLU A 154 1.17 -21.46 -1.36
N LYS A 155 1.60 -20.28 -0.93
CA LYS A 155 1.04 -19.64 0.25
C LYS A 155 0.08 -18.52 -0.14
N TYR A 156 0.35 -17.88 -1.27
CA TYR A 156 -0.50 -16.80 -1.75
C TYR A 156 -1.38 -17.27 -2.90
N LYS A 157 -2.64 -16.83 -2.89
CA LYS A 157 -3.59 -17.20 -3.93
C LYS A 157 -3.71 -16.10 -4.98
N LEU A 158 -3.64 -16.48 -6.24
CA LEU A 158 -3.74 -15.53 -7.35
C LEU A 158 -5.20 -15.20 -7.65
N LEU A 159 -5.60 -13.96 -7.35
CA LEU A 159 -6.96 -13.52 -7.58
C LEU A 159 -7.02 -12.55 -8.75
N PRO A 160 -7.23 -13.06 -9.98
CA PRO A 160 -7.30 -12.22 -11.18
C PRO A 160 -8.58 -11.37 -11.21
N GLU A 161 -9.64 -11.89 -10.61
CA GLU A 161 -10.91 -11.17 -10.56
C GLU A 161 -11.53 -11.23 -9.18
N TYR A 162 -11.47 -10.12 -8.45
CA TYR A 162 -12.01 -10.04 -7.11
C TYR A 162 -13.03 -8.91 -7.00
N PRO A 163 -14.12 -9.13 -6.23
CA PRO A 163 -15.17 -8.12 -6.05
C PRO A 163 -14.61 -6.77 -5.58
N GLY A 164 -15.06 -5.70 -6.22
CA GLY A 164 -14.59 -4.38 -5.85
C GLY A 164 -13.45 -3.89 -6.74
N VAL A 165 -12.59 -4.82 -7.13
CA VAL A 165 -11.45 -4.50 -7.99
C VAL A 165 -11.73 -4.85 -9.44
N LEU A 166 -11.27 -4.01 -10.35
CA LEU A 166 -11.46 -4.24 -11.78
C LEU A 166 -10.48 -5.28 -12.30
N SER A 167 -10.93 -6.07 -13.28
CA SER A 167 -10.09 -7.10 -13.87
C SER A 167 -9.61 -6.69 -15.26
N ASP A 168 -10.40 -5.86 -15.93
CA ASP A 168 -10.04 -5.40 -17.27
C ASP A 168 -8.77 -4.57 -17.24
N VAL A 169 -7.97 -4.69 -18.29
CA VAL A 169 -6.71 -3.94 -18.38
C VAL A 169 -6.96 -2.49 -18.76
N GLN A 170 -6.44 -1.57 -17.95
CA GLN A 170 -6.61 -0.15 -18.20
C GLN A 170 -5.49 0.39 -19.08
N GLU A 171 -5.68 1.58 -19.63
CA GLU A 171 -4.68 2.21 -20.49
C GLU A 171 -4.67 3.72 -20.31
N GLU A 172 -3.50 4.26 -19.99
CA GLU A 172 -3.35 5.70 -19.78
C GLU A 172 -2.03 6.19 -20.35
N LYS A 173 -2.09 7.20 -21.21
CA LYS A 173 -0.89 7.76 -21.82
C LYS A 173 -0.12 6.70 -22.60
N GLY A 174 -0.85 5.72 -23.13
CA GLY A 174 -0.21 4.65 -23.89
C GLY A 174 0.42 3.60 -23.00
N ILE A 175 0.00 3.56 -21.74
CA ILE A 175 0.53 2.59 -20.79
C ILE A 175 -0.57 1.63 -20.32
N LYS A 176 -0.39 0.35 -20.62
CA LYS A 176 -1.35 -0.67 -20.24
C LYS A 176 -0.93 -1.36 -18.94
N TYR A 177 -1.89 -1.60 -18.06
CA TYR A 177 -1.61 -2.25 -16.79
C TYR A 177 -2.85 -2.96 -16.26
N LYS A 178 -2.63 -4.01 -15.46
CA LYS A 178 -3.73 -4.77 -14.88
C LYS A 178 -3.58 -4.88 -13.37
N PHE A 179 -4.71 -4.93 -12.67
CA PHE A 179 -4.72 -5.03 -11.21
C PHE A 179 -4.84 -6.49 -10.78
N GLU A 180 -3.85 -6.97 -10.02
CA GLU A 180 -3.86 -8.34 -9.53
C GLU A 180 -4.04 -8.37 -8.01
N VAL A 181 -4.78 -9.37 -7.54
CA VAL A 181 -5.03 -9.52 -6.11
C VAL A 181 -4.42 -10.81 -5.58
N TYR A 182 -3.74 -10.71 -4.44
CA TYR A 182 -3.10 -11.87 -3.81
C TYR A 182 -3.57 -12.04 -2.37
N GLU A 183 -3.91 -13.27 -2.02
CA GLU A 183 -4.38 -13.56 -0.66
C GLU A 183 -3.50 -14.63 -0.01
N LYS A 184 -3.10 -14.37 1.24
CA LYS A 184 -2.26 -15.31 1.97
C LYS A 184 -3.09 -16.14 2.94
N ASN A 185 -2.99 -17.46 2.82
CA ASN A 185 -3.73 -18.38 3.68
C ASN A 185 -3.07 -18.49 5.05
N ASP A 186 -3.88 -18.61 6.09
CA ASP A 186 -3.38 -18.72 7.45
C ASP A 186 -2.81 -20.11 7.70
PA NDP B . 14.02 2.38 1.45
O1A NDP B . 15.21 2.93 0.79
O2A NDP B . 14.10 1.00 1.97
O5B NDP B . 13.44 3.37 2.55
C5B NDP B . 12.27 3.04 3.32
C4B NDP B . 12.31 3.75 4.65
O4B NDP B . 11.08 3.47 5.38
C3B NDP B . 13.42 3.31 5.60
O3B NDP B . 14.62 4.01 5.32
C2B NDP B . 12.84 3.69 6.95
O2B NDP B . 13.01 5.05 7.27
C1B NDP B . 11.36 3.36 6.76
N9A NDP B . 11.00 2.02 7.19
C8A NDP B . 10.67 0.94 6.42
N7A NDP B . 10.39 -0.15 7.10
C5A NDP B . 10.54 0.25 8.43
C6A NDP B . 10.38 -0.44 9.64
N6A NDP B . 10.02 -1.73 9.73
N1A NDP B . 10.59 0.26 10.79
C2A NDP B . 10.95 1.54 10.70
N3A NDP B . 11.13 2.29 9.62
C4A NDP B . 10.91 1.59 8.50
O3 NDP B . 12.76 2.45 0.39
PN NDP B . 11.29 1.70 0.25
O1N NDP B . 11.51 0.24 0.20
O2N NDP B . 10.41 2.21 1.33
O5D NDP B . 10.88 2.29 -1.16
C5D NDP B . 9.92 1.62 -2.00
C4D NDP B . 10.11 2.02 -3.44
O4D NDP B . 9.19 1.25 -4.28
C3D NDP B . 9.78 3.47 -3.75
O3D NDP B . 10.92 4.31 -3.50
C2D NDP B . 9.46 3.41 -5.25
O2D NDP B . 10.63 3.41 -6.08
C1D NDP B . 8.73 2.07 -5.35
N1N NDP B . 7.28 2.19 -5.23
C2N NDP B . 6.33 1.82 -6.09
C3N NDP B . 5.05 1.94 -5.93
C7N NDP B . 4.36 1.42 -7.07
O7N NDP B . 3.09 1.58 -6.78
N7N NDP B . 4.83 0.86 -8.22
C4N NDP B . 4.57 2.59 -4.66
C5N NDP B . 5.54 3.01 -3.70
C6N NDP B . 6.90 2.86 -3.90
P2B NDP B . 14.10 5.74 8.34
O1X NDP B . 15.28 5.95 7.32
O2X NDP B . 13.41 7.07 8.62
O3X NDP B . 14.42 4.52 9.22
H51A NDP B . 12.24 1.97 3.47
H52A NDP B . 11.38 3.34 2.77
H4B NDP B . 12.41 4.82 4.51
H3B NDP B . 13.60 2.23 5.54
HO3A NDP B . 14.97 3.75 4.47
H2B NDP B . 13.27 3.09 7.75
H1B NDP B . 10.71 4.04 7.31
H8A NDP B . 10.65 0.98 5.33
H61A NDP B . 9.93 -2.16 10.63
H62A NDP B . 9.89 -2.27 8.89
H2A NDP B . 11.12 2.05 11.65
H51N NDP B . 10.06 0.54 -1.91
H52N NDP B . 8.91 1.87 -1.67
H4D NDP B . 11.13 1.84 -3.77
H3D NDP B . 8.93 3.84 -3.20
HO3N NDP B . 10.67 4.99 -2.89
H2D NDP B . 8.82 4.23 -5.57
HO2N NDP B . 11.22 4.10 -5.80
H1D NDP B . 8.92 1.57 -6.30
H2N NDP B . 6.66 1.36 -7.02
H71N NDP B . 4.19 0.52 -8.91
H72N NDP B . 5.83 0.79 -8.37
H41N NDP B . 4.00 3.47 -4.96
H42N NDP B . 3.93 1.86 -4.17
H5N NDP B . 5.20 3.47 -2.77
H6N NDP B . 7.66 3.17 -3.17
N1 TRR C . 0.72 3.21 -6.65
C2 TRR C . 0.38 1.95 -6.20
N2 TRR C . -0.25 1.06 -7.03
N3 TRR C . 0.69 1.58 -4.90
C4 TRR C . 1.32 2.48 -4.06
N4 TRR C . 1.62 2.10 -2.77
C5 TRR C . 1.66 3.74 -4.51
C6 TRR C . 1.36 4.10 -5.83
C7 TRR C . 2.36 4.71 -3.60
C11 TRR C . 2.14 6.15 -3.99
C12 TRR C . 3.10 6.82 -4.76
C13 TRR C . 2.90 8.15 -5.13
C14 TRR C . 1.74 8.81 -4.72
C15 TRR C . 0.78 8.15 -3.96
C16 TRR C . 0.99 6.81 -3.59
O13 TRR C . 3.85 8.83 -5.89
O14 TRR C . 1.54 10.14 -5.08
O15 TRR C . -0.37 8.83 -3.56
C17 TRR C . 5.01 8.15 -6.30
C18 TRR C . 1.44 11.08 -4.06
C19 TRR C . -1.32 8.16 -2.78
H1 TRR C . 0.50 3.46 -7.59
H21 TRR C . -0.47 1.31 -7.96
H22 TRR C . -0.50 0.16 -6.70
H41 TRR C . 1.38 1.20 -2.44
H42 TRR C . 2.08 2.72 -2.16
H6 TRR C . 1.63 5.10 -6.20
H71 TRR C . 3.43 4.50 -3.61
H72 TRR C . 1.99 4.57 -2.59
H12 TRR C . 4.01 6.28 -5.07
H16 TRR C . 0.24 6.29 -2.98
H171 TRR C . 5.67 7.95 -5.45
H172 TRR C . 5.58 8.73 -7.02
H173 TRR C . 4.78 7.19 -6.76
H181 TRR C . 2.39 11.22 -3.55
H182 TRR C . 0.70 10.79 -3.31
H183 TRR C . 1.13 12.06 -4.45
H191 TRR C . -2.11 8.84 -2.44
H192 TRR C . -0.88 7.71 -1.90
H193 TRR C . -1.80 7.36 -3.35
N VAL A 1 -11.94 -5.55 12.16
CA VAL A 1 -10.71 -5.15 12.90
C VAL A 1 -9.59 -6.16 12.68
N GLY A 2 -8.36 -5.67 12.63
CA GLY A 2 -7.21 -6.55 12.43
C GLY A 2 -7.08 -6.99 10.99
N SER A 3 -7.59 -6.19 10.06
CA SER A 3 -7.52 -6.52 8.65
C SER A 3 -6.39 -5.76 7.97
N LEU A 4 -5.34 -6.48 7.58
CA LEU A 4 -4.19 -5.87 6.93
C LEU A 4 -4.25 -6.11 5.41
N ASN A 5 -4.37 -5.02 4.66
CA ASN A 5 -4.43 -5.10 3.20
C ASN A 5 -3.42 -4.17 2.56
N CYS A 6 -2.51 -4.74 1.77
CA CYS A 6 -1.49 -3.94 1.09
C CYS A 6 -1.79 -3.82 -0.40
N ILE A 7 -1.33 -2.74 -1.01
CA ILE A 7 -1.55 -2.51 -2.43
C ILE A 7 -0.37 -1.76 -3.05
N VAL A 8 0.36 -2.44 -3.93
CA VAL A 8 1.51 -1.83 -4.60
C VAL A 8 1.51 -2.17 -6.08
N ALA A 9 2.12 -1.29 -6.88
CA ALA A 9 2.19 -1.50 -8.32
C ALA A 9 3.60 -1.93 -8.74
N VAL A 10 3.67 -2.68 -9.83
CA VAL A 10 4.95 -3.16 -10.35
C VAL A 10 4.96 -3.20 -11.87
N SER A 11 6.13 -3.01 -12.45
CA SER A 11 6.28 -3.02 -13.91
C SER A 11 6.42 -4.44 -14.43
N GLN A 12 6.31 -4.60 -15.75
CA GLN A 12 6.43 -5.90 -16.38
C GLN A 12 7.79 -6.54 -16.10
N ASN A 13 8.77 -5.70 -15.78
CA ASN A 13 10.12 -6.19 -15.49
C ASN A 13 10.32 -6.35 -13.98
N MET A 14 9.24 -6.51 -13.25
CA MET A 14 9.31 -6.69 -11.80
C MET A 14 9.92 -5.46 -11.14
N GLY A 15 9.70 -4.30 -11.74
CA GLY A 15 10.24 -3.06 -11.20
C GLY A 15 9.23 -2.31 -10.36
N ILE A 16 9.71 -1.49 -9.43
CA ILE A 16 8.83 -0.72 -8.57
C ILE A 16 9.11 0.78 -8.69
N GLY A 17 10.39 1.13 -8.74
CA GLY A 17 10.76 2.53 -8.87
C GLY A 17 12.26 2.74 -8.86
N LYS A 18 12.73 3.70 -9.65
CA LYS A 18 14.14 4.00 -9.73
C LYS A 18 14.46 5.31 -9.02
N ASN A 19 15.48 5.28 -8.16
CA ASN A 19 15.88 6.46 -7.41
C ASN A 19 14.76 6.93 -6.48
N GLY A 20 13.93 5.99 -6.06
CA GLY A 20 12.83 6.33 -5.17
C GLY A 20 11.64 6.91 -5.89
N ASP A 21 11.54 6.65 -7.19
CA ASP A 21 10.44 7.17 -7.99
C ASP A 21 9.90 6.10 -8.95
N LEU A 22 8.62 6.19 -9.26
CA LEU A 22 7.99 5.23 -10.17
C LEU A 22 8.55 5.36 -11.58
N PRO A 23 8.67 4.25 -12.31
CA PRO A 23 9.19 4.25 -13.68
C PRO A 23 8.24 4.90 -14.67
N TRP A 24 6.95 4.64 -14.52
CA TRP A 24 5.95 5.20 -15.41
C TRP A 24 5.54 6.60 -14.95
N PRO A 25 5.39 7.55 -15.90
CA PRO A 25 5.02 8.93 -15.58
C PRO A 25 3.74 8.99 -14.74
N PRO A 26 3.37 10.21 -14.28
CA PRO A 26 2.17 10.40 -13.46
C PRO A 26 0.94 9.78 -14.09
N LEU A 27 0.32 8.84 -13.38
CA LEU A 27 -0.88 8.17 -13.87
C LEU A 27 -2.13 8.66 -13.14
N ARG A 28 -2.91 9.50 -13.81
CA ARG A 28 -4.12 10.05 -13.22
C ARG A 28 -5.10 8.94 -12.86
N ASN A 29 -5.07 7.86 -13.62
CA ASN A 29 -5.95 6.73 -13.39
C ASN A 29 -5.50 5.93 -12.17
N GLU A 30 -4.20 5.71 -12.07
CA GLU A 30 -3.63 4.96 -10.95
C GLU A 30 -3.71 5.76 -9.66
N PHE A 31 -3.37 7.05 -9.75
CA PHE A 31 -3.40 7.94 -8.58
C PHE A 31 -4.82 8.05 -8.03
N ARG A 32 -5.79 8.26 -8.91
CA ARG A 32 -7.18 8.38 -8.50
C ARG A 32 -7.73 7.04 -8.01
N TYR A 33 -7.40 5.98 -8.74
CA TYR A 33 -7.87 4.64 -8.39
C TYR A 33 -7.35 4.23 -7.01
N PHE A 34 -6.15 4.69 -6.67
CA PHE A 34 -5.54 4.38 -5.39
C PHE A 34 -6.24 5.13 -4.25
N GLN A 35 -6.46 6.42 -4.45
CA GLN A 35 -7.13 7.25 -3.43
C GLN A 35 -8.54 6.77 -3.19
N ARG A 36 -9.30 6.60 -4.27
CA ARG A 36 -10.68 6.14 -4.18
C ARG A 36 -10.77 4.77 -3.53
N MET A 37 -9.80 3.92 -3.85
CA MET A 37 -9.77 2.56 -3.30
C MET A 37 -9.62 2.58 -1.78
N THR A 38 -8.59 3.28 -1.30
CA THR A 38 -8.34 3.38 0.13
C THR A 38 -9.54 3.98 0.86
N THR A 39 -10.07 5.07 0.31
CA THR A 39 -11.23 5.74 0.92
C THR A 39 -12.42 4.79 1.00
N THR A 40 -12.50 3.87 0.04
CA THR A 40 -13.61 2.91 0.01
C THR A 40 -13.51 1.93 1.19
N SER A 41 -14.20 2.27 2.27
CA SER A 41 -14.19 1.43 3.46
C SER A 41 -15.40 0.49 3.47
N SER A 42 -15.25 -0.66 4.12
CA SER A 42 -16.33 -1.63 4.20
C SER A 42 -17.21 -1.37 5.42
N VAL A 43 -16.60 -0.91 6.50
CA VAL A 43 -17.32 -0.62 7.73
C VAL A 43 -17.74 0.85 7.78
N GLU A 44 -19.05 1.08 7.93
CA GLU A 44 -19.59 2.43 7.99
C GLU A 44 -19.33 3.05 9.36
N GLY A 45 -18.88 4.30 9.37
CA GLY A 45 -18.60 4.99 10.62
C GLY A 45 -17.19 4.76 11.12
N LYS A 46 -16.48 3.83 10.48
CA LYS A 46 -15.10 3.52 10.88
C LYS A 46 -14.11 4.29 10.01
N GLN A 47 -12.88 4.42 10.52
CA GLN A 47 -11.84 5.13 9.79
C GLN A 47 -10.70 4.19 9.40
N ASN A 48 -10.16 4.37 8.20
CA ASN A 48 -9.07 3.53 7.72
C ASN A 48 -7.72 4.21 7.92
N LEU A 49 -6.74 3.45 8.38
CA LEU A 49 -5.41 3.99 8.62
C LEU A 49 -4.41 3.45 7.59
N VAL A 50 -3.74 4.37 6.91
CA VAL A 50 -2.76 3.99 5.89
C VAL A 50 -1.34 4.25 6.37
N ILE A 51 -0.45 3.30 6.11
CA ILE A 51 0.94 3.42 6.51
C ILE A 51 1.85 3.63 5.31
N MET A 52 2.74 4.61 5.41
CA MET A 52 3.67 4.92 4.33
C MET A 52 5.09 5.06 4.85
N GLY A 53 6.07 4.87 3.97
CA GLY A 53 7.46 4.98 4.36
C GLY A 53 7.97 6.40 4.31
N LYS A 54 9.16 6.63 4.84
CA LYS A 54 9.75 7.96 4.86
C LYS A 54 9.94 8.50 3.44
N LYS A 55 10.46 7.65 2.56
CA LYS A 55 10.69 8.03 1.17
C LYS A 55 9.38 8.38 0.48
N THR A 56 8.39 7.52 0.64
CA THR A 56 7.07 7.73 0.03
C THR A 56 6.45 9.04 0.51
N TRP A 57 6.53 9.28 1.82
CA TRP A 57 5.98 10.50 2.40
C TRP A 57 6.58 11.74 1.76
N PHE A 58 7.91 11.76 1.65
CA PHE A 58 8.61 12.90 1.07
C PHE A 58 8.41 12.95 -0.44
N SER A 59 7.98 11.83 -1.03
CA SER A 59 7.74 11.76 -2.46
C SER A 59 6.38 12.35 -2.83
N ILE A 60 5.44 12.25 -1.90
CA ILE A 60 4.09 12.77 -2.13
C ILE A 60 4.07 14.29 -2.10
N PRO A 61 3.52 14.93 -3.14
CA PRO A 61 3.45 16.40 -3.20
C PRO A 61 2.80 17.01 -1.98
N GLU A 62 3.08 18.29 -1.74
CA GLU A 62 2.50 19.00 -0.58
C GLU A 62 1.04 19.31 -0.82
N LYS A 63 0.67 19.51 -2.08
CA LYS A 63 -0.71 19.83 -2.44
C LYS A 63 -1.67 18.74 -1.97
N ASN A 64 -1.19 17.49 -2.00
CA ASN A 64 -2.00 16.35 -1.59
C ASN A 64 -1.52 15.81 -0.25
N ARG A 65 -0.99 16.70 0.59
CA ARG A 65 -0.49 16.30 1.90
C ARG A 65 -0.88 17.33 2.96
N PRO A 66 -1.29 16.87 4.17
CA PRO A 66 -1.54 15.46 4.45
C PRO A 66 -2.78 14.92 3.73
N LEU A 67 -2.75 13.64 3.39
CA LEU A 67 -3.87 13.00 2.71
C LEU A 67 -5.11 12.97 3.60
N LYS A 68 -5.96 13.97 3.47
CA LYS A 68 -7.18 14.05 4.26
C LYS A 68 -8.12 12.89 3.93
N GLY A 69 -9.03 12.60 4.86
CA GLY A 69 -9.96 11.51 4.65
C GLY A 69 -9.51 10.21 5.29
N ARG A 70 -8.20 9.98 5.28
CA ARG A 70 -7.63 8.77 5.86
C ARG A 70 -6.46 9.10 6.78
N ILE A 71 -6.23 8.25 7.76
CA ILE A 71 -5.14 8.45 8.71
C ILE A 71 -3.80 8.01 8.12
N ASN A 72 -2.90 8.97 7.93
CA ASN A 72 -1.58 8.68 7.37
C ASN A 72 -0.56 8.42 8.47
N LEU A 73 0.14 7.29 8.37
CA LEU A 73 1.15 6.93 9.36
C LEU A 73 2.52 6.82 8.72
N VAL A 74 3.53 7.37 9.39
CA VAL A 74 4.89 7.34 8.88
C VAL A 74 5.74 6.34 9.67
N LEU A 75 6.44 5.46 8.95
CA LEU A 75 7.29 4.46 9.60
C LEU A 75 8.75 4.89 9.55
N SER A 76 9.26 5.34 10.71
CA SER A 76 10.64 5.78 10.81
C SER A 76 11.23 5.41 12.16
N ARG A 77 12.45 4.89 12.16
CA ARG A 77 13.13 4.49 13.38
C ARG A 77 14.13 5.56 13.82
N GLU A 78 14.71 6.26 12.85
CA GLU A 78 15.69 7.30 13.13
C GLU A 78 15.02 8.54 13.71
N LEU A 79 13.81 8.82 13.23
CA LEU A 79 13.05 9.98 13.70
C LEU A 79 12.27 9.65 14.97
N LYS A 80 12.19 10.61 15.88
CA LYS A 80 11.47 10.41 17.14
C LYS A 80 10.07 10.98 17.04
N GLU A 81 9.94 12.17 16.46
CA GLU A 81 8.65 12.82 16.31
C GLU A 81 8.08 12.60 14.92
N PRO A 82 6.75 12.58 14.78
CA PRO A 82 6.08 12.36 13.50
C PRO A 82 6.26 13.55 12.54
N PRO A 83 6.59 13.28 11.27
CA PRO A 83 6.79 14.34 10.27
C PRO A 83 5.59 15.29 10.18
N GLN A 84 5.83 16.50 9.73
CA GLN A 84 4.77 17.49 9.59
C GLN A 84 3.66 16.98 8.67
N GLY A 85 2.43 16.96 9.20
CA GLY A 85 1.30 16.50 8.41
C GLY A 85 0.90 15.08 8.76
N ALA A 86 1.84 14.31 9.31
CA ALA A 86 1.57 12.92 9.69
C ALA A 86 0.69 12.86 10.93
N HIS A 87 -0.16 11.85 10.98
CA HIS A 87 -1.07 11.68 12.12
C HIS A 87 -0.36 10.99 13.28
N PHE A 88 0.45 9.98 12.96
CA PHE A 88 1.19 9.24 13.97
C PHE A 88 2.47 8.66 13.40
N LEU A 89 3.42 8.34 14.28
CA LEU A 89 4.70 7.78 13.86
C LEU A 89 4.99 6.49 14.63
N SER A 90 5.61 5.54 13.94
CA SER A 90 5.95 4.26 14.56
C SER A 90 7.41 3.89 14.26
N ARG A 91 8.05 3.25 15.23
CA ARG A 91 9.44 2.84 15.07
C ARG A 91 9.55 1.59 14.20
N SER A 92 8.62 0.66 14.41
CA SER A 92 8.60 -0.58 13.64
C SER A 92 7.18 -0.99 13.30
N LEU A 93 7.04 -1.93 12.37
CA LEU A 93 5.72 -2.41 11.95
C LEU A 93 4.97 -3.03 13.12
N ASP A 94 5.71 -3.78 13.96
CA ASP A 94 5.10 -4.42 15.12
C ASP A 94 4.50 -3.39 16.07
N ASP A 95 5.18 -2.26 16.21
CA ASP A 95 4.70 -1.19 17.08
C ASP A 95 3.42 -0.56 16.54
N ALA A 96 3.44 -0.23 15.25
CA ALA A 96 2.27 0.37 14.61
C ALA A 96 1.07 -0.56 14.66
N LEU A 97 1.33 -1.86 14.56
CA LEU A 97 0.27 -2.85 14.60
C LEU A 97 -0.31 -2.99 16.00
N LYS A 98 0.56 -2.86 17.01
CA LYS A 98 0.12 -2.95 18.39
C LYS A 98 -0.82 -1.81 18.75
N LEU A 99 -0.51 -0.62 18.26
CA LEU A 99 -1.33 0.56 18.52
C LEU A 99 -2.68 0.45 17.81
N THR A 100 -2.64 0.07 16.53
CA THR A 100 -3.86 -0.08 15.74
C THR A 100 -4.66 -1.29 16.19
N GLU A 101 -3.97 -2.27 16.77
CA GLU A 101 -4.63 -3.48 17.24
C GLU A 101 -5.18 -3.30 18.66
N GLN A 102 -4.64 -2.33 19.38
CA GLN A 102 -5.09 -2.04 20.74
C GLN A 102 -6.54 -1.58 20.75
N PRO A 103 -7.26 -1.83 21.86
CA PRO A 103 -8.67 -1.43 21.99
C PRO A 103 -8.85 0.07 22.04
N GLU A 104 -7.82 0.77 22.52
CA GLU A 104 -7.85 2.22 22.62
C GLU A 104 -7.90 2.87 21.25
N LEU A 105 -7.22 2.24 20.28
CA LEU A 105 -7.18 2.76 18.92
C LEU A 105 -8.12 1.97 18.01
N ALA A 106 -8.35 0.70 18.36
CA ALA A 106 -9.22 -0.16 17.57
C ALA A 106 -10.61 0.46 17.42
N ASN A 107 -11.00 1.28 18.39
CA ASN A 107 -12.30 1.94 18.35
C ASN A 107 -12.35 3.01 17.28
N LYS A 108 -11.19 3.63 17.02
CA LYS A 108 -11.10 4.69 16.01
C LYS A 108 -10.70 4.11 14.67
N VAL A 109 -9.79 3.13 14.68
CA VAL A 109 -9.32 2.51 13.46
C VAL A 109 -9.85 1.07 13.34
N ASP A 110 -10.15 0.67 12.11
CA ASP A 110 -10.67 -0.67 11.86
C ASP A 110 -9.74 -1.45 10.94
N MET A 111 -9.63 -1.00 9.69
CA MET A 111 -8.77 -1.66 8.72
C MET A 111 -7.53 -0.81 8.42
N VAL A 112 -6.44 -1.48 8.05
CA VAL A 112 -5.20 -0.80 7.74
C VAL A 112 -4.79 -1.02 6.29
N TRP A 113 -4.25 0.02 5.66
CA TRP A 113 -3.83 -0.07 4.27
C TRP A 113 -2.33 0.24 4.14
N ILE A 114 -1.58 -0.71 3.60
CA ILE A 114 -0.15 -0.55 3.42
C ILE A 114 0.16 0.03 2.04
N VAL A 115 0.81 1.20 2.02
CA VAL A 115 1.16 1.86 0.77
C VAL A 115 2.58 1.53 0.36
N GLY A 116 3.55 2.02 1.13
CA GLY A 116 4.95 1.77 0.82
C GLY A 116 5.85 1.94 2.03
N GLY A 117 7.14 1.60 1.89
CA GLY A 117 7.67 1.09 0.64
C GLY A 117 7.91 -0.40 0.66
N SER A 118 8.95 -0.85 -0.05
CA SER A 118 9.28 -2.26 -0.11
C SER A 118 9.69 -2.78 1.27
N SER A 119 10.35 -1.92 2.05
CA SER A 119 10.79 -2.30 3.39
C SER A 119 9.61 -2.73 4.24
N VAL A 120 8.52 -1.98 4.18
CA VAL A 120 7.32 -2.30 4.96
C VAL A 120 6.64 -3.55 4.40
N TYR A 121 6.66 -3.69 3.08
CA TYR A 121 6.05 -4.84 2.43
C TYR A 121 6.78 -6.12 2.78
N LYS A 122 8.11 -6.06 2.81
CA LYS A 122 8.93 -7.22 3.13
C LYS A 122 8.68 -7.68 4.56
N GLU A 123 8.75 -6.74 5.50
CA GLU A 123 8.54 -7.05 6.91
C GLU A 123 7.14 -7.61 7.14
N ALA A 124 6.15 -7.02 6.47
CA ALA A 124 4.77 -7.47 6.61
C ALA A 124 4.57 -8.84 5.96
N MET A 125 5.36 -9.11 4.91
CA MET A 125 5.27 -10.38 4.20
C MET A 125 5.54 -11.56 5.14
N ASN A 126 6.25 -11.29 6.24
CA ASN A 126 6.58 -12.33 7.21
C ASN A 126 5.56 -12.38 8.34
N HIS A 127 4.35 -11.86 8.08
CA HIS A 127 3.30 -11.86 9.09
C HIS A 127 2.62 -13.22 9.17
N PRO A 128 2.34 -13.72 10.39
CA PRO A 128 1.71 -15.02 10.58
C PRO A 128 0.20 -14.98 10.33
N GLY A 129 -0.43 -13.87 10.74
CA GLY A 129 -1.86 -13.73 10.54
C GLY A 129 -2.23 -13.49 9.09
N HIS A 130 -3.52 -13.61 8.78
CA HIS A 130 -3.99 -13.41 7.41
C HIS A 130 -3.69 -11.98 6.94
N LEU A 131 -3.27 -11.86 5.69
CA LEU A 131 -2.95 -10.56 5.11
C LEU A 131 -3.28 -10.53 3.62
N LYS A 132 -3.82 -9.40 3.16
CA LYS A 132 -4.17 -9.24 1.76
C LYS A 132 -3.11 -8.42 1.02
N LEU A 133 -2.70 -8.92 -0.13
CA LEU A 133 -1.69 -8.25 -0.94
C LEU A 133 -2.21 -7.95 -2.35
N PHE A 134 -2.24 -6.67 -2.70
CA PHE A 134 -2.72 -6.26 -4.02
C PHE A 134 -1.56 -5.79 -4.89
N VAL A 135 -1.26 -6.55 -5.93
CA VAL A 135 -0.17 -6.21 -6.85
C VAL A 135 -0.70 -5.82 -8.22
N THR A 136 -0.12 -4.78 -8.80
CA THR A 136 -0.53 -4.30 -10.11
C THR A 136 0.59 -4.47 -11.13
N ARG A 137 0.29 -5.18 -12.21
CA ARG A 137 1.27 -5.43 -13.26
C ARG A 137 1.12 -4.42 -14.40
N ILE A 138 2.19 -3.69 -14.67
CA ILE A 138 2.17 -2.69 -15.73
C ILE A 138 2.87 -3.21 -16.98
N MET A 139 2.09 -3.44 -18.03
CA MET A 139 2.61 -3.95 -19.30
C MET A 139 3.30 -2.83 -20.08
N GLN A 140 4.56 -2.57 -19.75
CA GLN A 140 5.32 -1.53 -20.43
C GLN A 140 6.80 -1.58 -20.02
N ASP A 141 7.68 -1.55 -21.01
CA ASP A 141 9.12 -1.58 -20.75
C ASP A 141 9.56 -0.35 -19.98
N PHE A 142 10.30 -0.57 -18.89
CA PHE A 142 10.79 0.53 -18.07
C PHE A 142 12.09 0.14 -17.37
N GLU A 143 12.90 1.14 -17.03
CA GLU A 143 14.17 0.90 -16.36
C GLU A 143 14.03 1.11 -14.86
N SER A 144 14.31 0.05 -14.10
CA SER A 144 14.22 0.11 -12.65
C SER A 144 15.49 -0.43 -11.99
N ASP A 145 15.72 -0.05 -10.74
CA ASP A 145 16.90 -0.49 -10.01
C ASP A 145 16.52 -1.50 -8.93
N THR A 146 15.33 -1.34 -8.37
CA THR A 146 14.85 -2.24 -7.33
C THR A 146 13.78 -3.17 -7.86
N PHE A 147 14.02 -4.48 -7.76
CA PHE A 147 13.07 -5.47 -8.24
C PHE A 147 12.22 -6.00 -7.10
N PHE A 148 10.98 -6.38 -7.40
CA PHE A 148 10.07 -6.92 -6.39
C PHE A 148 10.22 -8.43 -6.27
N PRO A 149 10.57 -8.93 -5.08
CA PRO A 149 10.74 -10.37 -4.85
C PRO A 149 9.51 -11.17 -5.26
N GLU A 150 9.74 -12.42 -5.68
CA GLU A 150 8.65 -13.29 -6.11
C GLU A 150 7.86 -13.81 -4.92
N ILE A 151 6.55 -13.59 -4.95
CA ILE A 151 5.68 -14.03 -3.86
C ILE A 151 5.41 -15.52 -3.95
N ASP A 152 5.56 -16.22 -2.83
CA ASP A 152 5.33 -17.65 -2.78
C ASP A 152 3.88 -17.99 -3.06
N LEU A 153 3.64 -18.67 -4.17
CA LEU A 153 2.28 -19.05 -4.57
C LEU A 153 1.76 -20.19 -3.69
N GLU A 154 2.67 -20.95 -3.10
CA GLU A 154 2.30 -22.08 -2.25
C GLU A 154 1.59 -21.58 -0.99
N LYS A 155 1.95 -20.38 -0.54
CA LYS A 155 1.35 -19.80 0.66
C LYS A 155 0.33 -18.74 0.29
N TYR A 156 0.57 -18.05 -0.83
CA TYR A 156 -0.34 -17.00 -1.30
C TYR A 156 -1.22 -17.52 -2.43
N LYS A 157 -2.48 -17.09 -2.44
CA LYS A 157 -3.42 -17.50 -3.47
C LYS A 157 -3.61 -16.39 -4.51
N LEU A 158 -3.44 -16.75 -5.78
CA LEU A 158 -3.58 -15.79 -6.86
C LEU A 158 -5.05 -15.58 -7.22
N LEU A 159 -5.53 -14.35 -7.05
CA LEU A 159 -6.92 -14.03 -7.35
C LEU A 159 -7.01 -13.00 -8.49
N PRO A 160 -7.12 -13.47 -9.74
CA PRO A 160 -7.20 -12.58 -10.91
C PRO A 160 -8.52 -11.81 -10.94
N GLU A 161 -9.59 -12.45 -10.51
CA GLU A 161 -10.91 -11.82 -10.49
C GLU A 161 -11.41 -11.65 -9.06
N TYR A 162 -11.35 -10.43 -8.55
CA TYR A 162 -11.80 -10.14 -7.20
C TYR A 162 -12.87 -9.04 -7.20
N PRO A 163 -13.92 -9.19 -6.37
CA PRO A 163 -15.01 -8.20 -6.29
C PRO A 163 -14.54 -6.87 -5.71
N GLY A 164 -15.04 -5.77 -6.28
CA GLY A 164 -14.65 -4.46 -5.80
C GLY A 164 -13.52 -3.86 -6.60
N VAL A 165 -12.61 -4.71 -7.06
CA VAL A 165 -11.46 -4.24 -7.85
C VAL A 165 -11.62 -4.63 -9.32
N LEU A 166 -11.37 -3.68 -10.20
CA LEU A 166 -11.48 -3.92 -11.64
C LEU A 166 -10.54 -5.03 -12.07
N SER A 167 -11.02 -5.90 -12.97
CA SER A 167 -10.22 -7.00 -13.47
C SER A 167 -9.78 -6.75 -14.91
N ASP A 168 -10.58 -5.99 -15.65
CA ASP A 168 -10.28 -5.67 -17.04
C ASP A 168 -8.99 -4.87 -17.14
N VAL A 169 -8.28 -5.04 -18.25
CA VAL A 169 -7.03 -4.32 -18.47
C VAL A 169 -7.27 -2.83 -18.64
N GLN A 170 -6.54 -2.02 -17.88
CA GLN A 170 -6.68 -0.57 -17.95
C GLN A 170 -5.62 0.04 -18.86
N GLU A 171 -5.80 1.31 -19.21
CA GLU A 171 -4.85 2.00 -20.08
C GLU A 171 -4.80 3.48 -19.75
N GLU A 172 -3.60 3.98 -19.46
CA GLU A 172 -3.41 5.38 -19.12
C GLU A 172 -2.12 5.92 -19.72
N LYS A 173 -2.22 7.01 -20.47
CA LYS A 173 -1.06 7.62 -21.11
C LYS A 173 -0.37 6.63 -22.06
N GLY A 174 -1.17 5.74 -22.63
CA GLY A 174 -0.62 4.76 -23.56
C GLY A 174 0.06 3.60 -22.83
N ILE A 175 -0.25 3.43 -21.56
CA ILE A 175 0.34 2.35 -20.76
C ILE A 175 -0.73 1.36 -20.31
N LYS A 176 -0.58 0.11 -20.74
CA LYS A 176 -1.53 -0.94 -20.39
C LYS A 176 -1.08 -1.66 -19.13
N TYR A 177 -2.03 -1.95 -18.24
CA TYR A 177 -1.73 -2.65 -16.99
C TYR A 177 -2.96 -3.39 -16.48
N LYS A 178 -2.71 -4.39 -15.63
CA LYS A 178 -3.79 -5.19 -15.06
C LYS A 178 -3.71 -5.22 -13.54
N PHE A 179 -4.84 -5.49 -12.90
CA PHE A 179 -4.89 -5.55 -11.44
C PHE A 179 -5.02 -6.99 -10.95
N GLU A 180 -4.10 -7.40 -10.08
CA GLU A 180 -4.10 -8.75 -9.55
C GLU A 180 -4.19 -8.74 -8.02
N VAL A 181 -5.06 -9.57 -7.47
CA VAL A 181 -5.24 -9.65 -6.03
C VAL A 181 -4.60 -10.90 -5.46
N TYR A 182 -3.86 -10.76 -4.37
CA TYR A 182 -3.19 -11.88 -3.73
C TYR A 182 -3.59 -11.99 -2.27
N GLU A 183 -3.96 -13.20 -1.84
CA GLU A 183 -4.37 -13.44 -0.46
C GLU A 183 -3.43 -14.43 0.21
N LYS A 184 -3.16 -14.19 1.50
CA LYS A 184 -2.27 -15.05 2.26
C LYS A 184 -3.07 -16.01 3.14
N ASN A 185 -2.80 -17.30 3.00
CA ASN A 185 -3.49 -18.32 3.79
C ASN A 185 -2.61 -18.83 4.92
N ASP A 186 -3.19 -18.95 6.11
CA ASP A 186 -2.45 -19.43 7.28
C ASP A 186 -2.02 -20.89 7.08
PA NDP B . 14.28 1.87 1.56
O1A NDP B . 15.67 2.17 1.16
O2A NDP B . 13.96 0.47 1.89
O5B NDP B . 13.78 2.86 2.70
C5B NDP B . 12.51 2.66 3.36
C4B NDP B . 12.46 3.43 4.65
O4B NDP B . 11.15 3.29 5.25
C3B NDP B . 13.43 2.97 5.73
O3B NDP B . 14.71 3.59 5.55
C2B NDP B . 12.75 3.48 7.00
O2B NDP B . 12.98 4.84 7.27
C1B NDP B . 11.27 3.24 6.67
N9A NDP B . 10.76 1.95 7.13
C8A NDP B . 10.45 0.84 6.37
N7A NDP B . 10.02 -0.17 7.07
C5A NDP B . 10.05 0.29 8.38
C6A NDP B . 9.72 -0.32 9.60
N6A NDP B . 9.26 -1.57 9.71
N1A NDP B . 9.87 0.42 10.73
C2A NDP B . 10.33 1.68 10.62
N3A NDP B . 10.68 2.35 9.53
C4A NDP B . 10.52 1.60 8.43
O3 NDP B . 13.27 2.37 0.36
PN NDP B . 12.91 1.84 -1.16
O1N NDP B . 13.65 2.68 -2.13
O2N NDP B . 13.14 0.38 -1.21
O5D NDP B . 11.36 2.18 -1.14
C5D NDP B . 10.45 1.53 -2.04
C4D NDP B . 10.60 2.08 -3.44
O4D NDP B . 9.74 1.34 -4.35
C3D NDP B . 10.17 3.54 -3.61
O3D NDP B . 11.24 4.42 -3.27
C2D NDP B . 9.86 3.59 -5.11
O2D NDP B . 11.01 3.75 -5.93
C1D NDP B . 9.22 2.22 -5.34
N1N NDP B . 7.77 2.21 -5.25
C2N NDP B . 6.86 1.80 -6.13
C3N NDP B . 5.57 1.81 -5.98
C7N NDP B . 4.94 1.26 -7.14
O7N NDP B . 3.66 1.31 -6.86
N7N NDP B . 5.47 0.76 -8.28
C4N NDP B . 5.03 2.36 -4.69
C5N NDP B . 5.95 2.83 -3.69
C6N NDP B . 7.32 2.79 -3.89
P2B NDP B . 14.43 5.58 7.65
O1X NDP B . 13.82 6.93 8.22
O2X NDP B . 14.89 4.70 8.81
O3X NDP B . 14.99 5.83 6.25
H51A NDP B . 12.38 1.59 3.56
H52A NDP B . 11.70 2.99 2.70
H4B NDP B . 12.66 4.49 4.48
H3B NDP B . 13.53 1.89 5.75
HO3A NDP B . 15.27 3.36 6.30
H2B NDP B . 13.05 2.89 7.87
H1B NDP B . 10.63 3.99 7.11
H8A NDP B . 10.55 0.82 5.28
H61A NDP B . 9.05 -1.95 10.62
H62A NDP B . 9.12 -2.12 8.89
H2A NDP B . 10.43 2.21 11.56
H51N NDP B . 10.66 0.46 -2.05
H52N NDP B . 9.42 1.68 -1.70
H4D NDP B . 11.62 2.01 -3.78
H3D NDP B . 9.29 3.77 -3.03
HO3N NDP B . 12.07 3.94 -3.29
H2D NDP B . 9.16 4.39 -5.35
HO2N NDP B . 11.37 4.64 -5.81
H1D NDP B . 9.46 1.82 -6.33
H2N NDP B . 7.24 1.40 -7.07
H71N NDP B . 4.86 0.39 -9.00
H72N NDP B . 6.47 0.70 -8.40
H41N NDP B . 4.39 3.21 -4.95
H42N NDP B . 4.45 1.56 -4.23
H5N NDP B . 5.57 3.23 -2.76
H6N NDP B . 8.04 3.15 -3.14
N1 TRR C . 1.00 2.99 -6.76
C2 TRR C . 0.55 1.78 -6.27
N2 TRR C . -0.12 0.91 -7.11
N3 TRR C . 0.79 1.42 -4.97
C4 TRR C . 1.46 2.28 -4.13
N4 TRR C . 1.69 1.92 -2.81
C5 TRR C . 1.92 3.51 -4.60
C6 TRR C . 1.68 3.86 -5.93
C7 TRR C . 2.67 4.46 -3.69
C11 TRR C . 2.47 5.90 -4.08
C12 TRR C . 3.46 6.56 -4.80
C13 TRR C . 3.29 7.90 -5.15
C14 TRR C . 2.12 8.58 -4.77
C15 TRR C . 1.14 7.92 -4.05
C16 TRR C . 1.32 6.57 -3.70
O13 TRR C . 4.27 8.58 -5.88
O14 TRR C . 1.96 9.90 -5.12
O15 TRR C . -0.01 8.61 -3.67
C17 TRR C . 5.44 7.90 -6.26
C18 TRR C . 2.10 10.87 -4.12
C19 TRR C . -1.01 7.93 -2.94
H1 TRR C . 0.84 3.24 -7.70
H21 TRR C . -0.28 1.16 -8.05
H22 TRR C . -0.44 0.04 -6.77
H41 TRR C . 1.38 1.05 -2.48
H42 TRR C . 2.18 2.53 -2.21
H6 TRR C . 2.04 4.83 -6.32
H71 TRR C . 3.72 4.22 -3.73
H72 TRR C . 2.30 4.31 -2.68
H12 TRR C . 4.38 6.03 -5.09
H16 TRR C . 0.54 6.05 -3.12
H171 TRR C . 5.20 6.92 -6.68
H172 TRR C . 6.10 7.74 -5.40
H173 TRR C . 6.00 8.45 -7.00
H181 TRR C . 2.96 10.65 -3.47
H182 TRR C . 1.22 10.92 -3.48
H183 TRR C . 2.26 11.86 -4.54
H191 TRR C . -1.82 8.60 -2.67
H192 TRR C . -0.60 7.51 -2.02
H193 TRR C . -1.44 7.11 -3.52
N VAL A 1 -12.31 -4.93 11.50
CA VAL A 1 -11.34 -4.69 12.61
C VAL A 1 -10.26 -5.78 12.62
N GLY A 2 -9.04 -5.37 12.95
CA GLY A 2 -7.94 -6.32 13.00
C GLY A 2 -7.65 -6.93 11.64
N SER A 3 -7.99 -6.21 10.58
CA SER A 3 -7.76 -6.69 9.22
C SER A 3 -6.57 -6.00 8.58
N LEU A 4 -5.59 -6.78 8.14
CA LEU A 4 -4.39 -6.24 7.52
C LEU A 4 -4.50 -6.31 6.00
N ASN A 5 -4.38 -5.15 5.35
CA ASN A 5 -4.46 -5.08 3.90
C ASN A 5 -3.22 -4.43 3.31
N CYS A 6 -2.80 -4.90 2.14
CA CYS A 6 -1.62 -4.36 1.47
C CYS A 6 -1.87 -4.22 -0.03
N ILE A 7 -1.41 -3.11 -0.60
CA ILE A 7 -1.58 -2.86 -2.02
C ILE A 7 -0.40 -2.08 -2.60
N VAL A 8 0.21 -2.65 -3.63
CA VAL A 8 1.36 -2.01 -4.28
C VAL A 8 1.40 -2.33 -5.76
N ALA A 9 1.96 -1.42 -6.55
CA ALA A 9 2.05 -1.60 -7.99
C ALA A 9 3.45 -2.04 -8.41
N VAL A 10 3.53 -2.78 -9.51
CA VAL A 10 4.81 -3.26 -10.01
C VAL A 10 4.82 -3.31 -11.54
N SER A 11 5.97 -3.01 -12.12
CA SER A 11 6.12 -3.02 -13.58
C SER A 11 6.28 -4.45 -14.09
N GLN A 12 6.16 -4.61 -15.41
CA GLN A 12 6.30 -5.92 -16.03
C GLN A 12 7.68 -6.50 -15.77
N ASN A 13 8.65 -5.64 -15.45
CA ASN A 13 10.01 -6.09 -15.18
C ASN A 13 10.24 -6.29 -13.69
N MET A 14 9.15 -6.50 -12.94
CA MET A 14 9.25 -6.72 -11.50
C MET A 14 9.85 -5.50 -10.81
N GLY A 15 9.62 -4.32 -11.38
CA GLY A 15 10.16 -3.10 -10.81
C GLY A 15 9.10 -2.31 -10.05
N ILE A 16 9.54 -1.52 -9.08
CA ILE A 16 8.62 -0.71 -8.29
C ILE A 16 8.89 0.78 -8.49
N GLY A 17 10.16 1.16 -8.52
CA GLY A 17 10.52 2.55 -8.70
C GLY A 17 12.02 2.78 -8.68
N LYS A 18 12.50 3.59 -9.61
CA LYS A 18 13.92 3.89 -9.69
C LYS A 18 14.23 5.25 -9.08
N ASN A 19 15.23 5.30 -8.21
CA ASN A 19 15.62 6.53 -7.55
C ASN A 19 14.51 7.04 -6.64
N GLY A 20 13.69 6.13 -6.14
CA GLY A 20 12.60 6.51 -5.26
C GLY A 20 11.38 7.04 -6.01
N ASP A 21 11.27 6.68 -7.29
CA ASP A 21 10.15 7.12 -8.11
C ASP A 21 9.69 6.01 -9.05
N LEU A 22 8.40 6.01 -9.36
CA LEU A 22 7.82 5.01 -10.26
C LEU A 22 8.42 5.13 -11.66
N PRO A 23 8.60 3.99 -12.35
CA PRO A 23 9.16 3.97 -13.71
C PRO A 23 8.25 4.63 -14.73
N TRP A 24 6.95 4.35 -14.62
CA TRP A 24 5.96 4.92 -15.53
C TRP A 24 5.64 6.37 -15.16
N PRO A 25 5.32 7.21 -16.15
CA PRO A 25 4.99 8.62 -15.92
C PRO A 25 3.71 8.79 -15.10
N PRO A 26 3.40 10.04 -14.71
CA PRO A 26 2.19 10.33 -13.92
C PRO A 26 0.94 9.71 -14.50
N LEU A 27 0.29 8.84 -13.72
CA LEU A 27 -0.92 8.17 -14.17
C LEU A 27 -2.13 8.65 -13.38
N ARG A 28 -2.93 9.52 -13.98
CA ARG A 28 -4.12 10.05 -13.33
C ARG A 28 -5.08 8.92 -12.95
N ASN A 29 -5.09 7.86 -13.75
CA ASN A 29 -5.95 6.72 -13.50
C ASN A 29 -5.47 5.91 -12.31
N GLU A 30 -4.15 5.79 -12.18
CA GLU A 30 -3.55 5.04 -11.07
C GLU A 30 -3.75 5.77 -9.74
N PHE A 31 -3.55 7.08 -9.76
CA PHE A 31 -3.70 7.90 -8.57
C PHE A 31 -5.17 8.02 -8.17
N ARG A 32 -6.03 8.27 -9.15
CA ARG A 32 -7.46 8.39 -8.91
C ARG A 32 -8.05 7.08 -8.39
N TYR A 33 -7.66 5.98 -9.04
CA TYR A 33 -8.15 4.66 -8.64
C TYR A 33 -7.64 4.29 -7.26
N PHE A 34 -6.35 4.53 -7.01
CA PHE A 34 -5.74 4.22 -5.73
C PHE A 34 -6.39 5.03 -4.61
N GLN A 35 -6.53 6.33 -4.82
CA GLN A 35 -7.14 7.21 -3.84
C GLN A 35 -8.60 6.88 -3.63
N ARG A 36 -9.32 6.69 -4.74
CA ARG A 36 -10.75 6.36 -4.68
C ARG A 36 -10.97 5.05 -3.93
N MET A 37 -10.07 4.10 -4.12
CA MET A 37 -10.18 2.80 -3.45
C MET A 37 -10.03 2.95 -1.94
N THR A 38 -8.95 3.61 -1.52
CA THR A 38 -8.69 3.81 -0.10
C THR A 38 -9.76 4.71 0.52
N THR A 39 -10.09 5.79 -0.17
CA THR A 39 -11.09 6.74 0.31
C THR A 39 -12.47 6.08 0.39
N THR A 40 -12.85 5.39 -0.68
CA THR A 40 -14.13 4.72 -0.74
C THR A 40 -14.16 3.51 0.19
N SER A 41 -14.52 3.76 1.45
CA SER A 41 -14.59 2.70 2.45
C SER A 41 -15.99 2.10 2.52
N SER A 42 -16.08 0.85 2.92
CA SER A 42 -17.36 0.16 3.03
C SER A 42 -17.86 0.16 4.48
N VAL A 43 -17.59 1.26 5.18
CA VAL A 43 -18.01 1.38 6.57
C VAL A 43 -18.18 2.84 6.97
N GLU A 44 -19.42 3.24 7.22
CA GLU A 44 -19.72 4.62 7.60
C GLU A 44 -19.40 4.85 9.07
N GLY A 45 -18.74 5.98 9.35
CA GLY A 45 -18.37 6.30 10.72
C GLY A 45 -17.06 5.66 11.15
N LYS A 46 -16.30 5.16 10.18
CA LYS A 46 -15.03 4.52 10.48
C LYS A 46 -13.91 5.13 9.64
N GLN A 47 -12.68 5.05 10.16
CA GLN A 47 -11.52 5.61 9.46
C GLN A 47 -10.49 4.51 9.18
N ASN A 48 -9.85 4.60 8.02
CA ASN A 48 -8.84 3.63 7.63
C ASN A 48 -7.44 4.15 7.93
N LEU A 49 -6.57 3.26 8.39
CA LEU A 49 -5.20 3.63 8.72
C LEU A 49 -4.22 3.06 7.69
N VAL A 50 -3.44 3.93 7.08
CA VAL A 50 -2.46 3.52 6.07
C VAL A 50 -1.04 3.71 6.58
N ILE A 51 -0.14 2.83 6.16
CA ILE A 51 1.26 2.90 6.57
C ILE A 51 2.16 3.17 5.38
N MET A 52 3.00 4.20 5.49
CA MET A 52 3.91 4.56 4.42
C MET A 52 5.33 4.75 4.95
N GLY A 53 6.31 4.62 4.07
CA GLY A 53 7.70 4.77 4.47
C GLY A 53 8.19 6.21 4.33
N LYS A 54 9.38 6.48 4.86
CA LYS A 54 9.96 7.82 4.79
C LYS A 54 10.12 8.26 3.34
N LYS A 55 10.60 7.35 2.49
CA LYS A 55 10.81 7.66 1.09
C LYS A 55 9.50 8.02 0.41
N THR A 56 8.46 7.22 0.66
CA THR A 56 7.15 7.45 0.07
C THR A 56 6.54 8.74 0.60
N TRP A 57 6.61 8.93 1.93
CA TRP A 57 6.06 10.13 2.56
C TRP A 57 6.72 11.38 2.00
N PHE A 58 8.04 11.33 1.84
CA PHE A 58 8.78 12.47 1.32
C PHE A 58 8.66 12.56 -0.21
N SER A 59 8.25 11.47 -0.84
CA SER A 59 8.08 11.44 -2.29
C SER A 59 6.75 12.06 -2.70
N ILE A 60 5.77 11.99 -1.81
CA ILE A 60 4.45 12.56 -2.09
C ILE A 60 4.50 14.09 -2.10
N PRO A 61 3.98 14.72 -3.16
CA PRO A 61 3.97 16.18 -3.27
C PRO A 61 3.09 16.84 -2.21
N GLU A 62 3.35 18.12 -1.95
CA GLU A 62 2.58 18.87 -0.96
C GLU A 62 1.16 19.13 -1.45
N LYS A 63 1.00 19.17 -2.77
CA LYS A 63 -0.32 19.42 -3.37
C LYS A 63 -1.36 18.44 -2.84
N ASN A 64 -0.91 17.24 -2.51
CA ASN A 64 -1.80 16.20 -1.99
C ASN A 64 -1.54 15.95 -0.50
N ARG A 65 -0.30 16.17 -0.09
CA ARG A 65 0.08 15.98 1.31
C ARG A 65 -0.33 17.18 2.17
N PRO A 66 -0.82 16.94 3.39
CA PRO A 66 -1.17 15.60 3.88
C PRO A 66 -2.41 15.04 3.18
N LEU A 67 -2.50 13.71 3.14
CA LEU A 67 -3.64 13.05 2.51
C LEU A 67 -4.84 13.00 3.44
N LYS A 68 -5.83 13.83 3.16
CA LYS A 68 -7.05 13.89 3.98
C LYS A 68 -7.97 12.71 3.66
N GLY A 69 -8.84 12.38 4.60
CA GLY A 69 -9.76 11.27 4.41
C GLY A 69 -9.26 9.98 5.00
N ARG A 70 -7.94 9.84 5.09
CA ARG A 70 -7.32 8.64 5.65
C ARG A 70 -6.15 8.99 6.55
N ILE A 71 -5.96 8.20 7.61
CA ILE A 71 -4.87 8.44 8.54
C ILE A 71 -3.54 7.95 7.97
N ASN A 72 -2.59 8.87 7.82
CA ASN A 72 -1.28 8.52 7.28
C ASN A 72 -0.29 8.24 8.41
N LEU A 73 0.41 7.11 8.30
CA LEU A 73 1.39 6.72 9.31
C LEU A 73 2.76 6.48 8.67
N VAL A 74 3.79 7.04 9.26
CA VAL A 74 5.15 6.89 8.76
C VAL A 74 5.97 5.93 9.62
N LEU A 75 6.72 5.05 8.97
CA LEU A 75 7.54 4.08 9.69
C LEU A 75 9.01 4.51 9.69
N SER A 76 9.54 4.78 10.87
CA SER A 76 10.94 5.20 11.01
C SER A 76 11.53 4.68 12.32
N ARG A 77 12.76 4.17 12.24
CA ARG A 77 13.44 3.65 13.42
C ARG A 77 14.42 4.67 13.98
N GLU A 78 14.91 5.57 13.11
CA GLU A 78 15.85 6.59 13.53
C GLU A 78 15.13 7.79 14.14
N LEU A 79 13.97 8.13 13.58
CA LEU A 79 13.19 9.25 14.07
C LEU A 79 12.31 8.83 15.24
N LYS A 80 12.17 9.72 16.22
CA LYS A 80 11.35 9.45 17.39
C LYS A 80 9.99 10.11 17.27
N GLU A 81 9.97 11.35 16.81
CA GLU A 81 8.73 12.10 16.65
C GLU A 81 8.22 12.00 15.22
N PRO A 82 6.88 12.08 15.03
CA PRO A 82 6.27 11.98 13.71
C PRO A 82 6.61 13.20 12.83
N PRO A 83 6.68 12.99 11.51
CA PRO A 83 6.98 14.07 10.56
C PRO A 83 5.83 15.04 10.39
N GLN A 84 6.15 16.28 10.00
CA GLN A 84 5.12 17.30 9.81
C GLN A 84 4.12 16.87 8.74
N GLY A 85 2.84 16.89 9.10
CA GLY A 85 1.80 16.49 8.16
C GLY A 85 1.30 15.09 8.41
N ALA A 86 2.13 14.26 9.04
CA ALA A 86 1.76 12.88 9.33
C ALA A 86 0.77 12.82 10.49
N HIS A 87 -0.05 11.77 10.50
CA HIS A 87 -1.05 11.59 11.55
C HIS A 87 -0.44 10.86 12.75
N PHE A 88 0.40 9.88 12.47
CA PHE A 88 1.04 9.10 13.53
C PHE A 88 2.35 8.49 13.04
N LEU A 89 3.22 8.14 13.99
CA LEU A 89 4.51 7.54 13.65
C LEU A 89 4.75 6.28 14.46
N SER A 90 5.39 5.30 13.85
CA SER A 90 5.68 4.03 14.51
C SER A 90 7.15 3.64 14.32
N ARG A 91 7.76 3.13 15.38
CA ARG A 91 9.16 2.72 15.34
C ARG A 91 9.30 1.37 14.66
N SER A 92 8.30 0.51 14.84
CA SER A 92 8.31 -0.82 14.25
C SER A 92 6.90 -1.25 13.86
N LEU A 93 6.82 -2.19 12.92
CA LEU A 93 5.53 -2.69 12.45
C LEU A 93 4.74 -3.32 13.60
N ASP A 94 5.46 -3.90 14.56
CA ASP A 94 4.84 -4.54 15.70
C ASP A 94 4.11 -3.52 16.57
N ASP A 95 4.76 -2.37 16.79
CA ASP A 95 4.17 -1.31 17.60
C ASP A 95 2.94 -0.73 16.92
N ALA A 96 3.07 -0.41 15.64
CA ALA A 96 1.96 0.16 14.88
C ALA A 96 0.75 -0.78 14.87
N LEU A 97 1.03 -2.08 14.80
CA LEU A 97 -0.03 -3.07 14.78
C LEU A 97 -0.75 -3.13 16.13
N LYS A 98 0.03 -2.98 17.21
CA LYS A 98 -0.53 -3.01 18.56
C LYS A 98 -1.48 -1.85 18.77
N LEU A 99 -1.13 -0.69 18.22
CA LEU A 99 -1.97 0.50 18.36
C LEU A 99 -3.29 0.32 17.61
N THR A 100 -3.20 -0.15 16.37
CA THR A 100 -4.39 -0.36 15.55
C THR A 100 -5.29 -1.44 16.15
N GLU A 101 -4.69 -2.34 16.92
CA GLU A 101 -5.44 -3.43 17.56
C GLU A 101 -6.02 -2.97 18.91
N GLN A 102 -5.41 -1.94 19.48
CA GLN A 102 -5.86 -1.42 20.77
C GLN A 102 -7.27 -0.83 20.66
N PRO A 103 -8.04 -0.86 21.75
CA PRO A 103 -9.41 -0.32 21.77
C PRO A 103 -9.44 1.19 21.59
N GLU A 104 -8.42 1.86 22.11
CA GLU A 104 -8.34 3.32 22.01
C GLU A 104 -8.27 3.76 20.55
N LEU A 105 -7.62 2.95 19.72
CA LEU A 105 -7.48 3.26 18.30
C LEU A 105 -8.46 2.44 17.46
N ALA A 106 -8.91 1.31 18.00
CA ALA A 106 -9.84 0.44 17.31
C ALA A 106 -11.20 1.13 17.11
N ASN A 107 -11.48 2.12 17.94
CA ASN A 107 -12.74 2.85 17.86
C ASN A 107 -12.76 3.77 16.63
N LYS A 108 -11.59 4.28 16.26
CA LYS A 108 -11.48 5.16 15.11
C LYS A 108 -10.91 4.43 13.90
N VAL A 109 -10.07 3.43 14.17
CA VAL A 109 -9.46 2.65 13.10
C VAL A 109 -10.07 1.24 13.03
N ASP A 110 -10.14 0.70 11.83
CA ASP A 110 -10.70 -0.63 11.63
C ASP A 110 -9.78 -1.50 10.77
N MET A 111 -9.60 -1.09 9.51
CA MET A 111 -8.73 -1.82 8.59
C MET A 111 -7.44 -1.05 8.31
N VAL A 112 -6.40 -1.79 7.93
CA VAL A 112 -5.11 -1.17 7.63
C VAL A 112 -4.72 -1.43 6.18
N TRP A 113 -4.09 -0.43 5.56
CA TRP A 113 -3.67 -0.56 4.17
C TRP A 113 -2.21 -0.13 4.02
N ILE A 114 -1.40 -1.03 3.44
CA ILE A 114 0.02 -0.75 3.23
C ILE A 114 0.24 -0.04 1.90
N VAL A 115 0.82 1.16 1.95
CA VAL A 115 1.09 1.93 0.75
C VAL A 115 2.59 2.11 0.53
N GLY A 116 3.35 1.05 0.80
CA GLY A 116 4.79 1.11 0.63
C GLY A 116 5.51 1.52 1.91
N GLY A 117 6.84 1.45 1.91
CA GLY A 117 7.59 1.00 0.74
C GLY A 117 7.76 -0.51 0.69
N SER A 118 8.75 -0.96 -0.07
CA SER A 118 9.02 -2.39 -0.20
C SER A 118 9.45 -2.99 1.14
N SER A 119 10.18 -2.20 1.92
CA SER A 119 10.67 -2.66 3.22
C SER A 119 9.50 -3.03 4.13
N VAL A 120 8.48 -2.17 4.16
CA VAL A 120 7.30 -2.42 4.98
C VAL A 120 6.52 -3.63 4.47
N TYR A 121 6.48 -3.78 3.14
CA TYR A 121 5.77 -4.90 2.53
C TYR A 121 6.42 -6.22 2.90
N LYS A 122 7.76 -6.23 2.96
CA LYS A 122 8.50 -7.43 3.31
C LYS A 122 8.22 -7.85 4.74
N GLU A 123 8.36 -6.92 5.67
CA GLU A 123 8.12 -7.21 7.08
C GLU A 123 6.69 -7.68 7.31
N ALA A 124 5.75 -7.08 6.58
CA ALA A 124 4.34 -7.43 6.71
C ALA A 124 4.08 -8.82 6.14
N MET A 125 4.87 -9.21 5.15
CA MET A 125 4.72 -10.52 4.52
C MET A 125 4.99 -11.64 5.52
N ASN A 126 5.64 -11.31 6.63
CA ASN A 126 5.97 -12.30 7.66
C ASN A 126 4.89 -12.34 8.74
N HIS A 127 3.71 -11.85 8.42
CA HIS A 127 2.61 -11.83 9.38
C HIS A 127 1.88 -13.17 9.39
N PRO A 128 1.61 -13.74 10.59
CA PRO A 128 0.92 -15.02 10.72
C PRO A 128 -0.58 -14.90 10.51
N GLY A 129 -1.16 -13.80 10.98
CA GLY A 129 -2.59 -13.59 10.83
C GLY A 129 -3.00 -13.41 9.38
N HIS A 130 -4.29 -13.49 9.12
CA HIS A 130 -4.81 -13.34 7.77
C HIS A 130 -4.49 -11.96 7.21
N LEU A 131 -3.97 -11.93 5.98
CA LEU A 131 -3.61 -10.67 5.34
C LEU A 131 -3.84 -10.75 3.83
N LYS A 132 -4.31 -9.64 3.25
CA LYS A 132 -4.57 -9.59 1.82
C LYS A 132 -3.49 -8.78 1.11
N LEU A 133 -2.90 -9.37 0.07
CA LEU A 133 -1.85 -8.70 -0.70
C LEU A 133 -2.35 -8.32 -2.09
N PHE A 134 -2.33 -7.03 -2.39
CA PHE A 134 -2.78 -6.54 -3.69
C PHE A 134 -1.59 -6.09 -4.54
N VAL A 135 -1.46 -6.68 -5.72
CA VAL A 135 -0.37 -6.34 -6.63
C VAL A 135 -0.90 -5.92 -8.00
N THR A 136 -0.30 -4.87 -8.56
CA THR A 136 -0.71 -4.36 -9.86
C THR A 136 0.42 -4.50 -10.87
N ARG A 137 0.16 -5.24 -11.95
CA ARG A 137 1.16 -5.44 -12.99
C ARG A 137 0.99 -4.43 -14.12
N ILE A 138 2.09 -3.78 -14.50
CA ILE A 138 2.06 -2.80 -15.57
C ILE A 138 2.74 -3.34 -16.83
N MET A 139 1.93 -3.53 -17.88
CA MET A 139 2.46 -4.03 -19.14
C MET A 139 3.18 -2.93 -19.92
N GLN A 140 4.45 -2.73 -19.60
CA GLN A 140 5.25 -1.71 -20.27
C GLN A 140 6.72 -1.84 -19.88
N ASP A 141 7.58 -1.98 -20.89
CA ASP A 141 9.01 -2.11 -20.65
C ASP A 141 9.58 -0.84 -20.01
N PHE A 142 10.16 -1.00 -18.83
CA PHE A 142 10.74 0.14 -18.11
C PHE A 142 11.95 -0.30 -17.29
N GLU A 143 12.81 0.66 -16.94
CA GLU A 143 13.99 0.37 -16.16
C GLU A 143 13.80 0.77 -14.69
N SER A 144 14.15 -0.14 -13.79
CA SER A 144 14.01 0.13 -12.36
C SER A 144 15.27 -0.31 -11.60
N ASP A 145 15.47 0.26 -10.42
CA ASP A 145 16.63 -0.07 -9.61
C ASP A 145 16.22 -0.93 -8.42
N THR A 146 15.00 -0.72 -7.93
CA THR A 146 14.49 -1.48 -6.79
C THR A 146 13.57 -2.61 -7.25
N PHE A 147 13.90 -3.83 -6.84
CA PHE A 147 13.11 -4.99 -7.22
C PHE A 147 12.17 -5.40 -6.09
N PHE A 148 10.99 -5.91 -6.44
CA PHE A 148 10.02 -6.34 -5.45
C PHE A 148 10.16 -7.83 -5.16
N PRO A 149 9.99 -8.24 -3.88
CA PRO A 149 10.10 -9.63 -3.48
C PRO A 149 9.23 -10.56 -4.33
N GLU A 150 9.71 -11.78 -4.55
CA GLU A 150 8.98 -12.76 -5.34
C GLU A 150 7.88 -13.42 -4.51
N ILE A 151 6.65 -13.36 -5.00
CA ILE A 151 5.52 -13.95 -4.30
C ILE A 151 5.50 -15.47 -4.47
N ASP A 152 5.33 -16.18 -3.37
CA ASP A 152 5.28 -17.63 -3.39
C ASP A 152 3.85 -18.15 -3.44
N LEU A 153 3.55 -18.96 -4.44
CA LEU A 153 2.21 -19.52 -4.59
C LEU A 153 1.92 -20.53 -3.50
N GLU A 154 2.96 -21.19 -3.00
CA GLU A 154 2.81 -22.18 -1.96
C GLU A 154 2.33 -21.54 -0.65
N LYS A 155 2.71 -20.29 -0.44
CA LYS A 155 2.32 -19.56 0.76
C LYS A 155 1.20 -18.57 0.46
N TYR A 156 1.19 -18.04 -0.76
CA TYR A 156 0.17 -17.09 -1.18
C TYR A 156 -0.70 -17.67 -2.28
N LYS A 157 -1.99 -17.29 -2.27
CA LYS A 157 -2.93 -17.78 -3.27
C LYS A 157 -3.17 -16.73 -4.35
N LEU A 158 -3.19 -17.18 -5.60
CA LEU A 158 -3.41 -16.27 -6.72
C LEU A 158 -4.89 -15.99 -6.92
N LEU A 159 -5.28 -14.73 -6.75
CA LEU A 159 -6.67 -14.33 -6.91
C LEU A 159 -6.83 -13.34 -8.07
N PRO A 160 -7.07 -13.86 -9.29
CA PRO A 160 -7.24 -13.03 -10.48
C PRO A 160 -8.37 -12.01 -10.32
N GLU A 161 -9.59 -12.52 -10.15
CA GLU A 161 -10.76 -11.66 -9.98
C GLU A 161 -11.14 -11.54 -8.51
N TYR A 162 -10.99 -10.33 -7.97
CA TYR A 162 -11.32 -10.09 -6.57
C TYR A 162 -12.33 -8.94 -6.45
N PRO A 163 -13.37 -9.11 -5.60
CA PRO A 163 -14.39 -8.08 -5.41
C PRO A 163 -13.79 -6.74 -5.01
N GLY A 164 -14.31 -5.66 -5.61
CA GLY A 164 -13.82 -4.33 -5.31
C GLY A 164 -12.77 -3.86 -6.29
N VAL A 165 -11.92 -4.80 -6.75
CA VAL A 165 -10.87 -4.47 -7.70
C VAL A 165 -11.20 -4.99 -9.10
N LEU A 166 -10.94 -4.16 -10.11
CA LEU A 166 -11.21 -4.54 -11.48
C LEU A 166 -10.13 -5.46 -12.03
N SER A 167 -10.53 -6.41 -12.87
CA SER A 167 -9.59 -7.36 -13.45
C SER A 167 -9.31 -7.02 -14.91
N ASP A 168 -10.24 -6.33 -15.55
CA ASP A 168 -10.09 -5.94 -16.95
C ASP A 168 -8.88 -5.03 -17.14
N VAL A 169 -8.17 -5.23 -18.24
CA VAL A 169 -6.99 -4.42 -18.54
C VAL A 169 -7.36 -2.95 -18.74
N GLN A 170 -6.60 -2.07 -18.11
CA GLN A 170 -6.84 -0.63 -18.22
C GLN A 170 -5.72 0.04 -19.01
N GLU A 171 -6.09 1.04 -19.81
CA GLU A 171 -5.12 1.77 -20.61
C GLU A 171 -5.18 3.27 -20.32
N GLU A 172 -4.03 3.84 -19.97
CA GLU A 172 -3.97 5.27 -19.66
C GLU A 172 -2.67 5.88 -20.21
N LYS A 173 -2.81 6.93 -21.01
CA LYS A 173 -1.65 7.60 -21.59
C LYS A 173 -0.83 6.63 -22.44
N GLY A 174 -1.50 5.64 -23.02
CA GLY A 174 -0.82 4.65 -23.84
C GLY A 174 -0.13 3.59 -23.02
N ILE A 175 -0.52 3.47 -21.75
CA ILE A 175 0.06 2.46 -20.86
C ILE A 175 -0.99 1.47 -20.40
N LYS A 176 -0.74 0.19 -20.69
CA LYS A 176 -1.66 -0.87 -20.30
C LYS A 176 -1.16 -1.61 -19.05
N TYR A 177 -2.09 -1.98 -18.18
CA TYR A 177 -1.73 -2.68 -16.95
C TYR A 177 -2.91 -3.51 -16.44
N LYS A 178 -2.61 -4.51 -15.62
CA LYS A 178 -3.64 -5.39 -15.08
C LYS A 178 -3.60 -5.37 -13.55
N PHE A 179 -4.69 -5.82 -12.94
CA PHE A 179 -4.79 -5.86 -11.48
C PHE A 179 -4.87 -7.29 -10.97
N GLU A 180 -3.94 -7.67 -10.10
CA GLU A 180 -3.91 -9.02 -9.54
C GLU A 180 -4.01 -8.97 -8.02
N VAL A 181 -4.70 -9.96 -7.46
CA VAL A 181 -4.88 -10.03 -6.01
C VAL A 181 -4.26 -11.32 -5.45
N TYR A 182 -3.54 -11.18 -4.33
CA TYR A 182 -2.90 -12.32 -3.70
C TYR A 182 -3.34 -12.45 -2.24
N GLU A 183 -3.56 -13.67 -1.79
CA GLU A 183 -3.98 -13.93 -0.42
C GLU A 183 -2.84 -14.54 0.39
N LYS A 184 -2.83 -14.25 1.69
CA LYS A 184 -1.80 -14.78 2.57
C LYS A 184 -2.34 -15.91 3.44
N ASN A 185 -1.77 -17.10 3.27
CA ASN A 185 -2.20 -18.26 4.03
C ASN A 185 -1.40 -18.40 5.33
N ASP A 186 -2.08 -18.78 6.41
CA ASP A 186 -1.43 -18.94 7.71
C ASP A 186 -0.91 -20.36 7.88
PA NDP B . 14.14 1.18 1.02
O1A NDP B . 15.44 1.46 0.40
O2A NDP B . 13.65 -0.22 0.97
O5B NDP B . 14.04 1.76 2.50
C5B NDP B . 12.80 1.76 3.22
C4B NDP B . 12.92 2.58 4.48
O4B NDP B . 11.63 2.63 5.15
C3B NDP B . 13.87 2.03 5.53
O3B NDP B . 15.22 2.45 5.27
C2B NDP B . 13.34 2.67 6.81
O2B NDP B . 13.76 3.99 7.00
C1B NDP B . 11.82 2.63 6.55
N9A NDP B . 11.17 1.44 7.10
C8A NDP B . 10.71 0.34 6.41
N7A NDP B . 10.17 -0.58 7.17
C5A NDP B . 10.29 -0.05 8.45
C6A NDP B . 9.90 -0.54 9.72
N6A NDP B . 9.29 -1.71 9.90
N1A NDP B . 10.15 0.23 10.79
C2A NDP B . 10.75 1.42 10.61
N3A NDP B . 11.17 1.99 9.47
C4A NDP B . 10.90 1.19 8.42
O3 NDP B . 13.00 2.14 0.32
PN NDP B . 11.36 2.33 0.44
O1N NDP B . 10.77 1.01 0.73
O2N NDP B . 11.10 3.42 1.40
O5D NDP B . 11.08 2.78 -1.06
C5D NDP B . 10.22 2.01 -1.91
C4D NDP B . 10.33 2.48 -3.34
O4D NDP B . 9.53 1.63 -4.20
C3D NDP B . 9.84 3.89 -3.61
O3D NDP B . 10.85 4.86 -3.33
C2D NDP B . 9.52 3.83 -5.10
O2D NDP B . 10.67 4.00 -5.94
C1D NDP B . 8.97 2.41 -5.24
N1N NDP B . 7.52 2.33 -5.15
C2N NDP B . 6.63 1.83 -6.00
C3N NDP B . 5.35 1.78 -5.85
C7N NDP B . 4.74 1.15 -6.98
O7N NDP B . 3.45 1.15 -6.69
N7N NDP B . 5.28 0.63 -8.11
C4N NDP B . 4.78 2.35 -4.58
C5N NDP B . 5.68 2.91 -3.61
C6N NDP B . 7.05 2.94 -3.81
P2B NDP B . 14.21 4.73 8.43
O1X NDP B . 15.74 4.97 8.08
O2X NDP B . 13.46 6.05 8.30
O3X NDP B . 14.08 3.56 9.40
H51A NDP B . 12.53 0.73 3.47
H52A NDP B . 12.01 2.18 2.59
H4B NDP B . 13.25 3.59 4.25
H3B NDP B . 13.83 0.95 5.59
HO3A NDP B . 15.52 2.03 4.46
H2B NDP B . 13.60 2.08 7.69
H1B NDP B . 11.31 3.48 7.00
H8A NDP B . 10.78 0.25 5.32
H61A NDP B . 9.04 -2.01 10.83
H62A NDP B . 9.06 -2.30 9.11
H2A NDP B . 10.94 2.00 11.51
H51N NDP B . 10.49 0.96 -1.84
H52N NDP B . 9.18 2.12 -1.58
H4D NDP B . 11.38 2.45 -3.67
H3D NDP B . 8.93 4.12 -3.05
HO3N NDP B . 11.71 4.48 -3.52
H2D NDP B . 8.79 4.57 -5.40
HO2N NDP B . 10.41 4.40 -6.76
H1D NDP B . 9.23 1.96 -6.21
H2N NDP B . 7.03 1.42 -6.93
H71N NDP B . 4.70 0.21 -8.80
H72N NDP B . 6.30 0.62 -8.22
H41N NDP B . 4.09 3.15 -4.87
H42N NDP B . 4.24 1.55 -4.08
H5N NDP B . 5.27 3.34 -2.68
H6N NDP B . 7.74 3.37 -3.08
N1 TRR C . 0.75 2.83 -6.52
C2 TRR C . 0.42 1.59 -6.03
N2 TRR C . -0.23 0.68 -6.84
N3 TRR C . 0.74 1.25 -4.73
C4 TRR C . 1.38 2.14 -3.92
N4 TRR C . 1.69 1.80 -2.62
C5 TRR C . 1.71 3.40 -4.40
C6 TRR C . 1.40 3.74 -5.71
C7 TRR C . 2.42 4.40 -3.51
C11 TRR C . 2.19 5.82 -3.91
C12 TRR C . 3.10 6.48 -4.75
C13 TRR C . 2.88 7.81 -5.12
C14 TRR C . 1.75 8.48 -4.66
C15 TRR C . 0.84 7.84 -3.82
C16 TRR C . 1.06 6.50 -3.45
O13 TRR C . 3.78 8.47 -5.96
O14 TRR C . 1.53 9.79 -5.03
O15 TRR C . -0.29 8.52 -3.37
C17 TRR C . 4.92 7.78 -6.42
C18 TRR C . 1.47 10.76 -4.02
C19 TRR C . -1.19 7.86 -2.53
H1 TRR C . 0.52 3.07 -7.45
H21 TRR C . -0.45 0.92 -7.77
H22 TRR C . -0.47 -0.21 -6.50
H41 TRR C . 1.45 0.89 -2.27
H42 TRR C . 2.15 2.43 -2.03
H6 TRR C . 1.66 4.74 -6.10
H71 TRR C . 3.50 4.19 -3.54
H72 TRR C . 2.08 4.27 -2.49
H12 TRR C . 3.98 5.94 -5.11
H16 TRR C . 0.35 5.99 -2.79
H171 TRR C . 5.41 8.32 -7.22
H172 TRR C . 4.65 6.80 -6.80
H173 TRR C . 5.65 7.64 -5.62
H181 TRR C . 2.44 11.23 -3.87
H182 TRR C . 1.17 10.32 -3.07
H183 TRR C . 0.75 11.54 -4.26
H191 TRR C . -1.94 8.55 -2.12
H192 TRR C . -0.69 7.39 -1.69
H193 TRR C . -1.74 7.08 -3.06
N VAL A 1 -12.33 -4.17 10.85
CA VAL A 1 -11.66 -4.13 12.17
C VAL A 1 -10.61 -5.23 12.29
N GLY A 2 -9.34 -4.82 12.36
CA GLY A 2 -8.26 -5.79 12.47
C GLY A 2 -7.95 -6.45 11.16
N SER A 3 -8.23 -5.77 10.06
CA SER A 3 -7.98 -6.31 8.72
C SER A 3 -6.84 -5.55 8.04
N LEU A 4 -5.83 -6.29 7.60
CA LEU A 4 -4.68 -5.69 6.93
C LEU A 4 -4.70 -6.00 5.44
N ASN A 5 -4.65 -4.96 4.62
CA ASN A 5 -4.66 -5.12 3.18
C ASN A 5 -3.51 -4.34 2.53
N CYS A 6 -2.68 -5.05 1.77
CA CYS A 6 -1.54 -4.43 1.10
C CYS A 6 -1.85 -4.16 -0.37
N ILE A 7 -1.42 -3.00 -0.85
CA ILE A 7 -1.65 -2.62 -2.24
C ILE A 7 -0.48 -1.82 -2.80
N VAL A 8 0.23 -2.40 -3.76
CA VAL A 8 1.37 -1.73 -4.37
C VAL A 8 1.43 -2.03 -5.87
N ALA A 9 1.93 -1.06 -6.64
CA ALA A 9 2.04 -1.22 -8.08
C ALA A 9 3.48 -1.49 -8.49
N VAL A 10 3.67 -2.48 -9.36
CA VAL A 10 4.99 -2.85 -9.84
C VAL A 10 5.03 -2.92 -11.36
N SER A 11 6.22 -2.73 -11.93
CA SER A 11 6.39 -2.77 -13.37
C SER A 11 6.57 -4.21 -13.87
N GLN A 12 6.45 -4.40 -15.17
CA GLN A 12 6.61 -5.72 -15.77
C GLN A 12 8.01 -6.28 -15.50
N ASN A 13 8.96 -5.39 -15.21
CA ASN A 13 10.33 -5.81 -14.95
C ASN A 13 10.58 -5.96 -13.45
N MET A 14 9.51 -6.19 -12.69
CA MET A 14 9.62 -6.37 -11.24
C MET A 14 10.21 -5.12 -10.59
N GLY A 15 9.94 -3.96 -11.19
CA GLY A 15 10.44 -2.71 -10.64
C GLY A 15 9.39 -1.95 -9.88
N ILE A 16 9.83 -1.19 -8.87
CA ILE A 16 8.92 -0.41 -8.05
C ILE A 16 9.11 1.08 -8.28
N GLY A 17 10.36 1.51 -8.37
CA GLY A 17 10.65 2.92 -8.60
C GLY A 17 12.14 3.20 -8.65
N LYS A 18 12.51 4.27 -9.36
CA LYS A 18 13.90 4.65 -9.49
C LYS A 18 14.13 6.08 -9.01
N ASN A 19 15.14 6.25 -8.17
CA ASN A 19 15.46 7.57 -7.62
C ASN A 19 14.32 8.09 -6.76
N GLY A 20 13.57 7.17 -6.15
CA GLY A 20 12.46 7.56 -5.30
C GLY A 20 11.24 8.00 -6.10
N ASP A 21 11.16 7.57 -7.35
CA ASP A 21 10.03 7.92 -8.21
C ASP A 21 9.58 6.72 -9.03
N LEU A 22 8.30 6.71 -9.39
CA LEU A 22 7.73 5.63 -10.18
C LEU A 22 8.35 5.59 -11.58
N PRO A 23 8.55 4.38 -12.14
CA PRO A 23 9.13 4.23 -13.48
C PRO A 23 8.28 4.87 -14.56
N TRP A 24 6.96 4.71 -14.44
CA TRP A 24 6.03 5.27 -15.40
C TRP A 24 5.58 6.67 -14.98
N PRO A 25 5.16 7.50 -15.95
CA PRO A 25 4.69 8.86 -15.67
C PRO A 25 3.49 8.89 -14.73
N PRO A 26 3.08 10.09 -14.29
CA PRO A 26 1.93 10.25 -13.38
C PRO A 26 0.64 9.71 -13.98
N LEU A 27 0.04 8.73 -13.32
CA LEU A 27 -1.19 8.12 -13.78
C LEU A 27 -2.37 8.55 -12.92
N ARG A 28 -3.36 9.18 -13.55
CA ARG A 28 -4.55 9.65 -12.84
C ARG A 28 -5.40 8.48 -12.38
N ASN A 29 -5.50 7.45 -13.22
CA ASN A 29 -6.29 6.26 -12.89
C ASN A 29 -5.70 5.55 -11.67
N GLU A 30 -4.38 5.45 -11.64
CA GLU A 30 -3.70 4.79 -10.53
C GLU A 30 -3.89 5.55 -9.23
N PHE A 31 -3.77 6.88 -9.31
CA PHE A 31 -3.93 7.73 -8.14
C PHE A 31 -5.40 7.82 -7.72
N ARG A 32 -6.28 7.92 -8.72
CA ARG A 32 -7.72 8.01 -8.45
C ARG A 32 -8.24 6.69 -7.88
N TYR A 33 -7.72 5.58 -8.40
CA TYR A 33 -8.14 4.26 -7.93
C TYR A 33 -7.64 4.00 -6.51
N PHE A 34 -6.41 4.39 -6.25
CA PHE A 34 -5.80 4.19 -4.93
C PHE A 34 -6.61 4.90 -3.85
N GLN A 35 -6.92 6.17 -4.10
CA GLN A 35 -7.70 6.97 -3.16
C GLN A 35 -9.14 6.48 -3.09
N ARG A 36 -9.67 6.04 -4.23
CA ARG A 36 -11.03 5.56 -4.29
C ARG A 36 -11.19 4.24 -3.55
N MET A 37 -10.19 3.37 -3.67
CA MET A 37 -10.20 2.08 -3.01
C MET A 37 -10.07 2.23 -1.49
N THR A 38 -9.24 3.19 -1.07
CA THR A 38 -9.03 3.44 0.35
C THR A 38 -10.23 4.15 0.97
N THR A 39 -10.92 4.94 0.17
CA THR A 39 -12.10 5.67 0.65
C THR A 39 -13.35 4.78 0.61
N THR A 40 -13.48 3.99 -0.45
CA THR A 40 -14.62 3.10 -0.61
C THR A 40 -14.59 1.99 0.44
N SER A 41 -15.01 2.33 1.67
CA SER A 41 -15.03 1.36 2.75
C SER A 41 -16.44 0.83 2.98
N SER A 42 -16.53 -0.36 3.57
CA SER A 42 -17.82 -0.99 3.83
C SER A 42 -18.26 -0.72 5.27
N VAL A 43 -17.97 0.49 5.76
CA VAL A 43 -18.34 0.87 7.12
C VAL A 43 -18.36 2.38 7.26
N GLU A 44 -19.57 2.95 7.35
CA GLU A 44 -19.73 4.39 7.49
C GLU A 44 -19.50 4.82 8.94
N GLY A 45 -18.76 5.92 9.11
CA GLY A 45 -18.47 6.42 10.44
C GLY A 45 -17.18 5.85 11.02
N LYS A 46 -16.36 5.26 10.16
CA LYS A 46 -15.09 4.69 10.58
C LYS A 46 -13.92 5.35 9.86
N GLN A 47 -12.73 5.25 10.45
CA GLN A 47 -11.54 5.85 9.87
C GLN A 47 -10.52 4.77 9.50
N ASN A 48 -9.94 4.90 8.31
CA ASN A 48 -8.95 3.94 7.84
C ASN A 48 -7.53 4.45 8.05
N LEU A 49 -6.67 3.57 8.54
CA LEU A 49 -5.28 3.94 8.79
C LEU A 49 -4.34 3.28 7.79
N VAL A 50 -3.55 4.10 7.10
CA VAL A 50 -2.62 3.59 6.10
C VAL A 50 -1.17 3.70 6.59
N ILE A 51 -0.33 2.75 6.17
CA ILE A 51 1.06 2.75 6.56
C ILE A 51 1.97 3.06 5.38
N MET A 52 2.82 4.07 5.54
CA MET A 52 3.75 4.47 4.49
C MET A 52 5.16 4.63 5.02
N GLY A 53 6.13 4.65 4.13
CA GLY A 53 7.52 4.81 4.53
C GLY A 53 7.98 6.25 4.47
N LYS A 54 9.17 6.51 5.01
CA LYS A 54 9.73 7.86 5.02
C LYS A 54 9.92 8.38 3.59
N LYS A 55 10.41 7.51 2.72
CA LYS A 55 10.64 7.88 1.33
C LYS A 55 9.34 8.21 0.63
N THR A 56 8.34 7.35 0.80
CA THR A 56 7.03 7.56 0.18
C THR A 56 6.40 8.85 0.67
N TRP A 57 6.44 9.07 1.98
CA TRP A 57 5.88 10.28 2.58
C TRP A 57 6.51 11.54 1.99
N PHE A 58 7.82 11.47 1.74
CA PHE A 58 8.55 12.60 1.16
C PHE A 58 8.33 12.70 -0.34
N SER A 59 7.91 11.59 -0.95
CA SER A 59 7.67 11.57 -2.39
C SER A 59 6.28 12.11 -2.72
N ILE A 60 5.35 11.98 -1.79
CA ILE A 60 3.99 12.47 -1.98
C ILE A 60 3.93 13.99 -1.94
N PRO A 61 3.36 14.64 -2.96
CA PRO A 61 3.26 16.10 -3.02
C PRO A 61 2.58 16.68 -1.78
N GLU A 62 2.95 17.91 -1.43
CA GLU A 62 2.38 18.58 -0.27
C GLU A 62 0.97 19.09 -0.56
N LYS A 63 0.70 19.37 -1.84
CA LYS A 63 -0.60 19.87 -2.26
C LYS A 63 -1.72 18.93 -1.80
N ASN A 64 -1.44 17.63 -1.81
CA ASN A 64 -2.42 16.64 -1.40
C ASN A 64 -2.14 16.16 0.03
N ARG A 65 -0.88 16.18 0.42
CA ARG A 65 -0.48 15.75 1.76
C ARG A 65 -0.71 16.87 2.77
N PRO A 66 -1.17 16.53 4.00
CA PRO A 66 -1.59 15.17 4.36
C PRO A 66 -2.90 14.76 3.70
N LEU A 67 -3.05 13.47 3.43
CA LEU A 67 -4.26 12.95 2.81
C LEU A 67 -5.40 12.88 3.81
N LYS A 68 -6.21 13.94 3.87
CA LYS A 68 -7.35 13.99 4.79
C LYS A 68 -8.31 12.84 4.53
N GLY A 69 -9.08 12.48 5.55
CA GLY A 69 -10.04 11.40 5.42
C GLY A 69 -9.49 10.07 5.90
N ARG A 70 -8.17 9.91 5.83
CA ARG A 70 -7.52 8.68 6.26
C ARG A 70 -6.30 8.99 7.12
N ILE A 71 -6.03 8.13 8.10
CA ILE A 71 -4.89 8.31 8.99
C ILE A 71 -3.61 7.85 8.32
N ASN A 72 -2.64 8.76 8.24
CA ASN A 72 -1.35 8.46 7.62
C ASN A 72 -0.30 8.14 8.67
N LEU A 73 0.25 6.92 8.60
CA LEU A 73 1.27 6.48 9.55
C LEU A 73 2.60 6.24 8.85
N VAL A 74 3.66 6.83 9.39
CA VAL A 74 4.99 6.67 8.80
C VAL A 74 5.86 5.75 9.65
N LEU A 75 6.67 4.94 8.99
CA LEU A 75 7.55 4.00 9.67
C LEU A 75 9.01 4.40 9.50
N SER A 76 9.65 4.82 10.57
CA SER A 76 11.05 5.23 10.53
C SER A 76 11.77 4.83 11.81
N ARG A 77 13.01 4.35 11.66
CA ARG A 77 13.81 3.93 12.81
C ARG A 77 14.80 5.02 13.22
N GLU A 78 15.25 5.79 12.24
CA GLU A 78 16.20 6.86 12.49
C GLU A 78 15.51 8.08 13.10
N LEU A 79 14.28 8.34 12.66
CA LEU A 79 13.49 9.46 13.15
C LEU A 79 13.07 9.23 14.59
N LYS A 80 13.08 10.30 15.39
CA LYS A 80 12.69 10.22 16.79
C LYS A 80 11.24 10.68 16.98
N GLU A 81 10.82 11.66 16.18
CA GLU A 81 9.47 12.18 16.26
C GLU A 81 8.79 12.14 14.90
N PRO A 82 7.45 11.98 14.87
CA PRO A 82 6.69 11.93 13.63
C PRO A 82 6.97 13.12 12.71
N PRO A 83 6.95 12.92 11.39
CA PRO A 83 7.21 13.97 10.41
C PRO A 83 6.03 14.95 10.32
N GLN A 84 6.33 16.19 9.91
CA GLN A 84 5.30 17.21 9.76
C GLN A 84 4.23 16.78 8.76
N GLY A 85 2.98 16.78 9.20
CA GLY A 85 1.89 16.39 8.34
C GLY A 85 1.40 14.98 8.61
N ALA A 86 2.27 14.15 9.18
CA ALA A 86 1.93 12.77 9.50
C ALA A 86 1.04 12.70 10.73
N HIS A 87 0.24 11.64 10.83
CA HIS A 87 -0.66 11.45 11.96
C HIS A 87 0.06 10.76 13.12
N PHE A 88 0.91 9.79 12.78
CA PHE A 88 1.65 9.04 13.80
C PHE A 88 2.90 8.40 13.19
N LEU A 89 3.87 8.10 14.04
CA LEU A 89 5.12 7.48 13.59
C LEU A 89 5.53 6.36 14.53
N SER A 90 6.09 5.29 13.96
CA SER A 90 6.53 4.14 14.75
C SER A 90 7.94 3.73 14.37
N ARG A 91 8.70 3.24 15.35
CA ARG A 91 10.07 2.81 15.11
C ARG A 91 10.10 1.57 14.24
N SER A 92 9.14 0.68 14.44
CA SER A 92 9.06 -0.55 13.68
C SER A 92 7.61 -0.90 13.36
N LEU A 93 7.42 -1.77 12.37
CA LEU A 93 6.08 -2.19 11.98
C LEU A 93 5.35 -2.87 13.12
N ASP A 94 6.11 -3.57 13.97
CA ASP A 94 5.53 -4.26 15.11
C ASP A 94 4.84 -3.28 16.05
N ASP A 95 5.50 -2.14 16.30
CA ASP A 95 4.95 -1.12 17.17
C ASP A 95 3.71 -0.48 16.56
N ALA A 96 3.81 -0.12 15.28
CA ALA A 96 2.69 0.50 14.58
C ALA A 96 1.48 -0.43 14.56
N LEU A 97 1.71 -1.70 14.28
CA LEU A 97 0.64 -2.69 14.23
C LEU A 97 -0.02 -2.84 15.61
N LYS A 98 0.79 -2.75 16.65
CA LYS A 98 0.29 -2.88 18.02
C LYS A 98 -0.61 -1.70 18.38
N LEU A 99 -0.23 -0.51 17.92
CA LEU A 99 -0.99 0.70 18.19
C LEU A 99 -2.39 0.62 17.57
N THR A 100 -2.44 0.20 16.30
CA THR A 100 -3.70 0.08 15.59
C THR A 100 -4.50 -1.12 16.09
N GLU A 101 -3.80 -2.09 16.67
CA GLU A 101 -4.45 -3.29 17.19
C GLU A 101 -4.95 -3.07 18.61
N GLN A 102 -4.37 -2.11 19.30
CA GLN A 102 -4.76 -1.80 20.67
C GLN A 102 -6.20 -1.30 20.72
N PRO A 103 -6.90 -1.56 21.84
CA PRO A 103 -8.30 -1.12 22.00
C PRO A 103 -8.43 0.39 22.07
N GLU A 104 -7.41 1.05 22.60
CA GLU A 104 -7.41 2.51 22.71
C GLU A 104 -7.47 3.16 21.33
N LEU A 105 -6.86 2.50 20.34
CA LEU A 105 -6.84 3.02 18.98
C LEU A 105 -7.89 2.32 18.12
N ALA A 106 -8.24 1.09 18.48
CA ALA A 106 -9.23 0.31 17.75
C ALA A 106 -10.54 1.08 17.62
N ASN A 107 -10.81 1.98 18.57
CA ASN A 107 -12.03 2.77 18.57
C ASN A 107 -11.98 3.83 17.46
N LYS A 108 -10.78 4.30 17.15
CA LYS A 108 -10.61 5.32 16.12
C LYS A 108 -10.23 4.68 14.79
N VAL A 109 -9.49 3.58 14.85
CA VAL A 109 -9.06 2.87 13.64
C VAL A 109 -9.80 1.55 13.50
N ASP A 110 -10.05 1.15 12.27
CA ASP A 110 -10.74 -0.11 11.99
C ASP A 110 -9.93 -0.99 11.05
N MET A 111 -9.81 -0.55 9.79
CA MET A 111 -9.06 -1.31 8.80
C MET A 111 -7.71 -0.65 8.53
N VAL A 112 -6.73 -1.47 8.14
CA VAL A 112 -5.39 -0.97 7.85
C VAL A 112 -5.00 -1.26 6.40
N TRP A 113 -4.31 -0.32 5.79
CA TRP A 113 -3.87 -0.47 4.41
C TRP A 113 -2.39 -0.14 4.25
N ILE A 114 -1.64 -1.06 3.66
CA ILE A 114 -0.21 -0.87 3.45
C ILE A 114 0.06 -0.18 2.13
N VAL A 115 0.69 1.00 2.19
CA VAL A 115 1.01 1.76 0.99
C VAL A 115 2.43 1.46 0.50
N GLY A 116 3.41 1.84 1.29
CA GLY A 116 4.80 1.61 0.92
C GLY A 116 5.75 1.76 2.09
N GLY A 117 7.04 1.44 1.89
CA GLY A 117 7.52 0.98 0.59
C GLY A 117 7.77 -0.52 0.57
N SER A 118 8.86 -0.92 -0.08
CA SER A 118 9.21 -2.33 -0.18
C SER A 118 9.53 -2.92 1.20
N SER A 119 10.19 -2.12 2.03
CA SER A 119 10.56 -2.56 3.38
C SER A 119 9.32 -2.97 4.16
N VAL A 120 8.27 -2.16 4.09
CA VAL A 120 7.03 -2.45 4.79
C VAL A 120 6.34 -3.68 4.20
N TYR A 121 6.44 -3.82 2.88
CA TYR A 121 5.82 -4.95 2.19
C TYR A 121 6.49 -6.26 2.58
N LYS A 122 7.81 -6.24 2.70
CA LYS A 122 8.58 -7.42 3.06
C LYS A 122 8.21 -7.89 4.48
N GLU A 123 8.26 -6.95 5.42
CA GLU A 123 7.92 -7.27 6.81
C GLU A 123 6.50 -7.79 6.93
N ALA A 124 5.56 -7.09 6.30
CA ALA A 124 4.16 -7.49 6.33
C ALA A 124 3.95 -8.86 5.69
N MET A 125 4.79 -9.16 4.71
CA MET A 125 4.71 -10.44 4.00
C MET A 125 4.97 -11.61 4.95
N ASN A 126 5.60 -11.32 6.09
CA ASN A 126 5.91 -12.36 7.07
C ASN A 126 4.81 -12.45 8.14
N HIS A 127 3.62 -11.95 7.82
CA HIS A 127 2.51 -11.98 8.75
C HIS A 127 1.83 -13.35 8.75
N PRO A 128 1.61 -13.94 9.94
CA PRO A 128 0.97 -15.25 10.06
C PRO A 128 -0.55 -15.18 9.87
N GLY A 129 -1.15 -14.12 10.40
CA GLY A 129 -2.58 -13.95 10.29
C GLY A 129 -3.03 -13.68 8.86
N HIS A 130 -4.33 -13.78 8.62
CA HIS A 130 -4.87 -13.54 7.28
C HIS A 130 -4.58 -12.12 6.83
N LEU A 131 -4.06 -11.99 5.61
CA LEU A 131 -3.74 -10.68 5.05
C LEU A 131 -3.96 -10.66 3.55
N LYS A 132 -4.34 -9.50 3.02
CA LYS A 132 -4.58 -9.34 1.59
C LYS A 132 -3.40 -8.67 0.92
N LEU A 133 -3.01 -9.20 -0.24
CA LEU A 133 -1.89 -8.65 -0.99
C LEU A 133 -2.30 -8.28 -2.41
N PHE A 134 -2.39 -6.99 -2.69
CA PHE A 134 -2.78 -6.51 -4.00
C PHE A 134 -1.58 -5.95 -4.76
N VAL A 135 -1.34 -6.48 -5.96
CA VAL A 135 -0.21 -6.04 -6.77
C VAL A 135 -0.68 -5.63 -8.17
N THR A 136 -0.12 -4.53 -8.68
CA THR A 136 -0.48 -4.03 -10.00
C THR A 136 0.64 -4.30 -11.00
N ARG A 137 0.32 -4.97 -12.09
CA ARG A 137 1.30 -5.28 -13.12
C ARG A 137 1.23 -4.27 -14.26
N ILE A 138 2.31 -3.52 -14.45
CA ILE A 138 2.37 -2.52 -15.52
C ILE A 138 3.09 -3.07 -16.74
N MET A 139 2.34 -3.30 -17.82
CA MET A 139 2.91 -3.81 -19.05
C MET A 139 3.60 -2.70 -19.85
N GLN A 140 4.85 -2.42 -19.50
CA GLN A 140 5.61 -1.38 -20.17
C GLN A 140 7.07 -1.40 -19.74
N ASP A 141 7.98 -1.25 -20.70
CA ASP A 141 9.41 -1.25 -20.40
C ASP A 141 9.82 0.05 -19.71
N PHE A 142 10.45 -0.09 -18.55
CA PHE A 142 10.91 1.07 -17.79
C PHE A 142 12.12 0.72 -16.94
N GLU A 143 12.89 1.74 -16.56
CA GLU A 143 14.08 1.54 -15.75
C GLU A 143 13.75 1.63 -14.26
N SER A 144 14.29 0.70 -13.48
CA SER A 144 14.05 0.68 -12.04
C SER A 144 15.34 0.41 -11.28
N ASP A 145 15.39 0.85 -10.03
CA ASP A 145 16.56 0.66 -9.19
C ASP A 145 16.33 -0.45 -8.16
N THR A 146 15.09 -0.57 -7.72
CA THR A 146 14.73 -1.59 -6.74
C THR A 146 13.81 -2.64 -7.35
N PHE A 147 14.17 -3.91 -7.17
CA PHE A 147 13.38 -5.01 -7.71
C PHE A 147 12.43 -5.56 -6.65
N PHE A 148 11.29 -6.08 -7.10
CA PHE A 148 10.29 -6.64 -6.18
C PHE A 148 10.56 -8.13 -5.96
N PRO A 149 10.62 -8.56 -4.68
CA PRO A 149 10.86 -9.98 -4.35
C PRO A 149 9.87 -10.90 -5.02
N GLU A 150 10.31 -12.13 -5.32
CA GLU A 150 9.46 -13.11 -5.97
C GLU A 150 8.36 -13.59 -5.01
N ILE A 151 7.12 -13.43 -5.43
CA ILE A 151 5.98 -13.85 -4.62
C ILE A 151 5.81 -15.37 -4.65
N ASP A 152 5.67 -15.96 -3.47
CA ASP A 152 5.51 -17.41 -3.37
C ASP A 152 4.03 -17.80 -3.49
N LEU A 153 3.75 -18.75 -4.38
CA LEU A 153 2.39 -19.21 -4.60
C LEU A 153 1.97 -20.23 -3.53
N GLU A 154 2.96 -20.91 -2.95
CA GLU A 154 2.70 -21.90 -1.92
C GLU A 154 2.09 -21.27 -0.69
N LYS A 155 2.43 -20.00 -0.44
CA LYS A 155 1.91 -19.28 0.72
C LYS A 155 0.82 -18.31 0.30
N TYR A 156 1.00 -17.68 -0.86
CA TYR A 156 0.01 -16.71 -1.36
C TYR A 156 -0.87 -17.36 -2.42
N LYS A 157 -2.12 -16.92 -2.48
CA LYS A 157 -3.08 -17.45 -3.45
C LYS A 157 -3.25 -16.50 -4.63
N LEU A 158 -3.19 -17.04 -5.84
CA LEU A 158 -3.34 -16.24 -7.05
C LEU A 158 -4.81 -15.93 -7.33
N LEU A 159 -5.17 -14.65 -7.27
CA LEU A 159 -6.54 -14.23 -7.51
C LEU A 159 -6.62 -13.35 -8.76
N PRO A 160 -6.90 -13.95 -9.93
CA PRO A 160 -7.00 -13.20 -11.19
C PRO A 160 -8.22 -12.28 -11.22
N GLU A 161 -9.35 -12.79 -10.75
CA GLU A 161 -10.58 -12.01 -10.72
C GLU A 161 -11.17 -11.96 -9.31
N TYR A 162 -11.14 -10.78 -8.70
CA TYR A 162 -11.66 -10.60 -7.36
C TYR A 162 -12.72 -9.49 -7.33
N PRO A 163 -13.87 -9.74 -6.68
CA PRO A 163 -14.96 -8.76 -6.58
C PRO A 163 -14.47 -7.42 -6.03
N GLY A 164 -14.94 -6.33 -6.63
CA GLY A 164 -14.56 -5.02 -6.18
C GLY A 164 -13.39 -4.45 -6.97
N VAL A 165 -12.47 -5.31 -7.36
CA VAL A 165 -11.30 -4.89 -8.12
C VAL A 165 -11.41 -5.33 -9.58
N LEU A 166 -11.04 -4.44 -10.49
CA LEU A 166 -11.11 -4.73 -11.92
C LEU A 166 -10.06 -5.78 -12.30
N SER A 167 -10.47 -6.73 -13.13
CA SER A 167 -9.58 -7.79 -13.58
C SER A 167 -9.17 -7.59 -15.04
N ASP A 168 -10.06 -6.97 -15.81
CA ASP A 168 -9.80 -6.71 -17.23
C ASP A 168 -8.61 -5.78 -17.40
N VAL A 169 -7.90 -5.92 -18.51
CA VAL A 169 -6.75 -5.09 -18.80
C VAL A 169 -7.15 -3.63 -18.99
N GLN A 170 -6.42 -2.72 -18.35
CA GLN A 170 -6.71 -1.30 -18.47
C GLN A 170 -5.63 -0.58 -19.27
N GLU A 171 -5.90 0.67 -19.62
CA GLU A 171 -4.95 1.46 -20.40
C GLU A 171 -5.07 2.94 -20.06
N GLU A 172 -3.93 3.58 -19.80
CA GLU A 172 -3.91 5.00 -19.46
C GLU A 172 -2.71 5.70 -20.11
N LYS A 173 -2.99 6.75 -20.86
CA LYS A 173 -1.93 7.51 -21.53
C LYS A 173 -1.11 6.60 -22.45
N GLY A 174 -1.76 5.57 -22.98
CA GLY A 174 -1.08 4.65 -23.87
C GLY A 174 -0.28 3.60 -23.13
N ILE A 175 -0.59 3.42 -21.84
CA ILE A 175 0.11 2.44 -21.02
C ILE A 175 -0.83 1.33 -20.58
N LYS A 176 -0.56 0.11 -21.05
CA LYS A 176 -1.38 -1.04 -20.69
C LYS A 176 -0.89 -1.69 -19.41
N TYR A 177 -1.84 -2.07 -18.55
CA TYR A 177 -1.50 -2.70 -17.28
C TYR A 177 -2.64 -3.59 -16.80
N LYS A 178 -2.29 -4.61 -16.00
CA LYS A 178 -3.29 -5.54 -15.48
C LYS A 178 -3.32 -5.49 -13.95
N PHE A 179 -4.44 -5.93 -13.38
CA PHE A 179 -4.60 -5.94 -11.92
C PHE A 179 -4.58 -7.37 -11.39
N GLU A 180 -3.60 -7.67 -10.55
CA GLU A 180 -3.48 -9.00 -9.96
C GLU A 180 -3.75 -8.96 -8.46
N VAL A 181 -4.50 -9.93 -7.96
CA VAL A 181 -4.82 -10.01 -6.54
C VAL A 181 -4.17 -11.23 -5.90
N TYR A 182 -3.56 -11.03 -4.73
CA TYR A 182 -2.91 -12.12 -4.01
C TYR A 182 -3.41 -12.20 -2.57
N GLU A 183 -3.78 -13.40 -2.14
CA GLU A 183 -4.27 -13.61 -0.79
C GLU A 183 -3.24 -14.35 0.06
N LYS A 184 -3.25 -14.08 1.36
CA LYS A 184 -2.31 -14.73 2.27
C LYS A 184 -2.99 -15.86 3.04
N ASN A 185 -2.45 -17.07 2.90
CA ASN A 185 -3.00 -18.24 3.58
C ASN A 185 -2.07 -18.72 4.68
N ASP A 186 -2.63 -18.96 5.86
CA ASP A 186 -1.84 -19.43 6.99
C ASP A 186 -1.89 -20.94 7.10
PA NDP B . 13.33 3.47 1.42
O1A NDP B . 12.86 4.65 2.16
O2A NDP B . 14.74 3.44 0.98
O5B NDP B . 12.93 2.12 2.16
C5B NDP B . 11.84 2.09 3.12
C4B NDP B . 12.31 2.63 4.46
O4B NDP B . 11.19 2.68 5.37
C3B NDP B . 13.35 1.78 5.17
O3B NDP B . 14.67 2.09 4.71
C2B NDP B . 13.15 2.18 6.62
O2B NDP B . 13.80 3.40 6.96
C1B NDP B . 11.62 2.36 6.68
N9A NDP B . 10.93 1.16 7.12
C8A NDP B . 10.17 0.30 6.37
N7A NDP B . 9.66 -0.70 7.05
C5A NDP B . 10.10 -0.47 8.34
C6A NDP B . 9.90 -1.18 9.55
N6A NDP B . 9.18 -2.29 9.64
N1A NDP B . 10.49 -0.68 10.67
C2A NDP B . 11.22 0.44 10.57
N3A NDP B . 11.48 1.19 9.49
C4A NDP B . 10.88 0.67 8.40
O3 NDP B . 12.37 3.28 0.08
PN NDP B . 12.55 2.59 -1.40
O1N NDP B . 13.85 3.02 -1.95
O2N NDP B . 12.31 1.14 -1.29
O5D NDP B . 11.34 3.33 -2.13
C5D NDP B . 10.42 2.60 -2.95
C4D NDP B . 10.23 3.30 -4.28
O4D NDP B . 9.36 2.50 -5.13
C3D NDP B . 9.54 4.65 -4.21
O3D NDP B . 10.49 5.69 -3.93
C2D NDP B . 8.96 4.79 -5.61
O2D NDP B . 9.91 5.24 -6.58
C1D NDP B . 8.54 3.35 -5.91
N1N NDP B . 7.15 3.07 -5.59
C2N NDP B . 6.16 2.64 -6.36
C3N NDP B . 4.93 2.42 -6.01
C7N NDP B . 4.18 1.96 -7.13
O7N NDP B . 2.97 1.76 -6.63
N7N NDP B . 4.53 1.75 -8.42
C4N NDP B . 4.57 2.67 -4.57
C5N NDP B . 5.59 3.14 -3.68
C6N NDP B . 6.89 3.36 -4.09
P2B NDP B . 14.82 3.69 8.24
O1X NDP B . 14.17 5.04 8.73
O2X NDP B . 14.42 2.56 9.18
O3X NDP B . 16.12 4.00 7.49
H51A NDP B . 11.49 1.07 3.23
H52A NDP B . 11.03 2.71 2.74
H4B NDP B . 12.74 3.62 4.34
H3B NDP B . 13.16 0.71 5.04
HO3A NDP B . 14.82 3.03 4.78
H2B NDP B . 13.48 1.42 7.31
H1B NDP B . 11.33 3.15 7.37
H8A NDP B . 10.02 0.43 5.30
H61A NDP B . 9.07 -2.75 10.53
H62A NDP B . 8.76 -2.69 8.82
H2A NDP B . 11.66 0.78 11.50
H51N NDP B . 10.80 1.59 -3.12
H52N NDP B . 9.46 2.52 -2.45
H4D NDP B . 11.18 3.46 -4.78
H3D NDP B . 8.74 4.67 -3.48
HO3N NDP B . 10.41 6.38 -4.60
H2D NDP B . 8.11 5.47 -5.64
HO2N NDP B . 10.69 4.69 -6.54
H1D NDP B . 8.65 3.10 -6.97
H2N NDP B . 6.41 2.45 -7.41
H71N NDP B . 3.85 1.42 -9.09
H72N NDP B . 5.47 1.95 -8.73
H41N NDP B . 3.78 3.43 -4.58
H42N NDP B . 4.21 1.72 -4.17
H5N NDP B . 5.33 3.32 -2.64
H6N NDP B . 7.67 3.72 -3.42
N1 TRR C . 0.57 3.09 -6.50
C2 TRR C . 0.22 1.84 -6.04
N2 TRR C . -0.38 0.94 -6.88
N3 TRR C . 0.49 1.47 -4.73
C4 TRR C . 1.10 2.38 -3.88
N4 TRR C . 1.35 2.00 -2.58
C5 TRR C . 1.45 3.63 -4.33
C6 TRR C . 1.18 3.99 -5.65
C7 TRR C . 2.11 4.62 -3.40
C11 TRR C . 1.88 6.06 -3.79
C12 TRR C . 2.86 6.76 -4.50
C13 TRR C . 2.64 8.09 -4.85
C14 TRR C . 1.43 8.71 -4.52
C15 TRR C . 0.46 8.02 -3.81
C16 TRR C . 0.68 6.69 -3.45
O13 TRR C . 3.61 8.80 -5.56
O14 TRR C . 1.22 10.03 -4.88
O15 TRR C . -0.73 8.65 -3.49
C17 TRR C . 4.81 8.17 -5.90
C18 TRR C . 1.04 10.96 -3.85
C19 TRR C . -1.72 7.94 -2.77
H1 TRR C . 0.38 3.34 -7.43
H21 TRR C . -0.57 1.18 -7.82
H22 TRR C . -0.63 0.03 -6.56
H41 TRR C . 1.11 1.10 -2.25
H42 TRR C . 1.79 2.63 -1.95
H6 TRR C . 1.46 4.99 -6.02
H71 TRR C . 3.19 4.42 -3.38
H72 TRR C . 1.72 4.47 -2.40
H12 TRR C . 3.80 6.25 -4.75
H16 TRR C . -0.09 6.12 -2.90
H171 TRR C . 5.49 8.84 -6.42
H172 TRR C . 4.64 7.31 -6.55
H173 TRR C . 5.33 7.80 -5.02
H181 TRR C . 0.70 11.92 -4.25
H182 TRR C . 1.97 11.15 -3.31
H183 TRR C . 0.31 10.63 -3.13
H191 TRR C . -1.35 7.63 -1.80
H192 TRR C . -2.03 7.05 -3.32
H193 TRR C . -2.61 8.55 -2.62
N VAL A 1 -8.45 -4.84 15.12
CA VAL A 1 -9.15 -6.10 14.72
C VAL A 1 -8.17 -7.11 14.11
N GLY A 2 -7.10 -6.59 13.51
CA GLY A 2 -6.11 -7.46 12.91
C GLY A 2 -6.28 -7.56 11.40
N SER A 3 -6.84 -6.54 10.79
CA SER A 3 -7.06 -6.52 9.35
C SER A 3 -6.05 -5.61 8.65
N LEU A 4 -5.17 -6.21 7.87
CA LEU A 4 -4.15 -5.46 7.15
C LEU A 4 -4.28 -5.67 5.65
N ASN A 5 -4.57 -4.59 4.92
CA ASN A 5 -4.72 -4.67 3.47
C ASN A 5 -3.50 -4.10 2.76
N CYS A 6 -2.85 -4.92 1.96
CA CYS A 6 -1.65 -4.50 1.22
C CYS A 6 -1.96 -4.36 -0.27
N ILE A 7 -1.59 -3.21 -0.83
CA ILE A 7 -1.83 -2.94 -2.24
C ILE A 7 -0.69 -2.11 -2.84
N VAL A 8 0.01 -2.67 -3.82
CA VAL A 8 1.10 -1.98 -4.47
C VAL A 8 1.22 -2.38 -5.93
N ALA A 9 1.77 -1.49 -6.75
CA ALA A 9 1.94 -1.75 -8.17
C ALA A 9 3.38 -2.12 -8.50
N VAL A 10 3.56 -2.91 -9.56
CA VAL A 10 4.89 -3.34 -9.97
C VAL A 10 5.01 -3.40 -11.49
N SER A 11 6.20 -3.14 -12.00
CA SER A 11 6.43 -3.17 -13.44
C SER A 11 6.66 -4.60 -13.93
N GLN A 12 6.62 -4.77 -15.25
CA GLN A 12 6.83 -6.09 -15.84
C GLN A 12 8.21 -6.64 -15.51
N ASN A 13 9.13 -5.75 -15.14
CA ASN A 13 10.49 -6.15 -14.79
C ASN A 13 10.65 -6.33 -13.29
N MET A 14 9.54 -6.59 -12.61
CA MET A 14 9.56 -6.78 -11.16
C MET A 14 10.04 -5.51 -10.45
N GLY A 15 9.77 -4.36 -11.06
CA GLY A 15 10.19 -3.10 -10.47
C GLY A 15 9.06 -2.42 -9.73
N ILE A 16 9.42 -1.60 -8.74
CA ILE A 16 8.42 -0.89 -7.95
C ILE A 16 8.58 0.63 -8.09
N GLY A 17 9.82 1.09 -8.03
CA GLY A 17 10.09 2.51 -8.15
C GLY A 17 11.57 2.83 -8.12
N LYS A 18 11.94 3.97 -8.69
CA LYS A 18 13.34 4.40 -8.72
C LYS A 18 13.49 5.81 -8.16
N ASN A 19 14.43 5.97 -7.24
CA ASN A 19 14.68 7.25 -6.60
C ASN A 19 13.45 7.73 -5.83
N GLY A 20 12.65 6.77 -5.36
CA GLY A 20 11.46 7.12 -4.59
C GLY A 20 10.30 7.53 -5.47
N ASP A 21 10.33 7.12 -6.74
CA ASP A 21 9.26 7.47 -7.67
C ASP A 21 8.94 6.29 -8.59
N LEU A 22 7.69 6.23 -9.05
CA LEU A 22 7.25 5.16 -9.93
C LEU A 22 7.94 5.26 -11.29
N PRO A 23 8.22 4.11 -11.93
CA PRO A 23 8.88 4.08 -13.24
C PRO A 23 8.02 4.67 -14.35
N TRP A 24 6.73 4.34 -14.33
CA TRP A 24 5.80 4.84 -15.33
C TRP A 24 5.33 6.25 -14.99
N PRO A 25 5.19 7.12 -16.01
CA PRO A 25 4.75 8.51 -15.81
C PRO A 25 3.46 8.60 -15.01
N PRO A 26 3.19 9.77 -14.40
CA PRO A 26 1.98 9.98 -13.60
C PRO A 26 0.72 9.54 -14.33
N LEU A 27 0.01 8.58 -13.76
CA LEU A 27 -1.22 8.06 -14.36
C LEU A 27 -2.45 8.64 -13.65
N ARG A 28 -3.38 9.18 -14.44
CA ARG A 28 -4.59 9.76 -13.90
C ARG A 28 -5.56 8.68 -13.44
N ASN A 29 -5.59 7.56 -14.17
CA ASN A 29 -6.47 6.46 -13.83
C ASN A 29 -5.94 5.70 -12.61
N GLU A 30 -4.64 5.55 -12.54
CA GLU A 30 -4.01 4.84 -11.42
C GLU A 30 -4.16 5.62 -10.13
N PHE A 31 -3.95 6.93 -10.20
CA PHE A 31 -4.06 7.78 -9.03
C PHE A 31 -5.52 7.90 -8.58
N ARG A 32 -6.40 8.22 -9.52
CA ARG A 32 -7.83 8.36 -9.22
C ARG A 32 -8.41 7.03 -8.74
N TYR A 33 -7.90 5.94 -9.29
CA TYR A 33 -8.38 4.61 -8.93
C TYR A 33 -7.89 4.21 -7.54
N PHE A 34 -6.64 4.57 -7.24
CA PHE A 34 -6.04 4.27 -5.94
C PHE A 34 -6.66 5.12 -4.84
N GLN A 35 -6.85 6.40 -5.13
CA GLN A 35 -7.43 7.33 -4.18
C GLN A 35 -8.84 6.90 -3.79
N ARG A 36 -9.68 6.67 -4.79
CA ARG A 36 -11.06 6.26 -4.55
C ARG A 36 -11.11 4.91 -3.83
N MET A 37 -10.16 4.03 -4.14
CA MET A 37 -10.09 2.72 -3.54
C MET A 37 -9.98 2.82 -2.01
N THR A 38 -8.97 3.56 -1.55
CA THR A 38 -8.75 3.74 -0.12
C THR A 38 -9.92 4.50 0.51
N THR A 39 -10.53 5.39 -0.25
CA THR A 39 -11.66 6.17 0.24
C THR A 39 -12.85 5.26 0.56
N THR A 40 -13.02 4.21 -0.23
CA THR A 40 -14.11 3.28 -0.02
C THR A 40 -13.91 2.47 1.26
N SER A 41 -14.69 2.79 2.28
CA SER A 41 -14.60 2.11 3.56
C SER A 41 -15.72 1.08 3.71
N SER A 42 -15.41 -0.04 4.35
CA SER A 42 -16.40 -1.10 4.56
C SER A 42 -17.41 -0.70 5.63
N VAL A 43 -16.93 0.04 6.63
CA VAL A 43 -17.79 0.49 7.72
C VAL A 43 -17.89 2.01 7.75
N GLU A 44 -19.13 2.52 7.73
CA GLU A 44 -19.36 3.95 7.76
C GLU A 44 -19.15 4.51 9.16
N GLY A 45 -18.64 5.73 9.24
CA GLY A 45 -18.40 6.36 10.52
C GLY A 45 -17.02 6.07 11.08
N LYS A 46 -16.30 5.15 10.43
CA LYS A 46 -14.97 4.79 10.88
C LYS A 46 -13.91 5.33 9.92
N GLN A 47 -12.67 5.43 10.40
CA GLN A 47 -11.58 5.94 9.59
C GLN A 47 -10.53 4.86 9.34
N ASN A 48 -9.88 4.93 8.18
CA ASN A 48 -8.86 3.95 7.82
C ASN A 48 -7.46 4.54 7.99
N LEU A 49 -6.54 3.72 8.49
CA LEU A 49 -5.17 4.16 8.69
C LEU A 49 -4.23 3.53 7.68
N VAL A 50 -3.50 4.36 6.93
CA VAL A 50 -2.57 3.88 5.92
C VAL A 50 -1.13 4.03 6.38
N ILE A 51 -0.29 3.08 6.00
CA ILE A 51 1.12 3.11 6.38
C ILE A 51 2.01 3.40 5.17
N MET A 52 2.87 4.41 5.31
CA MET A 52 3.77 4.78 4.23
C MET A 52 5.22 4.80 4.71
N GLY A 53 6.15 4.69 3.76
CA GLY A 53 7.56 4.68 4.11
C GLY A 53 8.16 6.08 4.09
N LYS A 54 9.39 6.20 4.59
CA LYS A 54 10.08 7.48 4.64
C LYS A 54 10.27 8.04 3.23
N LYS A 55 10.59 7.16 2.28
CA LYS A 55 10.81 7.56 0.90
C LYS A 55 9.50 7.97 0.24
N THR A 56 8.46 7.16 0.45
CA THR A 56 7.15 7.44 -0.13
C THR A 56 6.62 8.79 0.36
N TRP A 57 6.72 9.02 1.65
CA TRP A 57 6.25 10.27 2.25
C TRP A 57 7.00 11.47 1.66
N PHE A 58 8.32 11.34 1.58
CA PHE A 58 9.16 12.41 1.05
C PHE A 58 8.89 12.62 -0.44
N SER A 59 8.33 11.61 -1.09
CA SER A 59 8.04 11.69 -2.52
C SER A 59 6.69 12.38 -2.75
N ILE A 60 5.79 12.25 -1.79
CA ILE A 60 4.47 12.87 -1.89
C ILE A 60 4.56 14.39 -1.72
N PRO A 61 3.85 15.15 -2.56
CA PRO A 61 3.86 16.61 -2.50
C PRO A 61 3.05 17.14 -1.31
N GLU A 62 3.59 18.15 -0.64
CA GLU A 62 2.94 18.74 0.51
C GLU A 62 1.53 19.23 0.16
N LYS A 63 1.31 19.52 -1.12
CA LYS A 63 0.01 19.98 -1.59
C LYS A 63 -1.10 19.00 -1.23
N ASN A 64 -0.74 17.71 -1.15
CA ASN A 64 -1.70 16.68 -0.81
C ASN A 64 -1.44 16.13 0.59
N ARG A 65 -0.87 16.95 1.46
CA ARG A 65 -0.57 16.54 2.82
C ARG A 65 -0.91 17.66 3.82
N PRO A 66 -1.49 17.31 4.99
CA PRO A 66 -1.94 15.95 5.28
C PRO A 66 -3.17 15.55 4.48
N LEU A 67 -3.16 14.32 3.96
CA LEU A 67 -4.28 13.83 3.18
C LEU A 67 -5.54 13.72 4.02
N LYS A 68 -6.53 14.55 3.72
CA LYS A 68 -7.79 14.55 4.45
C LYS A 68 -8.63 13.33 4.10
N GLY A 69 -9.41 12.85 5.05
CA GLY A 69 -10.25 11.69 4.82
C GLY A 69 -9.61 10.40 5.30
N ARG A 70 -8.28 10.34 5.20
CA ARG A 70 -7.55 9.14 5.63
C ARG A 70 -6.37 9.53 6.52
N ILE A 71 -6.02 8.64 7.44
CA ILE A 71 -4.92 8.88 8.35
C ILE A 71 -3.62 8.32 7.79
N ASN A 72 -2.65 9.22 7.57
CA ASN A 72 -1.35 8.81 7.02
C ASN A 72 -0.36 8.55 8.14
N LEU A 73 0.31 7.39 8.08
CA LEU A 73 1.29 7.02 9.09
C LEU A 73 2.64 6.71 8.45
N VAL A 74 3.71 7.16 9.09
CA VAL A 74 5.06 6.93 8.59
C VAL A 74 5.80 5.93 9.46
N LEU A 75 6.53 5.03 8.82
CA LEU A 75 7.30 4.01 9.53
C LEU A 75 8.79 4.34 9.51
N SER A 76 9.32 4.74 10.65
CA SER A 76 10.73 5.09 10.76
C SER A 76 11.31 4.63 12.09
N ARG A 77 12.46 3.98 12.05
CA ARG A 77 13.12 3.49 13.25
C ARG A 77 14.25 4.42 13.68
N GLU A 78 14.83 5.13 12.71
CA GLU A 78 15.93 6.05 12.99
C GLU A 78 15.40 7.37 13.54
N LEU A 79 14.26 7.81 13.04
CA LEU A 79 13.65 9.06 13.48
C LEU A 79 12.88 8.86 14.78
N LYS A 80 12.93 9.85 15.67
CA LYS A 80 12.24 9.78 16.95
C LYS A 80 10.92 10.54 16.89
N GLU A 81 10.90 11.61 16.09
CA GLU A 81 9.70 12.42 15.95
C GLU A 81 9.04 12.19 14.59
N PRO A 82 7.70 12.30 14.52
CA PRO A 82 6.95 12.10 13.27
C PRO A 82 7.17 13.24 12.28
N PRO A 83 7.37 12.91 10.99
CA PRO A 83 7.59 13.92 9.95
C PRO A 83 6.47 14.96 9.92
N GLN A 84 6.79 16.15 9.43
CA GLN A 84 5.82 17.22 9.33
C GLN A 84 4.69 16.86 8.37
N GLY A 85 3.46 16.94 8.85
CA GLY A 85 2.31 16.62 8.02
C GLY A 85 1.75 15.23 8.32
N ALA A 86 2.60 14.36 8.87
CA ALA A 86 2.17 13.00 9.20
C ALA A 86 1.28 12.99 10.44
N HIS A 87 0.35 12.04 10.49
CA HIS A 87 -0.56 11.92 11.62
C HIS A 87 0.12 11.25 12.80
N PHE A 88 0.90 10.21 12.52
CA PHE A 88 1.62 9.48 13.57
C PHE A 88 2.84 8.77 13.00
N LEU A 89 3.79 8.46 13.87
CA LEU A 89 5.01 7.78 13.46
C LEU A 89 5.29 6.57 14.35
N SER A 90 5.45 5.41 13.72
CA SER A 90 5.73 4.19 14.45
C SER A 90 7.12 3.66 14.13
N ARG A 91 7.76 3.06 15.13
CA ARG A 91 9.11 2.52 14.97
C ARG A 91 9.07 1.24 14.14
N SER A 92 8.15 0.34 14.49
CA SER A 92 8.01 -0.92 13.79
C SER A 92 6.55 -1.27 13.57
N LEU A 93 6.30 -2.29 12.75
CA LEU A 93 4.94 -2.72 12.45
C LEU A 93 4.22 -3.16 13.73
N ASP A 94 4.97 -3.78 14.64
CA ASP A 94 4.40 -4.25 15.90
C ASP A 94 3.82 -3.09 16.70
N ASP A 95 4.53 -1.97 16.71
CA ASP A 95 4.09 -0.78 17.43
C ASP A 95 2.82 -0.20 16.81
N ALA A 96 2.84 -0.04 15.49
CA ALA A 96 1.70 0.51 14.77
C ALA A 96 0.52 -0.46 14.80
N LEU A 97 0.82 -1.75 14.80
CA LEU A 97 -0.21 -2.78 14.83
C LEU A 97 -0.90 -2.82 16.19
N LYS A 98 -0.10 -2.72 17.25
CA LYS A 98 -0.62 -2.75 18.61
C LYS A 98 -1.51 -1.54 18.88
N LEU A 99 -1.08 -0.38 18.39
CA LEU A 99 -1.83 0.85 18.56
C LEU A 99 -3.17 0.79 17.84
N THR A 100 -3.14 0.36 16.58
CA THR A 100 -4.35 0.25 15.78
C THR A 100 -5.30 -0.81 16.34
N GLU A 101 -4.73 -1.78 17.06
CA GLU A 101 -5.52 -2.85 17.65
C GLU A 101 -6.06 -2.45 19.02
N GLN A 102 -5.42 -1.46 19.65
CA GLN A 102 -5.85 -0.98 20.96
C GLN A 102 -7.23 -0.36 20.89
N PRO A 103 -8.11 -0.65 21.87
CA PRO A 103 -9.47 -0.10 21.91
C PRO A 103 -9.49 1.41 21.84
N GLU A 104 -8.46 2.04 22.42
CA GLU A 104 -8.36 3.50 22.42
C GLU A 104 -8.36 4.05 21.00
N LEU A 105 -7.78 3.28 20.08
CA LEU A 105 -7.72 3.69 18.67
C LEU A 105 -8.77 2.97 17.83
N ALA A 106 -9.22 1.81 18.32
CA ALA A 106 -10.23 1.02 17.62
C ALA A 106 -11.47 1.85 17.32
N ASN A 107 -11.73 2.87 18.15
CA ASN A 107 -12.88 3.73 17.98
C ASN A 107 -12.69 4.66 16.77
N LYS A 108 -11.44 5.01 16.50
CA LYS A 108 -11.12 5.89 15.38
C LYS A 108 -10.72 5.07 14.15
N VAL A 109 -9.72 4.22 14.31
CA VAL A 109 -9.24 3.38 13.22
C VAL A 109 -9.62 1.92 13.44
N ASP A 110 -9.87 1.22 12.35
CA ASP A 110 -10.26 -0.19 12.41
C ASP A 110 -9.41 -1.04 11.48
N MET A 111 -9.35 -0.63 10.21
CA MET A 111 -8.58 -1.36 9.21
C MET A 111 -7.33 -0.58 8.83
N VAL A 112 -6.30 -1.31 8.40
CA VAL A 112 -5.04 -0.70 8.00
C VAL A 112 -4.72 -1.01 6.53
N TRP A 113 -4.20 -0.01 5.83
CA TRP A 113 -3.85 -0.18 4.42
C TRP A 113 -2.37 0.14 4.18
N ILE A 114 -1.64 -0.85 3.67
CA ILE A 114 -0.22 -0.68 3.39
C ILE A 114 0.01 -0.22 1.96
N VAL A 115 0.64 0.94 1.81
CA VAL A 115 0.91 1.50 0.49
C VAL A 115 2.40 1.71 0.27
N GLY A 116 3.20 0.74 0.73
CA GLY A 116 4.64 0.84 0.57
C GLY A 116 5.34 1.25 1.85
N GLY A 117 6.68 1.19 1.87
CA GLY A 117 7.44 0.75 0.71
C GLY A 117 7.64 -0.75 0.67
N SER A 118 8.63 -1.18 -0.09
CA SER A 118 8.92 -2.61 -0.22
C SER A 118 9.35 -3.19 1.13
N SER A 119 10.04 -2.39 1.92
CA SER A 119 10.52 -2.82 3.23
C SER A 119 9.35 -3.26 4.11
N VAL A 120 8.28 -2.47 4.11
CA VAL A 120 7.09 -2.76 4.90
C VAL A 120 6.40 -4.00 4.36
N TYR A 121 6.34 -4.14 3.04
CA TYR A 121 5.70 -5.28 2.40
C TYR A 121 6.38 -6.58 2.80
N LYS A 122 7.71 -6.54 2.88
CA LYS A 122 8.49 -7.72 3.27
C LYS A 122 8.18 -8.12 4.71
N GLU A 123 8.29 -7.17 5.62
CA GLU A 123 8.03 -7.43 7.03
C GLU A 123 6.60 -7.94 7.23
N ALA A 124 5.64 -7.26 6.63
CA ALA A 124 4.24 -7.64 6.74
C ALA A 124 3.98 -8.99 6.08
N MET A 125 4.81 -9.34 5.11
CA MET A 125 4.68 -10.60 4.38
C MET A 125 4.80 -11.79 5.34
N ASN A 126 5.38 -11.56 6.51
CA ASN A 126 5.55 -12.62 7.49
C ASN A 126 4.39 -12.65 8.49
N HIS A 127 3.26 -12.06 8.11
CA HIS A 127 2.09 -12.03 8.96
C HIS A 127 1.25 -13.29 8.80
N PRO A 128 1.19 -14.14 9.85
CA PRO A 128 0.41 -15.39 9.79
C PRO A 128 -1.08 -15.14 9.70
N GLY A 129 -1.55 -14.10 10.38
CA GLY A 129 -2.97 -13.78 10.34
C GLY A 129 -3.45 -13.41 8.95
N HIS A 130 -4.74 -13.11 8.83
CA HIS A 130 -5.32 -12.75 7.55
C HIS A 130 -4.67 -11.48 7.01
N LEU A 131 -4.19 -11.55 5.76
CA LEU A 131 -3.54 -10.41 5.12
C LEU A 131 -3.83 -10.40 3.62
N LYS A 132 -4.18 -9.23 3.11
CA LYS A 132 -4.47 -9.07 1.68
C LYS A 132 -3.30 -8.43 0.95
N LEU A 133 -2.97 -8.97 -0.22
CA LEU A 133 -1.87 -8.45 -1.02
C LEU A 133 -2.30 -8.22 -2.47
N PHE A 134 -2.30 -6.95 -2.88
CA PHE A 134 -2.70 -6.59 -4.24
C PHE A 134 -1.48 -6.19 -5.06
N VAL A 135 -1.20 -6.97 -6.10
CA VAL A 135 -0.05 -6.69 -6.97
C VAL A 135 -0.51 -6.32 -8.38
N THR A 136 -0.16 -5.12 -8.82
CA THR A 136 -0.54 -4.65 -10.14
C THR A 136 0.64 -4.77 -11.11
N ARG A 137 0.48 -5.60 -12.12
CA ARG A 137 1.52 -5.81 -13.12
C ARG A 137 1.39 -4.80 -14.27
N ILE A 138 2.46 -4.07 -14.53
CA ILE A 138 2.46 -3.08 -15.60
C ILE A 138 3.24 -3.57 -16.82
N MET A 139 2.53 -3.77 -17.93
CA MET A 139 3.15 -4.25 -19.16
C MET A 139 3.91 -3.12 -19.86
N GLN A 140 5.11 -2.83 -19.37
CA GLN A 140 5.94 -1.78 -19.95
C GLN A 140 7.35 -1.82 -19.37
N ASP A 141 8.34 -1.92 -20.24
CA ASP A 141 9.74 -1.97 -19.82
C ASP A 141 10.18 -0.61 -19.27
N PHE A 142 10.69 -0.62 -18.04
CA PHE A 142 11.16 0.61 -17.40
C PHE A 142 12.30 0.31 -16.42
N GLU A 143 13.08 1.33 -16.13
CA GLU A 143 14.21 1.19 -15.21
C GLU A 143 13.74 1.21 -13.76
N SER A 144 14.25 0.29 -12.96
CA SER A 144 13.88 0.20 -11.54
C SER A 144 15.09 -0.14 -10.69
N ASP A 145 15.16 0.46 -9.50
CA ASP A 145 16.27 0.22 -8.58
C ASP A 145 15.90 -0.85 -7.56
N THR A 146 14.64 -0.87 -7.15
CA THR A 146 14.16 -1.83 -6.18
C THR A 146 13.27 -2.88 -6.83
N PHE A 147 13.52 -4.15 -6.52
CA PHE A 147 12.74 -5.25 -7.08
C PHE A 147 11.88 -5.91 -6.00
N PHE A 148 10.71 -6.39 -6.41
CA PHE A 148 9.80 -7.04 -5.48
C PHE A 148 10.06 -8.55 -5.42
N PRO A 149 10.14 -9.12 -4.20
CA PRO A 149 10.37 -10.55 -4.02
C PRO A 149 9.40 -11.42 -4.80
N GLU A 150 9.84 -12.60 -5.19
CA GLU A 150 9.00 -13.52 -5.96
C GLU A 150 7.92 -14.13 -5.06
N ILE A 151 6.66 -13.91 -5.43
CA ILE A 151 5.54 -14.44 -4.66
C ILE A 151 5.38 -15.94 -4.89
N ASP A 152 5.13 -16.67 -3.81
CA ASP A 152 4.95 -18.12 -3.90
C ASP A 152 3.46 -18.49 -3.85
N LEU A 153 3.08 -19.44 -4.69
CA LEU A 153 1.69 -19.88 -4.76
C LEU A 153 1.34 -20.74 -3.55
N GLU A 154 2.33 -21.45 -3.02
CA GLU A 154 2.13 -22.32 -1.87
C GLU A 154 1.77 -21.49 -0.63
N LYS A 155 2.28 -20.28 -0.57
CA LYS A 155 2.03 -19.40 0.57
C LYS A 155 0.95 -18.38 0.23
N TYR A 156 0.96 -17.90 -1.02
CA TYR A 156 -0.02 -16.92 -1.47
C TYR A 156 -0.96 -17.53 -2.49
N LYS A 157 -2.21 -17.06 -2.50
CA LYS A 157 -3.22 -17.56 -3.43
C LYS A 157 -3.40 -16.59 -4.60
N LEU A 158 -3.20 -17.11 -5.82
CA LEU A 158 -3.35 -16.30 -7.02
C LEU A 158 -4.82 -16.03 -7.32
N LEU A 159 -5.21 -14.77 -7.21
CA LEU A 159 -6.60 -14.38 -7.48
C LEU A 159 -6.67 -13.41 -8.67
N PRO A 160 -6.84 -13.95 -9.90
CA PRO A 160 -6.92 -13.14 -11.11
C PRO A 160 -7.97 -12.04 -11.00
N GLU A 161 -9.23 -12.45 -10.82
CA GLU A 161 -10.34 -11.51 -10.70
C GLU A 161 -10.95 -11.56 -9.31
N TYR A 162 -10.93 -10.42 -8.62
CA TYR A 162 -11.48 -10.34 -7.27
C TYR A 162 -12.55 -9.25 -7.19
N PRO A 163 -13.63 -9.49 -6.41
CA PRO A 163 -14.72 -8.51 -6.26
C PRO A 163 -14.22 -7.15 -5.80
N GLY A 164 -14.72 -6.09 -6.43
CA GLY A 164 -14.30 -4.76 -6.08
C GLY A 164 -13.19 -4.23 -6.96
N VAL A 165 -12.27 -5.11 -7.35
CA VAL A 165 -11.16 -4.73 -8.20
C VAL A 165 -11.41 -5.11 -9.65
N LEU A 166 -10.99 -4.23 -10.56
CA LEU A 166 -11.18 -4.48 -11.99
C LEU A 166 -10.25 -5.57 -12.48
N SER A 167 -10.81 -6.53 -13.23
CA SER A 167 -10.03 -7.64 -13.77
C SER A 167 -9.60 -7.35 -15.20
N ASP A 168 -10.41 -6.58 -15.92
CA ASP A 168 -10.11 -6.23 -17.30
C ASP A 168 -8.83 -5.41 -17.40
N VAL A 169 -8.08 -5.62 -18.47
CA VAL A 169 -6.83 -4.91 -18.69
C VAL A 169 -7.08 -3.42 -18.93
N GLN A 170 -6.28 -2.57 -18.29
CA GLN A 170 -6.42 -1.13 -18.45
C GLN A 170 -5.31 -0.57 -19.34
N GLU A 171 -5.56 0.61 -19.91
CA GLU A 171 -4.59 1.25 -20.78
C GLU A 171 -4.70 2.77 -20.69
N GLU A 172 -3.58 3.42 -20.42
CA GLU A 172 -3.54 4.88 -20.30
C GLU A 172 -2.28 5.45 -20.91
N LYS A 173 -2.44 6.38 -21.84
CA LYS A 173 -1.30 7.00 -22.51
C LYS A 173 -0.44 5.97 -23.22
N GLY A 174 -1.08 4.88 -23.67
CA GLY A 174 -0.36 3.83 -24.36
C GLY A 174 0.22 2.80 -23.40
N ILE A 175 0.07 3.03 -22.11
CA ILE A 175 0.58 2.10 -21.10
C ILE A 175 -0.51 1.16 -20.62
N LYS A 176 -0.33 -0.13 -20.90
CA LYS A 176 -1.30 -1.14 -20.49
C LYS A 176 -0.79 -1.93 -19.28
N TYR A 177 -1.71 -2.33 -18.42
CA TYR A 177 -1.36 -3.08 -17.22
C TYR A 177 -2.52 -3.96 -16.76
N LYS A 178 -2.21 -4.99 -15.98
CA LYS A 178 -3.23 -5.89 -15.46
C LYS A 178 -3.21 -5.92 -13.93
N PHE A 179 -4.39 -5.87 -13.33
CA PHE A 179 -4.50 -5.89 -11.88
C PHE A 179 -4.61 -7.33 -11.37
N GLU A 180 -3.68 -7.71 -10.49
CA GLU A 180 -3.67 -9.05 -9.92
C GLU A 180 -3.86 -9.00 -8.41
N VAL A 181 -4.69 -9.91 -7.90
CA VAL A 181 -4.95 -9.97 -6.47
C VAL A 181 -4.31 -11.20 -5.84
N TYR A 182 -3.62 -11.00 -4.72
CA TYR A 182 -2.95 -12.08 -4.02
C TYR A 182 -3.38 -12.15 -2.56
N GLU A 183 -3.69 -13.35 -2.08
CA GLU A 183 -4.12 -13.54 -0.70
C GLU A 183 -3.03 -14.23 0.12
N LYS A 184 -2.98 -13.92 1.40
CA LYS A 184 -1.99 -14.52 2.30
C LYS A 184 -2.60 -15.63 3.13
N ASN A 185 -2.16 -16.86 2.89
CA ASN A 185 -2.67 -18.02 3.62
C ASN A 185 -1.59 -18.61 4.51
N ASP A 186 -1.97 -18.97 5.74
CA ASP A 186 -1.04 -19.55 6.70
C ASP A 186 0.10 -18.58 6.99
PA NDP B . 13.89 1.97 1.42
O1A NDP B . 14.92 2.70 0.66
O2A NDP B . 14.09 0.53 1.64
O5B NDP B . 13.53 2.72 2.78
C5B NDP B . 12.28 2.46 3.46
C4B NDP B . 12.36 2.92 4.90
O4B NDP B . 11.07 2.72 5.54
C3B NDP B . 13.34 2.17 5.77
O3B NDP B . 14.66 2.71 5.64
C2B NDP B . 12.77 2.42 7.17
O2B NDP B . 13.13 3.66 7.71
C1B NDP B . 11.27 2.36 6.89
N9A NDP B . 10.69 1.03 7.09
C8A NDP B . 10.28 0.14 6.14
N7A NDP B . 9.80 -0.98 6.62
C5A NDP B . 9.90 -0.82 8.00
C6A NDP B . 9.56 -1.65 9.07
N6A NDP B . 9.03 -2.86 8.94
N1A NDP B . 9.80 -1.18 10.32
C2A NDP B . 10.34 0.04 10.46
N3A NDP B . 10.69 0.91 9.53
C4A NDP B . 10.45 0.42 8.30
O3 NDP B . 12.44 2.18 0.65
PN NDP B . 11.97 2.59 -0.87
O1N NDP B . 12.44 3.96 -1.16
O2N NDP B . 12.42 1.51 -1.79
O5D NDP B . 10.40 2.54 -0.64
C5D NDP B . 9.54 1.81 -1.55
C4D NDP B . 9.72 2.33 -2.96
O4D NDP B . 8.91 1.55 -3.87
C3D NDP B . 9.27 3.77 -3.19
O3D NDP B . 10.31 4.70 -2.84
C2D NDP B . 9.00 3.77 -4.70
O2D NDP B . 10.18 3.94 -5.48
C1D NDP B . 8.41 2.38 -4.90
N1N NDP B . 6.95 2.35 -4.85
C2N NDP B . 6.08 1.90 -5.74
C3N NDP B . 4.79 1.90 -5.63
C7N NDP B . 4.20 1.30 -6.80
O7N NDP B . 2.91 1.33 -6.56
N7N NDP B . 4.77 0.78 -7.92
C4N NDP B . 4.19 2.46 -4.37
C5N NDP B . 5.08 2.97 -3.36
C6N NDP B . 6.46 2.95 -3.52
P2B NDP B . 14.61 4.12 8.34
O1X NDP B . 14.05 5.10 9.46
O2X NDP B . 15.05 2.82 8.99
O3X NDP B . 15.15 4.95 7.18
H51A NDP B . 12.08 1.39 3.43
H52A NDP B . 11.47 2.98 2.95
H4B NDP B . 12.63 3.98 4.94
H3B NDP B . 13.37 1.10 5.54
HO3A NDP B . 15.25 2.29 6.28
H2B NDP B . 13.08 1.63 7.86
H1B NDP B . 10.71 3.03 7.54
H8A NDP B . 10.34 0.34 5.06
H61A NDP B . 8.80 -3.41 9.76
H62A NDP B . 8.82 -3.22 8.02
H2A NDP B . 10.50 0.35 11.50
H51N NDP B . 9.79 0.76 -1.52
H52N NDP B . 8.50 1.96 -1.24
H4D NDP B . 10.77 2.28 -3.26
H3D NDP B . 8.36 4.01 -2.65
HO3N NDP B . 10.01 5.26 -2.14
H2D NDP B . 8.30 4.55 -4.98
HO2N NDP B . 10.71 4.65 -5.13
H1D NDP B . 8.69 1.96 -5.87
H2N NDP B . 6.49 1.48 -6.67
H71N NDP B . 4.19 0.39 -8.64
H72N NDP B . 5.77 0.73 -7.98
H41N NDP B . 3.55 3.27 -4.67
H42N NDP B . 3.61 1.66 -3.92
H5N NDP B . 4.66 3.37 -2.44
H6N NDP B . 7.14 3.33 -2.76
N1 TRR C . 0.47 3.04 -6.62
C2 TRR C . 0.18 1.73 -6.28
N2 TRR C . -0.35 0.88 -7.21
N3 TRR C . 0.41 1.29 -4.99
C4 TRR C . 0.93 2.15 -4.04
N4 TRR C . 1.16 1.70 -2.76
C5 TRR C . 1.23 3.47 -4.39
C6 TRR C . 0.99 3.90 -5.68
C7 TRR C . 1.80 4.40 -3.35
C11 TRR C . 1.54 5.85 -3.65
C12 TRR C . 2.44 6.59 -4.42
C13 TRR C . 2.20 7.92 -4.71
C14 TRR C . 1.05 8.54 -4.22
C15 TRR C . 0.13 7.81 -3.46
C16 TRR C . 0.38 6.47 -3.17
O13 TRR C . 3.10 8.67 -5.47
O14 TRR C . 0.80 9.87 -4.51
O15 TRR C . -1.01 8.44 -2.99
C17 TRR C . 4.26 8.04 -5.95
C18 TRR C . 0.88 10.79 -3.45
C19 TRR C . -1.93 7.70 -2.22
H1 TRR C . 0.30 3.35 -7.54
H21 TRR C . -0.51 1.19 -8.14
H22 TRR C . -0.56 -0.06 -6.97
H41 TRR C . 0.95 0.76 -2.52
H42 TRR C . 1.53 2.30 -2.07
H6 TRR C . 1.22 4.94 -5.96
H71 TRR C . 2.88 4.24 -3.28
H72 TRR C . 1.36 4.18 -2.39
H12 TRR C . 3.36 6.09 -4.80
H16 TRR C . -0.34 5.89 -2.57
H171 TRR C . 4.03 7.31 -6.72
H172 TRR C . 4.80 7.52 -5.15
H173 TRR C . 4.95 8.77 -6.39
H181 TRR C . 1.89 11.16 -3.32
H182 TRR C . 0.57 10.34 -2.50
H183 TRR C . 0.23 11.65 -3.63
H191 TRR C . -1.50 7.41 -1.26
H192 TRR C . -2.24 6.79 -2.73
H193 TRR C . -2.84 8.28 -2.01
N VAL A 1 -11.12 -5.36 14.43
CA VAL A 1 -9.66 -5.21 14.29
C VAL A 1 -9.01 -6.47 13.72
N GLY A 2 -7.70 -6.41 13.51
CA GLY A 2 -6.99 -7.55 12.96
C GLY A 2 -7.14 -7.67 11.45
N SER A 3 -7.36 -6.54 10.79
CA SER A 3 -7.51 -6.53 9.35
C SER A 3 -6.34 -5.81 8.68
N LEU A 4 -5.51 -6.58 7.99
CA LEU A 4 -4.34 -6.02 7.31
C LEU A 4 -4.46 -6.21 5.81
N ASN A 5 -4.52 -5.10 5.08
CA ASN A 5 -4.63 -5.14 3.63
C ASN A 5 -3.49 -4.37 2.96
N CYS A 6 -2.71 -5.07 2.13
CA CYS A 6 -1.58 -4.44 1.45
C CYS A 6 -1.89 -4.27 -0.04
N ILE A 7 -1.48 -3.12 -0.58
CA ILE A 7 -1.72 -2.82 -1.99
C ILE A 7 -0.59 -1.98 -2.58
N VAL A 8 0.14 -2.56 -3.52
CA VAL A 8 1.26 -1.85 -4.16
C VAL A 8 1.32 -2.17 -5.65
N ALA A 9 1.88 -1.25 -6.43
CA ALA A 9 2.00 -1.43 -7.86
C ALA A 9 3.43 -1.77 -8.25
N VAL A 10 3.59 -2.59 -9.29
CA VAL A 10 4.90 -2.99 -9.77
C VAL A 10 4.95 -3.00 -11.29
N SER A 11 6.12 -2.69 -11.84
CA SER A 11 6.30 -2.66 -13.29
C SER A 11 6.51 -4.07 -13.83
N GLN A 12 6.40 -4.21 -15.15
CA GLN A 12 6.57 -5.50 -15.81
C GLN A 12 7.96 -6.07 -15.54
N ASN A 13 8.90 -5.19 -15.20
CA ASN A 13 10.28 -5.60 -14.91
C ASN A 13 10.50 -5.80 -13.42
N MET A 14 9.41 -6.05 -12.68
CA MET A 14 9.49 -6.25 -11.25
C MET A 14 10.07 -5.02 -10.55
N GLY A 15 9.81 -3.84 -11.12
CA GLY A 15 10.31 -2.61 -10.54
C GLY A 15 9.22 -1.82 -9.85
N ILE A 16 9.61 -1.01 -8.86
CA ILE A 16 8.65 -0.19 -8.12
C ILE A 16 8.91 1.30 -8.35
N GLY A 17 10.18 1.69 -8.35
CA GLY A 17 10.52 3.08 -8.55
C GLY A 17 12.02 3.29 -8.70
N LYS A 18 12.39 4.39 -9.36
CA LYS A 18 13.80 4.72 -9.57
C LYS A 18 14.10 6.15 -9.15
N ASN A 19 15.10 6.30 -8.29
CA ASN A 19 15.49 7.63 -7.81
C ASN A 19 14.34 8.29 -7.05
N GLY A 20 13.49 7.48 -6.43
CA GLY A 20 12.37 8.01 -5.69
C GLY A 20 11.22 8.43 -6.58
N ASP A 21 11.18 7.89 -7.80
CA ASP A 21 10.12 8.22 -8.76
C ASP A 21 9.61 6.97 -9.45
N LEU A 22 8.33 6.99 -9.81
CA LEU A 22 7.72 5.85 -10.49
C LEU A 22 8.28 5.68 -11.89
N PRO A 23 8.44 4.43 -12.36
CA PRO A 23 8.98 4.14 -13.69
C PRO A 23 8.14 4.78 -14.80
N TRP A 24 6.83 4.82 -14.60
CA TRP A 24 5.92 5.40 -15.58
C TRP A 24 5.44 6.77 -15.13
N PRO A 25 5.08 7.65 -16.07
CA PRO A 25 4.60 9.00 -15.77
C PRO A 25 3.41 8.97 -14.82
N PRO A 26 3.00 10.15 -14.29
CA PRO A 26 1.87 10.24 -13.37
C PRO A 26 0.56 9.76 -14.02
N LEU A 27 -0.03 8.73 -13.43
CA LEU A 27 -1.28 8.18 -13.94
C LEU A 27 -2.47 8.65 -13.11
N ARG A 28 -3.43 9.27 -13.77
CA ARG A 28 -4.62 9.77 -13.09
C ARG A 28 -5.57 8.63 -12.75
N ASN A 29 -5.64 7.64 -13.64
CA ASN A 29 -6.51 6.49 -13.43
C ASN A 29 -6.04 5.65 -12.25
N GLU A 30 -4.73 5.46 -12.15
CA GLU A 30 -4.15 4.69 -11.05
C GLU A 30 -4.28 5.43 -9.73
N PHE A 31 -4.01 6.73 -9.76
CA PHE A 31 -4.10 7.56 -8.56
C PHE A 31 -5.54 7.62 -8.06
N ARG A 32 -6.47 7.87 -8.97
CA ARG A 32 -7.88 7.96 -8.62
C ARG A 32 -8.39 6.63 -8.07
N TYR A 33 -8.06 5.55 -8.77
CA TYR A 33 -8.48 4.21 -8.37
C TYR A 33 -7.88 3.84 -7.02
N PHE A 34 -6.63 4.24 -6.80
CA PHE A 34 -5.94 3.95 -5.55
C PHE A 34 -6.61 4.67 -4.38
N GLN A 35 -6.86 5.97 -4.54
CA GLN A 35 -7.51 6.76 -3.50
C GLN A 35 -8.92 6.27 -3.24
N ARG A 36 -9.64 5.95 -4.32
CA ARG A 36 -11.02 5.46 -4.20
C ARG A 36 -11.07 4.18 -3.40
N MET A 37 -10.14 3.27 -3.66
CA MET A 37 -10.08 1.99 -2.96
C MET A 37 -9.87 2.20 -1.47
N THR A 38 -8.92 3.08 -1.13
CA THR A 38 -8.63 3.36 0.27
C THR A 38 -9.75 4.17 0.92
N THR A 39 -10.41 4.99 0.11
CA THR A 39 -11.50 5.82 0.60
C THR A 39 -12.77 5.00 0.80
N THR A 40 -12.93 3.96 -0.02
CA THR A 40 -14.10 3.10 0.07
C THR A 40 -14.06 2.27 1.35
N SER A 41 -14.86 2.69 2.34
CA SER A 41 -14.92 1.99 3.62
C SER A 41 -16.20 1.18 3.73
N SER A 42 -16.10 -0.02 4.30
CA SER A 42 -17.25 -0.89 4.47
C SER A 42 -17.98 -0.58 5.77
N VAL A 43 -17.23 -0.15 6.77
CA VAL A 43 -17.82 0.18 8.07
C VAL A 43 -18.07 1.68 8.19
N GLU A 44 -19.27 2.03 8.65
CA GLU A 44 -19.64 3.43 8.81
C GLU A 44 -19.24 3.95 10.19
N GLY A 45 -18.77 5.18 10.24
CA GLY A 45 -18.35 5.77 11.50
C GLY A 45 -16.93 5.39 11.88
N LYS A 46 -16.18 4.83 10.93
CA LYS A 46 -14.81 4.40 11.19
C LYS A 46 -13.86 5.02 10.16
N GLN A 47 -12.58 5.07 10.51
CA GLN A 47 -11.58 5.62 9.61
C GLN A 47 -10.51 4.58 9.28
N ASN A 48 -9.89 4.72 8.11
CA ASN A 48 -8.86 3.79 7.67
C ASN A 48 -7.47 4.35 7.95
N LEU A 49 -6.56 3.50 8.40
CA LEU A 49 -5.20 3.92 8.70
C LEU A 49 -4.22 3.37 7.67
N VAL A 50 -3.53 4.28 6.98
CA VAL A 50 -2.56 3.89 5.97
C VAL A 50 -1.13 4.11 6.45
N ILE A 51 -0.25 3.19 6.09
CA ILE A 51 1.16 3.28 6.49
C ILE A 51 2.05 3.58 5.29
N MET A 52 3.06 4.43 5.50
CA MET A 52 3.98 4.80 4.44
C MET A 52 5.41 4.87 4.97
N GLY A 53 6.38 4.74 4.06
CA GLY A 53 7.77 4.79 4.45
C GLY A 53 8.34 6.20 4.41
N LYS A 54 9.54 6.36 4.94
CA LYS A 54 10.19 7.66 4.96
C LYS A 54 10.44 8.18 3.55
N LYS A 55 10.93 7.30 2.68
CA LYS A 55 11.20 7.67 1.30
C LYS A 55 9.91 7.97 0.55
N THR A 56 8.93 7.08 0.70
CA THR A 56 7.64 7.25 0.04
C THR A 56 6.97 8.55 0.47
N TRP A 57 6.97 8.80 1.78
CA TRP A 57 6.37 10.01 2.33
C TRP A 57 7.05 11.26 1.80
N PHE A 58 8.38 11.18 1.61
CA PHE A 58 9.14 12.30 1.11
C PHE A 58 8.95 12.50 -0.39
N SER A 59 8.53 11.44 -1.08
CA SER A 59 8.31 11.51 -2.52
C SER A 59 6.92 12.06 -2.84
N ILE A 60 5.98 11.86 -1.92
CA ILE A 60 4.62 12.34 -2.12
C ILE A 60 4.56 13.87 -2.07
N PRO A 61 4.12 14.52 -3.17
CA PRO A 61 4.03 15.98 -3.24
C PRO A 61 3.20 16.56 -2.10
N GLU A 62 3.45 17.82 -1.77
CA GLU A 62 2.73 18.50 -0.70
C GLU A 62 1.33 18.90 -1.16
N LYS A 63 1.15 19.05 -2.47
CA LYS A 63 -0.15 19.43 -3.02
C LYS A 63 -1.25 18.47 -2.56
N ASN A 64 -0.87 17.23 -2.30
CA ASN A 64 -1.83 16.22 -1.86
C ASN A 64 -1.70 15.98 -0.35
N ARG A 65 -0.49 16.15 0.17
CA ARG A 65 -0.23 15.95 1.59
C ARG A 65 -0.53 17.22 2.39
N PRO A 66 -1.15 17.09 3.57
CA PRO A 66 -1.47 15.80 4.19
C PRO A 66 -2.68 15.13 3.54
N LEU A 67 -2.55 13.84 3.25
CA LEU A 67 -3.62 13.10 2.62
C LEU A 67 -4.85 13.04 3.53
N LYS A 68 -5.76 13.98 3.34
CA LYS A 68 -6.98 14.04 4.14
C LYS A 68 -7.92 12.89 3.79
N GLY A 69 -8.83 12.57 4.72
CA GLY A 69 -9.77 11.49 4.49
C GLY A 69 -9.32 10.19 5.11
N ARG A 70 -8.01 10.02 5.25
CA ARG A 70 -7.44 8.80 5.83
C ARG A 70 -6.24 9.13 6.71
N ILE A 71 -6.05 8.33 7.76
CA ILE A 71 -4.94 8.53 8.68
C ILE A 71 -3.62 8.11 8.05
N ASN A 72 -2.62 8.98 8.15
CA ASN A 72 -1.30 8.69 7.59
C ASN A 72 -0.33 8.27 8.69
N LEU A 73 0.38 7.17 8.44
CA LEU A 73 1.35 6.65 9.41
C LEU A 73 2.71 6.46 8.75
N VAL A 74 3.74 7.07 9.33
CA VAL A 74 5.09 6.97 8.80
C VAL A 74 5.97 6.10 9.69
N LEU A 75 6.75 5.22 9.07
CA LEU A 75 7.64 4.33 9.81
C LEU A 75 9.08 4.81 9.74
N SER A 76 9.60 5.26 10.87
CA SER A 76 10.98 5.75 10.94
C SER A 76 11.59 5.48 12.30
N ARG A 77 12.77 4.88 12.31
CA ARG A 77 13.47 4.56 13.55
C ARG A 77 14.47 5.66 13.91
N GLU A 78 15.02 6.31 12.89
CA GLU A 78 15.98 7.39 13.10
C GLU A 78 15.31 8.62 13.70
N LEU A 79 14.09 8.88 13.26
CA LEU A 79 13.33 10.03 13.75
C LEU A 79 12.48 9.65 14.95
N LYS A 80 12.35 10.57 15.90
CA LYS A 80 11.55 10.33 17.10
C LYS A 80 10.15 10.93 16.95
N GLU A 81 10.09 12.09 16.32
CA GLU A 81 8.81 12.77 16.12
C GLU A 81 8.26 12.48 14.73
N PRO A 82 6.92 12.51 14.57
CA PRO A 82 6.27 12.24 13.29
C PRO A 82 6.54 13.34 12.27
N PRO A 83 6.86 12.96 11.01
CA PRO A 83 7.14 13.93 9.95
C PRO A 83 6.02 14.94 9.76
N GLN A 84 6.36 16.10 9.24
CA GLN A 84 5.36 17.16 9.01
C GLN A 84 4.27 16.67 8.06
N GLY A 85 3.03 16.75 8.52
CA GLY A 85 1.91 16.32 7.69
C GLY A 85 1.40 14.95 8.08
N ALA A 86 2.25 14.15 8.72
CA ALA A 86 1.87 12.82 9.15
C ALA A 86 0.92 12.86 10.34
N HIS A 87 0.11 11.82 10.49
CA HIS A 87 -0.84 11.75 11.59
C HIS A 87 -0.24 11.02 12.79
N PHE A 88 0.57 10.01 12.51
CA PHE A 88 1.21 9.22 13.56
C PHE A 88 2.53 8.65 13.08
N LEU A 89 3.40 8.30 14.03
CA LEU A 89 4.70 7.74 13.70
C LEU A 89 4.90 6.40 14.40
N SER A 90 5.56 5.47 13.71
CA SER A 90 5.82 4.14 14.26
C SER A 90 7.28 3.76 14.10
N ARG A 91 7.84 3.13 15.12
CA ARG A 91 9.23 2.70 15.10
C ARG A 91 9.41 1.47 14.22
N SER A 92 8.53 0.49 14.41
CA SER A 92 8.59 -0.74 13.63
C SER A 92 7.19 -1.20 13.23
N LEU A 93 7.13 -2.19 12.35
CA LEU A 93 5.85 -2.72 11.89
C LEU A 93 5.05 -3.31 13.05
N ASP A 94 5.75 -3.98 13.96
CA ASP A 94 5.11 -4.61 15.12
C ASP A 94 4.44 -3.55 15.99
N ASP A 95 5.14 -2.44 16.21
CA ASP A 95 4.62 -1.35 17.02
C ASP A 95 3.35 -0.76 16.42
N ALA A 96 3.41 -0.49 15.11
CA ALA A 96 2.26 0.08 14.41
C ALA A 96 1.06 -0.86 14.48
N LEU A 97 1.32 -2.15 14.48
CA LEU A 97 0.26 -3.15 14.55
C LEU A 97 -0.38 -3.18 15.94
N LYS A 98 0.45 -3.09 16.97
CA LYS A 98 -0.03 -3.10 18.34
C LYS A 98 -0.87 -1.86 18.63
N LEU A 99 -0.48 -0.73 18.04
CA LEU A 99 -1.20 0.52 18.23
C LEU A 99 -2.57 0.47 17.57
N THR A 100 -2.61 0.01 16.33
CA THR A 100 -3.87 -0.10 15.60
C THR A 100 -4.74 -1.21 16.15
N GLU A 101 -4.12 -2.20 16.79
CA GLU A 101 -4.84 -3.32 17.37
C GLU A 101 -5.32 -2.99 18.79
N GLN A 102 -4.69 -2.01 19.42
CA GLN A 102 -5.05 -1.61 20.78
C GLN A 102 -6.47 -1.04 20.81
N PRO A 103 -7.27 -1.43 21.82
CA PRO A 103 -8.65 -0.95 21.96
C PRO A 103 -8.73 0.56 21.97
N GLU A 104 -7.72 1.21 22.55
CA GLU A 104 -7.67 2.66 22.64
C GLU A 104 -7.73 3.29 21.25
N LEU A 105 -7.14 2.62 20.28
CA LEU A 105 -7.12 3.11 18.90
C LEU A 105 -8.16 2.39 18.05
N ALA A 106 -8.51 1.18 18.45
CA ALA A 106 -9.49 0.38 17.72
C ALA A 106 -10.81 1.14 17.55
N ASN A 107 -11.07 2.06 18.48
CA ASN A 107 -12.31 2.85 18.43
C ASN A 107 -12.25 3.87 17.30
N LYS A 108 -11.04 4.34 17.00
CA LYS A 108 -10.85 5.32 15.93
C LYS A 108 -10.47 4.65 14.62
N VAL A 109 -9.71 3.56 14.72
CA VAL A 109 -9.28 2.81 13.54
C VAL A 109 -9.91 1.42 13.52
N ASP A 110 -10.17 0.92 12.31
CA ASP A 110 -10.76 -0.41 12.16
C ASP A 110 -9.87 -1.32 11.34
N MET A 111 -9.40 -0.82 10.20
CA MET A 111 -8.53 -1.58 9.32
C MET A 111 -7.28 -0.78 8.94
N VAL A 112 -6.21 -1.49 8.61
CA VAL A 112 -4.96 -0.85 8.22
C VAL A 112 -4.63 -1.12 6.76
N TRP A 113 -3.98 -0.16 6.12
CA TRP A 113 -3.61 -0.29 4.71
C TRP A 113 -2.13 0.03 4.50
N ILE A 114 -1.45 -0.80 3.73
CA ILE A 114 -0.03 -0.61 3.44
C ILE A 114 0.17 -0.07 2.03
N VAL A 115 0.78 1.11 1.93
CA VAL A 115 1.03 1.73 0.64
C VAL A 115 2.52 1.96 0.42
N GLY A 116 3.34 0.97 0.81
CA GLY A 116 4.77 1.10 0.63
C GLY A 116 5.48 1.52 1.91
N GLY A 117 6.81 1.50 1.91
CA GLY A 117 7.56 1.09 0.73
C GLY A 117 7.74 -0.41 0.66
N SER A 118 8.77 -0.84 -0.07
CA SER A 118 9.05 -2.26 -0.23
C SER A 118 9.41 -2.90 1.11
N SER A 119 10.14 -2.15 1.93
CA SER A 119 10.55 -2.64 3.25
C SER A 119 9.32 -3.01 4.09
N VAL A 120 8.32 -2.13 4.08
CA VAL A 120 7.10 -2.36 4.84
C VAL A 120 6.34 -3.57 4.29
N TYR A 121 6.35 -3.72 2.98
CA TYR A 121 5.66 -4.83 2.33
C TYR A 121 6.27 -6.17 2.75
N LYS A 122 7.60 -6.21 2.83
CA LYS A 122 8.31 -7.42 3.21
C LYS A 122 7.98 -7.79 4.65
N GLU A 123 7.96 -6.80 5.54
CA GLU A 123 7.65 -7.03 6.94
C GLU A 123 6.28 -7.67 7.10
N ALA A 124 5.30 -7.15 6.38
CA ALA A 124 3.93 -7.67 6.44
C ALA A 124 3.84 -9.03 5.76
N MET A 125 4.70 -9.25 4.77
CA MET A 125 4.71 -10.52 4.04
C MET A 125 4.95 -11.70 4.97
N ASN A 126 5.53 -11.43 6.14
CA ASN A 126 5.81 -12.48 7.11
C ASN A 126 4.68 -12.61 8.13
N HIS A 127 3.50 -12.12 7.77
CA HIS A 127 2.34 -12.19 8.66
C HIS A 127 1.57 -13.49 8.45
N PRO A 128 1.45 -14.31 9.51
CA PRO A 128 0.74 -15.59 9.43
C PRO A 128 -0.78 -15.42 9.40
N GLY A 129 -1.27 -14.44 10.17
CA GLY A 129 -2.69 -14.19 10.21
C GLY A 129 -3.27 -13.81 8.87
N HIS A 130 -4.59 -13.65 8.80
CA HIS A 130 -5.25 -13.29 7.56
C HIS A 130 -4.75 -11.95 7.04
N LEU A 131 -4.26 -11.94 5.80
CA LEU A 131 -3.74 -10.72 5.20
C LEU A 131 -4.01 -10.71 3.69
N LYS A 132 -4.40 -9.55 3.17
CA LYS A 132 -4.68 -9.41 1.75
C LYS A 132 -3.54 -8.68 1.04
N LEU A 133 -2.98 -9.33 0.02
CA LEU A 133 -1.88 -8.75 -0.74
C LEU A 133 -2.33 -8.36 -2.15
N PHE A 134 -2.31 -7.06 -2.43
CA PHE A 134 -2.73 -6.56 -3.74
C PHE A 134 -1.52 -6.08 -4.53
N VAL A 135 -1.38 -6.61 -5.75
CA VAL A 135 -0.26 -6.23 -6.62
C VAL A 135 -0.74 -5.83 -8.00
N THR A 136 -0.19 -4.74 -8.52
CA THR A 136 -0.56 -4.24 -9.83
C THR A 136 0.59 -4.39 -10.82
N ARG A 137 0.33 -5.09 -11.92
CA ARG A 137 1.35 -5.30 -12.95
C ARG A 137 1.21 -4.30 -14.08
N ILE A 138 2.27 -3.53 -14.33
CA ILE A 138 2.26 -2.54 -15.39
C ILE A 138 2.96 -3.06 -16.64
N MET A 139 2.19 -3.32 -17.69
CA MET A 139 2.74 -3.82 -18.94
C MET A 139 3.45 -2.71 -19.70
N GLN A 140 4.69 -2.44 -19.32
CA GLN A 140 5.49 -1.41 -19.97
C GLN A 140 6.97 -1.55 -19.61
N ASP A 141 7.83 -1.22 -20.56
CA ASP A 141 9.27 -1.32 -20.34
C ASP A 141 9.80 -0.06 -19.66
N PHE A 142 10.36 -0.23 -18.47
CA PHE A 142 10.91 0.90 -17.72
C PHE A 142 12.02 0.44 -16.79
N GLU A 143 12.94 1.35 -16.47
CA GLU A 143 14.06 1.04 -15.59
C GLU A 143 13.70 1.31 -14.13
N SER A 144 14.08 0.39 -13.26
CA SER A 144 13.80 0.52 -11.83
C SER A 144 15.00 0.11 -10.99
N ASP A 145 15.23 0.84 -9.90
CA ASP A 145 16.35 0.54 -9.02
C ASP A 145 15.99 -0.59 -8.04
N THR A 146 14.84 -0.44 -7.39
CA THR A 146 14.37 -1.43 -6.43
C THR A 146 13.50 -2.47 -7.12
N PHE A 147 13.82 -3.75 -6.91
CA PHE A 147 13.06 -4.84 -7.50
C PHE A 147 12.08 -5.43 -6.50
N PHE A 148 10.96 -5.93 -6.99
CA PHE A 148 9.94 -6.53 -6.13
C PHE A 148 10.14 -8.04 -6.02
N PRO A 149 10.37 -8.55 -4.79
CA PRO A 149 10.58 -9.98 -4.56
C PRO A 149 9.47 -10.84 -5.16
N GLU A 150 9.81 -12.05 -5.56
CA GLU A 150 8.85 -12.97 -6.14
C GLU A 150 7.97 -13.60 -5.07
N ILE A 151 6.67 -13.70 -5.36
CA ILE A 151 5.72 -14.28 -4.42
C ILE A 151 5.57 -15.78 -4.65
N ASP A 152 5.55 -16.54 -3.57
CA ASP A 152 5.41 -17.99 -3.64
C ASP A 152 3.94 -18.39 -3.74
N LEU A 153 3.59 -19.11 -4.80
CA LEU A 153 2.22 -19.55 -5.01
C LEU A 153 1.82 -20.59 -3.96
N GLU A 154 2.80 -21.32 -3.45
CA GLU A 154 2.54 -22.35 -2.44
C GLU A 154 2.05 -21.72 -1.15
N LYS A 155 2.50 -20.51 -0.87
CA LYS A 155 2.10 -19.80 0.34
C LYS A 155 1.05 -18.74 0.03
N TYR A 156 1.18 -18.12 -1.14
CA TYR A 156 0.24 -17.09 -1.56
C TYR A 156 -0.72 -17.60 -2.63
N LYS A 157 -1.93 -17.08 -2.62
CA LYS A 157 -2.95 -17.50 -3.59
C LYS A 157 -3.10 -16.45 -4.68
N LEU A 158 -3.14 -16.90 -5.94
CA LEU A 158 -3.30 -16.01 -7.07
C LEU A 158 -4.77 -15.81 -7.42
N LEU A 159 -5.23 -14.57 -7.30
CA LEU A 159 -6.62 -14.25 -7.60
C LEU A 159 -6.71 -13.27 -8.77
N PRO A 160 -6.88 -13.79 -10.00
CA PRO A 160 -6.98 -12.96 -11.20
C PRO A 160 -8.27 -12.15 -11.24
N GLU A 161 -9.39 -12.81 -10.97
CA GLU A 161 -10.68 -12.14 -10.96
C GLU A 161 -11.22 -12.01 -9.54
N TYR A 162 -11.19 -10.79 -9.02
CA TYR A 162 -11.68 -10.53 -7.67
C TYR A 162 -12.76 -9.44 -7.69
N PRO A 163 -13.79 -9.57 -6.83
CA PRO A 163 -14.88 -8.59 -6.76
C PRO A 163 -14.39 -7.22 -6.30
N GLY A 164 -14.91 -6.17 -6.95
CA GLY A 164 -14.51 -4.82 -6.60
C GLY A 164 -13.43 -4.28 -7.51
N VAL A 165 -12.48 -5.14 -7.88
CA VAL A 165 -11.38 -4.74 -8.74
C VAL A 165 -11.56 -5.30 -10.15
N LEU A 166 -11.57 -4.41 -11.15
CA LEU A 166 -11.73 -4.81 -12.54
C LEU A 166 -10.63 -5.77 -12.96
N SER A 167 -10.96 -6.71 -13.85
CA SER A 167 -10.00 -7.69 -14.34
C SER A 167 -9.46 -7.27 -15.70
N ASP A 168 -10.25 -6.50 -16.45
CA ASP A 168 -9.85 -6.05 -17.77
C ASP A 168 -8.60 -5.18 -17.70
N VAL A 169 -7.82 -5.19 -18.77
CA VAL A 169 -6.59 -4.40 -18.83
C VAL A 169 -6.89 -2.92 -19.08
N GLN A 170 -6.40 -2.07 -18.20
CA GLN A 170 -6.61 -0.64 -18.33
C GLN A 170 -5.52 0.00 -19.17
N GLU A 171 -5.74 1.26 -19.56
CA GLU A 171 -4.77 1.98 -20.38
C GLU A 171 -4.81 3.48 -20.07
N GLU A 172 -3.65 4.05 -19.77
CA GLU A 172 -3.56 5.47 -19.47
C GLU A 172 -2.28 6.07 -20.04
N LYS A 173 -2.43 7.13 -20.83
CA LYS A 173 -1.28 7.80 -21.44
C LYS A 173 -0.48 6.82 -22.30
N GLY A 174 -1.18 5.87 -22.91
CA GLY A 174 -0.52 4.89 -23.75
C GLY A 174 0.16 3.79 -22.94
N ILE A 175 -0.20 3.68 -21.67
CA ILE A 175 0.38 2.67 -20.80
C ILE A 175 -0.68 1.69 -20.30
N LYS A 176 -0.51 0.41 -20.64
CA LYS A 176 -1.46 -0.61 -20.24
C LYS A 176 -0.96 -1.35 -18.99
N TYR A 177 -1.89 -1.66 -18.09
CA TYR A 177 -1.56 -2.37 -16.87
C TYR A 177 -2.75 -3.17 -16.35
N LYS A 178 -2.47 -4.26 -15.65
CA LYS A 178 -3.52 -5.12 -15.10
C LYS A 178 -3.44 -5.16 -13.58
N PHE A 179 -4.58 -5.44 -12.94
CA PHE A 179 -4.65 -5.50 -11.49
C PHE A 179 -4.80 -6.96 -11.03
N GLU A 180 -3.87 -7.40 -10.19
CA GLU A 180 -3.90 -8.77 -9.68
C GLU A 180 -4.10 -8.77 -8.16
N VAL A 181 -4.81 -9.78 -7.66
CA VAL A 181 -5.07 -9.90 -6.24
C VAL A 181 -4.41 -11.15 -5.67
N TYR A 182 -3.73 -10.99 -4.53
CA TYR A 182 -3.06 -12.10 -3.88
C TYR A 182 -3.46 -12.20 -2.40
N GLU A 183 -3.55 -13.43 -1.91
CA GLU A 183 -3.92 -13.66 -0.52
C GLU A 183 -2.84 -14.44 0.21
N LYS A 184 -2.73 -14.22 1.52
CA LYS A 184 -1.73 -14.89 2.33
C LYS A 184 -2.35 -16.04 3.12
N ASN A 185 -1.85 -17.25 2.88
CA ASN A 185 -2.36 -18.43 3.57
C ASN A 185 -1.31 -19.00 4.52
N ASP A 186 -1.70 -19.19 5.78
CA ASP A 186 -0.80 -19.73 6.80
C ASP A 186 -1.56 -20.13 8.05
PA NDP B . 10.78 3.04 0.16
O1A NDP B . 10.36 1.78 -0.49
O2A NDP B . 9.81 4.15 0.16
O5B NDP B . 11.36 2.78 1.62
C5B NDP B . 10.49 2.58 2.74
C4B NDP B . 10.98 3.35 3.94
O4B NDP B . 10.03 3.20 5.04
C3B NDP B . 12.31 2.88 4.52
O3B NDP B . 13.41 3.48 3.82
C2B NDP B . 12.22 3.38 5.96
O2B NDP B . 12.55 4.75 6.09
C1B NDP B . 10.74 3.15 6.27
N9A NDP B . 10.47 1.86 6.90
C8A NDP B . 9.97 0.73 6.31
N7A NDP B . 9.84 -0.28 7.14
C5A NDP B . 10.28 0.22 8.36
C6A NDP B . 10.39 -0.35 9.63
N6A NDP B . 10.05 -1.61 9.91
N1A NDP B . 10.87 0.43 10.63
C2A NDP B . 11.22 1.69 10.35
N3A NDP B . 11.15 2.34 9.19
C4A NDP B . 10.68 1.55 8.21
O3 NDP B . 12.17 3.56 -0.56
PN NDP B . 12.68 3.77 -2.10
O1N NDP B . 13.73 4.81 -2.11
O2N NDP B . 13.02 2.45 -2.67
O5D NDP B . 11.32 4.33 -2.72
C5D NDP B . 10.41 3.45 -3.40
C4D NDP B . 10.02 4.03 -4.73
O4D NDP B . 9.17 3.10 -5.45
C3D NDP B . 9.21 5.32 -4.69
O3D NDP B . 10.07 6.47 -4.56
C2D NDP B . 8.50 5.30 -6.04
O2D NDP B . 9.32 5.78 -7.11
C1D NDP B . 8.21 3.82 -6.21
N1N NDP B . 6.88 3.42 -5.73
C2N NDP B . 5.89 2.84 -6.38
C3N NDP B . 4.72 2.51 -5.90
C7N NDP B . 3.93 1.89 -6.91
O7N NDP B . 2.80 1.62 -6.31
N7N NDP B . 4.21 1.60 -8.21
C4N NDP B . 4.46 2.83 -4.46
C5N NDP B . 5.50 3.48 -3.69
C6N NDP B . 6.72 3.80 -4.25
P2B NDP B . 13.90 5.41 6.83
O1X NDP B . 14.64 4.05 7.16
O2X NDP B . 14.57 6.08 5.64
O3X NDP B . 13.27 5.96 8.11
H51A NDP B . 10.45 1.51 2.98
H52A NDP B . 9.48 2.91 2.48
H4B NDP B . 11.10 4.41 3.70
H3B NDP B . 12.41 1.80 4.49
HO3A NDP B . 13.30 4.43 3.81
H2B NDP B . 12.86 2.79 6.62
H1B NDP B . 10.35 3.91 6.94
H8A NDP B . 9.71 0.67 5.26
H61A NDP B . 10.16 -1.96 10.85
H62A NDP B . 9.73 -2.22 9.17
H2A NDP B . 11.60 2.27 11.19
H51N NDP B . 10.88 2.48 -3.55
H52N NDP B . 9.51 3.32 -2.79
H4D NDP B . 10.91 4.24 -5.34
H3D NDP B . 8.49 5.32 -3.88
HO3N NDP B . 10.44 6.68 -5.42
H2D NDP B . 7.59 5.89 -6.02
HO2N NDP B . 9.05 5.34 -7.93
H1D NDP B . 8.25 3.50 -7.26
H2N NDP B . 6.06 2.59 -7.43
H71N NDP B . 3.51 1.15 -8.78
H72N NDP B . 5.08 1.89 -8.61
H41N NDP B . 3.59 3.50 -4.44
H42N NDP B . 4.24 1.88 -3.96
H5N NDP B . 5.31 3.71 -2.65
H6N NDP B . 7.51 4.29 -3.67
N1 TRR C . 0.38 2.98 -6.37
C2 TRR C . 0.10 1.71 -5.93
N2 TRR C . -0.45 0.79 -6.80
N3 TRR C . 0.36 1.34 -4.63
C4 TRR C . 0.91 2.25 -3.75
N4 TRR C . 1.17 1.88 -2.46
C5 TRR C . 1.20 3.54 -4.19
C6 TRR C . 0.93 3.90 -5.50
C7 TRR C . 1.80 4.54 -3.22
C11 TRR C . 1.51 5.96 -3.60
C12 TRR C . 2.38 6.65 -4.46
C13 TRR C . 2.12 7.98 -4.81
C14 TRR C . 0.99 8.62 -4.31
C15 TRR C . 0.11 7.94 -3.46
C16 TRR C . 0.38 6.60 -3.10
O13 TRR C . 2.98 8.68 -5.65
O14 TRR C . 0.71 9.93 -4.66
O15 TRR C . -1.02 8.59 -2.97
C17 TRR C . 4.13 8.03 -6.15
C18 TRR C . 1.43 10.94 -4.00
C19 TRR C . -1.89 7.89 -2.12
H1 TRR C . 0.20 3.24 -7.30
H21 TRR C . -0.64 1.04 -7.74
H22 TRR C . -0.66 -0.12 -6.51
H41 TRR C . 0.97 0.96 -2.15
H42 TRR C . 1.56 2.52 -1.81
H6 TRR C . 1.17 4.92 -5.84
H71 TRR C . 2.88 4.38 -3.19
H72 TRR C . 1.41 4.36 -2.24
H12 TRR C . 3.28 6.14 -4.84
H16 TRR C . -0.31 6.07 -2.44
H171 TRR C . 3.88 7.03 -6.53
H172 TRR C . 4.88 7.91 -5.38
H173 TRR C . 4.57 8.59 -6.97
H181 TRR C . 2.38 10.56 -3.60
H182 TRR C . 0.86 11.34 -3.16
H183 TRR C . 1.65 11.77 -4.67
H191 TRR C . -1.36 7.49 -1.25
H192 TRR C . -2.36 7.04 -2.63
H193 TRR C . -2.69 8.54 -1.75
N VAL A 1 -11.93 -4.72 11.53
CA VAL A 1 -11.10 -4.55 12.76
C VAL A 1 -10.00 -5.60 12.82
N GLY A 2 -8.75 -5.14 12.80
CA GLY A 2 -7.62 -6.06 12.86
C GLY A 2 -7.34 -6.71 11.52
N SER A 3 -7.71 -6.03 10.43
CA SER A 3 -7.50 -6.55 9.09
C SER A 3 -6.35 -5.82 8.40
N LEU A 4 -5.37 -6.57 7.92
CA LEU A 4 -4.21 -5.99 7.24
C LEU A 4 -4.33 -6.17 5.73
N ASN A 5 -4.21 -5.06 5.00
CA ASN A 5 -4.30 -5.10 3.55
C ASN A 5 -3.08 -4.45 2.91
N CYS A 6 -2.36 -5.22 2.09
CA CYS A 6 -1.17 -4.73 1.42
C CYS A 6 -1.44 -4.50 -0.06
N ILE A 7 -1.41 -3.24 -0.49
CA ILE A 7 -1.65 -2.90 -1.88
C ILE A 7 -0.51 -2.07 -2.46
N VAL A 8 0.09 -2.59 -3.54
CA VAL A 8 1.20 -1.91 -4.20
C VAL A 8 1.26 -2.27 -5.68
N ALA A 9 1.82 -1.38 -6.49
CA ALA A 9 1.93 -1.60 -7.92
C ALA A 9 3.34 -2.04 -8.30
N VAL A 10 3.45 -2.81 -9.37
CA VAL A 10 4.73 -3.31 -9.84
C VAL A 10 4.77 -3.40 -11.37
N SER A 11 5.96 -3.25 -11.94
CA SER A 11 6.12 -3.31 -13.39
C SER A 11 6.21 -4.76 -13.86
N GLN A 12 6.03 -4.96 -15.16
CA GLN A 12 6.10 -6.30 -15.73
C GLN A 12 7.46 -6.94 -15.49
N ASN A 13 8.47 -6.11 -15.25
CA ASN A 13 9.82 -6.59 -15.01
C ASN A 13 10.11 -6.71 -13.51
N MET A 14 9.05 -6.84 -12.72
CA MET A 14 9.19 -6.97 -11.27
C MET A 14 9.81 -5.70 -10.68
N GLY A 15 9.45 -4.55 -11.23
CA GLY A 15 9.98 -3.30 -10.74
C GLY A 15 8.98 -2.52 -9.91
N ILE A 16 9.48 -1.72 -8.98
CA ILE A 16 8.61 -0.92 -8.12
C ILE A 16 8.86 0.57 -8.31
N GLY A 17 10.13 0.95 -8.43
CA GLY A 17 10.48 2.34 -8.62
C GLY A 17 11.97 2.58 -8.64
N LYS A 18 12.39 3.67 -9.25
CA LYS A 18 13.80 4.02 -9.33
C LYS A 18 14.06 5.38 -8.72
N ASN A 19 15.07 5.45 -7.84
CA ASN A 19 15.42 6.70 -7.19
C ASN A 19 14.27 7.19 -6.31
N GLY A 20 13.47 6.27 -5.80
CA GLY A 20 12.34 6.63 -4.96
C GLY A 20 11.15 7.13 -5.74
N ASP A 21 11.09 6.77 -7.03
CA ASP A 21 9.99 7.19 -7.88
C ASP A 21 9.49 6.03 -8.75
N LEU A 22 8.22 6.07 -9.12
CA LEU A 22 7.63 5.03 -9.95
C LEU A 22 8.28 4.99 -11.32
N PRO A 23 8.43 3.79 -11.92
CA PRO A 23 9.05 3.63 -13.24
C PRO A 23 8.29 4.38 -14.33
N TRP A 24 6.96 4.34 -14.26
CA TRP A 24 6.12 5.02 -15.23
C TRP A 24 5.70 6.39 -14.73
N PRO A 25 5.48 7.34 -15.67
CA PRO A 25 5.07 8.71 -15.31
C PRO A 25 3.82 8.73 -14.43
N PRO A 26 3.48 9.89 -13.86
CA PRO A 26 2.32 10.03 -12.99
C PRO A 26 1.01 9.76 -13.73
N LEU A 27 0.28 8.76 -13.27
CA LEU A 27 -0.99 8.39 -13.89
C LEU A 27 -2.17 8.91 -13.07
N ARG A 28 -3.09 9.58 -13.74
CA ARG A 28 -4.27 10.13 -13.07
C ARG A 28 -5.25 9.02 -12.69
N ASN A 29 -5.40 8.05 -13.60
CA ASN A 29 -6.30 6.93 -13.36
C ASN A 29 -5.79 6.04 -12.23
N GLU A 30 -4.48 5.85 -12.18
CA GLU A 30 -3.87 5.02 -11.14
C GLU A 30 -3.96 5.70 -9.78
N PHE A 31 -3.70 7.00 -9.74
CA PHE A 31 -3.76 7.77 -8.51
C PHE A 31 -5.20 7.92 -8.04
N ARG A 32 -6.09 8.24 -8.96
CA ARG A 32 -7.50 8.42 -8.64
C ARG A 32 -8.12 7.11 -8.19
N TYR A 33 -7.73 6.01 -8.84
CA TYR A 33 -8.25 4.69 -8.50
C TYR A 33 -7.79 4.27 -7.11
N PHE A 34 -6.53 4.57 -6.78
CA PHE A 34 -5.97 4.23 -5.48
C PHE A 34 -6.61 5.06 -4.37
N GLN A 35 -6.91 6.32 -4.69
CA GLN A 35 -7.52 7.22 -3.72
C GLN A 35 -8.97 6.83 -3.45
N ARG A 36 -9.74 6.67 -4.52
CA ARG A 36 -11.15 6.29 -4.39
C ARG A 36 -11.29 4.90 -3.79
N MET A 37 -10.30 4.05 -4.05
CA MET A 37 -10.32 2.68 -3.54
C MET A 37 -10.18 2.66 -2.02
N THR A 38 -9.14 3.32 -1.51
CA THR A 38 -8.91 3.39 -0.08
C THR A 38 -9.99 4.20 0.62
N THR A 39 -10.48 5.24 -0.07
CA THR A 39 -11.51 6.10 0.49
C THR A 39 -12.83 5.36 0.62
N THR A 40 -13.18 4.58 -0.40
CA THR A 40 -14.42 3.81 -0.41
C THR A 40 -14.36 2.70 0.63
N SER A 41 -14.87 2.97 1.83
CA SER A 41 -14.87 1.99 2.90
C SER A 41 -16.22 1.27 2.97
N SER A 42 -16.18 -0.03 3.24
CA SER A 42 -17.39 -0.83 3.34
C SER A 42 -18.18 -0.47 4.59
N VAL A 43 -17.47 -0.08 5.64
CA VAL A 43 -18.10 0.28 6.90
C VAL A 43 -18.32 1.80 6.99
N GLU A 44 -19.55 2.18 7.33
CA GLU A 44 -19.89 3.61 7.44
C GLU A 44 -19.63 4.11 8.85
N GLY A 45 -19.12 5.33 8.96
CA GLY A 45 -18.83 5.91 10.25
C GLY A 45 -17.50 5.48 10.81
N LYS A 46 -16.65 4.91 9.96
CA LYS A 46 -15.34 4.45 10.37
C LYS A 46 -14.24 5.12 9.57
N GLN A 47 -13.01 5.12 10.10
CA GLN A 47 -11.88 5.73 9.42
C GLN A 47 -10.84 4.68 9.05
N ASN A 48 -10.24 4.83 7.87
CA ASN A 48 -9.23 3.90 7.39
C ASN A 48 -7.83 4.44 7.65
N LEU A 49 -6.94 3.55 8.08
CA LEU A 49 -5.56 3.94 8.36
C LEU A 49 -4.60 3.37 7.31
N VAL A 50 -3.62 4.17 6.91
CA VAL A 50 -2.65 3.75 5.93
C VAL A 50 -1.23 3.91 6.45
N ILE A 51 -0.34 3.01 6.04
CA ILE A 51 1.05 3.06 6.47
C ILE A 51 1.97 3.45 5.33
N MET A 52 2.74 4.52 5.53
CA MET A 52 3.66 5.01 4.50
C MET A 52 5.10 5.02 5.02
N GLY A 53 6.04 4.74 4.13
CA GLY A 53 7.44 4.72 4.52
C GLY A 53 8.07 6.10 4.47
N LYS A 54 9.29 6.21 5.00
CA LYS A 54 10.00 7.47 5.01
C LYS A 54 10.29 7.95 3.59
N LYS A 55 10.75 7.05 2.74
CA LYS A 55 11.07 7.38 1.36
C LYS A 55 9.82 7.80 0.60
N THR A 56 8.75 7.03 0.75
CA THR A 56 7.48 7.32 0.08
C THR A 56 6.95 8.69 0.50
N TRP A 57 7.00 8.97 1.80
CA TRP A 57 6.51 10.24 2.33
C TRP A 57 7.30 11.40 1.73
N PHE A 58 8.62 11.34 1.83
CA PHE A 58 9.49 12.40 1.30
C PHE A 58 9.35 12.49 -0.22
N SER A 59 8.86 11.42 -0.84
CA SER A 59 8.69 11.40 -2.29
C SER A 59 7.41 12.10 -2.70
N ILE A 60 6.40 12.06 -1.84
CA ILE A 60 5.12 12.69 -2.11
C ILE A 60 5.23 14.21 -2.03
N PRO A 61 4.68 14.94 -3.03
CA PRO A 61 4.72 16.40 -3.05
C PRO A 61 3.80 17.03 -2.01
N GLU A 62 4.08 18.28 -1.66
CA GLU A 62 3.27 18.99 -0.68
C GLU A 62 1.88 19.30 -1.23
N LYS A 63 1.78 19.40 -2.56
CA LYS A 63 0.52 19.70 -3.21
C LYS A 63 -0.55 18.67 -2.83
N ASN A 64 -0.12 17.45 -2.57
CA ASN A 64 -1.03 16.37 -2.18
C ASN A 64 -0.66 15.80 -0.83
N ARG A 65 -0.18 16.66 0.07
CA ARG A 65 0.22 16.23 1.40
C ARG A 65 -0.23 17.25 2.45
N PRO A 66 -0.72 16.78 3.62
CA PRO A 66 -1.03 15.37 3.86
C PRO A 66 -2.23 14.89 3.05
N LEU A 67 -2.28 13.58 2.79
CA LEU A 67 -3.38 13.01 2.02
C LEU A 67 -4.67 13.01 2.84
N LYS A 68 -5.50 14.02 2.63
CA LYS A 68 -6.76 14.14 3.35
C LYS A 68 -7.71 13.00 2.98
N GLY A 69 -8.68 12.74 3.86
CA GLY A 69 -9.64 11.67 3.60
C GLY A 69 -9.27 10.38 4.29
N ARG A 70 -7.97 10.17 4.52
CA ARG A 70 -7.49 8.97 5.19
C ARG A 70 -6.37 9.29 6.17
N ILE A 71 -6.26 8.48 7.22
CA ILE A 71 -5.23 8.68 8.23
C ILE A 71 -3.88 8.15 7.76
N ASN A 72 -2.96 9.06 7.47
CA ASN A 72 -1.63 8.68 7.01
C ASN A 72 -0.66 8.52 8.17
N LEU A 73 0.07 7.41 8.19
CA LEU A 73 1.03 7.13 9.25
C LEU A 73 2.41 6.86 8.66
N VAL A 74 3.44 7.44 9.28
CA VAL A 74 4.81 7.25 8.82
C VAL A 74 5.59 6.33 9.75
N LEU A 75 6.33 5.40 9.17
CA LEU A 75 7.12 4.46 9.96
C LEU A 75 8.60 4.83 9.93
N SER A 76 9.10 5.33 11.05
CA SER A 76 10.50 5.73 11.16
C SER A 76 11.06 5.38 12.53
N ARG A 77 12.16 4.63 12.54
CA ARG A 77 12.81 4.23 13.79
C ARG A 77 13.93 5.20 14.15
N GLU A 78 14.56 5.78 13.14
CA GLU A 78 15.65 6.72 13.36
C GLU A 78 15.13 8.05 13.88
N LEU A 79 13.91 8.42 13.47
CA LEU A 79 13.30 9.67 13.89
C LEU A 79 12.64 9.51 15.26
N LYS A 80 12.68 10.58 16.06
CA LYS A 80 12.09 10.56 17.39
C LYS A 80 10.67 11.14 17.35
N GLU A 81 10.47 12.16 16.52
CA GLU A 81 9.17 12.80 16.39
C GLU A 81 8.58 12.57 15.00
N PRO A 82 7.24 12.56 14.89
CA PRO A 82 6.57 12.35 13.61
C PRO A 82 6.79 13.50 12.63
N PRO A 83 6.83 13.21 11.32
CA PRO A 83 7.04 14.23 10.30
C PRO A 83 5.82 15.13 10.10
N GLN A 84 6.05 16.34 9.62
CA GLN A 84 4.96 17.30 9.39
C GLN A 84 3.95 16.73 8.40
N GLY A 85 2.69 16.79 8.77
CA GLY A 85 1.63 16.27 7.90
C GLY A 85 1.15 14.91 8.31
N ALA A 86 2.00 14.16 9.01
CA ALA A 86 1.65 12.82 9.46
C ALA A 86 0.82 12.88 10.75
N HIS A 87 -0.06 11.89 10.91
CA HIS A 87 -0.91 11.84 12.10
C HIS A 87 -0.19 11.15 13.26
N PHE A 88 0.65 10.17 12.93
CA PHE A 88 1.39 9.44 13.95
C PHE A 88 2.65 8.81 13.35
N LEU A 89 3.62 8.53 14.20
CA LEU A 89 4.88 7.92 13.78
C LEU A 89 5.23 6.71 14.64
N SER A 90 5.60 5.61 13.98
CA SER A 90 5.96 4.40 14.69
C SER A 90 7.43 4.06 14.50
N ARG A 91 8.10 3.66 15.57
CA ARG A 91 9.52 3.32 15.52
C ARG A 91 9.72 1.99 14.78
N SER A 92 8.78 1.08 14.97
CA SER A 92 8.85 -0.24 14.33
C SER A 92 7.46 -0.73 13.94
N LEU A 93 7.42 -1.80 13.16
CA LEU A 93 6.15 -2.37 12.72
C LEU A 93 5.32 -2.84 13.91
N ASP A 94 5.99 -3.40 14.91
CA ASP A 94 5.31 -3.88 16.11
C ASP A 94 4.61 -2.74 16.83
N ASP A 95 5.21 -1.56 16.78
CA ASP A 95 4.64 -0.38 17.43
C ASP A 95 3.38 0.09 16.71
N ALA A 96 3.49 0.21 15.38
CA ALA A 96 2.36 0.66 14.57
C ALA A 96 1.23 -0.36 14.61
N LEU A 97 1.58 -1.64 14.62
CA LEU A 97 0.59 -2.71 14.66
C LEU A 97 -0.08 -2.78 16.03
N LYS A 98 0.71 -2.57 17.08
CA LYS A 98 0.19 -2.60 18.44
C LYS A 98 -0.81 -1.48 18.68
N LEU A 99 -0.56 -0.33 18.05
CA LEU A 99 -1.44 0.82 18.19
C LEU A 99 -2.75 0.60 17.43
N THR A 100 -2.64 0.13 16.20
CA THR A 100 -3.81 -0.13 15.37
C THR A 100 -4.62 -1.32 15.92
N GLU A 101 -3.94 -2.22 16.61
CA GLU A 101 -4.58 -3.39 17.18
C GLU A 101 -5.17 -3.08 18.55
N GLN A 102 -4.61 -2.09 19.24
CA GLN A 102 -5.09 -1.70 20.55
C GLN A 102 -6.51 -1.13 20.47
N PRO A 103 -7.28 -1.26 21.56
CA PRO A 103 -8.66 -0.76 21.61
C PRO A 103 -8.73 0.76 21.55
N GLU A 104 -7.67 1.42 21.99
CA GLU A 104 -7.60 2.88 21.98
C GLU A 104 -7.69 3.41 20.55
N LEU A 105 -7.06 2.72 19.62
CA LEU A 105 -7.06 3.12 18.22
C LEU A 105 -8.05 2.28 17.41
N ALA A 106 -8.22 1.03 17.81
CA ALA A 106 -9.13 0.12 17.13
C ALA A 106 -10.55 0.67 17.11
N ASN A 107 -10.87 1.51 18.11
CA ASN A 107 -12.20 2.09 18.20
C ASN A 107 -12.40 3.16 17.12
N LYS A 108 -11.32 3.81 16.73
CA LYS A 108 -11.37 4.85 15.71
C LYS A 108 -10.94 4.31 14.35
N VAL A 109 -10.10 3.28 14.37
CA VAL A 109 -9.62 2.66 13.13
C VAL A 109 -10.27 1.30 12.91
N ASP A 110 -10.47 0.96 11.64
CA ASP A 110 -11.09 -0.33 11.29
C ASP A 110 -10.09 -1.24 10.60
N MET A 111 -9.63 -0.84 9.41
CA MET A 111 -8.67 -1.64 8.66
C MET A 111 -7.44 -0.81 8.31
N VAL A 112 -6.32 -1.49 8.09
CA VAL A 112 -5.07 -0.82 7.75
C VAL A 112 -4.63 -1.16 6.34
N TRP A 113 -4.10 -0.16 5.63
CA TRP A 113 -3.65 -0.36 4.25
C TRP A 113 -2.19 0.05 4.09
N ILE A 114 -1.38 -0.85 3.54
CA ILE A 114 0.04 -0.58 3.33
C ILE A 114 0.29 -0.08 1.90
N VAL A 115 0.98 1.04 1.80
CA VAL A 115 1.28 1.63 0.50
C VAL A 115 2.75 1.44 0.13
N GLY A 116 3.62 1.47 1.13
CA GLY A 116 5.04 1.30 0.90
C GLY A 116 5.89 1.70 2.09
N GLY A 117 7.21 1.50 1.99
CA GLY A 117 7.82 0.94 0.80
C GLY A 117 7.99 -0.57 0.89
N SER A 118 9.04 -1.08 0.27
CA SER A 118 9.32 -2.51 0.27
C SER A 118 9.62 -3.00 1.69
N SER A 119 10.29 -2.16 2.47
CA SER A 119 10.64 -2.50 3.84
C SER A 119 9.39 -2.82 4.65
N VAL A 120 8.37 -1.99 4.51
CA VAL A 120 7.11 -2.19 5.22
C VAL A 120 6.38 -3.42 4.70
N TYR A 121 6.50 -3.67 3.40
CA TYR A 121 5.87 -4.82 2.77
C TYR A 121 6.47 -6.12 3.28
N LYS A 122 7.79 -6.15 3.40
CA LYS A 122 8.49 -7.33 3.88
C LYS A 122 8.09 -7.66 5.32
N GLU A 123 8.11 -6.64 6.17
CA GLU A 123 7.75 -6.82 7.59
C GLU A 123 6.33 -7.36 7.72
N ALA A 124 5.42 -6.86 6.90
CA ALA A 124 4.04 -7.29 6.93
C ALA A 124 3.89 -8.70 6.35
N MET A 125 4.82 -9.08 5.48
CA MET A 125 4.79 -10.41 4.85
C MET A 125 5.11 -11.50 5.86
N ASN A 126 5.58 -11.11 7.05
CA ASN A 126 5.92 -12.07 8.09
C ASN A 126 4.75 -12.31 9.04
N HIS A 127 3.54 -11.98 8.58
CA HIS A 127 2.35 -12.17 9.39
C HIS A 127 1.66 -13.50 9.08
N PRO A 128 1.43 -14.34 10.10
CA PRO A 128 0.78 -15.64 9.92
C PRO A 128 -0.72 -15.52 9.72
N GLY A 129 -1.35 -14.58 10.43
CA GLY A 129 -2.78 -14.38 10.31
C GLY A 129 -3.21 -14.06 8.89
N HIS A 130 -4.50 -14.10 8.64
CA HIS A 130 -5.04 -13.81 7.32
C HIS A 130 -4.70 -12.39 6.89
N LEU A 131 -4.21 -12.24 5.67
CA LEU A 131 -3.85 -10.93 5.14
C LEU A 131 -4.10 -10.86 3.64
N LYS A 132 -4.57 -9.70 3.18
CA LYS A 132 -4.86 -9.50 1.77
C LYS A 132 -3.73 -8.73 1.09
N LEU A 133 -3.30 -9.20 -0.07
CA LEU A 133 -2.23 -8.55 -0.81
C LEU A 133 -2.65 -8.27 -2.25
N PHE A 134 -2.74 -7.00 -2.60
CA PHE A 134 -3.13 -6.60 -3.95
C PHE A 134 -1.93 -6.06 -4.73
N VAL A 135 -1.57 -6.74 -5.81
CA VAL A 135 -0.43 -6.33 -6.63
C VAL A 135 -0.88 -5.95 -8.04
N THR A 136 -0.37 -4.85 -8.54
CA THR A 136 -0.72 -4.38 -9.88
C THR A 136 0.45 -4.58 -10.84
N ARG A 137 0.17 -5.23 -11.97
CA ARG A 137 1.21 -5.49 -12.96
C ARG A 137 1.09 -4.50 -14.13
N ILE A 138 2.18 -3.77 -14.38
CA ILE A 138 2.20 -2.80 -15.47
C ILE A 138 2.76 -3.41 -16.75
N MET A 139 1.91 -3.60 -17.74
CA MET A 139 2.32 -4.18 -19.01
C MET A 139 3.12 -3.18 -19.83
N GLN A 140 4.38 -2.97 -19.46
CA GLN A 140 5.25 -2.05 -20.16
C GLN A 140 6.66 -2.06 -19.57
N ASP A 141 7.65 -2.32 -20.42
CA ASP A 141 9.03 -2.36 -19.99
C ASP A 141 9.49 -1.01 -19.46
N PHE A 142 9.87 -0.97 -18.19
CA PHE A 142 10.32 0.27 -17.57
C PHE A 142 11.55 0.02 -16.70
N GLU A 143 12.43 1.01 -16.64
CA GLU A 143 13.65 0.91 -15.84
C GLU A 143 13.36 1.11 -14.37
N SER A 144 13.87 0.21 -13.53
CA SER A 144 13.66 0.29 -12.09
C SER A 144 14.96 0.04 -11.34
N ASP A 145 15.04 0.57 -10.12
CA ASP A 145 16.24 0.39 -9.29
C ASP A 145 16.02 -0.68 -8.24
N THR A 146 14.79 -0.78 -7.75
CA THR A 146 14.44 -1.77 -6.73
C THR A 146 13.58 -2.88 -7.32
N PHE A 147 13.91 -4.12 -6.99
CA PHE A 147 13.17 -5.27 -7.49
C PHE A 147 12.25 -5.83 -6.41
N PHE A 148 11.05 -6.24 -6.82
CA PHE A 148 10.08 -6.80 -5.89
C PHE A 148 10.25 -8.31 -5.77
N PRO A 149 10.53 -8.81 -4.54
CA PRO A 149 10.72 -10.24 -4.30
C PRO A 149 9.54 -11.07 -4.83
N GLU A 150 9.83 -12.30 -5.22
CA GLU A 150 8.80 -13.20 -5.74
C GLU A 150 7.96 -13.78 -4.60
N ILE A 151 6.64 -13.63 -4.73
CA ILE A 151 5.73 -14.14 -3.71
C ILE A 151 5.61 -15.66 -3.78
N ASP A 152 5.50 -16.29 -2.62
CA ASP A 152 5.39 -17.75 -2.56
C ASP A 152 3.96 -18.19 -2.89
N LEU A 153 3.80 -18.87 -4.02
CA LEU A 153 2.49 -19.35 -4.46
C LEU A 153 1.96 -20.41 -3.49
N GLU A 154 2.86 -21.11 -2.83
CA GLU A 154 2.48 -22.16 -1.89
C GLU A 154 1.76 -21.56 -0.69
N LYS A 155 2.12 -20.33 -0.32
CA LYS A 155 1.49 -19.65 0.81
C LYS A 155 0.48 -18.62 0.33
N TYR A 156 0.77 -18.00 -0.82
CA TYR A 156 -0.12 -17.00 -1.38
C TYR A 156 -1.00 -17.58 -2.49
N LYS A 157 -2.21 -17.08 -2.59
CA LYS A 157 -3.15 -17.55 -3.60
C LYS A 157 -3.33 -16.52 -4.71
N LEU A 158 -3.08 -16.92 -5.94
CA LEU A 158 -3.21 -16.04 -7.09
C LEU A 158 -4.67 -15.86 -7.48
N LEU A 159 -5.18 -14.64 -7.32
CA LEU A 159 -6.56 -14.34 -7.66
C LEU A 159 -6.65 -13.39 -8.85
N PRO A 160 -6.71 -13.91 -10.08
CA PRO A 160 -6.79 -13.10 -11.30
C PRO A 160 -7.92 -12.09 -11.24
N GLU A 161 -9.15 -12.58 -11.12
CA GLU A 161 -10.32 -11.70 -11.06
C GLU A 161 -10.98 -11.79 -9.69
N TYR A 162 -11.13 -10.64 -9.04
CA TYR A 162 -11.74 -10.58 -7.72
C TYR A 162 -12.94 -9.62 -7.72
N PRO A 163 -14.04 -10.00 -7.04
CA PRO A 163 -15.24 -9.15 -6.97
C PRO A 163 -15.00 -7.85 -6.23
N GLY A 164 -15.54 -6.76 -6.76
CA GLY A 164 -15.37 -5.47 -6.13
C GLY A 164 -14.23 -4.68 -6.74
N VAL A 165 -13.24 -5.38 -7.29
CA VAL A 165 -12.09 -4.75 -7.89
C VAL A 165 -12.02 -5.05 -9.39
N LEU A 166 -11.72 -4.02 -10.19
CA LEU A 166 -11.62 -4.18 -11.63
C LEU A 166 -10.54 -5.20 -12.00
N SER A 167 -10.88 -6.11 -12.90
CA SER A 167 -9.94 -7.15 -13.34
C SER A 167 -9.47 -6.88 -14.76
N ASP A 168 -10.32 -6.23 -15.56
CA ASP A 168 -10.00 -5.92 -16.94
C ASP A 168 -8.80 -4.97 -17.01
N VAL A 169 -7.93 -5.21 -18.00
CA VAL A 169 -6.75 -4.38 -18.18
C VAL A 169 -7.11 -2.99 -18.68
N GLN A 170 -6.55 -1.97 -18.04
CA GLN A 170 -6.82 -0.59 -18.43
C GLN A 170 -5.65 0.00 -19.20
N GLU A 171 -5.87 1.17 -19.81
CA GLU A 171 -4.83 1.83 -20.58
C GLU A 171 -4.95 3.35 -20.46
N GLU A 172 -3.85 3.99 -20.07
CA GLU A 172 -3.83 5.45 -19.91
C GLU A 172 -2.50 6.02 -20.40
N LYS A 173 -2.57 7.00 -21.29
CA LYS A 173 -1.38 7.63 -21.83
C LYS A 173 -0.47 6.60 -22.51
N GLY A 174 -1.08 5.58 -23.09
CA GLY A 174 -0.33 4.55 -23.77
C GLY A 174 0.30 3.55 -22.81
N ILE A 175 -0.20 3.52 -21.58
CA ILE A 175 0.31 2.60 -20.56
C ILE A 175 -0.76 1.61 -20.13
N LYS A 176 -0.54 0.34 -20.43
CA LYS A 176 -1.48 -0.71 -20.06
C LYS A 176 -1.04 -1.44 -18.80
N TYR A 177 -1.99 -1.75 -17.93
CA TYR A 177 -1.69 -2.45 -16.69
C TYR A 177 -2.90 -3.25 -16.20
N LYS A 178 -2.64 -4.32 -15.46
CA LYS A 178 -3.70 -5.16 -14.94
C LYS A 178 -3.61 -5.28 -13.42
N PHE A 179 -4.76 -5.43 -12.77
CA PHE A 179 -4.80 -5.55 -11.31
C PHE A 179 -4.87 -7.02 -10.89
N GLU A 180 -3.94 -7.42 -10.01
CA GLU A 180 -3.89 -8.80 -9.53
C GLU A 180 -4.18 -8.86 -8.04
N VAL A 181 -4.88 -9.91 -7.62
CA VAL A 181 -5.22 -10.09 -6.21
C VAL A 181 -4.52 -11.30 -5.62
N TYR A 182 -3.93 -11.12 -4.44
CA TYR A 182 -3.23 -12.21 -3.77
C TYR A 182 -3.70 -12.36 -2.33
N GLU A 183 -4.02 -13.59 -1.94
CA GLU A 183 -4.49 -13.87 -0.59
C GLU A 183 -3.49 -14.72 0.18
N LYS A 184 -3.37 -14.47 1.47
CA LYS A 184 -2.44 -15.21 2.32
C LYS A 184 -3.17 -16.29 3.12
N ASN A 185 -2.72 -17.53 2.97
CA ASN A 185 -3.33 -18.65 3.68
C ASN A 185 -2.44 -19.13 4.81
N ASP A 186 -3.06 -19.55 5.91
CA ASP A 186 -2.32 -20.03 7.07
C ASP A 186 -1.52 -21.28 6.72
PA NDP B . 13.50 1.49 1.75
O1A NDP B . 14.94 1.26 1.57
O2A NDP B . 12.63 0.32 1.94
O5B NDP B . 13.23 2.60 2.86
C5B NDP B . 12.06 2.54 3.71
C4B NDP B . 12.32 3.22 5.03
O4B NDP B . 11.11 3.22 5.82
C3B NDP B . 13.36 2.55 5.91
O3B NDP B . 14.68 2.97 5.56
C2B NDP B . 12.96 3.04 7.30
O2B NDP B . 13.45 4.34 7.58
C1B NDP B . 11.44 3.06 7.19
N9A NDP B . 10.81 1.83 7.67
C8A NDP B . 10.26 0.81 6.92
N7A NDP B . 9.78 -0.17 7.63
C5A NDP B . 10.03 0.21 8.93
C6A NDP B . 9.76 -0.41 10.18
N6A NDP B . 9.15 -1.59 10.29
N1A NDP B . 10.14 0.24 11.30
C2A NDP B . 10.76 1.43 11.18
N3A NDP B . 11.07 2.11 10.08
C4A NDP B . 10.67 1.44 8.97
O3 NDP B . 12.94 2.35 0.45
PN NDP B . 12.54 1.98 -1.10
O1N NDP B . 13.23 2.94 -2.00
O2N NDP B . 12.79 0.54 -1.33
O5D NDP B . 10.98 2.29 -1.01
C5D NDP B . 10.04 1.60 -1.86
C4D NDP B . 10.17 2.08 -3.28
O4D NDP B . 9.28 1.32 -4.13
C3D NDP B . 9.77 3.52 -3.52
O3D NDP B . 10.85 4.41 -3.25
C2D NDP B . 9.42 3.52 -5.01
O2D NDP B . 10.56 3.62 -5.86
C1D NDP B . 8.76 2.14 -5.15
N1N NDP B . 7.30 2.18 -5.03
C2N NDP B . 6.37 1.77 -5.87
C3N NDP B . 5.08 1.82 -5.69
C7N NDP B . 4.41 1.26 -6.83
O7N NDP B . 3.13 1.35 -6.52
N7N NDP B . 4.89 0.74 -7.98
C4N NDP B . 4.59 2.41 -4.40
C5N NDP B . 5.55 2.88 -3.45
C6N NDP B . 6.91 2.80 -3.68
P2B NDP B . 14.64 4.78 8.66
O1X NDP B . 15.81 4.97 7.62
O2X NDP B . 14.13 6.14 9.11
O3X NDP B . 14.84 3.45 9.41
H51A NDP B . 11.79 1.49 3.88
H52A NDP B . 11.22 3.03 3.20
H4B NDP B . 12.65 4.25 4.87
H3B NDP B . 13.29 1.45 5.86
HO3A NDP B . 15.30 2.62 6.20
H2B NDP B . 13.30 2.37 8.08
H1B NDP B . 10.99 3.87 7.78
H8A NDP B . 10.22 0.84 5.83
H61A NDP B . 8.98 -1.98 11.21
H62A NDP B . 8.81 -2.07 9.48
H2A NDP B . 11.04 1.90 12.12
H51N NDP B . 10.24 0.52 -1.81
H52N NDP B . 9.03 1.78 -1.49
H4D NDP B . 11.19 1.98 -3.64
H3D NDP B . 8.89 3.81 -2.93
HO3N NDP B . 11.66 4.07 -3.65
H2D NDP B . 8.73 4.32 -5.28
HO2N NDP B . 10.94 2.74 -5.99
H1D NDP B . 8.96 1.69 -6.13
H2N NDP B . 6.71 1.33 -6.81
H71N NDP B . 4.26 0.37 -8.68
H72N NDP B . 5.88 0.73 -8.16
H41N NDP B . 3.96 3.27 -4.68
H42N NDP B . 3.99 1.64 -3.91
H5N NDP B . 5.20 3.31 -2.51
H6N NDP B . 7.65 3.15 -2.96
N1 TRR C . 0.59 2.91 -6.66
C2 TRR C . 0.12 1.69 -6.20
N2 TRR C . -0.49 0.82 -7.06
N3 TRR C . 0.28 1.34 -4.87
C4 TRR C . 0.91 2.22 -4.00
N4 TRR C . 1.05 1.86 -2.68
C5 TRR C . 1.37 3.44 -4.46
C6 TRR C . 1.21 3.77 -5.79
C7 TRR C . 2.05 4.40 -3.51
C11 TRR C . 1.81 5.84 -3.86
C12 TRR C . 2.74 6.54 -4.63
C13 TRR C . 2.52 7.89 -4.95
C14 TRR C . 1.35 8.52 -4.51
C15 TRR C . 0.41 7.83 -3.75
C16 TRR C . 0.65 6.48 -3.43
O13 TRR C . 3.44 8.60 -5.71
O14 TRR C . 1.13 9.84 -4.84
O15 TRR C . -0.74 8.47 -3.32
C17 TRR C . 4.61 7.95 -6.15
C18 TRR C . 1.31 10.79 -3.84
C19 TRR C . -1.67 7.77 -2.56
H1 TRR C . 0.48 3.15 -7.61
H21 TRR C . -0.61 1.05 -8.02
H22 TRR C . -0.83 -0.06 -6.75
H41 TRR C . 0.72 0.99 -2.35
H42 TRR C . 1.50 2.47 -2.04
H6 TRR C . 1.58 4.75 -6.16
H71 TRR C . 3.12 4.20 -3.52
H72 TRR C . 1.68 4.23 -2.51
H12 TRR C . 3.65 6.03 -4.97
H16 TRR C . -0.09 5.92 -2.82
H171 TRR C . 5.23 8.61 -6.76
H172 TRR C . 4.38 7.07 -6.75
H173 TRR C . 5.21 7.62 -5.31
H181 TRR C . 0.94 11.78 -4.14
H182 TRR C . 2.35 10.92 -3.57
H183 TRR C . 0.77 10.52 -2.92
H191 TRR C . -1.31 7.60 -1.54
H192 TRR C . -1.88 6.78 -2.98
H193 TRR C . -2.62 8.30 -2.48
N VAL A 1 -12.28 -5.97 13.55
CA VAL A 1 -10.88 -5.48 13.66
C VAL A 1 -9.89 -6.57 13.30
N GLY A 2 -8.67 -6.17 12.93
CA GLY A 2 -7.65 -7.13 12.58
C GLY A 2 -7.57 -7.36 11.09
N SER A 3 -7.97 -6.35 10.31
CA SER A 3 -7.94 -6.45 8.86
C SER A 3 -6.76 -5.67 8.28
N LEU A 4 -5.81 -6.39 7.70
CA LEU A 4 -4.63 -5.77 7.11
C LEU A 4 -4.63 -5.91 5.60
N ASN A 5 -4.72 -4.78 4.90
CA ASN A 5 -4.74 -4.78 3.44
C ASN A 5 -3.49 -4.09 2.88
N CYS A 6 -2.96 -4.65 1.80
CA CYS A 6 -1.77 -4.08 1.16
C CYS A 6 -2.03 -3.79 -0.31
N ILE A 7 -1.43 -2.71 -0.81
CA ILE A 7 -1.60 -2.33 -2.20
C ILE A 7 -0.35 -1.65 -2.74
N VAL A 8 0.23 -2.24 -3.80
CA VAL A 8 1.43 -1.70 -4.41
C VAL A 8 1.47 -2.00 -5.90
N ALA A 9 2.01 -1.07 -6.68
CA ALA A 9 2.11 -1.24 -8.12
C ALA A 9 3.52 -1.65 -8.54
N VAL A 10 3.61 -2.59 -9.47
CA VAL A 10 4.89 -3.08 -9.95
C VAL A 10 4.89 -3.21 -11.48
N SER A 11 6.04 -2.97 -12.08
CA SER A 11 6.17 -3.06 -13.53
C SER A 11 6.32 -4.52 -13.98
N GLN A 12 6.20 -4.75 -15.28
CA GLN A 12 6.32 -6.09 -15.83
C GLN A 12 7.70 -6.69 -15.53
N ASN A 13 8.66 -5.82 -15.22
CA ASN A 13 10.02 -6.27 -14.92
C ASN A 13 10.23 -6.44 -13.42
N MET A 14 9.13 -6.64 -12.69
CA MET A 14 9.20 -6.82 -11.24
C MET A 14 9.83 -5.60 -10.58
N GLY A 15 9.61 -4.43 -11.17
CA GLY A 15 10.15 -3.20 -10.61
C GLY A 15 9.10 -2.35 -9.94
N ILE A 16 9.50 -1.59 -8.94
CA ILE A 16 8.58 -0.72 -8.21
C ILE A 16 8.87 0.75 -8.48
N GLY A 17 10.16 1.08 -8.54
CA GLY A 17 10.56 2.46 -8.79
C GLY A 17 12.05 2.61 -8.98
N LYS A 18 12.44 3.60 -9.78
CA LYS A 18 13.85 3.85 -10.05
C LYS A 18 14.29 5.18 -9.46
N ASN A 19 15.38 5.15 -8.70
CA ASN A 19 15.91 6.36 -8.07
C ASN A 19 14.90 6.93 -7.07
N GLY A 20 14.10 6.06 -6.47
CA GLY A 20 13.11 6.50 -5.51
C GLY A 20 11.91 7.15 -6.16
N ASP A 21 11.70 6.86 -7.45
CA ASP A 21 10.57 7.42 -8.18
C ASP A 21 10.03 6.42 -9.19
N LEU A 22 8.73 6.55 -9.50
CA LEU A 22 8.09 5.65 -10.45
C LEU A 22 8.65 5.85 -11.86
N PRO A 23 8.83 4.77 -12.63
CA PRO A 23 9.35 4.84 -13.98
C PRO A 23 8.35 5.42 -14.97
N TRP A 24 7.09 5.03 -14.83
CA TRP A 24 6.03 5.51 -15.71
C TRP A 24 5.63 6.93 -15.33
N PRO A 25 5.17 7.73 -16.32
CA PRO A 25 4.74 9.11 -16.08
C PRO A 25 3.52 9.20 -15.16
N PRO A 26 3.14 10.41 -14.75
CA PRO A 26 1.98 10.61 -13.86
C PRO A 26 0.70 9.98 -14.43
N LEU A 27 0.15 9.03 -13.69
CA LEU A 27 -1.06 8.34 -14.11
C LEU A 27 -2.27 8.84 -13.31
N ARG A 28 -3.24 9.43 -14.01
CA ARG A 28 -4.44 9.94 -13.37
C ARG A 28 -5.32 8.79 -12.89
N ASN A 29 -5.30 7.69 -13.62
CA ASN A 29 -6.10 6.51 -13.28
C ASN A 29 -5.52 5.81 -12.05
N GLU A 30 -4.20 5.69 -12.01
CA GLU A 30 -3.53 5.03 -10.89
C GLU A 30 -3.75 5.82 -9.60
N PHE A 31 -3.63 7.13 -9.68
CA PHE A 31 -3.81 7.99 -8.52
C PHE A 31 -5.28 8.07 -8.12
N ARG A 32 -6.15 8.21 -9.12
CA ARG A 32 -7.58 8.29 -8.87
C ARG A 32 -8.13 6.95 -8.36
N TYR A 33 -7.72 5.87 -9.02
CA TYR A 33 -8.15 4.53 -8.62
C TYR A 33 -7.70 4.20 -7.21
N PHE A 34 -6.49 4.63 -6.87
CA PHE A 34 -5.94 4.38 -5.54
C PHE A 34 -6.72 5.15 -4.47
N GLN A 35 -6.96 6.43 -4.74
CA GLN A 35 -7.70 7.28 -3.79
C GLN A 35 -9.12 6.73 -3.57
N ARG A 36 -9.76 6.34 -4.66
CA ARG A 36 -11.12 5.81 -4.59
C ARG A 36 -11.17 4.56 -3.71
N MET A 37 -10.23 3.65 -3.94
CA MET A 37 -10.16 2.41 -3.16
C MET A 37 -9.97 2.70 -1.68
N THR A 38 -9.01 3.57 -1.37
CA THR A 38 -8.71 3.92 0.00
C THR A 38 -9.88 4.70 0.62
N THR A 39 -10.52 5.54 -0.19
CA THR A 39 -11.65 6.34 0.28
C THR A 39 -12.88 5.46 0.49
N THR A 40 -13.12 4.56 -0.45
CA THR A 40 -14.27 3.66 -0.37
C THR A 40 -14.11 2.67 0.78
N SER A 41 -14.77 2.95 1.90
CA SER A 41 -14.70 2.08 3.06
C SER A 41 -15.92 1.18 3.16
N SER A 42 -15.76 0.02 3.77
CA SER A 42 -16.86 -0.92 3.93
C SER A 42 -17.65 -0.63 5.21
N VAL A 43 -16.95 -0.15 6.23
CA VAL A 43 -17.59 0.17 7.50
C VAL A 43 -17.96 1.64 7.57
N GLU A 44 -19.26 1.92 7.64
CA GLU A 44 -19.75 3.30 7.72
C GLU A 44 -19.50 3.88 9.12
N GLY A 45 -19.06 5.13 9.15
CA GLY A 45 -18.80 5.79 10.42
C GLY A 45 -17.37 5.55 10.92
N LYS A 46 -16.66 4.64 10.27
CA LYS A 46 -15.29 4.33 10.66
C LYS A 46 -14.29 4.92 9.67
N GLN A 47 -13.04 5.03 10.10
CA GLN A 47 -11.99 5.58 9.25
C GLN A 47 -10.93 4.52 8.94
N ASN A 48 -10.20 4.73 7.85
CA ASN A 48 -9.16 3.79 7.44
C ASN A 48 -7.77 4.34 7.75
N LEU A 49 -6.88 3.47 8.23
CA LEU A 49 -5.52 3.87 8.57
C LEU A 49 -4.53 3.30 7.57
N VAL A 50 -3.76 4.19 6.93
CA VAL A 50 -2.77 3.77 5.95
C VAL A 50 -1.36 3.93 6.49
N ILE A 51 -0.46 3.03 6.08
CA ILE A 51 0.92 3.06 6.52
C ILE A 51 1.86 3.34 5.36
N MET A 52 2.85 4.19 5.61
CA MET A 52 3.83 4.54 4.58
C MET A 52 5.24 4.61 5.16
N GLY A 53 6.24 4.38 4.31
CA GLY A 53 7.61 4.42 4.76
C GLY A 53 8.20 5.82 4.71
N LYS A 54 9.39 5.98 5.26
CA LYS A 54 10.07 7.27 5.27
C LYS A 54 10.30 7.78 3.85
N LYS A 55 10.77 6.90 2.98
CA LYS A 55 11.03 7.25 1.59
C LYS A 55 9.73 7.63 0.87
N THR A 56 8.70 6.82 1.05
CA THR A 56 7.40 7.07 0.43
C THR A 56 6.83 8.40 0.89
N TRP A 57 6.92 8.66 2.19
CA TRP A 57 6.40 9.90 2.76
C TRP A 57 7.08 11.11 2.14
N PHE A 58 8.38 11.00 1.91
CA PHE A 58 9.16 12.07 1.32
C PHE A 58 8.93 12.16 -0.19
N SER A 59 8.44 11.08 -0.78
CA SER A 59 8.17 11.04 -2.21
C SER A 59 6.83 11.67 -2.55
N ILE A 60 5.91 11.65 -1.59
CA ILE A 60 4.59 12.23 -1.80
C ILE A 60 4.66 13.75 -1.83
N PRO A 61 4.15 14.38 -2.90
CA PRO A 61 4.18 15.85 -3.03
C PRO A 61 3.53 16.54 -1.84
N GLU A 62 3.93 17.79 -1.60
CA GLU A 62 3.39 18.57 -0.49
C GLU A 62 1.98 19.06 -0.80
N LYS A 63 1.68 19.24 -2.09
CA LYS A 63 0.36 19.71 -2.50
C LYS A 63 -0.74 18.79 -1.97
N ASN A 64 -0.45 17.49 -1.91
CA ASN A 64 -1.42 16.52 -1.42
C ASN A 64 -1.21 16.28 0.08
N ARG A 65 0.02 16.43 0.54
CA ARG A 65 0.34 16.22 1.95
C ARG A 65 -0.04 17.45 2.78
N PRO A 66 -0.63 17.25 3.98
CA PRO A 66 -1.11 15.94 4.43
C PRO A 66 -2.34 15.48 3.63
N LEU A 67 -2.54 14.16 3.59
CA LEU A 67 -3.67 13.60 2.86
C LEU A 67 -4.95 13.73 3.67
N LYS A 68 -6.09 13.55 3.01
CA LYS A 68 -7.39 13.64 3.66
C LYS A 68 -8.23 12.41 3.38
N GLY A 69 -9.21 12.15 4.25
CA GLY A 69 -10.07 11.01 4.07
C GLY A 69 -9.62 9.81 4.87
N ARG A 70 -8.31 9.64 4.99
CA ARG A 70 -7.74 8.52 5.75
C ARG A 70 -6.56 8.98 6.59
N ILE A 71 -6.31 8.27 7.68
CA ILE A 71 -5.21 8.60 8.59
C ILE A 71 -3.87 8.18 7.98
N ASN A 72 -2.95 9.13 7.87
CA ASN A 72 -1.63 8.86 7.32
C ASN A 72 -0.64 8.52 8.43
N LEU A 73 0.02 7.36 8.30
CA LEU A 73 0.99 6.93 9.30
C LEU A 73 2.34 6.67 8.65
N VAL A 74 3.41 6.99 9.36
CA VAL A 74 4.77 6.78 8.86
C VAL A 74 5.56 5.86 9.77
N LEU A 75 6.46 5.08 9.18
CA LEU A 75 7.28 4.15 9.95
C LEU A 75 8.76 4.57 9.91
N SER A 76 9.26 5.02 11.04
CA SER A 76 10.64 5.45 11.15
C SER A 76 11.24 5.07 12.50
N ARG A 77 12.44 4.49 12.48
CA ARG A 77 13.12 4.08 13.70
C ARG A 77 14.14 5.12 14.14
N GLU A 78 14.72 5.82 13.17
CA GLU A 78 15.72 6.85 13.45
C GLU A 78 15.06 8.10 14.01
N LEU A 79 13.87 8.42 13.52
CA LEU A 79 13.14 9.59 13.97
C LEU A 79 12.52 9.35 15.35
N LYS A 80 12.47 10.40 16.16
CA LYS A 80 11.91 10.32 17.50
C LYS A 80 10.46 10.82 17.53
N GLU A 81 10.17 11.78 16.66
CA GLU A 81 8.82 12.36 16.59
C GLU A 81 8.28 12.27 15.16
N PRO A 82 6.96 12.11 15.02
CA PRO A 82 6.31 12.01 13.71
C PRO A 82 6.65 13.20 12.80
N PRO A 83 6.73 12.98 11.48
CA PRO A 83 7.05 14.04 10.51
C PRO A 83 5.89 15.01 10.32
N GLN A 84 6.21 16.23 9.90
CA GLN A 84 5.21 17.25 9.67
C GLN A 84 4.17 16.78 8.65
N GLY A 85 2.90 16.81 9.05
CA GLY A 85 1.84 16.37 8.16
C GLY A 85 1.35 14.98 8.47
N ALA A 86 2.20 14.18 9.10
CA ALA A 86 1.83 12.81 9.46
C ALA A 86 0.95 12.77 10.69
N HIS A 87 0.03 11.81 10.74
CA HIS A 87 -0.88 11.67 11.86
C HIS A 87 -0.20 10.95 13.02
N PHE A 88 0.55 9.92 12.71
CA PHE A 88 1.25 9.15 13.73
C PHE A 88 2.52 8.52 13.17
N LEU A 89 3.45 8.17 14.06
CA LEU A 89 4.70 7.56 13.65
C LEU A 89 5.05 6.38 14.54
N SER A 90 5.64 5.34 13.96
CA SER A 90 6.03 4.15 14.70
C SER A 90 7.48 3.78 14.43
N ARG A 91 8.09 3.07 15.37
CA ARG A 91 9.48 2.66 15.23
C ARG A 91 9.59 1.36 14.43
N SER A 92 8.72 0.41 14.74
CA SER A 92 8.72 -0.87 14.04
C SER A 92 7.30 -1.27 13.64
N LEU A 93 7.20 -2.26 12.78
CA LEU A 93 5.89 -2.74 12.31
C LEU A 93 5.07 -3.26 13.48
N ASP A 94 5.74 -3.81 14.49
CA ASP A 94 5.06 -4.35 15.65
C ASP A 94 4.37 -3.23 16.44
N ASP A 95 5.02 -2.07 16.50
CA ASP A 95 4.48 -0.93 17.22
C ASP A 95 3.26 -0.37 16.50
N ALA A 96 3.39 -0.16 15.20
CA ALA A 96 2.30 0.37 14.39
C ALA A 96 1.07 -0.54 14.45
N LEU A 97 1.33 -1.85 14.43
CA LEU A 97 0.25 -2.83 14.49
C LEU A 97 -0.45 -2.82 15.84
N LYS A 98 0.33 -2.61 16.90
CA LYS A 98 -0.20 -2.57 18.25
C LYS A 98 -1.13 -1.38 18.43
N LEU A 99 -0.74 -0.23 17.90
CA LEU A 99 -1.54 0.98 17.99
C LEU A 99 -2.87 0.82 17.26
N THR A 100 -2.80 0.28 16.04
CA THR A 100 -4.00 0.07 15.24
C THR A 100 -4.91 -0.98 15.88
N GLU A 101 -4.31 -1.89 16.64
CA GLU A 101 -5.06 -2.94 17.31
C GLU A 101 -5.58 -2.47 18.66
N GLN A 102 -4.96 -1.43 19.21
CA GLN A 102 -5.37 -0.90 20.51
C GLN A 102 -6.78 -0.33 20.43
N PRO A 103 -7.52 -0.37 21.56
CA PRO A 103 -8.90 0.15 21.62
C PRO A 103 -8.95 1.66 21.49
N GLU A 104 -7.87 2.33 21.89
CA GLU A 104 -7.81 3.78 21.81
C GLU A 104 -7.87 4.26 20.37
N LEU A 105 -7.25 3.50 19.47
CA LEU A 105 -7.24 3.85 18.05
C LEU A 105 -8.23 2.99 17.27
N ALA A 106 -8.45 1.76 17.76
CA ALA A 106 -9.38 0.84 17.10
C ALA A 106 -10.75 1.46 16.94
N ASN A 107 -11.09 2.39 17.82
CA ASN A 107 -12.39 3.07 17.76
C ASN A 107 -12.46 4.02 16.57
N LYS A 108 -11.31 4.57 16.20
CA LYS A 108 -11.24 5.50 15.08
C LYS A 108 -10.95 4.76 13.77
N VAL A 109 -10.04 3.80 13.84
CA VAL A 109 -9.67 3.02 12.66
C VAL A 109 -9.90 1.53 12.89
N ASP A 110 -10.26 0.82 11.84
CA ASP A 110 -10.51 -0.61 11.93
C ASP A 110 -9.67 -1.39 10.91
N MET A 111 -9.70 -0.92 9.66
CA MET A 111 -8.93 -1.56 8.60
C MET A 111 -7.62 -0.83 8.34
N VAL A 112 -6.63 -1.55 7.83
CA VAL A 112 -5.33 -0.97 7.53
C VAL A 112 -5.00 -1.10 6.05
N TRP A 113 -4.28 -0.12 5.52
CA TRP A 113 -3.88 -0.13 4.11
C TRP A 113 -2.40 0.19 3.95
N ILE A 114 -1.66 -0.74 3.35
CA ILE A 114 -0.23 -0.54 3.12
C ILE A 114 0.03 0.21 1.82
N VAL A 115 0.69 1.36 1.93
CA VAL A 115 1.00 2.17 0.77
C VAL A 115 2.51 2.23 0.52
N GLY A 116 3.18 1.10 0.71
CA GLY A 116 4.61 1.06 0.51
C GLY A 116 5.40 1.49 1.73
N GLY A 117 6.73 1.36 1.69
CA GLY A 117 7.42 0.83 0.51
C GLY A 117 7.65 -0.66 0.62
N SER A 118 8.73 -1.12 -0.01
CA SER A 118 9.07 -2.54 0.01
C SER A 118 9.37 -3.01 1.43
N SER A 119 9.95 -2.13 2.23
CA SER A 119 10.29 -2.44 3.61
C SER A 119 9.04 -2.82 4.40
N VAL A 120 7.98 -2.05 4.21
CA VAL A 120 6.71 -2.30 4.90
C VAL A 120 6.08 -3.59 4.39
N TYR A 121 6.19 -3.84 3.10
CA TYR A 121 5.63 -5.04 2.49
C TYR A 121 6.34 -6.29 3.00
N LYS A 122 7.65 -6.18 3.18
CA LYS A 122 8.45 -7.30 3.66
C LYS A 122 8.05 -7.69 5.08
N GLU A 123 8.00 -6.70 5.96
CA GLU A 123 7.64 -6.93 7.36
C GLU A 123 6.25 -7.53 7.46
N ALA A 124 5.34 -7.02 6.63
CA ALA A 124 3.95 -7.50 6.64
C ALA A 124 3.88 -8.93 6.11
N MET A 125 4.81 -9.30 5.24
CA MET A 125 4.83 -10.63 4.66
C MET A 125 5.05 -11.69 5.75
N ASN A 126 5.55 -11.26 6.91
CA ASN A 126 5.79 -12.18 8.01
C ASN A 126 4.61 -12.24 8.97
N HIS A 127 3.43 -11.85 8.48
CA HIS A 127 2.23 -11.86 9.30
C HIS A 127 1.65 -13.28 9.40
N PRO A 128 1.30 -13.73 10.62
CA PRO A 128 0.74 -15.06 10.84
C PRO A 128 -0.73 -15.15 10.44
N GLY A 129 -1.48 -14.08 10.70
CA GLY A 129 -2.89 -14.07 10.37
C GLY A 129 -3.12 -13.78 8.90
N HIS A 130 -4.38 -13.89 8.47
CA HIS A 130 -4.74 -13.64 7.08
C HIS A 130 -4.45 -12.20 6.69
N LEU A 131 -3.92 -12.02 5.48
CA LEU A 131 -3.59 -10.69 4.98
C LEU A 131 -3.80 -10.60 3.48
N LYS A 132 -4.25 -9.44 3.02
CA LYS A 132 -4.50 -9.22 1.59
C LYS A 132 -3.34 -8.46 0.96
N LEU A 133 -3.01 -8.81 -0.28
CA LEU A 133 -1.94 -8.15 -1.00
C LEU A 133 -2.36 -7.81 -2.42
N PHE A 134 -2.55 -6.52 -2.68
CA PHE A 134 -2.95 -6.06 -4.01
C PHE A 134 -1.74 -5.60 -4.82
N VAL A 135 -1.43 -6.35 -5.88
CA VAL A 135 -0.29 -6.03 -6.73
C VAL A 135 -0.76 -5.65 -8.14
N THR A 136 -0.23 -4.55 -8.65
CA THR A 136 -0.58 -4.08 -9.98
C THR A 136 0.56 -4.30 -10.96
N ARG A 137 0.33 -5.14 -11.96
CA ARG A 137 1.35 -5.44 -12.97
C ARG A 137 1.21 -4.52 -14.17
N ILE A 138 2.22 -3.68 -14.40
CA ILE A 138 2.20 -2.75 -15.52
C ILE A 138 2.83 -3.38 -16.76
N MET A 139 2.00 -3.64 -17.77
CA MET A 139 2.47 -4.25 -19.01
C MET A 139 3.26 -3.24 -19.83
N GLN A 140 4.52 -3.02 -19.45
CA GLN A 140 5.38 -2.09 -20.16
C GLN A 140 6.81 -2.14 -19.61
N ASP A 141 7.77 -2.32 -20.50
CA ASP A 141 9.18 -2.39 -20.10
C ASP A 141 9.64 -1.06 -19.50
N PHE A 142 10.04 -1.09 -18.23
CA PHE A 142 10.50 0.11 -17.55
C PHE A 142 11.64 -0.22 -16.59
N GLU A 143 12.73 0.54 -16.69
CA GLU A 143 13.88 0.34 -15.83
C GLU A 143 13.58 0.73 -14.39
N SER A 144 13.98 -0.13 -13.45
CA SER A 144 13.75 0.13 -12.04
C SER A 144 14.99 -0.16 -11.22
N ASP A 145 15.08 0.46 -10.04
CA ASP A 145 16.22 0.27 -9.17
C ASP A 145 15.93 -0.79 -8.10
N THR A 146 14.69 -0.81 -7.63
CA THR A 146 14.27 -1.76 -6.61
C THR A 146 13.37 -2.84 -7.21
N PHE A 147 13.81 -4.09 -7.12
CA PHE A 147 13.05 -5.22 -7.65
C PHE A 147 12.23 -5.88 -6.55
N PHE A 148 11.00 -6.27 -6.89
CA PHE A 148 10.11 -6.93 -5.94
C PHE A 148 10.35 -8.43 -5.91
N PRO A 149 10.37 -9.04 -4.71
CA PRO A 149 10.59 -10.49 -4.56
C PRO A 149 9.40 -11.30 -5.04
N GLU A 150 9.66 -12.51 -5.52
CA GLU A 150 8.61 -13.39 -6.01
C GLU A 150 7.89 -14.07 -4.86
N ILE A 151 6.60 -13.78 -4.73
CA ILE A 151 5.79 -14.36 -3.65
C ILE A 151 5.57 -15.86 -3.89
N ASP A 152 5.70 -16.64 -2.82
CA ASP A 152 5.51 -18.08 -2.91
C ASP A 152 4.05 -18.43 -3.12
N LEU A 153 3.79 -19.34 -4.06
CA LEU A 153 2.43 -19.75 -4.36
C LEU A 153 1.93 -20.79 -3.35
N GLU A 154 2.87 -21.53 -2.76
CA GLU A 154 2.52 -22.56 -1.78
C GLU A 154 1.93 -21.93 -0.52
N LYS A 155 2.37 -20.71 -0.22
CA LYS A 155 1.87 -20.00 0.96
C LYS A 155 0.82 -18.97 0.58
N TYR A 156 1.02 -18.30 -0.55
CA TYR A 156 0.08 -17.29 -1.02
C TYR A 156 -0.76 -17.84 -2.18
N LYS A 157 -2.01 -17.39 -2.25
CA LYS A 157 -2.92 -17.83 -3.31
C LYS A 157 -3.13 -16.72 -4.33
N LEU A 158 -2.80 -17.00 -5.58
CA LEU A 158 -2.96 -16.03 -6.65
C LEU A 158 -4.43 -15.80 -6.95
N LEU A 159 -4.87 -14.55 -6.83
CA LEU A 159 -6.26 -14.19 -7.09
C LEU A 159 -6.36 -13.23 -8.27
N PRO A 160 -6.53 -13.75 -9.49
CA PRO A 160 -6.65 -12.92 -10.70
C PRO A 160 -7.95 -12.13 -10.73
N GLU A 161 -9.06 -12.81 -10.44
CA GLU A 161 -10.38 -12.17 -10.45
C GLU A 161 -10.90 -12.02 -9.03
N TYR A 162 -10.92 -10.78 -8.55
CA TYR A 162 -11.41 -10.49 -7.20
C TYR A 162 -12.56 -9.49 -7.24
N PRO A 163 -13.61 -9.70 -6.42
CA PRO A 163 -14.77 -8.80 -6.38
C PRO A 163 -14.42 -7.44 -5.78
N GLY A 164 -14.99 -6.39 -6.35
CA GLY A 164 -14.73 -5.05 -5.87
C GLY A 164 -13.62 -4.35 -6.65
N VAL A 165 -12.70 -5.14 -7.18
CA VAL A 165 -11.58 -4.59 -7.96
C VAL A 165 -11.72 -4.94 -9.44
N LEU A 166 -11.47 -3.97 -10.30
CA LEU A 166 -11.56 -4.17 -11.74
C LEU A 166 -10.60 -5.26 -12.20
N SER A 167 -11.06 -6.10 -13.11
CA SER A 167 -10.24 -7.20 -13.63
C SER A 167 -9.73 -6.86 -15.03
N ASP A 168 -10.49 -6.07 -15.77
CA ASP A 168 -10.11 -5.68 -17.12
C ASP A 168 -8.83 -4.86 -17.11
N VAL A 169 -8.02 -5.01 -18.16
CA VAL A 169 -6.76 -4.29 -18.27
C VAL A 169 -7.00 -2.82 -18.65
N GLN A 170 -6.56 -1.91 -17.79
CA GLN A 170 -6.73 -0.49 -18.04
C GLN A 170 -5.58 0.06 -18.88
N GLU A 171 -5.88 1.06 -19.69
CA GLU A 171 -4.87 1.66 -20.56
C GLU A 171 -4.90 3.19 -20.44
N GLU A 172 -3.73 3.77 -20.15
CA GLU A 172 -3.63 5.22 -20.01
C GLU A 172 -2.32 5.73 -20.63
N LYS A 173 -2.44 6.69 -21.53
CA LYS A 173 -1.27 7.27 -22.19
C LYS A 173 -0.49 6.20 -22.95
N GLY A 174 -1.20 5.19 -23.44
CA GLY A 174 -0.56 4.12 -24.18
C GLY A 174 -0.01 3.03 -23.28
N ILE A 175 -0.13 3.21 -21.97
CA ILE A 175 0.36 2.23 -21.01
C ILE A 175 -0.77 1.36 -20.48
N LYS A 176 -0.62 0.05 -20.64
CA LYS A 176 -1.64 -0.89 -20.17
C LYS A 176 -1.15 -1.64 -18.92
N TYR A 177 -2.06 -1.86 -17.98
CA TYR A 177 -1.73 -2.56 -16.75
C TYR A 177 -2.96 -3.24 -16.17
N LYS A 178 -2.74 -4.35 -15.46
CA LYS A 178 -3.83 -5.10 -14.84
C LYS A 178 -3.66 -5.17 -13.33
N PHE A 179 -4.77 -5.35 -12.63
CA PHE A 179 -4.75 -5.43 -11.16
C PHE A 179 -4.79 -6.88 -10.70
N GLU A 180 -3.77 -7.29 -9.95
CA GLU A 180 -3.70 -8.66 -9.44
C GLU A 180 -3.91 -8.68 -7.93
N VAL A 181 -4.64 -9.68 -7.46
CA VAL A 181 -4.91 -9.81 -6.03
C VAL A 181 -4.18 -11.03 -5.45
N TYR A 182 -3.56 -10.83 -4.29
CA TYR A 182 -2.83 -11.91 -3.63
C TYR A 182 -3.29 -12.09 -2.19
N GLU A 183 -3.57 -13.32 -1.82
CA GLU A 183 -4.04 -13.63 -0.46
C GLU A 183 -3.06 -14.56 0.24
N LYS A 184 -2.85 -14.31 1.54
CA LYS A 184 -1.94 -15.13 2.32
C LYS A 184 -2.71 -16.14 3.18
N ASN A 185 -2.28 -17.39 3.15
CA ASN A 185 -2.93 -18.43 3.93
C ASN A 185 -2.16 -18.71 5.22
N ASP A 186 -2.89 -18.93 6.30
CA ASP A 186 -2.27 -19.21 7.59
C ASP A 186 -1.66 -20.60 7.62
PA NDP B . 10.77 2.33 0.94
O1A NDP B . 10.68 0.90 0.54
O2A NDP B . 9.58 3.16 0.68
O5B NDP B . 11.28 2.49 2.43
C5B NDP B . 10.38 2.33 3.55
C4B NDP B . 11.04 2.81 4.82
O4B NDP B . 10.09 2.74 5.91
C3B NDP B . 12.24 1.99 5.29
O3B NDP B . 13.44 2.42 4.64
C2B NDP B . 12.27 2.30 6.78
O2B NDP B . 12.90 3.53 7.09
C1B NDP B . 10.77 2.37 7.11
N9A NDP B . 10.21 1.11 7.58
C8A NDP B . 9.47 0.20 6.87
N7A NDP B . 9.11 -0.86 7.56
C5A NDP B . 9.66 -0.63 8.81
C6A NDP B . 9.64 -1.38 10.00
N6A NDP B . 9.03 -2.55 10.14
N1A NDP B . 10.30 -0.87 11.08
C2A NDP B . 10.92 0.32 10.95
N3A NDP B . 11.01 1.11 9.88
C4A NDP B . 10.35 0.57 8.84
O3 NDP B . 12.05 3.00 0.17
PN NDP B . 12.66 2.96 -1.37
O1N NDP B . 13.85 3.85 -1.42
O2N NDP B . 12.85 1.56 -1.76
O5D NDP B . 11.42 3.62 -2.10
C5D NDP B . 10.48 2.81 -2.85
C4D NDP B . 10.37 3.31 -4.27
O4D NDP B . 9.49 2.43 -5.01
C3D NDP B . 9.76 4.69 -4.43
O3D NDP B . 10.74 5.72 -4.27
C2D NDP B . 9.23 4.64 -5.86
O2D NDP B . 10.23 4.90 -6.85
C1D NDP B . 8.74 3.19 -5.95
N1N NDP B . 7.32 3.03 -5.64
C2N NDP B . 6.35 2.52 -6.38
C3N NDP B . 5.10 2.40 -6.04
C7N NDP B . 4.35 1.80 -7.10
O7N NDP B . 3.13 1.73 -6.64
N7N NDP B . 4.75 1.38 -8.33
C4N NDP B . 4.70 2.88 -4.67
C5N NDP B . 5.72 3.44 -3.82
C6N NDP B . 7.05 3.55 -4.22
P2B NDP B . 13.47 4.04 8.57
O1X NDP B . 12.87 5.50 8.53
O2X NDP B . 12.64 3.17 9.51
O3X NDP B . 14.97 4.10 8.26
H51A NDP B . 10.11 1.28 3.65
H52A NDP B . 9.48 2.91 3.37
H4B NDP B . 11.39 3.84 4.71
H3B NDP B . 12.09 0.92 5.12
HO3A NDP B . 13.55 3.35 4.75
H2B NDP B . 12.75 1.51 7.34
H1B NDP B . 10.55 3.09 7.89
H8A NDP B . 9.18 0.35 5.83
H61A NDP B . 9.05 -3.04 11.02
H62A NDP B . 8.52 -2.95 9.36
H2A NDP B . 11.43 0.68 11.84
H51N NDP B . 10.83 1.78 -2.85
H52N NDP B . 9.50 2.85 -2.37
H4D NDP B . 11.35 3.34 -4.75
H3D NDP B . 8.93 4.85 -3.73
HO3N NDP B . 10.94 5.83 -3.34
H2D NDP B . 8.41 5.34 -6.02
HO2N NDP B . 11.08 4.99 -6.42
H1D NDP B . 8.87 2.78 -6.95
H2N NDP B . 6.61 2.18 -7.38
H71N NDP B . 4.07 0.96 -8.95
H72N NDP B . 5.71 1.46 -8.61
H41N NDP B . 3.95 3.65 -4.81
H42N NDP B . 4.28 2.02 -4.15
H5N NDP B . 5.43 3.78 -2.82
H6N NDP B . 7.82 3.97 -3.58
N1 TRR C . 0.64 3.16 -6.52
C2 TRR C . 0.36 1.89 -6.06
N2 TRR C . -0.24 0.98 -6.89
N3 TRR C . 0.70 1.53 -4.77
C4 TRR C . 1.31 2.44 -3.93
N4 TRR C . 1.64 2.07 -2.65
C5 TRR C . 1.58 3.73 -4.39
C6 TRR C . 1.25 4.08 -5.70
C7 TRR C . 2.25 4.73 -3.48
C11 TRR C . 1.91 6.16 -3.83
C12 TRR C . 2.73 6.87 -4.70
C13 TRR C . 2.41 8.20 -5.03
C14 TRR C . 1.28 8.80 -4.47
C15 TRR C . 0.46 8.09 -3.60
C16 TRR C . 0.78 6.76 -3.27
O13 TRR C . 3.22 8.93 -5.89
O14 TRR C . 0.98 10.11 -4.79
O15 TRR C . -0.66 8.70 -3.06
C17 TRR C . 4.36 8.32 -6.44
C18 TRR C . 1.33 11.11 -3.88
C19 TRR C . -1.48 7.97 -2.18
H1 TRR C . 0.40 3.41 -7.44
H21 TRR C . -0.48 1.22 -7.82
H22 TRR C . -0.44 0.06 -6.57
H41 TRR C . 1.44 1.17 -2.32
H42 TRR C . 2.07 2.72 -2.04
H6 TRR C . 1.46 5.09 -6.07
H71 TRR C . 3.33 4.60 -3.54
H72 TRR C . 1.93 4.55 -2.46
H12 TRR C . 3.61 6.40 -5.13
H16 TRR C . 0.14 6.19 -2.60
H171 TRR C . 4.94 9.02 -7.05
H172 TRR C . 4.09 7.49 -7.09
H173 TRR C . 5.02 7.93 -5.67
H181 TRR C . 0.74 12.01 -4.03
H182 TRR C . 2.38 11.38 -3.98
H183 TRR C . 1.18 10.79 -2.85
H191 TRR C . -2.38 8.52 -1.92
H192 TRR C . -0.96 7.74 -1.25
H193 TRR C . -1.81 7.02 -2.63
N VAL A 1 -11.30 -6.05 13.72
CA VAL A 1 -9.88 -5.60 13.79
C VAL A 1 -8.94 -6.70 13.34
N GLY A 2 -7.65 -6.37 13.24
CA GLY A 2 -6.67 -7.34 12.83
C GLY A 2 -6.65 -7.54 11.32
N SER A 3 -7.04 -6.51 10.59
CA SER A 3 -7.07 -6.57 9.13
C SER A 3 -5.90 -5.79 8.54
N LEU A 4 -5.04 -6.47 7.80
CA LEU A 4 -3.90 -5.84 7.17
C LEU A 4 -3.95 -5.98 5.65
N ASN A 5 -4.03 -4.86 4.95
CA ASN A 5 -4.09 -4.86 3.49
C ASN A 5 -2.95 -4.05 2.91
N CYS A 6 -2.21 -4.64 1.98
CA CYS A 6 -1.09 -3.97 1.33
C CYS A 6 -1.31 -3.89 -0.17
N ILE A 7 -1.37 -2.67 -0.69
CA ILE A 7 -1.57 -2.45 -2.12
C ILE A 7 -0.41 -1.68 -2.73
N VAL A 8 0.30 -2.31 -3.65
CA VAL A 8 1.44 -1.69 -4.32
C VAL A 8 1.48 -2.04 -5.80
N ALA A 9 2.08 -1.17 -6.60
CA ALA A 9 2.17 -1.39 -8.04
C ALA A 9 3.54 -1.97 -8.41
N VAL A 10 3.57 -2.77 -9.47
CA VAL A 10 4.80 -3.38 -9.94
C VAL A 10 4.83 -3.48 -11.46
N SER A 11 6.00 -3.27 -12.04
CA SER A 11 6.15 -3.34 -13.49
C SER A 11 6.24 -4.79 -13.96
N GLN A 12 6.12 -4.99 -15.27
CA GLN A 12 6.19 -6.32 -15.85
C GLN A 12 7.52 -7.00 -15.54
N ASN A 13 8.53 -6.19 -15.23
CA ASN A 13 9.85 -6.71 -14.91
C ASN A 13 10.05 -6.85 -13.40
N MET A 14 8.94 -6.95 -12.67
CA MET A 14 8.99 -7.09 -11.22
C MET A 14 9.64 -5.86 -10.59
N GLY A 15 9.46 -4.71 -11.22
CA GLY A 15 10.03 -3.48 -10.70
C GLY A 15 9.02 -2.65 -9.93
N ILE A 16 9.50 -1.88 -8.97
CA ILE A 16 8.63 -1.04 -8.16
C ILE A 16 8.90 0.44 -8.41
N GLY A 17 10.17 0.80 -8.53
CA GLY A 17 10.54 2.18 -8.78
C GLY A 17 12.05 2.38 -8.84
N LYS A 18 12.46 3.47 -9.48
CA LYS A 18 13.87 3.78 -9.62
C LYS A 18 14.17 5.20 -9.15
N ASN A 19 15.19 5.35 -8.32
CA ASN A 19 15.58 6.66 -7.81
C ASN A 19 14.45 7.26 -6.95
N GLY A 20 13.67 6.40 -6.33
CA GLY A 20 12.58 6.85 -5.48
C GLY A 20 11.38 7.33 -6.27
N ASP A 21 11.28 6.87 -7.52
CA ASP A 21 10.16 7.26 -8.38
C ASP A 21 9.61 6.06 -9.14
N LEU A 22 8.32 6.11 -9.47
CA LEU A 22 7.67 5.03 -10.19
C LEU A 22 8.23 4.92 -11.61
N PRO A 23 8.32 3.68 -12.14
CA PRO A 23 8.85 3.43 -13.49
C PRO A 23 8.07 4.20 -14.55
N TRP A 24 6.76 4.29 -14.39
CA TRP A 24 5.91 5.00 -15.33
C TRP A 24 5.68 6.44 -14.90
N PRO A 25 5.65 7.38 -15.84
CA PRO A 25 5.43 8.80 -15.54
C PRO A 25 4.15 9.03 -14.77
N PRO A 26 3.82 10.31 -14.47
CA PRO A 26 2.59 10.67 -13.73
C PRO A 26 1.34 10.06 -14.37
N LEU A 27 0.61 9.28 -13.58
CA LEU A 27 -0.61 8.64 -14.07
C LEU A 27 -1.82 9.16 -13.30
N ARG A 28 -2.74 9.80 -14.02
CA ARG A 28 -3.95 10.34 -13.40
C ARG A 28 -4.93 9.21 -13.08
N ASN A 29 -5.04 8.24 -13.97
CA ASN A 29 -5.95 7.12 -13.77
C ASN A 29 -5.49 6.25 -12.60
N GLU A 30 -4.18 6.02 -12.53
CA GLU A 30 -3.61 5.21 -11.45
C GLU A 30 -3.77 5.90 -10.10
N PHE A 31 -3.53 7.20 -10.08
CA PHE A 31 -3.65 7.98 -8.85
C PHE A 31 -5.10 8.07 -8.41
N ARG A 32 -5.98 8.41 -9.33
CA ARG A 32 -7.40 8.52 -9.03
C ARG A 32 -7.99 7.18 -8.65
N TYR A 33 -7.58 6.13 -9.37
CA TYR A 33 -8.07 4.78 -9.10
C TYR A 33 -7.59 4.30 -7.74
N PHE A 34 -6.39 4.74 -7.35
CA PHE A 34 -5.82 4.34 -6.06
C PHE A 34 -6.61 4.95 -4.91
N GLN A 35 -6.89 6.24 -5.00
CA GLN A 35 -7.64 6.94 -3.96
C GLN A 35 -9.05 6.37 -3.83
N ARG A 36 -9.63 5.98 -4.96
CA ARG A 36 -10.97 5.41 -4.97
C ARG A 36 -11.02 4.08 -4.23
N MET A 37 -10.02 3.24 -4.49
CA MET A 37 -9.94 1.93 -3.85
C MET A 37 -9.86 2.07 -2.34
N THR A 38 -8.99 2.96 -1.89
CA THR A 38 -8.80 3.20 -0.46
C THR A 38 -10.04 3.83 0.15
N THR A 39 -10.65 4.76 -0.57
CA THR A 39 -11.85 5.44 -0.10
C THR A 39 -13.02 4.47 0.00
N THR A 40 -13.09 3.52 -0.94
CA THR A 40 -14.16 2.54 -0.95
C THR A 40 -14.03 1.58 0.23
N SER A 41 -14.52 2.00 1.39
CA SER A 41 -14.46 1.19 2.59
C SER A 41 -15.69 0.29 2.70
N SER A 42 -15.53 -0.85 3.35
CA SER A 42 -16.63 -1.80 3.53
C SER A 42 -17.52 -1.39 4.70
N VAL A 43 -16.92 -0.76 5.70
CA VAL A 43 -17.66 -0.31 6.88
C VAL A 43 -17.88 1.20 6.85
N GLU A 44 -19.12 1.62 7.07
CA GLU A 44 -19.46 3.03 7.07
C GLU A 44 -19.29 3.63 8.46
N GLY A 45 -18.74 4.84 8.51
CA GLY A 45 -18.54 5.51 9.79
C GLY A 45 -17.30 5.00 10.52
N LYS A 46 -16.45 4.27 9.81
CA LYS A 46 -15.23 3.74 10.39
C LYS A 46 -14.00 4.47 9.87
N GLN A 47 -12.90 4.37 10.60
CA GLN A 47 -11.65 5.02 10.22
C GLN A 47 -10.56 3.99 9.93
N ASN A 48 -9.87 4.16 8.81
CA ASN A 48 -8.81 3.24 8.43
C ASN A 48 -7.43 3.89 8.63
N LEU A 49 -6.47 3.08 9.06
CA LEU A 49 -5.12 3.58 9.29
C LEU A 49 -4.17 3.10 8.19
N VAL A 50 -3.51 4.05 7.53
CA VAL A 50 -2.58 3.72 6.46
C VAL A 50 -1.13 3.93 6.91
N ILE A 51 -0.24 3.10 6.39
CA ILE A 51 1.18 3.19 6.72
C ILE A 51 2.00 3.63 5.52
N MET A 52 2.90 4.59 5.73
CA MET A 52 3.75 5.10 4.66
C MET A 52 5.19 5.26 5.14
N GLY A 53 6.12 5.29 4.19
CA GLY A 53 7.52 5.43 4.53
C GLY A 53 7.98 6.87 4.47
N LYS A 54 9.20 7.12 4.95
CA LYS A 54 9.76 8.47 4.95
C LYS A 54 9.97 8.97 3.52
N LYS A 55 10.55 8.12 2.67
CA LYS A 55 10.82 8.47 1.29
C LYS A 55 9.51 8.76 0.54
N THR A 56 8.54 7.85 0.68
CA THR A 56 7.26 8.01 0.02
C THR A 56 6.57 9.29 0.46
N TRP A 57 6.56 9.54 1.77
CA TRP A 57 5.93 10.73 2.32
C TRP A 57 6.50 11.99 1.66
N PHE A 58 7.82 12.08 1.58
CA PHE A 58 8.48 13.23 0.96
C PHE A 58 8.24 13.26 -0.54
N SER A 59 7.87 12.10 -1.11
CA SER A 59 7.62 12.00 -2.53
C SER A 59 6.24 12.55 -2.90
N ILE A 60 5.32 12.51 -1.93
CA ILE A 60 3.96 12.99 -2.15
C ILE A 60 3.96 14.52 -2.31
N PRO A 61 3.21 15.03 -3.31
CA PRO A 61 3.12 16.48 -3.55
C PRO A 61 2.25 17.19 -2.53
N GLU A 62 2.43 18.51 -2.42
CA GLU A 62 1.66 19.31 -1.48
C GLU A 62 0.21 19.43 -1.92
N LYS A 63 -0.03 19.28 -3.23
CA LYS A 63 -1.37 19.37 -3.78
C LYS A 63 -2.32 18.39 -3.07
N ASN A 64 -1.79 17.25 -2.67
CA ASN A 64 -2.58 16.23 -1.99
C ASN A 64 -2.24 16.18 -0.50
N ARG A 65 -0.97 16.46 -0.19
CA ARG A 65 -0.52 16.44 1.19
C ARG A 65 -0.80 17.78 1.87
N PRO A 66 -1.19 17.76 3.17
CA PRO A 66 -1.45 16.53 3.92
C PRO A 66 -2.74 15.85 3.48
N LEU A 67 -2.70 14.52 3.37
CA LEU A 67 -3.88 13.76 2.97
C LEU A 67 -4.97 13.81 4.04
N LYS A 68 -6.19 13.48 3.65
CA LYS A 68 -7.32 13.49 4.57
C LYS A 68 -8.24 12.30 4.33
N GLY A 69 -9.11 12.02 5.29
CA GLY A 69 -10.03 10.91 5.15
C GLY A 69 -9.52 9.66 5.84
N ARG A 70 -8.22 9.44 5.78
CA ARG A 70 -7.60 8.27 6.40
C ARG A 70 -6.43 8.67 7.29
N ILE A 71 -6.22 7.91 8.36
CA ILE A 71 -5.12 8.19 9.28
C ILE A 71 -3.77 7.88 8.64
N ASN A 72 -2.88 8.87 8.62
CA ASN A 72 -1.55 8.70 8.04
C ASN A 72 -0.55 8.27 9.10
N LEU A 73 0.22 7.24 8.80
CA LEU A 73 1.23 6.73 9.72
C LEU A 73 2.58 6.59 9.03
N VAL A 74 3.60 7.23 9.59
CA VAL A 74 4.94 7.18 9.03
C VAL A 74 5.86 6.31 9.88
N LEU A 75 6.64 5.47 9.22
CA LEU A 75 7.57 4.58 9.92
C LEU A 75 9.02 5.02 9.71
N SER A 76 9.66 5.42 10.79
CA SER A 76 11.06 5.87 10.73
C SER A 76 11.72 5.76 12.10
N ARG A 77 12.96 5.30 12.11
CA ARG A 77 13.73 5.16 13.35
C ARG A 77 14.69 6.32 13.55
N GLU A 78 15.10 6.93 12.45
CA GLU A 78 16.04 8.06 12.50
C GLU A 78 15.36 9.29 13.12
N LEU A 79 14.09 9.48 12.81
CA LEU A 79 13.34 10.61 13.34
C LEU A 79 12.68 10.26 14.67
N LYS A 80 12.67 11.20 15.59
CA LYS A 80 12.07 11.00 16.91
C LYS A 80 10.69 11.63 16.97
N GLU A 81 10.52 12.73 16.25
CA GLU A 81 9.24 13.45 16.23
C GLU A 81 8.52 13.23 14.89
N PRO A 82 7.19 13.02 14.92
CA PRO A 82 6.40 12.80 13.70
C PRO A 82 6.39 14.03 12.80
N PRO A 83 6.46 13.84 11.47
CA PRO A 83 6.45 14.94 10.51
C PRO A 83 5.06 15.56 10.35
N GLN A 84 5.02 16.82 9.95
CA GLN A 84 3.76 17.53 9.77
C GLN A 84 2.91 16.84 8.70
N GLY A 85 1.61 16.73 8.98
CA GLY A 85 0.70 16.10 8.04
C GLY A 85 0.37 14.67 8.43
N ALA A 86 1.26 14.05 9.20
CA ALA A 86 1.04 12.67 9.63
C ALA A 86 0.23 12.62 10.92
N HIS A 87 -0.46 11.51 11.15
CA HIS A 87 -1.28 11.34 12.34
C HIS A 87 -0.47 10.72 13.47
N PHE A 88 0.45 9.83 13.12
CA PHE A 88 1.29 9.16 14.11
C PHE A 88 2.57 8.64 13.47
N LEU A 89 3.62 8.52 14.29
CA LEU A 89 4.91 8.04 13.81
C LEU A 89 5.39 6.85 14.65
N SER A 90 5.77 5.76 13.98
CA SER A 90 6.24 4.57 14.67
C SER A 90 7.71 4.31 14.33
N ARG A 91 8.41 3.64 15.23
CA ARG A 91 9.81 3.31 15.02
C ARG A 91 9.97 1.98 14.29
N SER A 92 9.07 1.04 14.58
CA SER A 92 9.10 -0.27 13.94
C SER A 92 7.70 -0.75 13.61
N LEU A 93 7.61 -1.81 12.81
CA LEU A 93 6.32 -2.36 12.42
C LEU A 93 5.57 -2.92 13.63
N ASP A 94 6.31 -3.53 14.55
CA ASP A 94 5.72 -4.09 15.75
C ASP A 94 5.02 -3.02 16.57
N ASP A 95 5.66 -1.86 16.70
CA ASP A 95 5.09 -0.75 17.45
C ASP A 95 3.81 -0.24 16.79
N ALA A 96 3.87 -0.02 15.49
CA ALA A 96 2.72 0.47 14.74
C ALA A 96 1.58 -0.54 14.77
N LEU A 97 1.93 -1.82 14.76
CA LEU A 97 0.93 -2.89 14.78
C LEU A 97 0.24 -2.94 16.13
N LYS A 98 1.01 -2.80 17.20
CA LYS A 98 0.45 -2.83 18.55
C LYS A 98 -0.48 -1.66 18.78
N LEU A 99 -0.08 -0.48 18.31
CA LEU A 99 -0.88 0.72 18.47
C LEU A 99 -2.21 0.59 17.74
N THR A 100 -2.15 0.10 16.51
CA THR A 100 -3.35 -0.09 15.69
C THR A 100 -4.17 -1.26 16.21
N GLU A 101 -3.50 -2.26 16.76
CA GLU A 101 -4.18 -3.44 17.29
C GLU A 101 -4.56 -3.25 18.76
N GLN A 102 -4.16 -2.12 19.34
CA GLN A 102 -4.48 -1.83 20.74
C GLN A 102 -5.98 -1.65 20.92
N PRO A 103 -6.50 -1.99 22.12
CA PRO A 103 -7.93 -1.86 22.42
C PRO A 103 -8.38 -0.40 22.48
N GLU A 104 -7.45 0.48 22.83
CA GLU A 104 -7.75 1.90 22.92
C GLU A 104 -7.88 2.53 21.54
N LEU A 105 -7.14 1.98 20.58
CA LEU A 105 -7.17 2.48 19.20
C LEU A 105 -8.10 1.64 18.34
N ALA A 106 -8.27 0.37 18.71
CA ALA A 106 -9.14 -0.53 17.97
C ALA A 106 -10.55 0.03 17.85
N ASN A 107 -10.92 0.92 18.76
CA ASN A 107 -12.24 1.53 18.74
C ASN A 107 -12.38 2.51 17.58
N LYS A 108 -11.27 3.12 17.19
CA LYS A 108 -11.26 4.08 16.09
C LYS A 108 -10.70 3.43 14.82
N VAL A 109 -9.77 2.51 14.99
CA VAL A 109 -9.15 1.82 13.87
C VAL A 109 -9.63 0.38 13.78
N ASP A 110 -9.71 -0.14 12.55
CA ASP A 110 -10.15 -1.51 12.33
C ASP A 110 -9.31 -2.18 11.26
N MET A 111 -9.17 -1.52 10.12
CA MET A 111 -8.38 -2.06 9.01
C MET A 111 -7.14 -1.21 8.77
N VAL A 112 -6.12 -1.84 8.18
CA VAL A 112 -4.86 -1.16 7.89
C VAL A 112 -4.55 -1.18 6.40
N TRP A 113 -3.88 -0.14 5.92
CA TRP A 113 -3.53 -0.05 4.50
C TRP A 113 -2.06 0.30 4.33
N ILE A 114 -1.34 -0.53 3.58
CA ILE A 114 0.09 -0.31 3.34
C ILE A 114 0.32 0.25 1.94
N VAL A 115 1.01 1.38 1.87
CA VAL A 115 1.30 2.01 0.58
C VAL A 115 2.80 2.22 0.39
N GLY A 116 3.59 1.24 0.80
CA GLY A 116 5.04 1.34 0.67
C GLY A 116 5.70 1.83 1.93
N GLY A 117 7.04 1.83 1.96
CA GLY A 117 7.82 1.39 0.82
C GLY A 117 8.02 -0.12 0.80
N SER A 118 9.10 -0.56 0.15
CA SER A 118 9.40 -1.98 0.05
C SER A 118 9.71 -2.56 1.43
N SER A 119 10.40 -1.79 2.27
CA SER A 119 10.76 -2.23 3.61
C SER A 119 9.50 -2.60 4.40
N VAL A 120 8.48 -1.74 4.32
CA VAL A 120 7.23 -1.98 5.02
C VAL A 120 6.51 -3.21 4.47
N TYR A 121 6.55 -3.36 3.15
CA TYR A 121 5.91 -4.49 2.49
C TYR A 121 6.59 -5.80 2.85
N LYS A 122 7.92 -5.75 2.98
CA LYS A 122 8.70 -6.93 3.31
C LYS A 122 8.32 -7.44 4.70
N GLU A 123 8.33 -6.54 5.68
CA GLU A 123 8.00 -6.90 7.05
C GLU A 123 6.59 -7.47 7.14
N ALA A 124 5.64 -6.77 6.52
CA ALA A 124 4.25 -7.21 6.53
C ALA A 124 4.10 -8.58 5.87
N MET A 125 4.94 -8.85 4.89
CA MET A 125 4.90 -10.13 4.17
C MET A 125 5.34 -11.28 5.08
N ASN A 126 5.95 -10.95 6.21
CA ASN A 126 6.42 -11.97 7.16
C ASN A 126 5.38 -12.21 8.25
N HIS A 127 4.13 -11.85 7.98
CA HIS A 127 3.05 -12.05 8.94
C HIS A 127 2.53 -13.49 8.89
N PRO A 128 2.25 -14.08 10.06
CA PRO A 128 1.75 -15.47 10.14
C PRO A 128 0.27 -15.56 9.78
N GLY A 129 -0.51 -14.57 10.21
CA GLY A 129 -1.93 -14.56 9.93
C GLY A 129 -2.24 -14.19 8.49
N HIS A 130 -3.50 -14.35 8.11
CA HIS A 130 -3.93 -14.02 6.75
C HIS A 130 -3.73 -12.53 6.45
N LEU A 131 -3.28 -12.24 5.24
CA LEU A 131 -3.04 -10.86 4.83
C LEU A 131 -3.37 -10.67 3.36
N LYS A 132 -3.87 -9.48 3.01
CA LYS A 132 -4.23 -9.16 1.64
C LYS A 132 -3.14 -8.33 0.97
N LEU A 133 -2.71 -8.77 -0.21
CA LEU A 133 -1.67 -8.07 -0.95
C LEU A 133 -2.13 -7.77 -2.39
N PHE A 134 -2.39 -6.50 -2.66
CA PHE A 134 -2.84 -6.08 -3.99
C PHE A 134 -1.65 -5.62 -4.84
N VAL A 135 -1.36 -6.38 -5.89
CA VAL A 135 -0.25 -6.05 -6.79
C VAL A 135 -0.76 -5.64 -8.16
N THR A 136 -0.23 -4.53 -8.67
CA THR A 136 -0.62 -4.03 -9.99
C THR A 136 0.47 -4.30 -11.02
N ARG A 137 0.15 -5.12 -12.02
CA ARG A 137 1.09 -5.46 -13.06
C ARG A 137 1.03 -4.45 -14.21
N ILE A 138 2.15 -3.82 -14.50
CA ILE A 138 2.22 -2.83 -15.58
C ILE A 138 2.86 -3.43 -16.83
N MET A 139 2.06 -3.55 -17.89
CA MET A 139 2.55 -4.11 -19.15
C MET A 139 3.42 -3.10 -19.89
N GLN A 140 4.66 -2.97 -19.45
CA GLN A 140 5.60 -2.04 -20.07
C GLN A 140 6.99 -2.19 -19.47
N ASP A 141 8.00 -2.20 -20.34
CA ASP A 141 9.38 -2.34 -19.90
C ASP A 141 9.92 -1.01 -19.37
N PHE A 142 10.51 -1.05 -18.17
CA PHE A 142 11.07 0.14 -17.56
C PHE A 142 12.29 -0.20 -16.71
N GLU A 143 13.13 0.80 -16.48
CA GLU A 143 14.34 0.60 -15.68
C GLU A 143 14.02 0.70 -14.19
N SER A 144 14.42 -0.31 -13.44
CA SER A 144 14.18 -0.34 -12.00
C SER A 144 15.35 -0.99 -11.26
N ASP A 145 15.67 -0.45 -10.09
CA ASP A 145 16.78 -0.97 -9.29
C ASP A 145 16.27 -1.92 -8.22
N THR A 146 15.07 -1.65 -7.71
CA THR A 146 14.47 -2.47 -6.67
C THR A 146 13.49 -3.48 -7.28
N PHE A 147 13.79 -4.76 -7.11
CA PHE A 147 12.95 -5.82 -7.63
C PHE A 147 12.03 -6.39 -6.55
N PHE A 148 10.85 -6.85 -6.95
CA PHE A 148 9.89 -7.41 -6.00
C PHE A 148 10.12 -8.90 -5.83
N PRO A 149 10.02 -9.41 -4.58
CA PRO A 149 10.23 -10.83 -4.29
C PRO A 149 9.12 -11.70 -4.87
N GLU A 150 9.50 -12.87 -5.38
CA GLU A 150 8.53 -13.79 -5.96
C GLU A 150 7.61 -14.37 -4.88
N ILE A 151 6.32 -14.08 -5.01
CA ILE A 151 5.33 -14.56 -4.05
C ILE A 151 5.01 -16.04 -4.29
N ASP A 152 5.27 -16.86 -3.29
CA ASP A 152 5.01 -18.29 -3.38
C ASP A 152 3.52 -18.56 -3.58
N LEU A 153 3.19 -19.33 -4.61
CA LEU A 153 1.81 -19.67 -4.90
C LEU A 153 1.28 -20.73 -3.94
N GLU A 154 2.19 -21.54 -3.40
CA GLU A 154 1.82 -22.60 -2.48
C GLU A 154 1.25 -22.02 -1.18
N LYS A 155 1.71 -20.83 -0.82
CA LYS A 155 1.24 -20.16 0.39
C LYS A 155 0.23 -19.07 0.06
N TYR A 156 0.48 -18.35 -1.03
CA TYR A 156 -0.41 -17.28 -1.45
C TYR A 156 -1.33 -17.75 -2.57
N LYS A 157 -2.53 -17.17 -2.62
CA LYS A 157 -3.51 -17.53 -3.63
C LYS A 157 -3.66 -16.41 -4.67
N LEU A 158 -3.63 -16.78 -5.95
CA LEU A 158 -3.76 -15.82 -7.03
C LEU A 158 -5.23 -15.49 -7.28
N LEU A 159 -5.58 -14.22 -7.13
CA LEU A 159 -6.95 -13.77 -7.35
C LEU A 159 -7.04 -12.82 -8.55
N PRO A 160 -7.26 -13.37 -9.76
CA PRO A 160 -7.35 -12.56 -10.99
C PRO A 160 -8.42 -11.48 -10.87
N GLU A 161 -9.67 -11.90 -10.70
CA GLU A 161 -10.79 -10.97 -10.58
C GLU A 161 -11.31 -10.93 -9.14
N TYR A 162 -11.28 -9.74 -8.55
CA TYR A 162 -11.76 -9.57 -7.18
C TYR A 162 -12.87 -8.51 -7.12
N PRO A 163 -13.92 -8.75 -6.32
CA PRO A 163 -15.03 -7.81 -6.18
C PRO A 163 -14.58 -6.46 -5.62
N GLY A 164 -15.11 -5.38 -6.20
CA GLY A 164 -14.75 -4.05 -5.74
C GLY A 164 -13.64 -3.43 -6.57
N VAL A 165 -12.79 -4.27 -7.15
CA VAL A 165 -11.69 -3.80 -7.97
C VAL A 165 -11.91 -4.16 -9.44
N LEU A 166 -11.56 -3.24 -10.33
CA LEU A 166 -11.73 -3.45 -11.76
C LEU A 166 -10.79 -4.56 -12.25
N SER A 167 -11.26 -5.31 -13.24
CA SER A 167 -10.46 -6.40 -13.80
C SER A 167 -9.97 -6.05 -15.21
N ASP A 168 -10.70 -5.19 -15.89
CA ASP A 168 -10.33 -4.78 -17.24
C ASP A 168 -8.99 -4.05 -17.24
N VAL A 169 -8.24 -4.22 -18.32
CA VAL A 169 -6.93 -3.58 -18.44
C VAL A 169 -7.07 -2.06 -18.59
N GLN A 170 -6.42 -1.33 -17.70
CA GLN A 170 -6.47 0.13 -17.73
C GLN A 170 -5.34 0.70 -18.59
N GLU A 171 -5.65 1.74 -19.35
CA GLU A 171 -4.66 2.38 -20.22
C GLU A 171 -4.63 3.88 -19.99
N GLU A 172 -3.44 4.40 -19.67
CA GLU A 172 -3.27 5.83 -19.43
C GLU A 172 -1.94 6.32 -20.00
N LYS A 173 -2.00 7.36 -20.82
CA LYS A 173 -0.81 7.93 -21.43
C LYS A 173 -0.07 6.88 -22.26
N GLY A 174 -0.83 5.96 -22.84
CA GLY A 174 -0.24 4.92 -23.66
C GLY A 174 0.37 3.80 -22.83
N ILE A 175 0.00 3.74 -21.56
CA ILE A 175 0.52 2.71 -20.66
C ILE A 175 -0.60 1.78 -20.19
N LYS A 176 -0.51 0.51 -20.60
CA LYS A 176 -1.51 -0.47 -20.22
C LYS A 176 -1.04 -1.30 -19.02
N TYR A 177 -1.96 -1.58 -18.10
CA TYR A 177 -1.63 -2.36 -16.91
C TYR A 177 -2.87 -3.07 -16.38
N LYS A 178 -2.65 -4.18 -15.68
CA LYS A 178 -3.74 -4.96 -15.11
C LYS A 178 -3.66 -4.99 -13.59
N PHE A 179 -4.81 -5.17 -12.94
CA PHE A 179 -4.86 -5.22 -11.49
C PHE A 179 -5.02 -6.66 -11.00
N GLU A 180 -4.10 -7.09 -10.14
CA GLU A 180 -4.14 -8.45 -9.60
C GLU A 180 -4.20 -8.42 -8.08
N VAL A 181 -4.92 -9.38 -7.50
CA VAL A 181 -5.06 -9.46 -6.06
C VAL A 181 -4.42 -10.73 -5.52
N TYR A 182 -3.67 -10.60 -4.44
CA TYR A 182 -3.00 -11.75 -3.82
C TYR A 182 -3.40 -11.90 -2.36
N GLU A 183 -3.78 -13.11 -1.98
CA GLU A 183 -4.19 -13.38 -0.60
C GLU A 183 -3.31 -14.47 0.02
N LYS A 184 -3.10 -14.39 1.32
CA LYS A 184 -2.29 -15.36 2.03
C LYS A 184 -3.17 -16.36 2.78
N ASN A 185 -3.10 -17.62 2.36
CA ASN A 185 -3.88 -18.68 2.98
C ASN A 185 -3.00 -19.62 3.78
N ASP A 186 -3.50 -20.06 4.93
CA ASP A 186 -2.75 -20.96 5.80
C ASP A 186 -3.61 -21.45 6.96
PA NDP B . 14.19 3.11 1.52
O1A NDP B . 14.45 4.29 2.36
O2A NDP B . 15.27 2.69 0.60
O5B NDP B . 13.65 1.89 2.37
C5B NDP B . 12.49 2.04 3.22
C4B NDP B . 12.86 2.82 4.46
O4B NDP B . 11.67 3.04 5.27
C3B NDP B . 13.83 2.13 5.40
O3B NDP B . 15.19 2.36 5.00
C2B NDP B . 13.52 2.80 6.74
O2B NDP B . 14.15 4.06 6.88
C1B NDP B . 12.01 2.97 6.64
N9A NDP B . 11.26 1.87 7.25
C8A NDP B . 10.55 0.88 6.60
N7A NDP B . 9.99 0.02 7.41
C5A NDP B . 10.34 0.47 8.67
C6A NDP B . 10.06 -0.01 9.97
N6A NDP B . 9.32 -1.09 10.21
N1A NDP B . 10.57 0.67 11.02
C2A NDP B . 11.32 1.76 10.77
N3A NDP B . 11.65 2.31 9.61
C4A NDP B . 11.13 1.61 8.58
O3 NDP B . 12.84 3.40 0.62
PN NDP B . 11.39 2.64 0.42
O1N NDP B . 11.56 1.22 0.80
O2N NDP B . 10.35 3.42 1.12
O5D NDP B . 11.28 2.81 -1.16
C5D NDP B . 10.32 2.06 -1.92
C4D NDP B . 10.45 2.36 -3.39
O4D NDP B . 9.54 1.53 -4.15
C3D NDP B . 10.10 3.78 -3.80
O3D NDP B . 11.21 4.66 -3.62
C2D NDP B . 9.74 3.62 -5.26
O2D NDP B . 10.87 3.59 -6.13
C1D NDP B . 9.03 2.26 -5.26
N1N NDP B . 7.58 2.36 -5.13
C2N NDP B . 6.63 1.91 -5.93
C3N NDP B . 5.35 2.02 -5.76
C7N NDP B . 4.64 1.41 -6.84
O7N NDP B . 3.37 1.57 -6.54
N7N NDP B . 5.10 0.77 -7.95
C4N NDP B . 4.87 2.73 -4.52
C5N NDP B . 5.86 3.24 -3.61
C6N NDP B . 7.22 3.10 -3.83
P2B NDP B . 14.11 5.07 8.21
O1X NDP B . 15.65 5.09 8.52
O2X NDP B . 13.71 6.39 7.53
O3X NDP B . 13.39 4.18 9.22
H51A NDP B . 12.11 1.06 3.50
H52A NDP B . 11.71 2.58 2.67
H4B NDP B . 13.30 3.78 4.20
H3B NDP B . 13.65 1.06 5.46
HO3A NDP B . 15.78 2.01 5.66
H2B NDP B . 13.79 2.18 7.58
H1B NDP B . 11.66 3.87 7.15
H8A NDP B . 10.47 0.82 5.52
H61A NDP B . 9.15 -1.38 11.17
H62A NDP B . 8.95 -1.63 9.44
H2A NDP B . 11.70 2.27 11.66
H51N NDP B . 10.49 0.99 -1.76
H52N NDP B . 9.31 2.30 -1.59
H4D NDP B . 11.47 2.18 -3.74
H3D NDP B . 9.23 4.17 -3.24
HO3N NDP B . 12.00 4.23 -3.93
H2D NDP B . 9.07 4.40 -5.62
HO2N NDP B . 11.37 4.41 -6.05
H1D NDP B . 9.22 1.70 -6.18
H2N NDP B . 6.94 1.39 -6.83
H71N NDP B . 4.45 0.37 -8.62
H72N NDP B . 6.09 0.72 -8.13
H41N NDP B . 4.28 3.59 -4.85
H42N NDP B . 4.27 2.02 -3.96
H5N NDP B . 5.53 3.76 -2.69
H6N NDP B . 7.98 3.48 -3.14
N1 TRR C . 0.73 3.12 -6.45
C2 TRR C . 0.33 1.90 -5.97
N2 TRR C . -0.32 1.01 -6.78
N3 TRR C . 0.61 1.56 -4.66
C4 TRR C . 1.27 2.45 -3.83
N4 TRR C . 1.54 2.10 -2.52
C5 TRR C . 1.66 3.68 -4.32
C6 TRR C . 1.39 4.02 -5.64
C7 TRR C . 2.38 4.66 -3.43
C11 TRR C . 2.16 6.10 -3.82
C12 TRR C . 3.20 6.83 -4.39
C13 TRR C . 2.99 8.17 -4.75
C14 TRR C . 1.74 8.76 -4.55
C15 TRR C . 0.70 8.01 -3.98
C16 TRR C . 0.91 6.69 -3.61
O13 TRR C . 4.01 8.92 -5.32
O14 TRR C . 1.53 10.07 -4.91
O15 TRR C . -0.54 8.61 -3.80
C17 TRR C . 5.28 8.32 -5.51
C18 TRR C . 1.13 10.97 -3.92
C19 TRR C . -1.59 7.86 -3.22
H1 TRR C . 0.53 3.37 -7.40
H21 TRR C . -0.52 1.24 -7.72
H22 TRR C . -0.61 0.12 -6.44
H41 TRR C . 1.25 1.21 -2.18
H42 TRR C . 2.01 2.72 -1.92
H6 TRR C . 1.70 5.00 -6.03
H71 TRR C . 3.46 4.44 -3.46
H72 TRR C . 2.03 4.53 -2.40
H12 TRR C . 4.18 6.36 -4.54
H16 TRR C . 0.10 6.10 -3.18
H171 TRR C . 5.62 7.82 -4.61
H172 TRR C . 6.03 9.06 -5.77
H173 TRR C . 5.25 7.59 -6.31
H181 TRR C . 1.98 11.45 -3.45
H182 TRR C . 0.57 10.46 -3.13
H183 TRR C . 0.49 11.76 -4.33
H191 TRR C . -1.90 7.05 -3.88
H192 TRR C . -2.46 8.48 -3.03
H193 TRR C . -1.29 7.41 -2.28
N VAL A 1 -11.80 -6.31 13.01
CA VAL A 1 -10.59 -5.46 13.06
C VAL A 1 -9.32 -6.31 12.98
N GLY A 2 -8.23 -5.68 12.54
CA GLY A 2 -6.97 -6.39 12.42
C GLY A 2 -6.73 -6.91 11.01
N SER A 3 -7.32 -6.24 10.03
CA SER A 3 -7.17 -6.65 8.63
C SER A 3 -6.18 -5.73 7.91
N LEU A 4 -5.03 -6.31 7.54
CA LEU A 4 -4.00 -5.54 6.83
C LEU A 4 -4.03 -5.84 5.34
N ASN A 5 -4.27 -4.80 4.54
CA ASN A 5 -4.33 -4.96 3.10
C ASN A 5 -3.15 -4.25 2.43
N CYS A 6 -2.42 -4.98 1.60
CA CYS A 6 -1.25 -4.44 0.90
C CYS A 6 -1.62 -4.07 -0.54
N ILE A 7 -1.10 -2.94 -1.01
CA ILE A 7 -1.37 -2.49 -2.36
C ILE A 7 -0.19 -1.71 -2.93
N VAL A 8 0.42 -2.26 -3.98
CA VAL A 8 1.57 -1.61 -4.62
C VAL A 8 1.60 -1.92 -6.11
N ALA A 9 2.05 -0.95 -6.91
CA ALA A 9 2.13 -1.13 -8.35
C ALA A 9 3.54 -1.53 -8.78
N VAL A 10 3.62 -2.47 -9.71
CA VAL A 10 4.91 -2.96 -10.21
C VAL A 10 4.92 -3.01 -11.73
N SER A 11 6.11 -2.92 -12.32
CA SER A 11 6.26 -2.96 -13.77
C SER A 11 6.39 -4.40 -14.25
N GLN A 12 6.29 -4.58 -15.57
CA GLN A 12 6.41 -5.90 -16.17
C GLN A 12 7.76 -6.54 -15.89
N ASN A 13 8.74 -5.70 -15.53
CA ASN A 13 10.08 -6.19 -15.23
C ASN A 13 10.27 -6.42 -13.73
N MET A 14 9.16 -6.65 -13.03
CA MET A 14 9.20 -6.89 -11.59
C MET A 14 9.78 -5.69 -10.85
N GLY A 15 9.59 -4.50 -11.42
CA GLY A 15 10.10 -3.29 -10.80
C GLY A 15 9.02 -2.52 -10.07
N ILE A 16 9.43 -1.71 -9.09
CA ILE A 16 8.49 -0.93 -8.30
C ILE A 16 8.72 0.57 -8.50
N GLY A 17 9.98 0.97 -8.49
CA GLY A 17 10.31 2.38 -8.67
C GLY A 17 11.80 2.61 -8.78
N LYS A 18 12.17 3.80 -9.26
CA LYS A 18 13.57 4.16 -9.41
C LYS A 18 13.87 5.50 -8.76
N ASN A 19 14.89 5.53 -7.90
CA ASN A 19 15.28 6.75 -7.21
C ASN A 19 14.14 7.23 -6.29
N GLY A 20 13.33 6.30 -5.82
CA GLY A 20 12.22 6.65 -4.95
C GLY A 20 11.04 7.23 -5.69
N ASP A 21 10.96 6.95 -7.00
CA ASP A 21 9.86 7.46 -7.81
C ASP A 21 9.47 6.43 -8.88
N LEU A 22 8.20 6.46 -9.26
CA LEU A 22 7.68 5.54 -10.28
C LEU A 22 8.28 5.85 -11.65
N PRO A 23 8.58 4.81 -12.45
CA PRO A 23 9.15 4.98 -13.79
C PRO A 23 8.13 5.50 -14.79
N TRP A 24 6.92 4.95 -14.73
CA TRP A 24 5.86 5.37 -15.64
C TRP A 24 5.33 6.76 -15.28
N PRO A 25 4.97 7.57 -16.30
CA PRO A 25 4.45 8.92 -16.07
C PRO A 25 3.27 8.93 -15.11
N PRO A 26 2.89 10.12 -14.60
CA PRO A 26 1.77 10.27 -13.67
C PRO A 26 0.49 9.62 -14.19
N LEU A 27 -0.03 8.65 -13.45
CA LEU A 27 -1.25 7.96 -13.84
C LEU A 27 -2.43 8.41 -12.99
N ARG A 28 -3.30 9.22 -13.56
CA ARG A 28 -4.48 9.73 -12.86
C ARG A 28 -5.43 8.58 -12.50
N ASN A 29 -5.56 7.63 -13.42
CA ASN A 29 -6.44 6.48 -13.20
C ASN A 29 -5.95 5.64 -12.03
N GLU A 30 -4.63 5.51 -11.91
CA GLU A 30 -4.04 4.73 -10.83
C GLU A 30 -4.12 5.48 -9.50
N PHE A 31 -3.83 6.78 -9.55
CA PHE A 31 -3.87 7.61 -8.35
C PHE A 31 -5.29 7.72 -7.81
N ARG A 32 -6.23 8.04 -8.69
CA ARG A 32 -7.63 8.18 -8.31
C ARG A 32 -8.17 6.86 -7.79
N TYR A 33 -7.90 5.78 -8.53
CA TYR A 33 -8.37 4.45 -8.15
C TYR A 33 -7.80 4.04 -6.80
N PHE A 34 -6.58 4.50 -6.51
CA PHE A 34 -5.93 4.17 -5.24
C PHE A 34 -6.65 4.82 -4.07
N GLN A 35 -6.92 6.12 -4.21
CA GLN A 35 -7.61 6.87 -3.15
C GLN A 35 -9.06 6.42 -3.04
N ARG A 36 -9.69 6.16 -4.17
CA ARG A 36 -11.08 5.73 -4.19
C ARG A 36 -11.25 4.40 -3.46
N MET A 37 -10.34 3.48 -3.72
CA MET A 37 -10.39 2.16 -3.07
C MET A 37 -10.13 2.27 -1.58
N THR A 38 -9.21 3.15 -1.20
CA THR A 38 -8.87 3.35 0.21
C THR A 38 -9.96 4.15 0.92
N THR A 39 -10.48 5.15 0.23
CA THR A 39 -11.53 6.00 0.80
C THR A 39 -12.81 5.19 1.03
N THR A 40 -13.12 4.30 0.11
CA THR A 40 -14.32 3.47 0.21
C THR A 40 -14.18 2.48 1.36
N SER A 41 -14.88 2.75 2.45
CA SER A 41 -14.84 1.88 3.62
C SER A 41 -16.00 0.88 3.59
N SER A 42 -15.70 -0.37 3.92
CA SER A 42 -16.72 -1.42 3.93
C SER A 42 -17.76 -1.16 5.02
N VAL A 43 -17.32 -0.56 6.12
CA VAL A 43 -18.21 -0.25 7.23
C VAL A 43 -18.33 1.26 7.44
N GLU A 44 -19.55 1.72 7.69
CA GLU A 44 -19.81 3.13 7.91
C GLU A 44 -19.56 3.52 9.36
N GLY A 45 -18.96 4.69 9.56
CA GLY A 45 -18.67 5.15 10.91
C GLY A 45 -17.29 4.75 11.39
N LYS A 46 -16.44 4.31 10.46
CA LYS A 46 -15.09 3.89 10.81
C LYS A 46 -14.05 4.61 9.94
N GLN A 47 -12.81 4.63 10.40
CA GLN A 47 -11.73 5.29 9.67
C GLN A 47 -10.70 4.27 9.20
N ASN A 48 -10.02 4.58 8.10
CA ASN A 48 -9.00 3.69 7.55
C ASN A 48 -7.60 4.25 7.82
N LEU A 49 -6.68 3.36 8.19
CA LEU A 49 -5.30 3.76 8.47
C LEU A 49 -4.37 3.27 7.37
N VAL A 50 -3.44 4.12 6.95
CA VAL A 50 -2.49 3.78 5.91
C VAL A 50 -1.05 3.90 6.42
N ILE A 51 -0.20 2.97 5.99
CA ILE A 51 1.19 2.96 6.40
C ILE A 51 2.11 3.26 5.22
N MET A 52 2.99 4.24 5.39
CA MET A 52 3.92 4.62 4.33
C MET A 52 5.32 4.85 4.90
N GLY A 53 6.32 4.77 4.03
CA GLY A 53 7.70 4.96 4.44
C GLY A 53 8.14 6.40 4.32
N LYS A 54 9.33 6.70 4.83
CA LYS A 54 9.87 8.05 4.77
C LYS A 54 10.01 8.52 3.33
N LYS A 55 10.44 7.62 2.46
CA LYS A 55 10.62 7.94 1.05
C LYS A 55 9.29 8.31 0.40
N THR A 56 8.27 7.48 0.61
CA THR A 56 6.96 7.73 0.06
C THR A 56 6.38 9.04 0.57
N TRP A 57 6.54 9.29 1.86
CA TRP A 57 6.04 10.52 2.48
C TRP A 57 6.65 11.75 1.81
N PHE A 58 7.97 11.75 1.67
CA PHE A 58 8.67 12.86 1.04
C PHE A 58 8.39 12.92 -0.46
N SER A 59 7.89 11.83 -1.02
CA SER A 59 7.59 11.76 -2.44
C SER A 59 6.24 12.42 -2.74
N ILE A 60 5.32 12.33 -1.79
CA ILE A 60 4.00 12.92 -1.96
C ILE A 60 4.05 14.45 -1.86
N PRO A 61 3.50 15.17 -2.85
CA PRO A 61 3.50 16.63 -2.85
C PRO A 61 2.89 17.21 -1.57
N GLU A 62 3.24 18.46 -1.28
CA GLU A 62 2.73 19.14 -0.09
C GLU A 62 1.28 19.57 -0.28
N LYS A 63 0.92 19.87 -1.52
CA LYS A 63 -0.43 20.31 -1.85
C LYS A 63 -1.46 19.25 -1.44
N ASN A 64 -1.05 17.98 -1.49
CA ASN A 64 -1.93 16.88 -1.12
C ASN A 64 -1.72 16.46 0.33
N ARG A 65 -0.51 16.66 0.83
CA ARG A 65 -0.19 16.30 2.21
C ARG A 65 -0.66 17.39 3.18
N PRO A 66 -1.24 17.00 4.33
CA PRO A 66 -1.61 15.61 4.61
C PRO A 66 -2.77 15.14 3.76
N LEU A 67 -2.76 13.85 3.40
CA LEU A 67 -3.81 13.27 2.58
C LEU A 67 -5.10 13.11 3.39
N LYS A 68 -5.98 14.11 3.31
CA LYS A 68 -7.24 14.07 4.03
C LYS A 68 -8.08 12.87 3.61
N GLY A 69 -9.03 12.50 4.46
CA GLY A 69 -9.88 11.36 4.16
C GLY A 69 -9.41 10.09 4.82
N ARG A 70 -8.10 9.98 5.03
CA ARG A 70 -7.51 8.80 5.64
C ARG A 70 -6.35 9.19 6.55
N ILE A 71 -6.07 8.35 7.54
CA ILE A 71 -4.98 8.60 8.48
C ILE A 71 -3.64 8.21 7.87
N ASN A 72 -2.72 9.17 7.79
CA ASN A 72 -1.40 8.92 7.23
C ASN A 72 -0.39 8.59 8.33
N LEU A 73 0.18 7.40 8.28
CA LEU A 73 1.16 6.97 9.27
C LEU A 73 2.50 6.66 8.61
N VAL A 74 3.57 7.20 9.20
CA VAL A 74 4.91 6.98 8.66
C VAL A 74 5.71 6.03 9.54
N LEU A 75 6.51 5.18 8.90
CA LEU A 75 7.32 4.22 9.62
C LEU A 75 8.80 4.55 9.50
N SER A 76 9.39 5.06 10.58
CA SER A 76 10.80 5.42 10.59
C SER A 76 11.43 5.13 11.95
N ARG A 77 12.51 4.36 11.93
CA ARG A 77 13.20 4.01 13.17
C ARG A 77 14.33 5.00 13.47
N GLU A 78 14.94 5.53 12.41
CA GLU A 78 16.02 6.49 12.56
C GLU A 78 15.53 7.79 13.18
N LEU A 79 14.28 8.14 12.87
CA LEU A 79 13.69 9.38 13.40
C LEU A 79 13.02 9.11 14.75
N LYS A 80 13.13 10.09 15.65
CA LYS A 80 12.54 9.96 16.97
C LYS A 80 11.18 10.66 17.03
N GLU A 81 11.05 11.75 16.28
CA GLU A 81 9.81 12.50 16.24
C GLU A 81 9.12 12.35 14.88
N PRO A 82 7.78 12.42 14.85
CA PRO A 82 7.00 12.29 13.62
C PRO A 82 7.21 13.47 12.68
N PRO A 83 7.15 13.24 11.35
CA PRO A 83 7.33 14.30 10.35
C PRO A 83 6.13 15.23 10.26
N GLN A 84 6.36 16.46 9.83
CA GLN A 84 5.30 17.43 9.70
C GLN A 84 4.24 16.97 8.70
N GLY A 85 2.98 16.96 9.13
CA GLY A 85 1.91 16.53 8.26
C GLY A 85 1.46 15.11 8.55
N ALA A 86 2.35 14.31 9.14
CA ALA A 86 2.05 12.92 9.46
C ALA A 86 1.14 12.83 10.68
N HIS A 87 0.21 11.89 10.65
CA HIS A 87 -0.73 11.71 11.77
C HIS A 87 -0.04 11.02 12.94
N PHE A 88 0.81 10.05 12.64
CA PHE A 88 1.53 9.32 13.67
C PHE A 88 2.81 8.69 13.11
N LEU A 89 3.81 8.52 13.98
CA LEU A 89 5.08 7.94 13.57
C LEU A 89 5.43 6.73 14.44
N SER A 90 5.85 5.65 13.80
CA SER A 90 6.21 4.43 14.51
C SER A 90 7.65 4.02 14.20
N ARG A 91 8.40 3.70 15.25
CA ARG A 91 9.80 3.29 15.08
C ARG A 91 9.89 1.92 14.42
N SER A 92 9.00 1.01 14.82
CA SER A 92 8.98 -0.33 14.27
C SER A 92 7.55 -0.77 13.95
N LEU A 93 7.43 -1.79 13.11
CA LEU A 93 6.12 -2.31 12.73
C LEU A 93 5.35 -2.81 13.96
N ASP A 94 6.08 -3.41 14.90
CA ASP A 94 5.46 -3.93 16.11
C ASP A 94 4.79 -2.82 16.91
N ASP A 95 5.46 -1.66 16.98
CA ASP A 95 4.91 -0.52 17.70
C ASP A 95 3.64 -0.01 17.04
N ALA A 96 3.70 0.18 15.72
CA ALA A 96 2.55 0.66 14.97
C ALA A 96 1.42 -0.37 14.95
N LEU A 97 1.80 -1.63 14.88
CA LEU A 97 0.83 -2.72 14.86
C LEU A 97 0.16 -2.88 16.23
N LYS A 98 0.96 -2.81 17.28
CA LYS A 98 0.45 -2.95 18.65
C LYS A 98 -0.48 -1.79 18.99
N LEU A 99 -0.13 -0.60 18.52
CA LEU A 99 -0.94 0.59 18.78
C LEU A 99 -2.29 0.50 18.06
N THR A 100 -2.24 0.14 16.78
CA THR A 100 -3.45 0.02 15.97
C THR A 100 -4.29 -1.19 16.42
N GLU A 101 -3.63 -2.16 17.05
CA GLU A 101 -4.32 -3.36 17.51
C GLU A 101 -4.96 -3.14 18.89
N GLN A 102 -4.40 -2.19 19.65
CA GLN A 102 -4.92 -1.88 20.98
C GLN A 102 -6.32 -1.28 20.89
N PRO A 103 -7.20 -1.60 21.86
CA PRO A 103 -8.57 -1.08 21.87
C PRO A 103 -8.62 0.45 21.79
N GLU A 104 -7.55 1.10 22.24
CA GLU A 104 -7.47 2.55 22.21
C GLU A 104 -7.64 3.08 20.79
N LEU A 105 -7.01 2.41 19.83
CA LEU A 105 -7.08 2.81 18.44
C LEU A 105 -8.05 1.92 17.66
N ALA A 106 -8.22 0.69 18.11
CA ALA A 106 -9.12 -0.25 17.45
C ALA A 106 -10.53 0.31 17.35
N ASN A 107 -10.88 1.20 18.27
CA ASN A 107 -12.21 1.81 18.27
C ASN A 107 -12.33 2.85 17.16
N LYS A 108 -11.22 3.48 16.81
CA LYS A 108 -11.20 4.50 15.77
C LYS A 108 -10.77 3.90 14.43
N VAL A 109 -9.94 2.88 14.49
CA VAL A 109 -9.45 2.22 13.28
C VAL A 109 -10.08 0.84 13.11
N ASP A 110 -10.27 0.43 11.86
CA ASP A 110 -10.87 -0.86 11.57
C ASP A 110 -9.97 -1.67 10.63
N MET A 111 -9.68 -1.09 9.46
CA MET A 111 -8.84 -1.76 8.47
C MET A 111 -7.58 -0.94 8.20
N VAL A 112 -6.51 -1.63 7.81
CA VAL A 112 -5.25 -0.97 7.51
C VAL A 112 -4.81 -1.26 6.08
N TRP A 113 -4.32 -0.23 5.40
CA TRP A 113 -3.86 -0.37 4.03
C TRP A 113 -2.40 0.04 3.89
N ILE A 114 -1.58 -0.90 3.41
CA ILE A 114 -0.15 -0.63 3.23
C ILE A 114 0.11 0.04 1.88
N VAL A 115 0.63 1.26 1.94
CA VAL A 115 0.93 2.02 0.73
C VAL A 115 2.43 2.16 0.52
N GLY A 116 3.16 1.10 0.80
CA GLY A 116 4.61 1.13 0.64
C GLY A 116 5.33 1.46 1.93
N GLY A 117 6.66 1.37 1.94
CA GLY A 117 7.42 0.96 0.76
C GLY A 117 7.78 -0.52 0.78
N SER A 118 8.90 -0.85 0.16
CA SER A 118 9.36 -2.24 0.10
C SER A 118 9.71 -2.75 1.49
N SER A 119 10.32 -1.89 2.31
CA SER A 119 10.69 -2.26 3.66
C SER A 119 9.47 -2.70 4.47
N VAL A 120 8.40 -1.92 4.37
CA VAL A 120 7.17 -2.23 5.07
C VAL A 120 6.57 -3.55 4.60
N TYR A 121 6.66 -3.79 3.29
CA TYR A 121 6.14 -5.02 2.70
C TYR A 121 6.90 -6.23 3.23
N LYS A 122 8.22 -6.11 3.33
CA LYS A 122 9.07 -7.19 3.82
C LYS A 122 8.66 -7.60 5.23
N GLU A 123 8.60 -6.62 6.13
CA GLU A 123 8.23 -6.87 7.52
C GLU A 123 6.80 -7.41 7.61
N ALA A 124 5.90 -6.82 6.85
CA ALA A 124 4.51 -7.23 6.84
C ALA A 124 4.35 -8.61 6.21
N MET A 125 5.25 -8.94 5.29
CA MET A 125 5.21 -10.23 4.61
C MET A 125 5.44 -11.39 5.58
N ASN A 126 5.97 -11.06 6.75
CA ASN A 126 6.24 -12.08 7.76
C ASN A 126 5.08 -12.21 8.75
N HIS A 127 3.89 -11.76 8.33
CA HIS A 127 2.71 -11.85 9.18
C HIS A 127 1.99 -13.18 8.99
N PRO A 128 1.74 -13.92 10.08
CA PRO A 128 1.06 -15.22 10.02
C PRO A 128 -0.44 -15.07 9.81
N GLY A 129 -1.03 -14.06 10.45
CA GLY A 129 -2.46 -13.84 10.33
C GLY A 129 -2.88 -13.56 8.89
N HIS A 130 -4.19 -13.51 8.67
CA HIS A 130 -4.72 -13.26 7.34
C HIS A 130 -4.28 -11.89 6.82
N LEU A 131 -3.77 -11.85 5.60
CA LEU A 131 -3.31 -10.62 4.99
C LEU A 131 -3.55 -10.62 3.48
N LYS A 132 -3.92 -9.47 2.95
CA LYS A 132 -4.18 -9.33 1.52
C LYS A 132 -3.05 -8.59 0.81
N LEU A 133 -2.78 -8.98 -0.42
CA LEU A 133 -1.70 -8.35 -1.20
C LEU A 133 -2.18 -8.04 -2.62
N PHE A 134 -2.25 -6.75 -2.93
CA PHE A 134 -2.68 -6.31 -4.26
C PHE A 134 -1.51 -5.75 -5.06
N VAL A 135 -1.21 -6.39 -6.18
CA VAL A 135 -0.11 -5.95 -7.04
C VAL A 135 -0.61 -5.56 -8.42
N THR A 136 -0.08 -4.46 -8.95
CA THR A 136 -0.48 -3.98 -10.26
C THR A 136 0.65 -4.18 -11.27
N ARG A 137 0.38 -4.99 -12.29
CA ARG A 137 1.38 -5.27 -13.32
C ARG A 137 1.25 -4.30 -14.48
N ILE A 138 2.32 -3.55 -14.76
CA ILE A 138 2.32 -2.59 -15.85
C ILE A 138 2.99 -3.16 -17.09
N MET A 139 2.19 -3.42 -18.12
CA MET A 139 2.71 -3.97 -19.37
C MET A 139 3.42 -2.89 -20.18
N GLN A 140 4.68 -2.64 -19.85
CA GLN A 140 5.47 -1.64 -20.55
C GLN A 140 6.90 -1.61 -20.01
N ASP A 141 7.87 -1.55 -20.92
CA ASP A 141 9.28 -1.51 -20.54
C ASP A 141 9.59 -0.25 -19.74
N PHE A 142 10.15 -0.42 -18.55
CA PHE A 142 10.50 0.70 -17.69
C PHE A 142 11.68 0.35 -16.80
N GLU A 143 12.50 1.36 -16.49
CA GLU A 143 13.67 1.15 -15.64
C GLU A 143 13.29 1.21 -14.17
N SER A 144 13.82 0.29 -13.38
CA SER A 144 13.54 0.24 -11.95
C SER A 144 14.82 0.04 -11.14
N ASP A 145 14.93 0.76 -10.03
CA ASP A 145 16.10 0.66 -9.18
C ASP A 145 15.92 -0.44 -8.14
N THR A 146 14.68 -0.64 -7.71
CA THR A 146 14.37 -1.66 -6.71
C THR A 146 13.49 -2.75 -7.30
N PHE A 147 13.84 -4.00 -7.04
CA PHE A 147 13.08 -5.13 -7.55
C PHE A 147 12.21 -5.74 -6.46
N PHE A 148 11.05 -6.25 -6.85
CA PHE A 148 10.13 -6.86 -5.89
C PHE A 148 10.26 -8.38 -5.91
N PRO A 149 10.66 -8.99 -4.77
CA PRO A 149 10.82 -10.45 -4.67
C PRO A 149 9.56 -11.19 -5.09
N GLU A 150 9.74 -12.40 -5.61
CA GLU A 150 8.62 -13.22 -6.06
C GLU A 150 7.86 -13.79 -4.87
N ILE A 151 6.54 -13.91 -5.03
CA ILE A 151 5.69 -14.44 -3.97
C ILE A 151 5.50 -15.95 -4.12
N ASP A 152 5.46 -16.65 -2.98
CA ASP A 152 5.28 -18.10 -2.99
C ASP A 152 3.79 -18.46 -3.04
N LEU A 153 3.42 -19.25 -4.04
CA LEU A 153 2.03 -19.67 -4.20
C LEU A 153 1.59 -20.59 -3.06
N GLU A 154 2.57 -21.22 -2.41
CA GLU A 154 2.28 -22.14 -1.31
C GLU A 154 1.68 -21.39 -0.12
N LYS A 155 2.12 -20.14 0.07
CA LYS A 155 1.63 -19.32 1.17
C LYS A 155 0.57 -18.34 0.67
N TYR A 156 0.78 -17.79 -0.52
CA TYR A 156 -0.15 -16.84 -1.11
C TYR A 156 -0.90 -17.45 -2.29
N LYS A 157 -2.09 -16.93 -2.57
CA LYS A 157 -2.90 -17.43 -3.66
C LYS A 157 -3.07 -16.36 -4.75
N LEU A 158 -3.10 -16.80 -6.00
CA LEU A 158 -3.26 -15.88 -7.12
C LEU A 158 -4.73 -15.68 -7.47
N LEU A 159 -5.21 -14.45 -7.36
CA LEU A 159 -6.60 -14.13 -7.66
C LEU A 159 -6.69 -13.20 -8.86
N PRO A 160 -6.81 -13.76 -10.09
CA PRO A 160 -6.91 -12.98 -11.32
C PRO A 160 -8.04 -11.95 -11.25
N GLU A 161 -9.26 -12.42 -11.09
CA GLU A 161 -10.42 -11.54 -11.02
C GLU A 161 -11.01 -11.54 -9.61
N TYR A 162 -11.00 -10.37 -8.98
CA TYR A 162 -11.52 -10.23 -7.62
C TYR A 162 -12.63 -9.16 -7.58
N PRO A 163 -13.74 -9.43 -6.88
CA PRO A 163 -14.85 -8.48 -6.76
C PRO A 163 -14.40 -7.12 -6.25
N GLY A 164 -14.90 -6.06 -6.87
CA GLY A 164 -14.54 -4.71 -6.46
C GLY A 164 -13.41 -4.14 -7.28
N VAL A 165 -12.48 -4.99 -7.68
CA VAL A 165 -11.33 -4.55 -8.48
C VAL A 165 -11.45 -5.05 -9.91
N LEU A 166 -11.06 -4.20 -10.86
CA LEU A 166 -11.11 -4.55 -12.28
C LEU A 166 -9.94 -5.45 -12.66
N SER A 167 -10.23 -6.46 -13.48
CA SER A 167 -9.21 -7.40 -13.92
C SER A 167 -8.87 -7.19 -15.39
N ASP A 168 -9.80 -6.59 -16.14
CA ASP A 168 -9.58 -6.33 -17.55
C ASP A 168 -8.39 -5.41 -17.77
N VAL A 169 -7.72 -5.57 -18.90
CA VAL A 169 -6.55 -4.76 -19.22
C VAL A 169 -6.94 -3.29 -19.40
N GLN A 170 -6.40 -2.43 -18.54
CA GLN A 170 -6.71 -1.01 -18.60
C GLN A 170 -5.64 -0.26 -19.40
N GLU A 171 -5.91 1.00 -19.70
CA GLU A 171 -4.97 1.82 -20.46
C GLU A 171 -5.04 3.28 -20.03
N GLU A 172 -3.90 3.84 -19.65
CA GLU A 172 -3.83 5.23 -19.22
C GLU A 172 -2.55 5.90 -19.70
N LYS A 173 -2.70 7.04 -20.37
CA LYS A 173 -1.56 7.77 -20.90
C LYS A 173 -0.77 6.91 -21.89
N GLY A 174 -1.48 6.04 -22.60
CA GLY A 174 -0.84 5.17 -23.57
C GLY A 174 -0.13 4.00 -22.94
N ILE A 175 -0.43 3.74 -21.67
CA ILE A 175 0.19 2.63 -20.94
C ILE A 175 -0.85 1.60 -20.52
N LYS A 176 -0.64 0.35 -20.93
CA LYS A 176 -1.55 -0.73 -20.60
C LYS A 176 -1.04 -1.52 -19.41
N TYR A 177 -1.94 -1.78 -18.45
CA TYR A 177 -1.58 -2.53 -17.25
C TYR A 177 -2.77 -3.34 -16.74
N LYS A 178 -2.47 -4.42 -16.02
CA LYS A 178 -3.52 -5.29 -15.48
C LYS A 178 -3.45 -5.31 -13.96
N PHE A 179 -4.56 -5.69 -13.33
CA PHE A 179 -4.64 -5.76 -11.87
C PHE A 179 -4.61 -7.21 -11.40
N GLU A 180 -3.83 -7.48 -10.37
CA GLU A 180 -3.72 -8.82 -9.81
C GLU A 180 -3.93 -8.82 -8.30
N VAL A 181 -4.74 -9.75 -7.82
CA VAL A 181 -5.02 -9.85 -6.39
C VAL A 181 -4.37 -11.09 -5.78
N TYR A 182 -3.75 -10.92 -4.62
CA TYR A 182 -3.09 -12.03 -3.94
C TYR A 182 -3.56 -12.13 -2.49
N GLU A 183 -3.91 -13.34 -2.06
CA GLU A 183 -4.36 -13.57 -0.70
C GLU A 183 -3.45 -14.55 0.02
N LYS A 184 -3.24 -14.31 1.32
CA LYS A 184 -2.39 -15.18 2.13
C LYS A 184 -3.23 -16.14 2.97
N ASN A 185 -3.11 -17.43 2.69
CA ASN A 185 -3.86 -18.45 3.42
C ASN A 185 -3.06 -18.95 4.63
N ASP A 186 -3.75 -19.13 5.75
CA ASP A 186 -3.10 -19.59 6.97
C ASP A 186 -2.72 -21.06 6.86
PA NDP B . 12.85 2.88 0.94
O1A NDP B . 11.53 3.49 0.74
O2A NDP B . 14.05 3.72 0.71
O5B NDP B . 12.94 2.11 2.33
C5B NDP B . 11.83 2.12 3.25
C4B NDP B . 12.16 2.95 4.46
O4B NDP B . 11.01 3.02 5.33
C3B NDP B . 13.27 2.41 5.34
O3B NDP B . 14.56 2.82 4.87
C2B NDP B . 12.96 3.06 6.69
O2B NDP B . 13.41 4.38 6.80
C1B NDP B . 11.42 3.02 6.69
N9A NDP B . 10.87 1.84 7.35
C8A NDP B . 10.28 0.75 6.75
N7A NDP B . 9.89 -0.16 7.61
C5A NDP B . 10.23 0.36 8.84
C6A NDP B . 10.07 -0.12 10.16
N6A NDP B . 9.51 -1.29 10.45
N1A NDP B . 10.52 0.66 11.17
C2A NDP B . 11.09 1.83 10.87
N3A NDP B . 11.30 2.39 9.67
C4A NDP B . 10.84 1.60 8.69
O3 NDP B . 12.97 1.55 -0.04
PN NDP B . 12.55 1.21 -1.61
O1N NDP B . 13.35 2.07 -2.50
O2N NDP B . 12.63 -0.24 -1.80
O5D NDP B . 11.03 1.72 -1.54
C5D NDP B . 10.05 1.22 -2.47
C4D NDP B . 10.15 1.97 -3.77
O4D NDP B . 9.22 1.40 -4.73
C3D NDP B . 9.79 3.44 -3.73
O3D NDP B . 10.92 4.23 -3.33
C2D NDP B . 9.41 3.72 -5.18
O2D NDP B . 10.53 3.96 -6.03
C1D NDP B . 8.70 2.42 -5.56
N1N NDP B . 7.25 2.45 -5.38
C2N NDP B . 6.27 2.19 -6.25
C3N NDP B . 5.01 2.22 -6.03
C7N NDP B . 4.29 1.87 -7.21
O7N NDP B . 3.02 1.91 -6.85
N7N NDP B . 4.72 1.51 -8.45
C4N NDP B . 4.55 2.63 -4.65
C5N NDP B . 5.55 2.94 -3.67
C6N NDP B . 6.91 2.88 -3.94
P2B NDP B . 14.51 5.02 7.90
O1X NDP B . 13.91 6.47 7.98
O2X NDP B . 14.13 4.23 9.14
O3X NDP B . 15.77 5.04 7.04
H51A NDP B . 11.61 1.09 3.56
H52A NDP B . 10.95 2.53 2.75
H4B NDP B . 12.46 3.97 4.17
H3B NDP B . 13.24 1.32 5.42
HO3A NDP B . 14.72 2.40 4.02
H2B NDP B . 13.36 2.49 7.52
H1B NDP B . 10.99 3.88 7.21
H8A NDP B . 10.17 0.65 5.67
H61A NDP B . 9.42 -1.58 11.42
H62A NDP B . 9.15 -1.88 9.71
H2A NDP B . 11.44 2.41 11.73
H51N NDP B . 10.21 0.16 -2.64
H52N NDP B . 9.06 1.37 -2.05
H4D NDP B . 11.16 1.89 -4.18
H3D NDP B . 8.95 3.63 -3.07
HO3N NDP B . 10.74 4.63 -2.48
H2D NDP B . 8.73 4.58 -5.26
HO2N NDP B . 10.22 4.33 -6.86
H1D NDP B . 8.87 2.16 -6.61
H2N NDP B . 6.59 1.90 -7.25
H71N NDP B . 4.06 1.26 -9.16
H72N NDP B . 5.71 1.46 -8.63
H41N NDP B . 3.94 3.52 -4.78
H42N NDP B . 3.96 1.80 -4.26
H5N NDP B . 5.22 3.23 -2.66
H6N NDP B . 7.66 3.11 -3.20
N1 TRR C . 0.72 3.28 -6.61
C2 TRR C . 0.40 2.01 -6.17
N2 TRR C . -0.23 1.14 -7.02
N3 TRR C . 0.73 1.62 -4.89
C4 TRR C . 1.36 2.50 -4.04
N4 TRR C . 1.68 2.10 -2.75
C5 TRR C . 1.68 3.78 -4.47
C6 TRR C . 1.36 4.16 -5.76
C7 TRR C . 2.37 4.75 -3.53
C11 TRR C . 2.18 6.18 -3.92
C12 TRR C . 3.20 6.86 -4.59
C13 TRR C . 3.02 8.21 -4.95
C14 TRR C . 1.83 8.86 -4.64
C15 TRR C . 0.81 8.18 -3.97
C16 TRR C . 0.99 6.84 -3.62
O13 TRR C . 4.04 8.90 -5.62
O14 TRR C . 1.66 10.18 -5.00
O15 TRR C . -0.37 8.84 -3.67
C17 TRR C . 5.23 8.23 -5.93
C18 TRR C . 1.97 11.16 -4.05
C19 TRR C . -1.39 8.15 -3.00
H1 TRR C . 0.48 3.56 -7.53
H21 TRR C . -0.46 1.41 -7.94
H22 TRR C . -0.46 0.22 -6.72
H41 TRR C . 1.45 1.18 -2.45
H42 TRR C . 2.13 2.71 -2.13
H6 TRR C . 1.60 5.18 -6.11
H71 TRR C . 3.44 4.51 -3.51
H72 TRR C . 1.98 4.60 -2.53
H12 TRR C . 4.14 6.34 -4.83
H16 TRR C . 0.20 6.30 -3.08
H171 TRR C . 5.90 8.86 -6.51
H172 TRR C . 5.05 7.33 -6.52
H173 TRR C . 5.77 7.94 -5.03
H181 TRR C . 2.13 12.13 -4.52
H182 TRR C . 2.87 10.90 -3.50
H183 TRR C . 1.16 11.28 -3.33
H191 TRR C . -2.23 8.81 -2.77
H192 TRR C . -1.03 7.74 -2.06
H193 TRR C . -1.78 7.32 -3.60
N VAL A 1 -11.75 -5.52 11.61
CA VAL A 1 -10.84 -5.21 12.75
C VAL A 1 -9.62 -6.11 12.74
N GLY A 2 -8.45 -5.50 12.97
CA GLY A 2 -7.21 -6.27 12.98
C GLY A 2 -6.88 -6.86 11.63
N SER A 3 -7.35 -6.22 10.57
CA SER A 3 -7.10 -6.69 9.21
C SER A 3 -5.94 -5.93 8.58
N LEU A 4 -5.06 -6.65 7.90
CA LEU A 4 -3.91 -6.05 7.24
C LEU A 4 -4.01 -6.19 5.73
N ASN A 5 -4.06 -5.05 5.04
CA ASN A 5 -4.16 -5.05 3.58
C ASN A 5 -3.10 -4.14 2.97
N CYS A 6 -2.28 -4.70 2.09
CA CYS A 6 -1.23 -3.94 1.43
C CYS A 6 -1.45 -3.87 -0.08
N ILE A 7 -1.09 -2.76 -0.69
CA ILE A 7 -1.26 -2.58 -2.13
C ILE A 7 -0.10 -1.78 -2.73
N VAL A 8 0.51 -2.32 -3.78
CA VAL A 8 1.63 -1.66 -4.45
C VAL A 8 1.63 -1.98 -5.94
N ALA A 9 2.17 -1.06 -6.74
CA ALA A 9 2.24 -1.25 -8.17
C ALA A 9 3.62 -1.69 -8.61
N VAL A 10 3.67 -2.57 -9.61
CA VAL A 10 4.94 -3.09 -10.12
C VAL A 10 4.92 -3.18 -11.64
N SER A 11 6.08 -2.99 -12.25
CA SER A 11 6.20 -3.04 -13.71
C SER A 11 6.24 -4.49 -14.20
N GLN A 12 6.12 -4.67 -15.51
CA GLN A 12 6.14 -6.00 -16.10
C GLN A 12 7.47 -6.69 -15.81
N ASN A 13 8.51 -5.91 -15.57
CA ASN A 13 9.83 -6.45 -15.28
C ASN A 13 10.07 -6.55 -13.77
N MET A 14 8.99 -6.62 -13.00
CA MET A 14 9.09 -6.72 -11.55
C MET A 14 9.78 -5.49 -10.97
N GLY A 15 9.56 -4.34 -11.60
CA GLY A 15 10.16 -3.11 -11.13
C GLY A 15 9.27 -2.35 -10.17
N ILE A 16 9.87 -1.49 -9.37
CA ILE A 16 9.11 -0.71 -8.39
C ILE A 16 9.36 0.79 -8.59
N GLY A 17 10.61 1.15 -8.83
CA GLY A 17 10.95 2.55 -9.03
C GLY A 17 12.45 2.78 -9.04
N LYS A 18 12.86 3.90 -9.63
CA LYS A 18 14.27 4.25 -9.71
C LYS A 18 14.55 5.59 -9.02
N ASN A 19 15.56 5.61 -8.16
CA ASN A 19 15.92 6.83 -7.44
C ASN A 19 14.78 7.28 -6.53
N GLY A 20 13.97 6.32 -6.07
CA GLY A 20 12.85 6.66 -5.21
C GLY A 20 11.66 7.20 -5.97
N ASP A 21 11.60 6.92 -7.27
CA ASP A 21 10.50 7.40 -8.11
C ASP A 21 9.95 6.28 -8.97
N LEU A 22 8.66 6.37 -9.30
CA LEU A 22 8.02 5.37 -10.13
C LEU A 22 8.59 5.35 -11.54
N PRO A 23 8.72 4.15 -12.16
CA PRO A 23 9.26 4.03 -13.51
C PRO A 23 8.45 4.80 -14.54
N TRP A 24 7.13 4.75 -14.42
CA TRP A 24 6.25 5.45 -15.34
C TRP A 24 5.84 6.81 -14.78
N PRO A 25 5.64 7.81 -15.66
CA PRO A 25 5.26 9.16 -15.24
C PRO A 25 3.98 9.16 -14.40
N PRO A 26 3.61 10.32 -13.84
CA PRO A 26 2.40 10.44 -13.00
C PRO A 26 1.16 9.93 -13.70
N LEU A 27 0.51 8.94 -13.11
CA LEU A 27 -0.69 8.36 -13.69
C LEU A 27 -1.94 8.87 -12.97
N ARG A 28 -2.79 9.57 -13.70
CA ARG A 28 -4.02 10.12 -13.13
C ARG A 28 -5.00 9.00 -12.77
N ASN A 29 -5.02 7.95 -13.58
CA ASN A 29 -5.90 6.82 -13.34
C ASN A 29 -5.44 6.00 -12.14
N GLU A 30 -4.14 5.79 -12.04
CA GLU A 30 -3.58 5.03 -10.93
C GLU A 30 -3.78 5.76 -9.60
N PHE A 31 -3.55 7.07 -9.61
CA PHE A 31 -3.70 7.88 -8.41
C PHE A 31 -5.16 7.92 -7.97
N ARG A 32 -6.05 8.23 -8.91
CA ARG A 32 -7.48 8.30 -8.61
C ARG A 32 -8.01 6.94 -8.16
N TYR A 33 -7.52 5.88 -8.79
CA TYR A 33 -7.95 4.52 -8.46
C TYR A 33 -7.48 4.14 -7.05
N PHE A 34 -6.25 4.52 -6.72
CA PHE A 34 -5.69 4.22 -5.40
C PHE A 34 -6.54 4.83 -4.30
N GLN A 35 -6.88 6.11 -4.46
CA GLN A 35 -7.68 6.83 -3.47
C GLN A 35 -9.08 6.23 -3.39
N ARG A 36 -9.60 5.80 -4.53
CA ARG A 36 -10.94 5.22 -4.59
C ARG A 36 -10.97 3.86 -3.89
N MET A 37 -9.86 3.12 -3.98
CA MET A 37 -9.77 1.81 -3.36
C MET A 37 -9.69 1.93 -1.84
N THR A 38 -8.86 2.84 -1.36
CA THR A 38 -8.69 3.05 0.08
C THR A 38 -9.96 3.62 0.69
N THR A 39 -10.57 4.59 0.01
CA THR A 39 -11.79 5.23 0.49
C THR A 39 -12.94 4.23 0.54
N THR A 40 -12.98 3.33 -0.44
CA THR A 40 -14.03 2.32 -0.50
C THR A 40 -13.91 1.34 0.66
N SER A 41 -14.65 1.61 1.75
CA SER A 41 -14.63 0.75 2.92
C SER A 41 -15.89 -0.09 3.01
N SER A 42 -15.79 -1.25 3.63
CA SER A 42 -16.94 -2.14 3.79
C SER A 42 -17.55 -2.01 5.19
N VAL A 43 -17.48 -0.81 5.75
CA VAL A 43 -18.02 -0.56 7.08
C VAL A 43 -18.33 0.92 7.27
N GLU A 44 -19.56 1.21 7.69
CA GLU A 44 -19.99 2.59 7.92
C GLU A 44 -19.69 3.02 9.35
N GLY A 45 -19.22 4.25 9.51
CA GLY A 45 -18.91 4.77 10.83
C GLY A 45 -17.48 4.47 11.26
N LYS A 46 -16.80 3.63 10.49
CA LYS A 46 -15.42 3.27 10.80
C LYS A 46 -14.45 4.01 9.87
N GLN A 47 -13.21 4.17 10.34
CA GLN A 47 -12.19 4.86 9.55
C GLN A 47 -11.06 3.90 9.17
N ASN A 48 -10.33 4.25 8.10
CA ASN A 48 -9.23 3.41 7.64
C ASN A 48 -7.89 4.04 8.00
N LEU A 49 -6.94 3.20 8.39
CA LEU A 49 -5.61 3.67 8.77
C LEU A 49 -4.59 3.30 7.69
N VAL A 50 -3.96 4.32 7.13
CA VAL A 50 -2.95 4.10 6.08
C VAL A 50 -1.54 4.37 6.61
N ILE A 51 -0.58 3.61 6.11
CA ILE A 51 0.81 3.76 6.53
C ILE A 51 1.74 3.92 5.32
N MET A 52 2.74 4.78 5.46
CA MET A 52 3.69 5.02 4.39
C MET A 52 5.11 5.13 4.93
N GLY A 53 6.10 5.01 4.04
CA GLY A 53 7.49 5.11 4.45
C GLY A 53 8.01 6.53 4.39
N LYS A 54 9.22 6.73 4.92
CA LYS A 54 9.83 8.05 4.92
C LYS A 54 9.99 8.58 3.51
N LYS A 55 10.46 7.72 2.60
CA LYS A 55 10.67 8.11 1.21
C LYS A 55 9.33 8.33 0.52
N THR A 56 8.38 7.44 0.76
CA THR A 56 7.06 7.56 0.15
C THR A 56 6.38 8.86 0.54
N TRP A 57 6.42 9.19 1.83
CA TRP A 57 5.82 10.41 2.33
C TRP A 57 6.49 11.64 1.74
N PHE A 58 7.81 11.57 1.60
CA PHE A 58 8.58 12.68 1.04
C PHE A 58 8.36 12.82 -0.46
N SER A 59 7.90 11.74 -1.10
CA SER A 59 7.65 11.75 -2.53
C SER A 59 6.26 12.31 -2.84
N ILE A 60 5.32 12.13 -1.92
CA ILE A 60 3.96 12.61 -2.10
C ILE A 60 3.91 14.14 -2.04
N PRO A 61 3.39 14.80 -3.09
CA PRO A 61 3.29 16.26 -3.15
C PRO A 61 2.53 16.83 -1.96
N GLU A 62 2.76 18.11 -1.67
CA GLU A 62 2.10 18.77 -0.55
C GLU A 62 0.65 19.12 -0.91
N LYS A 63 0.39 19.29 -2.20
CA LYS A 63 -0.96 19.62 -2.66
C LYS A 63 -1.98 18.59 -2.18
N ASN A 64 -1.52 17.35 -2.03
CA ASN A 64 -2.40 16.27 -1.57
C ASN A 64 -2.13 15.94 -0.11
N ARG A 65 -0.91 16.18 0.33
CA ARG A 65 -0.53 15.91 1.72
C ARG A 65 -1.04 17.01 2.65
N PRO A 66 -1.54 16.63 3.85
CA PRO A 66 -1.80 15.24 4.21
C PRO A 66 -2.97 14.65 3.45
N LEU A 67 -2.93 13.33 3.25
CA LEU A 67 -3.99 12.64 2.53
C LEU A 67 -5.19 12.38 3.45
N LYS A 68 -6.15 13.30 3.44
CA LYS A 68 -7.34 13.17 4.26
C LYS A 68 -8.11 11.89 3.92
N GLY A 69 -9.15 11.60 4.69
CA GLY A 69 -9.95 10.42 4.44
C GLY A 69 -9.52 9.23 5.29
N ARG A 70 -8.23 9.18 5.62
CA ARG A 70 -7.70 8.10 6.43
C ARG A 70 -6.50 8.57 7.25
N ILE A 71 -6.25 7.90 8.37
CA ILE A 71 -5.15 8.26 9.25
C ILE A 71 -3.81 7.91 8.60
N ASN A 72 -2.97 8.91 8.42
CA ASN A 72 -1.65 8.71 7.81
C ASN A 72 -0.59 8.44 8.87
N LEU A 73 0.15 7.35 8.69
CA LEU A 73 1.21 6.98 9.63
C LEU A 73 2.52 6.72 8.91
N VAL A 74 3.59 7.33 9.39
CA VAL A 74 4.91 7.17 8.79
C VAL A 74 5.81 6.28 9.65
N LEU A 75 6.50 5.35 9.01
CA LEU A 75 7.39 4.44 9.73
C LEU A 75 8.85 4.87 9.59
N SER A 76 9.36 5.51 10.64
CA SER A 76 10.74 5.99 10.63
C SER A 76 11.44 5.62 11.93
N ARG A 77 12.64 5.06 11.81
CA ARG A 77 13.42 4.66 12.98
C ARG A 77 14.47 5.72 13.32
N GLU A 78 14.95 6.42 12.31
CA GLU A 78 15.96 7.45 12.49
C GLU A 78 15.35 8.70 13.13
N LEU A 79 14.09 8.95 12.82
CA LEU A 79 13.37 10.10 13.35
C LEU A 79 12.73 9.77 14.69
N LYS A 80 12.74 10.74 15.60
CA LYS A 80 12.14 10.55 16.92
C LYS A 80 10.73 11.12 16.97
N GLU A 81 10.54 12.28 16.36
CA GLU A 81 9.24 12.94 16.33
C GLU A 81 8.60 12.81 14.95
N PRO A 82 7.27 12.57 14.89
CA PRO A 82 6.55 12.43 13.62
C PRO A 82 6.79 13.62 12.69
N PRO A 83 6.79 13.37 11.37
CA PRO A 83 7.01 14.42 10.37
C PRO A 83 5.80 15.34 10.22
N GLN A 84 6.05 16.57 9.77
CA GLN A 84 4.98 17.54 9.59
C GLN A 84 3.93 17.02 8.61
N GLY A 85 2.66 17.03 9.05
CA GLY A 85 1.59 16.55 8.20
C GLY A 85 1.14 15.15 8.56
N ALA A 86 2.03 14.39 9.19
CA ALA A 86 1.71 13.02 9.59
C ALA A 86 0.86 13.01 10.85
N HIS A 87 0.02 11.98 10.98
CA HIS A 87 -0.85 11.85 12.14
C HIS A 87 -0.16 11.09 13.26
N PHE A 88 0.68 10.12 12.89
CA PHE A 88 1.41 9.32 13.87
C PHE A 88 2.67 8.72 13.25
N LEU A 89 3.67 8.47 14.09
CA LEU A 89 4.93 7.91 13.64
C LEU A 89 5.28 6.65 14.42
N SER A 90 5.90 5.68 13.76
CA SER A 90 6.29 4.43 14.40
C SER A 90 7.74 4.09 14.06
N ARG A 91 8.49 3.68 15.08
CA ARG A 91 9.89 3.31 14.90
C ARG A 91 10.01 1.96 14.20
N SER A 92 9.10 1.04 14.54
CA SER A 92 9.11 -0.29 13.94
C SER A 92 7.69 -0.78 13.70
N LEU A 93 7.57 -1.88 12.96
CA LEU A 93 6.27 -2.45 12.65
C LEU A 93 5.56 -2.90 13.92
N ASP A 94 6.34 -3.39 14.88
CA ASP A 94 5.79 -3.86 16.16
C ASP A 94 5.07 -2.73 16.89
N ASP A 95 5.68 -1.55 16.89
CA ASP A 95 5.10 -0.39 17.56
C ASP A 95 3.83 0.07 16.84
N ALA A 96 3.92 0.20 15.53
CA ALA A 96 2.77 0.64 14.72
C ALA A 96 1.63 -0.38 14.81
N LEU A 97 1.99 -1.66 14.84
CA LEU A 97 1.00 -2.72 14.92
C LEU A 97 0.31 -2.72 16.29
N LYS A 98 1.05 -2.35 17.33
CA LYS A 98 0.51 -2.31 18.68
C LYS A 98 -0.54 -1.21 18.81
N LEU A 99 -0.23 -0.04 18.27
CA LEU A 99 -1.14 1.10 18.33
C LEU A 99 -2.44 0.80 17.58
N THR A 100 -2.31 0.27 16.36
CA THR A 100 -3.47 -0.06 15.55
C THR A 100 -4.26 -1.21 16.17
N GLU A 101 -3.57 -2.04 16.95
CA GLU A 101 -4.21 -3.17 17.60
C GLU A 101 -4.83 -2.77 18.93
N GLN A 102 -4.31 -1.70 19.52
CA GLN A 102 -4.82 -1.21 20.80
C GLN A 102 -6.26 -0.73 20.67
N PRO A 103 -7.11 -1.01 21.68
CA PRO A 103 -8.52 -0.59 21.65
C PRO A 103 -8.68 0.91 21.44
N GLU A 104 -7.71 1.67 21.94
CA GLU A 104 -7.74 3.12 21.81
C GLU A 104 -7.81 3.54 20.34
N LEU A 105 -7.14 2.78 19.48
CA LEU A 105 -7.12 3.06 18.06
C LEU A 105 -8.06 2.13 17.30
N ALA A 106 -8.25 0.92 17.83
CA ALA A 106 -9.12 -0.06 17.21
C ALA A 106 -10.55 0.46 17.07
N ASN A 107 -10.92 1.36 17.97
CA ASN A 107 -12.27 1.95 17.94
C ASN A 107 -12.42 2.92 16.77
N LYS A 108 -11.32 3.55 16.39
CA LYS A 108 -11.32 4.51 15.29
C LYS A 108 -10.85 3.85 14.00
N VAL A 109 -10.03 2.82 14.12
CA VAL A 109 -9.50 2.10 12.96
C VAL A 109 -10.16 0.74 12.82
N ASP A 110 -10.34 0.31 11.58
CA ASP A 110 -10.95 -0.99 11.29
C ASP A 110 -10.03 -1.86 10.45
N MET A 111 -9.45 -1.26 9.41
CA MET A 111 -8.55 -1.97 8.51
C MET A 111 -7.29 -1.16 8.25
N VAL A 112 -6.16 -1.85 8.11
CA VAL A 112 -4.88 -1.20 7.86
C VAL A 112 -4.55 -1.23 6.38
N TRP A 113 -4.00 -0.12 5.88
CA TRP A 113 -3.63 -0.01 4.48
C TRP A 113 -2.16 0.36 4.33
N ILE A 114 -1.40 -0.50 3.67
CA ILE A 114 0.02 -0.26 3.45
C ILE A 114 0.27 0.34 2.07
N VAL A 115 0.85 1.54 2.03
CA VAL A 115 1.14 2.21 0.78
C VAL A 115 2.63 2.23 0.49
N GLY A 116 3.30 1.12 0.78
CA GLY A 116 4.74 1.03 0.55
C GLY A 116 5.55 1.42 1.76
N GLY A 117 6.88 1.24 1.70
CA GLY A 117 7.53 0.72 0.50
C GLY A 117 7.74 -0.78 0.57
N SER A 118 8.77 -1.25 -0.14
CA SER A 118 9.09 -2.67 -0.16
C SER A 118 9.49 -3.16 1.23
N SER A 119 10.17 -2.31 1.98
CA SER A 119 10.61 -2.65 3.33
C SER A 119 9.42 -3.03 4.21
N VAL A 120 8.36 -2.22 4.14
CA VAL A 120 7.16 -2.47 4.91
C VAL A 120 6.49 -3.76 4.47
N TYR A 121 6.48 -4.00 3.17
CA TYR A 121 5.87 -5.20 2.61
C TYR A 121 6.54 -6.46 3.16
N LYS A 122 7.87 -6.43 3.24
CA LYS A 122 8.63 -7.55 3.75
C LYS A 122 8.29 -7.84 5.21
N GLU A 123 8.28 -6.80 6.02
CA GLU A 123 7.97 -6.93 7.44
C GLU A 123 6.59 -7.53 7.63
N ALA A 124 5.62 -7.04 6.86
CA ALA A 124 4.24 -7.53 6.94
C ALA A 124 4.12 -8.93 6.35
N MET A 125 4.98 -9.24 5.39
CA MET A 125 4.97 -10.55 4.75
C MET A 125 5.30 -11.67 5.75
N ASN A 126 5.87 -11.29 6.89
CA ASN A 126 6.23 -12.25 7.92
C ASN A 126 5.13 -12.40 8.96
N HIS A 127 3.90 -12.01 8.59
CA HIS A 127 2.77 -12.10 9.51
C HIS A 127 2.12 -13.48 9.42
N PRO A 128 1.78 -14.08 10.57
CA PRO A 128 1.14 -15.40 10.62
C PRO A 128 -0.35 -15.34 10.29
N GLY A 129 -1.00 -14.30 10.77
CA GLY A 129 -2.42 -14.13 10.53
C GLY A 129 -2.74 -13.88 9.07
N HIS A 130 -4.02 -13.92 8.72
CA HIS A 130 -4.45 -13.69 7.35
C HIS A 130 -4.07 -12.29 6.89
N LEU A 131 -3.60 -12.20 5.64
CA LEU A 131 -3.19 -10.91 5.08
C LEU A 131 -3.48 -10.86 3.58
N LYS A 132 -3.90 -9.70 3.11
CA LYS A 132 -4.21 -9.51 1.69
C LYS A 132 -3.11 -8.73 0.99
N LEU A 133 -2.72 -9.19 -0.20
CA LEU A 133 -1.68 -8.54 -0.97
C LEU A 133 -2.18 -8.12 -2.34
N PHE A 134 -2.19 -6.82 -2.60
CA PHE A 134 -2.64 -6.29 -3.88
C PHE A 134 -1.47 -5.78 -4.71
N VAL A 135 -1.31 -6.34 -5.91
CA VAL A 135 -0.24 -5.94 -6.81
C VAL A 135 -0.77 -5.55 -8.18
N THR A 136 -0.22 -4.46 -8.73
CA THR A 136 -0.64 -3.98 -10.04
C THR A 136 0.50 -4.11 -11.05
N ARG A 137 0.29 -4.93 -12.07
CA ARG A 137 1.29 -5.14 -13.11
C ARG A 137 1.15 -4.12 -14.22
N ILE A 138 2.25 -3.45 -14.55
CA ILE A 138 2.24 -2.44 -15.60
C ILE A 138 2.85 -2.99 -16.89
N MET A 139 2.00 -3.17 -17.90
CA MET A 139 2.45 -3.69 -19.20
C MET A 139 3.19 -2.62 -19.99
N GLN A 140 4.44 -2.37 -19.63
CA GLN A 140 5.26 -1.37 -20.30
C GLN A 140 6.72 -1.51 -19.92
N ASP A 141 7.60 -1.55 -20.91
CA ASP A 141 9.02 -1.68 -20.68
C ASP A 141 9.56 -0.46 -19.94
N PHE A 142 10.16 -0.71 -18.77
CA PHE A 142 10.72 0.37 -17.95
C PHE A 142 11.98 -0.09 -17.25
N GLU A 143 12.81 0.88 -16.85
CA GLU A 143 14.06 0.58 -16.15
C GLU A 143 13.95 0.90 -14.67
N SER A 144 14.38 -0.05 -13.84
CA SER A 144 14.33 0.13 -12.39
C SER A 144 15.56 -0.51 -11.73
N ASP A 145 15.91 -0.01 -10.54
CA ASP A 145 17.05 -0.54 -9.81
C ASP A 145 16.60 -1.54 -8.75
N THR A 146 15.42 -1.32 -8.19
CA THR A 146 14.88 -2.21 -7.17
C THR A 146 13.84 -3.15 -7.76
N PHE A 147 14.10 -4.45 -7.66
CA PHE A 147 13.18 -5.46 -8.19
C PHE A 147 12.41 -6.13 -7.07
N PHE A 148 11.14 -6.45 -7.34
CA PHE A 148 10.29 -7.09 -6.34
C PHE A 148 10.44 -8.61 -6.41
N PRO A 149 10.50 -9.28 -5.24
CA PRO A 149 10.65 -10.74 -5.18
C PRO A 149 9.38 -11.46 -5.63
N GLU A 150 9.55 -12.65 -6.19
CA GLU A 150 8.42 -13.46 -6.66
C GLU A 150 7.67 -14.08 -5.49
N ILE A 151 6.36 -13.87 -5.46
CA ILE A 151 5.52 -14.40 -4.39
C ILE A 151 5.29 -15.89 -4.58
N ASP A 152 5.26 -16.63 -3.47
CA ASP A 152 5.04 -18.07 -3.51
C ASP A 152 3.57 -18.39 -3.68
N LEU A 153 3.25 -19.16 -4.71
CA LEU A 153 1.87 -19.54 -4.98
C LEU A 153 1.37 -20.57 -3.97
N GLU A 154 2.30 -21.34 -3.42
CA GLU A 154 1.95 -22.37 -2.44
C GLU A 154 1.43 -21.74 -1.16
N LYS A 155 1.90 -20.53 -0.86
CA LYS A 155 1.48 -19.82 0.34
C LYS A 155 0.44 -18.75 0.00
N TYR A 156 0.63 -18.08 -1.13
CA TYR A 156 -0.28 -17.03 -1.56
C TYR A 156 -1.25 -17.56 -2.62
N LYS A 157 -2.46 -17.03 -2.62
CA LYS A 157 -3.48 -17.44 -3.59
C LYS A 157 -3.63 -16.41 -4.70
N LEU A 158 -3.75 -16.90 -5.93
CA LEU A 158 -3.89 -16.02 -7.08
C LEU A 158 -5.34 -15.58 -7.26
N LEU A 159 -5.59 -14.29 -7.08
CA LEU A 159 -6.94 -13.74 -7.22
C LEU A 159 -7.00 -12.75 -8.38
N PRO A 160 -7.35 -13.22 -9.59
CA PRO A 160 -7.43 -12.38 -10.78
C PRO A 160 -8.62 -11.41 -10.71
N GLU A 161 -9.77 -11.93 -10.33
CA GLU A 161 -10.98 -11.11 -10.22
C GLU A 161 -11.47 -11.05 -8.78
N TYR A 162 -11.31 -9.88 -8.16
CA TYR A 162 -11.73 -9.69 -6.77
C TYR A 162 -12.71 -8.51 -6.66
N PRO A 163 -13.72 -8.63 -5.78
CA PRO A 163 -14.72 -7.57 -5.59
C PRO A 163 -14.08 -6.23 -5.26
N GLY A 164 -14.55 -5.17 -5.92
CA GLY A 164 -14.01 -3.84 -5.68
C GLY A 164 -12.93 -3.47 -6.67
N VAL A 165 -12.12 -4.44 -7.05
CA VAL A 165 -11.04 -4.19 -8.01
C VAL A 165 -11.42 -4.67 -9.40
N LEU A 166 -11.08 -3.86 -10.41
CA LEU A 166 -11.38 -4.20 -11.80
C LEU A 166 -10.39 -5.21 -12.34
N SER A 167 -10.87 -6.09 -13.23
CA SER A 167 -10.03 -7.12 -13.83
C SER A 167 -9.61 -6.72 -15.24
N ASP A 168 -10.46 -5.93 -15.90
CA ASP A 168 -10.17 -5.49 -17.26
C ASP A 168 -8.91 -4.63 -17.30
N VAL A 169 -8.14 -4.77 -18.37
CA VAL A 169 -6.91 -4.01 -18.53
C VAL A 169 -7.20 -2.53 -18.75
N GLN A 170 -6.55 -1.68 -17.97
CA GLN A 170 -6.73 -0.23 -18.08
C GLN A 170 -5.60 0.41 -18.88
N GLU A 171 -5.85 1.60 -19.39
CA GLU A 171 -4.85 2.32 -20.17
C GLU A 171 -4.86 3.81 -19.83
N GLU A 172 -3.69 4.34 -19.50
CA GLU A 172 -3.57 5.76 -19.16
C GLU A 172 -2.27 6.34 -19.70
N LYS A 173 -2.39 7.43 -20.45
CA LYS A 173 -1.22 8.08 -21.04
C LYS A 173 -0.48 7.14 -21.97
N GLY A 174 -1.22 6.23 -22.60
CA GLY A 174 -0.62 5.28 -23.50
C GLY A 174 0.06 4.13 -22.79
N ILE A 175 -0.28 3.95 -21.51
CA ILE A 175 0.31 2.87 -20.72
C ILE A 175 -0.76 1.89 -20.26
N LYS A 176 -0.61 0.63 -20.65
CA LYS A 176 -1.57 -0.40 -20.29
C LYS A 176 -1.08 -1.19 -19.07
N TYR A 177 -2.00 -1.50 -18.16
CA TYR A 177 -1.65 -2.24 -16.95
C TYR A 177 -2.86 -3.01 -16.42
N LYS A 178 -2.60 -4.07 -15.67
CA LYS A 178 -3.67 -4.89 -15.10
C LYS A 178 -3.54 -4.96 -13.59
N PHE A 179 -4.66 -5.25 -12.93
CA PHE A 179 -4.68 -5.35 -11.47
C PHE A 179 -4.72 -6.80 -11.02
N GLU A 180 -3.82 -7.16 -10.12
CA GLU A 180 -3.74 -8.53 -9.61
C GLU A 180 -3.91 -8.55 -8.10
N VAL A 181 -4.65 -9.53 -7.60
CA VAL A 181 -4.88 -9.66 -6.16
C VAL A 181 -4.32 -10.98 -5.63
N TYR A 182 -3.63 -10.91 -4.50
CA TYR A 182 -3.05 -12.10 -3.89
C TYR A 182 -3.46 -12.21 -2.42
N GLU A 183 -3.91 -13.40 -2.03
CA GLU A 183 -4.34 -13.64 -0.66
C GLU A 183 -3.36 -14.56 0.06
N LYS A 184 -3.20 -14.35 1.37
CA LYS A 184 -2.29 -15.15 2.17
C LYS A 184 -3.06 -16.21 2.96
N ASN A 185 -2.70 -17.48 2.75
CA ASN A 185 -3.35 -18.59 3.44
C ASN A 185 -2.55 -18.99 4.68
N ASP A 186 -3.27 -19.26 5.77
CA ASP A 186 -2.63 -19.67 7.01
C ASP A 186 -1.69 -18.58 7.52
PA NDP B . 13.32 0.63 1.01
O1A NDP B . 14.72 0.50 0.59
O2A NDP B . 12.57 -0.63 1.27
O5B NDP B . 13.15 1.66 2.20
C5B NDP B . 11.96 1.68 3.01
C4B NDP B . 12.17 2.54 4.24
O4B NDP B . 10.94 2.60 4.99
C3B NDP B . 13.20 2.03 5.23
O3B NDP B . 14.52 2.44 4.85
C2B NDP B . 12.76 2.70 6.52
O2B NDP B . 13.18 4.04 6.64
C1B NDP B . 11.23 2.64 6.38
N9A NDP B . 10.64 1.46 7.01
C8A NDP B . 10.09 0.37 6.38
N7A NDP B . 9.63 -0.53 7.21
C5A NDP B . 9.89 0.00 8.47
C6A NDP B . 9.64 -0.47 9.77
N6A NDP B . 9.05 -1.65 10.03
N1A NDP B . 10.02 0.30 10.81
C2A NDP B . 10.60 1.48 10.54
N3A NDP B . 10.89 2.03 9.37
C4A NDP B . 10.51 1.23 8.35
O3 NDP B . 12.50 1.48 -0.15
PN NDP B . 12.71 2.93 -0.89
O1N NDP B . 13.35 3.86 0.07
O2N NDP B . 13.39 2.71 -2.18
O5D NDP B . 11.17 3.29 -1.09
C5D NDP B . 10.33 2.50 -1.97
C4D NDP B . 10.46 2.97 -3.39
O4D NDP B . 9.69 2.11 -4.26
C3D NDP B . 9.93 4.37 -3.67
O3D NDP B . 10.92 5.36 -3.37
C2D NDP B . 9.64 4.31 -5.16
O2D NDP B . 10.79 4.51 -5.98
C1D NDP B . 9.12 2.87 -5.31
N1N NDP B . 7.66 2.77 -5.23
C2N NDP B . 6.79 2.28 -6.09
C3N NDP B . 5.51 2.20 -5.95
C7N NDP B . 4.92 1.59 -7.11
O7N NDP B . 3.63 1.56 -6.84
N7N NDP B . 5.48 1.12 -8.25
C4N NDP B . 4.91 2.74 -4.68
C5N NDP B . 5.80 3.29 -3.69
C6N NDP B . 7.17 3.35 -3.88
P2B NDP B . 14.18 4.69 7.81
O1X NDP B . 15.24 5.36 6.85
O2X NDP B . 13.26 5.77 8.38
O3X NDP B . 14.78 3.42 8.42
H51A NDP B . 11.72 0.65 3.32
H52A NDP B . 11.13 2.07 2.43
H4B NDP B . 12.47 3.55 3.95
H3B NDP B . 13.17 0.94 5.32
HO3A NDP B . 14.53 3.39 4.72
H2B NDP B . 13.09 2.15 7.40
H1B NDP B . 10.74 3.50 6.84
H8A NDP B . 10.05 0.25 5.30
H61A NDP B . 8.90 -1.93 11.00
H62A NDP B . 8.77 -2.25 9.28
H2A NDP B . 10.89 2.07 11.42
H51N NDP B . 10.64 1.46 -1.90
H52N NDP B . 9.29 2.58 -1.64
H4D NDP B . 11.50 2.96 -3.71
H3D NDP B . 9.02 4.58 -3.10
HO3N NDP B . 11.58 4.99 -2.78
H2D NDP B . 8.88 5.04 -5.46
HO2N NDP B . 11.49 3.93 -5.69
H1D NDP B . 9.39 2.44 -6.27
H2N NDP B . 7.19 1.88 -7.02
H71N NDP B . 4.90 0.70 -8.96
H72N NDP B . 6.48 1.18 -8.38
H41N NDP B . 4.22 3.54 -4.96
H42N NDP B . 4.38 1.91 -4.20
H5N NDP B . 5.38 3.68 -2.75
H6N NDP B . 7.85 3.76 -3.13
N1 TRR C . 0.85 3.14 -6.70
C2 TRR C . 0.51 1.90 -6.24
N2 TRR C . -0.12 1.00 -7.07
N3 TRR C . 0.80 1.53 -4.94
C4 TRR C . 1.43 2.43 -4.09
N4 TRR C . 1.72 2.07 -2.80
C5 TRR C . 1.77 3.69 -4.56
C6 TRR C . 1.48 4.04 -5.87
C7 TRR C . 2.47 4.67 -3.65
C11 TRR C . 2.18 6.11 -4.01
C12 TRR C . 3.13 6.85 -4.71
C13 TRR C . 2.87 8.19 -5.05
C14 TRR C . 1.66 8.77 -4.68
C15 TRR C . 0.71 8.03 -3.98
C16 TRR C . 0.97 6.70 -3.63
O13 TRR C . 3.80 8.94 -5.75
O14 TRR C . 1.40 10.09 -5.01
O15 TRR C . -0.50 8.63 -3.61
C17 TRR C . 5.02 8.34 -6.12
C18 TRR C . 1.18 10.99 -3.96
C19 TRR C . -1.45 7.88 -2.89
H1 TRR C . 0.64 3.39 -7.63
H21 TRR C . -0.33 1.24 -8.00
H22 TRR C . -0.37 0.09 -6.74
H41 TRR C . 1.47 1.17 -2.47
H42 TRR C . 2.17 2.70 -2.19
H6 TRR C . 1.75 5.04 -6.25
H71 TRR C . 3.54 4.50 -3.70
H72 TRR C . 2.13 4.51 -2.63
H12 TRR C . 4.08 6.39 -5.00
H16 TRR C . 0.23 6.11 -3.08
H171 TRR C . 5.48 7.82 -5.28
H172 TRR C . 5.74 9.09 -6.48
H173 TRR C . 4.89 7.62 -6.92
H181 TRR C . 2.06 11.09 -3.33
H182 TRR C . 0.36 10.67 -3.32
H183 TRR C . 0.94 11.98 -4.34
H191 TRR C . -2.32 8.47 -2.66
H192 TRR C . -1.03 7.50 -1.95
H193 TRR C . -1.79 7.02 -3.48
N VAL A 1 -11.46 -3.51 13.41
CA VAL A 1 -10.00 -3.72 13.48
C VAL A 1 -9.64 -5.18 13.21
N GLY A 2 -8.35 -5.49 13.24
CA GLY A 2 -7.89 -6.84 13.00
C GLY A 2 -7.92 -7.20 11.52
N SER A 3 -7.79 -6.19 10.66
CA SER A 3 -7.80 -6.42 9.22
C SER A 3 -6.56 -5.83 8.57
N LEU A 4 -5.67 -6.69 8.12
CA LEU A 4 -4.43 -6.26 7.47
C LEU A 4 -4.56 -6.32 5.96
N ASN A 5 -4.46 -5.16 5.32
CA ASN A 5 -4.58 -5.08 3.86
C ASN A 5 -3.31 -4.48 3.25
N CYS A 6 -2.92 -5.00 2.10
CA CYS A 6 -1.72 -4.52 1.41
C CYS A 6 -1.97 -4.40 -0.09
N ILE A 7 -1.44 -3.34 -0.69
CA ILE A 7 -1.60 -3.12 -2.13
C ILE A 7 -0.45 -2.29 -2.69
N VAL A 8 0.16 -2.79 -3.76
CA VAL A 8 1.28 -2.09 -4.40
C VAL A 8 1.30 -2.36 -5.90
N ALA A 9 1.85 -1.42 -6.66
CA ALA A 9 1.94 -1.56 -8.11
C ALA A 9 3.32 -2.03 -8.54
N VAL A 10 3.37 -2.81 -9.61
CA VAL A 10 4.63 -3.33 -10.13
C VAL A 10 4.59 -3.43 -11.65
N SER A 11 5.75 -3.29 -12.28
CA SER A 11 5.85 -3.37 -13.74
C SER A 11 6.26 -4.77 -14.17
N GLN A 12 6.25 -4.99 -15.49
CA GLN A 12 6.62 -6.28 -16.04
C GLN A 12 8.04 -6.67 -15.66
N ASN A 13 8.85 -5.68 -15.27
CA ASN A 13 10.22 -5.92 -14.87
C ASN A 13 10.35 -6.04 -13.35
N MET A 14 9.26 -6.48 -12.72
CA MET A 14 9.23 -6.64 -11.26
C MET A 14 9.82 -5.42 -10.55
N GLY A 15 9.66 -4.26 -11.18
CA GLY A 15 10.18 -3.03 -10.59
C GLY A 15 9.12 -2.28 -9.81
N ILE A 16 9.55 -1.51 -8.82
CA ILE A 16 8.64 -0.74 -7.99
C ILE A 16 8.86 0.76 -8.17
N GLY A 17 10.13 1.17 -8.23
CA GLY A 17 10.43 2.58 -8.39
C GLY A 17 11.93 2.83 -8.45
N LYS A 18 12.31 3.96 -9.05
CA LYS A 18 13.72 4.34 -9.16
C LYS A 18 13.96 5.70 -8.53
N ASN A 19 14.99 5.78 -7.69
CA ASN A 19 15.33 7.04 -7.02
C ASN A 19 14.19 7.51 -6.12
N GLY A 20 13.40 6.56 -5.63
CA GLY A 20 12.28 6.90 -4.75
C GLY A 20 11.07 7.40 -5.52
N ASP A 21 10.97 7.03 -6.79
CA ASP A 21 9.84 7.43 -7.62
C ASP A 21 9.39 6.31 -8.54
N LEU A 22 8.12 6.34 -8.93
CA LEU A 22 7.58 5.32 -9.82
C LEU A 22 8.26 5.37 -11.18
N PRO A 23 8.39 4.20 -11.85
CA PRO A 23 9.02 4.12 -13.17
C PRO A 23 8.15 4.71 -14.28
N TRP A 24 6.85 4.42 -14.22
CA TRP A 24 5.92 4.91 -15.22
C TRP A 24 5.57 6.38 -14.96
N PRO A 25 5.23 7.13 -16.02
CA PRO A 25 4.86 8.55 -15.91
C PRO A 25 3.56 8.75 -15.13
N PRO A 26 3.19 10.01 -14.87
CA PRO A 26 1.96 10.34 -14.14
C PRO A 26 0.75 9.58 -14.67
N LEU A 27 0.15 8.77 -13.81
CA LEU A 27 -1.03 7.99 -14.19
C LEU A 27 -2.26 8.42 -13.39
N ARG A 28 -3.06 9.30 -13.99
CA ARG A 28 -4.27 9.80 -13.34
C ARG A 28 -5.23 8.66 -13.03
N ASN A 29 -5.33 7.70 -13.95
CA ASN A 29 -6.21 6.56 -13.77
C ASN A 29 -5.79 5.73 -12.55
N GLU A 30 -4.48 5.52 -12.41
CA GLU A 30 -3.95 4.75 -11.30
C GLU A 30 -4.04 5.53 -9.99
N PHE A 31 -3.70 6.82 -10.05
CA PHE A 31 -3.74 7.67 -8.88
C PHE A 31 -5.17 7.82 -8.36
N ARG A 32 -6.11 8.00 -9.28
CA ARG A 32 -7.51 8.15 -8.92
C ARG A 32 -8.10 6.83 -8.45
N TYR A 33 -7.77 5.75 -9.16
CA TYR A 33 -8.25 4.42 -8.81
C TYR A 33 -7.70 3.97 -7.47
N PHE A 34 -6.43 4.28 -7.23
CA PHE A 34 -5.77 3.89 -5.99
C PHE A 34 -6.38 4.64 -4.80
N GLN A 35 -6.56 5.94 -4.95
CA GLN A 35 -7.13 6.77 -3.90
C GLN A 35 -8.56 6.32 -3.58
N ARG A 36 -9.37 6.17 -4.63
CA ARG A 36 -10.75 5.76 -4.47
C ARG A 36 -10.84 4.39 -3.80
N MET A 37 -9.91 3.51 -4.16
CA MET A 37 -9.87 2.16 -3.60
C MET A 37 -9.74 2.19 -2.08
N THR A 38 -8.73 2.91 -1.60
CA THR A 38 -8.49 3.04 -0.17
C THR A 38 -9.59 3.84 0.50
N THR A 39 -10.16 4.80 -0.24
CA THR A 39 -11.23 5.65 0.29
C THR A 39 -12.49 4.84 0.54
N THR A 40 -12.68 3.78 -0.25
CA THR A 40 -13.85 2.92 -0.11
C THR A 40 -13.74 2.05 1.15
N SER A 41 -14.44 2.45 2.20
CA SER A 41 -14.42 1.71 3.46
C SER A 41 -15.68 0.87 3.62
N SER A 42 -15.52 -0.33 4.18
CA SER A 42 -16.66 -1.22 4.40
C SER A 42 -17.57 -0.70 5.49
N VAL A 43 -16.98 -0.01 6.46
CA VAL A 43 -17.75 0.55 7.57
C VAL A 43 -17.90 2.07 7.44
N GLU A 44 -19.14 2.53 7.42
CA GLU A 44 -19.42 3.96 7.29
C GLU A 44 -19.11 4.70 8.60
N GLY A 45 -18.62 5.93 8.47
CA GLY A 45 -18.28 6.71 9.64
C GLY A 45 -17.00 6.26 10.30
N LYS A 46 -16.22 5.44 9.60
CA LYS A 46 -14.95 4.94 10.12
C LYS A 46 -13.77 5.52 9.34
N GLN A 47 -12.59 5.47 9.94
CA GLN A 47 -11.39 5.99 9.31
C GLN A 47 -10.39 4.87 9.04
N ASN A 48 -9.76 4.92 7.87
CA ASN A 48 -8.79 3.90 7.48
C ASN A 48 -7.36 4.37 7.75
N LEU A 49 -6.53 3.47 8.25
CA LEU A 49 -5.14 3.80 8.55
C LEU A 49 -4.19 3.15 7.55
N VAL A 50 -3.37 3.96 6.89
CA VAL A 50 -2.43 3.47 5.91
C VAL A 50 -0.99 3.65 6.40
N ILE A 51 -0.10 2.77 5.95
CA ILE A 51 1.30 2.83 6.34
C ILE A 51 2.17 3.25 5.17
N MET A 52 3.06 4.21 5.42
CA MET A 52 3.96 4.70 4.38
C MET A 52 5.40 4.79 4.89
N GLY A 53 6.35 4.67 3.98
CA GLY A 53 7.75 4.74 4.34
C GLY A 53 8.28 6.16 4.38
N LYS A 54 9.49 6.33 4.90
CA LYS A 54 10.11 7.65 4.98
C LYS A 54 10.38 8.22 3.59
N LYS A 55 10.82 7.35 2.69
CA LYS A 55 11.12 7.77 1.32
C LYS A 55 9.84 8.10 0.56
N THR A 56 8.86 7.22 0.67
CA THR A 56 7.58 7.41 -0.02
C THR A 56 6.91 8.70 0.44
N TRP A 57 6.89 8.92 1.75
CA TRP A 57 6.27 10.11 2.32
C TRP A 57 6.96 11.37 1.80
N PHE A 58 8.29 11.34 1.78
CA PHE A 58 9.08 12.48 1.31
C PHE A 58 8.91 12.67 -0.20
N SER A 59 8.50 11.61 -0.89
CA SER A 59 8.31 11.67 -2.34
C SER A 59 6.93 12.25 -2.68
N ILE A 60 5.96 12.02 -1.81
CA ILE A 60 4.60 12.51 -2.01
C ILE A 60 4.55 14.03 -1.82
N PRO A 61 3.97 14.76 -2.79
CA PRO A 61 3.84 16.22 -2.71
C PRO A 61 3.16 16.67 -1.42
N GLU A 62 3.56 17.83 -0.91
CA GLU A 62 2.98 18.38 0.31
C GLU A 62 1.55 18.83 0.08
N LYS A 63 1.25 19.24 -1.15
CA LYS A 63 -0.10 19.70 -1.49
C LYS A 63 -1.12 18.59 -1.26
N ASN A 64 -0.70 17.35 -1.46
CA ASN A 64 -1.59 16.20 -1.28
C ASN A 64 -1.34 15.54 0.07
N ARG A 65 -0.83 16.31 1.03
CA ARG A 65 -0.56 15.79 2.36
C ARG A 65 -0.93 16.82 3.44
N PRO A 66 -1.51 16.38 4.56
CA PRO A 66 -1.92 14.98 4.78
C PRO A 66 -3.14 14.60 3.94
N LEU A 67 -3.28 13.31 3.66
CA LEU A 67 -4.39 12.81 2.86
C LEU A 67 -5.69 12.86 3.66
N LYS A 68 -6.51 13.88 3.40
CA LYS A 68 -7.77 14.05 4.10
C LYS A 68 -8.67 12.84 3.90
N GLY A 69 -9.33 12.42 4.98
CA GLY A 69 -10.22 11.27 4.89
C GLY A 69 -9.54 9.98 5.34
N ARG A 70 -8.22 9.92 5.19
CA ARG A 70 -7.46 8.75 5.57
C ARG A 70 -6.29 9.12 6.47
N ILE A 71 -5.91 8.20 7.36
CA ILE A 71 -4.81 8.43 8.28
C ILE A 71 -3.50 7.88 7.73
N ASN A 72 -2.52 8.76 7.54
CA ASN A 72 -1.22 8.34 7.02
C ASN A 72 -0.21 8.15 8.14
N LEU A 73 0.40 6.96 8.17
CA LEU A 73 1.39 6.64 9.20
C LEU A 73 2.75 6.41 8.57
N VAL A 74 3.78 6.99 9.19
CA VAL A 74 5.15 6.85 8.69
C VAL A 74 5.97 5.91 9.59
N LEU A 75 6.76 5.05 8.96
CA LEU A 75 7.60 4.12 9.70
C LEU A 75 9.07 4.51 9.61
N SER A 76 9.64 4.91 10.75
CA SER A 76 11.04 5.32 10.80
C SER A 76 11.63 5.07 12.18
N ARG A 77 12.88 4.62 12.20
CA ARG A 77 13.57 4.34 13.47
C ARG A 77 14.51 5.47 13.84
N GLU A 78 15.18 6.04 12.84
CA GLU A 78 16.10 7.14 13.07
C GLU A 78 15.38 8.35 13.65
N LEU A 79 14.15 8.56 13.21
CA LEU A 79 13.36 9.69 13.70
C LEU A 79 12.81 9.42 15.10
N LYS A 80 12.78 10.45 15.92
CA LYS A 80 12.29 10.34 17.29
C LYS A 80 10.85 10.84 17.39
N GLU A 81 10.51 11.83 16.58
CA GLU A 81 9.17 12.40 16.57
C GLU A 81 8.56 12.35 15.18
N PRO A 82 7.23 12.19 15.09
CA PRO A 82 6.54 12.13 13.80
C PRO A 82 6.85 13.34 12.91
N PRO A 83 6.97 13.12 11.59
CA PRO A 83 7.27 14.20 10.65
C PRO A 83 6.08 15.12 10.42
N GLN A 84 6.37 16.35 10.01
CA GLN A 84 5.32 17.33 9.76
C GLN A 84 4.35 16.83 8.69
N GLY A 85 3.07 16.78 9.03
CA GLY A 85 2.07 16.33 8.09
C GLY A 85 1.63 14.89 8.36
N ALA A 86 2.49 14.12 9.02
CA ALA A 86 2.18 12.74 9.33
C ALA A 86 1.23 12.64 10.51
N HIS A 87 0.29 11.69 10.44
CA HIS A 87 -0.68 11.50 11.51
C HIS A 87 -0.05 10.77 12.70
N PHE A 88 0.80 9.80 12.41
CA PHE A 88 1.46 9.03 13.45
C PHE A 88 2.78 8.44 12.94
N LEU A 89 3.71 8.22 13.85
CA LEU A 89 5.02 7.66 13.49
C LEU A 89 5.39 6.51 14.43
N SER A 90 5.87 5.43 13.85
CA SER A 90 6.27 4.26 14.63
C SER A 90 7.70 3.83 14.28
N ARG A 91 8.41 3.28 15.26
CA ARG A 91 9.77 2.83 15.07
C ARG A 91 9.81 1.39 14.55
N SER A 92 8.92 0.56 15.09
CA SER A 92 8.85 -0.84 14.69
C SER A 92 7.42 -1.21 14.27
N LEU A 93 7.32 -2.18 13.36
CA LEU A 93 6.01 -2.62 12.88
C LEU A 93 5.16 -3.16 14.03
N ASP A 94 5.83 -3.76 15.02
CA ASP A 94 5.14 -4.31 16.18
C ASP A 94 4.48 -3.21 17.00
N ASP A 95 5.12 -2.05 17.05
CA ASP A 95 4.59 -0.91 17.79
C ASP A 95 3.37 -0.32 17.09
N ALA A 96 3.50 -0.09 15.79
CA ALA A 96 2.40 0.48 15.01
C ALA A 96 1.21 -0.47 14.97
N LEU A 97 1.50 -1.77 14.97
CA LEU A 97 0.45 -2.79 14.94
C LEU A 97 -0.31 -2.83 16.25
N LYS A 98 0.43 -2.72 17.36
CA LYS A 98 -0.18 -2.74 18.69
C LYS A 98 -1.08 -1.53 18.90
N LEU A 99 -0.64 -0.38 18.40
CA LEU A 99 -1.40 0.85 18.54
C LEU A 99 -2.72 0.76 17.77
N THR A 100 -2.64 0.31 16.52
CA THR A 100 -3.82 0.18 15.68
C THR A 100 -4.76 -0.89 16.22
N GLU A 101 -4.20 -1.86 16.95
CA GLU A 101 -4.99 -2.93 17.53
C GLU A 101 -5.57 -2.53 18.89
N GLN A 102 -4.97 -1.52 19.51
CA GLN A 102 -5.42 -1.05 20.81
C GLN A 102 -6.84 -0.48 20.72
N PRO A 103 -7.71 -0.82 21.69
CA PRO A 103 -9.09 -0.32 21.71
C PRO A 103 -9.18 1.19 21.59
N GLU A 104 -8.19 1.88 22.17
CA GLU A 104 -8.16 3.34 22.13
C GLU A 104 -8.15 3.84 20.69
N LEU A 105 -7.48 3.11 19.81
CA LEU A 105 -7.40 3.49 18.41
C LEU A 105 -8.34 2.66 17.55
N ALA A 106 -8.65 1.45 18.03
CA ALA A 106 -9.55 0.56 17.31
C ALA A 106 -10.88 1.22 17.01
N ASN A 107 -11.28 2.15 17.87
CA ASN A 107 -12.54 2.86 17.70
C ASN A 107 -12.43 3.90 16.58
N LYS A 108 -11.23 4.44 16.41
CA LYS A 108 -10.98 5.45 15.38
C LYS A 108 -10.51 4.79 14.08
N VAL A 109 -9.87 3.64 14.20
CA VAL A 109 -9.38 2.92 13.03
C VAL A 109 -10.24 1.70 12.74
N ASP A 110 -10.37 1.37 11.45
CA ASP A 110 -11.17 0.22 11.03
C ASP A 110 -10.28 -0.87 10.44
N MET A 111 -9.53 -0.52 9.39
CA MET A 111 -8.65 -1.48 8.74
C MET A 111 -7.32 -0.83 8.37
N VAL A 112 -6.29 -1.64 8.24
CA VAL A 112 -4.96 -1.14 7.89
C VAL A 112 -4.63 -1.43 6.43
N TRP A 113 -4.01 -0.46 5.76
CA TRP A 113 -3.65 -0.60 4.36
C TRP A 113 -2.18 -0.26 4.14
N ILE A 114 -1.42 -1.23 3.63
CA ILE A 114 0.00 -1.02 3.36
C ILE A 114 0.22 -0.42 1.98
N VAL A 115 0.86 0.75 1.94
CA VAL A 115 1.13 1.43 0.69
C VAL A 115 2.62 1.68 0.50
N GLY A 116 3.44 0.69 0.87
CA GLY A 116 4.87 0.82 0.73
C GLY A 116 5.53 1.30 2.02
N GLY A 117 6.87 1.34 2.04
CA GLY A 117 7.66 0.93 0.89
C GLY A 117 7.99 -0.55 0.90
N SER A 118 9.15 -0.90 0.33
CA SER A 118 9.58 -2.29 0.27
C SER A 118 9.84 -2.84 1.67
N SER A 119 10.52 -2.04 2.49
CA SER A 119 10.84 -2.45 3.86
C SER A 119 9.56 -2.78 4.64
N VAL A 120 8.57 -1.90 4.52
CA VAL A 120 7.30 -2.10 5.21
C VAL A 120 6.62 -3.37 4.71
N TYR A 121 6.75 -3.65 3.43
CA TYR A 121 6.15 -4.83 2.83
C TYR A 121 6.78 -6.10 3.39
N LYS A 122 8.10 -6.08 3.56
CA LYS A 122 8.83 -7.22 4.10
C LYS A 122 8.33 -7.59 5.50
N GLU A 123 8.27 -6.58 6.37
CA GLU A 123 7.80 -6.79 7.74
C GLU A 123 6.37 -7.30 7.75
N ALA A 124 5.55 -6.78 6.85
CA ALA A 124 4.15 -7.18 6.76
C ALA A 124 4.01 -8.57 6.15
N MET A 125 4.99 -8.95 5.33
CA MET A 125 4.98 -10.27 4.70
C MET A 125 5.11 -11.39 5.73
N ASN A 126 5.52 -11.04 6.94
CA ASN A 126 5.68 -12.03 8.01
C ASN A 126 4.41 -12.17 8.84
N HIS A 127 3.29 -11.73 8.28
CA HIS A 127 2.00 -11.81 8.98
C HIS A 127 1.30 -13.14 8.67
N PRO A 128 1.17 -14.02 9.68
CA PRO A 128 0.52 -15.32 9.49
C PRO A 128 -1.00 -15.20 9.37
N GLY A 129 -1.58 -14.28 10.15
CA GLY A 129 -3.01 -14.08 10.12
C GLY A 129 -3.51 -13.69 8.74
N HIS A 130 -4.83 -13.56 8.60
CA HIS A 130 -5.43 -13.18 7.33
C HIS A 130 -4.93 -11.82 6.87
N LEU A 131 -4.44 -11.75 5.64
CA LEU A 131 -3.92 -10.51 5.08
C LEU A 131 -4.23 -10.41 3.59
N LYS A 132 -4.52 -9.19 3.14
CA LYS A 132 -4.84 -8.96 1.72
C LYS A 132 -3.64 -8.37 1.00
N LEU A 133 -3.43 -8.81 -0.24
CA LEU A 133 -2.30 -8.33 -1.04
C LEU A 133 -2.74 -8.09 -2.48
N PHE A 134 -2.81 -6.82 -2.87
CA PHE A 134 -3.20 -6.46 -4.22
C PHE A 134 -2.01 -5.96 -5.02
N VAL A 135 -1.67 -6.67 -6.09
CA VAL A 135 -0.54 -6.30 -6.93
C VAL A 135 -1.00 -5.91 -8.33
N THR A 136 -0.49 -4.79 -8.83
CA THR A 136 -0.85 -4.30 -10.15
C THR A 136 0.32 -4.48 -11.13
N ARG A 137 0.10 -5.25 -12.19
CA ARG A 137 1.13 -5.49 -13.18
C ARG A 137 1.01 -4.50 -14.34
N ILE A 138 2.14 -3.86 -14.69
CA ILE A 138 2.15 -2.90 -15.78
C ILE A 138 2.82 -3.48 -17.02
N MET A 139 2.05 -3.64 -18.08
CA MET A 139 2.57 -4.18 -19.34
C MET A 139 3.35 -3.13 -20.11
N GLN A 140 4.57 -2.86 -19.66
CA GLN A 140 5.42 -1.86 -20.32
C GLN A 140 6.79 -1.80 -19.67
N ASP A 141 7.83 -2.00 -20.47
CA ASP A 141 9.20 -1.98 -19.97
C ASP A 141 9.57 -0.59 -19.46
N PHE A 142 10.24 -0.53 -18.31
CA PHE A 142 10.64 0.74 -17.73
C PHE A 142 11.90 0.57 -16.87
N GLU A 143 12.59 1.66 -16.62
CA GLU A 143 13.81 1.64 -15.82
C GLU A 143 13.48 1.55 -14.33
N SER A 144 14.12 0.61 -13.64
CA SER A 144 13.89 0.43 -12.20
C SER A 144 15.19 0.06 -11.49
N ASP A 145 15.25 0.37 -10.20
CA ASP A 145 16.43 0.06 -9.41
C ASP A 145 16.13 -0.99 -8.34
N THR A 146 14.93 -0.92 -7.77
CA THR A 146 14.51 -1.85 -6.74
C THR A 146 13.59 -2.91 -7.32
N PHE A 147 13.85 -4.17 -6.98
CA PHE A 147 13.04 -5.28 -7.47
C PHE A 147 12.06 -5.75 -6.40
N PHE A 148 10.92 -6.29 -6.83
CA PHE A 148 9.90 -6.77 -5.91
C PHE A 148 10.16 -8.23 -5.52
N PRO A 149 10.23 -8.52 -4.21
CA PRO A 149 10.48 -9.89 -3.73
C PRO A 149 9.49 -10.89 -4.29
N GLU A 150 9.93 -12.13 -4.43
CA GLU A 150 9.08 -13.19 -4.97
C GLU A 150 8.04 -13.63 -3.94
N ILE A 151 6.81 -13.84 -4.40
CA ILE A 151 5.73 -14.25 -3.52
C ILE A 151 5.60 -15.77 -3.48
N ASP A 152 5.36 -16.31 -2.30
CA ASP A 152 5.20 -17.74 -2.13
C ASP A 152 3.78 -18.19 -2.43
N LEU A 153 3.62 -18.98 -3.48
CA LEU A 153 2.31 -19.48 -3.88
C LEU A 153 1.72 -20.41 -2.82
N GLU A 154 2.61 -21.07 -2.07
CA GLU A 154 2.19 -21.99 -1.02
C GLU A 154 1.46 -21.25 0.10
N LYS A 155 1.85 -19.98 0.30
CA LYS A 155 1.24 -19.16 1.36
C LYS A 155 0.28 -18.15 0.76
N TYR A 156 0.57 -17.69 -0.45
CA TYR A 156 -0.26 -16.71 -1.14
C TYR A 156 -1.11 -17.38 -2.21
N LYS A 157 -2.30 -16.83 -2.43
CA LYS A 157 -3.21 -17.38 -3.43
C LYS A 157 -3.38 -16.41 -4.60
N LEU A 158 -3.17 -16.91 -5.81
CA LEU A 158 -3.30 -16.08 -7.01
C LEU A 158 -4.76 -15.88 -7.39
N LEU A 159 -5.22 -14.64 -7.30
CA LEU A 159 -6.60 -14.32 -7.63
C LEU A 159 -6.66 -13.35 -8.81
N PRO A 160 -6.74 -13.88 -10.04
CA PRO A 160 -6.81 -13.07 -11.26
C PRO A 160 -7.91 -12.02 -11.20
N GLU A 161 -9.16 -12.48 -11.08
CA GLU A 161 -10.30 -11.59 -11.01
C GLU A 161 -10.94 -11.63 -9.63
N TYR A 162 -10.97 -10.47 -8.97
CA TYR A 162 -11.55 -10.38 -7.63
C TYR A 162 -12.64 -9.31 -7.59
N PRO A 163 -13.73 -9.56 -6.84
CA PRO A 163 -14.85 -8.61 -6.72
C PRO A 163 -14.40 -7.23 -6.29
N GLY A 164 -14.91 -6.20 -6.96
CA GLY A 164 -14.55 -4.84 -6.62
C GLY A 164 -13.43 -4.31 -7.49
N VAL A 165 -12.48 -5.17 -7.84
CA VAL A 165 -11.35 -4.79 -8.67
C VAL A 165 -11.56 -5.20 -10.12
N LEU A 166 -11.15 -4.34 -11.05
CA LEU A 166 -11.30 -4.63 -12.47
C LEU A 166 -10.30 -5.69 -12.93
N SER A 167 -10.76 -6.61 -13.76
CA SER A 167 -9.90 -7.68 -14.26
C SER A 167 -9.44 -7.38 -15.68
N ASP A 168 -10.26 -6.66 -16.43
CA ASP A 168 -9.93 -6.30 -17.80
C ASP A 168 -8.71 -5.38 -17.85
N VAL A 169 -7.85 -5.58 -18.84
CA VAL A 169 -6.65 -4.76 -18.99
C VAL A 169 -7.02 -3.31 -19.31
N GLN A 170 -6.57 -2.40 -18.45
CA GLN A 170 -6.84 -0.98 -18.63
C GLN A 170 -5.79 -0.34 -19.52
N GLU A 171 -6.09 0.87 -20.01
CA GLU A 171 -5.16 1.59 -20.88
C GLU A 171 -5.28 3.10 -20.67
N GLU A 172 -4.17 3.74 -20.33
CA GLU A 172 -4.15 5.18 -20.10
C GLU A 172 -2.86 5.80 -20.64
N LYS A 173 -3.01 6.82 -21.48
CA LYS A 173 -1.87 7.49 -22.08
C LYS A 173 -1.01 6.52 -22.89
N GLY A 174 -1.66 5.51 -23.44
CA GLY A 174 -0.95 4.52 -24.24
C GLY A 174 -0.24 3.48 -23.39
N ILE A 175 -0.63 3.38 -22.13
CA ILE A 175 -0.02 2.43 -21.21
C ILE A 175 -1.04 1.38 -20.75
N LYS A 176 -0.78 0.12 -21.11
CA LYS A 176 -1.68 -0.96 -20.74
C LYS A 176 -1.16 -1.70 -19.50
N TYR A 177 -2.04 -1.94 -18.54
CA TYR A 177 -1.67 -2.64 -17.31
C TYR A 177 -2.82 -3.51 -16.81
N LYS A 178 -2.48 -4.53 -16.03
CA LYS A 178 -3.49 -5.44 -15.48
C LYS A 178 -3.51 -5.36 -13.96
N PHE A 179 -4.61 -5.82 -13.36
CA PHE A 179 -4.75 -5.81 -11.91
C PHE A 179 -4.83 -7.24 -11.36
N GLU A 180 -3.87 -7.59 -10.51
CA GLU A 180 -3.83 -8.92 -9.91
C GLU A 180 -4.14 -8.85 -8.42
N VAL A 181 -4.79 -9.90 -7.91
CA VAL A 181 -5.14 -9.95 -6.50
C VAL A 181 -4.53 -11.18 -5.83
N TYR A 182 -3.96 -10.97 -4.65
CA TYR A 182 -3.33 -12.06 -3.90
C TYR A 182 -3.85 -12.09 -2.46
N GLU A 183 -4.21 -13.29 -2.00
CA GLU A 183 -4.72 -13.46 -0.65
C GLU A 183 -3.82 -14.38 0.15
N LYS A 184 -3.72 -14.13 1.46
CA LYS A 184 -2.89 -14.93 2.35
C LYS A 184 -3.74 -15.93 3.13
N ASN A 185 -3.31 -17.19 3.14
CA ASN A 185 -4.02 -18.24 3.85
C ASN A 185 -3.22 -18.74 5.05
N ASP A 186 -3.83 -18.71 6.22
CA ASP A 186 -3.17 -19.16 7.44
C ASP A 186 -2.77 -20.63 7.33
PA NDP B . 13.11 3.67 2.22
O1A NDP B . 12.72 4.86 3.00
O2A NDP B . 14.51 3.58 1.76
O5B NDP B . 12.66 2.33 2.96
C5B NDP B . 13.50 1.71 3.94
C4B NDP B . 13.59 2.56 5.18
O4B NDP B . 12.26 2.82 5.69
C3B NDP B . 14.33 1.96 6.35
O3B NDP B . 15.75 2.18 6.24
C2B NDP B . 13.75 2.71 7.54
O2B NDP B . 14.32 3.99 7.73
C1B NDP B . 12.28 2.85 7.11
N9A NDP B . 11.43 1.78 7.61
C8A NDP B . 10.86 0.75 6.89
N7A NDP B . 10.13 -0.06 7.63
C5A NDP B . 10.24 0.46 8.90
C6A NDP B . 9.69 0.06 10.15
N6A NDP B . 8.91 -1.02 10.30
N1A NDP B . 9.99 0.80 11.24
C2A NDP B . 10.78 1.88 11.08
N3A NDP B . 11.34 2.36 9.98
C4A NDP B . 11.03 1.60 8.91
O3 NDP B . 12.12 3.56 0.92
PN NDP B . 10.76 2.70 0.54
O1N NDP B . 10.78 1.44 1.32
O2N NDP B . 9.59 3.58 0.71
O5D NDP B . 11.09 2.45 -0.99
C5D NDP B . 10.14 1.78 -1.86
C4D NDP B . 10.20 2.36 -3.24
O4D NDP B . 9.31 1.62 -4.12
C3D NDP B . 9.73 3.80 -3.38
O3D NDP B . 10.80 4.71 -3.07
C2D NDP B . 9.34 3.88 -4.85
O2D NDP B . 10.46 4.08 -5.72
C1D NDP B . 8.74 2.49 -5.08
N1N NDP B . 7.29 2.45 -4.94
C2N NDP B . 6.37 1.95 -5.76
C3N NDP B . 5.09 1.93 -5.56
C7N NDP B . 4.43 1.29 -6.67
O7N NDP B . 3.17 1.30 -6.35
N7N NDP B . 4.95 0.74 -7.80
C4N NDP B . 4.56 2.53 -4.29
C5N NDP B . 5.51 3.09 -3.36
C6N NDP B . 6.87 3.09 -3.60
P2B NDP B . 15.61 4.39 8.71
O1X NDP B . 14.81 5.25 9.78
O2X NDP B . 15.94 3.03 9.31
O3X NDP B . 16.38 5.33 7.78
H51A NDP B . 14.50 1.57 3.53
H52A NDP B . 13.09 0.73 4.21
H4B NDP B . 14.07 3.51 4.96
H3B NDP B . 14.15 0.88 6.45
HO3A NDP B . 15.91 3.11 6.11
H2B NDP B . 13.84 2.14 8.46
H1B NDP B . 11.83 3.78 7.47
H8A NDP B . 11.00 0.63 5.82
H61A NDP B . 8.56 -1.26 11.21
H62A NDP B . 8.73 -1.62 9.50
H2A NDP B . 10.98 2.44 12.00
H51N NDP B . 10.36 0.71 -1.90
H52N NDP B . 9.14 1.91 -1.45
H4D NDP B . 11.22 2.32 -3.64
H3D NDP B . 8.87 4.01 -2.75
HO3N NDP B . 11.49 4.24 -2.61
H2D NDP B . 8.62 4.66 -5.04
HO2N NDP B . 10.33 4.89 -6.22
H1D NDP B . 8.95 2.11 -6.09
H2N NDP B . 6.73 1.51 -6.69
H71N NDP B . 4.34 0.29 -8.47
H72N NDP B . 5.93 0.80 -7.99
H41N NDP B . 3.88 3.34 -4.58
H42N NDP B . 4.02 1.74 -3.77
H5N NDP B . 5.13 3.53 -2.44
H6N NDP B . 7.60 3.51 -2.89
N1 TRR C . 0.42 2.82 -6.27
C2 TRR C . 0.12 1.55 -5.83
N2 TRR C . -0.49 0.65 -6.68
N3 TRR C . 0.42 1.18 -4.54
C4 TRR C . 1.02 2.06 -3.68
N4 TRR C . 1.33 1.67 -2.39
C5 TRR C . 1.33 3.35 -4.12
C6 TRR C . 1.03 3.71 -5.42
C7 TRR C . 2.00 4.33 -3.19
C11 TRR C . 1.64 5.76 -3.49
C12 TRR C . 2.49 6.54 -4.27
C13 TRR C . 2.17 7.87 -4.56
C14 TRR C . 0.98 8.41 -4.07
C15 TRR C . 0.11 7.64 -3.29
C16 TRR C . 0.45 6.30 -3.00
O13 TRR C . 3.01 8.66 -5.33
O14 TRR C . 0.65 9.72 -4.36
O15 TRR C . -1.06 8.19 -2.81
C17 TRR C . 4.20 8.10 -5.82
C18 TRR C . 0.42 10.59 -3.28
C19 TRR C . -1.92 7.40 -2.01
H1 TRR C . 0.19 3.09 -7.19
H21 TRR C . -0.71 0.91 -7.61
H22 TRR C . -0.71 -0.26 -6.38
H41 TRR C . 1.11 0.75 -2.08
H42 TRR C . 1.77 2.30 -1.76
H6 TRR C . 1.26 4.73 -5.78
H71 TRR C . 3.08 4.21 -3.26
H72 TRR C . 1.69 4.11 -2.17
H12 TRR C . 3.43 6.10 -4.66
H16 TRR C . -0.21 5.69 -2.39
H171 TRR C . 4.88 7.85 -5.02
H172 TRR C . 4.73 8.80 -6.48
H173 TRR C . 4.01 7.20 -6.41
H181 TRR C . 1.06 10.37 -2.44
H182 TRR C . -0.61 10.53 -2.94
H183 TRR C . 0.60 11.63 -3.56
H191 TRR C . -2.66 8.01 -1.52
H192 TRR C . -1.37 6.86 -1.26
H193 TRR C . -2.45 6.67 -2.62
N VAL A 1 -11.97 -5.75 11.80
CA VAL A 1 -10.97 -5.58 12.89
C VAL A 1 -9.81 -6.54 12.73
N GLY A 2 -8.60 -5.99 12.62
CA GLY A 2 -7.42 -6.82 12.47
C GLY A 2 -7.19 -7.25 11.03
N SER A 3 -7.69 -6.44 10.09
CA SER A 3 -7.52 -6.74 8.67
C SER A 3 -6.53 -5.79 8.02
N LEU A 4 -5.44 -6.34 7.49
CA LEU A 4 -4.41 -5.55 6.85
C LEU A 4 -4.43 -5.76 5.33
N ASN A 5 -4.66 -4.69 4.59
CA ASN A 5 -4.71 -4.76 3.13
C ASN A 5 -3.52 -4.03 2.52
N CYS A 6 -2.72 -4.76 1.74
CA CYS A 6 -1.54 -4.19 1.10
C CYS A 6 -1.79 -3.98 -0.39
N ILE A 7 -1.22 -2.91 -0.94
CA ILE A 7 -1.38 -2.59 -2.34
C ILE A 7 -0.13 -1.94 -2.91
N VAL A 8 0.46 -2.57 -3.93
CA VAL A 8 1.67 -2.04 -4.56
C VAL A 8 1.71 -2.42 -6.04
N ALA A 9 2.26 -1.52 -6.86
CA ALA A 9 2.36 -1.77 -8.29
C ALA A 9 3.73 -2.31 -8.66
N VAL A 10 3.81 -3.04 -9.77
CA VAL A 10 5.06 -3.61 -10.24
C VAL A 10 5.14 -3.62 -11.76
N SER A 11 6.34 -3.43 -12.29
CA SER A 11 6.54 -3.42 -13.73
C SER A 11 6.58 -4.84 -14.29
N GLN A 12 6.50 -4.95 -15.61
CA GLN A 12 6.52 -6.25 -16.27
C GLN A 12 7.82 -7.00 -15.96
N ASN A 13 8.86 -6.25 -15.61
CA ASN A 13 10.15 -6.85 -15.30
C ASN A 13 10.31 -7.04 -13.79
N MET A 14 9.19 -7.12 -13.08
CA MET A 14 9.22 -7.31 -11.63
C MET A 14 9.90 -6.13 -10.95
N GLY A 15 9.67 -4.93 -11.49
CA GLY A 15 10.28 -3.73 -10.92
C GLY A 15 9.30 -2.93 -10.09
N ILE A 16 9.81 -2.12 -9.17
CA ILE A 16 8.97 -1.30 -8.31
C ILE A 16 9.22 0.18 -8.55
N GLY A 17 10.49 0.55 -8.69
CA GLY A 17 10.84 1.94 -8.92
C GLY A 17 12.33 2.18 -8.86
N LYS A 18 12.76 3.32 -9.37
CA LYS A 18 14.18 3.68 -9.37
C LYS A 18 14.40 5.02 -8.68
N ASN A 19 15.26 5.03 -7.67
CA ASN A 19 15.56 6.24 -6.93
C ASN A 19 14.32 6.80 -6.25
N GLY A 20 13.40 5.91 -5.89
CA GLY A 20 12.17 6.32 -5.25
C GLY A 20 11.12 6.81 -6.24
N ASP A 21 11.27 6.41 -7.49
CA ASP A 21 10.32 6.81 -8.53
C ASP A 21 9.79 5.58 -9.29
N LEU A 22 8.52 5.62 -9.64
CA LEU A 22 7.88 4.52 -10.36
C LEU A 22 8.46 4.40 -11.77
N PRO A 23 8.61 3.16 -12.29
CA PRO A 23 9.14 2.92 -13.63
C PRO A 23 8.40 3.71 -14.70
N TRP A 24 7.09 3.88 -14.51
CA TRP A 24 6.27 4.62 -15.46
C TRP A 24 5.98 6.03 -14.95
N PRO A 25 5.89 7.01 -15.86
CA PRO A 25 5.61 8.40 -15.50
C PRO A 25 4.34 8.54 -14.66
N PRO A 26 4.01 9.77 -14.24
CA PRO A 26 2.82 10.03 -13.42
C PRO A 26 1.55 9.47 -14.06
N LEU A 27 0.88 8.58 -13.35
CA LEU A 27 -0.35 7.97 -13.84
C LEU A 27 -1.57 8.55 -13.14
N ARG A 28 -2.45 9.17 -13.91
CA ARG A 28 -3.66 9.78 -13.37
C ARG A 28 -4.66 8.71 -12.95
N ASN A 29 -4.77 7.66 -13.75
CA ASN A 29 -5.69 6.57 -13.45
C ASN A 29 -5.25 5.79 -12.23
N GLU A 30 -3.94 5.54 -12.13
CA GLU A 30 -3.39 4.81 -11.00
C GLU A 30 -3.58 5.57 -9.70
N PHE A 31 -3.31 6.88 -9.75
CA PHE A 31 -3.45 7.72 -8.56
C PHE A 31 -4.91 7.81 -8.14
N ARG A 32 -5.78 8.14 -9.08
CA ARG A 32 -7.21 8.27 -8.81
C ARG A 32 -7.80 6.92 -8.40
N TYR A 33 -7.34 5.85 -9.06
CA TYR A 33 -7.82 4.51 -8.77
C TYR A 33 -7.36 4.05 -7.40
N PHE A 34 -6.18 4.52 -6.98
CA PHE A 34 -5.62 4.16 -5.69
C PHE A 34 -6.45 4.75 -4.56
N GLN A 35 -6.76 6.04 -4.67
CA GLN A 35 -7.55 6.72 -3.65
C GLN A 35 -8.97 6.18 -3.60
N ARG A 36 -9.52 5.87 -4.77
CA ARG A 36 -10.88 5.34 -4.85
C ARG A 36 -11.01 4.03 -4.10
N MET A 37 -10.09 3.10 -4.38
CA MET A 37 -10.10 1.79 -3.72
C MET A 37 -9.92 1.94 -2.22
N THR A 38 -8.96 2.77 -1.82
CA THR A 38 -8.68 3.00 -0.40
C THR A 38 -9.87 3.67 0.28
N THR A 39 -10.43 4.68 -0.36
CA THR A 39 -11.57 5.39 0.19
C THR A 39 -12.77 4.47 0.35
N THR A 40 -12.96 3.59 -0.63
CA THR A 40 -14.08 2.64 -0.60
C THR A 40 -13.88 1.60 0.51
N SER A 41 -14.33 1.94 1.71
CA SER A 41 -14.20 1.04 2.85
C SER A 41 -15.49 0.28 3.10
N SER A 42 -15.38 -0.92 3.68
CA SER A 42 -16.54 -1.75 3.96
C SER A 42 -16.90 -1.69 5.44
N VAL A 43 -16.66 -0.53 6.06
CA VAL A 43 -16.95 -0.35 7.48
C VAL A 43 -17.52 1.04 7.75
N GLU A 44 -18.79 1.09 8.12
CA GLU A 44 -19.45 2.36 8.39
C GLU A 44 -19.21 2.79 9.85
N GLY A 45 -18.92 4.07 10.05
CA GLY A 45 -18.68 4.57 11.39
C GLY A 45 -17.27 4.31 11.86
N LYS A 46 -16.38 3.94 10.94
CA LYS A 46 -15.00 3.66 11.28
C LYS A 46 -14.05 4.33 10.29
N GLN A 47 -12.79 4.50 10.70
CA GLN A 47 -11.79 5.13 9.85
C GLN A 47 -10.69 4.13 9.47
N ASN A 48 -10.03 4.40 8.36
CA ASN A 48 -8.96 3.52 7.89
C ASN A 48 -7.59 4.16 8.13
N LEU A 49 -6.63 3.35 8.57
CA LEU A 49 -5.28 3.82 8.84
C LEU A 49 -4.31 3.31 7.79
N VAL A 50 -3.61 4.22 7.11
CA VAL A 50 -2.65 3.85 6.09
C VAL A 50 -1.22 4.07 6.57
N ILE A 51 -0.33 3.15 6.20
CA ILE A 51 1.07 3.24 6.60
C ILE A 51 1.97 3.42 5.38
N MET A 52 2.94 4.33 5.49
CA MET A 52 3.86 4.61 4.40
C MET A 52 5.27 4.81 4.93
N GLY A 53 6.25 4.71 4.03
CA GLY A 53 7.64 4.89 4.43
C GLY A 53 8.09 6.34 4.34
N LYS A 54 9.28 6.62 4.87
CA LYS A 54 9.81 7.97 4.85
C LYS A 54 10.00 8.46 3.42
N LYS A 55 10.39 7.55 2.53
CA LYS A 55 10.60 7.90 1.13
C LYS A 55 9.29 8.30 0.46
N THR A 56 8.26 7.48 0.66
CA THR A 56 6.95 7.74 0.07
C THR A 56 6.36 9.04 0.61
N TRP A 57 6.45 9.23 1.93
CA TRP A 57 5.93 10.42 2.57
C TRP A 57 6.58 11.68 1.98
N PHE A 58 7.87 11.60 1.71
CA PHE A 58 8.61 12.73 1.14
C PHE A 58 8.37 12.85 -0.35
N SER A 59 7.91 11.77 -0.97
CA SER A 59 7.65 11.75 -2.41
C SER A 59 6.28 12.36 -2.72
N ILE A 60 5.36 12.27 -1.76
CA ILE A 60 4.02 12.82 -1.94
C ILE A 60 4.04 14.35 -1.95
N PRO A 61 3.30 14.98 -2.88
CA PRO A 61 3.24 16.43 -2.97
C PRO A 61 2.44 17.06 -1.83
N GLU A 62 2.73 18.33 -1.55
CA GLU A 62 2.05 19.05 -0.47
C GLU A 62 0.63 19.44 -0.90
N LYS A 63 0.43 19.60 -2.21
CA LYS A 63 -0.87 19.99 -2.74
C LYS A 63 -1.96 19.02 -2.27
N ASN A 64 -1.60 17.75 -2.14
CA ASN A 64 -2.54 16.73 -1.70
C ASN A 64 -2.31 16.36 -0.23
N ARG A 65 -1.06 16.48 0.20
CA ARG A 65 -0.70 16.16 1.58
C ARG A 65 -1.03 17.32 2.51
N PRO A 66 -1.58 17.04 3.71
CA PRO A 66 -1.86 15.68 4.18
C PRO A 66 -3.05 15.06 3.47
N LEU A 67 -2.96 13.76 3.16
CA LEU A 67 -4.03 13.06 2.49
C LEU A 67 -5.26 12.90 3.40
N LYS A 68 -6.19 13.84 3.29
CA LYS A 68 -7.40 13.80 4.11
C LYS A 68 -8.25 12.57 3.78
N GLY A 69 -9.14 12.22 4.68
CA GLY A 69 -10.00 11.07 4.47
C GLY A 69 -9.46 9.81 5.12
N ARG A 70 -8.15 9.74 5.28
CA ARG A 70 -7.52 8.58 5.89
C ARG A 70 -6.34 9.00 6.77
N ILE A 71 -6.06 8.21 7.80
CA ILE A 71 -4.96 8.50 8.71
C ILE A 71 -3.62 8.09 8.11
N ASN A 72 -2.73 9.06 7.94
CA ASN A 72 -1.41 8.81 7.38
C ASN A 72 -0.39 8.50 8.47
N LEU A 73 0.21 7.31 8.40
CA LEU A 73 1.19 6.89 9.38
C LEU A 73 2.53 6.58 8.71
N VAL A 74 3.58 7.23 9.19
CA VAL A 74 4.92 7.03 8.64
C VAL A 74 5.79 6.19 9.59
N LEU A 75 6.58 5.29 9.02
CA LEU A 75 7.46 4.45 9.81
C LEU A 75 8.90 4.95 9.77
N SER A 76 9.31 5.64 10.83
CA SER A 76 10.66 6.18 10.92
C SER A 76 11.33 5.78 12.22
N ARG A 77 12.54 5.25 12.12
CA ARG A 77 13.29 4.81 13.29
C ARG A 77 14.23 5.92 13.78
N GLU A 78 14.71 6.73 12.85
CA GLU A 78 15.61 7.82 13.18
C GLU A 78 14.85 8.99 13.79
N LEU A 79 13.65 9.24 13.28
CA LEU A 79 12.81 10.32 13.77
C LEU A 79 12.18 9.97 15.11
N LYS A 80 12.06 10.95 15.99
CA LYS A 80 11.48 10.74 17.31
C LYS A 80 10.01 11.16 17.32
N GLU A 81 9.70 12.25 16.62
CA GLU A 81 8.33 12.75 16.54
C GLU A 81 7.80 12.68 15.12
N PRO A 82 6.49 12.45 14.95
CA PRO A 82 5.87 12.36 13.62
C PRO A 82 6.16 13.59 12.76
N PRO A 83 6.57 13.37 11.50
CA PRO A 83 6.88 14.48 10.58
C PRO A 83 5.73 15.48 10.45
N GLN A 84 6.06 16.71 10.10
CA GLN A 84 5.05 17.76 9.94
C GLN A 84 4.02 17.37 8.89
N GLY A 85 2.75 17.34 9.28
CA GLY A 85 1.70 16.98 8.34
C GLY A 85 1.21 15.55 8.53
N ALA A 86 2.06 14.71 9.11
CA ALA A 86 1.71 13.31 9.35
C ALA A 86 0.73 13.18 10.50
N HIS A 87 -0.05 12.11 10.50
CA HIS A 87 -1.03 11.87 11.55
C HIS A 87 -0.41 11.06 12.70
N PHE A 88 0.40 10.07 12.34
CA PHE A 88 1.05 9.23 13.34
C PHE A 88 2.39 8.72 12.82
N LEU A 89 3.25 8.31 13.75
CA LEU A 89 4.57 7.80 13.40
C LEU A 89 4.97 6.64 14.29
N SER A 90 5.63 5.64 13.72
CA SER A 90 6.07 4.48 14.48
C SER A 90 7.54 4.16 14.19
N ARG A 91 8.25 3.71 15.22
CA ARG A 91 9.66 3.38 15.08
C ARG A 91 9.83 2.00 14.44
N SER A 92 8.90 1.11 14.70
CA SER A 92 8.95 -0.24 14.14
C SER A 92 7.54 -0.76 13.85
N LEU A 93 7.47 -1.88 13.14
CA LEU A 93 6.19 -2.49 12.78
C LEU A 93 5.40 -2.86 14.04
N ASP A 94 6.11 -3.40 15.03
CA ASP A 94 5.47 -3.80 16.28
C ASP A 94 4.80 -2.61 16.96
N ASP A 95 5.49 -1.47 16.97
CA ASP A 95 4.97 -0.26 17.59
C ASP A 95 3.69 0.20 16.88
N ALA A 96 3.74 0.25 15.56
CA ALA A 96 2.58 0.66 14.77
C ALA A 96 1.45 -0.36 14.87
N LEU A 97 1.83 -1.63 14.94
CA LEU A 97 0.84 -2.70 15.03
C LEU A 97 0.16 -2.69 16.40
N LYS A 98 0.95 -2.50 17.45
CA LYS A 98 0.42 -2.46 18.80
C LYS A 98 -0.53 -1.28 19.01
N LEU A 99 -0.20 -0.16 18.35
CA LEU A 99 -1.03 1.03 18.46
C LEU A 99 -2.38 0.83 17.79
N THR A 100 -2.36 0.29 16.58
CA THR A 100 -3.59 0.03 15.83
C THR A 100 -4.40 -1.08 16.48
N GLU A 101 -3.73 -1.93 17.25
CA GLU A 101 -4.40 -3.04 17.92
C GLU A 101 -4.98 -2.60 19.28
N GLN A 102 -4.41 -1.54 19.83
CA GLN A 102 -4.87 -1.03 21.13
C GLN A 102 -6.31 -0.51 21.03
N PRO A 103 -7.14 -0.79 22.05
CA PRO A 103 -8.54 -0.34 22.07
C PRO A 103 -8.68 1.17 21.86
N GLU A 104 -7.67 1.91 22.32
CA GLU A 104 -7.69 3.36 22.19
C GLU A 104 -7.80 3.78 20.72
N LEU A 105 -7.12 3.04 19.85
CA LEU A 105 -7.14 3.34 18.42
C LEU A 105 -8.07 2.38 17.68
N ALA A 106 -8.26 1.19 18.23
CA ALA A 106 -9.13 0.19 17.63
C ALA A 106 -10.54 0.74 17.42
N ASN A 107 -10.94 1.67 18.28
CA ASN A 107 -12.26 2.27 18.19
C ASN A 107 -12.33 3.26 17.02
N LYS A 108 -11.21 3.89 16.72
CA LYS A 108 -11.15 4.86 15.62
C LYS A 108 -10.79 4.17 14.31
N VAL A 109 -9.87 3.22 14.37
CA VAL A 109 -9.44 2.49 13.18
C VAL A 109 -9.95 1.05 13.21
N ASP A 110 -10.23 0.51 12.02
CA ASP A 110 -10.72 -0.85 11.90
C ASP A 110 -9.77 -1.71 11.08
N MET A 111 -9.30 -1.16 9.96
CA MET A 111 -8.38 -1.87 9.08
C MET A 111 -7.18 -1.00 8.74
N VAL A 112 -6.07 -1.66 8.40
CA VAL A 112 -4.84 -0.94 8.05
C VAL A 112 -4.51 -1.13 6.56
N TRP A 113 -4.05 -0.07 5.92
CA TRP A 113 -3.69 -0.11 4.51
C TRP A 113 -2.21 0.17 4.31
N ILE A 114 -1.53 -0.76 3.63
CA ILE A 114 -0.10 -0.61 3.35
C ILE A 114 0.14 -0.02 1.97
N VAL A 115 0.82 1.12 1.93
CA VAL A 115 1.11 1.78 0.66
C VAL A 115 2.61 1.94 0.45
N GLY A 116 3.37 0.91 0.81
CA GLY A 116 4.81 0.97 0.65
C GLY A 116 5.52 1.44 1.91
N GLY A 117 6.85 1.37 1.93
CA GLY A 117 7.61 0.86 0.80
C GLY A 117 7.79 -0.65 0.83
N SER A 118 8.83 -1.13 0.16
CA SER A 118 9.12 -2.56 0.13
C SER A 118 9.47 -3.09 1.51
N SER A 119 10.18 -2.26 2.29
CA SER A 119 10.58 -2.65 3.64
C SER A 119 9.36 -2.97 4.49
N VAL A 120 8.35 -2.11 4.42
CA VAL A 120 7.12 -2.31 5.19
C VAL A 120 6.36 -3.52 4.68
N TYR A 121 6.43 -3.76 3.37
CA TYR A 121 5.74 -4.89 2.76
C TYR A 121 6.29 -6.21 3.30
N LYS A 122 7.61 -6.29 3.43
CA LYS A 122 8.25 -7.49 3.92
C LYS A 122 7.90 -7.73 5.39
N GLU A 123 7.93 -6.68 6.18
CA GLU A 123 7.62 -6.78 7.60
C GLU A 123 6.20 -7.31 7.81
N ALA A 124 5.24 -6.72 7.09
CA ALA A 124 3.85 -7.14 7.19
C ALA A 124 3.62 -8.49 6.53
N MET A 125 4.44 -8.79 5.52
CA MET A 125 4.32 -10.06 4.80
C MET A 125 4.54 -11.24 5.73
N ASN A 126 5.17 -10.99 6.87
CA ASN A 126 5.45 -12.05 7.85
C ASN A 126 4.34 -12.14 8.90
N HIS A 127 3.17 -11.60 8.58
CA HIS A 127 2.03 -11.62 9.50
C HIS A 127 1.39 -13.00 9.53
N PRO A 128 1.04 -13.50 10.73
CA PRO A 128 0.42 -14.82 10.88
C PRO A 128 -1.07 -14.80 10.53
N GLY A 129 -1.75 -13.72 10.89
CA GLY A 129 -3.17 -13.61 10.60
C GLY A 129 -3.44 -13.38 9.13
N HIS A 130 -4.71 -13.17 8.80
CA HIS A 130 -5.11 -12.94 7.41
C HIS A 130 -4.43 -11.70 6.85
N LEU A 131 -3.93 -11.82 5.61
CA LEU A 131 -3.26 -10.70 4.96
C LEU A 131 -3.60 -10.65 3.48
N LYS A 132 -3.94 -9.46 3.00
CA LYS A 132 -4.30 -9.27 1.59
C LYS A 132 -3.25 -8.44 0.88
N LEU A 133 -2.79 -8.92 -0.26
CA LEU A 133 -1.77 -8.21 -1.04
C LEU A 133 -2.28 -7.93 -2.45
N PHE A 134 -2.28 -6.65 -2.83
CA PHE A 134 -2.75 -6.24 -4.15
C PHE A 134 -1.57 -5.83 -5.02
N VAL A 135 -1.29 -6.62 -6.06
CA VAL A 135 -0.19 -6.34 -6.97
C VAL A 135 -0.70 -5.84 -8.30
N THR A 136 -0.04 -4.82 -8.84
CA THR A 136 -0.43 -4.24 -10.12
C THR A 136 0.61 -4.56 -11.19
N ARG A 137 0.19 -5.32 -12.20
CA ARG A 137 1.08 -5.71 -13.29
C ARG A 137 1.08 -4.65 -14.40
N ILE A 138 2.22 -4.01 -14.61
CA ILE A 138 2.35 -2.98 -15.62
C ILE A 138 3.11 -3.51 -16.84
N MET A 139 2.40 -3.68 -17.95
CA MET A 139 3.00 -4.17 -19.19
C MET A 139 3.68 -3.04 -19.95
N GLN A 140 4.93 -2.76 -19.58
CA GLN A 140 5.69 -1.70 -20.25
C GLN A 140 7.16 -1.77 -19.85
N ASP A 141 8.03 -1.77 -20.85
CA ASP A 141 9.47 -1.82 -20.61
C ASP A 141 9.96 -0.57 -19.88
N PHE A 142 10.58 -0.76 -18.72
CA PHE A 142 11.09 0.36 -17.94
C PHE A 142 12.35 -0.04 -17.19
N GLU A 143 13.19 0.95 -16.89
CA GLU A 143 14.44 0.70 -16.17
C GLU A 143 14.21 0.76 -14.66
N SER A 144 14.55 -0.32 -13.96
CA SER A 144 14.39 -0.38 -12.52
C SER A 144 15.62 -1.01 -11.86
N ASP A 145 15.87 -0.62 -10.61
CA ASP A 145 17.02 -1.14 -9.87
C ASP A 145 16.56 -2.04 -8.73
N THR A 146 15.41 -1.73 -8.16
CA THR A 146 14.85 -2.52 -7.06
C THR A 146 13.84 -3.54 -7.57
N PHE A 147 14.03 -4.80 -7.20
CA PHE A 147 13.13 -5.87 -7.61
C PHE A 147 12.14 -6.21 -6.51
N PHE A 148 10.93 -6.59 -6.90
CA PHE A 148 9.90 -6.95 -5.94
C PHE A 148 9.91 -8.45 -5.66
N PRO A 149 9.90 -8.85 -4.37
CA PRO A 149 9.91 -10.26 -3.98
C PRO A 149 8.79 -11.05 -4.64
N GLU A 150 9.03 -12.33 -4.87
CA GLU A 150 8.03 -13.19 -5.49
C GLU A 150 7.15 -13.86 -4.43
N ILE A 151 5.84 -13.65 -4.54
CA ILE A 151 4.91 -14.22 -3.59
C ILE A 151 4.76 -15.72 -3.81
N ASP A 152 4.86 -16.49 -2.71
CA ASP A 152 4.74 -17.94 -2.78
C ASP A 152 3.30 -18.35 -3.05
N LEU A 153 3.08 -19.00 -4.19
CA LEU A 153 1.74 -19.45 -4.57
C LEU A 153 1.24 -20.54 -3.62
N GLU A 154 2.18 -21.28 -3.04
CA GLU A 154 1.84 -22.36 -2.12
C GLU A 154 1.19 -21.81 -0.85
N LYS A 155 1.59 -20.59 -0.47
CA LYS A 155 1.04 -19.95 0.72
C LYS A 155 0.03 -18.87 0.34
N TYR A 156 0.25 -18.24 -0.81
CA TYR A 156 -0.64 -17.18 -1.28
C TYR A 156 -1.50 -17.68 -2.44
N LYS A 157 -2.75 -17.21 -2.49
CA LYS A 157 -3.67 -17.60 -3.55
C LYS A 157 -3.81 -16.50 -4.59
N LEU A 158 -3.64 -16.87 -5.85
CA LEU A 158 -3.74 -15.91 -6.94
C LEU A 158 -5.20 -15.54 -7.21
N LEU A 159 -5.56 -14.31 -6.90
CA LEU A 159 -6.93 -13.83 -7.11
C LEU A 159 -7.01 -12.91 -8.32
N PRO A 160 -7.26 -13.46 -9.52
CA PRO A 160 -7.36 -12.66 -10.74
C PRO A 160 -8.63 -11.82 -10.79
N GLU A 161 -9.74 -12.40 -10.35
CA GLU A 161 -11.02 -11.71 -10.34
C GLU A 161 -11.49 -11.46 -8.91
N TYR A 162 -11.40 -10.20 -8.47
CA TYR A 162 -11.82 -9.84 -7.13
C TYR A 162 -12.98 -8.85 -7.18
N PRO A 163 -13.91 -8.91 -6.20
CA PRO A 163 -15.07 -8.02 -6.15
C PRO A 163 -14.68 -6.57 -5.87
N GLY A 164 -15.06 -5.67 -6.77
CA GLY A 164 -14.75 -4.26 -6.60
C GLY A 164 -13.59 -3.80 -7.47
N VAL A 165 -12.56 -4.62 -7.58
CA VAL A 165 -11.40 -4.26 -8.38
C VAL A 165 -11.70 -4.40 -9.88
N LEU A 166 -11.29 -3.40 -10.65
CA LEU A 166 -11.50 -3.41 -12.10
C LEU A 166 -10.74 -4.56 -12.76
N SER A 167 -11.43 -5.33 -13.59
CA SER A 167 -10.81 -6.45 -14.28
C SER A 167 -10.27 -6.02 -15.63
N ASP A 168 -10.92 -5.05 -16.25
CA ASP A 168 -10.49 -4.55 -17.55
C ASP A 168 -9.12 -3.88 -17.45
N VAL A 169 -8.27 -4.17 -18.44
CA VAL A 169 -6.93 -3.60 -18.48
C VAL A 169 -6.98 -2.09 -18.65
N GLN A 170 -6.31 -1.36 -17.76
CA GLN A 170 -6.28 0.10 -17.82
C GLN A 170 -5.22 0.57 -18.81
N GLU A 171 -5.32 1.83 -19.22
CA GLU A 171 -4.37 2.40 -20.17
C GLU A 171 -4.15 3.88 -19.88
N GLU A 172 -2.90 4.27 -19.69
CA GLU A 172 -2.56 5.66 -19.41
C GLU A 172 -1.27 6.06 -20.12
N LYS A 173 -1.34 7.12 -20.91
CA LYS A 173 -0.16 7.60 -21.65
C LYS A 173 0.39 6.50 -22.55
N GLY A 174 -0.48 5.62 -23.01
CA GLY A 174 -0.05 4.53 -23.88
C GLY A 174 0.55 3.37 -23.10
N ILE A 175 0.27 3.30 -21.81
CA ILE A 175 0.78 2.24 -20.96
C ILE A 175 -0.35 1.34 -20.47
N LYS A 176 -0.33 0.08 -20.90
CA LYS A 176 -1.36 -0.87 -20.50
C LYS A 176 -0.90 -1.66 -19.27
N TYR A 177 -1.83 -1.89 -18.35
CA TYR A 177 -1.53 -2.64 -17.13
C TYR A 177 -2.79 -3.31 -16.58
N LYS A 178 -2.59 -4.38 -15.82
CA LYS A 178 -3.71 -5.11 -15.23
C LYS A 178 -3.55 -5.20 -13.72
N PHE A 179 -4.69 -5.26 -13.01
CA PHE A 179 -4.68 -5.34 -11.56
C PHE A 179 -4.78 -6.80 -11.10
N GLU A 180 -3.87 -7.20 -10.21
CA GLU A 180 -3.85 -8.55 -9.69
C GLU A 180 -4.03 -8.56 -8.18
N VAL A 181 -4.88 -9.46 -7.70
CA VAL A 181 -5.15 -9.56 -6.27
C VAL A 181 -4.55 -10.84 -5.68
N TYR A 182 -3.90 -10.71 -4.53
CA TYR A 182 -3.28 -11.85 -3.88
C TYR A 182 -3.78 -11.99 -2.44
N GLU A 183 -4.18 -13.20 -2.07
CA GLU A 183 -4.67 -13.46 -0.72
C GLU A 183 -3.79 -14.47 0.01
N LYS A 184 -3.64 -14.28 1.30
CA LYS A 184 -2.81 -15.17 2.11
C LYS A 184 -3.68 -16.16 2.89
N ASN A 185 -3.31 -17.44 2.81
CA ASN A 185 -4.06 -18.49 3.51
C ASN A 185 -3.44 -18.79 4.87
N ASP A 186 -4.29 -19.02 5.86
CA ASP A 186 -3.83 -19.32 7.22
C ASP A 186 -3.23 -20.72 7.29
PA NDP B . 14.04 1.26 1.78
O1A NDP B . 15.29 1.69 1.10
O2A NDP B . 14.09 -0.01 2.53
O5B NDP B . 13.43 2.44 2.66
C5B NDP B . 12.26 2.22 3.48
C4B NDP B . 12.26 3.17 4.65
O4B NDP B . 11.04 2.99 5.41
C3B NDP B . 13.37 2.98 5.66
O3B NDP B . 14.55 3.68 5.26
C2B NDP B . 12.77 3.60 6.93
O2B NDP B . 12.86 5.00 6.96
C1B NDP B . 11.30 3.16 6.80
N9A NDP B . 11.00 1.92 7.49
C8A NDP B . 10.75 0.69 6.94
N7A NDP B . 10.51 -0.25 7.82
C5A NDP B . 10.61 0.40 9.03
C6A NDP B . 10.46 -0.04 10.37
N6A NDP B . 10.17 -1.29 10.71
N1A NDP B . 10.62 0.87 11.35
C2A NDP B . 10.91 2.14 11.02
N3A NDP B . 11.08 2.67 9.81
C4A NDP B . 10.91 1.74 8.85
O3 NDP B . 12.84 1.16 0.65
PN NDP B . 12.77 1.26 -0.98
O1N NDP B . 13.75 2.27 -1.44
O2N NDP B . 12.89 -0.11 -1.53
O5D NDP B . 11.28 1.79 -1.11
C5D NDP B . 10.31 1.13 -1.94
C4D NDP B . 10.53 1.49 -3.39
O4D NDP B . 9.61 0.75 -4.22
C3D NDP B . 10.27 2.95 -3.75
O3D NDP B . 11.43 3.76 -3.49
C2D NDP B . 9.99 2.86 -5.24
O2D NDP B . 11.16 2.81 -6.05
C1D NDP B . 9.20 1.55 -5.32
N1N NDP B . 7.75 1.72 -5.26
C2N NDP B . 6.81 1.35 -6.11
C3N NDP B . 5.54 1.53 -5.98
C7N NDP B . 4.85 0.99 -7.12
O7N NDP B . 3.58 1.20 -6.86
N7N NDP B . 5.33 0.36 -8.23
C4N NDP B . 5.04 2.22 -4.75
C5N NDP B . 6.01 2.66 -3.77
C6N NDP B . 7.38 2.45 -3.94
P2B NDP B . 14.19 5.92 7.38
O1X NDP B . 15.05 4.78 8.06
O2X NDP B . 14.77 6.24 6.00
O3X NDP B . 13.58 6.81 8.47
H51A NDP B . 12.28 1.18 3.85
H52A NDP B . 11.37 2.36 2.88
H4B NDP B . 12.31 4.20 4.31
H3B NDP B . 13.60 1.92 5.83
HO3A NDP B . 14.35 4.58 5.08
H2B NDP B . 13.22 3.19 7.82
H1B NDP B . 10.62 3.91 7.20
H8A NDP B . 10.75 0.51 5.86
H61A NDP B . 10.08 -1.55 11.68
H62A NDP B . 10.10 -2.00 9.99
H2A NDP B . 11.03 2.83 11.85
H51N NDP B . 10.41 0.05 -1.81
H52N NDP B . 9.30 1.43 -1.65
H4D NDP B . 11.56 1.28 -3.70
H3D NDP B . 9.42 3.36 -3.22
HO3N NDP B . 11.30 4.25 -2.68
H2D NDP B . 9.38 3.70 -5.58
HO2N NDP B . 11.73 3.55 -5.85
H1D NDP B . 9.39 1.02 -6.26
H2N NDP B . 7.15 0.86 -7.02
H71N NDP B . 4.68 0.01 -8.93
H72N NDP B . 6.32 0.25 -8.36
H41N NDP B . 4.51 3.13 -5.07
H42N NDP B . 4.37 1.54 -4.24
H5N NDP B . 5.67 3.16 -2.87
H6N NDP B . 8.12 2.77 -3.21
N1 TRR C . 1.12 2.92 -6.64
C2 TRR C . 0.77 1.66 -6.21
N2 TRR C . 0.10 0.81 -7.04
N3 TRR C . 1.08 1.26 -4.92
C4 TRR C . 1.76 2.11 -4.07
N4 TRR C . 2.07 1.69 -2.80
C5 TRR C . 2.12 3.38 -4.50
C6 TRR C . 1.79 3.78 -5.80
C7 TRR C . 2.85 4.33 -3.58
C11 TRR C . 2.61 5.77 -3.91
C12 TRR C . 3.53 6.46 -4.69
C13 TRR C . 3.32 7.81 -5.00
C14 TRR C . 2.18 8.47 -4.51
C15 TRR C . 1.26 7.77 -3.72
C16 TRR C . 1.48 6.42 -3.42
O13 TRR C . 4.23 8.52 -5.78
O14 TRR C . 1.97 9.80 -4.81
O15 TRR C . 0.13 8.43 -3.26
C17 TRR C . 5.37 7.86 -6.27
C18 TRR C . 2.09 10.72 -3.77
C19 TRR C . -0.79 7.73 -2.46
H1 TRR C . 0.89 3.21 -7.55
H21 TRR C . -0.14 1.08 -7.97
H22 TRR C . -0.16 -0.11 -6.74
H41 TRR C . 1.82 0.78 -2.49
H42 TRR C . 2.56 2.29 -2.17
H6 TRR C . 2.06 4.79 -6.15
H71 TRR C . 3.91 4.11 -3.64
H72 TRR C . 2.52 4.14 -2.56
H12 TRR C . 4.43 5.95 -5.07
H16 TRR C . 0.75 5.87 -2.81
H171 TRR C . 5.90 7.33 -5.46
H172 TRR C . 6.09 8.56 -6.71
H173 TRR C . 5.12 7.12 -7.02
H181 TRR C . 3.02 10.61 -3.23
H182 TRR C . 1.28 10.62 -3.06
H183 TRR C . 2.06 11.75 -4.15
H191 TRR C . -1.03 6.76 -2.90
H192 TRR C . -1.72 8.28 -2.36
H193 TRR C . -0.40 7.54 -1.46
N VAL A 1 -11.58 -4.34 12.80
CA VAL A 1 -10.26 -4.41 13.48
C VAL A 1 -9.58 -5.74 13.20
N GLY A 2 -8.27 -5.68 12.95
CA GLY A 2 -7.52 -6.90 12.67
C GLY A 2 -7.52 -7.25 11.19
N SER A 3 -7.67 -6.25 10.34
CA SER A 3 -7.69 -6.46 8.90
C SER A 3 -6.71 -5.50 8.20
N LEU A 4 -5.69 -6.06 7.58
CA LEU A 4 -4.69 -5.27 6.88
C LEU A 4 -4.72 -5.56 5.38
N ASN A 5 -4.86 -4.50 4.57
CA ASN A 5 -4.90 -4.64 3.13
C ASN A 5 -3.75 -3.88 2.48
N CYS A 6 -2.91 -4.60 1.74
CA CYS A 6 -1.77 -3.99 1.07
C CYS A 6 -2.03 -3.86 -0.44
N ILE A 7 -1.56 -2.76 -1.01
CA ILE A 7 -1.75 -2.52 -2.44
C ILE A 7 -0.55 -1.77 -3.02
N VAL A 8 0.20 -2.44 -3.89
CA VAL A 8 1.37 -1.85 -4.51
C VAL A 8 1.44 -2.20 -6.00
N ALA A 9 2.03 -1.32 -6.79
CA ALA A 9 2.16 -1.54 -8.23
C ALA A 9 3.59 -1.92 -8.60
N VAL A 10 3.73 -2.80 -9.58
CA VAL A 10 5.04 -3.26 -10.03
C VAL A 10 5.09 -3.36 -11.55
N SER A 11 6.27 -3.12 -12.12
CA SER A 11 6.45 -3.20 -13.55
C SER A 11 6.62 -4.64 -14.01
N GLN A 12 6.52 -4.86 -15.32
CA GLN A 12 6.65 -6.20 -15.89
C GLN A 12 8.03 -6.79 -15.56
N ASN A 13 8.98 -5.92 -15.23
CA ASN A 13 10.33 -6.36 -14.91
C ASN A 13 10.51 -6.54 -13.40
N MET A 14 9.40 -6.74 -12.70
CA MET A 14 9.44 -6.93 -11.25
C MET A 14 10.04 -5.70 -10.56
N GLY A 15 9.82 -4.53 -11.15
CA GLY A 15 10.33 -3.30 -10.57
C GLY A 15 9.26 -2.48 -9.89
N ILE A 16 9.66 -1.72 -8.87
CA ILE A 16 8.72 -0.89 -8.12
C ILE A 16 8.94 0.59 -8.41
N GLY A 17 10.21 1.00 -8.46
CA GLY A 17 10.53 2.39 -8.72
C GLY A 17 12.02 2.64 -8.76
N LYS A 18 12.41 3.78 -9.34
CA LYS A 18 13.81 4.15 -9.44
C LYS A 18 14.05 5.55 -8.89
N ASN A 19 15.05 5.68 -8.03
CA ASN A 19 15.37 6.97 -7.43
C ASN A 19 14.22 7.49 -6.57
N GLY A 20 13.44 6.57 -6.03
CA GLY A 20 12.31 6.95 -5.20
C GLY A 20 11.11 7.41 -6.00
N ASP A 21 11.05 6.99 -7.27
CA ASP A 21 9.95 7.35 -8.14
C ASP A 21 9.47 6.17 -8.97
N LEU A 22 8.20 6.18 -9.35
CA LEU A 22 7.62 5.10 -10.14
C LEU A 22 8.26 5.05 -11.52
N PRO A 23 8.42 3.84 -12.09
CA PRO A 23 9.02 3.65 -13.42
C PRO A 23 8.27 4.42 -14.50
N TRP A 24 6.95 4.43 -14.41
CA TRP A 24 6.12 5.12 -15.38
C TRP A 24 5.67 6.48 -14.85
N PRO A 25 5.41 7.44 -15.75
CA PRO A 25 4.96 8.78 -15.36
C PRO A 25 3.71 8.74 -14.48
N PRO A 26 3.33 9.88 -13.89
CA PRO A 26 2.14 9.96 -13.02
C PRO A 26 0.87 9.56 -13.76
N LEU A 27 0.22 8.51 -13.29
CA LEU A 27 -1.01 8.03 -13.90
C LEU A 27 -2.24 8.58 -13.17
N ARG A 28 -3.10 9.25 -13.92
CA ARG A 28 -4.31 9.83 -13.34
C ARG A 28 -5.30 8.74 -12.93
N ASN A 29 -5.28 7.63 -13.66
CA ASN A 29 -6.16 6.51 -13.38
C ASN A 29 -5.70 5.76 -12.13
N GLU A 30 -4.39 5.59 -12.00
CA GLU A 30 -3.82 4.90 -10.85
C GLU A 30 -4.07 5.68 -9.56
N PHE A 31 -3.88 6.99 -9.62
CA PHE A 31 -4.08 7.85 -8.47
C PHE A 31 -5.56 7.94 -8.10
N ARG A 32 -6.40 8.08 -9.12
CA ARG A 32 -7.85 8.18 -8.91
C ARG A 32 -8.40 6.86 -8.40
N TYR A 33 -7.95 5.76 -9.00
CA TYR A 33 -8.41 4.43 -8.60
C TYR A 33 -7.92 4.10 -7.19
N PHE A 34 -6.67 4.45 -6.90
CA PHE A 34 -6.08 4.18 -5.59
C PHE A 34 -6.88 4.88 -4.49
N GLN A 35 -7.17 6.16 -4.70
CA GLN A 35 -7.92 6.93 -3.72
C GLN A 35 -9.38 6.49 -3.68
N ARG A 36 -9.94 6.20 -4.86
CA ARG A 36 -11.32 5.77 -4.96
C ARG A 36 -11.55 4.48 -4.17
N MET A 37 -10.59 3.57 -4.24
CA MET A 37 -10.69 2.30 -3.53
C MET A 37 -10.57 2.50 -2.03
N THR A 38 -9.52 3.20 -1.61
CA THR A 38 -9.28 3.48 -0.20
C THR A 38 -10.45 4.25 0.41
N THR A 39 -10.99 5.20 -0.36
CA THR A 39 -12.11 6.01 0.10
C THR A 39 -13.37 5.17 0.27
N THR A 40 -13.54 4.21 -0.63
CA THR A 40 -14.72 3.33 -0.59
C THR A 40 -14.65 2.40 0.62
N SER A 41 -15.16 2.87 1.75
CA SER A 41 -15.15 2.08 2.97
C SER A 41 -16.39 1.19 3.05
N SER A 42 -16.24 0.02 3.65
CA SER A 42 -17.34 -0.93 3.78
C SER A 42 -18.23 -0.56 4.97
N VAL A 43 -17.62 0.02 6.01
CA VAL A 43 -18.35 0.41 7.20
C VAL A 43 -18.46 1.93 7.30
N GLU A 44 -19.65 2.42 7.59
CA GLU A 44 -19.88 3.86 7.72
C GLU A 44 -19.65 4.32 9.16
N GLY A 45 -19.03 5.49 9.31
CA GLY A 45 -18.75 6.02 10.62
C GLY A 45 -17.41 5.59 11.17
N LYS A 46 -16.57 5.05 10.30
CA LYS A 46 -15.24 4.58 10.71
C LYS A 46 -14.16 5.26 9.88
N GLN A 47 -12.93 5.25 10.41
CA GLN A 47 -11.80 5.86 9.72
C GLN A 47 -10.76 4.81 9.34
N ASN A 48 -10.19 4.96 8.15
CA ASN A 48 -9.17 4.02 7.67
C ASN A 48 -7.78 4.57 7.89
N LEU A 49 -6.86 3.71 8.32
CA LEU A 49 -5.48 4.11 8.57
C LEU A 49 -4.54 3.55 7.51
N VAL A 50 -3.75 4.41 6.89
CA VAL A 50 -2.81 4.00 5.86
C VAL A 50 -1.37 4.11 6.36
N ILE A 51 -0.57 3.10 6.02
CA ILE A 51 0.83 3.08 6.44
C ILE A 51 1.75 3.28 5.24
N MET A 52 2.72 4.19 5.39
CA MET A 52 3.67 4.48 4.33
C MET A 52 5.09 4.58 4.87
N GLY A 53 6.07 4.39 4.00
CA GLY A 53 7.46 4.47 4.43
C GLY A 53 8.01 5.88 4.35
N LYS A 54 9.21 6.07 4.88
CA LYS A 54 9.85 7.39 4.87
C LYS A 54 10.05 7.88 3.45
N LYS A 55 10.41 6.97 2.55
CA LYS A 55 10.64 7.30 1.15
C LYS A 55 9.34 7.71 0.47
N THR A 56 8.26 7.01 0.80
CA THR A 56 6.95 7.30 0.21
C THR A 56 6.47 8.68 0.64
N TRP A 57 6.60 8.98 1.93
CA TRP A 57 6.17 10.27 2.46
C TRP A 57 6.96 11.41 1.83
N PHE A 58 8.25 11.16 1.61
CA PHE A 58 9.12 12.17 1.01
C PHE A 58 8.90 12.27 -0.50
N SER A 59 8.33 11.22 -1.08
CA SER A 59 8.07 11.20 -2.51
C SER A 59 6.77 11.93 -2.85
N ILE A 60 5.84 11.94 -1.90
CA ILE A 60 4.56 12.60 -2.09
C ILE A 60 4.73 14.12 -2.06
N PRO A 61 4.15 14.85 -3.04
CA PRO A 61 4.24 16.31 -3.11
C PRO A 61 3.38 16.99 -2.05
N GLU A 62 3.81 18.17 -1.61
CA GLU A 62 3.08 18.93 -0.60
C GLU A 62 1.67 19.28 -1.10
N LYS A 63 1.52 19.36 -2.42
CA LYS A 63 0.22 19.69 -3.01
C LYS A 63 -0.86 18.72 -2.55
N ASN A 64 -0.46 17.49 -2.25
CA ASN A 64 -1.39 16.47 -1.81
C ASN A 64 -1.32 16.29 -0.29
N ARG A 65 -0.14 16.51 0.27
CA ARG A 65 0.07 16.39 1.71
C ARG A 65 -0.41 17.64 2.44
N PRO A 66 -1.04 17.46 3.63
CA PRO A 66 -1.34 16.16 4.21
C PRO A 66 -2.49 15.45 3.50
N LEU A 67 -2.28 14.17 3.16
CA LEU A 67 -3.29 13.39 2.48
C LEU A 67 -4.53 13.21 3.36
N LYS A 68 -5.51 14.09 3.19
CA LYS A 68 -6.73 14.04 3.96
C LYS A 68 -7.60 12.86 3.52
N GLY A 69 -8.67 12.62 4.26
CA GLY A 69 -9.57 11.52 3.92
C GLY A 69 -9.26 10.25 4.71
N ARG A 70 -7.98 10.01 4.94
CA ARG A 70 -7.54 8.83 5.68
C ARG A 70 -6.38 9.16 6.60
N ILE A 71 -6.24 8.40 7.69
CA ILE A 71 -5.17 8.61 8.65
C ILE A 71 -3.82 8.20 8.06
N ASN A 72 -2.88 9.14 8.06
CA ASN A 72 -1.55 8.87 7.53
C ASN A 72 -0.61 8.39 8.63
N LEU A 73 0.08 7.27 8.38
CA LEU A 73 1.01 6.71 9.35
C LEU A 73 2.34 6.36 8.69
N VAL A 74 3.42 6.86 9.25
CA VAL A 74 4.76 6.61 8.72
C VAL A 74 5.52 5.61 9.58
N LEU A 75 6.33 4.77 8.95
CA LEU A 75 7.11 3.77 9.66
C LEU A 75 8.60 4.03 9.50
N SER A 76 9.22 4.55 10.54
CA SER A 76 10.65 4.85 10.52
C SER A 76 11.31 4.48 11.85
N ARG A 77 12.36 3.69 11.78
CA ARG A 77 13.08 3.26 12.99
C ARG A 77 14.15 4.28 13.36
N GLU A 78 14.70 4.96 12.37
CA GLU A 78 15.73 5.97 12.59
C GLU A 78 15.13 7.26 13.13
N LEU A 79 13.94 7.59 12.65
CA LEU A 79 13.25 8.81 13.08
C LEU A 79 12.63 8.62 14.47
N LYS A 80 12.71 9.66 15.29
CA LYS A 80 12.15 9.61 16.64
C LYS A 80 10.83 10.36 16.70
N GLU A 81 10.71 11.42 15.91
CA GLU A 81 9.49 12.21 15.87
C GLU A 81 8.80 12.10 14.51
N PRO A 82 7.45 12.00 14.50
CA PRO A 82 6.69 11.88 13.26
C PRO A 82 6.87 13.09 12.34
N PRO A 83 6.86 12.88 11.02
CA PRO A 83 7.03 13.96 10.05
C PRO A 83 5.79 14.86 9.96
N GLN A 84 6.00 16.10 9.53
CA GLN A 84 4.90 17.06 9.41
C GLN A 84 3.85 16.54 8.43
N GLY A 85 2.59 16.58 8.85
CA GLY A 85 1.51 16.12 8.01
C GLY A 85 1.03 14.73 8.38
N ALA A 86 1.90 13.95 9.01
CA ALA A 86 1.56 12.60 9.41
C ALA A 86 0.69 12.61 10.67
N HIS A 87 -0.11 11.55 10.84
CA HIS A 87 -0.99 11.44 11.99
C HIS A 87 -0.33 10.65 13.11
N PHE A 88 0.47 9.65 12.74
CA PHE A 88 1.17 8.82 13.71
C PHE A 88 2.43 8.22 13.10
N LEU A 89 3.40 7.90 13.95
CA LEU A 89 4.66 7.31 13.51
C LEU A 89 5.09 6.19 14.44
N SER A 90 5.60 5.11 13.86
CA SER A 90 6.06 3.97 14.64
C SER A 90 7.49 3.59 14.27
N ARG A 91 8.24 3.09 15.25
CA ARG A 91 9.63 2.69 15.03
C ARG A 91 9.69 1.38 14.26
N SER A 92 8.73 0.51 14.51
CA SER A 92 8.68 -0.79 13.84
C SER A 92 7.24 -1.22 13.57
N LEU A 93 7.08 -2.23 12.73
CA LEU A 93 5.75 -2.74 12.39
C LEU A 93 5.03 -3.25 13.63
N ASP A 94 5.79 -3.86 14.53
CA ASP A 94 5.22 -4.41 15.76
C ASP A 94 4.56 -3.31 16.59
N ASP A 95 5.20 -2.15 16.63
CA ASP A 95 4.68 -1.01 17.39
C ASP A 95 3.39 -0.49 16.75
N ALA A 96 3.44 -0.28 15.44
CA ALA A 96 2.27 0.23 14.71
C ALA A 96 1.11 -0.75 14.78
N LEU A 97 1.42 -2.04 14.77
CA LEU A 97 0.39 -3.08 14.83
C LEU A 97 -0.24 -3.12 16.21
N LYS A 98 0.56 -2.85 17.25
CA LYS A 98 0.08 -2.86 18.62
C LYS A 98 -0.87 -1.68 18.87
N LEU A 99 -0.56 -0.54 18.26
CA LEU A 99 -1.39 0.65 18.42
C LEU A 99 -2.74 0.47 17.74
N THR A 100 -2.73 -0.05 16.52
CA THR A 100 -3.95 -0.28 15.76
C THR A 100 -4.77 -1.40 16.40
N GLU A 101 -4.10 -2.31 17.09
CA GLU A 101 -4.78 -3.43 17.75
C GLU A 101 -5.27 -3.03 19.13
N GLN A 102 -4.63 -2.02 19.72
CA GLN A 102 -5.02 -1.55 21.05
C GLN A 102 -6.42 -0.94 21.01
N PRO A 103 -7.24 -1.21 22.05
CA PRO A 103 -8.61 -0.68 22.13
C PRO A 103 -8.64 0.84 22.10
N GLU A 104 -7.55 1.46 22.54
CA GLU A 104 -7.45 2.92 22.56
C GLU A 104 -7.57 3.49 21.15
N LEU A 105 -7.00 2.79 20.18
CA LEU A 105 -7.05 3.22 18.79
C LEU A 105 -8.08 2.42 17.99
N ALA A 106 -8.37 1.21 18.45
CA ALA A 106 -9.34 0.35 17.77
C ALA A 106 -10.68 1.04 17.62
N ASN A 107 -10.98 1.98 18.52
CA ASN A 107 -12.24 2.71 18.48
C ASN A 107 -12.22 3.78 17.40
N LYS A 108 -11.03 4.30 17.09
CA LYS A 108 -10.89 5.33 16.07
C LYS A 108 -10.51 4.72 14.73
N VAL A 109 -9.75 3.63 14.76
CA VAL A 109 -9.33 2.96 13.53
C VAL A 109 -10.04 1.62 13.37
N ASP A 110 -10.30 1.25 12.12
CA ASP A 110 -10.98 -0.01 11.82
C ASP A 110 -10.07 -0.95 11.04
N MET A 111 -9.73 -0.55 9.81
CA MET A 111 -8.88 -1.35 8.95
C MET A 111 -7.61 -0.59 8.57
N VAL A 112 -6.55 -1.32 8.26
CA VAL A 112 -5.28 -0.71 7.89
C VAL A 112 -4.99 -0.91 6.40
N TRP A 113 -4.29 0.06 5.81
CA TRP A 113 -3.95 -0.01 4.40
C TRP A 113 -2.47 0.26 4.17
N ILE A 114 -1.77 -0.71 3.59
CA ILE A 114 -0.35 -0.58 3.32
C ILE A 114 -0.11 0.09 1.96
N VAL A 115 0.58 1.22 1.98
CA VAL A 115 0.87 1.95 0.75
C VAL A 115 2.37 2.08 0.53
N GLY A 116 3.11 1.02 0.83
CA GLY A 116 4.55 1.04 0.66
C GLY A 116 5.28 1.43 1.93
N GLY A 117 6.61 1.37 1.91
CA GLY A 117 7.36 0.94 0.73
C GLY A 117 7.66 -0.55 0.75
N SER A 118 8.79 -0.91 0.13
CA SER A 118 9.19 -2.31 0.07
C SER A 118 9.51 -2.85 1.47
N SER A 119 10.19 -2.04 2.27
CA SER A 119 10.55 -2.44 3.63
C SER A 119 9.30 -2.79 4.43
N VAL A 120 8.28 -1.93 4.34
CA VAL A 120 7.04 -2.16 5.06
C VAL A 120 6.36 -3.44 4.59
N TYR A 121 6.44 -3.71 3.29
CA TYR A 121 5.84 -4.91 2.72
C TYR A 121 6.55 -6.16 3.22
N LYS A 122 7.87 -6.08 3.35
CA LYS A 122 8.67 -7.20 3.83
C LYS A 122 8.23 -7.62 5.23
N GLU A 123 8.22 -6.66 6.15
CA GLU A 123 7.83 -6.93 7.52
C GLU A 123 6.39 -7.44 7.59
N ALA A 124 5.49 -6.76 6.88
CA ALA A 124 4.09 -7.14 6.86
C ALA A 124 3.90 -8.49 6.19
N MET A 125 4.82 -8.86 5.30
CA MET A 125 4.76 -10.12 4.60
C MET A 125 4.76 -11.30 5.57
N ASN A 126 5.24 -11.06 6.79
CA ASN A 126 5.30 -12.11 7.80
C ASN A 126 4.06 -12.08 8.70
N HIS A 127 2.98 -11.48 8.21
CA HIS A 127 1.75 -11.39 8.97
C HIS A 127 1.06 -12.75 9.05
N PRO A 128 1.01 -13.34 10.26
CA PRO A 128 0.38 -14.66 10.47
C PRO A 128 -1.13 -14.61 10.27
N GLY A 129 -1.74 -13.50 10.72
CA GLY A 129 -3.18 -13.35 10.59
C GLY A 129 -3.60 -13.07 9.16
N HIS A 130 -4.90 -12.85 8.97
CA HIS A 130 -5.44 -12.56 7.64
C HIS A 130 -4.82 -11.29 7.06
N LEU A 131 -4.31 -11.40 5.84
CA LEU A 131 -3.68 -10.25 5.18
C LEU A 131 -3.92 -10.31 3.67
N LYS A 132 -4.20 -9.15 3.08
CA LYS A 132 -4.45 -9.06 1.65
C LYS A 132 -3.33 -8.29 0.96
N LEU A 133 -2.92 -8.77 -0.21
CA LEU A 133 -1.85 -8.13 -0.98
C LEU A 133 -2.28 -7.90 -2.42
N PHE A 134 -2.38 -6.64 -2.81
CA PHE A 134 -2.78 -6.28 -4.17
C PHE A 134 -1.59 -5.81 -4.98
N VAL A 135 -1.21 -6.60 -5.97
CA VAL A 135 -0.07 -6.28 -6.82
C VAL A 135 -0.53 -5.86 -8.23
N THR A 136 0.10 -4.84 -8.77
CA THR A 136 -0.24 -4.35 -10.10
C THR A 136 0.88 -4.65 -11.10
N ARG A 137 0.53 -5.31 -12.19
CA ARG A 137 1.51 -5.66 -13.22
C ARG A 137 1.41 -4.71 -14.40
N ILE A 138 2.45 -3.89 -14.57
CA ILE A 138 2.48 -2.92 -15.67
C ILE A 138 3.14 -3.51 -16.90
N MET A 139 2.35 -3.75 -17.94
CA MET A 139 2.86 -4.32 -19.18
C MET A 139 3.57 -3.26 -20.01
N GLN A 140 4.72 -2.81 -19.53
CA GLN A 140 5.50 -1.80 -20.23
C GLN A 140 6.93 -1.77 -19.73
N ASP A 141 7.88 -1.87 -20.65
CA ASP A 141 9.30 -1.85 -20.30
C ASP A 141 9.70 -0.52 -19.68
N PHE A 142 10.19 -0.58 -18.45
CA PHE A 142 10.61 0.62 -17.73
C PHE A 142 11.77 0.33 -16.79
N GLU A 143 12.69 1.29 -16.69
CA GLU A 143 13.86 1.13 -15.83
C GLU A 143 13.46 1.20 -14.36
N SER A 144 14.04 0.31 -13.55
CA SER A 144 13.75 0.27 -12.12
C SER A 144 15.02 0.06 -11.31
N ASP A 145 15.01 0.54 -10.07
CA ASP A 145 16.17 0.40 -9.20
C ASP A 145 15.93 -0.70 -8.16
N THR A 146 14.76 -0.68 -7.54
CA THR A 146 14.39 -1.66 -6.53
C THR A 146 13.52 -2.75 -7.12
N PHE A 147 13.83 -4.00 -6.78
CA PHE A 147 13.07 -5.14 -7.28
C PHE A 147 12.11 -5.65 -6.21
N PHE A 148 10.96 -6.15 -6.65
CA PHE A 148 9.95 -6.67 -5.73
C PHE A 148 10.17 -8.16 -5.46
N PRO A 149 10.20 -8.57 -4.18
CA PRO A 149 10.41 -9.97 -3.80
C PRO A 149 9.43 -10.91 -4.49
N GLU A 150 9.84 -12.15 -4.72
CA GLU A 150 8.99 -13.14 -5.36
C GLU A 150 7.94 -13.65 -4.40
N ILE A 151 6.70 -13.78 -4.90
CA ILE A 151 5.60 -14.25 -4.08
C ILE A 151 5.52 -15.78 -4.08
N ASP A 152 5.17 -16.34 -2.93
CA ASP A 152 5.07 -17.79 -2.79
C ASP A 152 3.62 -18.25 -2.88
N LEU A 153 3.33 -19.13 -3.82
CA LEU A 153 1.97 -19.64 -4.01
C LEU A 153 1.61 -20.63 -2.90
N GLU A 154 2.62 -21.30 -2.35
CA GLU A 154 2.39 -22.27 -1.28
C GLU A 154 1.87 -21.59 -0.02
N LYS A 155 2.27 -20.34 0.18
CA LYS A 155 1.85 -19.58 1.34
C LYS A 155 0.79 -18.54 0.96
N TYR A 156 0.89 -18.03 -0.26
CA TYR A 156 -0.05 -17.03 -0.75
C TYR A 156 -0.91 -17.58 -1.88
N LYS A 157 -2.12 -17.07 -2.00
CA LYS A 157 -3.05 -17.53 -3.05
C LYS A 157 -3.14 -16.50 -4.17
N LEU A 158 -3.22 -16.98 -5.40
CA LEU A 158 -3.31 -16.12 -6.57
C LEU A 158 -4.77 -15.83 -6.92
N LEU A 159 -5.16 -14.56 -6.80
CA LEU A 159 -6.52 -14.16 -7.10
C LEU A 159 -6.56 -13.27 -8.34
N PRO A 160 -6.74 -13.88 -9.53
CA PRO A 160 -6.80 -13.15 -10.80
C PRO A 160 -8.05 -12.29 -10.92
N GLU A 161 -9.20 -12.88 -10.57
CA GLU A 161 -10.47 -12.17 -10.63
C GLU A 161 -11.03 -11.92 -9.24
N TYR A 162 -10.95 -10.67 -8.79
CA TYR A 162 -11.44 -10.31 -7.47
C TYR A 162 -12.51 -9.21 -7.57
N PRO A 163 -13.69 -9.42 -6.95
CA PRO A 163 -14.78 -8.45 -6.99
C PRO A 163 -14.34 -7.07 -6.51
N GLY A 164 -14.87 -6.03 -7.15
CA GLY A 164 -14.52 -4.68 -6.77
C GLY A 164 -13.40 -4.11 -7.63
N VAL A 165 -12.44 -4.95 -7.99
CA VAL A 165 -11.31 -4.52 -8.80
C VAL A 165 -11.49 -4.95 -10.26
N LEU A 166 -11.08 -4.08 -11.18
CA LEU A 166 -11.19 -4.37 -12.60
C LEU A 166 -10.19 -5.43 -13.03
N SER A 167 -10.68 -6.45 -13.73
CA SER A 167 -9.81 -7.54 -14.20
C SER A 167 -9.26 -7.23 -15.59
N ASP A 168 -10.02 -6.47 -16.37
CA ASP A 168 -9.60 -6.10 -17.72
C ASP A 168 -8.36 -5.23 -17.68
N VAL A 169 -7.53 -5.34 -18.72
CA VAL A 169 -6.30 -4.56 -18.81
C VAL A 169 -6.61 -3.08 -19.05
N GLN A 170 -6.18 -2.23 -18.11
CA GLN A 170 -6.42 -0.79 -18.23
C GLN A 170 -5.32 -0.13 -19.06
N GLU A 171 -5.63 1.03 -19.63
CA GLU A 171 -4.68 1.75 -20.45
C GLU A 171 -4.76 3.26 -20.20
N GLU A 172 -3.63 3.86 -19.84
CA GLU A 172 -3.58 5.29 -19.57
C GLU A 172 -2.28 5.90 -20.09
N LYS A 173 -2.42 6.94 -20.91
CA LYS A 173 -1.26 7.61 -21.48
C LYS A 173 -0.41 6.64 -22.29
N GLY A 174 -1.06 5.64 -22.87
CA GLY A 174 -0.34 4.64 -23.66
C GLY A 174 0.34 3.59 -22.81
N ILE A 175 -0.09 3.47 -21.56
CA ILE A 175 0.49 2.50 -20.65
C ILE A 175 -0.54 1.44 -20.24
N LYS A 176 -0.28 0.19 -20.60
CA LYS A 176 -1.18 -0.90 -20.27
C LYS A 176 -0.72 -1.64 -19.03
N TYR A 177 -1.66 -1.98 -18.16
CA TYR A 177 -1.34 -2.69 -16.92
C TYR A 177 -2.54 -3.51 -16.44
N LYS A 178 -2.26 -4.53 -15.63
CA LYS A 178 -3.30 -5.40 -15.09
C LYS A 178 -3.34 -5.35 -13.58
N PHE A 179 -4.45 -5.78 -12.99
CA PHE A 179 -4.61 -5.78 -11.54
C PHE A 179 -4.65 -7.21 -11.00
N GLU A 180 -3.70 -7.54 -10.15
CA GLU A 180 -3.63 -8.87 -9.56
C GLU A 180 -3.88 -8.82 -8.05
N VAL A 181 -4.55 -9.84 -7.53
CA VAL A 181 -4.86 -9.90 -6.10
C VAL A 181 -4.21 -11.13 -5.46
N TYR A 182 -3.59 -10.92 -4.30
CA TYR A 182 -2.93 -12.00 -3.59
C TYR A 182 -3.39 -12.05 -2.13
N GLU A 183 -3.72 -13.25 -1.65
CA GLU A 183 -4.16 -13.43 -0.28
C GLU A 183 -3.13 -14.19 0.54
N LYS A 184 -3.05 -13.87 1.82
CA LYS A 184 -2.08 -14.52 2.71
C LYS A 184 -2.78 -15.57 3.57
N ASN A 185 -2.33 -16.82 3.46
CA ASN A 185 -2.90 -17.91 4.22
C ASN A 185 -1.91 -18.45 5.24
N ASP A 186 -2.37 -18.65 6.47
CA ASP A 186 -1.52 -19.16 7.54
C ASP A 186 -0.95 -20.54 7.17
PA NDP B . 14.02 2.67 1.46
O1A NDP B . 14.06 3.96 2.17
O2A NDP B . 15.24 2.22 0.77
O5B NDP B . 13.44 1.52 2.40
C5B NDP B . 12.25 1.74 3.19
C4B NDP B . 12.62 2.39 4.51
O4B NDP B . 11.42 2.69 5.26
C3B NDP B . 13.46 1.55 5.45
O3B NDP B . 14.85 1.66 5.14
C2B NDP B . 13.14 2.18 6.81
O2B NDP B . 13.88 3.34 7.08
C1B NDP B . 11.66 2.52 6.64
N9A NDP B . 10.76 1.46 7.13
C8A NDP B . 9.99 0.61 6.39
N7A NDP B . 9.29 -0.23 7.12
C5A NDP B . 9.63 0.09 8.42
C6A NDP B . 9.22 -0.43 9.66
N6A NDP B . 8.36 -1.44 9.80
N1A NDP B . 9.75 0.12 10.79
C2A NDP B . 10.63 1.13 10.65
N3A NDP B . 11.08 1.71 9.54
C4A NDP B . 10.54 1.14 8.45
O3 NDP B . 12.78 2.71 0.37
PN NDP B . 12.54 2.11 -1.15
O1N NDP B . 13.45 2.82 -2.07
O2N NDP B . 12.62 0.64 -1.09
O5D NDP B . 11.03 2.61 -1.33
C5D NDP B . 10.13 1.90 -2.20
C4D NDP B . 10.20 2.46 -3.60
O4D NDP B . 9.35 1.68 -4.48
C3D NDP B . 9.71 3.89 -3.77
O3D NDP B . 10.75 4.83 -3.46
C2D NDP B . 9.34 3.93 -5.25
O2D NDP B . 10.47 4.14 -6.11
C1D NDP B . 8.77 2.53 -5.46
N1N NDP B . 7.32 2.46 -5.31
C2N NDP B . 6.39 2.03 -6.17
C3N NDP B . 5.12 2.00 -5.98
C7N NDP B . 4.46 1.47 -7.14
O7N NDP B . 3.19 1.47 -6.81
N7N NDP B . 4.96 1.04 -8.33
C4N NDP B . 4.59 2.49 -4.66
C5N NDP B . 5.54 2.96 -3.67
C6N NDP B . 6.91 2.98 -3.93
P2B NDP B . 13.46 4.93 6.77
O1X NDP B . 14.71 5.62 7.44
O2X NDP B . 13.60 4.97 5.26
O3X NDP B . 12.25 5.07 7.70
H51A NDP B . 11.76 0.79 3.40
H52A NDP B . 11.56 2.39 2.65
H4B NDP B . 13.18 3.32 4.34
H3B NDP B . 13.16 0.50 5.44
HO3A NDP B . 15.10 2.58 5.11
H2B NDP B . 13.30 1.47 7.62
H1B NDP B . 11.37 3.42 7.18
H8A NDP B . 9.95 0.62 5.30
H61A NDP B . 8.11 -1.77 10.72
H62A NDP B . 7.93 -1.84 8.98
H2A NDP B . 11.02 1.53 11.58
H51N NDP B . 10.39 0.84 -2.22
H52N NDP B . 9.11 2.00 -1.83
H4D NDP B . 11.23 2.44 -3.98
H3D NDP B . 8.82 4.09 -3.16
HO3N NDP B . 10.37 5.70 -3.43
H2D NDP B . 8.60 4.69 -5.47
HO2N NDP B . 10.58 5.08 -6.25
H1D NDP B . 8.99 2.14 -6.46
H2N NDP B . 6.75 1.68 -7.13
H71N NDP B . 4.34 0.68 -9.04
H72N NDP B . 5.95 1.08 -8.49
H41N NDP B . 3.92 3.32 -4.87
H42N NDP B . 4.06 1.65 -4.20
H5N NDP B . 5.17 3.32 -2.72
H6N NDP B . 7.63 3.33 -3.18
N1 TRR C . 0.66 3.05 -6.65
C2 TRR C . 0.32 1.79 -6.21
N2 TRR C . -0.31 0.91 -7.07
N3 TRR C . 0.61 1.41 -4.92
C4 TRR C . 1.23 2.28 -4.06
N4 TRR C . 1.51 1.88 -2.77
C5 TRR C . 1.58 3.55 -4.49
C6 TRR C . 1.29 3.94 -5.80
C7 TRR C . 2.26 4.51 -3.55
C11 TRR C . 2.05 5.96 -3.92
C12 TRR C . 3.03 6.65 -4.62
C13 TRR C . 2.84 7.99 -4.96
C14 TRR C . 1.66 8.63 -4.60
C15 TRR C . 0.66 7.94 -3.90
C16 TRR C . 0.87 6.60 -3.56
O13 TRR C . 3.82 8.70 -5.66
O14 TRR C . 1.46 9.95 -4.94
O15 TRR C . -0.51 8.59 -3.55
C17 TRR C . 5.01 8.04 -6.02
C18 TRR C . 1.90 10.93 -4.04
C19 TRR C . -1.51 7.89 -2.85
H1 TRR C . 0.46 3.32 -7.58
H21 TRR C . -0.52 1.19 -7.99
H22 TRR C . -0.56 0.01 -6.76
H41 TRR C . 1.26 0.97 -2.46
H42 TRR C . 1.96 2.50 -2.14
H6 TRR C . 1.56 4.94 -6.15
H71 TRR C . 3.34 4.30 -3.55
H72 TRR C . 1.88 4.35 -2.55
H12 TRR C . 3.97 6.13 -4.90
H16 TRR C . 0.09 6.05 -3.01
H171 TRR C . 5.76 8.74 -6.38
H172 TRR C . 4.85 7.31 -6.81
H173 TRR C . 5.45 7.51 -5.17
H181 TRR C . 1.28 10.96 -3.14
H182 TRR C . 1.87 11.93 -4.48
H183 TRR C . 2.93 10.75 -3.72
H191 TRR C . -2.42 8.47 -2.76
H192 TRR C . -1.18 7.66 -1.84
H193 TRR C . -1.75 6.95 -3.34
N VAL A 1 -7.95 -4.54 15.29
CA VAL A 1 -8.89 -5.51 14.68
C VAL A 1 -8.15 -6.70 14.11
N GLY A 2 -6.94 -6.45 13.61
CA GLY A 2 -6.13 -7.52 13.04
C GLY A 2 -6.32 -7.66 11.54
N SER A 3 -6.69 -6.56 10.89
CA SER A 3 -6.90 -6.55 9.45
C SER A 3 -5.79 -5.81 8.74
N LEU A 4 -4.96 -6.54 8.00
CA LEU A 4 -3.85 -5.95 7.27
C LEU A 4 -4.07 -6.07 5.76
N ASN A 5 -4.09 -4.92 5.08
CA ASN A 5 -4.30 -4.89 3.64
C ASN A 5 -3.15 -4.16 2.95
N CYS A 6 -2.48 -4.86 2.04
CA CYS A 6 -1.36 -4.27 1.31
C CYS A 6 -1.71 -4.11 -0.17
N ILE A 7 -1.32 -2.98 -0.75
CA ILE A 7 -1.59 -2.70 -2.16
C ILE A 7 -0.46 -1.88 -2.79
N VAL A 8 0.18 -2.45 -3.79
CA VAL A 8 1.28 -1.77 -4.47
C VAL A 8 1.31 -2.13 -5.95
N ALA A 9 1.85 -1.22 -6.76
CA ALA A 9 1.94 -1.46 -8.21
C ALA A 9 3.31 -2.01 -8.60
N VAL A 10 3.35 -2.72 -9.71
CA VAL A 10 4.60 -3.30 -10.20
C VAL A 10 4.65 -3.28 -11.72
N SER A 11 5.86 -3.28 -12.27
CA SER A 11 6.05 -3.26 -13.71
C SER A 11 6.15 -4.68 -14.27
N GLN A 12 6.11 -4.81 -15.59
CA GLN A 12 6.20 -6.11 -16.25
C GLN A 12 7.51 -6.80 -15.90
N ASN A 13 8.53 -6.02 -15.54
CA ASN A 13 9.83 -6.55 -15.19
C ASN A 13 9.97 -6.75 -13.68
N MET A 14 8.83 -6.88 -13.00
CA MET A 14 8.83 -7.08 -11.56
C MET A 14 9.49 -5.89 -10.84
N GLY A 15 9.35 -4.71 -11.44
CA GLY A 15 9.93 -3.52 -10.85
C GLY A 15 8.93 -2.74 -10.02
N ILE A 16 9.41 -2.05 -8.99
CA ILE A 16 8.56 -1.26 -8.12
C ILE A 16 8.87 0.23 -8.24
N GLY A 17 10.16 0.55 -8.30
CA GLY A 17 10.58 1.93 -8.41
C GLY A 17 12.07 2.11 -8.21
N LYS A 18 12.60 3.24 -8.68
CA LYS A 18 14.02 3.53 -8.56
C LYS A 18 14.24 4.93 -7.99
N ASN A 19 15.09 5.02 -6.97
CA ASN A 19 15.38 6.30 -6.34
C ASN A 19 14.12 6.91 -5.72
N GLY A 20 13.22 6.05 -5.27
CA GLY A 20 11.98 6.52 -4.66
C GLY A 20 10.99 7.04 -5.68
N ASP A 21 11.14 6.61 -6.93
CA ASP A 21 10.24 7.03 -7.99
C ASP A 21 9.72 5.83 -8.78
N LEU A 22 8.45 5.89 -9.14
CA LEU A 22 7.82 4.80 -9.90
C LEU A 22 8.43 4.69 -11.30
N PRO A 23 8.55 3.45 -11.82
CA PRO A 23 9.13 3.22 -13.15
C PRO A 23 8.40 4.01 -14.23
N TRP A 24 7.10 4.18 -14.07
CA TRP A 24 6.29 4.91 -15.04
C TRP A 24 5.94 6.30 -14.52
N PRO A 25 5.70 7.27 -15.42
CA PRO A 25 5.35 8.64 -15.05
C PRO A 25 4.04 8.71 -14.27
N PRO A 26 3.69 9.90 -13.74
CA PRO A 26 2.45 10.08 -12.98
C PRO A 26 1.21 9.80 -13.83
N LEU A 27 0.42 8.83 -13.40
CA LEU A 27 -0.81 8.46 -14.11
C LEU A 27 -2.04 8.99 -13.40
N ARG A 28 -2.95 9.58 -14.16
CA ARG A 28 -4.18 10.12 -13.59
C ARG A 28 -5.16 9.02 -13.22
N ASN A 29 -5.22 7.98 -14.06
CA ASN A 29 -6.11 6.86 -13.82
C ASN A 29 -5.59 5.99 -12.67
N GLU A 30 -4.27 5.90 -12.54
CA GLU A 30 -3.66 5.11 -11.48
C GLU A 30 -3.77 5.82 -10.14
N PHE A 31 -3.49 7.12 -10.14
CA PHE A 31 -3.56 7.92 -8.92
C PHE A 31 -4.98 8.04 -8.42
N ARG A 32 -5.90 8.32 -9.34
CA ARG A 32 -7.32 8.47 -8.99
C ARG A 32 -7.90 7.13 -8.53
N TYR A 33 -7.56 6.06 -9.26
CA TYR A 33 -8.05 4.73 -8.94
C TYR A 33 -7.49 4.26 -7.60
N PHE A 34 -6.21 4.50 -7.38
CA PHE A 34 -5.55 4.11 -6.15
C PHE A 34 -6.18 4.80 -4.95
N GLN A 35 -6.40 6.11 -5.07
CA GLN A 35 -7.00 6.89 -4.00
C GLN A 35 -8.46 6.54 -3.82
N ARG A 36 -9.12 6.18 -4.92
CA ARG A 36 -10.53 5.81 -4.89
C ARG A 36 -10.75 4.50 -4.15
N MET A 37 -9.95 3.50 -4.49
CA MET A 37 -10.05 2.19 -3.86
C MET A 37 -9.77 2.27 -2.36
N THR A 38 -8.64 2.86 -2.01
CA THR A 38 -8.25 3.01 -0.61
C THR A 38 -9.31 3.77 0.18
N THR A 39 -9.80 4.85 -0.40
CA THR A 39 -10.82 5.67 0.25
C THR A 39 -12.10 4.86 0.48
N THR A 40 -12.36 3.92 -0.43
CA THR A 40 -13.55 3.08 -0.33
C THR A 40 -13.46 2.15 0.88
N SER A 41 -14.03 2.59 2.00
CA SER A 41 -14.01 1.79 3.22
C SER A 41 -15.10 0.73 3.19
N SER A 42 -14.87 -0.37 3.91
CA SER A 42 -15.83 -1.47 3.96
C SER A 42 -16.87 -1.23 5.05
N VAL A 43 -16.44 -0.59 6.13
CA VAL A 43 -17.35 -0.30 7.24
C VAL A 43 -17.67 1.20 7.31
N GLU A 44 -18.95 1.51 7.48
CA GLU A 44 -19.38 2.89 7.56
C GLU A 44 -19.26 3.43 8.98
N GLY A 45 -18.82 4.68 9.10
CA GLY A 45 -18.66 5.28 10.42
C GLY A 45 -17.28 5.07 11.00
N LYS A 46 -16.47 4.22 10.36
CA LYS A 46 -15.12 3.95 10.82
C LYS A 46 -14.09 4.59 9.91
N GLN A 47 -12.87 4.76 10.42
CA GLN A 47 -11.79 5.37 9.66
C GLN A 47 -10.68 4.37 9.40
N ASN A 48 -10.11 4.42 8.21
CA ASN A 48 -9.03 3.52 7.83
C ASN A 48 -7.67 4.22 7.94
N LEU A 49 -6.67 3.50 8.43
CA LEU A 49 -5.33 4.04 8.58
C LEU A 49 -4.38 3.45 7.56
N VAL A 50 -3.50 4.29 7.02
CA VAL A 50 -2.53 3.84 6.01
C VAL A 50 -1.10 3.95 6.55
N ILE A 51 -0.26 3.01 6.14
CA ILE A 51 1.14 3.01 6.56
C ILE A 51 2.07 3.34 5.41
N MET A 52 2.86 4.40 5.59
CA MET A 52 3.80 4.82 4.56
C MET A 52 5.21 4.97 5.13
N GLY A 53 6.21 4.76 4.28
CA GLY A 53 7.59 4.86 4.72
C GLY A 53 8.10 6.29 4.68
N LYS A 54 9.28 6.51 5.24
CA LYS A 54 9.89 7.84 5.27
C LYS A 54 10.14 8.35 3.85
N LYS A 55 10.58 7.45 2.97
CA LYS A 55 10.85 7.81 1.59
C LYS A 55 9.57 8.18 0.86
N THR A 56 8.54 7.34 1.01
CA THR A 56 7.26 7.59 0.35
C THR A 56 6.67 8.92 0.78
N TRP A 57 6.69 9.17 2.09
CA TRP A 57 6.15 10.42 2.64
C TRP A 57 6.89 11.63 2.07
N PHE A 58 8.20 11.48 1.92
CA PHE A 58 9.04 12.56 1.38
C PHE A 58 8.82 12.72 -0.12
N SER A 59 8.33 11.67 -0.76
CA SER A 59 8.08 11.71 -2.20
C SER A 59 6.72 12.34 -2.52
N ILE A 60 5.77 12.18 -1.59
CA ILE A 60 4.44 12.72 -1.78
C ILE A 60 4.44 14.24 -1.61
N PRO A 61 3.97 14.99 -2.63
CA PRO A 61 3.93 16.45 -2.57
C PRO A 61 3.18 16.97 -1.35
N GLU A 62 3.65 18.09 -0.80
CA GLU A 62 3.02 18.69 0.37
C GLU A 62 1.62 19.20 0.04
N LYS A 63 1.42 19.60 -1.22
CA LYS A 63 0.12 20.11 -1.65
C LYS A 63 -0.98 19.07 -1.44
N ASN A 64 -0.61 17.79 -1.52
CA ASN A 64 -1.56 16.71 -1.34
C ASN A 64 -1.41 16.07 0.04
N ARG A 65 -0.94 16.86 1.01
CA ARG A 65 -0.75 16.36 2.37
C ARG A 65 -1.16 17.42 3.38
N PRO A 66 -1.85 17.02 4.47
CA PRO A 66 -2.14 15.61 4.78
C PRO A 66 -3.24 15.04 3.91
N LEU A 67 -3.07 13.79 3.47
CA LEU A 67 -4.06 13.13 2.63
C LEU A 67 -5.34 12.87 3.40
N LYS A 68 -6.30 13.77 3.25
CA LYS A 68 -7.59 13.64 3.93
C LYS A 68 -8.29 12.34 3.52
N GLY A 69 -9.30 11.95 4.31
CA GLY A 69 -10.03 10.73 4.01
C GLY A 69 -9.52 9.54 4.79
N ARG A 70 -8.20 9.50 5.01
CA ARG A 70 -7.59 8.41 5.75
C ARG A 70 -6.44 8.91 6.62
N ILE A 71 -6.17 8.19 7.70
CA ILE A 71 -5.10 8.57 8.62
C ILE A 71 -3.73 8.23 8.03
N ASN A 72 -2.86 9.24 7.95
CA ASN A 72 -1.52 9.04 7.42
C ASN A 72 -0.53 8.71 8.53
N LEU A 73 0.08 7.53 8.44
CA LEU A 73 1.04 7.10 9.44
C LEU A 73 2.40 6.82 8.80
N VAL A 74 3.45 7.40 9.35
CA VAL A 74 4.80 7.21 8.84
C VAL A 74 5.61 6.30 9.74
N LEU A 75 6.43 5.45 9.14
CA LEU A 75 7.27 4.53 9.89
C LEU A 75 8.74 4.92 9.80
N SER A 76 9.28 5.43 10.90
CA SER A 76 10.68 5.85 10.95
C SER A 76 11.29 5.55 12.31
N ARG A 77 12.43 4.87 12.29
CA ARG A 77 13.12 4.51 13.53
C ARG A 77 14.17 5.57 13.90
N GLU A 78 14.66 6.27 12.88
CA GLU A 78 15.67 7.31 13.10
C GLU A 78 15.04 8.58 13.66
N LEU A 79 13.84 8.89 13.19
CA LEU A 79 13.12 10.08 13.65
C LEU A 79 12.22 9.75 14.84
N LYS A 80 12.13 10.68 15.78
CA LYS A 80 11.31 10.49 16.97
C LYS A 80 9.97 11.22 16.83
N GLU A 81 10.02 12.41 16.24
CA GLU A 81 8.82 13.20 16.03
C GLU A 81 8.24 12.97 14.63
N PRO A 82 6.90 12.87 14.52
CA PRO A 82 6.24 12.65 13.23
C PRO A 82 6.40 13.83 12.28
N PRO A 83 6.76 13.56 11.01
CA PRO A 83 6.95 14.62 10.01
C PRO A 83 5.72 15.52 9.88
N GLN A 84 5.95 16.75 9.44
CA GLN A 84 4.86 17.71 9.27
C GLN A 84 3.82 17.18 8.29
N GLY A 85 2.55 17.19 8.71
CA GLY A 85 1.49 16.72 7.86
C GLY A 85 1.05 15.31 8.21
N ALA A 86 1.93 14.56 8.85
CA ALA A 86 1.62 13.18 9.24
C ALA A 86 0.68 13.15 10.44
N HIS A 87 -0.16 12.12 10.51
CA HIS A 87 -1.11 11.99 11.61
C HIS A 87 -0.49 11.24 12.77
N PHE A 88 0.37 10.27 12.47
CA PHE A 88 1.04 9.48 13.50
C PHE A 88 2.36 8.91 12.98
N LEU A 89 3.25 8.58 13.91
CA LEU A 89 4.55 8.01 13.55
C LEU A 89 4.95 6.92 14.53
N SER A 90 5.44 5.80 13.98
CA SER A 90 5.85 4.67 14.80
C SER A 90 7.30 4.29 14.50
N ARG A 91 7.98 3.75 15.51
CA ARG A 91 9.37 3.34 15.35
C ARG A 91 9.48 2.06 14.51
N SER A 92 8.58 1.12 14.77
CA SER A 92 8.56 -0.14 14.03
C SER A 92 7.14 -0.53 13.66
N LEU A 93 7.02 -1.55 12.81
CA LEU A 93 5.71 -2.03 12.36
C LEU A 93 4.90 -2.56 13.54
N ASP A 94 5.57 -3.27 14.44
CA ASP A 94 4.90 -3.83 15.61
C ASP A 94 4.28 -2.73 16.48
N ASP A 95 5.02 -1.63 16.65
CA ASP A 95 4.55 -0.51 17.45
C ASP A 95 3.29 0.10 16.82
N ALA A 96 3.35 0.36 15.53
CA ALA A 96 2.22 0.95 14.82
C ALA A 96 1.03 -0.01 14.81
N LEU A 97 1.30 -1.30 14.69
CA LEU A 97 0.25 -2.31 14.67
C LEU A 97 -0.43 -2.41 16.03
N LYS A 98 0.36 -2.26 17.09
CA LYS A 98 -0.17 -2.34 18.45
C LYS A 98 -1.13 -1.19 18.72
N LEU A 99 -0.73 0.02 18.32
CA LEU A 99 -1.56 1.20 18.51
C LEU A 99 -2.90 1.06 17.78
N THR A 100 -2.83 0.64 16.52
CA THR A 100 -4.04 0.46 15.71
C THR A 100 -4.89 -0.67 16.25
N GLU A 101 -4.25 -1.62 16.94
CA GLU A 101 -4.96 -2.77 17.51
C GLU A 101 -5.51 -2.44 18.89
N GLN A 102 -4.93 -1.44 19.53
CA GLN A 102 -5.37 -1.03 20.86
C GLN A 102 -6.80 -0.51 20.83
N PRO A 103 -7.53 -0.65 21.95
CA PRO A 103 -8.93 -0.19 22.05
C PRO A 103 -9.04 1.33 21.97
N GLU A 104 -8.02 2.02 22.48
CA GLU A 104 -8.01 3.48 22.47
C GLU A 104 -8.08 4.02 21.05
N LEU A 105 -7.47 3.30 20.12
CA LEU A 105 -7.46 3.70 18.72
C LEU A 105 -8.46 2.88 17.91
N ALA A 106 -8.73 1.66 18.37
CA ALA A 106 -9.66 0.77 17.69
C ALA A 106 -11.03 1.43 17.50
N ASN A 107 -11.33 2.41 18.34
CA ASN A 107 -12.61 3.12 18.26
C ASN A 107 -12.64 4.03 17.03
N LYS A 108 -11.48 4.53 16.64
CA LYS A 108 -11.38 5.41 15.48
C LYS A 108 -10.91 4.63 14.25
N VAL A 109 -9.93 3.76 14.44
CA VAL A 109 -9.38 2.96 13.35
C VAL A 109 -9.79 1.50 13.49
N ASP A 110 -9.96 0.83 12.35
CA ASP A 110 -10.36 -0.57 12.35
C ASP A 110 -9.40 -1.41 11.51
N MET A 111 -9.20 -1.00 10.26
CA MET A 111 -8.30 -1.70 9.36
C MET A 111 -7.13 -0.81 8.93
N VAL A 112 -6.02 -1.45 8.57
CA VAL A 112 -4.83 -0.72 8.14
C VAL A 112 -4.49 -1.02 6.69
N TRP A 113 -3.92 -0.03 6.00
CA TRP A 113 -3.55 -0.19 4.61
C TRP A 113 -2.06 0.08 4.40
N ILE A 114 -1.39 -0.79 3.65
CA ILE A 114 0.02 -0.65 3.38
C ILE A 114 0.26 -0.07 1.98
N VAL A 115 1.08 0.98 1.91
CA VAL A 115 1.38 1.62 0.64
C VAL A 115 2.88 1.86 0.48
N GLY A 116 3.67 0.88 0.91
CA GLY A 116 5.12 1.00 0.80
C GLY A 116 5.77 1.53 2.09
N GLY A 117 7.10 1.51 2.15
CA GLY A 117 7.91 1.02 1.05
C GLY A 117 8.09 -0.48 1.09
N SER A 118 9.23 -0.95 0.58
CA SER A 118 9.54 -2.38 0.56
C SER A 118 9.75 -2.90 1.97
N SER A 119 10.37 -2.09 2.81
CA SER A 119 10.65 -2.48 4.19
C SER A 119 9.35 -2.82 4.92
N VAL A 120 8.30 -2.06 4.65
CA VAL A 120 7.01 -2.28 5.28
C VAL A 120 6.32 -3.50 4.68
N TYR A 121 6.45 -3.67 3.37
CA TYR A 121 5.84 -4.80 2.68
C TYR A 121 6.48 -6.11 3.12
N LYS A 122 7.80 -6.10 3.26
CA LYS A 122 8.52 -7.29 3.68
C LYS A 122 8.19 -7.66 5.12
N GLU A 123 8.16 -6.66 5.99
CA GLU A 123 7.85 -6.88 7.39
C GLU A 123 6.46 -7.50 7.55
N ALA A 124 5.50 -7.00 6.79
CA ALA A 124 4.14 -7.50 6.84
C ALA A 124 4.03 -8.87 6.19
N MET A 125 4.90 -9.12 5.22
CA MET A 125 4.90 -10.40 4.51
C MET A 125 5.16 -11.56 5.48
N ASN A 126 5.73 -11.25 6.64
CA ASN A 126 6.03 -12.27 7.64
C ASN A 126 4.90 -12.39 8.65
N HIS A 127 3.71 -11.92 8.29
CA HIS A 127 2.56 -11.99 9.18
C HIS A 127 1.85 -13.34 9.06
N PRO A 128 1.88 -14.16 10.12
CA PRO A 128 1.23 -15.48 10.11
C PRO A 128 -0.28 -15.39 9.98
N GLY A 129 -0.83 -14.27 10.45
CA GLY A 129 -2.27 -14.07 10.38
C GLY A 129 -2.75 -13.77 8.98
N HIS A 130 -4.06 -13.81 8.78
CA HIS A 130 -4.64 -13.54 7.48
C HIS A 130 -4.30 -12.12 7.00
N LEU A 131 -3.80 -12.02 5.78
CA LEU A 131 -3.43 -10.73 5.21
C LEU A 131 -3.72 -10.69 3.72
N LYS A 132 -4.08 -9.50 3.22
CA LYS A 132 -4.38 -9.32 1.81
C LYS A 132 -3.25 -8.59 1.10
N LEU A 133 -3.02 -8.94 -0.16
CA LEU A 133 -1.96 -8.31 -0.95
C LEU A 133 -2.45 -8.00 -2.36
N PHE A 134 -2.43 -6.73 -2.73
CA PHE A 134 -2.86 -6.29 -4.05
C PHE A 134 -1.67 -5.86 -4.90
N VAL A 135 -1.40 -6.63 -5.95
CA VAL A 135 -0.28 -6.33 -6.85
C VAL A 135 -0.79 -5.98 -8.25
N THR A 136 -0.35 -4.82 -8.75
CA THR A 136 -0.75 -4.36 -10.07
C THR A 136 0.36 -4.61 -11.09
N ARG A 137 0.07 -5.44 -12.08
CA ARG A 137 1.04 -5.75 -13.12
C ARG A 137 0.89 -4.83 -14.32
N ILE A 138 1.93 -4.03 -14.59
CA ILE A 138 1.90 -3.09 -15.71
C ILE A 138 2.70 -3.64 -16.89
N MET A 139 2.04 -3.77 -18.04
CA MET A 139 2.69 -4.27 -19.24
C MET A 139 3.44 -3.15 -19.96
N GLN A 140 4.62 -2.81 -19.45
CA GLN A 140 5.44 -1.77 -20.05
C GLN A 140 6.89 -1.89 -19.60
N ASP A 141 7.80 -1.68 -20.55
CA ASP A 141 9.24 -1.77 -20.25
C ASP A 141 9.71 -0.54 -19.50
N PHE A 142 10.23 -0.76 -18.29
CA PHE A 142 10.73 0.34 -17.46
C PHE A 142 11.85 -0.14 -16.55
N GLU A 143 12.93 0.64 -16.48
CA GLU A 143 14.07 0.30 -15.64
C GLU A 143 13.74 0.48 -14.17
N SER A 144 14.17 -0.47 -13.34
CA SER A 144 13.92 -0.41 -11.91
C SER A 144 15.15 -0.87 -11.13
N ASP A 145 15.28 -0.35 -9.90
CA ASP A 145 16.42 -0.71 -9.06
C ASP A 145 16.04 -1.83 -8.10
N THR A 146 14.77 -1.85 -7.69
CA THR A 146 14.28 -2.88 -6.77
C THR A 146 13.28 -3.81 -7.46
N PHE A 147 13.51 -5.11 -7.34
CA PHE A 147 12.63 -6.10 -7.95
C PHE A 147 11.87 -6.87 -6.88
N PHE A 148 10.64 -7.26 -7.20
CA PHE A 148 9.80 -8.01 -6.26
C PHE A 148 10.01 -9.51 -6.44
N PRO A 149 10.25 -10.25 -5.34
CA PRO A 149 10.45 -11.70 -5.40
C PRO A 149 9.18 -12.46 -5.75
N GLU A 150 9.34 -13.60 -6.41
CA GLU A 150 8.19 -14.42 -6.81
C GLU A 150 7.53 -15.05 -5.58
N ILE A 151 6.36 -14.53 -5.23
CA ILE A 151 5.61 -15.04 -4.09
C ILE A 151 5.16 -16.48 -4.32
N ASP A 152 5.30 -17.31 -3.30
CA ASP A 152 4.92 -18.71 -3.39
C ASP A 152 3.40 -18.84 -3.45
N LEU A 153 2.92 -19.76 -4.29
CA LEU A 153 1.50 -19.99 -4.46
C LEU A 153 0.95 -20.86 -3.33
N GLU A 154 1.83 -21.66 -2.72
CA GLU A 154 1.44 -22.55 -1.64
C GLU A 154 0.96 -21.75 -0.43
N LYS A 155 1.52 -20.55 -0.25
CA LYS A 155 1.15 -19.70 0.87
C LYS A 155 0.19 -18.60 0.41
N TYR A 156 0.43 -18.07 -0.78
CA TYR A 156 -0.41 -17.01 -1.34
C TYR A 156 -1.26 -17.54 -2.50
N LYS A 157 -2.46 -17.00 -2.63
CA LYS A 157 -3.36 -17.41 -3.70
C LYS A 157 -3.47 -16.34 -4.77
N LEU A 158 -3.39 -16.75 -6.03
CA LEU A 158 -3.49 -15.82 -7.15
C LEU A 158 -4.94 -15.56 -7.53
N LEU A 159 -5.41 -14.35 -7.27
CA LEU A 159 -6.78 -13.98 -7.58
C LEU A 159 -6.84 -13.01 -8.77
N PRO A 160 -6.95 -13.55 -10.00
CA PRO A 160 -7.01 -12.74 -11.22
C PRO A 160 -8.33 -11.97 -11.33
N GLU A 161 -9.42 -12.62 -10.95
CA GLU A 161 -10.75 -12.00 -11.01
C GLU A 161 -11.29 -11.76 -9.61
N TYR A 162 -11.28 -10.50 -9.18
CA TYR A 162 -11.78 -10.13 -7.86
C TYR A 162 -12.89 -9.09 -7.97
N PRO A 163 -13.95 -9.22 -7.17
CA PRO A 163 -15.07 -8.28 -7.18
C PRO A 163 -14.66 -6.87 -6.76
N GLY A 164 -15.17 -5.87 -7.46
CA GLY A 164 -14.84 -4.49 -7.15
C GLY A 164 -13.72 -3.95 -8.01
N VAL A 165 -12.85 -4.85 -8.47
CA VAL A 165 -11.72 -4.46 -9.30
C VAL A 165 -11.88 -5.02 -10.72
N LEU A 166 -11.67 -4.15 -11.71
CA LEU A 166 -11.79 -4.55 -13.11
C LEU A 166 -10.66 -5.50 -13.50
N SER A 167 -11.01 -6.57 -14.19
CA SER A 167 -10.03 -7.56 -14.63
C SER A 167 -9.41 -7.15 -15.97
N ASP A 168 -10.18 -6.44 -16.78
CA ASP A 168 -9.70 -6.00 -18.08
C ASP A 168 -8.56 -5.01 -17.94
N VAL A 169 -7.55 -5.15 -18.79
CA VAL A 169 -6.39 -4.27 -18.75
C VAL A 169 -6.76 -2.84 -19.14
N GLN A 170 -6.48 -1.90 -18.25
CA GLN A 170 -6.79 -0.50 -18.50
C GLN A 170 -5.68 0.17 -19.31
N GLU A 171 -6.00 1.29 -19.94
CA GLU A 171 -5.04 2.02 -20.75
C GLU A 171 -5.09 3.52 -20.45
N GLU A 172 -3.95 4.08 -20.06
CA GLU A 172 -3.87 5.50 -19.75
C GLU A 172 -2.55 6.09 -20.22
N LYS A 173 -2.63 7.16 -21.00
CA LYS A 173 -1.44 7.82 -21.53
C LYS A 173 -0.60 6.86 -22.36
N GLY A 174 -1.27 5.90 -23.00
CA GLY A 174 -0.58 4.93 -23.82
C GLY A 174 0.08 3.84 -23.00
N ILE A 175 -0.34 3.69 -21.75
CA ILE A 175 0.21 2.67 -20.86
C ILE A 175 -0.85 1.65 -20.46
N LYS A 176 -0.55 0.37 -20.69
CA LYS A 176 -1.48 -0.70 -20.36
C LYS A 176 -1.03 -1.42 -19.09
N TYR A 177 -1.98 -1.71 -18.21
CA TYR A 177 -1.69 -2.40 -16.96
C TYR A 177 -2.90 -3.17 -16.46
N LYS A 178 -2.67 -4.19 -15.64
CA LYS A 178 -3.74 -5.01 -15.09
C LYS A 178 -3.66 -5.07 -13.57
N PHE A 179 -4.79 -5.32 -12.93
CA PHE A 179 -4.85 -5.41 -11.48
C PHE A 179 -4.88 -6.86 -11.02
N GLU A 180 -3.94 -7.22 -10.15
CA GLU A 180 -3.85 -8.59 -9.63
C GLU A 180 -4.15 -8.61 -8.13
N VAL A 181 -4.85 -9.64 -7.69
CA VAL A 181 -5.19 -9.79 -6.28
C VAL A 181 -4.52 -11.02 -5.66
N TYR A 182 -3.88 -10.81 -4.51
CA TYR A 182 -3.19 -11.90 -3.82
C TYR A 182 -3.75 -12.07 -2.41
N GLU A 183 -4.03 -13.32 -2.05
CA GLU A 183 -4.57 -13.63 -0.72
C GLU A 183 -3.65 -14.59 0.02
N LYS A 184 -3.32 -14.26 1.27
CA LYS A 184 -2.46 -15.09 2.08
C LYS A 184 -3.27 -15.93 3.07
N ASN A 185 -3.11 -17.25 2.99
CA ASN A 185 -3.83 -18.15 3.86
C ASN A 185 -3.00 -18.50 5.10
N ASP A 186 -3.66 -18.64 6.24
CA ASP A 186 -2.98 -18.97 7.49
C ASP A 186 -2.51 -20.42 7.48
PA NDP B . 12.71 3.25 1.21
O1A NDP B . 11.34 3.62 0.81
O2A NDP B . 13.68 4.34 1.43
O5B NDP B . 12.71 2.24 2.45
C5B NDP B . 11.59 2.18 3.34
C4B NDP B . 11.84 3.03 4.56
O4B NDP B . 10.66 3.02 5.41
C3B NDP B . 12.96 2.55 5.46
O3B NDP B . 14.22 3.03 5.01
C2B NDP B . 12.58 3.17 6.80
O2B NDP B . 12.96 4.53 6.92
C1B NDP B . 11.06 3.05 6.78
N9A NDP B . 10.56 1.83 7.42
C8A NDP B . 10.04 0.71 6.81
N7A NDP B . 9.68 -0.23 7.66
C5A NDP B . 9.99 0.31 8.90
C6A NDP B . 9.84 -0.19 10.21
N6A NDP B . 9.33 -1.39 10.49
N1A NDP B . 10.23 0.61 11.24
C2A NDP B . 10.74 1.81 10.96
N3A NDP B . 10.93 2.40 9.76
C4A NDP B . 10.53 1.58 8.77
O3 NDP B . 13.32 2.23 0.08
PN NDP B . 12.69 1.18 -1.01
O1N NDP B . 13.30 1.44 -2.33
O2N NDP B . 12.82 -0.20 -0.48
O5D NDP B . 11.18 1.68 -0.95
C5D NDP B . 10.17 1.10 -1.79
C4D NDP B . 10.34 1.57 -3.21
O4D NDP B . 9.37 0.91 -4.07
C3D NDP B . 10.09 3.05 -3.45
O3D NDP B . 11.27 3.81 -3.18
C2D NDP B . 9.73 3.08 -4.93
O2D NDP B . 10.88 3.07 -5.79
C1D NDP B . 8.94 1.79 -5.09
N1N NDP B . 7.49 1.96 -4.96
C2N NDP B . 6.51 1.61 -5.79
C3N NDP B . 5.25 1.78 -5.61
C7N NDP B . 4.52 1.26 -6.73
O7N NDP B . 3.26 1.48 -6.42
N7N NDP B . 4.94 0.64 -7.85
C4N NDP B . 4.81 2.48 -4.35
C5N NDP B . 5.82 2.89 -3.41
C6N NDP B . 7.16 2.68 -3.63
P2B NDP B . 14.26 5.17 7.76
O1X NDP B . 14.58 3.89 8.64
O2X NDP B . 15.29 5.28 6.63
O3X NDP B . 13.54 6.22 8.62
H51A NDP B . 11.42 1.15 3.65
H52A NDP B . 10.69 2.54 2.83
H4B NDP B . 12.07 4.05 4.28
H3B NDP B . 13.00 1.46 5.55
HO3A NDP B . 14.19 3.99 4.90
H2B NDP B . 13.00 2.62 7.64
H1B NDP B . 10.57 3.87 7.29
H8A NDP B . 9.94 0.61 5.73
H61A NDP B . 9.25 -1.70 11.45
H62A NDP B . 9.02 -1.99 9.74
H2A NDP B . 11.05 2.40 11.82
H51N NDP B . 10.25 0.01 -1.76
H52N NDP B . 9.18 1.39 -1.43
H4D NDP B . 11.35 1.36 -3.58
H3D NDP B . 9.26 3.43 -2.86
HO3N NDP B . 11.08 4.45 -2.50
H2D NDP B . 9.13 3.95 -5.20
HO2N NDP B . 11.56 3.64 -5.43
H1D NDP B . 9.09 1.33 -6.06
H2N NDP B . 6.82 1.11 -6.71
H71N NDP B . 4.27 0.30 -8.53
H72N NDP B . 5.93 0.49 -8.00
H41N NDP B . 4.27 3.38 -4.65
H42N NDP B . 4.15 1.78 -3.83
H5N NDP B . 5.51 3.39 -2.49
H6N NDP B . 7.94 2.99 -2.93
N1 TRR C . 0.87 3.18 -6.44
C2 TRR C . 0.43 1.95 -6.01
N2 TRR C . -0.22 1.11 -6.89
N3 TRR C . 0.65 1.56 -4.71
C4 TRR C . 1.30 2.39 -3.83
N4 TRR C . 1.51 1.99 -2.53
C5 TRR C . 1.75 3.64 -4.26
C6 TRR C . 1.53 4.04 -5.57
C7 TRR C . 2.46 4.56 -3.30
C11 TRR C . 2.30 6.02 -3.65
C12 TRR C . 3.34 6.70 -4.28
C13 TRR C . 3.19 8.05 -4.61
C14 TRR C . 2.00 8.72 -4.30
C15 TRR C . 0.96 8.03 -3.67
C16 TRR C . 1.12 6.67 -3.34
O13 TRR C . 4.22 8.75 -5.24
O14 TRR C . 1.85 10.05 -4.62
O15 TRR C . -0.22 8.71 -3.37
C17 TRR C . 5.41 8.07 -5.55
C18 TRR C . 1.60 10.95 -3.58
C19 TRR C . -1.26 8.01 -2.73
H1 TRR C . 0.72 3.47 -7.38
H21 TRR C . -0.38 1.40 -7.82
H22 TRR C . -0.54 0.23 -6.59
H41 TRR C . 1.19 1.10 -2.22
H42 TRR C . 1.98 2.57 -1.89
H6 TRR C . 1.89 5.01 -5.92
H71 TRR C . 3.53 4.31 -3.30
H72 TRR C . 2.07 4.41 -2.30
H12 TRR C . 4.27 6.17 -4.52
H16 TRR C . 0.29 6.13 -2.84
H171 TRR C . 5.27 7.37 -6.36
H172 TRR C . 5.79 7.53 -4.68
H173 TRR C . 6.19 8.77 -5.86
H181 TRR C . 1.02 10.49 -2.78
H182 TRR C . 1.04 11.82 -3.93
H183 TRR C . 2.52 11.31 -3.13
H191 TRR C . -2.08 8.67 -2.47
H192 TRR C . -0.91 7.53 -1.81
H193 TRR C . -1.67 7.22 -3.37
N VAL A 1 -10.35 -5.27 14.43
CA VAL A 1 -10.75 -6.55 13.79
C VAL A 1 -9.53 -7.38 13.40
N GLY A 2 -8.42 -6.70 13.12
CA GLY A 2 -7.20 -7.39 12.73
C GLY A 2 -7.12 -7.64 11.24
N SER A 3 -7.76 -6.77 10.45
CA SER A 3 -7.76 -6.90 9.01
C SER A 3 -6.68 -6.01 8.38
N LEU A 4 -5.66 -6.64 7.82
CA LEU A 4 -4.57 -5.90 7.19
C LEU A 4 -4.61 -6.09 5.67
N ASN A 5 -4.46 -4.98 4.94
CA ASN A 5 -4.48 -5.00 3.49
C ASN A 5 -3.28 -4.27 2.91
N CYS A 6 -2.89 -4.66 1.69
CA CYS A 6 -1.75 -4.03 1.03
C CYS A 6 -2.05 -3.78 -0.44
N ILE A 7 -1.53 -2.68 -0.96
CA ILE A 7 -1.74 -2.32 -2.36
C ILE A 7 -0.57 -1.51 -2.91
N VAL A 8 0.13 -2.08 -3.90
CA VAL A 8 1.27 -1.41 -4.51
C VAL A 8 1.33 -1.68 -6.01
N ALA A 9 1.84 -0.71 -6.75
CA ALA A 9 1.96 -0.85 -8.21
C ALA A 9 3.36 -1.30 -8.60
N VAL A 10 3.42 -2.32 -9.45
CA VAL A 10 4.69 -2.85 -9.92
C VAL A 10 4.72 -2.98 -11.44
N SER A 11 5.90 -2.86 -12.02
CA SER A 11 6.06 -2.96 -13.46
C SER A 11 6.16 -4.41 -13.91
N GLN A 12 6.03 -4.65 -15.21
CA GLN A 12 6.12 -6.00 -15.75
C GLN A 12 7.47 -6.64 -15.45
N ASN A 13 8.47 -5.80 -15.18
CA ASN A 13 9.81 -6.29 -14.86
C ASN A 13 10.03 -6.37 -13.35
N MET A 14 8.94 -6.50 -12.61
CA MET A 14 9.01 -6.59 -11.15
C MET A 14 9.60 -5.30 -10.56
N GLY A 15 9.37 -4.19 -11.23
CA GLY A 15 9.87 -2.91 -10.75
C GLY A 15 8.86 -2.16 -9.91
N ILE A 16 9.35 -1.45 -8.90
CA ILE A 16 8.47 -0.68 -8.02
C ILE A 16 8.71 0.82 -8.17
N GLY A 17 9.98 1.19 -8.28
CA GLY A 17 10.32 2.60 -8.43
C GLY A 17 11.81 2.83 -8.53
N LYS A 18 12.20 3.80 -9.35
CA LYS A 18 13.62 4.12 -9.54
C LYS A 18 13.98 5.42 -8.83
N ASN A 19 15.05 5.38 -8.04
CA ASN A 19 15.50 6.57 -7.32
C ASN A 19 14.43 7.04 -6.34
N GLY A 20 13.63 6.12 -5.84
CA GLY A 20 12.58 6.46 -4.90
C GLY A 20 11.38 7.10 -5.58
N ASP A 21 11.24 6.89 -6.88
CA ASP A 21 10.13 7.46 -7.64
C ASP A 21 9.64 6.49 -8.69
N LEU A 22 8.36 6.60 -9.05
CA LEU A 22 7.77 5.73 -10.06
C LEU A 22 8.38 5.98 -11.43
N PRO A 23 8.61 4.92 -12.23
CA PRO A 23 9.19 5.05 -13.57
C PRO A 23 8.21 5.62 -14.57
N TRP A 24 6.96 5.16 -14.50
CA TRP A 24 5.93 5.63 -15.42
C TRP A 24 5.47 7.04 -15.05
N PRO A 25 5.03 7.82 -16.04
CA PRO A 25 4.56 9.20 -15.83
C PRO A 25 3.32 9.26 -14.93
N PRO A 26 2.90 10.46 -14.53
CA PRO A 26 1.72 10.64 -13.68
C PRO A 26 0.48 10.00 -14.27
N LEU A 27 -0.07 9.02 -13.54
CA LEU A 27 -1.26 8.31 -13.99
C LEU A 27 -2.50 8.80 -13.24
N ARG A 28 -3.39 9.48 -13.96
CA ARG A 28 -4.62 10.00 -13.37
C ARG A 28 -5.56 8.86 -12.99
N ASN A 29 -5.60 7.82 -13.82
CA ASN A 29 -6.46 6.67 -13.57
C ASN A 29 -5.98 5.89 -12.35
N GLU A 30 -4.66 5.75 -12.23
CA GLU A 30 -4.07 5.03 -11.12
C GLU A 30 -4.28 5.79 -9.80
N PHE A 31 -4.11 7.10 -9.85
CA PHE A 31 -4.27 7.95 -8.68
C PHE A 31 -5.74 8.01 -8.26
N ARG A 32 -6.62 8.21 -9.24
CA ARG A 32 -8.05 8.29 -8.97
C ARG A 32 -8.58 6.97 -8.43
N TYR A 33 -8.19 5.88 -9.08
CA TYR A 33 -8.62 4.54 -8.67
C TYR A 33 -8.08 4.21 -7.28
N PHE A 34 -6.90 4.71 -6.98
CA PHE A 34 -6.27 4.47 -5.68
C PHE A 34 -7.00 5.22 -4.58
N GLN A 35 -7.44 6.44 -4.87
CA GLN A 35 -8.14 7.27 -3.90
C GLN A 35 -9.53 6.70 -3.61
N ARG A 36 -10.29 6.44 -4.68
CA ARG A 36 -11.64 5.90 -4.54
C ARG A 36 -11.60 4.51 -3.89
N MET A 37 -10.52 3.78 -4.14
CA MET A 37 -10.37 2.44 -3.58
C MET A 37 -10.24 2.49 -2.06
N THR A 38 -9.29 3.28 -1.58
CA THR A 38 -9.08 3.42 -0.15
C THR A 38 -10.25 4.12 0.53
N THR A 39 -10.91 5.01 -0.21
CA THR A 39 -12.05 5.74 0.30
C THR A 39 -13.26 4.81 0.51
N THR A 40 -13.45 3.89 -0.43
CA THR A 40 -14.55 2.95 -0.36
C THR A 40 -14.36 1.96 0.79
N SER A 41 -14.94 2.28 1.93
CA SER A 41 -14.83 1.42 3.11
C SER A 41 -16.12 0.64 3.34
N SER A 42 -15.99 -0.56 3.89
CA SER A 42 -17.14 -1.42 4.16
C SER A 42 -17.81 -1.03 5.47
N VAL A 43 -17.01 -0.55 6.42
CA VAL A 43 -17.52 -0.14 7.72
C VAL A 43 -17.79 1.35 7.77
N GLU A 44 -19.04 1.71 8.05
CA GLU A 44 -19.44 3.11 8.12
C GLU A 44 -19.19 3.68 9.51
N GLY A 45 -18.80 4.95 9.57
CA GLY A 45 -18.54 5.59 10.84
C GLY A 45 -17.13 5.30 11.37
N LYS A 46 -16.27 4.78 10.50
CA LYS A 46 -14.90 4.46 10.88
C LYS A 46 -13.92 4.95 9.83
N GLN A 47 -12.65 5.08 10.22
CA GLN A 47 -11.62 5.55 9.31
C GLN A 47 -10.58 4.45 9.07
N ASN A 48 -9.85 4.55 7.97
CA ASN A 48 -8.82 3.57 7.63
C ASN A 48 -7.43 4.15 7.85
N LEU A 49 -6.52 3.32 8.36
CA LEU A 49 -5.16 3.75 8.62
C LEU A 49 -4.20 3.15 7.60
N VAL A 50 -3.41 4.00 6.95
CA VAL A 50 -2.45 3.55 5.95
C VAL A 50 -1.01 3.70 6.47
N ILE A 51 -0.13 2.84 5.98
CA ILE A 51 1.28 2.87 6.39
C ILE A 51 2.16 3.34 5.24
N MET A 52 2.99 4.34 5.51
CA MET A 52 3.89 4.88 4.50
C MET A 52 5.34 4.82 4.98
N GLY A 53 6.27 4.80 4.03
CA GLY A 53 7.68 4.75 4.36
C GLY A 53 8.33 6.11 4.34
N LYS A 54 9.57 6.17 4.83
CA LYS A 54 10.31 7.44 4.86
C LYS A 54 10.46 8.02 3.46
N LYS A 55 10.84 7.17 2.50
CA LYS A 55 11.02 7.60 1.13
C LYS A 55 9.69 7.98 0.50
N THR A 56 8.69 7.14 0.69
CA THR A 56 7.36 7.39 0.14
C THR A 56 6.78 8.69 0.68
N TRP A 57 6.90 8.89 1.99
CA TRP A 57 6.39 10.10 2.63
C TRP A 57 7.01 11.35 2.00
N PHE A 58 8.33 11.37 1.93
CA PHE A 58 9.06 12.51 1.35
C PHE A 58 8.86 12.58 -0.16
N SER A 59 8.42 11.47 -0.75
CA SER A 59 8.20 11.41 -2.19
C SER A 59 6.86 12.03 -2.58
N ILE A 60 5.91 11.99 -1.64
CA ILE A 60 4.59 12.56 -1.89
C ILE A 60 4.65 14.09 -1.95
N PRO A 61 4.17 14.69 -3.05
CA PRO A 61 4.18 16.14 -3.21
C PRO A 61 3.27 16.85 -2.21
N GLU A 62 3.52 18.13 -1.99
CA GLU A 62 2.72 18.93 -1.06
C GLU A 62 1.30 19.12 -1.59
N LYS A 63 1.14 19.06 -2.90
CA LYS A 63 -0.17 19.23 -3.52
C LYS A 63 -1.19 18.26 -2.92
N ASN A 64 -0.72 17.09 -2.53
CA ASN A 64 -1.59 16.08 -1.93
C ASN A 64 -1.30 15.91 -0.44
N ARG A 65 -0.04 16.13 -0.07
CA ARG A 65 0.38 16.00 1.32
C ARG A 65 0.03 17.28 2.11
N PRO A 66 -0.44 17.13 3.36
CA PRO A 66 -0.83 15.85 3.94
C PRO A 66 -2.10 15.28 3.30
N LEU A 67 -2.12 13.96 3.12
CA LEU A 67 -3.27 13.30 2.52
C LEU A 67 -4.43 13.23 3.50
N LYS A 68 -5.31 14.23 3.43
CA LYS A 68 -6.47 14.29 4.33
C LYS A 68 -7.50 13.22 3.95
N GLY A 69 -8.44 12.98 4.85
CA GLY A 69 -9.48 12.00 4.58
C GLY A 69 -9.15 10.64 5.18
N ARG A 70 -7.86 10.28 5.16
CA ARG A 70 -7.43 9.00 5.71
C ARG A 70 -6.28 9.20 6.70
N ILE A 71 -6.15 8.26 7.64
CA ILE A 71 -5.10 8.34 8.65
C ILE A 71 -3.77 7.83 8.08
N ASN A 72 -2.84 8.75 7.88
CA ASN A 72 -1.53 8.41 7.35
C ASN A 72 -0.53 8.15 8.48
N LEU A 73 0.18 7.02 8.39
CA LEU A 73 1.16 6.66 9.39
C LEU A 73 2.50 6.30 8.75
N VAL A 74 3.56 6.90 9.25
CA VAL A 74 4.89 6.65 8.72
C VAL A 74 5.72 5.79 9.67
N LEU A 75 6.58 4.95 9.12
CA LEU A 75 7.42 4.07 9.92
C LEU A 75 8.87 4.55 9.90
N SER A 76 9.33 5.09 11.03
CA SER A 76 10.70 5.58 11.15
C SER A 76 11.28 5.25 12.51
N ARG A 77 12.39 4.51 12.51
CA ARG A 77 13.05 4.12 13.75
C ARG A 77 14.07 5.18 14.18
N GLU A 78 14.64 5.88 13.21
CA GLU A 78 15.62 6.91 13.48
C GLU A 78 14.98 8.13 14.12
N LEU A 79 13.77 8.47 13.67
CA LEU A 79 13.04 9.61 14.19
C LEU A 79 12.28 9.23 15.47
N LYS A 80 12.17 10.19 16.38
CA LYS A 80 11.47 9.97 17.64
C LYS A 80 10.05 10.52 17.58
N GLU A 81 9.87 11.59 16.81
CA GLU A 81 8.55 12.20 16.67
C GLU A 81 8.07 12.11 15.22
N PRO A 82 6.74 11.93 15.03
CA PRO A 82 6.15 11.82 13.69
C PRO A 82 6.50 13.01 12.80
N PRO A 83 6.60 12.78 11.48
CA PRO A 83 6.93 13.84 10.52
C PRO A 83 5.77 14.79 10.29
N GLN A 84 6.09 16.02 9.88
CA GLN A 84 5.06 17.02 9.63
C GLN A 84 4.09 16.54 8.55
N GLY A 85 2.80 16.59 8.86
CA GLY A 85 1.79 16.17 7.91
C GLY A 85 1.25 14.78 8.21
N ALA A 86 2.04 13.98 8.92
CA ALA A 86 1.64 12.62 9.27
C ALA A 86 0.74 12.62 10.50
N HIS A 87 -0.03 11.55 10.65
CA HIS A 87 -0.95 11.43 11.78
C HIS A 87 -0.28 10.69 12.94
N PHE A 88 0.48 9.65 12.62
CA PHE A 88 1.17 8.86 13.63
C PHE A 88 2.48 8.29 13.09
N LEU A 89 3.38 7.91 13.98
CA LEU A 89 4.66 7.36 13.59
C LEU A 89 5.06 6.20 14.51
N SER A 90 5.68 5.18 13.94
CA SER A 90 6.11 4.02 14.71
C SER A 90 7.55 3.66 14.39
N ARG A 91 8.34 3.37 15.43
CA ARG A 91 9.73 3.01 15.26
C ARG A 91 9.88 1.74 14.43
N SER A 92 9.03 0.75 14.73
CA SER A 92 9.07 -0.53 14.02
C SER A 92 7.66 -1.03 13.74
N LEU A 93 7.56 -2.07 12.93
CA LEU A 93 6.26 -2.65 12.58
C LEU A 93 5.55 -3.16 13.83
N ASP A 94 6.32 -3.65 14.79
CA ASP A 94 5.76 -4.17 16.03
C ASP A 94 5.03 -3.07 16.79
N ASP A 95 5.58 -1.87 16.76
CA ASP A 95 4.97 -0.73 17.46
C ASP A 95 3.70 -0.29 16.76
N ALA A 96 3.78 -0.13 15.44
CA ALA A 96 2.63 0.29 14.65
C ALA A 96 1.49 -0.71 14.77
N LEU A 97 1.83 -1.99 14.84
CA LEU A 97 0.83 -3.05 14.96
C LEU A 97 0.19 -3.04 16.34
N LYS A 98 0.99 -2.74 17.36
CA LYS A 98 0.51 -2.70 18.73
C LYS A 98 -0.52 -1.58 18.90
N LEU A 99 -0.22 -0.41 18.34
CA LEU A 99 -1.11 0.73 18.44
C LEU A 99 -2.43 0.46 17.71
N THR A 100 -2.32 -0.05 16.49
CA THR A 100 -3.50 -0.35 15.68
C THR A 100 -4.30 -1.50 16.30
N GLU A 101 -3.62 -2.35 17.06
CA GLU A 101 -4.27 -3.49 17.71
C GLU A 101 -4.86 -3.09 19.06
N GLN A 102 -4.29 -2.05 19.66
CA GLN A 102 -4.77 -1.57 20.95
C GLN A 102 -6.18 -1.00 20.84
N PRO A 103 -6.96 -1.05 21.93
CA PRO A 103 -8.33 -0.53 21.94
C PRO A 103 -8.39 0.98 21.75
N GLU A 104 -7.32 1.66 22.17
CA GLU A 104 -7.25 3.12 22.04
C GLU A 104 -7.31 3.53 20.57
N LEU A 105 -6.63 2.79 19.72
CA LEU A 105 -6.61 3.08 18.29
C LEU A 105 -7.61 2.22 17.53
N ALA A 106 -7.84 1.01 18.05
CA ALA A 106 -8.78 0.09 17.43
C ALA A 106 -10.18 0.70 17.31
N ASN A 107 -10.49 1.61 18.23
CA ASN A 107 -11.79 2.26 18.22
C ASN A 107 -11.90 3.28 17.08
N LYS A 108 -10.75 3.85 16.71
CA LYS A 108 -10.72 4.84 15.63
C LYS A 108 -10.40 4.16 14.29
N VAL A 109 -9.55 3.16 14.33
CA VAL A 109 -9.16 2.43 13.12
C VAL A 109 -9.76 1.03 13.10
N ASP A 110 -10.10 0.56 11.91
CA ASP A 110 -10.69 -0.77 11.76
C ASP A 110 -9.87 -1.62 10.80
N MET A 111 -9.50 -1.03 9.66
CA MET A 111 -8.70 -1.74 8.66
C MET A 111 -7.42 -0.97 8.35
N VAL A 112 -6.40 -1.70 7.93
CA VAL A 112 -5.11 -1.10 7.58
C VAL A 112 -4.77 -1.34 6.12
N TRP A 113 -4.11 -0.36 5.51
CA TRP A 113 -3.72 -0.45 4.11
C TRP A 113 -2.25 -0.06 3.92
N ILE A 114 -1.46 -0.99 3.38
CA ILE A 114 -0.05 -0.74 3.16
C ILE A 114 0.18 -0.04 1.82
N VAL A 115 0.99 1.01 1.83
CA VAL A 115 1.29 1.76 0.61
C VAL A 115 2.79 1.95 0.43
N GLY A 116 3.55 0.91 0.74
CA GLY A 116 5.00 0.99 0.60
C GLY A 116 5.69 1.44 1.87
N GLY A 117 7.02 1.38 1.91
CA GLY A 117 7.79 0.90 0.77
C GLY A 117 7.97 -0.61 0.77
N SER A 118 9.02 -1.08 0.11
CA SER A 118 9.32 -2.50 0.04
C SER A 118 9.63 -3.06 1.43
N SER A 119 10.27 -2.24 2.26
CA SER A 119 10.63 -2.64 3.60
C SER A 119 9.38 -3.02 4.40
N VAL A 120 8.34 -2.20 4.29
CA VAL A 120 7.09 -2.46 4.99
C VAL A 120 6.40 -3.70 4.45
N TYR A 121 6.45 -3.87 3.14
CA TYR A 121 5.83 -5.02 2.49
C TYR A 121 6.50 -6.31 2.92
N LYS A 122 7.82 -6.28 3.03
CA LYS A 122 8.59 -7.46 3.44
C LYS A 122 8.21 -7.88 4.86
N GLU A 123 8.22 -6.93 5.78
CA GLU A 123 7.88 -7.20 7.17
C GLU A 123 6.47 -7.78 7.29
N ALA A 124 5.52 -7.13 6.62
CA ALA A 124 4.14 -7.58 6.66
C ALA A 124 3.98 -8.93 5.97
N MET A 125 4.87 -9.22 5.03
CA MET A 125 4.84 -10.48 4.30
C MET A 125 4.97 -11.68 5.25
N ASN A 126 5.51 -11.42 6.44
CA ASN A 126 5.69 -12.48 7.43
C ASN A 126 4.50 -12.54 8.39
N HIS A 127 3.37 -12.00 7.98
CA HIS A 127 2.16 -12.00 8.81
C HIS A 127 1.48 -13.36 8.78
N PRO A 128 1.23 -13.97 9.95
CA PRO A 128 0.59 -15.28 10.04
C PRO A 128 -0.92 -15.19 9.81
N GLY A 129 -1.53 -14.13 10.33
CA GLY A 129 -2.97 -13.96 10.18
C GLY A 129 -3.36 -13.65 8.75
N HIS A 130 -4.67 -13.66 8.49
CA HIS A 130 -5.18 -13.38 7.15
C HIS A 130 -4.79 -11.98 6.71
N LEU A 131 -4.25 -11.88 5.49
CA LEU A 131 -3.84 -10.59 4.94
C LEU A 131 -4.05 -10.54 3.43
N LYS A 132 -4.44 -9.38 2.93
CA LYS A 132 -4.67 -9.21 1.50
C LYS A 132 -3.55 -8.40 0.86
N LEU A 133 -3.16 -8.78 -0.36
CA LEU A 133 -2.10 -8.08 -1.07
C LEU A 133 -2.52 -7.77 -2.51
N PHE A 134 -2.58 -6.49 -2.84
CA PHE A 134 -2.96 -6.07 -4.18
C PHE A 134 -1.75 -5.55 -4.95
N VAL A 135 -1.49 -6.16 -6.10
CA VAL A 135 -0.36 -5.76 -6.94
C VAL A 135 -0.82 -5.42 -8.35
N THR A 136 -0.41 -4.24 -8.83
CA THR A 136 -0.78 -3.79 -10.16
C THR A 136 0.38 -4.00 -11.14
N ARG A 137 0.17 -4.85 -12.13
CA ARG A 137 1.19 -5.14 -13.13
C ARG A 137 1.10 -4.16 -14.30
N ILE A 138 2.18 -3.42 -14.54
CA ILE A 138 2.22 -2.45 -15.62
C ILE A 138 2.84 -3.06 -16.88
N MET A 139 2.01 -3.26 -17.90
CA MET A 139 2.48 -3.84 -19.15
C MET A 139 3.23 -2.80 -19.99
N GLN A 140 4.48 -2.55 -19.62
CA GLN A 140 5.31 -1.58 -20.32
C GLN A 140 6.73 -1.58 -19.77
N ASP A 141 7.71 -1.67 -20.68
CA ASP A 141 9.11 -1.68 -20.29
C ASP A 141 9.55 -0.30 -19.83
N PHE A 142 10.18 -0.25 -18.65
CA PHE A 142 10.65 1.02 -18.09
C PHE A 142 11.85 0.78 -17.18
N GLU A 143 12.67 1.82 -17.01
CA GLU A 143 13.85 1.74 -16.17
C GLU A 143 13.47 1.68 -14.70
N SER A 144 14.00 0.68 -13.98
CA SER A 144 13.71 0.53 -12.57
C SER A 144 14.98 0.15 -11.79
N ASP A 145 15.21 0.84 -10.68
CA ASP A 145 16.38 0.58 -9.86
C ASP A 145 16.04 -0.41 -8.74
N THR A 146 14.87 -0.26 -8.15
CA THR A 146 14.43 -1.14 -7.08
C THR A 146 13.53 -2.25 -7.61
N PHE A 147 13.97 -3.49 -7.44
CA PHE A 147 13.20 -4.64 -7.91
C PHE A 147 12.45 -5.31 -6.75
N PHE A 148 11.24 -5.77 -7.02
CA PHE A 148 10.42 -6.42 -6.01
C PHE A 148 10.72 -7.92 -5.95
N PRO A 149 10.80 -8.49 -4.74
CA PRO A 149 11.09 -9.92 -4.55
C PRO A 149 9.94 -10.80 -5.04
N GLU A 150 10.28 -11.93 -5.64
CA GLU A 150 9.28 -12.87 -6.14
C GLU A 150 8.40 -13.39 -5.01
N ILE A 151 7.09 -13.27 -5.18
CA ILE A 151 6.14 -13.73 -4.18
C ILE A 151 6.01 -15.25 -4.20
N ASP A 152 5.92 -15.85 -3.02
CA ASP A 152 5.80 -17.30 -2.90
C ASP A 152 4.35 -17.73 -3.08
N LEU A 153 4.12 -18.62 -4.04
CA LEU A 153 2.78 -19.12 -4.32
C LEU A 153 2.29 -20.03 -3.20
N GLU A 154 3.24 -20.70 -2.54
CA GLU A 154 2.90 -21.61 -1.44
C GLU A 154 2.31 -20.84 -0.26
N LYS A 155 2.73 -19.59 -0.10
CA LYS A 155 2.24 -18.76 0.99
C LYS A 155 1.17 -17.79 0.50
N TYR A 156 1.36 -17.26 -0.70
CA TYR A 156 0.41 -16.32 -1.28
C TYR A 156 -0.46 -17.01 -2.33
N LYS A 157 -1.71 -16.57 -2.42
CA LYS A 157 -2.66 -17.14 -3.38
C LYS A 157 -2.92 -16.17 -4.52
N LEU A 158 -2.55 -16.56 -5.73
CA LEU A 158 -2.77 -15.73 -6.91
C LEU A 158 -4.24 -15.67 -7.28
N LEU A 159 -4.82 -14.48 -7.18
CA LEU A 159 -6.23 -14.29 -7.51
C LEU A 159 -6.40 -13.34 -8.69
N PRO A 160 -6.43 -13.88 -9.93
CA PRO A 160 -6.57 -13.07 -11.14
C PRO A 160 -7.81 -12.18 -11.09
N GLU A 161 -8.97 -12.79 -11.01
CA GLU A 161 -10.22 -12.03 -10.95
C GLU A 161 -10.77 -11.99 -9.54
N TYR A 162 -10.84 -10.79 -8.97
CA TYR A 162 -11.35 -10.61 -7.61
C TYR A 162 -12.52 -9.62 -7.60
N PRO A 163 -13.57 -9.91 -6.81
CA PRO A 163 -14.75 -9.04 -6.72
C PRO A 163 -14.43 -7.71 -6.03
N GLY A 164 -15.00 -6.63 -6.56
CA GLY A 164 -14.76 -5.32 -6.00
C GLY A 164 -13.65 -4.56 -6.71
N VAL A 165 -12.71 -5.31 -7.27
CA VAL A 165 -11.59 -4.70 -8.00
C VAL A 165 -11.65 -5.04 -9.49
N LEU A 166 -11.38 -4.04 -10.31
CA LEU A 166 -11.40 -4.22 -11.77
C LEU A 166 -10.40 -5.30 -12.19
N SER A 167 -10.84 -6.19 -13.08
CA SER A 167 -9.98 -7.26 -13.56
C SER A 167 -9.55 -7.01 -15.00
N ASP A 168 -10.40 -6.32 -15.76
CA ASP A 168 -10.11 -6.00 -17.15
C ASP A 168 -8.88 -5.10 -17.26
N VAL A 169 -8.10 -5.30 -18.33
CA VAL A 169 -6.90 -4.51 -18.55
C VAL A 169 -7.25 -3.04 -18.80
N GLN A 170 -6.52 -2.15 -18.13
CA GLN A 170 -6.75 -0.72 -18.28
C GLN A 170 -5.65 -0.08 -19.13
N GLU A 171 -5.95 1.08 -19.70
CA GLU A 171 -4.99 1.80 -20.53
C GLU A 171 -5.07 3.29 -20.30
N GLU A 172 -3.95 3.90 -19.95
CA GLU A 172 -3.89 5.34 -19.70
C GLU A 172 -2.60 5.94 -20.24
N LYS A 173 -2.73 6.98 -21.06
CA LYS A 173 -1.57 7.64 -21.65
C LYS A 173 -0.76 6.67 -22.48
N GLY A 174 -1.43 5.69 -23.08
CA GLY A 174 -0.74 4.70 -23.90
C GLY A 174 -0.05 3.64 -23.06
N ILE A 175 -0.43 3.52 -21.79
CA ILE A 175 0.17 2.53 -20.91
C ILE A 175 -0.88 1.52 -20.44
N LYS A 176 -0.66 0.25 -20.80
CA LYS A 176 -1.58 -0.81 -20.41
C LYS A 176 -1.08 -1.54 -19.16
N TYR A 177 -2.01 -1.87 -18.28
CA TYR A 177 -1.68 -2.56 -17.04
C TYR A 177 -2.86 -3.38 -16.53
N LYS A 178 -2.57 -4.38 -15.69
CA LYS A 178 -3.60 -5.23 -15.14
C LYS A 178 -3.58 -5.20 -13.62
N PHE A 179 -4.68 -5.62 -13.00
CA PHE A 179 -4.78 -5.63 -11.55
C PHE A 179 -4.85 -7.07 -11.03
N GLU A 180 -3.86 -7.44 -10.22
CA GLU A 180 -3.80 -8.79 -9.65
C GLU A 180 -4.02 -8.75 -8.15
N VAL A 181 -4.77 -9.72 -7.64
CA VAL A 181 -5.05 -9.80 -6.21
C VAL A 181 -4.39 -11.01 -5.58
N TYR A 182 -3.76 -10.81 -4.42
CA TYR A 182 -3.08 -11.90 -3.71
C TYR A 182 -3.68 -12.08 -2.32
N GLU A 183 -3.67 -13.33 -1.86
CA GLU A 183 -4.21 -13.66 -0.54
C GLU A 183 -3.17 -14.40 0.30
N LYS A 184 -3.23 -14.21 1.61
CA LYS A 184 -2.30 -14.87 2.52
C LYS A 184 -2.96 -16.07 3.20
N ASN A 185 -2.37 -17.24 3.02
CA ASN A 185 -2.91 -18.47 3.61
C ASN A 185 -1.96 -19.01 4.68
N ASP A 186 -2.42 -19.03 5.92
CA ASP A 186 -1.61 -19.54 7.02
C ASP A 186 -2.45 -19.64 8.30
PA NDP B . 12.05 3.37 1.57
O1A NDP B . 10.72 3.91 1.25
O2A NDP B . 13.03 4.28 2.19
O5B NDP B . 11.94 2.00 2.38
C5B NDP B . 10.92 1.80 3.37
C4B NDP B . 11.33 2.44 4.67
O4B NDP B . 10.26 2.31 5.64
C3B NDP B . 12.53 1.80 5.35
O3B NDP B . 13.75 2.34 4.84
C2B NDP B . 12.31 2.20 6.81
O2B NDP B . 12.75 3.52 7.11
C1B NDP B . 10.80 2.11 6.93
N9A NDP B . 10.33 0.82 7.42
C8A NDP B . 9.72 -0.19 6.70
N7A NDP B . 9.42 -1.24 7.42
C5A NDP B . 9.85 -0.91 8.70
C6A NDP B . 9.81 -1.61 9.93
N6A NDP B . 9.30 -2.83 10.07
N1A NDP B . 10.32 -0.99 11.02
C2A NDP B . 10.82 0.25 10.88
N3A NDP B . 10.92 1.00 9.78
C4A NDP B . 10.40 0.36 8.71
O3 NDP B . 12.71 2.77 0.18
PN NDP B . 12.20 1.75 -1.01
O1N NDP B . 13.17 1.80 -2.12
O2N NDP B . 11.92 0.42 -0.41
O5D NDP B . 10.85 2.51 -1.38
C5D NDP B . 9.89 1.92 -2.28
C4D NDP B . 9.94 2.61 -3.62
O4D NDP B . 9.03 1.94 -4.54
C3D NDP B . 9.48 4.06 -3.63
O3D NDP B . 10.55 4.94 -3.27
C2D NDP B . 9.05 4.25 -5.07
O2D NDP B . 10.15 4.53 -5.96
C1D NDP B . 8.43 2.90 -5.41
N1N NDP B . 6.98 2.85 -5.20
C2N NDP B . 6.01 2.55 -6.05
C3N NDP B . 4.74 2.54 -5.81
C7N NDP B . 4.02 2.16 -6.99
O7N NDP B . 2.76 2.16 -6.60
N7N NDP B . 4.45 1.84 -8.24
C4N NDP B . 4.29 2.89 -4.43
C5N NDP B . 5.29 3.23 -3.45
C6N NDP B . 6.65 3.24 -3.75
P2B NDP B . 13.49 4.07 8.50
O1X NDP B . 12.69 5.41 8.65
O2X NDP B . 12.98 3.05 9.51
O3X NDP B . 14.89 4.37 7.95
H51A NDP B . 10.75 0.74 3.51
H52A NDP B . 9.98 2.26 3.02
H4B NDP B . 11.57 3.49 4.53
H3B NDP B . 12.53 0.72 5.26
HO3A NDP B . 13.86 2.07 3.93
H2B NDP B . 12.80 1.51 7.50
H1B NDP B . 10.38 2.84 7.63
H8A NDP B . 9.52 -0.13 5.64
H61A NDP B . 9.30 -3.27 10.97
H62A NDP B . 8.79 -3.26 9.30
H2A NDP B . 11.22 0.70 11.79
H51N NDP B . 10.12 0.86 -2.42
H52N NDP B . 8.89 2.00 -1.86
H4D NDP B . 10.94 2.59 -4.03
H3D NDP B . 8.62 4.23 -2.96
HO3N NDP B . 11.20 4.45 -2.77
H2D NDP B . 8.33 5.07 -5.19
HO2N NDP B . 10.97 4.28 -5.52
H1D NDP B . 8.60 2.60 -6.44
H2N NDP B . 6.31 2.29 -7.07
H71N NDP B . 3.79 1.59 -8.95
H72N NDP B . 5.44 1.83 -8.44
H41N NDP B . 3.63 3.76 -4.52
H42N NDP B . 3.75 2.03 -4.03
H5N NDP B . 4.97 3.49 -2.44
H6N NDP B . 7.41 3.50 -3.01
N1 TRR C . 0.44 3.50 -6.38
C2 TRR C . 0.11 2.22 -5.97
N2 TRR C . -0.50 1.35 -6.84
N3 TRR C . 0.40 1.83 -4.68
C4 TRR C . 1.01 2.69 -3.80
N4 TRR C . 1.29 2.27 -2.52
C5 TRR C . 1.34 3.97 -4.22
C6 TRR C . 1.05 4.38 -5.52
C7 TRR C . 2.01 4.93 -3.26
C11 TRR C . 1.79 6.38 -3.62
C12 TRR C . 2.77 7.08 -4.32
C13 TRR C . 2.58 8.42 -4.66
C14 TRR C . 1.40 9.06 -4.28
C15 TRR C . 0.41 8.36 -3.58
C16 TRR C . 0.61 7.02 -3.25
O13 TRR C . 3.54 9.13 -5.36
O14 TRR C . 1.19 10.38 -4.61
O15 TRR C . -0.77 9.02 -3.21
C17 TRR C . 4.73 8.48 -5.73
C18 TRR C . 1.28 11.33 -3.59
C19 TRR C . -1.75 8.31 -2.50
H1 TRR C . 0.23 3.78 -7.31
H21 TRR C . -0.71 1.64 -7.77
H22 TRR C . -0.74 0.44 -6.55
H41 TRR C . 1.06 1.36 -2.23
H42 TRR C . 1.73 2.89 -1.88
H6 TRR C . 1.30 5.39 -5.85
H71 TRR C . 3.08 4.72 -3.25
H72 TRR C . 1.62 4.76 -2.26
H12 TRR C . 3.71 6.57 -4.62
H16 TRR C . -0.15 6.47 -2.69
H171 TRR C . 4.53 7.65 -6.41
H172 TRR C . 5.25 8.07 -4.87
H173 TRR C . 5.42 9.15 -6.24
H181 TRR C . 0.67 11.06 -2.73
H182 TRR C . 0.95 12.31 -3.92
H183 TRR C . 2.31 11.44 -3.23
H191 TRR C . -1.33 7.84 -1.60
H192 TRR C . -2.19 7.51 -3.11
H193 TRR C . -2.56 8.96 -2.19
N VAL A 1 -10.35 -4.44 12.42
CA VAL A 1 -10.53 -5.92 12.44
C VAL A 1 -9.18 -6.64 12.43
N GLY A 2 -8.14 -5.94 12.88
CA GLY A 2 -6.81 -6.54 12.91
C GLY A 2 -6.40 -7.07 11.56
N SER A 3 -6.95 -6.51 10.49
CA SER A 3 -6.62 -6.95 9.14
C SER A 3 -5.75 -5.92 8.43
N LEU A 4 -4.70 -6.40 7.76
CA LEU A 4 -3.78 -5.53 7.05
C LEU A 4 -3.86 -5.79 5.54
N ASN A 5 -4.06 -4.72 4.78
CA ASN A 5 -4.15 -4.82 3.33
C ASN A 5 -3.01 -4.07 2.65
N CYS A 6 -2.23 -4.79 1.85
CA CYS A 6 -1.11 -4.19 1.14
C CYS A 6 -1.46 -3.90 -0.31
N ILE A 7 -1.04 -2.75 -0.81
CA ILE A 7 -1.32 -2.36 -2.18
C ILE A 7 -0.14 -1.61 -2.79
N VAL A 8 0.45 -2.21 -3.84
CA VAL A 8 1.58 -1.60 -4.53
C VAL A 8 1.56 -1.93 -6.01
N ALA A 9 2.18 -1.05 -6.81
CA ALA A 9 2.24 -1.26 -8.25
C ALA A 9 3.62 -1.74 -8.68
N VAL A 10 3.65 -2.54 -9.74
CA VAL A 10 4.90 -3.09 -10.25
C VAL A 10 4.87 -3.20 -11.77
N SER A 11 6.01 -2.97 -12.40
CA SER A 11 6.11 -3.05 -13.85
C SER A 11 6.24 -4.50 -14.31
N GLN A 12 6.13 -4.72 -15.62
CA GLN A 12 6.23 -6.05 -16.18
C GLN A 12 7.62 -6.66 -15.92
N ASN A 13 8.58 -5.81 -15.60
CA ASN A 13 9.94 -6.26 -15.32
C ASN A 13 10.16 -6.48 -13.83
N MET A 14 9.08 -6.70 -13.09
CA MET A 14 9.15 -6.92 -11.66
C MET A 14 9.79 -5.73 -10.95
N GLY A 15 9.62 -4.55 -11.53
CA GLY A 15 10.18 -3.34 -10.95
C GLY A 15 9.14 -2.51 -10.21
N ILE A 16 9.53 -1.93 -9.09
CA ILE A 16 8.62 -1.11 -8.30
C ILE A 16 8.93 0.38 -8.46
N GLY A 17 10.22 0.71 -8.48
CA GLY A 17 10.62 2.09 -8.63
C GLY A 17 12.11 2.25 -8.90
N LYS A 18 12.47 3.33 -9.60
CA LYS A 18 13.86 3.58 -9.94
C LYS A 18 14.33 4.88 -9.28
N ASN A 19 15.37 4.79 -8.46
CA ASN A 19 15.92 5.94 -7.77
C ASN A 19 14.89 6.56 -6.83
N GLY A 20 13.99 5.73 -6.32
CA GLY A 20 12.96 6.20 -5.41
C GLY A 20 11.79 6.86 -6.12
N ASP A 21 11.62 6.53 -7.40
CA ASP A 21 10.53 7.10 -8.18
C ASP A 21 9.94 6.06 -9.14
N LEU A 22 8.66 6.20 -9.45
CA LEU A 22 7.98 5.27 -10.34
C LEU A 22 8.55 5.38 -11.76
N PRO A 23 8.75 4.25 -12.45
CA PRO A 23 9.28 4.22 -13.82
C PRO A 23 8.41 5.02 -14.79
N TRP A 24 7.09 4.86 -14.65
CA TRP A 24 6.15 5.56 -15.52
C TRP A 24 5.79 6.93 -14.94
N PRO A 25 5.43 7.89 -15.81
CA PRO A 25 5.06 9.24 -15.37
C PRO A 25 3.75 9.26 -14.58
N PRO A 26 3.38 10.44 -14.04
CA PRO A 26 2.15 10.59 -13.26
C PRO A 26 0.93 10.03 -13.98
N LEU A 27 0.28 9.04 -13.36
CA LEU A 27 -0.91 8.43 -13.96
C LEU A 27 -2.17 8.82 -13.19
N ARG A 28 -3.01 9.65 -13.82
CA ARG A 28 -4.24 10.10 -13.19
C ARG A 28 -5.14 8.92 -12.82
N ASN A 29 -5.18 7.93 -13.71
CA ASN A 29 -6.00 6.74 -13.47
C ASN A 29 -5.50 5.96 -12.26
N GLU A 30 -4.18 5.82 -12.15
CA GLU A 30 -3.58 5.10 -11.04
C GLU A 30 -3.67 5.90 -9.75
N PHE A 31 -3.39 7.20 -9.85
CA PHE A 31 -3.45 8.08 -8.69
C PHE A 31 -4.87 8.19 -8.15
N ARG A 32 -5.83 8.35 -9.05
CA ARG A 32 -7.23 8.46 -8.67
C ARG A 32 -7.78 7.11 -8.21
N TYR A 33 -7.49 6.07 -8.97
CA TYR A 33 -7.96 4.73 -8.63
C TYR A 33 -7.39 4.27 -7.29
N PHE A 34 -6.12 4.56 -7.05
CA PHE A 34 -5.48 4.18 -5.81
C PHE A 34 -6.10 4.90 -4.62
N GLN A 35 -6.27 6.22 -4.77
CA GLN A 35 -6.86 7.03 -3.70
C GLN A 35 -8.35 6.71 -3.54
N ARG A 36 -9.06 6.57 -4.66
CA ARG A 36 -10.48 6.26 -4.63
C ARG A 36 -10.73 4.91 -3.97
N MET A 37 -9.81 3.97 -4.19
CA MET A 37 -9.93 2.63 -3.61
C MET A 37 -9.74 2.67 -2.10
N THR A 38 -8.66 3.31 -1.67
CA THR A 38 -8.35 3.42 -0.25
C THR A 38 -9.45 4.18 0.50
N THR A 39 -9.89 5.29 -0.10
CA THR A 39 -10.95 6.10 0.50
C THR A 39 -12.24 5.29 0.65
N THR A 40 -12.54 4.47 -0.34
CA THR A 40 -13.74 3.65 -0.31
C THR A 40 -13.64 2.57 0.76
N SER A 41 -14.29 2.81 1.90
CA SER A 41 -14.27 1.87 3.00
C SER A 41 -15.44 0.88 2.89
N SER A 42 -15.25 -0.31 3.45
CA SER A 42 -16.28 -1.35 3.41
C SER A 42 -17.44 -0.99 4.35
N VAL A 43 -17.12 -0.33 5.45
CA VAL A 43 -18.13 0.07 6.42
C VAL A 43 -18.14 1.58 6.62
N GLU A 44 -19.33 2.18 6.57
CA GLU A 44 -19.47 3.61 6.74
C GLU A 44 -19.41 3.99 8.22
N GLY A 45 -18.80 5.13 8.50
CA GLY A 45 -18.68 5.59 9.88
C GLY A 45 -17.43 5.07 10.56
N LYS A 46 -16.50 4.55 9.78
CA LYS A 46 -15.25 4.02 10.32
C LYS A 46 -14.05 4.76 9.75
N GLN A 47 -12.92 4.68 10.44
CA GLN A 47 -11.69 5.34 10.00
C GLN A 47 -10.62 4.32 9.66
N ASN A 48 -10.04 4.46 8.47
CA ASN A 48 -8.99 3.55 8.02
C ASN A 48 -7.61 4.16 8.26
N LEU A 49 -6.67 3.32 8.68
CA LEU A 49 -5.31 3.76 8.95
C LEU A 49 -4.35 3.25 7.88
N VAL A 50 -3.63 4.17 7.26
CA VAL A 50 -2.67 3.81 6.21
C VAL A 50 -1.23 4.03 6.68
N ILE A 51 -0.34 3.16 6.24
CA ILE A 51 1.07 3.26 6.61
C ILE A 51 1.94 3.49 5.39
N MET A 52 2.84 4.48 5.48
CA MET A 52 3.73 4.81 4.38
C MET A 52 5.17 4.94 4.88
N GLY A 53 6.11 4.90 3.94
CA GLY A 53 7.51 5.02 4.29
C GLY A 53 8.00 6.45 4.31
N LYS A 54 9.21 6.67 4.82
CA LYS A 54 9.78 8.00 4.90
C LYS A 54 9.99 8.58 3.51
N LYS A 55 10.46 7.74 2.59
CA LYS A 55 10.71 8.17 1.21
C LYS A 55 9.40 8.55 0.52
N THR A 56 8.39 7.68 0.65
CA THR A 56 7.10 7.93 0.03
C THR A 56 6.47 9.22 0.56
N TRP A 57 6.53 9.41 1.87
CA TRP A 57 5.98 10.61 2.49
C TRP A 57 6.67 11.86 1.97
N PHE A 58 7.99 11.74 1.75
CA PHE A 58 8.77 12.87 1.25
C PHE A 58 8.52 13.10 -0.23
N SER A 59 8.05 12.08 -0.92
CA SER A 59 7.77 12.17 -2.35
C SER A 59 6.42 12.81 -2.61
N ILE A 60 5.50 12.65 -1.67
CA ILE A 60 4.16 13.22 -1.80
C ILE A 60 4.20 14.74 -1.65
N PRO A 61 3.47 15.47 -2.51
CA PRO A 61 3.43 16.94 -2.47
C PRO A 61 2.64 17.45 -1.27
N GLU A 62 2.88 18.71 -0.90
CA GLU A 62 2.20 19.34 0.22
C GLU A 62 0.76 19.68 -0.14
N LYS A 63 0.51 19.92 -1.43
CA LYS A 63 -0.82 20.28 -1.90
C LYS A 63 -1.83 19.20 -1.52
N ASN A 64 -1.38 17.95 -1.51
CA ASN A 64 -2.25 16.83 -1.15
C ASN A 64 -1.87 16.25 0.20
N ARG A 65 -1.38 17.11 1.09
CA ARG A 65 -0.98 16.68 2.43
C ARG A 65 -1.45 17.69 3.49
N PRO A 66 -1.92 17.21 4.65
CA PRO A 66 -2.09 15.78 4.93
C PRO A 66 -3.26 15.17 4.17
N LEU A 67 -3.08 13.94 3.70
CA LEU A 67 -4.13 13.25 2.96
C LEU A 67 -5.37 13.06 3.82
N LYS A 68 -6.35 13.94 3.64
CA LYS A 68 -7.60 13.87 4.41
C LYS A 68 -8.40 12.63 4.02
N GLY A 69 -9.33 12.25 4.89
CA GLY A 69 -10.15 11.08 4.61
C GLY A 69 -9.62 9.82 5.26
N ARG A 70 -8.29 9.74 5.40
CA ARG A 70 -7.65 8.58 6.00
C ARG A 70 -6.47 9.00 6.87
N ILE A 71 -6.17 8.20 7.89
CA ILE A 71 -5.07 8.49 8.78
C ILE A 71 -3.73 8.13 8.14
N ASN A 72 -2.84 9.12 8.02
CA ASN A 72 -1.53 8.91 7.42
C ASN A 72 -0.50 8.57 8.49
N LEU A 73 0.08 7.37 8.39
CA LEU A 73 1.09 6.93 9.35
C LEU A 73 2.41 6.63 8.65
N VAL A 74 3.50 7.15 9.21
CA VAL A 74 4.83 6.94 8.64
C VAL A 74 5.71 6.13 9.58
N LEU A 75 6.45 5.18 9.02
CA LEU A 75 7.34 4.33 9.82
C LEU A 75 8.79 4.79 9.68
N SER A 76 9.32 5.39 10.74
CA SER A 76 10.69 5.87 10.74
C SER A 76 11.46 5.32 11.93
N ARG A 77 12.60 4.69 11.65
CA ARG A 77 13.43 4.12 12.70
C ARG A 77 14.47 5.13 13.19
N GLU A 78 14.86 6.05 12.31
CA GLU A 78 15.85 7.06 12.67
C GLU A 78 15.19 8.23 13.40
N LEU A 79 13.98 8.58 12.98
CA LEU A 79 13.25 9.68 13.59
C LEU A 79 12.47 9.21 14.81
N LYS A 80 12.42 10.05 15.84
CA LYS A 80 11.71 9.71 17.06
C LYS A 80 10.33 10.37 17.09
N GLU A 81 10.23 11.53 16.46
CA GLU A 81 8.96 12.26 16.41
C GLU A 81 8.34 12.17 15.02
N PRO A 82 7.00 12.20 14.94
CA PRO A 82 6.28 12.13 13.66
C PRO A 82 6.47 13.39 12.81
N PRO A 83 6.80 13.22 11.52
CA PRO A 83 7.00 14.36 10.61
C PRO A 83 5.79 15.30 10.58
N GLN A 84 6.03 16.56 10.25
CA GLN A 84 4.97 17.55 10.17
C GLN A 84 3.93 17.16 9.14
N GLY A 85 2.67 17.09 9.57
CA GLY A 85 1.60 16.71 8.66
C GLY A 85 1.15 15.28 8.85
N ALA A 86 2.05 14.44 9.37
CA ALA A 86 1.74 13.03 9.59
C ALA A 86 0.82 12.86 10.80
N HIS A 87 -0.20 12.01 10.64
CA HIS A 87 -1.15 11.75 11.71
C HIS A 87 -0.49 10.98 12.86
N PHE A 88 0.38 10.04 12.51
CA PHE A 88 1.08 9.23 13.51
C PHE A 88 2.36 8.65 12.93
N LEU A 89 3.28 8.28 13.82
CA LEU A 89 4.55 7.70 13.40
C LEU A 89 4.90 6.49 14.25
N SER A 90 5.52 5.50 13.63
CA SER A 90 5.91 4.28 14.32
C SER A 90 7.38 3.95 14.06
N ARG A 91 8.09 3.57 15.13
CA ARG A 91 9.49 3.22 15.01
C ARG A 91 9.67 1.86 14.36
N SER A 92 8.71 0.97 14.59
CA SER A 92 8.76 -0.37 14.02
C SER A 92 7.36 -0.84 13.62
N LEU A 93 7.30 -1.79 12.70
CA LEU A 93 6.02 -2.32 12.23
C LEU A 93 5.24 -2.94 13.39
N ASP A 94 5.96 -3.49 14.36
CA ASP A 94 5.33 -4.12 15.52
C ASP A 94 4.61 -3.08 16.36
N ASP A 95 5.21 -1.90 16.50
CA ASP A 95 4.61 -0.83 17.29
C ASP A 95 3.34 -0.32 16.63
N ALA A 96 3.42 -0.05 15.33
CA ALA A 96 2.27 0.45 14.58
C ALA A 96 1.12 -0.56 14.60
N LEU A 97 1.46 -1.84 14.46
CA LEU A 97 0.47 -2.89 14.47
C LEU A 97 -0.25 -2.96 15.81
N LYS A 98 0.50 -2.76 16.89
CA LYS A 98 -0.08 -2.79 18.23
C LYS A 98 -1.07 -1.66 18.42
N LEU A 99 -0.73 -0.49 17.90
CA LEU A 99 -1.60 0.68 18.01
C LEU A 99 -2.94 0.43 17.32
N THR A 100 -2.88 -0.11 16.12
CA THR A 100 -4.09 -0.40 15.35
C THR A 100 -4.82 -1.62 15.92
N GLU A 101 -4.06 -2.51 16.57
CA GLU A 101 -4.64 -3.71 17.15
C GLU A 101 -5.17 -3.44 18.56
N GLN A 102 -4.66 -2.40 19.20
CA GLN A 102 -5.09 -2.04 20.55
C GLN A 102 -6.55 -1.62 20.56
N PRO A 103 -7.26 -1.86 21.68
CA PRO A 103 -8.67 -1.50 21.81
C PRO A 103 -8.89 0.01 21.87
N GLU A 104 -7.93 0.72 22.47
CA GLU A 104 -8.01 2.17 22.59
C GLU A 104 -8.09 2.82 21.22
N LEU A 105 -7.44 2.21 20.24
CA LEU A 105 -7.44 2.74 18.87
C LEU A 105 -8.41 1.95 17.99
N ALA A 106 -8.63 0.69 18.35
CA ALA A 106 -9.55 -0.16 17.58
C ALA A 106 -10.93 0.46 17.45
N ASN A 107 -11.26 1.36 18.37
CA ASN A 107 -12.56 2.03 18.37
C ASN A 107 -12.65 3.02 17.22
N LYS A 108 -11.51 3.60 16.85
CA LYS A 108 -11.46 4.57 15.76
C LYS A 108 -10.89 3.94 14.49
N VAL A 109 -10.00 2.97 14.67
CA VAL A 109 -9.37 2.29 13.54
C VAL A 109 -9.89 0.86 13.42
N ASP A 110 -9.96 0.37 12.18
CA ASP A 110 -10.44 -0.99 11.93
C ASP A 110 -9.53 -1.70 10.93
N MET A 111 -9.52 -1.23 9.69
CA MET A 111 -8.70 -1.84 8.65
C MET A 111 -7.45 -1.00 8.40
N VAL A 112 -6.38 -1.67 7.99
CA VAL A 112 -5.11 -1.00 7.70
C VAL A 112 -4.74 -1.15 6.23
N TRP A 113 -4.08 -0.12 5.68
CA TRP A 113 -3.67 -0.15 4.29
C TRP A 113 -2.22 0.27 4.14
N ILE A 114 -1.40 -0.61 3.57
CA ILE A 114 0.02 -0.33 3.37
C ILE A 114 0.25 0.29 2.00
N VAL A 115 0.80 1.51 2.00
CA VAL A 115 1.08 2.22 0.75
C VAL A 115 2.58 2.28 0.48
N GLY A 116 3.27 1.19 0.76
CA GLY A 116 4.71 1.15 0.52
C GLY A 116 5.51 1.48 1.77
N GLY A 117 6.83 1.35 1.71
CA GLY A 117 7.51 0.91 0.50
C GLY A 117 7.83 -0.57 0.51
N SER A 118 8.92 -0.94 -0.15
CA SER A 118 9.34 -2.34 -0.21
C SER A 118 9.69 -2.86 1.17
N SER A 119 10.34 -2.03 1.97
CA SER A 119 10.72 -2.41 3.32
C SER A 119 9.51 -2.83 4.14
N VAL A 120 8.45 -2.05 4.05
CA VAL A 120 7.22 -2.34 4.78
C VAL A 120 6.59 -3.63 4.29
N TYR A 121 6.70 -3.88 2.98
CA TYR A 121 6.15 -5.09 2.39
C TYR A 121 6.87 -6.33 2.91
N LYS A 122 8.19 -6.25 3.00
CA LYS A 122 9.00 -7.37 3.49
C LYS A 122 8.60 -7.73 4.92
N GLU A 123 8.51 -6.73 5.78
CA GLU A 123 8.14 -6.96 7.17
C GLU A 123 6.75 -7.57 7.28
N ALA A 124 5.84 -7.08 6.44
CA ALA A 124 4.46 -7.57 6.45
C ALA A 124 4.38 -8.96 5.84
N MET A 125 5.24 -9.23 4.87
CA MET A 125 5.26 -10.53 4.21
C MET A 125 5.54 -11.66 5.20
N ASN A 126 6.12 -11.30 6.35
CA ASN A 126 6.44 -12.29 7.38
C ASN A 126 5.32 -12.37 8.42
N HIS A 127 4.13 -11.93 8.06
CA HIS A 127 2.99 -11.95 8.97
C HIS A 127 2.38 -13.36 9.04
N PRO A 128 2.11 -13.86 10.25
CA PRO A 128 1.52 -15.19 10.44
C PRO A 128 0.02 -15.21 10.18
N GLY A 129 -0.65 -14.14 10.59
CA GLY A 129 -2.09 -14.06 10.39
C GLY A 129 -2.46 -13.78 8.94
N HIS A 130 -3.77 -13.77 8.66
CA HIS A 130 -4.24 -13.51 7.31
C HIS A 130 -3.89 -12.09 6.87
N LEU A 131 -3.45 -11.95 5.63
CA LEU A 131 -3.08 -10.66 5.08
C LEU A 131 -3.38 -10.58 3.59
N LYS A 132 -3.83 -9.40 3.15
CA LYS A 132 -4.16 -9.19 1.75
C LYS A 132 -3.04 -8.45 1.02
N LEU A 133 -2.67 -8.94 -0.15
CA LEU A 133 -1.61 -8.33 -0.93
C LEU A 133 -2.10 -7.99 -2.34
N PHE A 134 -2.13 -6.69 -2.66
CA PHE A 134 -2.57 -6.24 -3.97
C PHE A 134 -1.40 -5.75 -4.81
N VAL A 135 -1.21 -6.34 -5.97
CA VAL A 135 -0.13 -5.96 -6.87
C VAL A 135 -0.64 -5.59 -8.26
N THR A 136 -0.12 -4.50 -8.81
CA THR A 136 -0.54 -4.04 -10.13
C THR A 136 0.58 -4.24 -11.15
N ARG A 137 0.33 -5.09 -12.14
CA ARG A 137 1.32 -5.37 -13.18
C ARG A 137 1.13 -4.43 -14.37
N ILE A 138 2.18 -3.66 -14.66
CA ILE A 138 2.14 -2.72 -15.78
C ILE A 138 2.74 -3.33 -17.03
N MET A 139 1.89 -3.60 -18.03
CA MET A 139 2.35 -4.18 -19.28
C MET A 139 3.10 -3.16 -20.12
N GLN A 140 4.35 -2.89 -19.75
CA GLN A 140 5.17 -1.93 -20.47
C GLN A 140 6.62 -1.99 -20.00
N ASP A 141 7.55 -1.99 -20.96
CA ASP A 141 8.97 -2.04 -20.64
C ASP A 141 9.44 -0.73 -20.02
N PHE A 142 9.92 -0.81 -18.78
CA PHE A 142 10.41 0.38 -18.09
C PHE A 142 11.64 0.05 -17.24
N GLU A 143 12.47 1.05 -17.00
CA GLU A 143 13.68 0.87 -16.20
C GLU A 143 13.38 0.99 -14.71
N SER A 144 13.90 0.06 -13.93
CA SER A 144 13.68 0.06 -12.48
C SER A 144 14.95 -0.38 -11.75
N ASP A 145 15.14 0.16 -10.55
CA ASP A 145 16.31 -0.17 -9.74
C ASP A 145 15.96 -1.20 -8.67
N THR A 146 14.82 -1.02 -8.02
CA THR A 146 14.37 -1.93 -6.98
C THR A 146 13.45 -3.00 -7.56
N PHE A 147 13.85 -4.26 -7.41
CA PHE A 147 13.06 -5.38 -7.92
C PHE A 147 12.21 -5.99 -6.81
N PHE A 148 10.97 -6.36 -7.15
CA PHE A 148 10.06 -6.95 -6.19
C PHE A 148 10.24 -8.47 -6.14
N PRO A 149 10.50 -9.04 -4.95
CA PRO A 149 10.69 -10.48 -4.79
C PRO A 149 9.52 -11.28 -5.34
N GLU A 150 9.81 -12.48 -5.82
CA GLU A 150 8.79 -13.35 -6.39
C GLU A 150 7.92 -13.95 -5.28
N ILE A 151 6.60 -13.86 -5.47
CA ILE A 151 5.66 -14.39 -4.50
C ILE A 151 5.46 -15.88 -4.67
N ASP A 152 5.41 -16.61 -3.56
CA ASP A 152 5.23 -18.06 -3.59
C ASP A 152 3.76 -18.42 -3.59
N LEU A 153 3.37 -19.33 -4.48
CA LEU A 153 1.98 -19.76 -4.57
C LEU A 153 1.61 -20.67 -3.41
N GLU A 154 2.61 -21.36 -2.87
CA GLU A 154 2.39 -22.27 -1.74
C GLU A 154 1.94 -21.50 -0.50
N LYS A 155 2.40 -20.26 -0.38
CA LYS A 155 2.05 -19.43 0.76
C LYS A 155 0.98 -18.41 0.39
N TYR A 156 1.09 -17.87 -0.82
CA TYR A 156 0.13 -16.88 -1.31
C TYR A 156 -0.82 -17.51 -2.33
N LYS A 157 -2.05 -16.99 -2.38
CA LYS A 157 -3.05 -17.50 -3.30
C LYS A 157 -3.31 -16.49 -4.42
N LEU A 158 -3.05 -16.91 -5.65
CA LEU A 158 -3.26 -16.04 -6.82
C LEU A 158 -4.74 -15.81 -7.05
N LEU A 159 -5.19 -14.57 -6.89
CA LEU A 159 -6.59 -14.21 -7.10
C LEU A 159 -6.74 -13.27 -8.28
N PRO A 160 -6.94 -13.81 -9.49
CA PRO A 160 -7.11 -13.01 -10.71
C PRO A 160 -8.27 -12.03 -10.60
N GLU A 161 -9.47 -12.56 -10.40
CA GLU A 161 -10.66 -11.73 -10.27
C GLU A 161 -11.16 -11.71 -8.83
N TYR A 162 -11.03 -10.56 -8.17
CA TYR A 162 -11.47 -10.42 -6.80
C TYR A 162 -12.56 -9.36 -6.68
N PRO A 163 -13.66 -9.66 -5.96
CA PRO A 163 -14.77 -8.73 -5.79
C PRO A 163 -14.32 -7.38 -5.23
N GLY A 164 -14.87 -6.30 -5.78
CA GLY A 164 -14.50 -4.97 -5.32
C GLY A 164 -13.42 -4.34 -6.17
N VAL A 165 -12.48 -5.16 -6.65
CA VAL A 165 -11.39 -4.67 -7.48
C VAL A 165 -11.64 -4.98 -8.94
N LEU A 166 -11.26 -4.05 -9.82
CA LEU A 166 -11.44 -4.23 -11.25
C LEU A 166 -10.45 -5.24 -11.81
N SER A 167 -10.90 -6.06 -12.74
CA SER A 167 -10.07 -7.09 -13.35
C SER A 167 -9.66 -6.69 -14.76
N ASP A 168 -10.50 -5.88 -15.41
CA ASP A 168 -10.23 -5.43 -16.77
C ASP A 168 -8.97 -4.59 -16.82
N VAL A 169 -8.17 -4.79 -17.87
CA VAL A 169 -6.93 -4.05 -18.03
C VAL A 169 -7.21 -2.59 -18.36
N GLN A 170 -6.65 -1.69 -17.55
CA GLN A 170 -6.85 -0.25 -17.77
C GLN A 170 -5.81 0.29 -18.75
N GLU A 171 -6.06 1.50 -19.25
CA GLU A 171 -5.15 2.14 -20.20
C GLU A 171 -5.13 3.64 -20.00
N GLU A 172 -3.93 4.19 -19.76
CA GLU A 172 -3.78 5.62 -19.56
C GLU A 172 -2.49 6.12 -20.19
N LYS A 173 -2.59 7.13 -21.05
CA LYS A 173 -1.43 7.71 -21.71
C LYS A 173 -0.70 6.64 -22.54
N GLY A 174 -1.46 5.69 -23.06
CA GLY A 174 -0.87 4.63 -23.86
C GLY A 174 -0.20 3.56 -23.02
N ILE A 175 -0.55 3.50 -21.74
CA ILE A 175 0.02 2.53 -20.83
C ILE A 175 -1.05 1.56 -20.32
N LYS A 176 -0.92 0.29 -20.69
CA LYS A 176 -1.87 -0.73 -20.27
C LYS A 176 -1.33 -1.53 -19.09
N TYR A 177 -2.21 -1.84 -18.14
CA TYR A 177 -1.82 -2.61 -16.96
C TYR A 177 -3.00 -3.39 -16.40
N LYS A 178 -2.71 -4.49 -15.73
CA LYS A 178 -3.75 -5.33 -15.14
C LYS A 178 -3.63 -5.36 -13.62
N PHE A 179 -4.77 -5.51 -12.95
CA PHE A 179 -4.80 -5.57 -11.49
C PHE A 179 -4.92 -7.01 -11.00
N GLU A 180 -4.00 -7.41 -10.13
CA GLU A 180 -4.01 -8.77 -9.59
C GLU A 180 -4.08 -8.73 -8.07
N VAL A 181 -4.81 -9.68 -7.49
CA VAL A 181 -4.96 -9.76 -6.05
C VAL A 181 -4.32 -11.03 -5.49
N TYR A 182 -3.58 -10.88 -4.40
CA TYR A 182 -2.91 -12.02 -3.77
C TYR A 182 -3.22 -12.07 -2.28
N GLU A 183 -3.62 -13.26 -1.81
CA GLU A 183 -3.95 -13.44 -0.40
C GLU A 183 -3.00 -14.44 0.25
N LYS A 184 -2.67 -14.20 1.52
CA LYS A 184 -1.76 -15.07 2.26
C LYS A 184 -2.55 -15.99 3.19
N ASN A 185 -2.34 -17.29 3.05
CA ASN A 185 -3.02 -18.28 3.89
C ASN A 185 -2.08 -18.84 4.95
N ASP A 186 -2.61 -19.08 6.14
CA ASP A 186 -1.82 -19.62 7.23
C ASP A 186 -2.69 -19.90 8.45
PA NDP B . 14.12 2.14 1.40
O1A NDP B . 15.38 2.63 0.80
O2A NDP B . 14.00 0.68 1.60
O5B NDP B . 13.73 2.95 2.71
C5B NDP B . 12.53 2.65 3.44
C4B NDP B . 12.52 3.41 4.74
O4B NDP B . 11.25 3.17 5.43
C3B NDP B . 13.57 2.99 5.76
O3B NDP B . 14.81 3.67 5.52
C2B NDP B . 12.95 3.43 7.08
O2B NDP B . 13.11 4.80 7.35
C1B NDP B . 11.47 3.11 6.84
N9A NDP B . 11.08 1.78 7.30
C8A NDP B . 10.71 0.69 6.54
N7A NDP B . 10.40 -0.36 7.25
C5A NDP B . 10.57 0.05 8.56
C6A NDP B . 10.40 -0.60 9.79
N6A NDP B . 10.01 -1.87 9.91
N1A NDP B . 10.67 0.10 10.92
C2A NDP B . 11.05 1.38 10.81
N3A NDP B . 11.25 2.10 9.71
C4A NDP B . 10.98 1.37 8.61
O3 NDP B . 12.87 2.64 0.45
PN NDP B . 11.30 2.17 0.24
O1N NDP B . 11.22 0.71 0.42
O2N NDP B . 10.45 3.02 1.11
O5D NDP B . 11.15 2.59 -1.30
C5D NDP B . 10.21 1.91 -2.15
C4D NDP B . 10.35 2.42 -3.57
O4D NDP B . 9.46 1.66 -4.44
C3D NDP B . 9.96 3.87 -3.79
O3D NDP B . 11.04 4.75 -3.49
C2D NDP B . 9.60 3.89 -5.27
O2D NDP B . 10.74 4.00 -6.11
C1D NDP B . 8.94 2.52 -5.44
N1N NDP B . 7.49 2.55 -5.32
C2N NDP B . 6.54 2.14 -6.15
C3N NDP B . 5.26 2.19 -5.98
C7N NDP B . 4.59 1.63 -7.11
O7N NDP B . 3.31 1.72 -6.81
N7N NDP B . 5.07 1.09 -8.25
C4N NDP B . 4.76 2.77 -4.69
C5N NDP B . 5.72 3.23 -3.72
C6N NDP B . 7.10 3.16 -3.95
P2B NDP B . 14.42 5.54 8.08
O1X NDP B . 15.09 6.12 6.77
O2X NDP B . 13.71 6.68 8.82
O3X NDP B . 15.20 4.32 8.55
H51A NDP B . 12.48 1.58 3.64
H52A NDP B . 11.67 2.95 2.85
H4B NDP B . 12.64 4.47 4.59
H3B NDP B . 13.74 1.92 5.75
HO3A NDP B . 14.65 4.61 5.48
H2B NDP B . 13.34 2.85 7.91
H1B NDP B . 10.81 3.81 7.33
H8A NDP B . 10.67 0.71 5.45
H61A NDP B . 9.91 -2.29 10.83
H62A NDP B . 9.82 -2.42 9.09
H2A NDP B . 11.25 1.89 11.75
H51N NDP B . 10.42 0.84 -2.13
H52N NDP B . 9.20 2.08 -1.79
H4D NDP B . 11.38 2.32 -3.92
H3D NDP B . 9.08 4.15 -3.19
HO3N NDP B . 11.82 4.23 -3.30
H2D NDP B . 8.92 4.70 -5.52
HO2N NDP B . 11.43 3.41 -5.81
H1D NDP B . 9.14 2.09 -6.43
H2N NDP B . 6.89 1.72 -7.11
H71N NDP B . 4.44 0.72 -8.95
H72N NDP B . 6.07 1.10 -8.44
H41N NDP B . 4.14 3.62 -4.95
H42N NDP B . 4.18 1.99 -4.20
H5N NDP B . 5.37 3.66 -2.79
H6N NDP B . 7.83 3.51 -3.23
N1 TRR C . 0.85 3.35 -6.59
C2 TRR C . 0.56 2.08 -6.15
N2 TRR C . -0.08 1.20 -7.00
N3 TRR C . 0.89 1.69 -4.87
C4 TRR C . 1.52 2.56 -4.02
N4 TRR C . 1.85 2.17 -2.75
C5 TRR C . 1.83 3.86 -4.45
C6 TRR C . 1.49 4.23 -5.74
C7 TRR C . 2.52 4.82 -3.52
C11 TRR C . 2.28 6.26 -3.87
C12 TRR C . 3.20 6.94 -4.68
C13 TRR C . 2.97 8.29 -5.00
C14 TRR C . 1.83 8.93 -4.54
C15 TRR C . 0.91 8.25 -3.75
C16 TRR C . 1.14 6.91 -3.42
O13 TRR C . 3.88 8.99 -5.80
O14 TRR C . 1.61 10.26 -4.87
O15 TRR C . -0.23 8.91 -3.29
C17 TRR C . 5.04 8.33 -6.26
C18 TRR C . 1.66 11.21 -3.83
C19 TRR C . -1.15 8.21 -2.49
H1 TRR C . 0.61 3.63 -7.50
H21 TRR C . -0.33 1.47 -7.92
H22 TRR C . -0.29 0.28 -6.69
H41 TRR C . 1.64 1.24 -2.44
H42 TRR C . 2.31 2.78 -2.13
H6 TRR C . 1.73 5.26 -6.09
H71 TRR C . 3.59 4.62 -3.55
H72 TRR C . 2.17 4.65 -2.52
H12 TRR C . 4.09 6.43 -5.04
H16 TRR C . 0.41 6.37 -2.79
H171 TRR C . 5.55 8.92 -7.02
H172 TRR C . 4.78 7.36 -6.71
H173 TRR C . 5.74 8.14 -5.45
H181 TRR C . 2.69 11.40 -3.53
H182 TRR C . 1.11 10.87 -2.96
H183 TRR C . 1.23 12.15 -4.15
H191 TRR C . -0.67 7.77 -1.62
H192 TRR C . -1.62 7.41 -3.05
H193 TRR C . -1.94 8.88 -2.13
N VAL A 1 -10.12 -3.77 13.92
CA VAL A 1 -8.75 -4.33 13.70
C VAL A 1 -8.83 -5.78 13.24
N GLY A 2 -7.67 -6.34 12.91
CA GLY A 2 -7.63 -7.73 12.46
C GLY A 2 -7.68 -7.86 10.94
N SER A 3 -7.76 -6.73 10.25
CA SER A 3 -7.82 -6.73 8.80
C SER A 3 -6.63 -5.95 8.21
N LEU A 4 -5.72 -6.67 7.57
CA LEU A 4 -4.54 -6.06 6.97
C LEU A 4 -4.60 -6.14 5.46
N ASN A 5 -4.68 -4.98 4.80
CA ASN A 5 -4.75 -4.92 3.35
C ASN A 5 -3.51 -4.25 2.77
N CYS A 6 -3.02 -4.76 1.66
CA CYS A 6 -1.84 -4.20 1.01
C CYS A 6 -2.06 -4.03 -0.49
N ILE A 7 -1.51 -2.96 -1.06
CA ILE A 7 -1.66 -2.68 -2.48
C ILE A 7 -0.44 -1.94 -3.03
N VAL A 8 0.15 -2.48 -4.08
CA VAL A 8 1.32 -1.86 -4.70
C VAL A 8 1.38 -2.18 -6.18
N ALA A 9 2.03 -1.31 -6.96
CA ALA A 9 2.16 -1.51 -8.40
C ALA A 9 3.56 -2.02 -8.76
N VAL A 10 3.63 -2.78 -9.84
CA VAL A 10 4.90 -3.34 -10.30
C VAL A 10 4.97 -3.35 -11.82
N SER A 11 6.16 -3.13 -12.36
CA SER A 11 6.36 -3.12 -13.81
C SER A 11 6.42 -4.56 -14.35
N GLN A 12 6.32 -4.67 -15.67
CA GLN A 12 6.36 -5.98 -16.33
C GLN A 12 7.67 -6.71 -16.03
N ASN A 13 8.70 -5.93 -15.68
CA ASN A 13 10.01 -6.51 -15.38
C ASN A 13 10.18 -6.69 -13.86
N MET A 14 9.07 -6.84 -13.15
CA MET A 14 9.11 -7.01 -11.71
C MET A 14 9.74 -5.81 -11.01
N GLY A 15 9.57 -4.64 -11.62
CA GLY A 15 10.12 -3.43 -11.04
C GLY A 15 9.13 -2.70 -10.14
N ILE A 16 9.64 -1.86 -9.26
CA ILE A 16 8.79 -1.11 -8.34
C ILE A 16 9.07 0.39 -8.42
N GLY A 17 10.34 0.75 -8.57
CA GLY A 17 10.70 2.15 -8.66
C GLY A 17 12.20 2.37 -8.66
N LYS A 18 12.64 3.47 -9.27
CA LYS A 18 14.06 3.79 -9.34
C LYS A 18 14.35 5.11 -8.65
N ASN A 19 15.31 5.10 -7.73
CA ASN A 19 15.68 6.30 -6.99
C ASN A 19 14.51 6.82 -6.15
N GLY A 20 13.63 5.91 -5.76
CA GLY A 20 12.48 6.29 -4.95
C GLY A 20 11.35 6.87 -5.79
N ASP A 21 11.33 6.55 -7.08
CA ASP A 21 10.30 7.06 -7.98
C ASP A 21 9.73 5.93 -8.85
N LEU A 22 8.45 6.02 -9.18
CA LEU A 22 7.81 5.01 -10.00
C LEU A 22 8.38 5.02 -11.42
N PRO A 23 8.52 3.84 -12.05
CA PRO A 23 9.05 3.73 -13.40
C PRO A 23 8.26 4.56 -14.41
N TRP A 24 6.95 4.58 -14.25
CA TRP A 24 6.07 5.34 -15.14
C TRP A 24 5.70 6.69 -14.52
N PRO A 25 5.53 7.73 -15.36
CA PRO A 25 5.16 9.07 -14.88
C PRO A 25 3.87 9.06 -14.07
N PRO A 26 3.44 10.23 -13.56
CA PRO A 26 2.21 10.34 -12.78
C PRO A 26 1.01 9.78 -13.51
N LEU A 27 0.35 8.80 -12.90
CA LEU A 27 -0.83 8.17 -13.50
C LEU A 27 -2.09 8.56 -12.74
N ARG A 28 -2.88 9.46 -13.34
CA ARG A 28 -4.12 9.92 -12.72
C ARG A 28 -5.05 8.75 -12.42
N ASN A 29 -5.10 7.78 -13.33
CA ASN A 29 -5.95 6.62 -13.17
C ASN A 29 -5.57 5.84 -11.90
N GLU A 30 -4.29 5.80 -11.60
CA GLU A 30 -3.80 5.10 -10.42
C GLU A 30 -4.06 5.91 -9.16
N PHE A 31 -3.81 7.21 -9.22
CA PHE A 31 -4.02 8.10 -8.09
C PHE A 31 -5.50 8.15 -7.71
N ARG A 32 -6.36 8.15 -8.73
CA ARG A 32 -7.81 8.21 -8.51
C ARG A 32 -8.32 6.89 -7.95
N TYR A 33 -7.82 5.78 -8.51
CA TYR A 33 -8.23 4.45 -8.07
C TYR A 33 -7.72 4.16 -6.66
N PHE A 34 -6.46 4.51 -6.40
CA PHE A 34 -5.85 4.29 -5.10
C PHE A 34 -6.62 5.03 -4.01
N GLN A 35 -6.88 6.31 -4.25
CA GLN A 35 -7.61 7.14 -3.28
C GLN A 35 -9.07 6.71 -3.19
N ARG A 36 -9.68 6.44 -4.33
CA ARG A 36 -11.07 6.02 -4.38
C ARG A 36 -11.27 4.72 -3.63
N MET A 37 -10.44 3.73 -3.94
CA MET A 37 -10.52 2.42 -3.29
C MET A 37 -10.36 2.55 -1.77
N THR A 38 -9.42 3.39 -1.35
CA THR A 38 -9.17 3.60 0.07
C THR A 38 -10.26 4.45 0.71
N THR A 39 -10.66 5.51 0.01
CA THR A 39 -11.70 6.40 0.51
C THR A 39 -13.03 5.65 0.68
N THR A 40 -13.30 4.72 -0.23
CA THR A 40 -14.53 3.94 -0.17
C THR A 40 -14.52 3.00 1.03
N SER A 41 -15.22 3.40 2.09
CA SER A 41 -15.31 2.59 3.30
C SER A 41 -16.53 1.68 3.27
N SER A 42 -16.40 0.50 3.87
CA SER A 42 -17.50 -0.45 3.91
C SER A 42 -18.39 -0.20 5.12
N VAL A 43 -17.79 0.29 6.19
CA VAL A 43 -18.54 0.57 7.42
C VAL A 43 -18.54 2.06 7.73
N GLU A 44 -19.71 2.59 8.05
CA GLU A 44 -19.87 4.00 8.36
C GLU A 44 -19.57 4.27 9.84
N GLY A 45 -18.97 5.41 10.13
CA GLY A 45 -18.65 5.76 11.50
C GLY A 45 -17.28 5.29 11.93
N LYS A 46 -16.45 4.91 10.95
CA LYS A 46 -15.10 4.44 11.23
C LYS A 46 -14.09 5.08 10.29
N GLN A 47 -12.82 5.07 10.69
CA GLN A 47 -11.76 5.66 9.88
C GLN A 47 -10.78 4.58 9.43
N ASN A 48 -10.13 4.83 8.28
CA ASN A 48 -9.17 3.88 7.73
C ASN A 48 -7.74 4.35 7.99
N LEU A 49 -6.86 3.41 8.33
CA LEU A 49 -5.47 3.73 8.60
C LEU A 49 -4.57 3.22 7.48
N VAL A 50 -3.58 4.03 7.10
CA VAL A 50 -2.66 3.67 6.04
C VAL A 50 -1.21 3.82 6.49
N ILE A 51 -0.36 2.89 6.09
CA ILE A 51 1.05 2.92 6.45
C ILE A 51 1.93 3.19 5.23
N MET A 52 2.82 4.17 5.37
CA MET A 52 3.72 4.54 4.29
C MET A 52 5.16 4.69 4.79
N GLY A 53 6.11 4.45 3.89
CA GLY A 53 7.51 4.57 4.26
C GLY A 53 8.00 6.00 4.25
N LYS A 54 9.21 6.22 4.75
CA LYS A 54 9.81 7.55 4.80
C LYS A 54 9.96 8.12 3.39
N LYS A 55 10.44 7.30 2.47
CA LYS A 55 10.63 7.72 1.09
C LYS A 55 9.30 8.04 0.43
N THR A 56 8.29 7.21 0.69
CA THR A 56 6.97 7.40 0.11
C THR A 56 6.38 8.74 0.54
N TRP A 57 6.47 9.04 1.83
CA TRP A 57 5.96 10.29 2.38
C TRP A 57 6.69 11.49 1.79
N PHE A 58 7.98 11.33 1.56
CA PHE A 58 8.80 12.41 1.01
C PHE A 58 8.53 12.59 -0.49
N SER A 59 8.00 11.55 -1.13
CA SER A 59 7.70 11.60 -2.56
C SER A 59 6.33 12.23 -2.81
N ILE A 60 5.43 12.08 -1.85
CA ILE A 60 4.08 12.63 -1.97
C ILE A 60 4.11 14.16 -1.91
N PRO A 61 3.34 14.84 -2.79
CA PRO A 61 3.29 16.30 -2.84
C PRO A 61 2.47 16.87 -1.69
N GLU A 62 2.71 18.16 -1.39
CA GLU A 62 1.99 18.84 -0.32
C GLU A 62 0.53 19.08 -0.70
N LYS A 63 0.26 19.13 -2.00
CA LYS A 63 -1.09 19.36 -2.49
C LYS A 63 -2.06 18.31 -1.95
N ASN A 64 -1.55 17.11 -1.69
CA ASN A 64 -2.37 16.03 -1.16
C ASN A 64 -2.15 15.86 0.34
N ARG A 65 -0.93 16.11 0.79
CA ARG A 65 -0.59 15.99 2.20
C ARG A 65 -0.97 17.26 2.96
N PRO A 66 -1.50 17.12 4.19
CA PRO A 66 -1.85 15.82 4.78
C PRO A 66 -3.08 15.20 4.14
N LEU A 67 -2.98 13.91 3.80
CA LEU A 67 -4.08 13.19 3.18
C LEU A 67 -5.30 13.14 4.10
N LYS A 68 -6.24 14.05 3.86
CA LYS A 68 -7.46 14.11 4.68
C LYS A 68 -8.38 12.93 4.36
N GLY A 69 -9.31 12.65 5.28
CA GLY A 69 -10.24 11.57 5.08
C GLY A 69 -9.79 10.29 5.77
N ARG A 70 -8.48 10.08 5.85
CA ARG A 70 -7.93 8.90 6.49
C ARG A 70 -6.67 9.24 7.29
N ILE A 71 -6.36 8.41 8.27
CA ILE A 71 -5.19 8.62 9.11
C ILE A 71 -3.93 8.09 8.44
N ASN A 72 -2.99 8.99 8.16
CA ASN A 72 -1.74 8.62 7.52
C ASN A 72 -0.67 8.32 8.55
N LEU A 73 -0.09 7.13 8.48
CA LEU A 73 0.96 6.71 9.41
C LEU A 73 2.26 6.45 8.66
N VAL A 74 3.36 6.97 9.22
CA VAL A 74 4.67 6.79 8.60
C VAL A 74 5.56 5.92 9.48
N LEU A 75 6.44 5.16 8.84
CA LEU A 75 7.36 4.27 9.55
C LEU A 75 8.81 4.69 9.34
N SER A 76 9.44 5.17 10.40
CA SER A 76 10.84 5.62 10.32
C SER A 76 11.60 5.22 11.57
N ARG A 77 12.77 4.61 11.39
CA ARG A 77 13.60 4.18 12.51
C ARG A 77 14.60 5.27 12.88
N GLU A 78 15.01 6.05 11.90
CA GLU A 78 15.98 7.12 12.13
C GLU A 78 15.29 8.36 12.69
N LEU A 79 14.04 8.56 12.30
CA LEU A 79 13.26 9.71 12.76
C LEU A 79 12.72 9.47 14.17
N LYS A 80 12.72 10.51 14.99
CA LYS A 80 12.23 10.42 16.36
C LYS A 80 10.80 10.96 16.46
N GLU A 81 10.50 11.97 15.66
CA GLU A 81 9.17 12.57 15.67
C GLU A 81 8.50 12.43 14.30
N PRO A 82 7.15 12.40 14.27
CA PRO A 82 6.40 12.27 13.01
C PRO A 82 6.58 13.49 12.11
N PRO A 83 6.62 13.26 10.78
CA PRO A 83 6.79 14.35 9.80
C PRO A 83 5.53 15.20 9.67
N GLN A 84 5.71 16.44 9.25
CA GLN A 84 4.57 17.36 9.06
C GLN A 84 3.55 16.77 8.10
N GLY A 85 2.30 16.73 8.54
CA GLY A 85 1.25 16.19 7.69
C GLY A 85 0.85 14.78 8.08
N ALA A 86 1.79 14.06 8.71
CA ALA A 86 1.53 12.69 9.13
C ALA A 86 0.67 12.66 10.40
N HIS A 87 -0.25 11.70 10.45
CA HIS A 87 -1.13 11.57 11.60
C HIS A 87 -0.42 10.89 12.77
N PHE A 88 0.46 9.95 12.44
CA PHE A 88 1.22 9.23 13.46
C PHE A 88 2.50 8.65 12.88
N LEU A 89 3.46 8.35 13.76
CA LEU A 89 4.74 7.80 13.35
C LEU A 89 5.21 6.73 14.33
N SER A 90 5.84 5.69 13.81
CA SER A 90 6.34 4.61 14.64
C SER A 90 7.79 4.27 14.28
N ARG A 91 8.57 3.90 15.29
CA ARG A 91 9.97 3.55 15.09
C ARG A 91 10.10 2.24 14.33
N SER A 92 9.19 1.31 14.59
CA SER A 92 9.20 0.00 13.93
C SER A 92 7.78 -0.48 13.68
N LEU A 93 7.66 -1.51 12.83
CA LEU A 93 6.35 -2.07 12.50
C LEU A 93 5.71 -2.69 13.73
N ASP A 94 6.53 -3.27 14.60
CA ASP A 94 6.04 -3.91 15.81
C ASP A 94 5.31 -2.89 16.70
N ASP A 95 5.87 -1.68 16.78
CA ASP A 95 5.27 -0.62 17.58
C ASP A 95 3.96 -0.13 16.97
N ALA A 96 3.99 0.12 15.66
CA ALA A 96 2.81 0.59 14.96
C ALA A 96 1.69 -0.45 14.99
N LEU A 97 2.08 -1.73 14.97
CA LEU A 97 1.12 -2.82 15.00
C LEU A 97 0.43 -2.90 16.36
N LYS A 98 1.22 -2.74 17.42
CA LYS A 98 0.67 -2.80 18.78
C LYS A 98 -0.28 -1.65 19.03
N LEU A 99 0.07 -0.46 18.53
CA LEU A 99 -0.76 0.72 18.70
C LEU A 99 -2.05 0.59 17.91
N THR A 100 -1.93 0.18 16.65
CA THR A 100 -3.09 0.02 15.79
C THR A 100 -3.95 -1.16 16.23
N GLU A 101 -3.33 -2.11 16.92
CA GLU A 101 -4.04 -3.30 17.40
C GLU A 101 -4.69 -3.04 18.76
N GLN A 102 -4.17 -2.05 19.49
CA GLN A 102 -4.69 -1.71 20.80
C GLN A 102 -6.11 -1.15 20.68
N PRO A 103 -6.97 -1.40 21.69
CA PRO A 103 -8.35 -0.93 21.69
C PRO A 103 -8.46 0.57 21.45
N GLU A 104 -7.41 1.30 21.83
CA GLU A 104 -7.38 2.74 21.65
C GLU A 104 -7.55 3.12 20.17
N LEU A 105 -6.91 2.35 19.30
CA LEU A 105 -6.99 2.60 17.87
C LEU A 105 -8.04 1.71 17.21
N ALA A 106 -8.35 0.59 17.85
CA ALA A 106 -9.34 -0.34 17.33
C ALA A 106 -10.71 0.31 17.21
N ASN A 107 -10.92 1.41 17.92
CA ASN A 107 -12.19 2.12 17.90
C ASN A 107 -12.20 3.19 16.81
N LYS A 108 -11.05 3.79 16.55
CA LYS A 108 -10.92 4.83 15.53
C LYS A 108 -10.58 4.23 14.18
N VAL A 109 -9.85 3.12 14.19
CA VAL A 109 -9.45 2.45 12.96
C VAL A 109 -9.74 0.95 13.03
N ASP A 110 -10.23 0.39 11.93
CA ASP A 110 -10.54 -1.04 11.87
C ASP A 110 -9.70 -1.73 10.81
N MET A 111 -9.64 -1.14 9.62
CA MET A 111 -8.87 -1.72 8.52
C MET A 111 -7.58 -0.94 8.29
N VAL A 112 -6.53 -1.65 7.89
CA VAL A 112 -5.24 -1.02 7.63
C VAL A 112 -4.79 -1.28 6.20
N TRP A 113 -4.49 -0.20 5.48
CA TRP A 113 -4.05 -0.30 4.09
C TRP A 113 -2.55 0.00 3.97
N ILE A 114 -1.81 -0.97 3.44
CA ILE A 114 -0.37 -0.81 3.26
C ILE A 114 -0.06 -0.16 1.93
N VAL A 115 0.62 0.99 1.98
CA VAL A 115 0.97 1.72 0.78
C VAL A 115 2.37 1.34 0.28
N GLY A 116 3.39 1.67 1.08
CA GLY A 116 4.75 1.36 0.70
C GLY A 116 5.72 1.48 1.88
N GLY A 117 6.98 1.06 1.68
CA GLY A 117 7.42 0.50 0.40
C GLY A 117 7.69 -0.98 0.47
N SER A 118 8.78 -1.42 -0.16
CA SER A 118 9.14 -2.83 -0.16
C SER A 118 9.48 -3.31 1.24
N SER A 119 10.10 -2.44 2.04
CA SER A 119 10.48 -2.77 3.40
C SER A 119 9.25 -3.17 4.22
N VAL A 120 8.18 -2.38 4.11
CA VAL A 120 6.96 -2.64 4.84
C VAL A 120 6.30 -3.93 4.35
N TYR A 121 6.33 -4.15 3.04
CA TYR A 121 5.74 -5.35 2.45
C TYR A 121 6.47 -6.60 2.92
N LYS A 122 7.79 -6.51 3.02
CA LYS A 122 8.62 -7.63 3.45
C LYS A 122 8.27 -8.04 4.88
N GLU A 123 8.20 -7.05 5.77
CA GLU A 123 7.88 -7.31 7.17
C GLU A 123 6.46 -7.84 7.31
N ALA A 124 5.51 -7.17 6.66
CA ALA A 124 4.12 -7.57 6.72
C ALA A 124 3.92 -8.98 6.19
N MET A 125 4.82 -9.41 5.30
CA MET A 125 4.75 -10.75 4.73
C MET A 125 4.90 -11.83 5.80
N ASN A 126 5.41 -11.44 6.97
CA ASN A 126 5.60 -12.38 8.07
C ASN A 126 4.40 -12.38 9.01
N HIS A 127 3.25 -11.93 8.51
CA HIS A 127 2.04 -11.89 9.31
C HIS A 127 1.38 -13.27 9.38
N PRO A 128 1.02 -13.73 10.59
CA PRO A 128 0.39 -15.04 10.77
C PRO A 128 -1.08 -15.04 10.40
N GLY A 129 -1.76 -13.95 10.72
CA GLY A 129 -3.17 -13.84 10.40
C GLY A 129 -3.44 -13.62 8.92
N HIS A 130 -4.70 -13.59 8.54
CA HIS A 130 -5.08 -13.38 7.15
C HIS A 130 -4.59 -12.03 6.65
N LEU A 131 -4.10 -12.00 5.41
CA LEU A 131 -3.59 -10.76 4.82
C LEU A 131 -3.88 -10.73 3.32
N LYS A 132 -4.20 -9.54 2.81
CA LYS A 132 -4.50 -9.37 1.40
C LYS A 132 -3.41 -8.54 0.71
N LEU A 133 -3.07 -8.92 -0.51
CA LEU A 133 -2.05 -8.22 -1.27
C LEU A 133 -2.53 -7.89 -2.67
N PHE A 134 -2.52 -6.61 -3.02
CA PHE A 134 -2.96 -6.15 -4.33
C PHE A 134 -1.78 -5.71 -5.18
N VAL A 135 -1.48 -6.48 -6.22
CA VAL A 135 -0.37 -6.16 -7.11
C VAL A 135 -0.86 -5.73 -8.49
N THR A 136 -0.30 -4.64 -9.00
CA THR A 136 -0.69 -4.12 -10.31
C THR A 136 0.46 -4.27 -11.31
N ARG A 137 0.24 -5.08 -12.34
CA ARG A 137 1.26 -5.31 -13.36
C ARG A 137 1.17 -4.25 -14.45
N ILE A 138 2.28 -3.57 -14.70
CA ILE A 138 2.33 -2.53 -15.73
C ILE A 138 3.01 -3.04 -16.99
N MET A 139 2.23 -3.19 -18.05
CA MET A 139 2.76 -3.68 -19.32
C MET A 139 3.49 -2.56 -20.07
N GLN A 140 4.61 -2.13 -19.51
CA GLN A 140 5.41 -1.06 -20.13
C GLN A 140 6.87 -1.14 -19.68
N ASP A 141 7.77 -1.16 -20.65
CA ASP A 141 9.20 -1.23 -20.35
C ASP A 141 9.70 0.08 -19.77
N PHE A 142 10.25 0.01 -18.56
CA PHE A 142 10.78 1.20 -17.89
C PHE A 142 11.99 0.85 -17.04
N GLU A 143 12.99 1.73 -17.06
CA GLU A 143 14.21 1.51 -16.29
C GLU A 143 13.91 1.49 -14.79
N SER A 144 14.42 0.46 -14.11
CA SER A 144 14.20 0.32 -12.68
C SER A 144 15.52 0.09 -11.95
N ASP A 145 15.57 0.47 -10.68
CA ASP A 145 16.77 0.31 -9.86
C ASP A 145 16.57 -0.77 -8.80
N THR A 146 15.33 -0.92 -8.35
CA THR A 146 15.01 -1.91 -7.33
C THR A 146 13.97 -2.90 -7.85
N PHE A 147 14.22 -4.19 -7.62
CA PHE A 147 13.30 -5.24 -8.07
C PHE A 147 12.58 -5.86 -6.89
N PHE A 148 11.37 -6.34 -7.13
CA PHE A 148 10.56 -6.97 -6.08
C PHE A 148 10.89 -8.45 -5.95
N PRO A 149 10.99 -8.97 -4.71
CA PRO A 149 11.29 -10.37 -4.47
C PRO A 149 10.15 -11.30 -4.89
N GLU A 150 10.51 -12.47 -5.42
CA GLU A 150 9.51 -13.43 -5.87
C GLU A 150 8.84 -14.11 -4.67
N ILE A 151 7.59 -13.74 -4.43
CA ILE A 151 6.83 -14.30 -3.32
C ILE A 151 6.45 -15.76 -3.58
N ASP A 152 6.48 -16.57 -2.54
CA ASP A 152 6.15 -17.98 -2.64
C ASP A 152 4.69 -18.17 -3.02
N LEU A 153 4.44 -19.08 -3.96
CA LEU A 153 3.07 -19.35 -4.40
C LEU A 153 2.40 -20.38 -3.50
N GLU A 154 3.21 -21.23 -2.86
CA GLU A 154 2.68 -22.26 -1.97
C GLU A 154 1.99 -21.63 -0.77
N LYS A 155 2.46 -20.46 -0.35
CA LYS A 155 1.88 -19.77 0.79
C LYS A 155 0.90 -18.69 0.32
N TYR A 156 1.17 -18.11 -0.84
CA TYR A 156 0.31 -17.06 -1.39
C TYR A 156 -0.42 -17.56 -2.62
N LYS A 157 -1.73 -17.34 -2.65
CA LYS A 157 -2.55 -17.77 -3.79
C LYS A 157 -2.76 -16.63 -4.77
N LEU A 158 -2.67 -16.94 -6.05
CA LEU A 158 -2.84 -15.94 -7.10
C LEU A 158 -4.32 -15.78 -7.44
N LEU A 159 -4.82 -14.55 -7.31
CA LEU A 159 -6.21 -14.25 -7.61
C LEU A 159 -6.33 -13.36 -8.85
N PRO A 160 -6.52 -13.96 -10.03
CA PRO A 160 -6.65 -13.22 -11.29
C PRO A 160 -7.95 -12.42 -11.35
N GLU A 161 -9.03 -13.01 -10.87
CA GLU A 161 -10.33 -12.34 -10.88
C GLU A 161 -10.92 -12.31 -9.47
N TYR A 162 -10.94 -11.12 -8.88
CA TYR A 162 -11.49 -10.96 -7.53
C TYR A 162 -12.60 -9.90 -7.51
N PRO A 163 -13.78 -10.25 -7.00
CA PRO A 163 -14.92 -9.32 -6.94
C PRO A 163 -14.57 -8.03 -6.21
N GLY A 164 -15.12 -6.92 -6.68
CA GLY A 164 -14.86 -5.64 -6.07
C GLY A 164 -13.75 -4.87 -6.76
N VAL A 165 -12.74 -5.60 -7.23
CA VAL A 165 -11.61 -4.99 -7.92
C VAL A 165 -11.68 -5.23 -9.42
N LEU A 166 -11.39 -4.19 -10.20
CA LEU A 166 -11.42 -4.31 -11.66
C LEU A 166 -10.37 -5.29 -12.15
N SER A 167 -10.78 -6.18 -13.05
CA SER A 167 -9.88 -7.17 -13.61
C SER A 167 -9.44 -6.79 -15.02
N ASP A 168 -10.28 -6.03 -15.72
CA ASP A 168 -9.98 -5.59 -17.07
C ASP A 168 -8.75 -4.69 -17.10
N VAL A 169 -7.95 -4.81 -18.15
CA VAL A 169 -6.75 -4.00 -18.29
C VAL A 169 -7.08 -2.53 -18.52
N GLN A 170 -6.37 -1.64 -17.84
CA GLN A 170 -6.60 -0.21 -17.97
C GLN A 170 -5.51 0.43 -18.83
N GLU A 171 -5.71 1.71 -19.16
CA GLU A 171 -4.75 2.44 -19.97
C GLU A 171 -4.76 3.93 -19.61
N GLU A 172 -3.59 4.44 -19.24
CA GLU A 172 -3.46 5.86 -18.87
C GLU A 172 -2.15 6.43 -19.38
N LYS A 173 -2.24 7.56 -20.08
CA LYS A 173 -1.06 8.22 -20.62
C LYS A 173 -0.34 7.32 -21.61
N GLY A 174 -1.10 6.48 -22.29
CA GLY A 174 -0.52 5.57 -23.26
C GLY A 174 0.17 4.38 -22.62
N ILE A 175 -0.14 4.12 -21.35
CA ILE A 175 0.46 3.02 -20.63
C ILE A 175 -0.59 1.98 -20.24
N LYS A 176 -0.41 0.75 -20.71
CA LYS A 176 -1.33 -0.33 -20.41
C LYS A 176 -0.87 -1.14 -19.20
N TYR A 177 -1.80 -1.45 -18.32
CA TYR A 177 -1.49 -2.22 -17.11
C TYR A 177 -2.71 -3.00 -16.63
N LYS A 178 -2.47 -4.04 -15.84
CA LYS A 178 -3.55 -4.87 -15.31
C LYS A 178 -3.49 -4.93 -13.79
N PHE A 179 -4.60 -5.31 -13.18
CA PHE A 179 -4.68 -5.41 -11.72
C PHE A 179 -4.72 -6.86 -11.27
N GLU A 180 -3.73 -7.26 -10.47
CA GLU A 180 -3.66 -8.63 -9.98
C GLU A 180 -3.93 -8.68 -8.48
N VAL A 181 -4.61 -9.73 -8.04
CA VAL A 181 -4.94 -9.90 -6.63
C VAL A 181 -4.18 -11.07 -6.01
N TYR A 182 -3.62 -10.85 -4.83
CA TYR A 182 -2.86 -11.88 -4.14
C TYR A 182 -3.44 -12.14 -2.75
N GLU A 183 -3.66 -13.42 -2.43
CA GLU A 183 -4.21 -13.80 -1.14
C GLU A 183 -3.20 -14.60 -0.33
N LYS A 184 -3.01 -14.22 0.92
CA LYS A 184 -2.06 -14.91 1.80
C LYS A 184 -2.79 -15.84 2.76
N ASN A 185 -2.36 -17.10 2.79
CA ASN A 185 -2.97 -18.09 3.66
C ASN A 185 -2.10 -18.36 4.89
N ASP A 186 -2.73 -18.39 6.05
CA ASP A 186 -2.01 -18.64 7.31
C ASP A 186 -1.38 -20.03 7.31
PA NDP B . 13.69 -0.06 0.98
O1A NDP B . 14.98 -0.03 0.25
O2A NDP B . 13.21 -1.36 1.48
O5B NDP B . 13.64 1.06 2.12
C5B NDP B . 12.49 1.20 2.96
C4B NDP B . 12.75 2.23 4.05
O4B NDP B . 11.55 2.43 4.83
C3B NDP B . 13.82 1.85 5.06
O3B NDP B . 15.13 2.17 4.58
C2B NDP B . 13.44 2.69 6.27
O2B NDP B . 13.89 4.03 6.18
C1B NDP B . 11.90 2.65 6.19
N9A NDP B . 11.31 1.58 7.00
C8A NDP B . 10.72 0.43 6.56
N7A NDP B . 10.28 -0.34 7.52
C5A NDP B . 10.61 0.35 8.68
C6A NDP B . 10.42 0.06 10.05
N6A NDP B . 9.82 -1.04 10.49
N1A NDP B . 10.88 0.97 10.94
C2A NDP B . 11.48 2.08 10.49
N3A NDP B . 11.72 2.45 9.24
C4A NDP B . 11.25 1.53 8.37
O3 NDP B . 12.53 0.59 -0.01
PN NDP B . 12.41 1.92 -0.96
O1N NDP B . 13.16 3.02 -0.31
O2N NDP B . 12.81 1.55 -2.34
O5D NDP B . 10.84 2.15 -0.84
C5D NDP B . 9.93 1.46 -1.73
C4D NDP B . 10.16 1.91 -3.15
O4D NDP B . 9.30 1.16 -4.03
C3D NDP B . 9.83 3.37 -3.44
O3D NDP B . 10.94 4.22 -3.11
C2D NDP B . 9.58 3.34 -4.95
O2D NDP B . 10.77 3.38 -5.73
C1D NDP B . 8.87 1.99 -5.11
N1N NDP B . 7.41 2.08 -5.07
C2N NDP B . 6.52 1.70 -5.96
C3N NDP B . 5.22 1.80 -5.86
C7N NDP B . 4.60 1.27 -7.04
O7N NDP B . 3.31 1.42 -6.81
N7N NDP B . 5.13 0.72 -8.16
C4N NDP B . 4.67 2.41 -4.60
C5N NDP B . 5.60 2.84 -3.59
C6N NDP B . 6.96 2.71 -3.73
P2B NDP B . 14.96 4.81 7.19
O1X NDP B . 15.40 3.56 8.04
O2X NDP B . 16.06 5.18 6.20
O3X NDP B . 13.98 5.66 8.02
H51A NDP B . 12.25 0.24 3.42
H52A NDP B . 11.64 1.53 2.36
H4B NDP B . 13.06 3.18 3.60
H3B NDP B . 13.78 0.78 5.31
HO3A NDP B . 15.34 1.62 3.83
H2B NDP B . 13.79 2.26 7.20
H1B NDP B . 11.45 3.57 6.54
H8A NDP B . 10.61 0.18 5.50
H61A NDP B . 9.72 -1.19 11.49
H62A NDP B . 9.44 -1.71 9.84
H2A NDP B . 11.83 2.77 11.26
H51N NDP B . 10.08 0.39 -1.65
H52N NDP B . 8.90 1.69 -1.44
H4D NDP B . 11.19 1.76 -3.44
H3D NDP B . 8.94 3.70 -2.91
HO3N NDP B . 10.81 4.58 -2.24
H2D NDP B . 8.93 4.16 -5.27
HO2N NDP B . 10.59 3.85 -6.55
H1D NDP B . 9.12 1.52 -6.06
H2N NDP B . 6.89 1.26 -6.88
H71N NDP B . 4.53 0.38 -8.89
H72N NDP B . 6.13 0.67 -8.27
H41N NDP B . 4.10 3.29 -4.90
H42N NDP B . 4.02 1.66 -4.15
H5N NDP B . 5.20 3.28 -2.67
H6N NDP B . 7.67 3.04 -2.97
N1 TRR C . 0.79 3.10 -6.75
C2 TRR C . 0.36 1.85 -6.32
N2 TRR C . -0.27 1.01 -7.20
N3 TRR C . 0.58 1.47 -5.01
C4 TRR C . 1.22 2.30 -4.13
N4 TRR C . 1.43 1.90 -2.84
C5 TRR C . 1.64 3.56 -4.55
C6 TRR C . 1.43 3.96 -5.87
C7 TRR C . 2.35 4.48 -3.59
C11 TRR C . 2.20 5.93 -3.96
C12 TRR C . 3.29 6.63 -4.48
C13 TRR C . 3.16 7.98 -4.84
C14 TRR C . 1.94 8.63 -4.63
C15 TRR C . 0.85 7.94 -4.11
C16 TRR C . 0.99 6.59 -3.76
O13 TRR C . 4.24 8.69 -5.36
O14 TRR C . 1.81 9.96 -4.98
O15 TRR C . -0.36 8.61 -3.92
C17 TRR C . 5.47 8.02 -5.55
C18 TRR C . 1.31 10.85 -4.01
C19 TRR C . -1.45 7.89 -3.38
H1 TRR C . 0.64 3.38 -7.68
H21 TRR C . -0.43 1.29 -8.14
H22 TRR C . -0.58 0.12 -6.90
H41 TRR C . 1.13 1.01 -2.54
H42 TRR C . 1.89 2.49 -2.19
H6 TRR C . 1.77 4.94 -6.21
H71 TRR C . 3.41 4.23 -3.56
H72 TRR C . 1.94 4.34 -2.60
H12 TRR C . 4.25 6.11 -4.63
H16 TRR C . 0.13 6.04 -3.34
H171 TRR C . 5.36 7.18 -6.24
H172 TRR C . 5.85 7.63 -4.61
H173 TRR C . 6.22 8.69 -5.96
H181 TRR C . 0.41 11.34 -4.36
H182 TRR C . 2.04 11.62 -3.76
H183 TRR C . 1.07 10.33 -3.08
H191 TRR C . -1.87 7.20 -4.11
H192 TRR C . -2.25 8.57 -3.07
H193 TRR C . -1.16 7.31 -2.51
N VAL A 1 -10.87 -5.68 13.70
CA VAL A 1 -9.59 -6.08 14.32
C VAL A 1 -8.98 -7.29 13.61
N GLY A 2 -7.67 -7.27 13.42
CA GLY A 2 -7.00 -8.37 12.76
C GLY A 2 -7.21 -8.36 11.25
N SER A 3 -7.43 -7.18 10.70
CA SER A 3 -7.65 -7.04 9.26
C SER A 3 -6.52 -6.26 8.61
N LEU A 4 -5.67 -6.96 7.86
CA LEU A 4 -4.55 -6.33 7.19
C LEU A 4 -4.64 -6.53 5.68
N ASN A 5 -4.63 -5.43 4.93
CA ASN A 5 -4.70 -5.48 3.48
C ASN A 5 -3.60 -4.64 2.85
N CYS A 6 -2.77 -5.29 2.03
CA CYS A 6 -1.67 -4.60 1.37
C CYS A 6 -2.01 -4.34 -0.10
N ILE A 7 -1.45 -3.27 -0.65
CA ILE A 7 -1.71 -2.91 -2.04
C ILE A 7 -0.60 -2.00 -2.58
N VAL A 8 0.11 -2.48 -3.59
CA VAL A 8 1.19 -1.73 -4.20
C VAL A 8 1.28 -1.99 -5.71
N ALA A 9 1.82 -1.04 -6.44
CA ALA A 9 1.96 -1.17 -7.89
C ALA A 9 3.36 -1.63 -8.27
N VAL A 10 3.45 -2.56 -9.20
CA VAL A 10 4.73 -3.08 -9.65
C VAL A 10 4.77 -3.20 -11.18
N SER A 11 5.94 -2.93 -11.76
CA SER A 11 6.11 -3.00 -13.20
C SER A 11 6.29 -4.44 -13.66
N GLN A 12 6.19 -4.67 -14.96
CA GLN A 12 6.34 -6.01 -15.52
C GLN A 12 7.72 -6.59 -15.20
N ASN A 13 8.67 -5.70 -14.91
CA ASN A 13 10.03 -6.12 -14.59
C ASN A 13 10.23 -6.23 -13.07
N MET A 14 9.13 -6.40 -12.34
CA MET A 14 9.20 -6.52 -10.88
C MET A 14 9.82 -5.26 -10.27
N GLY A 15 9.62 -4.13 -10.93
CA GLY A 15 10.16 -2.87 -10.43
C GLY A 15 9.12 -2.02 -9.73
N ILE A 16 9.55 -1.26 -8.74
CA ILE A 16 8.65 -0.40 -7.98
C ILE A 16 9.01 1.08 -8.17
N GLY A 17 10.31 1.36 -8.16
CA GLY A 17 10.76 2.73 -8.33
C GLY A 17 12.29 2.83 -8.36
N LYS A 18 12.79 3.74 -9.19
CA LYS A 18 14.23 3.94 -9.33
C LYS A 18 14.65 5.26 -8.69
N ASN A 19 15.66 5.20 -7.82
CA ASN A 19 16.16 6.39 -7.16
C ASN A 19 15.07 7.06 -6.32
N GLY A 20 14.15 6.24 -5.81
CA GLY A 20 13.07 6.77 -5.00
C GLY A 20 11.98 7.42 -5.83
N ASP A 21 11.92 7.08 -7.11
CA ASP A 21 10.92 7.64 -8.01
C ASP A 21 10.32 6.57 -8.91
N LEU A 22 9.04 6.71 -9.25
CA LEU A 22 8.35 5.75 -10.10
C LEU A 22 8.91 5.81 -11.53
N PRO A 23 9.00 4.65 -12.21
CA PRO A 23 9.50 4.58 -13.58
C PRO A 23 8.53 5.17 -14.59
N TRP A 24 7.24 4.88 -14.40
CA TRP A 24 6.21 5.39 -15.30
C TRP A 24 5.82 6.83 -14.92
N PRO A 25 5.43 7.64 -15.91
CA PRO A 25 5.02 9.03 -15.68
C PRO A 25 3.75 9.13 -14.84
N PRO A 26 3.38 10.36 -14.43
CA PRO A 26 2.18 10.58 -13.61
C PRO A 26 0.95 9.89 -14.20
N LEU A 27 0.35 9.00 -13.41
CA LEU A 27 -0.83 8.27 -13.86
C LEU A 27 -2.08 8.75 -13.12
N ARG A 28 -2.84 9.63 -13.76
CA ARG A 28 -4.05 10.16 -13.16
C ARG A 28 -5.04 9.05 -12.83
N ASN A 29 -5.11 8.05 -13.71
CA ASN A 29 -6.01 6.92 -13.52
C ASN A 29 -5.60 6.09 -12.30
N GLU A 30 -4.29 5.88 -12.16
CA GLU A 30 -3.76 5.10 -11.04
C GLU A 30 -3.94 5.87 -9.72
N PHE A 31 -3.65 7.15 -9.75
CA PHE A 31 -3.77 7.99 -8.56
C PHE A 31 -5.23 8.15 -8.15
N ARG A 32 -6.09 8.38 -9.13
CA ARG A 32 -7.52 8.54 -8.86
C ARG A 32 -8.15 7.21 -8.46
N TYR A 33 -7.79 6.15 -9.18
CA TYR A 33 -8.33 4.82 -8.90
C TYR A 33 -7.83 4.32 -7.54
N PHE A 34 -6.55 4.55 -7.26
CA PHE A 34 -5.95 4.12 -6.00
C PHE A 34 -6.54 4.90 -4.83
N GLN A 35 -6.60 6.23 -4.97
CA GLN A 35 -7.14 7.09 -3.92
C GLN A 35 -8.61 6.79 -3.69
N ARG A 36 -9.34 6.52 -4.77
CA ARG A 36 -10.76 6.24 -4.69
C ARG A 36 -11.02 4.96 -3.89
N MET A 37 -10.24 3.92 -4.19
CA MET A 37 -10.38 2.64 -3.50
C MET A 37 -10.14 2.80 -2.00
N THR A 38 -9.01 3.40 -1.65
CA THR A 38 -8.66 3.61 -0.25
C THR A 38 -9.71 4.48 0.45
N THR A 39 -10.21 5.48 -0.27
CA THR A 39 -11.22 6.38 0.27
C THR A 39 -12.56 5.65 0.45
N THR A 40 -12.93 4.86 -0.55
CA THR A 40 -14.18 4.11 -0.49
C THR A 40 -14.14 3.03 0.57
N SER A 41 -14.77 3.30 1.71
CA SER A 41 -14.79 2.36 2.82
C SER A 41 -16.10 1.58 2.84
N SER A 42 -16.02 0.31 3.21
CA SER A 42 -17.21 -0.54 3.26
C SER A 42 -18.04 -0.24 4.51
N VAL A 43 -17.36 0.12 5.59
CA VAL A 43 -18.04 0.45 6.84
C VAL A 43 -18.19 1.96 7.02
N GLU A 44 -19.41 2.39 7.34
CA GLU A 44 -19.70 3.81 7.54
C GLU A 44 -19.36 4.24 8.96
N GLY A 45 -18.78 5.43 9.09
CA GLY A 45 -18.42 5.94 10.39
C GLY A 45 -17.14 5.33 10.93
N LYS A 46 -16.38 4.66 10.06
CA LYS A 46 -15.13 4.04 10.45
C LYS A 46 -13.95 4.70 9.74
N GLN A 47 -12.78 4.62 10.37
CA GLN A 47 -11.57 5.22 9.80
C GLN A 47 -10.53 4.14 9.49
N ASN A 48 -9.80 4.32 8.39
CA ASN A 48 -8.78 3.37 7.98
C ASN A 48 -7.39 3.93 8.23
N LEU A 49 -6.49 3.07 8.68
CA LEU A 49 -5.11 3.47 8.97
C LEU A 49 -4.16 2.94 7.90
N VAL A 50 -3.49 3.86 7.21
CA VAL A 50 -2.54 3.48 6.16
C VAL A 50 -1.10 3.72 6.60
N ILE A 51 -0.22 2.81 6.19
CA ILE A 51 1.19 2.92 6.55
C ILE A 51 2.03 3.26 5.33
N MET A 52 2.92 4.24 5.49
CA MET A 52 3.79 4.66 4.40
C MET A 52 5.25 4.78 4.87
N GLY A 53 6.17 4.81 3.92
CA GLY A 53 7.57 4.92 4.25
C GLY A 53 8.05 6.35 4.32
N LYS A 54 9.27 6.55 4.80
CA LYS A 54 9.84 7.89 4.93
C LYS A 54 10.05 8.52 3.56
N LYS A 55 10.63 7.75 2.64
CA LYS A 55 10.88 8.24 1.29
C LYS A 55 9.57 8.55 0.57
N THR A 56 8.61 7.65 0.68
CA THR A 56 7.31 7.85 0.05
C THR A 56 6.63 9.11 0.55
N TRP A 57 6.67 9.32 1.85
CA TRP A 57 6.06 10.50 2.47
C TRP A 57 6.68 11.77 1.90
N PHE A 58 7.99 11.77 1.73
CA PHE A 58 8.71 12.93 1.21
C PHE A 58 8.49 13.07 -0.30
N SER A 59 8.06 11.98 -0.95
CA SER A 59 7.82 12.00 -2.38
C SER A 59 6.43 12.56 -2.70
N ILE A 60 5.51 12.41 -1.75
CA ILE A 60 4.15 12.91 -1.94
C ILE A 60 4.11 14.43 -1.88
N PRO A 61 3.59 15.09 -2.94
CA PRO A 61 3.51 16.55 -2.99
C PRO A 61 2.78 17.14 -1.80
N GLU A 62 3.01 18.42 -1.53
CA GLU A 62 2.37 19.10 -0.42
C GLU A 62 0.88 19.33 -0.68
N LYS A 63 0.53 19.44 -1.96
CA LYS A 63 -0.86 19.66 -2.35
C LYS A 63 -1.76 18.54 -1.82
N ASN A 64 -1.23 17.33 -1.78
CA ASN A 64 -1.97 16.17 -1.30
C ASN A 64 -1.79 16.00 0.20
N ARG A 65 -0.61 16.38 0.70
CA ARG A 65 -0.31 16.26 2.12
C ARG A 65 -0.87 17.45 2.90
N PRO A 66 -1.44 17.22 4.10
CA PRO A 66 -1.72 15.87 4.60
C PRO A 66 -2.85 15.18 3.83
N LEU A 67 -2.81 13.86 3.82
CA LEU A 67 -3.83 13.07 3.12
C LEU A 67 -5.08 12.93 3.97
N LYS A 68 -6.03 13.83 3.78
CA LYS A 68 -7.28 13.80 4.53
C LYS A 68 -8.15 12.63 4.10
N GLY A 69 -9.06 12.22 4.97
CA GLY A 69 -9.95 11.11 4.65
C GLY A 69 -9.43 9.79 5.20
N ARG A 70 -8.13 9.68 5.37
CA ARG A 70 -7.51 8.46 5.89
C ARG A 70 -6.33 8.79 6.79
N ILE A 71 -6.16 8.00 7.84
CA ILE A 71 -5.05 8.21 8.78
C ILE A 71 -3.72 7.81 8.15
N ASN A 72 -2.81 8.78 8.03
CA ASN A 72 -1.50 8.53 7.45
C ASN A 72 -0.47 8.21 8.54
N LEU A 73 0.19 7.06 8.40
CA LEU A 73 1.19 6.63 9.36
C LEU A 73 2.52 6.35 8.66
N VAL A 74 3.56 7.07 9.09
CA VAL A 74 4.88 6.89 8.51
C VAL A 74 5.82 6.18 9.47
N LEU A 75 6.66 5.30 8.93
CA LEU A 75 7.61 4.54 9.75
C LEU A 75 9.03 5.05 9.52
N SER A 76 9.64 5.57 10.59
CA SER A 76 11.01 6.09 10.51
C SER A 76 11.72 5.95 11.85
N ARG A 77 12.97 5.55 11.81
CA ARG A 77 13.77 5.39 13.03
C ARG A 77 14.70 6.57 13.23
N GLU A 78 15.21 7.12 12.13
CA GLU A 78 16.12 8.26 12.19
C GLU A 78 15.43 9.47 12.80
N LEU A 79 14.15 9.65 12.48
CA LEU A 79 13.38 10.77 13.01
C LEU A 79 12.87 10.48 14.41
N LYS A 80 12.78 11.52 15.23
CA LYS A 80 12.31 11.37 16.60
C LYS A 80 10.85 11.79 16.73
N GLU A 81 10.43 12.73 15.89
CA GLU A 81 9.06 13.21 15.91
C GLU A 81 8.39 13.02 14.55
N PRO A 82 7.06 12.78 14.54
CA PRO A 82 6.31 12.58 13.29
C PRO A 82 6.50 13.75 12.32
N PRO A 83 6.48 13.47 11.00
CA PRO A 83 6.64 14.50 9.98
C PRO A 83 5.40 15.37 9.82
N GLN A 84 5.59 16.59 9.34
CA GLN A 84 4.48 17.52 9.16
C GLN A 84 3.44 16.94 8.20
N GLY A 85 2.20 16.88 8.65
CA GLY A 85 1.12 16.35 7.83
C GLY A 85 0.77 14.92 8.19
N ALA A 86 1.71 14.20 8.77
CA ALA A 86 1.48 12.81 9.16
C ALA A 86 0.63 12.73 10.42
N HIS A 87 -0.28 11.77 10.46
CA HIS A 87 -1.15 11.58 11.61
C HIS A 87 -0.38 10.98 12.79
N PHE A 88 0.51 10.04 12.47
CA PHE A 88 1.31 9.38 13.50
C PHE A 88 2.58 8.79 12.90
N LEU A 89 3.61 8.66 13.74
CA LEU A 89 4.88 8.10 13.30
C LEU A 89 5.34 6.99 14.23
N SER A 90 5.67 5.83 13.64
CA SER A 90 6.13 4.69 14.42
C SER A 90 7.59 4.37 14.13
N ARG A 91 8.32 3.96 15.16
CA ARG A 91 9.73 3.63 15.01
C ARG A 91 9.90 2.37 14.16
N SER A 92 9.22 1.30 14.55
CA SER A 92 9.29 0.03 13.82
C SER A 92 7.89 -0.51 13.53
N LEU A 93 7.83 -1.54 12.70
CA LEU A 93 6.56 -2.16 12.34
C LEU A 93 5.89 -2.77 13.57
N ASP A 94 6.70 -3.34 14.46
CA ASP A 94 6.18 -3.95 15.68
C ASP A 94 5.43 -2.93 16.53
N ASP A 95 5.97 -1.71 16.60
CA ASP A 95 5.35 -0.64 17.37
C ASP A 95 4.05 -0.20 16.74
N ALA A 96 4.07 0.05 15.44
CA ALA A 96 2.88 0.48 14.71
C ALA A 96 1.82 -0.61 14.71
N LEU A 97 2.26 -1.85 14.67
CA LEU A 97 1.33 -2.99 14.66
C LEU A 97 0.66 -3.15 16.02
N LYS A 98 1.44 -2.99 17.08
CA LYS A 98 0.92 -3.11 18.44
C LYS A 98 -0.11 -2.02 18.73
N LEU A 99 0.19 -0.80 18.29
CA LEU A 99 -0.70 0.33 18.51
C LEU A 99 -2.01 0.13 17.77
N THR A 100 -1.92 -0.26 16.50
CA THR A 100 -3.11 -0.47 15.68
C THR A 100 -3.92 -1.65 16.20
N GLU A 101 -3.25 -2.57 16.90
CA GLU A 101 -3.92 -3.75 17.44
C GLU A 101 -4.50 -3.46 18.83
N GLN A 102 -3.93 -2.47 19.51
CA GLN A 102 -4.39 -2.10 20.85
C GLN A 102 -5.81 -1.52 20.79
N PRO A 103 -6.64 -1.84 21.80
CA PRO A 103 -8.02 -1.35 21.85
C PRO A 103 -8.11 0.17 21.74
N GLU A 104 -7.11 0.85 22.25
CA GLU A 104 -7.06 2.31 22.22
C GLU A 104 -7.14 2.82 20.78
N LEU A 105 -6.48 2.11 19.87
CA LEU A 105 -6.47 2.48 18.46
C LEU A 105 -7.43 1.62 17.65
N ALA A 106 -7.68 0.40 18.14
CA ALA A 106 -8.59 -0.52 17.46
C ALA A 106 -9.96 0.10 17.27
N ASN A 107 -10.33 0.99 18.18
CA ASN A 107 -11.63 1.65 18.11
C ASN A 107 -11.62 2.77 17.08
N LYS A 108 -10.46 3.39 16.91
CA LYS A 108 -10.31 4.49 15.95
C LYS A 108 -10.17 3.96 14.53
N VAL A 109 -9.44 2.85 14.39
CA VAL A 109 -9.22 2.25 13.08
C VAL A 109 -9.82 0.84 13.03
N ASP A 110 -10.34 0.46 11.87
CA ASP A 110 -10.95 -0.85 11.68
C ASP A 110 -10.02 -1.77 10.89
N MET A 111 -9.46 -1.24 9.81
CA MET A 111 -8.56 -2.01 8.96
C MET A 111 -7.31 -1.22 8.61
N VAL A 112 -6.23 -1.92 8.31
CA VAL A 112 -4.97 -1.27 7.95
C VAL A 112 -4.65 -1.47 6.47
N TRP A 113 -4.11 -0.42 5.84
CA TRP A 113 -3.76 -0.48 4.43
C TRP A 113 -2.29 -0.19 4.22
N ILE A 114 -1.58 -1.12 3.60
CA ILE A 114 -0.15 -0.95 3.33
C ILE A 114 0.08 -0.32 1.97
N VAL A 115 0.74 0.84 1.96
CA VAL A 115 1.03 1.54 0.72
C VAL A 115 2.52 1.86 0.59
N GLY A 116 3.35 0.91 1.00
CA GLY A 116 4.79 1.11 0.92
C GLY A 116 5.39 1.58 2.24
N GLY A 117 6.71 1.58 2.34
CA GLY A 117 7.57 1.17 1.22
C GLY A 117 7.72 -0.33 1.13
N SER A 118 8.77 -0.78 0.45
CA SER A 118 9.03 -2.20 0.30
C SER A 118 9.32 -2.86 1.64
N SER A 119 10.04 -2.14 2.49
CA SER A 119 10.39 -2.65 3.81
C SER A 119 9.14 -2.99 4.62
N VAL A 120 8.16 -2.08 4.57
CA VAL A 120 6.90 -2.29 5.29
C VAL A 120 6.10 -3.44 4.69
N TYR A 121 6.18 -3.58 3.38
CA TYR A 121 5.46 -4.64 2.67
C TYR A 121 6.03 -6.00 3.04
N LYS A 122 7.35 -6.09 3.11
CA LYS A 122 8.02 -7.35 3.45
C LYS A 122 7.71 -7.76 4.89
N GLU A 123 7.77 -6.79 5.80
CA GLU A 123 7.50 -7.05 7.21
C GLU A 123 6.09 -7.59 7.40
N ALA A 124 5.12 -6.95 6.77
CA ALA A 124 3.72 -7.37 6.88
C ALA A 124 3.49 -8.67 6.11
N MET A 125 4.26 -8.88 5.05
CA MET A 125 4.14 -10.07 4.23
C MET A 125 4.49 -11.33 5.02
N ASN A 126 5.17 -11.14 6.15
CA ASN A 126 5.57 -12.27 6.99
C ASN A 126 4.55 -12.53 8.10
N HIS A 127 3.33 -12.05 7.90
CA HIS A 127 2.26 -12.24 8.88
C HIS A 127 1.61 -13.62 8.72
N PRO A 128 1.39 -14.33 9.83
CA PRO A 128 0.77 -15.67 9.80
C PRO A 128 -0.74 -15.60 9.60
N GLY A 129 -1.38 -14.62 10.23
CA GLY A 129 -2.82 -14.46 10.09
C GLY A 129 -3.25 -14.15 8.67
N HIS A 130 -4.55 -14.17 8.43
CA HIS A 130 -5.09 -13.88 7.11
C HIS A 130 -4.73 -12.46 6.67
N LEU A 131 -4.20 -12.35 5.46
CA LEU A 131 -3.81 -11.04 4.92
C LEU A 131 -4.02 -10.98 3.42
N LYS A 132 -4.56 -9.87 2.95
CA LYS A 132 -4.82 -9.69 1.51
C LYS A 132 -3.73 -8.83 0.88
N LEU A 133 -3.17 -9.32 -0.21
CA LEU A 133 -2.10 -8.60 -0.91
C LEU A 133 -2.54 -8.23 -2.33
N PHE A 134 -2.50 -6.94 -2.62
CA PHE A 134 -2.90 -6.45 -3.94
C PHE A 134 -1.68 -5.96 -4.72
N VAL A 135 -1.50 -6.49 -5.93
CA VAL A 135 -0.38 -6.11 -6.78
C VAL A 135 -0.84 -5.69 -8.17
N THR A 136 -0.35 -4.54 -8.63
CA THR A 136 -0.71 -4.04 -9.95
C THR A 136 0.41 -4.28 -10.95
N ARG A 137 0.13 -5.08 -11.97
CA ARG A 137 1.12 -5.39 -12.99
C ARG A 137 1.04 -4.40 -14.15
N ILE A 138 2.13 -3.68 -14.37
CA ILE A 138 2.20 -2.69 -15.44
C ILE A 138 2.89 -3.27 -16.68
N MET A 139 2.10 -3.50 -17.72
CA MET A 139 2.63 -4.06 -18.97
C MET A 139 3.39 -2.99 -19.76
N GLN A 140 4.65 -2.78 -19.41
CA GLN A 140 5.47 -1.79 -20.08
C GLN A 140 6.92 -1.88 -19.61
N ASP A 141 7.85 -1.85 -20.57
CA ASP A 141 9.27 -1.93 -20.26
C ASP A 141 9.77 -0.63 -19.64
N PHE A 142 10.44 -0.73 -18.51
CA PHE A 142 10.97 0.44 -17.82
C PHE A 142 12.23 0.09 -17.03
N GLU A 143 13.02 1.12 -16.71
CA GLU A 143 14.26 0.92 -15.95
C GLU A 143 14.02 1.10 -14.46
N SER A 144 14.33 0.07 -13.68
CA SER A 144 14.15 0.12 -12.24
C SER A 144 15.40 -0.39 -11.52
N ASP A 145 15.61 0.10 -10.31
CA ASP A 145 16.77 -0.30 -9.51
C ASP A 145 16.35 -1.26 -8.40
N THR A 146 15.25 -0.95 -7.73
CA THR A 146 14.75 -1.78 -6.65
C THR A 146 13.71 -2.77 -7.16
N PHE A 147 14.00 -4.06 -7.03
CA PHE A 147 13.10 -5.11 -7.48
C PHE A 147 12.28 -5.66 -6.31
N PHE A 148 11.05 -6.07 -6.60
CA PHE A 148 10.18 -6.62 -5.57
C PHE A 148 10.26 -8.14 -5.54
N PRO A 149 10.45 -8.74 -4.34
CA PRO A 149 10.55 -10.19 -4.18
C PRO A 149 9.37 -10.92 -4.81
N GLU A 150 9.65 -12.06 -5.44
CA GLU A 150 8.61 -12.85 -6.07
C GLU A 150 7.69 -13.48 -5.04
N ILE A 151 6.38 -13.33 -5.25
CA ILE A 151 5.39 -13.89 -4.33
C ILE A 151 5.29 -15.41 -4.49
N ASP A 152 5.43 -16.11 -3.37
CA ASP A 152 5.36 -17.57 -3.37
C ASP A 152 3.92 -18.04 -3.51
N LEU A 153 3.64 -18.79 -4.57
CA LEU A 153 2.30 -19.30 -4.81
C LEU A 153 1.90 -20.33 -3.75
N GLU A 154 2.89 -21.00 -3.18
CA GLU A 154 2.65 -22.01 -2.16
C GLU A 154 2.05 -21.36 -0.90
N LYS A 155 2.45 -20.13 -0.62
CA LYS A 155 1.96 -19.41 0.55
C LYS A 155 0.88 -18.41 0.16
N TYR A 156 1.02 -17.85 -1.04
CA TYR A 156 0.06 -16.87 -1.54
C TYR A 156 -0.82 -17.48 -2.64
N LYS A 157 -2.09 -17.10 -2.64
CA LYS A 157 -3.03 -17.61 -3.63
C LYS A 157 -3.28 -16.58 -4.73
N LEU A 158 -2.99 -16.96 -5.97
CA LEU A 158 -3.17 -16.07 -7.11
C LEU A 158 -4.64 -15.93 -7.45
N LEU A 159 -5.17 -14.72 -7.28
CA LEU A 159 -6.58 -14.44 -7.58
C LEU A 159 -6.71 -13.46 -8.75
N PRO A 160 -6.78 -13.99 -9.99
CA PRO A 160 -6.91 -13.16 -11.18
C PRO A 160 -8.12 -12.22 -11.12
N GLU A 161 -9.30 -12.81 -11.00
CA GLU A 161 -10.54 -12.03 -10.93
C GLU A 161 -11.08 -12.02 -9.50
N TYR A 162 -11.20 -10.82 -8.94
CA TYR A 162 -11.71 -10.66 -7.57
C TYR A 162 -12.92 -9.74 -7.55
N PRO A 163 -13.95 -10.08 -6.76
CA PRO A 163 -15.16 -9.27 -6.65
C PRO A 163 -14.89 -7.89 -6.05
N GLY A 164 -15.54 -6.86 -6.61
CA GLY A 164 -15.34 -5.52 -6.12
C GLY A 164 -14.31 -4.75 -6.92
N VAL A 165 -13.36 -5.47 -7.49
CA VAL A 165 -12.30 -4.85 -8.29
C VAL A 165 -12.46 -5.20 -9.77
N LEU A 166 -12.14 -4.25 -10.64
CA LEU A 166 -12.25 -4.46 -12.08
C LEU A 166 -11.19 -5.45 -12.56
N SER A 167 -11.56 -6.24 -13.56
CA SER A 167 -10.64 -7.24 -14.12
C SER A 167 -10.10 -6.79 -15.48
N ASP A 168 -10.87 -5.96 -16.17
CA ASP A 168 -10.46 -5.46 -17.48
C ASP A 168 -9.19 -4.64 -17.38
N VAL A 169 -8.36 -4.73 -18.41
CA VAL A 169 -7.10 -3.99 -18.44
C VAL A 169 -7.33 -2.51 -18.69
N GLN A 170 -6.68 -1.67 -17.90
CA GLN A 170 -6.82 -0.22 -18.03
C GLN A 170 -5.67 0.37 -18.83
N GLU A 171 -5.90 1.54 -19.42
CA GLU A 171 -4.87 2.20 -20.21
C GLU A 171 -4.85 3.71 -19.94
N GLU A 172 -3.69 4.21 -19.54
CA GLU A 172 -3.54 5.63 -19.25
C GLU A 172 -2.20 6.16 -19.74
N LYS A 173 -2.23 7.24 -20.52
CA LYS A 173 -1.02 7.83 -21.05
C LYS A 173 -0.26 6.84 -21.92
N GLY A 174 -1.00 5.95 -22.57
CA GLY A 174 -0.38 4.96 -23.43
C GLY A 174 0.23 3.81 -22.66
N ILE A 175 -0.16 3.66 -21.39
CA ILE A 175 0.35 2.60 -20.54
C ILE A 175 -0.75 1.63 -20.14
N LYS A 176 -0.59 0.36 -20.52
CA LYS A 176 -1.57 -0.66 -20.20
C LYS A 176 -1.12 -1.49 -19.00
N TYR A 177 -2.06 -1.78 -18.10
CA TYR A 177 -1.76 -2.57 -16.92
C TYR A 177 -3.00 -3.30 -16.41
N LYS A 178 -2.78 -4.39 -15.68
CA LYS A 178 -3.88 -5.18 -15.14
C LYS A 178 -3.79 -5.28 -13.62
N PHE A 179 -4.92 -5.50 -12.98
CA PHE A 179 -4.96 -5.62 -11.52
C PHE A 179 -5.00 -7.08 -11.09
N GLU A 180 -4.18 -7.42 -10.10
CA GLU A 180 -4.12 -8.79 -9.60
C GLU A 180 -4.33 -8.83 -8.09
N VAL A 181 -5.03 -9.86 -7.62
CA VAL A 181 -5.31 -10.00 -6.20
C VAL A 181 -4.59 -11.23 -5.63
N TYR A 182 -3.97 -11.05 -4.47
CA TYR A 182 -3.25 -12.13 -3.80
C TYR A 182 -3.75 -12.34 -2.37
N GLU A 183 -3.92 -13.59 -1.99
CA GLU A 183 -4.39 -13.92 -0.65
C GLU A 183 -3.38 -14.80 0.08
N LYS A 184 -3.30 -14.63 1.40
CA LYS A 184 -2.38 -15.41 2.22
C LYS A 184 -3.11 -16.54 2.93
N ASN A 185 -2.65 -17.77 2.72
CA ASN A 185 -3.26 -18.93 3.34
C ASN A 185 -2.49 -19.34 4.60
N ASP A 186 -3.23 -19.77 5.62
CA ASP A 186 -2.63 -20.18 6.88
C ASP A 186 -2.07 -21.59 6.77
PA NDP B . 12.42 1.57 1.21
O1A NDP B . 13.86 1.64 0.91
O2A NDP B . 11.86 0.25 1.56
O5B NDP B . 11.99 2.68 2.28
C5B NDP B . 10.98 2.40 3.27
C4B NDP B . 11.35 3.06 4.59
O4B NDP B . 10.29 2.84 5.54
C3B NDP B . 12.59 2.49 5.27
O3B NDP B . 13.78 3.12 4.75
C2B NDP B . 12.36 2.86 6.72
O2B NDP B . 12.69 4.20 7.03
C1B NDP B . 10.84 2.66 6.84
N9A NDP B . 10.47 1.31 7.31
C8A NDP B . 9.95 0.28 6.58
N7A NDP B . 9.72 -0.80 7.27
C5A NDP B . 10.11 -0.46 8.56
C6A NDP B . 10.12 -1.17 9.78
N6A NDP B . 9.71 -2.43 9.89
N1A NDP B . 10.58 -0.53 10.87
C2A NDP B . 11.00 0.74 10.76
N3A NDP B . 11.04 1.51 9.67
C4A NDP B . 10.58 0.85 8.60
O3 NDP B . 11.59 2.16 -0.08
PN NDP B . 11.26 3.67 -0.67
O1N NDP B . 9.83 3.96 -0.43
O2N NDP B . 12.25 4.60 -0.12
O5D NDP B . 11.52 3.36 -2.21
C5D NDP B . 10.58 2.63 -3.00
C4D NDP B . 10.31 3.35 -4.30
O4D NDP B . 9.42 2.56 -5.12
C3D NDP B . 9.62 4.71 -4.17
O3D NDP B . 10.58 5.75 -3.92
C2D NDP B . 8.99 4.87 -5.55
O2D NDP B . 9.88 5.34 -6.55
C1D NDP B . 8.56 3.42 -5.85
N1N NDP B . 7.18 3.13 -5.47
C2N NDP B . 6.17 2.68 -6.20
C3N NDP B . 4.97 2.43 -5.80
C7N NDP B . 4.16 1.97 -6.89
O7N NDP B . 2.99 1.74 -6.34
N7N NDP B . 4.47 1.78 -8.20
C4N NDP B . 4.66 2.65 -4.34
C5N NDP B . 5.71 3.14 -3.48
C6N NDP B . 6.98 3.39 -3.96
P2B NDP B . 13.85 4.74 8.11
O1X NDP B . 15.04 4.86 7.09
O2X NDP B . 13.30 6.13 8.42
O3X NDP B . 14.04 3.48 8.96
H51A NDP B . 10.89 1.33 3.40
H52A NDP B . 10.02 2.79 2.93
H4B NDP B . 11.51 4.12 4.46
H3B NDP B . 12.68 1.42 5.14
HO3A NDP B . 13.69 4.06 4.82
H2B NDP B . 12.89 2.20 7.40
H1B NDP B . 10.38 3.35 7.54
H8A NDP B . 9.75 0.36 5.50
H61A NDP B . 9.74 -2.89 10.80
H62A NDP B . 9.40 -2.94 9.08
H2A NDP B . 11.36 1.20 11.68
H51N NDP B . 10.96 1.63 -3.21
H52N NDP B . 9.64 2.53 -2.44
H4D NDP B . 11.25 3.52 -4.84
H3D NDP B . 8.86 4.70 -3.39
HO3N NDP B . 11.01 5.58 -3.08
H2D NDP B . 8.12 5.53 -5.53
HO2N NDP B . 9.63 6.22 -6.81
H1D NDP B . 8.63 3.19 -6.92
H2N NDP B . 6.37 2.51 -7.26
H71N NDP B . 3.77 1.44 -8.83
H72N NDP B . 5.40 2.00 -8.53
H41N NDP B . 3.85 3.40 -4.30
H42N NDP B . 4.33 1.70 -3.93
H5N NDP B . 5.50 3.31 -2.43
H6N NDP B . 7.80 3.76 -3.32
N1 TRR C . 0.55 3.12 -6.31
C2 TRR C . 0.11 1.88 -5.90
N2 TRR C . -0.51 1.05 -6.79
N3 TRR C . 0.30 1.48 -4.59
C4 TRR C . 0.92 2.32 -3.68
N4 TRR C . 1.11 1.91 -2.39
C5 TRR C . 1.37 3.56 -4.10
C6 TRR C . 1.18 3.96 -5.42
C7 TRR C . 2.06 4.49 -3.12
C11 TRR C . 1.96 5.93 -3.50
C12 TRR C . 3.08 6.59 -4.04
C13 TRR C . 3.00 7.94 -4.40
C14 TRR C . 1.80 8.63 -4.23
C15 TRR C . 0.68 7.98 -3.71
C16 TRR C . 0.77 6.63 -3.35
O13 TRR C . 4.11 8.60 -4.93
O14 TRR C . 1.72 9.96 -4.60
O15 TRR C . -0.51 8.69 -3.55
C17 TRR C . 5.31 7.89 -5.08
C18 TRR C . 1.38 10.88 -3.60
C19 TRR C . -1.63 8.03 -3.02
H1 TRR C . 0.42 3.41 -7.24
H21 TRR C . -0.65 1.32 -7.72
H22 TRR C . -0.84 0.15 -6.50
H41 TRR C . 0.79 1.01 -2.09
H42 TRR C . 1.55 2.50 -1.73
H6 TRR C . 1.52 4.95 -5.75
H71 TRR C . 3.10 4.19 -3.04
H72 TRR C . 1.59 4.37 -2.14
H12 TRR C . 4.03 6.03 -4.16
H16 TRR C . -0.11 6.12 -2.93
H171 TRR C . 6.04 8.48 -5.64
H172 TRR C . 5.16 6.97 -5.65
H173 TRR C . 5.75 7.63 -4.13
H181 TRR C . 0.75 11.69 -4.00
H182 TRR C . 2.25 11.35 -3.16
H183 TRR C . 0.81 10.42 -2.79
H191 TRR C . -1.49 7.80 -1.97
H192 TRR C . -1.82 7.09 -3.54
H193 TRR C . -2.53 8.64 -3.11
N VAL A 1 -11.59 -5.82 13.52
CA VAL A 1 -10.17 -5.49 13.84
C VAL A 1 -9.26 -6.67 13.56
N GLY A 2 -8.00 -6.38 13.24
CA GLY A 2 -7.04 -7.43 12.95
C GLY A 2 -6.99 -7.77 11.47
N SER A 3 -7.33 -6.82 10.63
CA SER A 3 -7.33 -7.02 9.18
C SER A 3 -6.24 -6.19 8.53
N LEU A 4 -5.21 -6.87 8.01
CA LEU A 4 -4.11 -6.19 7.34
C LEU A 4 -4.16 -6.40 5.83
N ASN A 5 -4.22 -5.30 5.08
CA ASN A 5 -4.29 -5.37 3.63
C ASN A 5 -3.09 -4.66 3.00
N CYS A 6 -2.70 -5.11 1.81
CA CYS A 6 -1.56 -4.52 1.11
C CYS A 6 -1.89 -4.31 -0.36
N ILE A 7 -1.36 -3.23 -0.93
CA ILE A 7 -1.59 -2.91 -2.34
C ILE A 7 -0.46 -2.07 -2.91
N VAL A 8 0.15 -2.56 -3.99
CA VAL A 8 1.25 -1.85 -4.63
C VAL A 8 1.30 -2.16 -6.13
N ALA A 9 1.86 -1.23 -6.90
CA ALA A 9 1.97 -1.40 -8.34
C ALA A 9 3.37 -1.85 -8.74
N VAL A 10 3.44 -2.72 -9.74
CA VAL A 10 4.73 -3.23 -10.21
C VAL A 10 4.75 -3.33 -11.73
N SER A 11 5.90 -3.04 -12.33
CA SER A 11 6.05 -3.11 -13.78
C SER A 11 6.22 -4.55 -14.24
N GLN A 12 6.09 -4.76 -15.56
CA GLN A 12 6.23 -6.10 -16.13
C GLN A 12 7.62 -6.67 -15.85
N ASN A 13 8.57 -5.80 -15.55
CA ASN A 13 9.93 -6.23 -15.26
C ASN A 13 10.16 -6.37 -13.76
N MET A 14 9.08 -6.55 -13.00
CA MET A 14 9.17 -6.70 -11.56
C MET A 14 9.79 -5.47 -10.92
N GLY A 15 9.57 -4.32 -11.53
CA GLY A 15 10.12 -3.08 -11.00
C GLY A 15 9.06 -2.17 -10.42
N ILE A 16 9.40 -1.46 -9.35
CA ILE A 16 8.47 -0.55 -8.70
C ILE A 16 8.96 0.89 -8.77
N GLY A 17 10.28 1.08 -8.65
CA GLY A 17 10.85 2.40 -8.71
C GLY A 17 12.36 2.39 -8.82
N LYS A 18 12.91 3.47 -9.35
CA LYS A 18 14.36 3.58 -9.51
C LYS A 18 14.87 4.91 -8.95
N ASN A 19 15.69 4.83 -7.91
CA ASN A 19 16.24 6.03 -7.27
C ASN A 19 15.14 6.89 -6.68
N GLY A 20 14.03 6.25 -6.29
CA GLY A 20 12.92 6.98 -5.71
C GLY A 20 11.98 7.56 -6.77
N ASP A 21 12.02 7.00 -7.97
CA ASP A 21 11.18 7.47 -9.06
C ASP A 21 10.49 6.30 -9.76
N LEU A 22 9.21 6.47 -10.07
CA LEU A 22 8.45 5.42 -10.75
C LEU A 22 8.91 5.27 -12.20
N PRO A 23 8.97 4.02 -12.70
CA PRO A 23 9.39 3.75 -14.09
C PRO A 23 8.55 4.50 -15.11
N TRP A 24 7.27 4.65 -14.81
CA TRP A 24 6.34 5.34 -15.71
C TRP A 24 6.01 6.73 -15.16
N PRO A 25 5.65 7.68 -16.05
CA PRO A 25 5.29 9.04 -15.65
C PRO A 25 4.08 9.08 -14.71
N PRO A 26 3.76 10.26 -14.17
CA PRO A 26 2.61 10.42 -13.25
C PRO A 26 1.29 10.04 -13.91
N LEU A 27 0.62 9.05 -13.32
CA LEU A 27 -0.66 8.59 -13.85
C LEU A 27 -1.81 9.02 -12.95
N ARG A 28 -2.70 9.85 -13.48
CA ARG A 28 -3.85 10.33 -12.72
C ARG A 28 -4.78 9.18 -12.35
N ASN A 29 -4.97 8.25 -13.29
CA ASN A 29 -5.83 7.10 -13.07
C ASN A 29 -5.32 6.25 -11.91
N GLU A 30 -4.01 6.07 -11.85
CA GLU A 30 -3.40 5.28 -10.79
C GLU A 30 -3.54 5.97 -9.43
N PHE A 31 -3.31 7.28 -9.42
CA PHE A 31 -3.40 8.06 -8.20
C PHE A 31 -4.84 8.05 -7.66
N ARG A 32 -5.79 8.28 -8.55
CA ARG A 32 -7.20 8.29 -8.18
C ARG A 32 -7.66 6.91 -7.72
N TYR A 33 -7.20 5.89 -8.43
CA TYR A 33 -7.56 4.51 -8.10
C TYR A 33 -7.09 4.15 -6.70
N PHE A 34 -5.88 4.60 -6.35
CA PHE A 34 -5.32 4.33 -5.03
C PHE A 34 -6.04 5.11 -3.95
N GLN A 35 -6.42 6.34 -4.26
CA GLN A 35 -7.11 7.21 -3.31
C GLN A 35 -8.55 6.72 -3.10
N ARG A 36 -9.27 6.53 -4.21
CA ARG A 36 -10.65 6.07 -4.15
C ARG A 36 -10.75 4.71 -3.47
N MET A 37 -9.75 3.86 -3.71
CA MET A 37 -9.73 2.53 -3.13
C MET A 37 -9.57 2.59 -1.62
N THR A 38 -8.54 3.30 -1.16
CA THR A 38 -8.28 3.43 0.26
C THR A 38 -9.42 4.18 0.95
N THR A 39 -10.02 5.12 0.23
CA THR A 39 -11.13 5.90 0.78
C THR A 39 -12.37 5.03 0.98
N THR A 40 -12.57 4.10 0.05
CA THR A 40 -13.72 3.19 0.12
C THR A 40 -13.60 2.24 1.30
N SER A 41 -14.28 2.55 2.39
CA SER A 41 -14.25 1.72 3.59
C SER A 41 -15.45 0.76 3.62
N SER A 42 -15.17 -0.52 3.79
CA SER A 42 -16.22 -1.53 3.84
C SER A 42 -17.08 -1.35 5.10
N VAL A 43 -16.46 -0.88 6.17
CA VAL A 43 -17.16 -0.67 7.43
C VAL A 43 -17.56 0.79 7.59
N GLU A 44 -18.80 1.02 8.00
CA GLU A 44 -19.31 2.37 8.20
C GLU A 44 -19.01 2.86 9.61
N GLY A 45 -18.73 4.16 9.74
CA GLY A 45 -18.43 4.73 11.05
C GLY A 45 -16.98 4.55 11.44
N LYS A 46 -16.14 4.17 10.48
CA LYS A 46 -14.72 3.97 10.75
C LYS A 46 -13.87 4.47 9.59
N GLN A 47 -12.59 4.72 9.86
CA GLN A 47 -11.68 5.21 8.84
C GLN A 47 -10.58 4.20 8.55
N ASN A 48 -9.96 4.30 7.38
CA ASN A 48 -8.90 3.39 6.98
C ASN A 48 -7.53 4.00 7.26
N LEU A 49 -6.62 3.20 7.79
CA LEU A 49 -5.28 3.66 8.09
C LEU A 49 -4.25 3.05 7.13
N VAL A 50 -3.48 3.91 6.48
CA VAL A 50 -2.46 3.44 5.53
C VAL A 50 -1.07 3.62 6.10
N ILE A 51 -0.17 2.69 5.77
CA ILE A 51 1.20 2.75 6.25
C ILE A 51 2.17 2.97 5.09
N MET A 52 3.02 3.98 5.22
CA MET A 52 4.00 4.29 4.18
C MET A 52 5.39 4.46 4.79
N GLY A 53 6.41 4.36 3.94
CA GLY A 53 7.78 4.50 4.42
C GLY A 53 8.24 5.94 4.44
N LYS A 54 9.37 6.19 5.08
CA LYS A 54 9.91 7.54 5.19
C LYS A 54 10.26 8.09 3.80
N LYS A 55 10.91 7.26 2.99
CA LYS A 55 11.30 7.67 1.64
C LYS A 55 10.07 7.92 0.78
N THR A 56 9.11 7.00 0.83
CA THR A 56 7.88 7.13 0.05
C THR A 56 7.14 8.42 0.41
N TRP A 57 7.03 8.69 1.70
CA TRP A 57 6.34 9.89 2.18
C TRP A 57 7.03 11.15 1.65
N PHE A 58 8.36 11.12 1.62
CA PHE A 58 9.13 12.26 1.15
C PHE A 58 9.07 12.38 -0.38
N SER A 59 8.72 11.28 -1.04
CA SER A 59 8.62 11.26 -2.50
C SER A 59 7.26 11.80 -2.96
N ILE A 60 6.24 11.63 -2.12
CA ILE A 60 4.91 12.09 -2.45
C ILE A 60 4.82 13.62 -2.38
N PRO A 61 4.18 14.25 -3.38
CA PRO A 61 4.03 15.71 -3.42
C PRO A 61 3.03 16.23 -2.40
N GLU A 62 3.12 17.52 -2.08
CA GLU A 62 2.22 18.14 -1.12
C GLU A 62 0.79 18.18 -1.65
N LYS A 63 0.66 18.11 -2.97
CA LYS A 63 -0.66 18.13 -3.61
C LYS A 63 -1.57 17.07 -3.03
N ASN A 64 -0.98 15.93 -2.68
CA ASN A 64 -1.75 14.82 -2.11
C ASN A 64 -1.36 14.56 -0.66
N ARG A 65 -0.89 15.61 0.02
CA ARG A 65 -0.48 15.50 1.41
C ARG A 65 -0.92 16.74 2.21
N PRO A 66 -1.46 16.54 3.42
CA PRO A 66 -1.88 15.22 3.91
C PRO A 66 -3.06 14.65 3.13
N LEU A 67 -3.11 13.33 3.01
CA LEU A 67 -4.19 12.67 2.30
C LEU A 67 -5.45 12.61 3.14
N LYS A 68 -6.34 13.58 2.94
CA LYS A 68 -7.58 13.64 3.68
C LYS A 68 -8.46 12.43 3.38
N GLY A 69 -9.33 12.08 4.32
CA GLY A 69 -10.20 10.94 4.15
C GLY A 69 -9.65 9.67 4.77
N ARG A 70 -8.33 9.59 4.87
CA ARG A 70 -7.68 8.43 5.45
C ARG A 70 -6.49 8.84 6.31
N ILE A 71 -6.20 8.04 7.34
CA ILE A 71 -5.09 8.34 8.24
C ILE A 71 -3.76 7.85 7.64
N ASN A 72 -2.80 8.76 7.55
CA ASN A 72 -1.49 8.44 7.00
C ASN A 72 -0.49 8.11 8.11
N LEU A 73 0.02 6.88 8.10
CA LEU A 73 0.97 6.44 9.11
C LEU A 73 2.33 6.14 8.48
N VAL A 74 3.39 6.69 9.07
CA VAL A 74 4.74 6.48 8.57
C VAL A 74 5.55 5.62 9.51
N LEU A 75 6.42 4.78 8.95
CA LEU A 75 7.27 3.90 9.74
C LEU A 75 8.71 4.37 9.73
N SER A 76 9.20 4.82 10.89
CA SER A 76 10.57 5.30 11.01
C SER A 76 11.14 4.99 12.38
N ARG A 77 12.38 4.52 12.40
CA ARG A 77 13.05 4.18 13.65
C ARG A 77 13.99 5.29 14.09
N GLU A 78 14.56 6.00 13.12
CA GLU A 78 15.48 7.09 13.41
C GLU A 78 14.73 8.33 13.89
N LEU A 79 13.56 8.56 13.30
CA LEU A 79 12.74 9.72 13.66
C LEU A 79 12.12 9.53 15.04
N LYS A 80 12.04 10.62 15.80
CA LYS A 80 11.48 10.58 17.14
C LYS A 80 10.04 11.10 17.15
N GLU A 81 9.75 12.03 16.23
CA GLU A 81 8.42 12.60 16.13
C GLU A 81 7.85 12.41 14.72
N PRO A 82 6.53 12.23 14.61
CA PRO A 82 5.86 12.03 13.31
C PRO A 82 6.19 13.15 12.33
N PRO A 83 6.58 12.79 11.08
CA PRO A 83 6.91 13.79 10.05
C PRO A 83 5.78 14.79 9.82
N GLN A 84 6.13 15.97 9.34
CA GLN A 84 5.15 17.01 9.07
C GLN A 84 4.13 16.54 8.03
N GLY A 85 2.86 16.58 8.40
CA GLY A 85 1.81 16.15 7.49
C GLY A 85 1.30 14.76 7.78
N ALA A 86 2.14 13.95 8.44
CA ALA A 86 1.75 12.59 8.78
C ALA A 86 0.79 12.56 9.97
N HIS A 87 -0.15 11.63 9.94
CA HIS A 87 -1.13 11.50 11.02
C HIS A 87 -0.51 10.84 12.24
N PHE A 88 0.28 9.81 12.01
CA PHE A 88 0.94 9.09 13.10
C PHE A 88 2.22 8.42 12.63
N LEU A 89 3.13 8.16 13.57
CA LEU A 89 4.40 7.53 13.25
C LEU A 89 4.72 6.41 14.23
N SER A 90 5.16 5.28 13.70
CA SER A 90 5.50 4.12 14.54
C SER A 90 6.96 3.72 14.34
N ARG A 91 7.61 3.35 15.44
CA ARG A 91 9.02 2.94 15.39
C ARG A 91 9.15 1.57 14.74
N SER A 92 8.22 0.68 15.05
CA SER A 92 8.23 -0.67 14.50
C SER A 92 6.82 -1.13 14.13
N LEU A 93 6.73 -2.20 13.35
CA LEU A 93 5.45 -2.73 12.93
C LEU A 93 4.63 -3.17 14.13
N ASP A 94 5.32 -3.68 15.16
CA ASP A 94 4.65 -4.14 16.38
C ASP A 94 3.96 -2.98 17.08
N ASP A 95 4.66 -1.85 17.17
CA ASP A 95 4.11 -0.67 17.83
C ASP A 95 2.86 -0.17 17.11
N ALA A 96 2.95 -0.05 15.78
CA ALA A 96 1.82 0.41 14.98
C ALA A 96 0.62 -0.51 15.14
N LEU A 97 0.89 -1.80 15.32
CA LEU A 97 -0.16 -2.79 15.48
C LEU A 97 -0.88 -2.61 16.81
N LYS A 98 -0.11 -2.26 17.84
CA LYS A 98 -0.67 -2.05 19.17
C LYS A 98 -1.63 -0.86 19.19
N LEU A 99 -1.22 0.23 18.55
CA LEU A 99 -2.04 1.43 18.48
C LEU A 99 -3.33 1.16 17.71
N THR A 100 -3.20 0.53 16.55
CA THR A 100 -4.35 0.22 15.72
C THR A 100 -5.25 -0.83 16.39
N GLU A 101 -4.66 -1.62 17.27
CA GLU A 101 -5.39 -2.66 17.98
C GLU A 101 -6.07 -2.11 19.23
N GLN A 102 -5.57 -0.98 19.72
CA GLN A 102 -6.13 -0.36 20.92
C GLN A 102 -7.56 0.10 20.68
N PRO A 103 -8.40 0.08 21.73
CA PRO A 103 -9.80 0.49 21.63
C PRO A 103 -9.95 2.00 21.41
N GLU A 104 -8.98 2.76 21.89
CA GLU A 104 -9.00 4.21 21.75
C GLU A 104 -8.85 4.62 20.30
N LEU A 105 -8.11 3.82 19.54
CA LEU A 105 -7.89 4.09 18.12
C LEU A 105 -8.80 3.24 17.23
N ALA A 106 -9.15 2.05 17.74
CA ALA A 106 -10.00 1.14 17.00
C ALA A 106 -11.34 1.80 16.62
N ASN A 107 -11.71 2.81 17.39
CA ASN A 107 -12.96 3.53 17.14
C ASN A 107 -12.85 4.38 15.87
N LYS A 108 -11.65 4.86 15.60
CA LYS A 108 -11.41 5.69 14.41
C LYS A 108 -10.83 4.86 13.28
N VAL A 109 -10.00 3.88 13.63
CA VAL A 109 -9.37 3.01 12.63
C VAL A 109 -9.92 1.59 12.74
N ASP A 110 -10.00 0.91 11.59
CA ASP A 110 -10.51 -0.45 11.55
C ASP A 110 -9.55 -1.37 10.81
N MET A 111 -9.37 -1.12 9.52
CA MET A 111 -8.47 -1.92 8.69
C MET A 111 -7.24 -1.12 8.30
N VAL A 112 -6.12 -1.81 8.13
CA VAL A 112 -4.86 -1.16 7.75
C VAL A 112 -4.47 -1.53 6.33
N TRP A 113 -3.91 -0.57 5.59
CA TRP A 113 -3.49 -0.80 4.21
C TRP A 113 -2.01 -0.48 4.04
N ILE A 114 -1.26 -1.45 3.52
CA ILE A 114 0.17 -1.27 3.31
C ILE A 114 0.43 -0.55 1.99
N VAL A 115 1.09 0.60 2.07
CA VAL A 115 1.41 1.40 0.89
C VAL A 115 2.82 1.11 0.39
N GLY A 116 3.79 1.16 1.30
CA GLY A 116 5.16 0.91 0.92
C GLY A 116 6.14 1.28 2.03
N GLY A 117 7.43 0.96 1.83
CA GLY A 117 7.90 0.30 0.62
C GLY A 117 8.20 -1.17 0.84
N SER A 118 9.31 -1.63 0.28
CA SER A 118 9.70 -3.04 0.42
C SER A 118 9.99 -3.38 1.88
N SER A 119 10.60 -2.43 2.59
CA SER A 119 10.94 -2.64 4.00
C SER A 119 9.67 -2.95 4.81
N VAL A 120 8.62 -2.18 4.57
CA VAL A 120 7.36 -2.37 5.28
C VAL A 120 6.75 -3.72 4.93
N TYR A 121 6.84 -4.10 3.66
CA TYR A 121 6.28 -5.37 3.19
C TYR A 121 7.06 -6.54 3.80
N LYS A 122 8.38 -6.38 3.89
CA LYS A 122 9.24 -7.42 4.44
C LYS A 122 8.83 -7.77 5.88
N GLU A 123 8.73 -6.74 6.72
CA GLU A 123 8.36 -6.93 8.11
C GLU A 123 6.94 -7.48 8.22
N ALA A 124 6.05 -6.99 7.36
CA ALA A 124 4.66 -7.43 7.35
C ALA A 124 4.53 -8.84 6.81
N MET A 125 5.44 -9.21 5.92
CA MET A 125 5.43 -10.55 5.33
C MET A 125 5.67 -11.63 6.37
N ASN A 126 6.17 -11.23 7.54
CA ASN A 126 6.45 -12.17 8.61
C ASN A 126 5.27 -12.27 9.58
N HIS A 127 4.09 -11.88 9.12
CA HIS A 127 2.89 -11.93 9.95
C HIS A 127 2.21 -13.29 9.83
N PRO A 128 1.80 -13.89 10.97
CA PRO A 128 1.13 -15.19 10.99
C PRO A 128 -0.34 -15.10 10.57
N GLY A 129 -1.01 -14.03 11.01
CA GLY A 129 -2.40 -13.84 10.68
C GLY A 129 -2.63 -13.65 9.20
N HIS A 130 -3.89 -13.73 8.78
CA HIS A 130 -4.25 -13.56 7.38
C HIS A 130 -3.85 -12.18 6.88
N LEU A 131 -3.35 -12.12 5.65
CA LEU A 131 -2.92 -10.86 5.05
C LEU A 131 -3.22 -10.84 3.56
N LYS A 132 -3.78 -9.74 3.08
CA LYS A 132 -4.11 -9.59 1.67
C LYS A 132 -3.06 -8.73 0.96
N LEU A 133 -2.71 -9.14 -0.26
CA LEU A 133 -1.72 -8.40 -1.04
C LEU A 133 -2.22 -8.14 -2.45
N PHE A 134 -2.26 -6.86 -2.83
CA PHE A 134 -2.72 -6.47 -4.16
C PHE A 134 -1.56 -5.97 -5.01
N VAL A 135 -1.31 -6.65 -6.12
CA VAL A 135 -0.22 -6.27 -7.02
C VAL A 135 -0.75 -5.84 -8.39
N THR A 136 -0.18 -4.78 -8.93
CA THR A 136 -0.60 -4.27 -10.24
C THR A 136 0.51 -4.47 -11.27
N ARG A 137 0.16 -5.14 -12.37
CA ARG A 137 1.13 -5.40 -13.43
C ARG A 137 1.02 -4.36 -14.54
N ILE A 138 2.10 -3.62 -14.77
CA ILE A 138 2.11 -2.59 -15.80
C ILE A 138 2.76 -3.11 -17.08
N MET A 139 1.97 -3.17 -18.15
CA MET A 139 2.46 -3.64 -19.44
C MET A 139 3.27 -2.57 -20.15
N GLN A 140 4.50 -2.36 -19.69
CA GLN A 140 5.38 -1.36 -20.29
C GLN A 140 6.82 -1.54 -19.80
N ASP A 141 7.75 -1.55 -20.74
CA ASP A 141 9.16 -1.72 -20.40
C ASP A 141 9.75 -0.41 -19.88
N PHE A 142 10.36 -0.47 -18.70
CA PHE A 142 10.97 0.71 -18.09
C PHE A 142 12.12 0.31 -17.18
N GLU A 143 13.02 1.27 -16.93
CA GLU A 143 14.17 1.02 -16.06
C GLU A 143 13.77 1.09 -14.59
N SER A 144 14.05 0.02 -13.86
CA SER A 144 13.72 -0.05 -12.44
C SER A 144 14.92 -0.50 -11.62
N ASP A 145 15.01 -0.01 -10.39
CA ASP A 145 16.12 -0.37 -9.51
C ASP A 145 15.64 -1.27 -8.38
N THR A 146 14.49 -0.93 -7.80
CA THR A 146 13.91 -1.70 -6.71
C THR A 146 13.00 -2.80 -7.25
N PHE A 147 13.37 -4.05 -6.97
CA PHE A 147 12.57 -5.19 -7.43
C PHE A 147 11.77 -5.78 -6.28
N PHE A 148 10.61 -6.35 -6.60
CA PHE A 148 9.74 -6.95 -5.60
C PHE A 148 10.14 -8.40 -5.34
N PRO A 149 10.09 -8.85 -4.08
CA PRO A 149 10.44 -10.23 -3.72
C PRO A 149 9.44 -11.25 -4.25
N GLU A 150 9.93 -12.45 -4.54
CA GLU A 150 9.07 -13.52 -5.05
C GLU A 150 8.07 -13.97 -4.01
N ILE A 151 6.78 -13.80 -4.30
CA ILE A 151 5.72 -14.18 -3.39
C ILE A 151 5.52 -15.69 -3.39
N ASP A 152 5.45 -16.28 -2.20
CA ASP A 152 5.26 -17.73 -2.07
C ASP A 152 3.85 -18.12 -2.50
N LEU A 153 3.75 -18.82 -3.62
CA LEU A 153 2.46 -19.27 -4.14
C LEU A 153 1.82 -20.28 -3.19
N GLU A 154 2.65 -20.98 -2.43
CA GLU A 154 2.16 -21.98 -1.49
C GLU A 154 1.33 -21.33 -0.38
N LYS A 155 1.68 -20.09 -0.04
CA LYS A 155 0.97 -19.36 1.00
C LYS A 155 0.05 -18.31 0.40
N TYR A 156 0.45 -17.78 -0.76
CA TYR A 156 -0.35 -16.76 -1.44
C TYR A 156 -1.14 -17.38 -2.60
N LYS A 157 -2.36 -16.88 -2.80
CA LYS A 157 -3.21 -17.39 -3.87
C LYS A 157 -3.43 -16.32 -4.94
N LEU A 158 -3.56 -16.76 -6.19
CA LEU A 158 -3.77 -15.84 -7.30
C LEU A 158 -5.25 -15.54 -7.48
N LEU A 159 -5.62 -14.27 -7.29
CA LEU A 159 -7.01 -13.84 -7.43
C LEU A 159 -7.16 -12.83 -8.58
N PRO A 160 -7.51 -13.30 -9.78
CA PRO A 160 -7.67 -12.42 -10.95
C PRO A 160 -8.88 -11.49 -10.80
N GLU A 161 -10.01 -12.05 -10.39
CA GLU A 161 -11.23 -11.26 -10.21
C GLU A 161 -11.60 -11.17 -8.73
N TYR A 162 -11.40 -10.00 -8.14
CA TYR A 162 -11.73 -9.78 -6.74
C TYR A 162 -12.71 -8.62 -6.57
N PRO A 163 -13.73 -8.77 -5.72
CA PRO A 163 -14.72 -7.72 -5.48
C PRO A 163 -14.08 -6.39 -5.08
N GLY A 164 -14.59 -5.30 -5.63
CA GLY A 164 -14.05 -3.99 -5.31
C GLY A 164 -13.02 -3.52 -6.32
N VAL A 165 -12.23 -4.46 -6.83
CA VAL A 165 -11.20 -4.13 -7.81
C VAL A 165 -11.63 -4.51 -9.22
N LEU A 166 -11.29 -3.67 -10.19
CA LEU A 166 -11.64 -3.93 -11.57
C LEU A 166 -10.76 -5.02 -12.18
N SER A 167 -11.34 -5.81 -13.07
CA SER A 167 -10.61 -6.90 -13.71
C SER A 167 -10.14 -6.49 -15.10
N ASP A 168 -10.92 -5.62 -15.75
CA ASP A 168 -10.58 -5.14 -17.09
C ASP A 168 -9.30 -4.33 -17.08
N VAL A 169 -8.47 -4.53 -18.09
CA VAL A 169 -7.19 -3.82 -18.19
C VAL A 169 -7.42 -2.35 -18.52
N GLN A 170 -6.81 -1.47 -17.73
CA GLN A 170 -6.95 -0.03 -17.93
C GLN A 170 -5.85 0.50 -18.86
N GLU A 171 -6.08 1.65 -19.45
CA GLU A 171 -5.12 2.27 -20.35
C GLU A 171 -5.20 3.79 -20.29
N GLU A 172 -4.07 4.42 -20.01
CA GLU A 172 -4.01 5.88 -19.93
C GLU A 172 -2.70 6.41 -20.50
N LYS A 173 -2.80 7.37 -21.40
CA LYS A 173 -1.63 7.97 -22.04
C LYS A 173 -0.83 6.91 -22.79
N GLY A 174 -1.53 5.91 -23.33
CA GLY A 174 -0.86 4.85 -24.07
C GLY A 174 -0.29 3.77 -23.16
N ILE A 175 -0.44 3.95 -21.85
CA ILE A 175 0.06 2.97 -20.89
C ILE A 175 -1.06 2.06 -20.38
N LYS A 176 -0.96 0.78 -20.70
CA LYS A 176 -1.96 -0.19 -20.28
C LYS A 176 -1.42 -1.09 -19.16
N TYR A 177 -2.28 -1.44 -18.22
CA TYR A 177 -1.89 -2.29 -17.10
C TYR A 177 -3.09 -3.05 -16.56
N LYS A 178 -2.82 -4.16 -15.86
CA LYS A 178 -3.88 -4.97 -15.29
C LYS A 178 -3.76 -5.01 -13.77
N PHE A 179 -4.89 -5.27 -13.09
CA PHE A 179 -4.91 -5.33 -11.64
C PHE A 179 -5.01 -6.77 -11.16
N GLU A 180 -4.03 -7.20 -10.37
CA GLU A 180 -4.01 -8.55 -9.83
C GLU A 180 -4.18 -8.55 -8.32
N VAL A 181 -4.91 -9.54 -7.81
CA VAL A 181 -5.14 -9.65 -6.38
C VAL A 181 -4.56 -10.95 -5.82
N TYR A 182 -3.90 -10.84 -4.67
CA TYR A 182 -3.28 -12.00 -4.03
C TYR A 182 -3.74 -12.13 -2.57
N GLU A 183 -4.09 -13.33 -2.18
CA GLU A 183 -4.55 -13.58 -0.80
C GLU A 183 -3.64 -14.59 -0.11
N LYS A 184 -3.27 -14.29 1.13
CA LYS A 184 -2.41 -15.17 1.92
C LYS A 184 -3.22 -15.98 2.92
N ASN A 185 -3.16 -17.29 2.79
CA ASN A 185 -3.89 -18.18 3.70
C ASN A 185 -2.93 -18.85 4.70
N ASP A 186 -3.16 -18.58 5.98
CA ASP A 186 -2.33 -19.15 7.02
C ASP A 186 -2.96 -18.95 8.40
PA NDP B . 11.61 2.56 0.62
O1A NDP B . 12.34 1.40 0.07
O2A NDP B . 10.14 2.56 0.47
O5B NDP B . 12.04 2.89 2.11
C5B NDP B . 11.09 2.82 3.19
C4B NDP B . 11.69 3.39 4.45
O4B NDP B . 10.70 3.38 5.51
C3B NDP B . 12.86 2.60 5.04
O3B NDP B . 14.09 2.99 4.42
C2B NDP B . 12.82 3.02 6.51
O2B NDP B . 13.43 4.27 6.74
C1B NDP B . 11.31 3.11 6.75
N9A NDP B . 10.74 1.88 7.29
C8A NDP B . 9.99 0.94 6.61
N7A NDP B . 9.61 -0.07 7.36
C5A NDP B . 10.14 0.22 8.61
C6A NDP B . 10.11 -0.46 9.84
N6A NDP B . 9.47 -1.63 10.03
N1A NDP B . 10.74 0.10 10.89
C2A NDP B . 11.39 1.26 10.71
N3A NDP B . 11.49 2.00 9.60
C4A NDP B . 10.84 1.41 8.58
O3 NDP B . 12.19 3.93 -0.10
PN NDP B . 12.99 4.27 -1.50
O1N NDP B . 13.89 5.42 -1.25
O2N NDP B . 13.61 3.02 -1.99
O5D NDP B . 11.74 4.68 -2.37
C5D NDP B . 10.99 3.71 -3.11
C4D NDP B . 10.64 4.23 -4.48
O4D NDP B . 9.96 3.19 -5.23
C3D NDP B . 9.67 5.41 -4.50
O3D NDP B . 10.38 6.64 -4.34
C2D NDP B . 9.07 5.29 -5.90
O2D NDP B . 9.89 5.85 -6.93
C1D NDP B . 8.96 3.77 -6.06
N1N NDP B . 7.67 3.23 -5.66
C2N NDP B . 6.78 2.53 -6.37
C3N NDP B . 5.65 2.07 -5.97
C7N NDP B . 4.99 1.36 -7.03
O7N NDP B . 3.87 0.96 -6.48
N7N NDP B . 5.38 1.12 -8.30
C4N NDP B . 5.25 2.36 -4.54
C5N NDP B . 6.16 3.11 -3.71
C6N NDP B . 7.38 3.58 -4.20
P2B NDP B . 13.65 5.02 8.21
O1X NDP B . 14.76 6.06 7.75
O2X NDP B . 12.31 5.75 8.36
O3X NDP B . 14.31 3.90 9.02
H51A NDP B . 10.81 1.77 3.35
H52A NDP B . 10.20 3.38 2.93
H4B NDP B . 12.04 4.40 4.29
H3B NDP B . 12.72 1.52 4.94
HO3A NDP B . 14.19 3.94 4.47
H2B NDP B . 13.28 2.27 7.15
H1B NDP B . 11.06 3.89 7.47
H8A NDP B . 9.73 1.02 5.56
H61A NDP B . 9.48 -2.06 10.93
H62A NDP B . 9.01 -2.07 9.24
H2A NDP B . 11.88 1.67 11.58
H51N NDP B . 11.58 2.80 -3.21
H52N NDP B . 10.08 3.47 -2.56
H4D NDP B . 11.54 4.54 -5.01
H3D NDP B . 8.90 5.32 -3.74
HO3N NDP B . 9.88 7.21 -3.74
H2D NDP B . 8.09 5.76 -5.96
HO2N NDP B . 10.13 5.17 -7.55
H1D NDP B . 9.12 3.46 -7.09
H2N NDP B . 7.05 2.32 -7.41
H71N NDP B . 4.77 0.59 -8.92
H72N NDP B . 6.26 1.48 -8.64
H41N NDP B . 4.32 2.92 -4.57
H42N NDP B . 5.11 1.38 -4.05
H5N NDP B . 5.89 3.31 -2.68
H6N NDP B . 8.07 4.15 -3.58
N1 TRR C . 1.11 3.10 -6.67
C2 TRR C . 0.52 1.90 -6.30
N2 TRR C . -0.16 1.15 -7.23
N3 TRR C . 0.63 1.46 -4.99
C4 TRR C . 1.31 2.21 -4.06
N4 TRR C . 1.41 1.76 -2.76
C5 TRR C . 1.90 3.42 -4.43
C6 TRR C . 1.80 3.85 -5.75
C7 TRR C . 2.64 4.25 -3.42
C11 TRR C . 2.59 5.72 -3.70
C12 TRR C . 3.53 6.31 -4.53
C13 TRR C . 3.48 7.69 -4.79
C14 TRR C . 2.46 8.47 -4.20
C15 TRR C . 1.51 7.87 -3.37
C16 TRR C . 1.58 6.50 -3.12
O13 TRR C . 4.41 8.30 -5.61
O14 TRR C . 2.40 9.82 -4.47
O15 TRR C . 0.51 8.65 -2.80
C17 TRR C . 5.42 7.51 -6.20
C18 TRR C . 1.20 10.35 -4.96
C19 TRR C . -0.44 8.05 -1.97
H1 TRR C . 1.03 3.41 -7.61
H21 TRR C . -0.24 1.47 -8.16
H22 TRR C . -0.57 0.29 -6.96
H41 TRR C . 0.99 0.91 -2.50
H42 TRR C . 1.90 2.29 -2.09
H6 TRR C . 2.26 4.81 -6.05
H71 TRR C . 3.70 3.93 -3.40
H72 TRR C . 2.22 4.06 -2.43
H12 TRR C . 4.32 5.71 -4.98
H16 TRR C . 0.83 6.02 -2.46
H171 TRR C . 5.93 8.05 -6.99
H172 TRR C . 5.02 6.60 -6.62
H173 TRR C . 6.17 7.23 -5.46
H181 TRR C . 0.61 10.80 -4.16
H182 TRR C . 0.59 9.58 -5.42
H183 TRR C . 1.38 11.12 -5.70
H191 TRR C . -1.06 7.34 -2.52
H192 TRR C . -1.10 8.78 -1.52
H193 TRR C . 0.04 7.50 -1.15
N VAL A 1 -10.87 -4.50 12.74
CA VAL A 1 -9.78 -4.68 13.74
C VAL A 1 -8.93 -5.90 13.42
N GLY A 2 -7.63 -5.68 13.25
CA GLY A 2 -6.73 -6.78 12.94
C GLY A 2 -6.73 -7.13 11.47
N SER A 3 -7.06 -6.15 10.63
CA SER A 3 -7.10 -6.36 9.19
C SER A 3 -5.92 -5.68 8.50
N LEU A 4 -5.02 -6.48 7.93
CA LEU A 4 -3.85 -5.96 7.24
C LEU A 4 -4.03 -6.03 5.73
N ASN A 5 -4.07 -4.85 5.10
CA ASN A 5 -4.24 -4.77 3.65
C ASN A 5 -3.08 -4.03 3.01
N CYS A 6 -2.56 -4.59 1.91
CA CYS A 6 -1.44 -3.97 1.20
C CYS A 6 -1.81 -3.67 -0.24
N ILE A 7 -1.18 -2.64 -0.81
CA ILE A 7 -1.45 -2.24 -2.18
C ILE A 7 -0.24 -1.54 -2.79
N VAL A 8 0.35 -2.16 -3.81
CA VAL A 8 1.52 -1.60 -4.49
C VAL A 8 1.55 -2.00 -5.95
N ALA A 9 2.17 -1.16 -6.78
CA ALA A 9 2.27 -1.43 -8.20
C ALA A 9 3.66 -1.96 -8.56
N VAL A 10 3.72 -2.78 -9.61
CA VAL A 10 5.00 -3.34 -10.06
C VAL A 10 5.04 -3.43 -11.58
N SER A 11 6.23 -3.19 -12.14
CA SER A 11 6.41 -3.25 -13.59
C SER A 11 6.52 -4.69 -14.08
N GLN A 12 6.44 -4.87 -15.38
CA GLN A 12 6.53 -6.20 -15.98
C GLN A 12 7.86 -6.86 -15.65
N ASN A 13 8.87 -6.04 -15.34
CA ASN A 13 10.19 -6.54 -15.01
C ASN A 13 10.38 -6.66 -13.50
N MET A 14 9.27 -6.79 -12.78
CA MET A 14 9.31 -6.92 -11.33
C MET A 14 9.94 -5.68 -10.69
N GLY A 15 9.66 -4.52 -11.26
CA GLY A 15 10.20 -3.28 -10.74
C GLY A 15 9.18 -2.48 -9.94
N ILE A 16 9.65 -1.70 -8.99
CA ILE A 16 8.77 -0.89 -8.16
C ILE A 16 9.02 0.60 -8.39
N GLY A 17 10.29 0.98 -8.51
CA GLY A 17 10.62 2.38 -8.74
C GLY A 17 12.11 2.63 -8.68
N LYS A 18 12.54 3.78 -9.19
CA LYS A 18 13.94 4.15 -9.19
C LYS A 18 14.16 5.50 -8.53
N ASN A 19 15.09 5.56 -7.59
CA ASN A 19 15.39 6.80 -6.89
C ASN A 19 14.17 7.31 -6.13
N GLY A 20 13.32 6.38 -5.70
CA GLY A 20 12.13 6.75 -4.97
C GLY A 20 11.02 7.25 -5.88
N ASP A 21 11.08 6.87 -7.16
CA ASP A 21 10.07 7.28 -8.12
C ASP A 21 9.58 6.09 -8.93
N LEU A 22 8.32 6.15 -9.37
CA LEU A 22 7.72 5.08 -10.15
C LEU A 22 8.38 4.98 -11.52
N PRO A 23 8.54 3.76 -12.06
CA PRO A 23 9.16 3.54 -13.37
C PRO A 23 8.47 4.32 -14.48
N TRP A 24 7.14 4.38 -14.39
CA TRP A 24 6.36 5.10 -15.40
C TRP A 24 6.00 6.50 -14.91
N PRO A 25 5.90 7.47 -15.84
CA PRO A 25 5.58 8.86 -15.50
C PRO A 25 4.29 8.96 -14.68
N PRO A 26 3.91 10.19 -14.30
CA PRO A 26 2.68 10.42 -13.52
C PRO A 26 1.45 9.80 -14.17
N LEU A 27 0.79 8.89 -13.46
CA LEU A 27 -0.39 8.23 -13.98
C LEU A 27 -1.64 8.67 -13.21
N ARG A 28 -2.53 9.38 -13.89
CA ARG A 28 -3.76 9.86 -13.28
C ARG A 28 -4.69 8.71 -12.95
N ASN A 29 -4.68 7.69 -13.81
CA ASN A 29 -5.53 6.52 -13.62
C ASN A 29 -5.08 5.70 -12.41
N GLU A 30 -3.75 5.61 -12.24
CA GLU A 30 -3.19 4.86 -11.12
C GLU A 30 -3.42 5.59 -9.80
N PHE A 31 -3.22 6.90 -9.81
CA PHE A 31 -3.41 7.71 -8.61
C PHE A 31 -4.87 7.71 -8.18
N ARG A 32 -5.76 8.01 -9.12
CA ARG A 32 -7.19 8.03 -8.83
C ARG A 32 -7.68 6.67 -8.35
N TYR A 33 -7.26 5.62 -9.04
CA TYR A 33 -7.65 4.26 -8.67
C TYR A 33 -7.19 3.92 -7.27
N PHE A 34 -6.02 4.44 -6.88
CA PHE A 34 -5.47 4.19 -5.56
C PHE A 34 -6.29 4.91 -4.49
N GLN A 35 -6.56 6.18 -4.71
CA GLN A 35 -7.33 6.98 -3.76
C GLN A 35 -8.77 6.50 -3.70
N ARG A 36 -9.32 6.12 -4.85
CA ARG A 36 -10.70 5.64 -4.92
C ARG A 36 -10.88 4.39 -4.06
N MET A 37 -9.98 3.43 -4.21
CA MET A 37 -10.05 2.20 -3.44
C MET A 37 -9.93 2.48 -1.95
N THR A 38 -8.98 3.33 -1.57
CA THR A 38 -8.78 3.68 -0.18
C THR A 38 -9.95 4.50 0.36
N THR A 39 -10.43 5.43 -0.44
CA THR A 39 -11.55 6.28 -0.05
C THR A 39 -12.82 5.45 0.13
N THR A 40 -13.02 4.49 -0.76
CA THR A 40 -14.20 3.62 -0.71
C THR A 40 -14.15 2.71 0.52
N SER A 41 -14.81 3.13 1.58
CA SER A 41 -14.85 2.36 2.82
C SER A 41 -16.19 1.66 2.98
N SER A 42 -16.15 0.34 3.13
CA SER A 42 -17.38 -0.45 3.30
C SER A 42 -17.92 -0.31 4.72
N VAL A 43 -17.02 -0.16 5.68
CA VAL A 43 -17.41 -0.02 7.08
C VAL A 43 -17.81 1.42 7.39
N GLU A 44 -19.09 1.62 7.65
CA GLU A 44 -19.61 2.95 7.97
C GLU A 44 -19.39 3.29 9.43
N GLY A 45 -18.89 4.50 9.70
CA GLY A 45 -18.64 4.92 11.06
C GLY A 45 -17.24 4.58 11.53
N LYS A 46 -16.37 4.24 10.59
CA LYS A 46 -14.98 3.90 10.92
C LYS A 46 -14.00 4.63 10.01
N GLN A 47 -12.76 4.74 10.46
CA GLN A 47 -11.73 5.41 9.69
C GLN A 47 -10.62 4.44 9.28
N ASN A 48 -10.07 4.64 8.09
CA ASN A 48 -9.00 3.78 7.60
C ASN A 48 -7.64 4.41 7.83
N LEU A 49 -6.70 3.61 8.32
CA LEU A 49 -5.35 4.10 8.59
C LEU A 49 -4.35 3.50 7.59
N VAL A 50 -3.57 4.37 6.96
CA VAL A 50 -2.58 3.93 5.98
C VAL A 50 -1.16 4.13 6.50
N ILE A 51 -0.24 3.29 6.07
CA ILE A 51 1.15 3.38 6.49
C ILE A 51 2.08 3.55 5.30
N MET A 52 3.07 4.43 5.44
CA MET A 52 4.03 4.70 4.37
C MET A 52 5.44 4.82 4.93
N GLY A 53 6.43 4.72 4.05
CA GLY A 53 7.81 4.83 4.48
C GLY A 53 8.33 6.25 4.39
N LYS A 54 9.52 6.48 4.95
CA LYS A 54 10.13 7.80 4.94
C LYS A 54 10.34 8.29 3.50
N LYS A 55 10.60 7.36 2.60
CA LYS A 55 10.83 7.70 1.20
C LYS A 55 9.53 8.11 0.53
N THR A 56 8.47 7.32 0.74
CA THR A 56 7.17 7.60 0.16
C THR A 56 6.65 8.97 0.62
N TRP A 57 6.75 9.22 1.92
CA TRP A 57 6.29 10.48 2.49
C TRP A 57 7.09 11.65 1.94
N PHE A 58 8.40 11.45 1.79
CA PHE A 58 9.28 12.49 1.27
C PHE A 58 9.10 12.67 -0.23
N SER A 59 8.55 11.65 -0.89
CA SER A 59 8.31 11.71 -2.33
C SER A 59 7.01 12.41 -2.64
N ILE A 60 6.02 12.24 -1.77
CA ILE A 60 4.72 12.87 -1.96
C ILE A 60 4.79 14.37 -1.70
N PRO A 61 4.15 15.19 -2.55
CA PRO A 61 4.15 16.65 -2.40
C PRO A 61 3.27 17.11 -1.25
N GLU A 62 3.54 18.32 -0.75
CA GLU A 62 2.78 18.87 0.36
C GLU A 62 1.40 19.35 -0.11
N LYS A 63 1.31 19.68 -1.40
CA LYS A 63 0.05 20.15 -1.98
C LYS A 63 -1.07 19.13 -1.78
N ASN A 64 -0.69 17.85 -1.72
CA ASN A 64 -1.66 16.78 -1.53
C ASN A 64 -1.73 16.35 -0.07
N ARG A 65 -0.56 16.27 0.58
CA ARG A 65 -0.50 15.88 1.98
C ARG A 65 -0.78 17.07 2.90
N PRO A 66 -1.57 16.86 3.98
CA PRO A 66 -1.99 15.53 4.43
C PRO A 66 -3.13 14.97 3.59
N LEU A 67 -2.99 13.70 3.20
CA LEU A 67 -4.02 13.05 2.39
C LEU A 67 -5.34 12.95 3.16
N LYS A 68 -6.21 13.93 2.95
CA LYS A 68 -7.50 13.97 3.61
C LYS A 68 -8.32 12.72 3.27
N GLY A 69 -9.26 12.37 4.16
CA GLY A 69 -10.09 11.21 3.93
C GLY A 69 -9.55 9.96 4.62
N ARG A 70 -8.25 9.91 4.82
CA ARG A 70 -7.61 8.77 5.47
C ARG A 70 -6.45 9.22 6.34
N ILE A 71 -6.21 8.48 7.43
CA ILE A 71 -5.12 8.81 8.33
C ILE A 71 -3.77 8.35 7.77
N ASN A 72 -2.84 9.28 7.65
CA ASN A 72 -1.52 8.97 7.12
C ASN A 72 -0.55 8.64 8.24
N LEU A 73 0.14 7.51 8.10
CA LEU A 73 1.10 7.07 9.11
C LEU A 73 2.44 6.74 8.47
N VAL A 74 3.53 7.20 9.09
CA VAL A 74 4.86 6.95 8.58
C VAL A 74 5.66 6.07 9.53
N LEU A 75 6.41 5.13 8.97
CA LEU A 75 7.23 4.22 9.77
C LEU A 75 8.70 4.62 9.72
N SER A 76 9.23 5.05 10.86
CA SER A 76 10.62 5.47 10.94
C SER A 76 11.23 5.11 12.29
N ARG A 77 12.43 4.55 12.27
CA ARG A 77 13.12 4.16 13.49
C ARG A 77 14.10 5.23 13.94
N GLU A 78 14.66 5.95 12.97
CA GLU A 78 15.62 7.01 13.26
C GLU A 78 14.92 8.28 13.75
N LEU A 79 13.76 8.56 13.16
CA LEU A 79 12.97 9.74 13.54
C LEU A 79 12.30 9.54 14.88
N LYS A 80 12.24 10.60 15.68
CA LYS A 80 11.62 10.55 16.99
C LYS A 80 10.21 11.12 16.96
N GLU A 81 10.02 12.16 16.15
CA GLU A 81 8.71 12.80 16.02
C GLU A 81 8.15 12.62 14.62
N PRO A 82 6.82 12.45 14.49
CA PRO A 82 6.17 12.26 13.19
C PRO A 82 6.50 13.38 12.21
N PRO A 83 6.78 13.04 10.95
CA PRO A 83 7.10 14.03 9.91
C PRO A 83 6.04 15.11 9.79
N GLN A 84 6.44 16.28 9.31
CA GLN A 84 5.51 17.40 9.15
C GLN A 84 4.38 17.03 8.18
N GLY A 85 3.15 17.13 8.65
CA GLY A 85 2.01 16.81 7.82
C GLY A 85 1.43 15.44 8.13
N ALA A 86 2.24 14.57 8.71
CA ALA A 86 1.81 13.23 9.06
C ALA A 86 0.86 13.24 10.25
N HIS A 87 0.06 12.19 10.39
CA HIS A 87 -0.89 12.08 11.49
C HIS A 87 -0.28 11.35 12.68
N PHE A 88 0.44 10.28 12.39
CA PHE A 88 1.09 9.49 13.43
C PHE A 88 2.35 8.81 12.92
N LEU A 89 3.25 8.45 13.84
CA LEU A 89 4.49 7.80 13.47
C LEU A 89 4.78 6.62 14.39
N SER A 90 5.36 5.56 13.82
CA SER A 90 5.68 4.37 14.59
C SER A 90 7.12 3.92 14.33
N ARG A 91 7.81 3.53 15.39
CA ARG A 91 9.20 3.08 15.28
C ARG A 91 9.29 1.82 14.41
N SER A 92 8.57 0.79 14.80
CA SER A 92 8.57 -0.47 14.06
C SER A 92 7.16 -0.84 13.62
N LEU A 93 7.06 -1.76 12.67
CA LEU A 93 5.76 -2.21 12.17
C LEU A 93 4.93 -2.84 13.29
N ASP A 94 5.59 -3.60 14.15
CA ASP A 94 4.91 -4.25 15.26
C ASP A 94 4.25 -3.22 16.18
N ASP A 95 4.91 -2.07 16.33
CA ASP A 95 4.40 -1.00 17.17
C ASP A 95 3.16 -0.36 16.55
N ALA A 96 3.24 -0.07 15.26
CA ALA A 96 2.12 0.53 14.54
C ALA A 96 0.95 -0.43 14.44
N LEU A 97 1.25 -1.71 14.26
CA LEU A 97 0.22 -2.73 14.14
C LEU A 97 -0.49 -2.92 15.48
N LYS A 98 0.27 -2.88 16.56
CA LYS A 98 -0.29 -3.05 17.90
C LYS A 98 -1.11 -1.83 18.31
N LEU A 99 -0.69 -0.65 17.86
CA LEU A 99 -1.38 0.58 18.18
C LEU A 99 -2.76 0.63 17.50
N THR A 100 -2.77 0.32 16.21
CA THR A 100 -4.01 0.32 15.44
C THR A 100 -4.89 -0.87 15.81
N GLU A 101 -4.26 -1.93 16.32
CA GLU A 101 -4.98 -3.14 16.72
C GLU A 101 -5.53 -3.01 18.13
N GLN A 102 -4.96 -2.10 18.92
CA GLN A 102 -5.40 -1.89 20.29
C GLN A 102 -6.84 -1.39 20.33
N PRO A 103 -7.56 -1.68 21.43
CA PRO A 103 -8.96 -1.25 21.60
C PRO A 103 -9.09 0.26 21.69
N GLU A 104 -8.09 0.90 22.28
CA GLU A 104 -8.10 2.35 22.45
C GLU A 104 -8.18 3.05 21.09
N LEU A 105 -7.55 2.44 20.09
CA LEU A 105 -7.55 2.99 18.74
C LEU A 105 -8.54 2.26 17.84
N ALA A 106 -8.89 1.04 18.21
CA ALA A 106 -9.82 0.23 17.44
C ALA A 106 -11.13 0.99 17.20
N ASN A 107 -11.46 1.91 18.09
CA ASN A 107 -12.67 2.70 17.97
C ASN A 107 -12.56 3.70 16.83
N LYS A 108 -11.35 4.17 16.57
CA LYS A 108 -11.11 5.13 15.51
C LYS A 108 -10.68 4.43 14.23
N VAL A 109 -9.76 3.47 14.36
CA VAL A 109 -9.27 2.71 13.21
C VAL A 109 -9.80 1.29 13.22
N ASP A 110 -10.02 0.73 12.04
CA ASP A 110 -10.53 -0.62 11.90
C ASP A 110 -9.69 -1.44 10.92
N MET A 111 -9.39 -0.83 9.77
CA MET A 111 -8.60 -1.50 8.74
C MET A 111 -7.32 -0.73 8.46
N VAL A 112 -6.28 -1.44 8.03
CA VAL A 112 -5.00 -0.82 7.73
C VAL A 112 -4.61 -1.04 6.26
N TRP A 113 -4.06 -0.01 5.64
CA TRP A 113 -3.65 -0.08 4.24
C TRP A 113 -2.18 0.29 4.08
N ILE A 114 -1.39 -0.64 3.56
CA ILE A 114 0.03 -0.40 3.36
C ILE A 114 0.28 0.23 1.99
N VAL A 115 0.87 1.43 2.00
CA VAL A 115 1.17 2.15 0.76
C VAL A 115 2.66 2.14 0.47
N GLY A 116 3.32 1.01 0.74
CA GLY A 116 4.75 0.92 0.50
C GLY A 116 5.57 1.28 1.72
N GLY A 117 6.89 1.10 1.65
CA GLY A 117 7.53 0.55 0.46
C GLY A 117 7.69 -0.95 0.52
N SER A 118 8.74 -1.46 -0.14
CA SER A 118 9.01 -2.89 -0.15
C SER A 118 9.33 -3.40 1.24
N SER A 119 9.99 -2.56 2.03
CA SER A 119 10.36 -2.93 3.40
C SER A 119 9.13 -3.27 4.21
N VAL A 120 8.07 -2.48 4.05
CA VAL A 120 6.82 -2.70 4.78
C VAL A 120 6.09 -3.91 4.24
N TYR A 121 6.19 -4.13 2.93
CA TYR A 121 5.54 -5.28 2.29
C TYR A 121 6.14 -6.58 2.78
N LYS A 122 7.46 -6.62 2.87
CA LYS A 122 8.16 -7.82 3.33
C LYS A 122 7.88 -8.10 4.80
N GLU A 123 7.88 -7.04 5.61
CA GLU A 123 7.63 -7.17 7.04
C GLU A 123 6.26 -7.80 7.29
N ALA A 124 5.25 -7.31 6.57
CA ALA A 124 3.90 -7.82 6.72
C ALA A 124 3.76 -9.22 6.12
N MET A 125 4.59 -9.52 5.13
CA MET A 125 4.56 -10.82 4.48
C MET A 125 5.00 -11.93 5.43
N ASN A 126 5.62 -11.54 6.54
CA ASN A 126 6.09 -12.51 7.54
C ASN A 126 5.05 -12.73 8.63
N HIS A 127 3.80 -12.41 8.34
CA HIS A 127 2.71 -12.59 9.30
C HIS A 127 1.98 -13.90 9.06
N PRO A 128 1.65 -14.63 10.15
CA PRO A 128 0.95 -15.92 10.04
C PRO A 128 -0.55 -15.74 9.79
N GLY A 129 -1.13 -14.72 10.41
CA GLY A 129 -2.56 -14.46 10.23
C GLY A 129 -2.90 -14.08 8.80
N HIS A 130 -4.20 -13.98 8.52
CA HIS A 130 -4.65 -13.62 7.19
C HIS A 130 -4.15 -12.23 6.79
N LEU A 131 -3.75 -12.09 5.53
CA LEU A 131 -3.25 -10.83 5.03
C LEU A 131 -3.62 -10.63 3.56
N LYS A 132 -4.03 -9.41 3.21
CA LYS A 132 -4.41 -9.09 1.85
C LYS A 132 -3.37 -8.19 1.19
N LEU A 133 -3.02 -8.52 -0.06
CA LEU A 133 -2.03 -7.74 -0.80
C LEU A 133 -2.50 -7.47 -2.22
N PHE A 134 -2.47 -6.21 -2.62
CA PHE A 134 -2.90 -5.82 -3.98
C PHE A 134 -1.70 -5.44 -4.83
N VAL A 135 -1.41 -6.25 -5.83
CA VAL A 135 -0.29 -6.00 -6.73
C VAL A 135 -0.77 -5.62 -8.13
N THR A 136 -0.16 -4.57 -8.69
CA THR A 136 -0.52 -4.12 -10.02
C THR A 136 0.60 -4.40 -11.02
N ARG A 137 0.31 -5.24 -12.01
CA ARG A 137 1.29 -5.58 -13.03
C ARG A 137 1.21 -4.63 -14.22
N ILE A 138 2.28 -3.85 -14.43
CA ILE A 138 2.33 -2.90 -15.53
C ILE A 138 3.03 -3.50 -16.74
N MET A 139 2.28 -3.69 -17.82
CA MET A 139 2.83 -4.26 -19.04
C MET A 139 3.52 -3.18 -19.88
N GLN A 140 4.65 -2.68 -19.38
CA GLN A 140 5.39 -1.65 -20.07
C GLN A 140 6.87 -1.69 -19.69
N ASP A 141 7.74 -1.72 -20.70
CA ASP A 141 9.18 -1.76 -20.46
C ASP A 141 9.65 -0.51 -19.74
N PHE A 142 10.26 -0.70 -18.57
CA PHE A 142 10.75 0.42 -17.78
C PHE A 142 11.94 -0.01 -16.92
N GLU A 143 12.76 0.95 -16.52
CA GLU A 143 13.92 0.68 -15.68
C GLU A 143 13.59 0.85 -14.20
N SER A 144 14.07 -0.06 -13.37
CA SER A 144 13.84 0.00 -11.94
C SER A 144 15.07 -0.47 -11.16
N ASP A 145 15.46 0.33 -10.17
CA ASP A 145 16.62 0.01 -9.35
C ASP A 145 16.29 -1.08 -8.32
N THR A 146 15.09 -0.99 -7.75
CA THR A 146 14.65 -1.96 -6.76
C THR A 146 13.70 -2.97 -7.37
N PHE A 147 13.95 -4.26 -7.13
CA PHE A 147 13.11 -5.32 -7.65
C PHE A 147 12.23 -5.92 -6.56
N PHE A 148 11.06 -6.40 -6.95
CA PHE A 148 10.12 -6.99 -6.00
C PHE A 148 10.39 -8.50 -5.85
N PRO A 149 10.43 -9.01 -4.60
CA PRO A 149 10.67 -10.42 -4.33
C PRO A 149 9.49 -11.30 -4.75
N GLU A 150 9.79 -12.55 -5.11
CA GLU A 150 8.75 -13.48 -5.53
C GLU A 150 7.90 -13.92 -4.34
N ILE A 151 6.59 -13.91 -4.53
CA ILE A 151 5.65 -14.29 -3.47
C ILE A 151 5.48 -15.82 -3.42
N ASP A 152 5.40 -16.35 -2.21
CA ASP A 152 5.23 -17.80 -2.02
C ASP A 152 3.80 -18.21 -2.32
N LEU A 153 3.61 -18.93 -3.43
CA LEU A 153 2.28 -19.39 -3.82
C LEU A 153 1.77 -20.47 -2.86
N GLU A 154 2.70 -21.13 -2.17
CA GLU A 154 2.33 -22.18 -1.22
C GLU A 154 1.54 -21.61 -0.06
N LYS A 155 1.83 -20.37 0.31
CA LYS A 155 1.14 -19.72 1.42
C LYS A 155 0.18 -18.64 0.89
N TYR A 156 0.55 -18.02 -0.22
CA TYR A 156 -0.27 -16.98 -0.83
C TYR A 156 -1.00 -17.50 -2.06
N LYS A 157 -2.25 -17.08 -2.22
CA LYS A 157 -3.05 -17.51 -3.37
C LYS A 157 -3.24 -16.36 -4.36
N LEU A 158 -3.23 -16.69 -5.65
CA LEU A 158 -3.41 -15.69 -6.69
C LEU A 158 -4.88 -15.45 -6.98
N LEU A 159 -5.36 -14.23 -6.71
CA LEU A 159 -6.75 -13.89 -6.94
C LEU A 159 -6.87 -12.92 -8.13
N PRO A 160 -7.08 -13.46 -9.35
CA PRO A 160 -7.21 -12.63 -10.55
C PRO A 160 -8.49 -11.80 -10.55
N GLU A 161 -9.60 -12.44 -10.17
CA GLU A 161 -10.90 -11.76 -10.12
C GLU A 161 -11.37 -11.61 -8.68
N TYR A 162 -11.27 -10.39 -8.16
CA TYR A 162 -11.70 -10.11 -6.79
C TYR A 162 -12.74 -8.99 -6.76
N PRO A 163 -13.80 -9.14 -5.94
CA PRO A 163 -14.85 -8.13 -5.84
C PRO A 163 -14.31 -6.76 -5.46
N GLY A 164 -14.86 -5.72 -6.08
CA GLY A 164 -14.42 -4.36 -5.79
C GLY A 164 -13.36 -3.87 -6.78
N VAL A 165 -12.49 -4.76 -7.21
CA VAL A 165 -11.44 -4.42 -8.15
C VAL A 165 -11.78 -4.91 -9.56
N LEU A 166 -11.52 -4.06 -10.55
CA LEU A 166 -11.80 -4.41 -11.94
C LEU A 166 -10.86 -5.50 -12.43
N SER A 167 -11.39 -6.41 -13.24
CA SER A 167 -10.60 -7.51 -13.78
C SER A 167 -10.09 -7.18 -15.18
N ASP A 168 -10.84 -6.35 -15.90
CA ASP A 168 -10.47 -5.96 -17.26
C ASP A 168 -9.18 -5.15 -17.25
N VAL A 169 -8.40 -5.27 -18.33
CA VAL A 169 -7.14 -4.55 -18.44
C VAL A 169 -7.38 -3.05 -18.58
N GLN A 170 -6.58 -2.26 -17.86
CA GLN A 170 -6.70 -0.81 -17.91
C GLN A 170 -5.61 -0.20 -18.78
N GLU A 171 -5.93 0.91 -19.43
CA GLU A 171 -4.98 1.59 -20.29
C GLU A 171 -5.08 3.10 -20.13
N GLU A 172 -3.94 3.73 -19.80
CA GLU A 172 -3.90 5.17 -19.61
C GLU A 172 -2.59 5.75 -20.14
N LYS A 173 -2.70 6.80 -20.96
CA LYS A 173 -1.53 7.44 -21.54
C LYS A 173 -0.74 6.46 -22.38
N GLY A 174 -1.42 5.49 -22.97
CA GLY A 174 -0.75 4.50 -23.79
C GLY A 174 -0.04 3.44 -22.97
N ILE A 175 -0.42 3.32 -21.71
CA ILE A 175 0.19 2.32 -20.83
C ILE A 175 -0.83 1.27 -20.39
N LYS A 176 -0.60 0.02 -20.82
CA LYS A 176 -1.49 -1.07 -20.48
C LYS A 176 -1.00 -1.81 -19.23
N TYR A 177 -1.92 -2.08 -18.32
CA TYR A 177 -1.58 -2.78 -17.08
C TYR A 177 -2.80 -3.50 -16.51
N LYS A 178 -2.55 -4.56 -15.76
CA LYS A 178 -3.63 -5.34 -15.16
C LYS A 178 -3.53 -5.32 -13.63
N PHE A 179 -4.66 -5.56 -12.97
CA PHE A 179 -4.70 -5.56 -11.51
C PHE A 179 -4.80 -6.99 -10.98
N GLU A 180 -3.94 -7.32 -10.03
CA GLU A 180 -3.93 -8.65 -9.43
C GLU A 180 -4.04 -8.56 -7.92
N VAL A 181 -4.87 -9.43 -7.34
CA VAL A 181 -5.06 -9.45 -5.90
C VAL A 181 -4.48 -10.72 -5.28
N TYR A 182 -3.73 -10.56 -4.20
CA TYR A 182 -3.11 -11.70 -3.52
C TYR A 182 -3.64 -11.83 -2.10
N GLU A 183 -3.88 -13.07 -1.67
CA GLU A 183 -4.38 -13.33 -0.33
C GLU A 183 -3.66 -14.52 0.30
N LYS A 184 -3.44 -14.44 1.61
CA LYS A 184 -2.75 -15.51 2.33
C LYS A 184 -3.74 -16.37 3.09
N ASN A 185 -3.53 -17.69 3.05
CA ASN A 185 -4.41 -18.62 3.74
C ASN A 185 -3.81 -19.06 5.08
N ASP A 186 -4.67 -19.25 6.07
CA ASP A 186 -4.21 -19.66 7.39
C ASP A 186 -3.26 -18.64 7.99
PA NDP B . 12.71 2.83 1.59
O1A NDP B . 11.37 3.43 1.42
O2A NDP B . 13.84 3.73 1.83
O5B NDP B . 12.68 1.63 2.64
C5B NDP B . 11.58 1.47 3.55
C4B NDP B . 11.82 2.26 4.81
O4B NDP B . 10.68 2.16 5.69
C3B NDP B . 13.00 1.80 5.67
O3B NDP B . 14.23 2.37 5.21
C2B NDP B . 12.62 2.32 7.05
O2B NDP B . 12.93 3.69 7.23
C1B NDP B . 11.10 2.13 7.05
N9A NDP B . 10.68 0.85 7.62
C8A NDP B . 10.20 -0.26 6.96
N7A NDP B . 9.91 -1.25 7.76
C5A NDP B . 10.22 -0.78 9.02
C6A NDP B . 10.14 -1.36 10.30
N6A NDP B . 9.69 -2.60 10.53
N1A NDP B . 10.53 -0.61 11.36
C2A NDP B . 10.96 0.63 11.14
N3A NDP B . 11.10 1.29 9.99
C4A NDP B . 10.70 0.52 8.96
O3 NDP B . 13.04 1.93 0.24
PN NDP B . 12.55 1.95 -1.34
O1N NDP B . 13.11 3.15 -1.98
O2N NDP B . 12.85 0.64 -1.94
O5D NDP B . 10.98 2.12 -1.06
C5D NDP B . 10.01 1.47 -1.91
C4D NDP B . 10.23 1.87 -3.35
O4D NDP B . 9.30 1.14 -4.20
C3D NDP B . 9.96 3.33 -3.67
O3D NDP B . 11.11 4.13 -3.39
C2D NDP B . 9.66 3.28 -5.17
O2D NDP B . 10.84 3.25 -5.99
C1D NDP B . 8.89 1.97 -5.28
N1N NDP B . 7.44 2.13 -5.20
C2N NDP B . 6.49 1.78 -6.07
C3N NDP B . 5.22 1.95 -5.93
C7N NDP B . 4.53 1.44 -7.07
O7N NDP B . 3.26 1.65 -6.81
N7N NDP B . 5.01 0.85 -8.20
C4N NDP B . 4.73 2.62 -4.67
C5N NDP B . 5.71 3.02 -3.69
C6N NDP B . 7.07 2.82 -3.87
P2B NDP B . 14.26 4.34 8.00
O1X NDP B . 14.24 3.42 9.28
O2X NDP B . 15.37 3.89 7.06
O3X NDP B . 13.72 5.73 8.36
H51A NDP B . 11.47 0.42 3.81
H52A NDP B . 10.66 1.81 3.08
H4B NDP B . 12.01 3.32 4.58
H3B NDP B . 13.09 0.71 5.68
HO3A NDP B . 14.44 2.01 4.34
H2B NDP B . 13.09 1.75 7.84
H1B NDP B . 10.58 2.90 7.61
H8A NDP B . 10.07 -0.30 5.88
H61A NDP B . 9.65 -2.96 11.47
H62A NDP B . 9.46 -3.20 9.75
H2A NDP B . 11.27 1.19 12.03
H51N NDP B . 10.11 0.39 -1.82
H52N NDP B . 9.01 1.76 -1.60
H4D NDP B . 11.25 1.66 -3.66
H3D NDP B . 9.10 3.72 -3.12
HO3N NDP B . 10.91 4.77 -2.71
H2D NDP B . 9.06 4.13 -5.50
HO2N NDP B . 11.53 3.75 -5.56
H1D NDP B . 9.08 1.47 -6.22
H2N NDP B . 6.83 1.30 -6.98
H71N NDP B . 4.36 0.54 -8.92
H72N NDP B . 6.00 0.74 -8.34
H41N NDP B . 4.20 3.52 -4.98
H42N NDP B . 4.06 1.91 -4.19
H5N NDP B . 5.37 3.50 -2.77
H6N NDP B . 7.80 3.13 -3.13
N1 TRR C . 0.93 3.27 -6.70
C2 TRR C . 0.56 2.02 -6.22
N2 TRR C . -0.08 1.12 -7.04
N3 TRR C . 0.84 1.68 -4.91
C4 TRR C . 1.49 2.58 -4.08
N4 TRR C . 1.76 2.22 -2.78
C5 TRR C . 1.85 3.82 -4.56
C6 TRR C . 1.57 4.17 -5.88
C7 TRR C . 2.56 4.81 -3.65
C11 TRR C . 2.40 6.24 -4.09
C12 TRR C . 3.42 6.88 -4.78
C13 TRR C . 3.27 8.20 -5.19
C14 TRR C . 2.09 8.89 -4.90
C15 TRR C . 1.06 8.25 -4.20
C16 TRR C . 1.22 6.92 -3.80
O13 TRR C . 4.29 8.86 -5.88
O14 TRR C . 1.94 10.21 -5.29
O15 TRR C . -0.11 8.95 -3.92
C17 TRR C . 5.47 8.17 -6.17
C18 TRR C . 2.13 11.20 -4.34
C19 TRR C . -1.15 8.30 -3.21
H1 TRR C . 0.72 3.51 -7.64
H21 TRR C . -0.29 1.36 -7.98
H22 TRR C . -0.34 0.24 -6.70
H41 TRR C . 1.50 1.33 -2.44
H42 TRR C . 2.22 2.86 -2.18
H6 TRR C . 1.86 5.15 -6.27
H71 TRR C . 3.62 4.55 -3.63
H72 TRR C . 2.17 4.70 -2.65
H12 TRR C . 4.35 6.33 -5.01
H16 TRR C . 0.41 6.41 -3.25
H171 TRR C . 5.90 7.71 -5.27
H172 TRR C . 6.23 8.83 -6.59
H173 TRR C . 5.30 7.36 -6.89
H181 TRR C . 1.81 12.18 -4.70
H182 TRR C . 3.18 11.29 -4.06
H183 TRR C . 1.57 11.00 -3.43
H191 TRR C . -0.78 7.88 -2.28
H192 TRR C . -1.56 7.48 -3.80
H193 TRR C . -1.96 8.99 -2.98
N VAL A 1 -10.84 -5.00 12.86
CA VAL A 1 -9.72 -5.20 13.80
C VAL A 1 -8.83 -6.36 13.35
N GLY A 2 -7.52 -6.13 13.37
CA GLY A 2 -6.59 -7.16 12.97
C GLY A 2 -6.65 -7.45 11.48
N SER A 3 -7.07 -6.45 10.70
CA SER A 3 -7.18 -6.61 9.25
C SER A 3 -6.08 -5.83 8.55
N LEU A 4 -5.13 -6.56 7.96
CA LEU A 4 -4.02 -5.93 7.24
C LEU A 4 -4.14 -6.16 5.74
N ASN A 5 -4.25 -5.07 4.99
CA ASN A 5 -4.37 -5.15 3.54
C ASN A 5 -3.22 -4.42 2.85
N CYS A 6 -2.46 -5.15 2.04
CA CYS A 6 -1.33 -4.57 1.32
C CYS A 6 -1.68 -4.33 -0.14
N ILE A 7 -1.11 -3.26 -0.71
CA ILE A 7 -1.37 -2.92 -2.10
C ILE A 7 -0.19 -2.16 -2.70
N VAL A 8 0.43 -2.74 -3.72
CA VAL A 8 1.56 -2.12 -4.39
C VAL A 8 1.58 -2.48 -5.88
N ALA A 9 2.18 -1.60 -6.69
CA ALA A 9 2.26 -1.82 -8.12
C ALA A 9 3.66 -2.28 -8.52
N VAL A 10 3.74 -3.04 -9.61
CA VAL A 10 5.01 -3.54 -10.10
C VAL A 10 5.02 -3.62 -11.62
N SER A 11 6.17 -3.35 -12.23
CA SER A 11 6.31 -3.40 -13.67
C SER A 11 6.46 -4.83 -14.17
N GLN A 12 6.29 -5.03 -15.46
CA GLN A 12 6.41 -6.36 -16.07
C GLN A 12 7.79 -6.95 -15.82
N ASN A 13 8.77 -6.09 -15.55
CA ASN A 13 10.13 -6.53 -15.30
C ASN A 13 10.41 -6.65 -13.80
N MET A 14 9.34 -6.81 -13.01
CA MET A 14 9.47 -6.93 -11.57
C MET A 14 10.13 -5.70 -10.97
N GLY A 15 9.77 -4.53 -11.50
CA GLY A 15 10.33 -3.29 -11.01
C GLY A 15 9.35 -2.52 -10.15
N ILE A 16 9.88 -1.72 -9.22
CA ILE A 16 9.04 -0.93 -8.32
C ILE A 16 9.26 0.56 -8.55
N GLY A 17 10.51 0.95 -8.75
CA GLY A 17 10.84 2.34 -8.97
C GLY A 17 12.33 2.62 -8.93
N LYS A 18 12.73 3.76 -9.47
CA LYS A 18 14.14 4.14 -9.51
C LYS A 18 14.35 5.53 -8.92
N ASN A 19 15.30 5.64 -8.02
CA ASN A 19 15.60 6.92 -7.38
C ASN A 19 14.41 7.41 -6.56
N GLY A 20 13.60 6.48 -6.07
CA GLY A 20 12.44 6.84 -5.28
C GLY A 20 11.26 7.28 -6.13
N ASP A 21 11.26 6.87 -7.40
CA ASP A 21 10.19 7.23 -8.31
C ASP A 21 9.71 6.03 -9.10
N LEU A 22 8.42 6.00 -9.42
CA LEU A 22 7.83 4.91 -10.18
C LEU A 22 8.40 4.86 -11.60
N PRO A 23 8.55 3.65 -12.17
CA PRO A 23 9.09 3.48 -13.52
C PRO A 23 8.30 4.27 -14.56
N TRP A 24 6.98 4.28 -14.41
CA TRP A 24 6.11 5.00 -15.34
C TRP A 24 5.76 6.39 -14.79
N PRO A 25 5.63 7.38 -15.68
CA PRO A 25 5.31 8.75 -15.28
C PRO A 25 4.04 8.82 -14.43
N PRO A 26 3.72 10.00 -13.87
CA PRO A 26 2.53 10.18 -13.03
C PRO A 26 1.26 9.71 -13.72
N LEU A 27 0.58 8.74 -13.11
CA LEU A 27 -0.65 8.20 -13.67
C LEU A 27 -1.87 8.71 -12.91
N ARG A 28 -2.77 9.39 -13.62
CA ARG A 28 -3.98 9.93 -13.00
C ARG A 28 -4.93 8.81 -12.61
N ASN A 29 -5.02 7.79 -13.46
CA ASN A 29 -5.90 6.65 -13.19
C ASN A 29 -5.39 5.83 -12.02
N GLU A 30 -4.08 5.60 -11.99
CA GLU A 30 -3.48 4.82 -10.91
C GLU A 30 -3.67 5.52 -9.56
N PHE A 31 -3.46 6.83 -9.55
CA PHE A 31 -3.61 7.60 -8.32
C PHE A 31 -5.06 7.62 -7.86
N ARG A 32 -5.97 7.92 -8.77
CA ARG A 32 -7.39 7.98 -8.46
C ARG A 32 -7.91 6.59 -8.05
N TYR A 33 -7.36 5.57 -8.69
CA TYR A 33 -7.76 4.20 -8.40
C TYR A 33 -7.26 3.76 -7.03
N PHE A 34 -6.09 4.26 -6.65
CA PHE A 34 -5.51 3.93 -5.35
C PHE A 34 -6.27 4.61 -4.21
N GLN A 35 -6.67 5.86 -4.45
CA GLN A 35 -7.41 6.63 -3.45
C GLN A 35 -8.83 6.09 -3.29
N ARG A 36 -9.52 5.91 -4.40
CA ARG A 36 -10.89 5.42 -4.39
C ARG A 36 -10.96 4.03 -3.75
N MET A 37 -9.95 3.21 -4.01
CA MET A 37 -9.90 1.86 -3.46
C MET A 37 -9.74 1.89 -1.95
N THR A 38 -8.75 2.64 -1.47
CA THR A 38 -8.50 2.76 -0.04
C THR A 38 -9.67 3.43 0.68
N THR A 39 -10.17 4.51 0.11
CA THR A 39 -11.29 5.25 0.68
C THR A 39 -12.52 4.35 0.84
N THR A 40 -12.77 3.53 -0.17
CA THR A 40 -13.91 2.63 -0.16
C THR A 40 -13.75 1.57 0.93
N SER A 41 -14.33 1.84 2.10
CA SER A 41 -14.25 0.90 3.22
C SER A 41 -15.57 0.18 3.41
N SER A 42 -15.51 -1.02 3.98
CA SER A 42 -16.71 -1.82 4.22
C SER A 42 -17.55 -1.21 5.34
N VAL A 43 -16.88 -0.57 6.29
CA VAL A 43 -17.57 0.05 7.42
C VAL A 43 -17.90 1.51 7.13
N GLU A 44 -19.14 1.90 7.38
CA GLU A 44 -19.58 3.27 7.15
C GLU A 44 -19.35 4.13 8.38
N GLY A 45 -18.78 5.32 8.17
CA GLY A 45 -18.53 6.22 9.28
C GLY A 45 -17.17 5.98 9.93
N LYS A 46 -16.51 4.89 9.55
CA LYS A 46 -15.20 4.56 10.10
C LYS A 46 -14.09 5.09 9.20
N GLN A 47 -12.88 5.20 9.76
CA GLN A 47 -11.73 5.69 9.02
C GLN A 47 -10.68 4.59 8.86
N ASN A 48 -9.89 4.70 7.80
CA ASN A 48 -8.84 3.72 7.52
C ASN A 48 -7.46 4.32 7.75
N LEU A 49 -6.56 3.53 8.32
CA LEU A 49 -5.20 3.99 8.59
C LEU A 49 -4.21 3.33 7.63
N VAL A 50 -3.46 4.18 6.91
CA VAL A 50 -2.47 3.68 5.96
C VAL A 50 -1.06 3.88 6.48
N ILE A 51 -0.18 2.94 6.15
CA ILE A 51 1.21 3.02 6.58
C ILE A 51 2.14 3.32 5.41
N MET A 52 3.01 4.31 5.58
CA MET A 52 3.95 4.69 4.53
C MET A 52 5.37 4.81 5.09
N GLY A 53 6.35 4.78 4.20
CA GLY A 53 7.73 4.89 4.62
C GLY A 53 8.29 6.29 4.44
N LYS A 54 9.50 6.51 4.96
CA LYS A 54 10.14 7.82 4.85
C LYS A 54 10.30 8.23 3.40
N LYS A 55 10.64 7.27 2.55
CA LYS A 55 10.82 7.55 1.12
C LYS A 55 9.49 7.88 0.46
N THR A 56 8.48 7.07 0.75
CA THR A 56 7.15 7.27 0.18
C THR A 56 6.54 8.58 0.68
N TRP A 57 6.64 8.81 1.98
CA TRP A 57 6.10 10.03 2.59
C TRP A 57 6.71 11.27 1.95
N PHE A 58 8.01 11.22 1.69
CA PHE A 58 8.72 12.34 1.09
C PHE A 58 8.48 12.40 -0.42
N SER A 59 8.06 11.26 -1.00
CA SER A 59 7.81 11.20 -2.43
C SER A 59 6.42 11.74 -2.77
N ILE A 60 5.49 11.64 -1.83
CA ILE A 60 4.13 12.13 -2.03
C ILE A 60 4.10 13.66 -2.04
N PRO A 61 3.72 14.28 -3.17
CA PRO A 61 3.64 15.73 -3.30
C PRO A 61 2.82 16.38 -2.18
N GLU A 62 3.08 17.66 -1.93
CA GLU A 62 2.37 18.38 -0.89
C GLU A 62 0.94 18.73 -1.33
N LYS A 63 0.74 18.82 -2.63
CA LYS A 63 -0.57 19.15 -3.18
C LYS A 63 -1.65 18.22 -2.64
N ASN A 64 -1.27 16.96 -2.42
CA ASN A 64 -2.20 15.96 -1.91
C ASN A 64 -1.93 15.67 -0.44
N ARG A 65 -0.66 15.80 -0.04
CA ARG A 65 -0.27 15.55 1.34
C ARG A 65 -0.56 16.77 2.21
N PRO A 66 -1.05 16.54 3.45
CA PRO A 66 -1.37 15.21 3.98
C PRO A 66 -2.62 14.62 3.34
N LEU A 67 -2.57 13.33 3.05
CA LEU A 67 -3.70 12.64 2.43
C LEU A 67 -4.89 12.59 3.38
N LYS A 68 -5.78 13.57 3.26
CA LYS A 68 -6.96 13.64 4.12
C LYS A 68 -7.91 12.48 3.82
N GLY A 69 -8.83 12.23 4.75
CA GLY A 69 -9.78 11.15 4.58
C GLY A 69 -9.34 9.87 5.27
N ARG A 70 -8.03 9.70 5.42
CA ARG A 70 -7.48 8.51 6.07
C ARG A 70 -6.32 8.87 6.98
N ILE A 71 -6.10 8.07 8.01
CA ILE A 71 -5.01 8.30 8.95
C ILE A 71 -3.67 7.89 8.35
N ASN A 72 -2.74 8.85 8.30
CA ASN A 72 -1.42 8.58 7.75
C ASN A 72 -0.44 8.16 8.84
N LEU A 73 0.24 7.03 8.63
CA LEU A 73 1.20 6.53 9.61
C LEU A 73 2.54 6.26 8.95
N VAL A 74 3.59 6.88 9.47
CA VAL A 74 4.94 6.71 8.94
C VAL A 74 5.79 5.85 9.86
N LEU A 75 6.54 4.92 9.27
CA LEU A 75 7.41 4.03 10.04
C LEU A 75 8.86 4.51 10.00
N SER A 76 9.41 4.81 11.16
CA SER A 76 10.78 5.28 11.27
C SER A 76 11.32 5.10 12.68
N ARG A 77 12.25 4.18 12.85
CA ARG A 77 12.85 3.91 14.16
C ARG A 77 13.91 4.95 14.50
N GLU A 78 14.56 5.49 13.47
CA GLU A 78 15.59 6.49 13.66
C GLU A 78 14.99 7.83 14.08
N LEU A 79 13.83 8.16 13.51
CA LEU A 79 13.15 9.41 13.83
C LEU A 79 12.50 9.34 15.20
N LYS A 80 12.50 10.48 15.90
CA LYS A 80 11.92 10.55 17.24
C LYS A 80 10.50 11.11 17.17
N GLU A 81 10.30 12.10 16.30
CA GLU A 81 8.99 12.73 16.15
C GLU A 81 8.41 12.43 14.77
N PRO A 82 7.07 12.40 14.65
CA PRO A 82 6.39 12.14 13.38
C PRO A 82 6.57 13.27 12.38
N PRO A 83 6.85 12.94 11.10
CA PRO A 83 7.04 13.95 10.05
C PRO A 83 5.86 14.91 9.95
N GLN A 84 6.13 16.11 9.45
CA GLN A 84 5.09 17.11 9.29
C GLN A 84 3.98 16.62 8.37
N GLY A 85 2.74 16.67 8.84
CA GLY A 85 1.61 16.22 8.04
C GLY A 85 1.15 14.83 8.43
N ALA A 86 2.04 14.05 9.03
CA ALA A 86 1.70 12.69 9.45
C ALA A 86 0.81 12.70 10.69
N HIS A 87 -0.03 11.69 10.81
CA HIS A 87 -0.93 11.58 11.95
C HIS A 87 -0.25 10.91 13.14
N PHE A 88 0.59 9.92 12.84
CA PHE A 88 1.31 9.19 13.87
C PHE A 88 2.57 8.54 13.31
N LEU A 89 3.51 8.21 14.19
CA LEU A 89 4.75 7.58 13.79
C LEU A 89 5.04 6.34 14.63
N SER A 90 5.31 5.22 13.97
CA SER A 90 5.61 3.97 14.67
C SER A 90 7.01 3.47 14.32
N ARG A 91 7.61 2.74 15.26
CA ARG A 91 8.95 2.21 15.05
C ARG A 91 8.90 0.91 14.23
N SER A 92 7.91 0.07 14.51
CA SER A 92 7.75 -1.19 13.81
C SER A 92 6.28 -1.49 13.55
N LEU A 93 6.02 -2.50 12.74
CA LEU A 93 4.65 -2.90 12.42
C LEU A 93 3.90 -3.31 13.67
N ASP A 94 4.60 -3.97 14.60
CA ASP A 94 3.99 -4.43 15.84
C ASP A 94 3.47 -3.25 16.66
N ASP A 95 4.23 -2.16 16.66
CA ASP A 95 3.85 -0.96 17.39
C ASP A 95 2.61 -0.31 16.78
N ALA A 96 2.63 -0.15 15.46
CA ALA A 96 1.50 0.45 14.75
C ALA A 96 0.26 -0.41 14.87
N LEU A 97 0.46 -1.73 14.94
CA LEU A 97 -0.65 -2.67 15.04
C LEU A 97 -1.31 -2.58 16.41
N LYS A 98 -0.48 -2.48 17.45
CA LYS A 98 -0.98 -2.38 18.82
C LYS A 98 -1.78 -1.11 19.02
N LEU A 99 -1.32 -0.02 18.41
CA LEU A 99 -1.99 1.27 18.52
C LEU A 99 -3.31 1.26 17.76
N THR A 100 -3.28 0.76 16.52
CA THR A 100 -4.47 0.70 15.70
C THR A 100 -5.48 -0.29 16.26
N GLU A 101 -4.99 -1.28 17.00
CA GLU A 101 -5.86 -2.29 17.60
C GLU A 101 -6.38 -1.83 18.96
N GLN A 102 -5.65 -0.90 19.59
CA GLN A 102 -6.04 -0.39 20.89
C GLN A 102 -7.36 0.37 20.80
N PRO A 103 -8.20 0.29 21.85
CA PRO A 103 -9.50 0.98 21.88
C PRO A 103 -9.39 2.47 21.58
N GLU A 104 -8.25 3.05 21.93
CA GLU A 104 -8.00 4.46 21.71
C GLU A 104 -8.10 4.80 20.22
N LEU A 105 -7.56 3.93 19.39
CA LEU A 105 -7.58 4.13 17.94
C LEU A 105 -8.67 3.28 17.28
N ALA A 106 -9.05 2.18 17.94
CA ALA A 106 -10.07 1.29 17.42
C ALA A 106 -11.37 2.04 17.13
N ASN A 107 -11.60 3.12 17.88
CA ASN A 107 -12.81 3.93 17.70
C ASN A 107 -12.71 4.77 16.43
N LYS A 108 -11.49 5.15 16.07
CA LYS A 108 -11.26 5.96 14.87
C LYS A 108 -10.94 5.09 13.67
N VAL A 109 -9.91 4.25 13.82
CA VAL A 109 -9.50 3.36 12.74
C VAL A 109 -9.87 1.91 13.06
N ASP A 110 -10.17 1.14 12.01
CA ASP A 110 -10.53 -0.26 12.19
C ASP A 110 -9.63 -1.16 11.36
N MET A 111 -9.39 -0.78 10.11
CA MET A 111 -8.55 -1.55 9.22
C MET A 111 -7.29 -0.78 8.84
N VAL A 112 -6.23 -1.50 8.50
CA VAL A 112 -4.97 -0.88 8.11
C VAL A 112 -4.60 -1.25 6.68
N TRP A 113 -4.06 -0.29 5.94
CA TRP A 113 -3.67 -0.51 4.56
C TRP A 113 -2.19 -0.17 4.35
N ILE A 114 -1.42 -1.15 3.86
CA ILE A 114 0.00 -0.94 3.61
C ILE A 114 0.23 -0.38 2.21
N VAL A 115 0.85 0.79 2.15
CA VAL A 115 1.13 1.43 0.87
C VAL A 115 2.57 1.18 0.42
N GLY A 116 3.53 1.70 1.18
CA GLY A 116 4.92 1.52 0.84
C GLY A 116 5.85 1.79 2.02
N GLY A 117 7.16 1.56 1.84
CA GLY A 117 7.68 1.08 0.57
C GLY A 117 7.92 -0.41 0.56
N SER A 118 8.94 -0.85 -0.18
CA SER A 118 9.26 -2.26 -0.28
C SER A 118 9.71 -2.81 1.07
N SER A 119 10.41 -1.99 1.83
CA SER A 119 10.90 -2.39 3.15
C SER A 119 9.74 -2.79 4.05
N VAL A 120 8.68 -1.98 4.04
CA VAL A 120 7.50 -2.26 4.86
C VAL A 120 6.78 -3.51 4.36
N TYR A 121 6.77 -3.69 3.05
CA TYR A 121 6.12 -4.85 2.44
C TYR A 121 6.80 -6.14 2.86
N LYS A 122 8.14 -6.12 2.90
CA LYS A 122 8.91 -7.29 3.28
C LYS A 122 8.62 -7.68 4.72
N GLU A 123 8.72 -6.70 5.63
CA GLU A 123 8.47 -6.94 7.04
C GLU A 123 7.05 -7.46 7.26
N ALA A 124 6.09 -6.85 6.58
CA ALA A 124 4.69 -7.26 6.69
C ALA A 124 4.45 -8.62 6.03
N MET A 125 5.32 -8.99 5.11
CA MET A 125 5.21 -10.25 4.40
C MET A 125 5.38 -11.44 5.35
N ASN A 126 5.91 -11.17 6.55
CA ASN A 126 6.13 -12.22 7.54
C ASN A 126 4.92 -12.37 8.47
N HIS A 127 3.77 -11.87 8.03
CA HIS A 127 2.55 -11.95 8.84
C HIS A 127 1.83 -13.28 8.58
N PRO A 128 1.73 -14.15 9.61
CA PRO A 128 1.07 -15.44 9.48
C PRO A 128 -0.45 -15.31 9.44
N GLY A 129 -0.98 -14.37 10.24
CA GLY A 129 -2.41 -14.17 10.28
C GLY A 129 -2.98 -13.78 8.93
N HIS A 130 -4.30 -13.60 8.89
CA HIS A 130 -4.97 -13.23 7.64
C HIS A 130 -4.46 -11.88 7.13
N LEU A 131 -3.99 -11.87 5.89
CA LEU A 131 -3.47 -10.65 5.28
C LEU A 131 -3.77 -10.61 3.79
N LYS A 132 -4.06 -9.42 3.27
CA LYS A 132 -4.36 -9.24 1.86
C LYS A 132 -3.20 -8.57 1.13
N LEU A 133 -3.02 -8.92 -0.14
CA LEU A 133 -1.95 -8.34 -0.94
C LEU A 133 -2.45 -8.01 -2.35
N PHE A 134 -2.35 -6.74 -2.72
CA PHE A 134 -2.77 -6.29 -4.04
C PHE A 134 -1.58 -5.91 -4.90
N VAL A 135 -1.36 -6.67 -5.97
CA VAL A 135 -0.24 -6.43 -6.87
C VAL A 135 -0.74 -5.95 -8.23
N THR A 136 -0.12 -4.89 -8.74
CA THR A 136 -0.50 -4.34 -10.03
C THR A 136 0.59 -4.57 -11.07
N ARG A 137 0.26 -5.30 -12.13
CA ARG A 137 1.22 -5.61 -13.18
C ARG A 137 1.12 -4.58 -14.31
N ILE A 138 2.23 -3.88 -14.55
CA ILE A 138 2.27 -2.87 -15.60
C ILE A 138 2.90 -3.43 -16.87
N MET A 139 2.09 -3.58 -17.91
CA MET A 139 2.56 -4.11 -19.18
C MET A 139 3.38 -3.06 -19.93
N GLN A 140 4.52 -2.67 -19.35
CA GLN A 140 5.39 -1.68 -19.97
C GLN A 140 6.81 -1.80 -19.42
N ASP A 141 7.73 -2.25 -20.26
CA ASP A 141 9.12 -2.41 -19.87
C ASP A 141 9.74 -1.05 -19.51
N PHE A 142 10.25 -0.95 -18.29
CA PHE A 142 10.86 0.29 -17.82
C PHE A 142 12.13 0.00 -17.01
N GLU A 143 13.04 0.95 -16.98
CA GLU A 143 14.29 0.79 -16.24
C GLU A 143 14.10 1.15 -14.77
N SER A 144 14.43 0.21 -13.89
CA SER A 144 14.30 0.43 -12.45
C SER A 144 15.59 0.05 -11.72
N ASP A 145 15.83 0.69 -10.59
CA ASP A 145 17.04 0.43 -9.80
C ASP A 145 16.76 -0.65 -8.75
N THR A 146 15.52 -0.69 -8.27
CA THR A 146 15.13 -1.66 -7.25
C THR A 146 14.11 -2.65 -7.81
N PHE A 147 14.33 -3.93 -7.58
CA PHE A 147 13.43 -4.98 -8.06
C PHE A 147 12.66 -5.60 -6.90
N PHE A 148 11.40 -5.95 -7.17
CA PHE A 148 10.54 -6.56 -6.15
C PHE A 148 10.70 -8.08 -6.15
N PRO A 149 10.76 -8.69 -4.95
CA PRO A 149 10.91 -10.15 -4.83
C PRO A 149 9.66 -10.90 -5.28
N GLU A 150 9.86 -11.95 -6.08
CA GLU A 150 8.75 -12.75 -6.58
C GLU A 150 7.97 -13.39 -5.44
N ILE A 151 6.67 -13.17 -5.43
CA ILE A 151 5.81 -13.73 -4.39
C ILE A 151 5.55 -15.21 -4.63
N ASP A 152 5.53 -15.99 -3.56
CA ASP A 152 5.29 -17.43 -3.66
C ASP A 152 3.80 -17.72 -3.76
N LEU A 153 3.43 -18.55 -4.74
CA LEU A 153 2.03 -18.92 -4.94
C LEU A 153 1.60 -20.01 -3.97
N GLU A 154 2.57 -20.77 -3.46
CA GLU A 154 2.28 -21.84 -2.52
C GLU A 154 1.71 -21.29 -1.21
N LYS A 155 2.08 -20.05 -0.88
CA LYS A 155 1.60 -19.41 0.34
C LYS A 155 0.52 -18.38 0.03
N TYR A 156 0.64 -17.74 -1.14
CA TYR A 156 -0.32 -16.74 -1.55
C TYR A 156 -1.30 -17.30 -2.58
N LYS A 157 -2.56 -16.92 -2.46
CA LYS A 157 -3.60 -17.39 -3.38
C LYS A 157 -3.80 -16.40 -4.53
N LEU A 158 -3.71 -16.89 -5.76
CA LEU A 158 -3.88 -16.04 -6.93
C LEU A 158 -5.36 -15.74 -7.16
N LEU A 159 -5.76 -14.49 -6.95
CA LEU A 159 -7.14 -14.07 -7.14
C LEU A 159 -7.25 -13.05 -8.27
N PRO A 160 -7.51 -13.52 -9.50
CA PRO A 160 -7.64 -12.64 -10.67
C PRO A 160 -8.91 -11.79 -10.61
N GLU A 161 -10.01 -12.40 -10.20
CA GLU A 161 -11.28 -11.70 -10.09
C GLU A 161 -11.69 -11.52 -8.64
N TYR A 162 -11.54 -10.31 -8.12
CA TYR A 162 -11.89 -10.01 -6.74
C TYR A 162 -12.91 -8.86 -6.67
N PRO A 163 -13.91 -8.97 -5.78
CA PRO A 163 -14.94 -7.94 -5.62
C PRO A 163 -14.36 -6.62 -5.13
N GLY A 164 -14.83 -5.52 -5.70
CA GLY A 164 -14.36 -4.20 -5.30
C GLY A 164 -13.26 -3.70 -6.22
N VAL A 165 -12.52 -4.61 -6.82
CA VAL A 165 -11.43 -4.25 -7.72
C VAL A 165 -11.74 -4.66 -9.16
N LEU A 166 -11.37 -3.82 -10.11
CA LEU A 166 -11.61 -4.09 -11.52
C LEU A 166 -10.69 -5.20 -12.02
N SER A 167 -11.22 -6.06 -12.90
CA SER A 167 -10.45 -7.15 -13.45
C SER A 167 -9.97 -6.83 -14.86
N ASP A 168 -10.74 -6.02 -15.57
CA ASP A 168 -10.38 -5.63 -16.93
C ASP A 168 -9.10 -4.80 -16.95
N VAL A 169 -8.30 -4.98 -17.98
CA VAL A 169 -7.04 -4.24 -18.12
C VAL A 169 -7.30 -2.75 -18.35
N GLN A 170 -6.54 -1.91 -17.65
CA GLN A 170 -6.69 -0.47 -17.78
C GLN A 170 -5.56 0.11 -18.62
N GLU A 171 -5.76 1.32 -19.11
CA GLU A 171 -4.76 2.00 -19.94
C GLU A 171 -4.73 3.49 -19.64
N GLU A 172 -3.53 4.01 -19.37
CA GLU A 172 -3.36 5.43 -19.07
C GLU A 172 -2.09 5.97 -19.70
N LYS A 173 -2.22 7.03 -20.48
CA LYS A 173 -1.07 7.65 -21.14
C LYS A 173 -0.36 6.65 -22.04
N GLY A 174 -1.13 5.75 -22.65
CA GLY A 174 -0.55 4.75 -23.52
C GLY A 174 0.13 3.62 -22.76
N ILE A 175 -0.20 3.49 -21.48
CA ILE A 175 0.39 2.45 -20.64
C ILE A 175 -0.67 1.46 -20.18
N LYS A 176 -0.54 0.21 -20.64
CA LYS A 176 -1.48 -0.84 -20.29
C LYS A 176 -1.00 -1.61 -19.05
N TYR A 177 -1.93 -1.93 -18.16
CA TYR A 177 -1.60 -2.67 -16.95
C TYR A 177 -2.81 -3.46 -16.45
N LYS A 178 -2.54 -4.53 -15.72
CA LYS A 178 -3.60 -5.38 -15.18
C LYS A 178 -3.56 -5.40 -13.66
N PHE A 179 -4.71 -5.60 -13.04
CA PHE A 179 -4.82 -5.64 -11.59
C PHE A 179 -4.97 -7.08 -11.09
N GLU A 180 -4.08 -7.49 -10.20
CA GLU A 180 -4.12 -8.84 -9.66
C GLU A 180 -4.20 -8.80 -8.14
N VAL A 181 -5.09 -9.64 -7.58
CA VAL A 181 -5.27 -9.69 -6.13
C VAL A 181 -4.66 -10.98 -5.56
N TYR A 182 -3.91 -10.83 -4.47
CA TYR A 182 -3.28 -11.97 -3.82
C TYR A 182 -3.64 -12.03 -2.34
N GLU A 183 -4.00 -13.22 -1.88
CA GLU A 183 -4.36 -13.42 -0.48
C GLU A 183 -3.34 -14.29 0.24
N LYS A 184 -3.19 -14.06 1.54
CA LYS A 184 -2.24 -14.82 2.35
C LYS A 184 -2.95 -15.92 3.13
N ASN A 185 -2.50 -17.16 2.96
CA ASN A 185 -3.09 -18.30 3.65
C ASN A 185 -2.71 -18.29 5.13
N ASP A 186 -3.69 -18.52 5.99
CA ASP A 186 -3.46 -18.54 7.44
C ASP A 186 -3.03 -19.92 7.90
PA NDP B . 14.01 3.32 1.67
O1A NDP B . 13.65 4.58 2.34
O2A NDP B . 15.36 3.21 1.09
O5B NDP B . 13.67 2.06 2.58
C5B NDP B . 12.41 1.96 3.27
C4B NDP B . 12.41 2.85 4.49
O4B NDP B . 11.11 2.80 5.13
C3B NDP B . 13.38 2.45 5.60
O3B NDP B . 14.68 2.99 5.35
C2B NDP B . 12.74 3.07 6.82
O2B NDP B . 13.03 4.45 6.97
C1B NDP B . 11.25 2.87 6.54
N9A NDP B . 10.70 1.64 7.12
C8A NDP B . 10.33 0.50 6.46
N7A NDP B . 9.87 -0.44 7.25
C5A NDP B . 9.96 0.13 8.52
C6A NDP B . 9.62 -0.35 9.80
N6A NDP B . 9.13 -1.57 10.02
N1A NDP B . 9.82 0.47 10.85
C2A NDP B . 10.32 1.69 10.63
N3A NDP B . 10.68 2.26 9.48
C4A NDP B . 10.46 1.41 8.45
O3 NDP B . 12.91 3.03 0.48
PN NDP B . 12.26 1.68 -0.22
O1N NDP B . 13.34 0.95 -0.90
O2N NDP B . 11.48 0.97 0.81
O5D NDP B . 11.30 2.42 -1.26
C5D NDP B . 10.38 1.67 -2.07
C4D NDP B . 10.51 2.06 -3.53
O4D NDP B . 9.64 1.23 -4.33
C3D NDP B . 10.11 3.49 -3.86
O3D NDP B . 11.19 4.39 -3.63
C2D NDP B . 9.78 3.38 -5.34
O2D NDP B . 10.92 3.43 -6.19
C1D NDP B . 9.12 2.00 -5.41
N1N NDP B . 7.67 2.03 -5.28
C2N NDP B . 6.73 1.58 -6.11
C3N NDP B . 5.44 1.64 -5.94
C7N NDP B . 4.78 1.04 -7.06
O7N NDP B . 3.50 1.12 -6.74
N7N NDP B . 5.26 0.47 -8.19
C4N NDP B . 4.94 2.27 -4.68
C5N NDP B . 5.91 2.78 -3.73
C6N NDP B . 7.27 2.71 -3.95
P2B NDP B . 14.28 5.16 7.82
O1X NDP B . 15.19 3.88 7.95
O2X NDP B . 14.86 6.07 6.74
O3X NDP B . 13.60 5.44 9.15
H51A NDP B . 12.24 0.93 3.57
H52A NDP B . 11.61 2.27 2.60
H4B NDP B . 12.64 3.88 4.23
H3B NDP B . 13.45 1.36 5.71
HO3A NDP B . 15.24 2.81 6.11
H2B NDP B . 13.04 2.57 7.74
H1B NDP B . 10.63 3.69 6.93
H8A NDP B . 10.41 0.39 5.38
H61A NDP B . 8.90 -1.86 10.96
H62A NDP B . 8.97 -2.21 9.24
H2A NDP B . 10.46 2.31 11.52
H51N NDP B . 10.58 0.60 -1.96
H52N NDP B . 9.36 1.87 -1.74
H4D NDP B . 11.55 1.94 -3.86
H3D NDP B . 9.23 3.81 -3.30
HO3N NDP B . 11.65 4.15 -2.83
H2D NDP B . 9.09 4.16 -5.66
HO2N NDP B . 10.84 4.18 -6.79
H1D NDP B . 9.33 1.49 -6.35
H2N NDP B . 7.08 1.12 -7.04
H71N NDP B . 4.63 0.08 -8.87
H72N NDP B . 6.27 0.47 -8.36
H41N NDP B . 4.31 3.12 -4.97
H42N NDP B . 4.35 1.52 -4.15
H5N NDP B . 5.54 3.25 -2.81
H6N NDP B . 8.01 3.08 -3.25
N1 TRR C . 0.96 2.74 -6.70
C2 TRR C . 0.59 1.48 -6.25
N2 TRR C . -0.02 0.60 -7.09
N3 TRR C . 0.87 1.12 -4.94
C4 TRR C . 1.48 2.00 -4.09
N4 TRR C . 1.75 1.62 -2.79
C5 TRR C . 1.85 3.27 -4.53
C6 TRR C . 1.58 3.63 -5.85
C7 TRR C . 2.53 4.24 -3.60
C11 TRR C . 2.23 5.67 -3.93
C12 TRR C . 3.13 6.41 -4.71
C13 TRR C . 2.86 7.75 -5.01
C14 TRR C . 1.69 8.35 -4.54
C15 TRR C . 0.79 7.61 -3.77
C16 TRR C . 1.06 6.27 -3.46
O13 TRR C . 3.73 8.49 -5.79
O14 TRR C . 1.41 9.65 -4.85
O15 TRR C . -0.38 8.22 -3.30
C17 TRR C . 4.91 7.88 -6.27
C18 TRR C . 1.29 10.56 -3.78
C19 TRR C . -1.27 7.47 -2.52
H1 TRR C . 0.76 3.00 -7.63
H21 TRR C . -0.22 0.86 -8.03
H22 TRR C . -0.29 -0.30 -6.78
H41 TRR C . 1.49 0.72 -2.46
H42 TRR C . 2.20 2.24 -2.16
H6 TRR C . 1.87 4.63 -6.21
H71 TRR C . 3.61 4.07 -3.65
H72 TRR C . 2.20 4.04 -2.59
H12 TRR C . 4.04 5.93 -5.08
H16 TRR C . 0.36 5.69 -2.85
H171 TRR C . 5.56 7.57 -5.44
H172 TRR C . 5.49 8.56 -6.89
H173 TRR C . 4.69 7.00 -6.86
H181 TRR C . 1.10 11.58 -4.14
H182 TRR C . 2.19 10.59 -3.17
H183 TRR C . 0.46 10.29 -3.13
H191 TRR C . -2.10 8.08 -2.17
H192 TRR C . -0.79 7.06 -1.63
H193 TRR C . -1.68 6.64 -3.08
N VAL A 1 -11.14 -5.16 13.16
CA VAL A 1 -9.88 -4.92 13.91
C VAL A 1 -8.88 -6.05 13.66
N GLY A 2 -7.61 -5.68 13.50
CA GLY A 2 -6.58 -6.68 13.25
C GLY A 2 -6.55 -7.14 11.81
N SER A 3 -6.99 -6.27 10.90
CA SER A 3 -7.01 -6.60 9.49
C SER A 3 -5.90 -5.87 8.74
N LEU A 4 -4.95 -6.64 8.22
CA LEU A 4 -3.82 -6.07 7.49
C LEU A 4 -4.01 -6.23 5.98
N ASN A 5 -3.90 -5.13 5.25
CA ASN A 5 -4.06 -5.16 3.80
C ASN A 5 -2.89 -4.48 3.11
N CYS A 6 -2.17 -5.24 2.28
CA CYS A 6 -1.02 -4.70 1.54
C CYS A 6 -1.40 -4.42 0.09
N ILE A 7 -1.02 -3.24 -0.39
CA ILE A 7 -1.32 -2.85 -1.76
C ILE A 7 -0.17 -2.04 -2.37
N VAL A 8 0.41 -2.56 -3.45
CA VAL A 8 1.52 -1.89 -4.12
C VAL A 8 1.50 -2.19 -5.61
N ALA A 9 2.04 -1.27 -6.41
CA ALA A 9 2.09 -1.44 -7.85
C ALA A 9 3.52 -1.73 -8.31
N VAL A 10 3.66 -2.73 -9.17
CA VAL A 10 4.96 -3.12 -9.69
C VAL A 10 4.93 -3.24 -11.21
N SER A 11 6.10 -3.12 -11.84
CA SER A 11 6.21 -3.21 -13.28
C SER A 11 6.42 -4.66 -13.72
N GLN A 12 6.32 -4.90 -15.03
CA GLN A 12 6.50 -6.24 -15.57
C GLN A 12 7.89 -6.79 -15.24
N ASN A 13 8.83 -5.90 -14.94
CA ASN A 13 10.19 -6.31 -14.60
C ASN A 13 10.37 -6.41 -13.09
N MET A 14 9.26 -6.59 -12.37
CA MET A 14 9.31 -6.71 -10.91
C MET A 14 9.97 -5.49 -10.29
N GLY A 15 9.82 -4.34 -10.94
CA GLY A 15 10.41 -3.11 -10.42
C GLY A 15 9.39 -2.24 -9.73
N ILE A 16 9.84 -1.47 -8.73
CA ILE A 16 8.95 -0.57 -7.99
C ILE A 16 9.30 0.89 -8.24
N GLY A 17 10.60 1.18 -8.30
CA GLY A 17 11.04 2.55 -8.54
C GLY A 17 12.55 2.68 -8.49
N LYS A 18 13.08 3.52 -9.38
CA LYS A 18 14.53 3.74 -9.44
C LYS A 18 14.89 5.13 -8.93
N ASN A 19 15.84 5.18 -7.99
CA ASN A 19 16.28 6.45 -7.43
C ASN A 19 15.12 7.15 -6.72
N GLY A 20 14.18 6.36 -6.19
CA GLY A 20 13.05 6.93 -5.50
C GLY A 20 11.98 7.45 -6.45
N ASP A 21 12.01 6.99 -7.69
CA ASP A 21 11.04 7.43 -8.69
C ASP A 21 10.45 6.23 -9.43
N LEU A 22 9.18 6.35 -9.83
CA LEU A 22 8.50 5.28 -10.55
C LEU A 22 9.09 5.12 -11.95
N PRO A 23 9.20 3.86 -12.43
CA PRO A 23 9.75 3.57 -13.77
C PRO A 23 8.94 4.26 -14.87
N TRP A 24 7.62 4.27 -14.71
CA TRP A 24 6.74 4.88 -15.70
C TRP A 24 6.40 6.32 -15.30
N PRO A 25 6.22 7.22 -16.29
CA PRO A 25 5.90 8.62 -16.03
C PRO A 25 4.66 8.77 -15.15
N PRO A 26 4.32 10.01 -14.76
CA PRO A 26 3.17 10.28 -13.91
C PRO A 26 1.88 9.68 -14.46
N LEU A 27 1.26 8.80 -13.68
CA LEU A 27 0.03 8.14 -14.09
C LEU A 27 -1.14 8.59 -13.22
N ARG A 28 -1.99 9.46 -13.77
CA ARG A 28 -3.15 9.95 -13.03
C ARG A 28 -4.13 8.83 -12.72
N ASN A 29 -4.30 7.93 -13.69
CA ASN A 29 -5.21 6.80 -13.51
C ASN A 29 -4.80 5.93 -12.33
N GLU A 30 -3.49 5.84 -12.10
CA GLU A 30 -2.96 5.05 -11.01
C GLU A 30 -3.15 5.77 -9.68
N PHE A 31 -2.97 7.08 -9.69
CA PHE A 31 -3.12 7.89 -8.49
C PHE A 31 -4.59 7.99 -8.08
N ARG A 32 -5.45 8.25 -9.06
CA ARG A 32 -6.88 8.37 -8.81
C ARG A 32 -7.48 7.03 -8.39
N TYR A 33 -7.13 5.98 -9.13
CA TYR A 33 -7.63 4.64 -8.84
C TYR A 33 -7.17 4.17 -7.46
N PHE A 34 -5.91 4.44 -7.14
CA PHE A 34 -5.35 4.04 -5.86
C PHE A 34 -6.06 4.76 -4.72
N GLN A 35 -6.30 6.05 -4.90
CA GLN A 35 -6.97 6.86 -3.88
C GLN A 35 -8.41 6.39 -3.68
N ARG A 36 -9.15 6.28 -4.77
CA ARG A 36 -10.53 5.85 -4.72
C ARG A 36 -10.64 4.44 -4.15
N MET A 37 -9.69 3.59 -4.48
CA MET A 37 -9.67 2.22 -4.00
C MET A 37 -9.61 2.18 -2.48
N THR A 38 -8.65 2.91 -1.91
CA THR A 38 -8.49 2.96 -0.45
C THR A 38 -9.62 3.75 0.19
N THR A 39 -10.03 4.83 -0.46
CA THR A 39 -11.10 5.68 0.05
C THR A 39 -12.40 4.88 0.20
N THR A 40 -12.65 3.99 -0.76
CA THR A 40 -13.85 3.17 -0.73
C THR A 40 -13.81 2.18 0.41
N SER A 41 -14.45 2.54 1.53
CA SER A 41 -14.48 1.67 2.70
C SER A 41 -15.83 0.96 2.81
N SER A 42 -15.82 -0.22 3.44
CA SER A 42 -17.05 -0.99 3.61
C SER A 42 -17.68 -0.71 4.98
N VAL A 43 -16.84 -0.48 5.97
CA VAL A 43 -17.31 -0.20 7.32
C VAL A 43 -17.76 1.26 7.47
N GLU A 44 -19.04 1.45 7.74
CA GLU A 44 -19.59 2.80 7.89
C GLU A 44 -19.43 3.28 9.32
N GLY A 45 -19.12 4.57 9.47
CA GLY A 45 -18.94 5.14 10.80
C GLY A 45 -17.57 4.82 11.39
N LYS A 46 -16.65 4.36 10.55
CA LYS A 46 -15.30 4.03 11.00
C LYS A 46 -14.26 4.63 10.07
N GLN A 47 -13.03 4.77 10.57
CA GLN A 47 -11.95 5.34 9.78
C GLN A 47 -10.86 4.30 9.54
N ASN A 48 -10.29 4.32 8.34
CA ASN A 48 -9.23 3.38 7.98
C ASN A 48 -7.86 4.03 8.12
N LEU A 49 -6.90 3.26 8.62
CA LEU A 49 -5.55 3.75 8.81
C LEU A 49 -4.59 3.13 7.79
N VAL A 50 -3.63 3.93 7.32
CA VAL A 50 -2.66 3.46 6.34
C VAL A 50 -1.24 3.64 6.85
N ILE A 51 -0.34 2.76 6.40
CA ILE A 51 1.06 2.82 6.81
C ILE A 51 1.97 3.06 5.62
N MET A 52 2.70 4.16 5.66
CA MET A 52 3.62 4.52 4.58
C MET A 52 5.04 4.73 5.11
N GLY A 53 6.01 4.73 4.20
CA GLY A 53 7.39 4.92 4.61
C GLY A 53 7.82 6.37 4.52
N LYS A 54 8.99 6.67 5.08
CA LYS A 54 9.52 8.04 5.06
C LYS A 54 9.70 8.53 3.63
N LYS A 55 10.13 7.62 2.75
CA LYS A 55 10.36 7.97 1.35
C LYS A 55 9.05 8.29 0.66
N THR A 56 8.05 7.43 0.85
CA THR A 56 6.74 7.62 0.24
C THR A 56 6.12 8.94 0.70
N TRP A 57 6.18 9.19 2.00
CA TRP A 57 5.62 10.41 2.57
C TRP A 57 6.25 11.65 1.96
N PHE A 58 7.57 11.60 1.77
CA PHE A 58 8.30 12.72 1.19
C PHE A 58 8.07 12.80 -0.32
N SER A 59 7.61 11.70 -0.92
CA SER A 59 7.35 11.65 -2.35
C SER A 59 5.99 12.26 -2.69
N ILE A 60 5.06 12.17 -1.74
CA ILE A 60 3.72 12.71 -1.94
C ILE A 60 3.73 14.24 -1.93
N PRO A 61 3.05 14.87 -2.91
CA PRO A 61 2.99 16.33 -3.00
C PRO A 61 2.00 16.94 -2.01
N GLU A 62 2.18 18.22 -1.74
CA GLU A 62 1.30 18.93 -0.81
C GLU A 62 -0.14 18.94 -1.30
N LYS A 63 -0.31 18.81 -2.61
CA LYS A 63 -1.65 18.80 -3.21
C LYS A 63 -2.52 17.73 -2.58
N ASN A 64 -1.92 16.61 -2.20
CA ASN A 64 -2.64 15.51 -1.59
C ASN A 64 -2.32 15.41 -0.10
N ARG A 65 -1.11 15.82 0.27
CA ARG A 65 -0.68 15.78 1.66
C ARG A 65 -1.22 16.98 2.43
N PRO A 66 -1.71 16.77 3.67
CA PRO A 66 -1.95 15.43 4.22
C PRO A 66 -3.10 14.72 3.52
N LEU A 67 -2.98 13.40 3.37
CA LEU A 67 -4.02 12.61 2.72
C LEU A 67 -5.24 12.46 3.62
N LYS A 68 -6.21 13.34 3.44
CA LYS A 68 -7.43 13.31 4.24
C LYS A 68 -8.28 12.08 3.90
N GLY A 69 -9.20 11.75 4.78
CA GLY A 69 -10.06 10.59 4.56
C GLY A 69 -9.55 9.34 5.24
N ARG A 70 -8.24 9.27 5.44
CA ARG A 70 -7.63 8.11 6.08
C ARG A 70 -6.44 8.53 6.93
N ILE A 71 -6.19 7.80 8.02
CA ILE A 71 -5.09 8.10 8.91
C ILE A 71 -3.75 7.70 8.28
N ASN A 72 -2.89 8.69 8.06
CA ASN A 72 -1.58 8.44 7.47
C ASN A 72 -0.54 8.23 8.54
N LEU A 73 0.20 7.13 8.43
CA LEU A 73 1.25 6.81 9.40
C LEU A 73 2.58 6.59 8.70
N VAL A 74 3.62 7.26 9.19
CA VAL A 74 4.96 7.13 8.61
C VAL A 74 5.88 6.29 9.49
N LEU A 75 6.70 5.47 8.86
CA LEU A 75 7.63 4.61 9.60
C LEU A 75 9.05 5.14 9.47
N SER A 76 9.64 5.49 10.62
CA SER A 76 11.00 6.01 10.65
C SER A 76 11.70 5.63 11.95
N ARG A 77 12.95 5.19 11.84
CA ARG A 77 13.73 4.79 13.00
C ARG A 77 14.71 5.90 13.42
N GLU A 78 15.13 6.71 12.45
CA GLU A 78 16.05 7.79 12.70
C GLU A 78 15.32 9.04 13.21
N LEU A 79 14.13 9.27 12.66
CA LEU A 79 13.32 10.43 13.06
C LEU A 79 12.72 10.22 14.44
N LYS A 80 12.59 11.31 15.19
CA LYS A 80 12.02 11.26 16.54
C LYS A 80 10.57 11.72 16.54
N GLU A 81 10.29 12.78 15.78
CA GLU A 81 8.95 13.33 15.70
C GLU A 81 8.31 12.99 14.35
N PRO A 82 6.97 12.89 14.31
CA PRO A 82 6.23 12.57 13.08
C PRO A 82 6.29 13.71 12.06
N PRO A 83 6.50 13.39 10.77
CA PRO A 83 6.57 14.40 9.71
C PRO A 83 5.34 15.30 9.69
N GLN A 84 5.51 16.52 9.18
CA GLN A 84 4.42 17.47 9.10
C GLN A 84 3.28 16.92 8.24
N GLY A 85 2.08 16.86 8.82
CA GLY A 85 0.93 16.35 8.09
C GLY A 85 0.60 14.92 8.45
N ALA A 86 1.59 14.19 8.97
CA ALA A 86 1.39 12.79 9.35
C ALA A 86 0.56 12.69 10.62
N HIS A 87 -0.31 11.69 10.67
CA HIS A 87 -1.17 11.48 11.84
C HIS A 87 -0.37 10.88 12.99
N PHE A 88 0.51 9.93 12.67
CA PHE A 88 1.33 9.27 13.68
C PHE A 88 2.62 8.73 13.07
N LEU A 89 3.61 8.49 13.92
CA LEU A 89 4.90 7.97 13.47
C LEU A 89 5.33 6.78 14.31
N SER A 90 5.80 5.73 13.64
CA SER A 90 6.24 4.52 14.33
C SER A 90 7.65 4.14 13.90
N ARG A 91 8.40 3.51 14.80
CA ARG A 91 9.76 3.09 14.50
C ARG A 91 9.77 1.70 13.88
N SER A 92 8.82 0.86 14.26
CA SER A 92 8.72 -0.49 13.72
C SER A 92 7.26 -0.90 13.54
N LEU A 93 7.03 -1.90 12.69
CA LEU A 93 5.68 -2.38 12.43
C LEU A 93 5.04 -2.93 13.69
N ASP A 94 5.86 -3.50 14.57
CA ASP A 94 5.38 -4.06 15.82
C ASP A 94 4.69 -3.01 16.67
N ASP A 95 5.30 -1.83 16.75
CA ASP A 95 4.74 -0.73 17.52
C ASP A 95 3.48 -0.18 16.86
N ALA A 96 3.57 0.08 15.56
CA ALA A 96 2.44 0.61 14.82
C ALA A 96 1.27 -0.36 14.84
N LEU A 97 1.57 -1.65 14.73
CA LEU A 97 0.54 -2.69 14.74
C LEU A 97 -0.12 -2.77 16.11
N LYS A 98 0.66 -2.56 17.17
CA LYS A 98 0.14 -2.62 18.52
C LYS A 98 -0.87 -1.50 18.76
N LEU A 99 -0.58 -0.31 18.24
CA LEU A 99 -1.46 0.84 18.39
C LEU A 99 -2.78 0.61 17.66
N THR A 100 -2.68 0.09 16.43
CA THR A 100 -3.86 -0.17 15.62
C THR A 100 -4.66 -1.33 16.20
N GLU A 101 -3.99 -2.23 16.91
CA GLU A 101 -4.64 -3.38 17.51
C GLU A 101 -5.22 -3.04 18.88
N GLN A 102 -4.70 -1.98 19.49
CA GLN A 102 -5.18 -1.54 20.80
C GLN A 102 -6.64 -1.10 20.73
N PRO A 103 -7.43 -1.39 21.79
CA PRO A 103 -8.84 -1.02 21.84
C PRO A 103 -9.05 0.50 21.85
N GLU A 104 -8.07 1.21 22.39
CA GLU A 104 -8.13 2.67 22.46
C GLU A 104 -8.21 3.27 21.06
N LEU A 105 -7.50 2.66 20.12
CA LEU A 105 -7.49 3.14 18.74
C LEU A 105 -8.38 2.28 17.85
N ALA A 106 -8.58 1.03 18.26
CA ALA A 106 -9.42 0.10 17.50
C ALA A 106 -10.82 0.67 17.28
N ASN A 107 -11.24 1.55 18.18
CA ASN A 107 -12.56 2.18 18.08
C ASN A 107 -12.61 3.18 16.93
N LYS A 108 -11.47 3.79 16.64
CA LYS A 108 -11.37 4.77 15.56
C LYS A 108 -10.85 4.13 14.29
N VAL A 109 -10.02 3.09 14.45
CA VAL A 109 -9.45 2.39 13.30
C VAL A 109 -10.08 1.01 13.13
N ASP A 110 -10.30 0.62 11.89
CA ASP A 110 -10.90 -0.68 11.58
C ASP A 110 -9.93 -1.55 10.80
N MET A 111 -9.59 -1.12 9.58
CA MET A 111 -8.67 -1.87 8.73
C MET A 111 -7.38 -1.09 8.51
N VAL A 112 -6.31 -1.82 8.23
CA VAL A 112 -5.01 -1.20 7.99
C VAL A 112 -4.51 -1.48 6.57
N TRP A 113 -4.23 -0.42 5.82
CA TRP A 113 -3.76 -0.55 4.45
C TRP A 113 -2.31 -0.10 4.33
N ILE A 114 -1.45 -1.01 3.88
CA ILE A 114 -0.03 -0.71 3.71
C ILE A 114 0.23 -0.11 2.34
N VAL A 115 0.81 1.09 2.33
CA VAL A 115 1.12 1.78 1.08
C VAL A 115 2.55 1.50 0.63
N GLY A 116 3.51 2.01 1.40
CA GLY A 116 4.91 1.81 1.07
C GLY A 116 5.83 2.00 2.27
N GLY A 117 7.13 1.73 2.10
CA GLY A 117 7.66 1.30 0.82
C GLY A 117 7.79 -0.22 0.73
N SER A 118 8.78 -0.68 -0.03
CA SER A 118 9.01 -2.11 -0.18
C SER A 118 9.41 -2.75 1.15
N SER A 119 10.14 -1.99 1.96
CA SER A 119 10.58 -2.48 3.26
C SER A 119 9.39 -2.87 4.13
N VAL A 120 8.38 -2.01 4.15
CA VAL A 120 7.18 -2.27 4.94
C VAL A 120 6.39 -3.43 4.36
N TYR A 121 6.37 -3.52 3.04
CA TYR A 121 5.65 -4.60 2.36
C TYR A 121 6.25 -5.96 2.71
N LYS A 122 7.57 -6.00 2.79
CA LYS A 122 8.27 -7.25 3.12
C LYS A 122 8.01 -7.66 4.55
N GLU A 123 8.03 -6.68 5.46
CA GLU A 123 7.79 -6.95 6.88
C GLU A 123 6.43 -7.59 7.09
N ALA A 124 5.41 -7.02 6.46
CA ALA A 124 4.05 -7.54 6.58
C ALA A 124 3.91 -8.88 5.86
N MET A 125 4.71 -9.07 4.81
CA MET A 125 4.67 -10.31 4.04
C MET A 125 5.00 -11.52 4.91
N ASN A 126 5.65 -11.28 6.05
CA ASN A 126 6.02 -12.35 6.96
C ASN A 126 4.97 -12.55 8.04
N HIS A 127 3.75 -12.09 7.78
CA HIS A 127 2.66 -12.23 8.75
C HIS A 127 1.86 -13.51 8.48
N PRO A 128 1.68 -14.35 9.52
CA PRO A 128 0.92 -15.61 9.39
C PRO A 128 -0.58 -15.38 9.33
N GLY A 129 -1.05 -14.41 10.10
CA GLY A 129 -2.48 -14.12 10.12
C GLY A 129 -3.02 -13.75 8.76
N HIS A 130 -4.35 -13.66 8.66
CA HIS A 130 -5.00 -13.33 7.40
C HIS A 130 -4.56 -11.94 6.91
N LEU A 131 -4.10 -11.88 5.67
CA LEU A 131 -3.66 -10.62 5.08
C LEU A 131 -3.95 -10.57 3.59
N LYS A 132 -4.35 -9.40 3.11
CA LYS A 132 -4.66 -9.23 1.68
C LYS A 132 -3.50 -8.56 0.96
N LEU A 133 -3.01 -9.23 -0.08
CA LEU A 133 -1.90 -8.71 -0.87
C LEU A 133 -2.37 -8.27 -2.26
N PHE A 134 -2.30 -6.96 -2.52
CA PHE A 134 -2.71 -6.42 -3.81
C PHE A 134 -1.51 -5.95 -4.61
N VAL A 135 -1.28 -6.58 -5.76
CA VAL A 135 -0.16 -6.23 -6.62
C VAL A 135 -0.63 -5.83 -8.01
N THR A 136 -0.14 -4.71 -8.50
CA THR A 136 -0.51 -4.22 -9.83
C THR A 136 0.65 -4.40 -10.82
N ARG A 137 0.39 -5.15 -11.89
CA ARG A 137 1.41 -5.40 -12.90
C ARG A 137 1.29 -4.40 -14.05
N ILE A 138 2.40 -3.74 -14.37
CA ILE A 138 2.43 -2.76 -15.44
C ILE A 138 3.07 -3.33 -16.70
N MET A 139 2.26 -3.54 -17.72
CA MET A 139 2.75 -4.08 -18.99
C MET A 139 3.56 -3.05 -19.76
N GLN A 140 4.82 -2.88 -19.37
CA GLN A 140 5.70 -1.92 -20.02
C GLN A 140 7.14 -2.10 -19.56
N ASP A 141 8.05 -2.24 -20.53
CA ASP A 141 9.47 -2.44 -20.23
C ASP A 141 10.07 -1.16 -19.65
N PHE A 142 10.72 -1.29 -18.50
CA PHE A 142 11.35 -0.15 -17.84
C PHE A 142 12.54 -0.60 -17.00
N GLU A 143 13.43 0.35 -16.68
CA GLU A 143 14.60 0.05 -15.87
C GLU A 143 14.35 0.37 -14.40
N SER A 144 14.61 -0.60 -13.54
CA SER A 144 14.41 -0.41 -12.11
C SER A 144 15.63 -0.92 -11.33
N ASP A 145 15.90 -0.28 -10.20
CA ASP A 145 17.03 -0.65 -9.35
C ASP A 145 16.59 -1.60 -8.24
N THR A 146 15.38 -1.38 -7.73
CA THR A 146 14.85 -2.20 -6.65
C THR A 146 13.82 -3.19 -7.19
N PHE A 147 14.07 -4.48 -7.00
CA PHE A 147 13.17 -5.52 -7.46
C PHE A 147 12.28 -6.01 -6.33
N PHE A 148 11.07 -6.44 -6.68
CA PHE A 148 10.12 -6.94 -5.69
C PHE A 148 10.17 -8.46 -5.61
N PRO A 149 10.22 -9.02 -4.38
CA PRO A 149 10.27 -10.48 -4.18
C PRO A 149 9.12 -11.19 -4.86
N GLU A 150 9.35 -12.44 -5.26
CA GLU A 150 8.34 -13.23 -5.93
C GLU A 150 7.32 -13.77 -4.92
N ILE A 151 6.04 -13.62 -5.25
CA ILE A 151 4.96 -14.07 -4.38
C ILE A 151 4.78 -15.58 -4.49
N ASP A 152 4.52 -16.24 -3.36
CA ASP A 152 4.32 -17.68 -3.33
C ASP A 152 2.84 -18.02 -3.40
N LEU A 153 2.48 -18.90 -4.32
CA LEU A 153 1.10 -19.32 -4.49
C LEU A 153 0.70 -20.36 -3.43
N GLU A 154 1.68 -21.08 -2.92
CA GLU A 154 1.43 -22.09 -1.90
C GLU A 154 0.92 -21.47 -0.61
N LYS A 155 1.33 -20.23 -0.36
CA LYS A 155 0.90 -19.51 0.83
C LYS A 155 -0.16 -18.47 0.51
N TYR A 156 -0.05 -17.88 -0.68
CA TYR A 156 -1.00 -16.86 -1.12
C TYR A 156 -1.87 -17.38 -2.25
N LYS A 157 -3.12 -16.94 -2.29
CA LYS A 157 -4.05 -17.36 -3.33
C LYS A 157 -4.12 -16.33 -4.45
N LEU A 158 -4.26 -16.82 -5.69
CA LEU A 158 -4.32 -15.94 -6.84
C LEU A 158 -5.77 -15.54 -7.13
N LEU A 159 -6.07 -14.26 -6.97
CA LEU A 159 -7.42 -13.75 -7.21
C LEU A 159 -7.41 -12.72 -8.35
N PRO A 160 -7.65 -13.17 -9.59
CA PRO A 160 -7.66 -12.27 -10.75
C PRO A 160 -8.85 -11.32 -10.74
N GLU A 161 -10.04 -11.86 -10.47
CA GLU A 161 -11.25 -11.06 -10.43
C GLU A 161 -11.87 -11.10 -9.03
N TYR A 162 -11.81 -9.97 -8.33
CA TYR A 162 -12.38 -9.88 -6.99
C TYR A 162 -13.41 -8.75 -6.90
N PRO A 163 -14.55 -8.99 -6.24
CA PRO A 163 -15.61 -7.99 -6.10
C PRO A 163 -15.10 -6.68 -5.51
N GLY A 164 -15.54 -5.56 -6.06
CA GLY A 164 -15.11 -4.27 -5.57
C GLY A 164 -13.94 -3.71 -6.36
N VAL A 165 -13.04 -4.58 -6.79
CA VAL A 165 -11.87 -4.16 -7.55
C VAL A 165 -12.03 -4.52 -9.03
N LEU A 166 -11.65 -3.59 -9.89
CA LEU A 166 -11.75 -3.81 -11.34
C LEU A 166 -10.54 -4.58 -11.85
N SER A 167 -10.80 -5.65 -12.60
CA SER A 167 -9.74 -6.48 -13.15
C SER A 167 -9.49 -6.16 -14.63
N ASP A 168 -10.19 -5.16 -15.16
CA ASP A 168 -10.04 -4.76 -16.55
C ASP A 168 -8.70 -4.08 -16.77
N VAL A 169 -8.04 -4.41 -17.88
CA VAL A 169 -6.75 -3.82 -18.21
C VAL A 169 -6.90 -2.37 -18.64
N GLN A 170 -6.30 -1.47 -17.86
CA GLN A 170 -6.36 -0.04 -18.15
C GLN A 170 -5.17 0.40 -19.00
N GLU A 171 -5.39 1.42 -19.83
CA GLU A 171 -4.33 1.93 -20.69
C GLU A 171 -4.28 3.45 -20.64
N GLU A 172 -3.10 3.99 -20.37
CA GLU A 172 -2.92 5.44 -20.30
C GLU A 172 -1.57 5.85 -20.88
N LYS A 173 -1.60 6.78 -21.82
CA LYS A 173 -0.38 7.26 -22.46
C LYS A 173 0.37 6.11 -23.13
N GLY A 174 -0.37 5.15 -23.66
CA GLY A 174 0.25 4.01 -24.31
C GLY A 174 0.81 3.01 -23.33
N ILE A 175 0.38 3.10 -22.07
CA ILE A 175 0.85 2.18 -21.04
C ILE A 175 -0.30 1.34 -20.49
N LYS A 176 -0.24 0.04 -20.73
CA LYS A 176 -1.28 -0.87 -20.26
C LYS A 176 -0.85 -1.58 -18.98
N TYR A 177 -1.80 -1.82 -18.10
CA TYR A 177 -1.52 -2.49 -16.83
C TYR A 177 -2.78 -3.19 -16.30
N LYS A 178 -2.57 -4.23 -15.50
CA LYS A 178 -3.69 -4.99 -14.93
C LYS A 178 -3.55 -5.08 -13.41
N PHE A 179 -4.68 -5.23 -12.73
CA PHE A 179 -4.69 -5.35 -11.28
C PHE A 179 -4.83 -6.80 -10.85
N GLU A 180 -4.04 -7.21 -9.86
CA GLU A 180 -4.08 -8.57 -9.35
C GLU A 180 -4.27 -8.59 -7.84
N VAL A 181 -5.19 -9.43 -7.37
CA VAL A 181 -5.45 -9.54 -5.94
C VAL A 181 -4.97 -10.88 -5.39
N TYR A 182 -4.29 -10.84 -4.24
CA TYR A 182 -3.77 -12.04 -3.62
C TYR A 182 -4.21 -12.12 -2.16
N GLU A 183 -4.60 -13.32 -1.73
CA GLU A 183 -5.05 -13.53 -0.36
C GLU A 183 -4.09 -14.46 0.38
N LYS A 184 -3.93 -14.23 1.68
CA LYS A 184 -3.05 -15.04 2.50
C LYS A 184 -3.84 -16.05 3.32
N ASN A 185 -3.48 -17.32 3.19
CA ASN A 185 -4.17 -18.38 3.93
C ASN A 185 -3.79 -18.35 5.41
N ASP A 186 -4.76 -18.65 6.27
CA ASP A 186 -4.53 -18.66 7.71
C ASP A 186 -4.33 -20.08 8.22
PA NDP B . 12.06 1.99 0.89
O1A NDP B . 13.20 1.48 1.68
O2A NDP B . 11.17 1.01 0.25
O5B NDP B . 11.23 3.09 1.70
C5B NDP B . 10.38 2.71 2.80
C4B NDP B . 10.75 3.50 4.04
O4B NDP B . 9.82 3.17 5.11
C3B NDP B . 12.12 3.22 4.62
O3B NDP B . 13.12 4.02 3.96
C2B NDP B . 11.94 3.64 6.07
O2B NDP B . 12.05 5.04 6.28
C1B NDP B . 10.51 3.17 6.34
N9A NDP B . 10.44 1.83 6.91
C8A NDP B . 10.08 0.66 6.29
N7A NDP B . 10.11 -0.39 7.06
C5A NDP B . 10.51 0.11 8.29
C6A NDP B . 10.74 -0.50 9.54
N6A NDP B . 10.59 -1.80 9.76
N1A NDP B . 11.14 0.29 10.56
C2A NDP B . 11.30 1.60 10.34
N3A NDP B . 11.11 2.29 9.21
C4A NDP B . 10.72 1.48 8.22
O3 NDP B . 12.67 2.99 -0.28
PN NDP B . 13.04 2.82 -1.88
O1N NDP B . 14.24 3.64 -2.16
O2N NDP B . 13.12 1.39 -2.19
O5D NDP B . 11.73 3.48 -2.49
C5D NDP B . 10.82 2.71 -3.30
C4D NDP B . 10.51 3.43 -4.58
O4D NDP B . 9.67 2.60 -5.42
C3D NDP B . 9.74 4.73 -4.42
O3D NDP B . 10.62 5.83 -4.15
C2D NDP B . 9.09 4.88 -5.80
O2D NDP B . 9.95 5.43 -6.79
C1D NDP B . 8.75 3.42 -6.13
N1N NDP B . 7.40 3.02 -5.76
C2N NDP B . 6.41 2.55 -6.50
C3N NDP B . 5.22 2.21 -6.09
C7N NDP B . 4.44 1.75 -7.20
O7N NDP B . 3.29 1.42 -6.65
N7N NDP B . 4.75 1.62 -8.51
C4N NDP B . 4.91 2.38 -4.63
C5N NDP B . 5.94 2.89 -3.76
C6N NDP B . 7.21 3.24 -4.24
P2B NDP B . 13.41 5.99 6.14
O1X NDP B . 14.48 4.83 6.15
O2X NDP B . 13.24 6.50 4.70
O3X NDP B . 13.41 6.68 7.49
H51A NDP B . 10.51 1.64 3.00
H52A NDP B . 9.34 2.90 2.53
H4B NDP B . 10.70 4.57 3.84
H3B NDP B . 12.39 2.17 4.54
HO3A NDP B . 13.96 3.91 4.41
H2B NDP B . 12.66 3.14 6.73
H1B NDP B . 10.00 3.83 7.05
H8A NDP B . 9.80 0.62 5.23
H61A NDP B . 10.76 -2.18 10.69
H62A NDP B . 10.33 -2.42 9.00
H2A NDP B . 11.62 2.20 11.20
H51N NDP B . 11.27 1.74 -3.53
H52N NDP B . 9.89 2.54 -2.74
H4D NDP B . 11.43 3.68 -5.12
H3D NDP B . 8.97 4.66 -3.65
HO3N NDP B . 11.33 5.53 -3.60
H2D NDP B . 8.18 5.49 -5.77
HO2N NDP B . 10.01 4.83 -7.53
H1D NDP B . 8.83 3.22 -7.20
H2N NDP B . 6.62 2.43 -7.56
H71N NDP B . 4.06 1.26 -9.16
H72N NDP B . 5.67 1.86 -8.84
H41N NDP B . 4.07 3.06 -4.56
H42N NDP B . 4.65 1.39 -4.26
H5N NDP B . 5.72 3.01 -2.70
H6N NDP B . 7.98 3.63 -3.59
N1 TRR C . 0.76 2.83 -6.38
C2 TRR C . 0.34 1.62 -5.87
N2 TRR C . -0.35 0.73 -6.66
N3 TRR C . 0.61 1.30 -4.55
C4 TRR C . 1.30 2.19 -3.75
N4 TRR C . 1.56 1.85 -2.44
C5 TRR C . 1.71 3.40 -4.26
C6 TRR C . 1.44 3.72 -5.59
C7 TRR C . 2.47 4.38 -3.39
C11 TRR C . 2.27 5.81 -3.80
C12 TRR C . 3.21 6.43 -4.63
C13 TRR C . 3.02 7.77 -5.01
C14 TRR C . 1.90 8.47 -4.57
C15 TRR C . 0.97 7.85 -3.74
C16 TRR C . 1.16 6.52 -3.35
O13 TRR C . 3.95 8.39 -5.84
O14 TRR C . 1.72 9.79 -4.95
O15 TRR C . -0.13 8.57 -3.29
C17 TRR C . 5.07 7.67 -6.29
C18 TRR C . 1.66 10.75 -3.94
C19 TRR C . -1.07 7.94 -2.45
H1 TRR C . 0.56 3.05 -7.32
H21 TRR C . -0.54 0.96 -7.60
H22 TRR C . -0.65 -0.13 -6.30
H41 TRR C . 1.25 0.98 -2.07
H42 TRR C . 2.05 2.47 -1.85
H6 TRR C . 1.78 4.68 -6.00
H71 TRR C . 3.53 4.14 -3.42
H72 TRR C . 2.13 4.27 -2.37
H12 TRR C . 4.08 5.87 -4.99
H16 TRR C . 0.43 6.02 -2.69
H171 TRR C . 5.58 8.20 -7.11
H172 TRR C . 4.78 6.69 -6.66
H173 TRR C . 5.80 7.53 -5.50
H181 TRR C . 0.71 10.71 -3.40
H182 TRR C . 1.76 11.76 -4.34
H183 TRR C . 2.45 10.62 -3.20
H191 TRR C . -1.75 8.66 -1.99
H192 TRR C . -0.58 7.39 -1.65
H193 TRR C . -1.68 7.22 -3.01
N VAL A 1 -12.00 -4.86 12.72
CA VAL A 1 -10.63 -4.88 13.30
C VAL A 1 -9.94 -6.21 13.02
N GLY A 2 -8.62 -6.17 12.92
CA GLY A 2 -7.86 -7.38 12.67
C GLY A 2 -7.78 -7.72 11.19
N SER A 3 -7.88 -6.70 10.35
CA SER A 3 -7.81 -6.89 8.91
C SER A 3 -6.66 -6.10 8.30
N LEU A 4 -5.64 -6.81 7.84
CA LEU A 4 -4.48 -6.17 7.24
C LEU A 4 -4.58 -6.17 5.72
N ASN A 5 -4.66 -4.97 5.14
CA ASN A 5 -4.77 -4.84 3.69
C ASN A 5 -3.50 -4.25 3.11
N CYS A 6 -3.07 -4.79 1.96
CA CYS A 6 -1.86 -4.31 1.30
C CYS A 6 -2.05 -4.24 -0.20
N ILE A 7 -1.56 -3.16 -0.81
CA ILE A 7 -1.70 -2.97 -2.25
C ILE A 7 -0.52 -2.16 -2.81
N VAL A 8 0.13 -2.69 -3.83
CA VAL A 8 1.26 -2.03 -4.45
C VAL A 8 1.37 -2.38 -5.92
N ALA A 9 1.98 -1.49 -6.70
CA ALA A 9 2.14 -1.71 -8.13
C ALA A 9 3.54 -2.19 -8.47
N VAL A 10 3.67 -2.92 -9.58
CA VAL A 10 4.97 -3.43 -10.00
C VAL A 10 5.07 -3.44 -11.54
N SER A 11 6.28 -3.25 -12.04
CA SER A 11 6.50 -3.25 -13.48
C SER A 11 6.54 -4.67 -14.03
N GLN A 12 6.40 -4.79 -15.35
CA GLN A 12 6.41 -6.09 -16.00
C GLN A 12 7.73 -6.83 -15.75
N ASN A 13 8.77 -6.06 -15.41
CA ASN A 13 10.08 -6.64 -15.14
C ASN A 13 10.28 -6.86 -13.64
N MET A 14 9.19 -6.99 -12.90
CA MET A 14 9.24 -7.20 -11.46
C MET A 14 9.89 -6.01 -10.77
N GLY A 15 9.72 -4.83 -11.34
CA GLY A 15 10.29 -3.63 -10.77
C GLY A 15 9.32 -2.90 -9.87
N ILE A 16 9.84 -2.07 -8.97
CA ILE A 16 9.00 -1.31 -8.04
C ILE A 16 9.27 0.19 -8.15
N GLY A 17 10.54 0.55 -8.30
CA GLY A 17 10.91 1.95 -8.40
C GLY A 17 12.40 2.16 -8.49
N LYS A 18 12.81 3.18 -9.23
CA LYS A 18 14.23 3.50 -9.40
C LYS A 18 14.57 4.82 -8.73
N ASN A 19 15.58 4.79 -7.85
CA ASN A 19 16.00 5.99 -7.14
C ASN A 19 14.87 6.53 -6.26
N GLY A 20 14.00 5.64 -5.81
CA GLY A 20 12.89 6.04 -4.96
C GLY A 20 11.73 6.63 -5.75
N ASP A 21 11.68 6.32 -7.04
CA ASP A 21 10.62 6.82 -7.90
C ASP A 21 10.01 5.70 -8.75
N LEU A 22 8.74 5.84 -9.08
CA LEU A 22 8.05 4.84 -9.89
C LEU A 22 8.62 4.81 -11.32
N PRO A 23 8.75 3.61 -11.91
CA PRO A 23 9.28 3.46 -13.27
C PRO A 23 8.47 4.25 -14.30
N TRP A 24 7.16 4.29 -14.11
CA TRP A 24 6.27 5.00 -15.01
C TRP A 24 5.85 6.35 -14.43
N PRO A 25 5.52 7.33 -15.29
CA PRO A 25 5.09 8.66 -14.85
C PRO A 25 3.77 8.63 -14.09
N PRO A 26 3.36 9.77 -13.50
CA PRO A 26 2.11 9.86 -12.75
C PRO A 26 0.90 9.45 -13.59
N LEU A 27 0.21 8.41 -13.16
CA LEU A 27 -0.97 7.91 -13.86
C LEU A 27 -2.25 8.40 -13.20
N ARG A 28 -2.99 9.24 -13.92
CA ARG A 28 -4.25 9.78 -13.40
C ARG A 28 -5.24 8.67 -13.09
N ASN A 29 -5.19 7.61 -13.88
CA ASN A 29 -6.09 6.47 -13.70
C ASN A 29 -5.67 5.65 -12.48
N GLU A 30 -4.37 5.42 -12.34
CA GLU A 30 -3.85 4.64 -11.22
C GLU A 30 -3.95 5.43 -9.92
N PHE A 31 -3.59 6.70 -9.98
CA PHE A 31 -3.64 7.58 -8.81
C PHE A 31 -5.07 7.70 -8.28
N ARG A 32 -6.01 7.94 -9.19
CA ARG A 32 -7.41 8.08 -8.82
C ARG A 32 -7.99 6.74 -8.35
N TYR A 33 -7.64 5.68 -9.07
CA TYR A 33 -8.11 4.34 -8.72
C TYR A 33 -7.66 3.95 -7.32
N PHE A 34 -6.46 4.37 -6.95
CA PHE A 34 -5.90 4.07 -5.63
C PHE A 34 -6.61 4.88 -4.55
N GLN A 35 -6.89 6.15 -4.84
CA GLN A 35 -7.55 7.03 -3.89
C GLN A 35 -9.02 6.66 -3.73
N ARG A 36 -9.71 6.48 -4.85
CA ARG A 36 -11.13 6.12 -4.83
C ARG A 36 -11.34 4.80 -4.10
N MET A 37 -10.45 3.85 -4.33
CA MET A 37 -10.56 2.54 -3.69
C MET A 37 -10.36 2.64 -2.19
N THR A 38 -9.35 3.40 -1.78
CA THR A 38 -9.04 3.59 -0.37
C THR A 38 -10.13 4.41 0.32
N THR A 39 -10.53 5.50 -0.32
CA THR A 39 -11.56 6.38 0.24
C THR A 39 -12.87 5.62 0.44
N THR A 40 -13.21 4.76 -0.51
CA THR A 40 -14.43 3.97 -0.42
C THR A 40 -14.35 2.96 0.71
N SER A 41 -14.96 3.30 1.85
CA SER A 41 -14.96 2.42 3.00
C SER A 41 -16.31 1.72 3.15
N SER A 42 -16.27 0.50 3.67
CA SER A 42 -17.49 -0.28 3.86
C SER A 42 -18.11 0.01 5.22
N VAL A 43 -17.28 0.32 6.20
CA VAL A 43 -17.76 0.62 7.54
C VAL A 43 -17.91 2.12 7.74
N GLU A 44 -19.13 2.56 8.01
CA GLU A 44 -19.41 3.98 8.23
C GLU A 44 -19.14 4.38 9.67
N GLY A 45 -18.62 5.58 9.86
CA GLY A 45 -18.31 6.06 11.20
C GLY A 45 -16.93 5.68 11.66
N LYS A 46 -16.26 4.82 10.90
CA LYS A 46 -14.90 4.38 11.24
C LYS A 46 -13.88 4.98 10.29
N GLN A 47 -12.63 5.01 10.73
CA GLN A 47 -11.55 5.57 9.91
C GLN A 47 -10.51 4.49 9.58
N ASN A 48 -9.95 4.58 8.37
CA ASN A 48 -8.95 3.61 7.93
C ASN A 48 -7.54 4.18 8.11
N LEU A 49 -6.62 3.33 8.54
CA LEU A 49 -5.23 3.74 8.75
C LEU A 49 -4.33 3.18 7.65
N VAL A 50 -3.48 4.03 7.10
CA VAL A 50 -2.55 3.62 6.05
C VAL A 50 -1.11 3.74 6.51
N ILE A 51 -0.27 2.82 6.03
CA ILE A 51 1.14 2.81 6.40
C ILE A 51 2.02 3.23 5.22
N MET A 52 2.81 4.28 5.41
CA MET A 52 3.69 4.78 4.37
C MET A 52 5.13 4.89 4.87
N GLY A 53 6.08 4.64 3.97
CA GLY A 53 7.48 4.71 4.34
C GLY A 53 8.01 6.13 4.33
N LYS A 54 9.22 6.32 4.85
CA LYS A 54 9.84 7.63 4.89
C LYS A 54 10.00 8.20 3.49
N LYS A 55 10.53 7.40 2.59
CA LYS A 55 10.73 7.82 1.20
C LYS A 55 9.40 8.09 0.51
N THR A 56 8.44 7.20 0.74
CA THR A 56 7.12 7.34 0.13
C THR A 56 6.45 8.63 0.57
N TRP A 57 6.54 8.92 1.87
CA TRP A 57 5.94 10.14 2.43
C TRP A 57 6.52 11.37 1.75
N PHE A 58 7.84 11.41 1.62
CA PHE A 58 8.53 12.54 0.98
C PHE A 58 8.26 12.57 -0.52
N SER A 59 7.84 11.44 -1.07
CA SER A 59 7.55 11.35 -2.50
C SER A 59 6.16 11.90 -2.82
N ILE A 60 5.26 11.81 -1.84
CA ILE A 60 3.90 12.30 -2.03
C ILE A 60 3.86 13.82 -2.08
N PRO A 61 3.29 14.40 -3.15
CA PRO A 61 3.20 15.86 -3.30
C PRO A 61 2.54 16.53 -2.11
N GLU A 62 2.79 17.83 -1.95
CA GLU A 62 2.23 18.59 -0.84
C GLU A 62 0.74 18.87 -1.07
N LYS A 63 0.36 18.99 -2.35
CA LYS A 63 -1.03 19.25 -2.70
C LYS A 63 -1.95 18.15 -2.18
N ASN A 64 -1.45 16.92 -2.19
CA ASN A 64 -2.22 15.78 -1.71
C ASN A 64 -1.75 15.34 -0.33
N ARG A 65 -1.38 16.32 0.49
CA ARG A 65 -0.91 16.03 1.85
C ARG A 65 -1.47 17.06 2.84
N PRO A 66 -1.89 16.61 4.04
CA PRO A 66 -2.09 15.20 4.34
C PRO A 66 -3.30 14.61 3.62
N LEU A 67 -3.14 13.40 3.10
CA LEU A 67 -4.22 12.73 2.38
C LEU A 67 -5.41 12.49 3.30
N LYS A 68 -6.36 13.42 3.27
CA LYS A 68 -7.55 13.31 4.11
C LYS A 68 -8.32 12.04 3.79
N GLY A 69 -9.28 11.70 4.65
CA GLY A 69 -10.07 10.50 4.44
C GLY A 69 -9.54 9.31 5.22
N ARG A 70 -8.23 9.31 5.47
CA ARG A 70 -7.61 8.21 6.21
C ARG A 70 -6.40 8.73 7.00
N ILE A 71 -6.10 8.04 8.10
CA ILE A 71 -4.97 8.43 8.95
C ILE A 71 -3.65 8.07 8.29
N ASN A 72 -2.76 9.04 8.19
CA ASN A 72 -1.45 8.84 7.58
C ASN A 72 -0.41 8.47 8.63
N LEU A 73 0.15 7.28 8.52
CA LEU A 73 1.16 6.81 9.47
C LEU A 73 2.49 6.56 8.76
N VAL A 74 3.54 7.19 9.26
CA VAL A 74 4.88 7.03 8.67
C VAL A 74 5.77 6.16 9.55
N LEU A 75 6.54 5.28 8.92
CA LEU A 75 7.43 4.39 9.64
C LEU A 75 8.88 4.84 9.51
N SER A 76 9.49 5.21 10.64
CA SER A 76 10.87 5.67 10.64
C SER A 76 11.48 5.54 12.03
N ARG A 77 12.49 4.69 12.17
CA ARG A 77 13.15 4.47 13.45
C ARG A 77 14.21 5.55 13.69
N GLU A 78 14.82 6.04 12.61
CA GLU A 78 15.84 7.08 12.71
C GLU A 78 15.25 8.37 13.23
N LEU A 79 13.98 8.63 12.91
CA LEU A 79 13.32 9.84 13.34
C LEU A 79 12.59 9.62 14.67
N LYS A 80 12.59 10.64 15.51
CA LYS A 80 11.94 10.56 16.81
C LYS A 80 10.53 11.15 16.76
N GLU A 81 10.40 12.28 16.06
CA GLU A 81 9.11 12.95 15.93
C GLU A 81 8.50 12.68 14.56
N PRO A 82 7.15 12.70 14.47
CA PRO A 82 6.45 12.46 13.21
C PRO A 82 6.66 13.59 12.21
N PRO A 83 6.95 13.25 10.93
CA PRO A 83 7.17 14.25 9.88
C PRO A 83 6.01 15.24 9.78
N GLN A 84 6.31 16.43 9.28
CA GLN A 84 5.30 17.47 9.12
C GLN A 84 4.19 17.00 8.17
N GLY A 85 2.95 17.03 8.66
CA GLY A 85 1.83 16.61 7.84
C GLY A 85 1.36 15.21 8.19
N ALA A 86 2.23 14.41 8.78
CA ALA A 86 1.90 13.05 9.16
C ALA A 86 0.98 13.03 10.38
N HIS A 87 0.04 12.09 10.39
CA HIS A 87 -0.90 11.97 11.50
C HIS A 87 -0.25 11.28 12.70
N PHE A 88 0.53 10.24 12.41
CA PHE A 88 1.22 9.50 13.47
C PHE A 88 2.51 8.87 12.94
N LEU A 89 3.43 8.61 13.84
CA LEU A 89 4.72 8.01 13.48
C LEU A 89 5.04 6.83 14.38
N SER A 90 5.56 5.76 13.79
CA SER A 90 5.92 4.56 14.54
C SER A 90 7.40 4.22 14.36
N ARG A 91 8.02 3.71 15.41
CA ARG A 91 9.43 3.33 15.36
C ARG A 91 9.63 2.06 14.55
N SER A 92 8.77 1.08 14.79
CA SER A 92 8.85 -0.19 14.09
C SER A 92 7.46 -0.72 13.74
N LEU A 93 7.40 -1.76 12.92
CA LEU A 93 6.14 -2.35 12.52
C LEU A 93 5.37 -2.88 13.72
N ASP A 94 6.09 -3.41 14.70
CA ASP A 94 5.48 -3.95 15.91
C ASP A 94 4.78 -2.85 16.70
N ASP A 95 5.41 -1.67 16.75
CA ASP A 95 4.84 -0.54 17.48
C ASP A 95 3.55 -0.07 16.82
N ALA A 96 3.59 0.11 15.51
CA ALA A 96 2.43 0.57 14.75
C ALA A 96 1.31 -0.47 14.80
N LEU A 97 1.69 -1.74 14.84
CA LEU A 97 0.73 -2.83 14.89
C LEU A 97 0.04 -2.88 16.24
N LYS A 98 0.80 -2.65 17.31
CA LYS A 98 0.27 -2.68 18.66
C LYS A 98 -0.73 -1.54 18.87
N LEU A 99 -0.43 -0.38 18.32
CA LEU A 99 -1.31 0.78 18.44
C LEU A 99 -2.62 0.55 17.70
N THR A 100 -2.51 0.07 16.46
CA THR A 100 -3.69 -0.19 15.64
C THR A 100 -4.51 -1.33 16.22
N GLU A 101 -3.87 -2.21 16.98
CA GLU A 101 -4.55 -3.34 17.59
C GLU A 101 -5.15 -2.96 18.94
N GLN A 102 -4.60 -1.92 19.57
CA GLN A 102 -5.09 -1.45 20.86
C GLN A 102 -6.52 -0.93 20.74
N PRO A 103 -7.31 -1.04 21.82
CA PRO A 103 -8.69 -0.58 21.83
C PRO A 103 -8.80 0.95 21.79
N GLU A 104 -7.79 1.61 22.33
CA GLU A 104 -7.77 3.08 22.34
C GLU A 104 -7.81 3.64 20.93
N LEU A 105 -7.15 2.96 20.01
CA LEU A 105 -7.12 3.40 18.61
C LEU A 105 -8.11 2.59 17.77
N ALA A 106 -8.38 1.36 18.19
CA ALA A 106 -9.31 0.49 17.48
C ALA A 106 -10.68 1.16 17.30
N ASN A 107 -10.98 2.12 18.17
CA ASN A 107 -12.25 2.83 18.12
C ASN A 107 -12.29 3.77 16.90
N LYS A 108 -11.13 4.26 16.51
CA LYS A 108 -11.04 5.17 15.36
C LYS A 108 -10.49 4.44 14.14
N VAL A 109 -9.65 3.43 14.38
CA VAL A 109 -9.06 2.65 13.29
C VAL A 109 -9.68 1.25 13.23
N ASP A 110 -9.77 0.71 12.02
CA ASP A 110 -10.33 -0.63 11.83
C ASP A 110 -9.42 -1.49 10.95
N MET A 111 -9.26 -1.07 9.70
CA MET A 111 -8.42 -1.81 8.76
C MET A 111 -7.14 -1.03 8.47
N VAL A 112 -6.09 -1.76 8.07
CA VAL A 112 -4.81 -1.15 7.77
C VAL A 112 -4.48 -1.30 6.28
N TRP A 113 -3.90 -0.25 5.69
CA TRP A 113 -3.55 -0.27 4.28
C TRP A 113 -2.07 0.03 4.09
N ILE A 114 -1.38 -0.85 3.36
CA ILE A 114 0.05 -0.67 3.11
C ILE A 114 0.29 -0.15 1.70
N VAL A 115 1.06 0.93 1.60
CA VAL A 115 1.36 1.54 0.30
C VAL A 115 2.82 1.39 -0.06
N GLY A 116 3.68 1.36 0.96
CA GLY A 116 5.11 1.23 0.72
C GLY A 116 5.94 1.73 1.89
N GLY A 117 7.27 1.60 1.79
CA GLY A 117 7.90 1.02 0.61
C GLY A 117 7.97 -0.50 0.68
N SER A 118 8.99 -1.06 0.02
CA SER A 118 9.17 -2.51 0.00
C SER A 118 9.46 -3.03 1.42
N SER A 119 10.22 -2.25 2.18
CA SER A 119 10.56 -2.64 3.55
C SER A 119 9.31 -2.86 4.38
N VAL A 120 8.34 -1.97 4.23
CA VAL A 120 7.08 -2.07 4.98
C VAL A 120 6.27 -3.26 4.50
N TYR A 121 6.31 -3.51 3.19
CA TYR A 121 5.57 -4.63 2.60
C TYR A 121 6.13 -5.96 3.08
N LYS A 122 7.46 -6.04 3.15
CA LYS A 122 8.13 -7.26 3.59
C LYS A 122 7.76 -7.60 5.03
N GLU A 123 7.90 -6.63 5.92
CA GLU A 123 7.58 -6.81 7.33
C GLU A 123 6.11 -7.18 7.50
N ALA A 124 5.25 -6.58 6.70
CA ALA A 124 3.82 -6.85 6.77
C ALA A 124 3.49 -8.22 6.21
N MET A 125 4.30 -8.68 5.26
CA MET A 125 4.11 -9.99 4.64
C MET A 125 4.49 -11.13 5.58
N ASN A 126 5.10 -10.77 6.72
CA ASN A 126 5.51 -11.78 7.70
C ASN A 126 4.45 -11.96 8.78
N HIS A 127 3.20 -11.58 8.47
CA HIS A 127 2.11 -11.71 9.43
C HIS A 127 1.44 -13.08 9.30
N PRO A 128 1.12 -13.73 10.43
CA PRO A 128 0.49 -15.05 10.43
C PRO A 128 -1.01 -14.97 10.13
N GLY A 129 -1.66 -13.93 10.66
CA GLY A 129 -3.08 -13.75 10.44
C GLY A 129 -3.42 -13.50 8.99
N HIS A 130 -4.71 -13.39 8.69
CA HIS A 130 -5.16 -13.16 7.32
C HIS A 130 -4.62 -11.83 6.79
N LEU A 131 -4.18 -11.83 5.54
CA LEU A 131 -3.64 -10.62 4.92
C LEU A 131 -3.98 -10.58 3.43
N LYS A 132 -4.32 -9.40 2.95
CA LYS A 132 -4.66 -9.22 1.54
C LYS A 132 -3.58 -8.44 0.81
N LEU A 133 -3.03 -9.03 -0.25
CA LEU A 133 -1.98 -8.39 -1.03
C LEU A 133 -2.46 -8.12 -2.46
N PHE A 134 -2.42 -6.85 -2.86
CA PHE A 134 -2.84 -6.45 -4.19
C PHE A 134 -1.64 -6.05 -5.04
N VAL A 135 -1.38 -6.82 -6.09
CA VAL A 135 -0.25 -6.53 -6.98
C VAL A 135 -0.74 -6.05 -8.34
N THR A 136 -0.17 -4.94 -8.81
CA THR A 136 -0.54 -4.38 -10.09
C THR A 136 0.60 -4.53 -11.10
N ARG A 137 0.35 -5.27 -12.17
CA ARG A 137 1.35 -5.49 -13.21
C ARG A 137 1.27 -4.41 -14.28
N ILE A 138 2.38 -3.70 -14.48
CA ILE A 138 2.45 -2.64 -15.47
C ILE A 138 3.11 -3.13 -16.76
N MET A 139 2.33 -3.21 -17.83
CA MET A 139 2.84 -3.66 -19.12
C MET A 139 3.58 -2.53 -19.84
N GLN A 140 4.74 -2.17 -19.30
CA GLN A 140 5.56 -1.11 -19.88
C GLN A 140 7.00 -1.19 -19.39
N ASP A 141 7.93 -1.42 -20.32
CA ASP A 141 9.34 -1.51 -19.97
C ASP A 141 9.86 -0.20 -19.41
N PHE A 142 10.42 -0.26 -18.21
CA PHE A 142 10.95 0.94 -17.55
C PHE A 142 12.18 0.59 -16.73
N GLU A 143 12.99 1.61 -16.43
CA GLU A 143 14.21 1.42 -15.65
C GLU A 143 13.89 1.22 -14.17
N SER A 144 14.47 0.19 -13.58
CA SER A 144 14.24 -0.11 -12.17
C SER A 144 15.55 -0.49 -11.47
N ASP A 145 15.73 -0.02 -10.25
CA ASP A 145 16.94 -0.31 -9.48
C ASP A 145 16.64 -1.35 -8.40
N THR A 146 15.42 -1.33 -7.89
CA THR A 146 15.01 -2.27 -6.84
C THR A 146 13.98 -3.25 -7.37
N PHE A 147 14.17 -4.54 -7.06
CA PHE A 147 13.25 -5.57 -7.50
C PHE A 147 12.45 -6.13 -6.33
N PHE A 148 11.22 -6.54 -6.60
CA PHE A 148 10.36 -7.09 -5.56
C PHE A 148 10.52 -8.61 -5.46
N PRO A 149 10.79 -9.13 -4.25
CA PRO A 149 10.97 -10.58 -4.03
C PRO A 149 9.79 -11.39 -4.57
N GLU A 150 10.10 -12.54 -5.17
CA GLU A 150 9.06 -13.41 -5.71
C GLU A 150 8.19 -13.99 -4.60
N ILE A 151 6.91 -13.64 -4.62
CA ILE A 151 5.98 -14.13 -3.61
C ILE A 151 5.69 -15.61 -3.80
N ASP A 152 5.58 -16.34 -2.69
CA ASP A 152 5.31 -17.77 -2.74
C ASP A 152 3.82 -18.02 -2.97
N LEU A 153 3.53 -18.95 -3.87
CA LEU A 153 2.14 -19.29 -4.19
C LEU A 153 1.59 -20.33 -3.21
N GLU A 154 2.49 -21.03 -2.53
CA GLU A 154 2.09 -22.04 -1.56
C GLU A 154 1.32 -21.42 -0.39
N LYS A 155 1.63 -20.16 -0.10
CA LYS A 155 0.97 -19.45 0.98
C LYS A 155 -0.04 -18.44 0.45
N TYR A 156 0.31 -17.80 -0.67
CA TYR A 156 -0.57 -16.81 -1.28
C TYR A 156 -1.39 -17.43 -2.39
N LYS A 157 -2.60 -16.90 -2.59
CA LYS A 157 -3.50 -17.42 -3.63
C LYS A 157 -3.67 -16.39 -4.74
N LEU A 158 -3.41 -16.82 -5.97
CA LEU A 158 -3.54 -15.94 -7.13
C LEU A 158 -5.00 -15.73 -7.50
N LEU A 159 -5.47 -14.49 -7.39
CA LEU A 159 -6.85 -14.15 -7.71
C LEU A 159 -6.91 -13.19 -8.89
N PRO A 160 -6.99 -13.72 -10.12
CA PRO A 160 -7.06 -12.89 -11.32
C PRO A 160 -8.20 -11.88 -11.28
N GLU A 161 -9.42 -12.40 -11.21
CA GLU A 161 -10.61 -11.53 -11.15
C GLU A 161 -11.25 -11.59 -9.77
N TYR A 162 -11.22 -10.46 -9.06
CA TYR A 162 -11.81 -10.37 -7.73
C TYR A 162 -12.87 -9.28 -7.67
N PRO A 163 -14.04 -9.57 -7.08
CA PRO A 163 -15.13 -8.59 -6.96
C PRO A 163 -14.68 -7.29 -6.31
N GLY A 164 -15.12 -6.17 -6.88
CA GLY A 164 -14.76 -4.87 -6.34
C GLY A 164 -13.57 -4.26 -7.06
N VAL A 165 -12.63 -5.11 -7.46
CA VAL A 165 -11.43 -4.64 -8.16
C VAL A 165 -11.50 -5.01 -9.64
N LEU A 166 -11.02 -4.09 -10.49
CA LEU A 166 -11.03 -4.32 -11.93
C LEU A 166 -9.97 -5.35 -12.32
N SER A 167 -10.34 -6.23 -13.25
CA SER A 167 -9.43 -7.27 -13.71
C SER A 167 -8.93 -6.99 -15.13
N ASP A 168 -9.76 -6.30 -15.90
CA ASP A 168 -9.42 -5.96 -17.28
C ASP A 168 -8.21 -5.03 -17.33
N VAL A 169 -7.43 -5.12 -18.40
CA VAL A 169 -6.26 -4.29 -18.56
C VAL A 169 -6.64 -2.86 -18.95
N GLN A 170 -6.27 -1.90 -18.10
CA GLN A 170 -6.57 -0.50 -18.36
C GLN A 170 -5.44 0.17 -19.13
N GLU A 171 -5.72 1.36 -19.67
CA GLU A 171 -4.73 2.10 -20.43
C GLU A 171 -4.78 3.58 -20.09
N GLU A 172 -3.65 4.12 -19.67
CA GLU A 172 -3.56 5.53 -19.30
C GLU A 172 -2.22 6.13 -19.76
N LYS A 173 -2.30 7.24 -20.49
CA LYS A 173 -1.10 7.90 -20.99
C LYS A 173 -0.28 6.98 -21.88
N GLY A 174 -0.99 6.08 -22.57
CA GLY A 174 -0.32 5.14 -23.46
C GLY A 174 0.34 3.99 -22.70
N ILE A 175 -0.05 3.80 -21.45
CA ILE A 175 0.49 2.73 -20.63
C ILE A 175 -0.58 1.73 -20.24
N LYS A 176 -0.34 0.45 -20.54
CA LYS A 176 -1.28 -0.61 -20.22
C LYS A 176 -0.82 -1.40 -19.00
N TYR A 177 -1.76 -1.75 -18.13
CA TYR A 177 -1.44 -2.51 -16.93
C TYR A 177 -2.66 -3.32 -16.47
N LYS A 178 -2.39 -4.43 -15.78
CA LYS A 178 -3.46 -5.29 -15.27
C LYS A 178 -3.44 -5.33 -13.75
N PHE A 179 -4.60 -5.63 -13.16
CA PHE A 179 -4.72 -5.70 -11.71
C PHE A 179 -4.80 -7.15 -11.24
N GLU A 180 -4.00 -7.48 -10.23
CA GLU A 180 -3.99 -8.84 -9.69
C GLU A 180 -4.22 -8.82 -8.18
N VAL A 181 -4.93 -9.82 -7.68
CA VAL A 181 -5.23 -9.92 -6.26
C VAL A 181 -4.61 -11.17 -5.65
N TYR A 182 -3.98 -11.01 -4.49
CA TYR A 182 -3.34 -12.13 -3.80
C TYR A 182 -3.89 -12.28 -2.39
N GLU A 183 -4.26 -13.50 -2.03
CA GLU A 183 -4.80 -13.78 -0.70
C GLU A 183 -3.88 -14.70 0.08
N LYS A 184 -3.61 -14.34 1.34
CA LYS A 184 -2.73 -15.14 2.19
C LYS A 184 -3.55 -16.01 3.15
N ASN A 185 -3.39 -17.32 3.03
CA ASN A 185 -4.11 -18.25 3.89
C ASN A 185 -3.21 -18.78 5.00
N ASP A 186 -3.75 -18.87 6.21
CA ASP A 186 -2.99 -19.36 7.35
C ASP A 186 -3.50 -20.73 7.80
PA NDP B . 13.72 3.54 1.98
O1A NDP B . 13.45 4.76 2.76
O2A NDP B . 15.05 3.42 1.33
O5B NDP B . 13.37 2.23 2.81
C5B NDP B . 12.22 2.19 3.68
C4B NDP B . 12.58 2.73 5.05
O4B NDP B . 11.38 2.77 5.88
C3B NDP B . 13.57 1.90 5.84
O3B NDP B . 14.92 2.23 5.49
C2B NDP B . 13.26 2.31 7.27
O2B NDP B . 13.85 3.53 7.66
C1B NDP B . 11.74 2.46 7.22
N9A NDP B . 11.02 1.25 7.60
C8A NDP B . 10.38 0.34 6.80
N7A NDP B . 9.82 -0.65 7.43
C5A NDP B . 10.11 -0.40 8.77
C6A NDP B . 9.80 -1.08 9.95
N6A NDP B . 9.10 -2.22 9.99
N1A NDP B . 10.24 -0.56 11.12
C2A NDP B . 10.95 0.59 11.08
N3A NDP B . 11.30 1.33 10.03
C4A NDP B . 10.85 0.77 8.89
O3 NDP B . 12.56 3.38 0.82
PN NDP B . 11.20 2.48 0.64
O1N NDP B . 11.58 1.05 0.72
O2N NDP B . 10.18 2.97 1.59
O5D NDP B . 10.84 2.90 -0.85
C5D NDP B . 9.95 2.10 -1.66
C4D NDP B . 10.13 2.45 -3.12
O4D NDP B . 9.29 1.58 -3.93
C3D NDP B . 9.70 3.85 -3.52
O3D NDP B . 10.76 4.79 -3.29
C2D NDP B . 9.41 3.69 -5.00
O2D NDP B . 10.58 3.75 -5.82
C1D NDP B . 8.79 2.29 -5.04
N1N NDP B . 7.33 2.30 -4.97
C2N NDP B . 6.43 1.79 -5.80
C3N NDP B . 5.15 1.83 -5.67
C7N NDP B . 4.53 1.17 -6.78
O7N NDP B . 3.23 1.26 -6.53
N7N NDP B . 5.06 0.55 -7.86
C4N NDP B . 4.59 2.51 -4.45
C5N NDP B . 5.50 3.07 -3.50
C6N NDP B . 6.87 3.02 -3.67
P2B NDP B . 14.44 3.96 9.16
O1X NDP B . 15.98 3.90 8.80
O2X NDP B . 13.99 5.42 9.22
O3X NDP B . 14.06 2.72 9.96
H51A NDP B . 11.87 1.16 3.78
H52A NDP B . 11.42 2.80 3.25
H4B NDP B . 12.99 3.74 4.97
H3B NDP B . 13.42 0.83 5.70
HO3A NDP B . 15.52 1.78 6.07
H2B NDP B . 13.54 1.54 7.99
H1B NDP B . 11.37 3.24 7.88
H8A NDP B . 10.33 0.45 5.70
H61A NDP B . 8.91 -2.66 10.88
H62A NDP B . 8.78 -2.65 9.14
H2A NDP B . 11.28 0.97 12.05
H51N NDP B . 10.18 1.05 -1.51
H52N NDP B . 8.92 2.29 -1.36
H4D NDP B . 11.17 2.33 -3.43
H3D NDP B . 8.80 4.17 -2.98
HO3N NDP B . 10.75 5.46 -3.98
H2D NDP B . 8.71 4.44 -5.37
HO2N NDP B . 10.34 4.02 -6.70
H1D NDP B . 9.04 1.76 -5.95
H2N NDP B . 6.82 1.31 -6.69
H71N NDP B . 4.46 0.12 -8.55
H72N NDP B . 6.07 0.52 -7.98
H41N NDP B . 3.96 3.32 -4.81
H42N NDP B . 4.00 1.76 -3.92
H5N NDP B . 5.10 3.56 -2.61
H6N NDP B . 7.58 3.45 -2.97
N1 TRR C . 0.73 2.99 -6.86
C2 TRR C . 0.32 1.73 -6.47
N2 TRR C . -0.21 0.87 -7.41
N3 TRR C . 0.45 1.33 -5.16
C4 TRR C . 0.99 2.17 -4.23
N4 TRR C . 1.12 1.76 -2.92
C5 TRR C . 1.40 3.45 -4.60
C6 TRR C . 1.26 3.85 -5.92
C7 TRR C . 1.99 4.39 -3.58
C11 TRR C . 1.73 5.84 -3.89
C12 TRR C . 2.69 6.59 -4.56
C13 TRR C . 2.44 7.94 -4.85
C14 TRR C . 1.24 8.52 -4.47
C15 TRR C . 0.28 7.77 -3.79
C16 TRR C . 0.53 6.42 -3.50
O13 TRR C . 3.40 8.71 -5.52
O14 TRR C . 0.99 9.85 -4.74
O15 TRR C . -0.92 8.37 -3.41
C17 TRR C . 4.61 8.11 -5.90
C18 TRR C . 0.78 10.72 -3.68
C19 TRR C . -1.88 7.60 -2.74
H1 TRR C . 0.63 3.27 -7.80
H21 TRR C . -0.31 1.15 -8.35
H22 TRR C . -0.51 -0.04 -7.14
H41 TRR C . 0.83 0.85 -2.65
H42 TRR C . 1.50 2.36 -2.24
H6 TRR C . 1.59 4.86 -6.23
H71 TRR C . 3.07 4.22 -3.53
H72 TRR C . 1.57 4.17 -2.60
H12 TRR C . 3.63 6.12 -4.86
H16 TRR C . -0.23 5.82 -2.97
H171 TRR C . 5.07 7.57 -5.07
H172 TRR C . 5.33 8.85 -6.24
H173 TRR C . 4.47 7.40 -6.72
H181 TRR C . 0.05 11.49 -3.92
H182 TRR C . 1.70 11.23 -3.38
H183 TRR C . 0.41 10.19 -2.79
H191 TRR C . -1.47 7.13 -1.85
H192 TRR C . -2.28 6.81 -3.38
H193 TRR C . -2.73 8.22 -2.42
N VAL A 1 -10.83 -4.86 12.82
CA VAL A 1 -10.12 -5.52 13.94
C VAL A 1 -9.24 -6.66 13.44
N GLY A 2 -7.93 -6.42 13.41
CA GLY A 2 -7.00 -7.43 12.95
C GLY A 2 -7.05 -7.63 11.45
N SER A 3 -7.46 -6.59 10.73
CA SER A 3 -7.54 -6.65 9.27
C SER A 3 -6.37 -5.91 8.62
N LEU A 4 -5.60 -6.63 7.80
CA LEU A 4 -4.46 -6.04 7.12
C LEU A 4 -4.62 -6.13 5.60
N ASN A 5 -4.66 -4.98 4.95
CA ASN A 5 -4.81 -4.93 3.49
C ASN A 5 -3.55 -4.35 2.85
N CYS A 6 -2.93 -5.14 1.99
CA CYS A 6 -1.72 -4.70 1.29
C CYS A 6 -2.02 -4.35 -0.16
N ILE A 7 -1.44 -3.25 -0.64
CA ILE A 7 -1.65 -2.82 -2.00
C ILE A 7 -0.40 -2.12 -2.55
N VAL A 8 0.16 -2.67 -3.62
CA VAL A 8 1.35 -2.09 -4.23
C VAL A 8 1.39 -2.38 -5.73
N ALA A 9 2.08 -1.53 -6.48
CA ALA A 9 2.19 -1.69 -7.92
C ALA A 9 3.60 -2.08 -8.32
N VAL A 10 3.71 -2.95 -9.32
CA VAL A 10 5.01 -3.41 -9.79
C VAL A 10 5.04 -3.51 -11.31
N SER A 11 6.17 -3.19 -11.91
CA SER A 11 6.33 -3.24 -13.37
C SER A 11 6.52 -4.68 -13.83
N GLN A 12 6.49 -4.88 -15.14
CA GLN A 12 6.66 -6.20 -15.73
C GLN A 12 8.01 -6.81 -15.34
N ASN A 13 8.97 -5.95 -15.01
CA ASN A 13 10.30 -6.39 -14.62
C ASN A 13 10.43 -6.49 -13.10
N MET A 14 9.29 -6.60 -12.42
CA MET A 14 9.29 -6.70 -10.96
C MET A 14 9.97 -5.49 -10.33
N GLY A 15 9.78 -4.33 -10.93
CA GLY A 15 10.39 -3.12 -10.41
C GLY A 15 9.38 -2.18 -9.78
N ILE A 16 9.84 -1.37 -8.84
CA ILE A 16 8.96 -0.42 -8.15
C ILE A 16 9.34 1.02 -8.48
N GLY A 17 10.64 1.27 -8.57
CA GLY A 17 11.11 2.62 -8.88
C GLY A 17 12.63 2.72 -8.82
N LYS A 18 13.17 3.59 -9.66
CA LYS A 18 14.62 3.79 -9.71
C LYS A 18 15.00 5.17 -9.18
N ASN A 19 15.96 5.21 -8.27
CA ASN A 19 16.40 6.47 -7.68
C ASN A 19 15.27 7.16 -6.93
N GLY A 20 14.35 6.36 -6.39
CA GLY A 20 13.23 6.91 -5.66
C GLY A 20 12.14 7.45 -6.57
N ASP A 21 12.13 6.99 -7.82
CA ASP A 21 11.13 7.44 -8.78
C ASP A 21 10.48 6.25 -9.49
N LEU A 22 9.19 6.39 -9.80
CA LEU A 22 8.46 5.33 -10.48
C LEU A 22 8.97 5.14 -11.91
N PRO A 23 9.00 3.89 -12.40
CA PRO A 23 9.46 3.58 -13.75
C PRO A 23 8.67 4.33 -14.82
N TRP A 24 7.35 4.40 -14.62
CA TRP A 24 6.47 5.08 -15.56
C TRP A 24 6.16 6.50 -15.09
N PRO A 25 5.83 7.40 -16.02
CA PRO A 25 5.51 8.80 -15.70
C PRO A 25 4.24 8.91 -14.86
N PRO A 26 3.89 10.14 -14.42
CA PRO A 26 2.70 10.38 -13.61
C PRO A 26 1.45 9.76 -14.21
N LEU A 27 0.82 8.86 -13.48
CA LEU A 27 -0.39 8.18 -13.94
C LEU A 27 -1.59 8.57 -13.08
N ARG A 28 -2.48 9.37 -13.63
CA ARG A 28 -3.67 9.81 -12.92
C ARG A 28 -4.61 8.64 -12.64
N ASN A 29 -4.68 7.72 -13.60
CA ASN A 29 -5.54 6.54 -13.46
C ASN A 29 -5.14 5.72 -12.24
N GLU A 30 -3.83 5.63 -12.00
CA GLU A 30 -3.32 4.87 -10.87
C GLU A 30 -3.56 5.61 -9.56
N PHE A 31 -3.35 6.93 -9.57
CA PHE A 31 -3.54 7.75 -8.39
C PHE A 31 -5.03 7.86 -8.04
N ARG A 32 -5.86 8.01 -9.06
CA ARG A 32 -7.30 8.12 -8.86
C ARG A 32 -7.90 6.79 -8.40
N TYR A 33 -7.34 5.69 -8.90
CA TYR A 33 -7.81 4.36 -8.54
C TYR A 33 -7.36 4.00 -7.13
N PHE A 34 -6.12 4.32 -6.79
CA PHE A 34 -5.58 4.02 -5.47
C PHE A 34 -6.34 4.77 -4.39
N GLN A 35 -6.54 6.07 -4.59
CA GLN A 35 -7.25 6.89 -3.63
C GLN A 35 -8.72 6.47 -3.53
N ARG A 36 -9.31 6.16 -4.68
CA ARG A 36 -10.71 5.74 -4.71
C ARG A 36 -10.92 4.44 -3.95
N MET A 37 -9.97 3.52 -4.10
CA MET A 37 -10.05 2.23 -3.43
C MET A 37 -9.92 2.40 -1.91
N THR A 38 -9.07 3.33 -1.50
CA THR A 38 -8.85 3.60 -0.08
C THR A 38 -10.01 4.40 0.51
N THR A 39 -10.44 5.42 -0.22
CA THR A 39 -11.54 6.28 0.23
C THR A 39 -12.82 5.45 0.41
N THR A 40 -12.97 4.42 -0.40
CA THR A 40 -14.15 3.56 -0.33
C THR A 40 -14.15 2.76 0.98
N SER A 41 -15.00 3.19 1.91
CA SER A 41 -15.11 2.51 3.20
C SER A 41 -16.16 1.41 3.15
N SER A 42 -15.99 0.39 3.99
CA SER A 42 -16.91 -0.73 4.04
C SER A 42 -17.90 -0.57 5.20
N VAL A 43 -17.42 0.01 6.30
CA VAL A 43 -18.27 0.23 7.47
C VAL A 43 -18.45 1.71 7.75
N GLU A 44 -19.69 2.11 7.97
CA GLU A 44 -20.00 3.51 8.24
C GLU A 44 -19.70 3.86 9.70
N GLY A 45 -19.09 5.02 9.92
CA GLY A 45 -18.76 5.45 11.27
C GLY A 45 -17.34 5.09 11.66
N LYS A 46 -16.68 4.29 10.83
CA LYS A 46 -15.31 3.87 11.11
C LYS A 46 -14.34 4.51 10.11
N GLN A 47 -13.06 4.55 10.49
CA GLN A 47 -12.04 5.15 9.63
C GLN A 47 -10.89 4.16 9.40
N ASN A 48 -10.34 4.17 8.19
CA ASN A 48 -9.25 3.28 7.85
C ASN A 48 -7.90 4.00 7.96
N LEU A 49 -6.90 3.31 8.49
CA LEU A 49 -5.58 3.88 8.66
C LEU A 49 -4.57 3.23 7.71
N VAL A 50 -3.86 4.05 6.95
CA VAL A 50 -2.87 3.55 6.01
C VAL A 50 -1.45 3.82 6.49
N ILE A 51 -0.54 2.90 6.21
CA ILE A 51 0.85 3.04 6.61
C ILE A 51 1.75 3.29 5.41
N MET A 52 2.67 4.24 5.56
CA MET A 52 3.60 4.58 4.49
C MET A 52 5.01 4.79 5.02
N GLY A 53 6.00 4.54 4.18
CA GLY A 53 7.38 4.69 4.59
C GLY A 53 7.83 6.15 4.59
N LYS A 54 8.99 6.41 5.17
CA LYS A 54 9.53 7.76 5.23
C LYS A 54 9.73 8.32 3.83
N LYS A 55 10.34 7.53 2.96
CA LYS A 55 10.60 7.93 1.59
C LYS A 55 9.30 8.25 0.85
N THR A 56 8.31 7.38 1.04
CA THR A 56 7.01 7.56 0.40
C THR A 56 6.36 8.88 0.81
N TRP A 57 6.41 9.16 2.12
CA TRP A 57 5.83 10.39 2.65
C TRP A 57 6.47 11.62 2.02
N PHE A 58 7.79 11.57 1.85
CA PHE A 58 8.53 12.68 1.25
C PHE A 58 8.31 12.73 -0.27
N SER A 59 7.88 11.61 -0.84
CA SER A 59 7.63 11.54 -2.28
C SER A 59 6.27 12.11 -2.63
N ILE A 60 5.33 12.02 -1.70
CA ILE A 60 3.98 12.53 -1.92
C ILE A 60 3.96 14.06 -1.92
N PRO A 61 3.51 14.68 -3.02
CA PRO A 61 3.45 16.15 -3.13
C PRO A 61 2.66 16.78 -1.99
N GLU A 62 2.89 18.07 -1.76
CA GLU A 62 2.20 18.79 -0.70
C GLU A 62 0.72 18.95 -1.03
N LYS A 63 0.40 18.99 -2.32
CA LYS A 63 -0.99 19.13 -2.75
C LYS A 63 -1.85 18.00 -2.22
N ASN A 64 -1.24 16.82 -2.06
CA ASN A 64 -1.96 15.66 -1.56
C ASN A 64 -1.78 15.51 -0.05
N ARG A 65 -0.60 15.87 0.43
CA ARG A 65 -0.30 15.77 1.86
C ARG A 65 -0.81 17.00 2.61
N PRO A 66 -1.42 16.82 3.80
CA PRO A 66 -1.80 15.50 4.31
C PRO A 66 -2.93 14.86 3.51
N LEU A 67 -2.88 13.53 3.38
CA LEU A 67 -3.91 12.81 2.64
C LEU A 67 -5.19 12.71 3.44
N LYS A 68 -6.11 13.64 3.22
CA LYS A 68 -7.38 13.66 3.92
C LYS A 68 -8.23 12.45 3.55
N GLY A 69 -9.18 12.12 4.42
CA GLY A 69 -10.04 10.98 4.17
C GLY A 69 -9.56 9.72 4.86
N ARG A 70 -8.25 9.55 4.93
CA ARG A 70 -7.66 8.38 5.57
C ARG A 70 -6.49 8.78 6.48
N ILE A 71 -6.24 7.97 7.50
CA ILE A 71 -5.15 8.24 8.44
C ILE A 71 -3.81 7.81 7.86
N ASN A 72 -2.91 8.76 7.68
CA ASN A 72 -1.59 8.49 7.14
C ASN A 72 -0.57 8.25 8.24
N LEU A 73 0.07 7.09 8.22
CA LEU A 73 1.06 6.74 9.23
C LEU A 73 2.44 6.59 8.60
N VAL A 74 3.44 7.19 9.24
CA VAL A 74 4.81 7.13 8.73
C VAL A 74 5.67 6.20 9.58
N LEU A 75 6.48 5.38 8.92
CA LEU A 75 7.35 4.44 9.62
C LEU A 75 8.81 4.88 9.51
N SER A 76 9.42 5.20 10.65
CA SER A 76 10.81 5.63 10.68
C SER A 76 11.40 5.46 12.08
N ARG A 77 12.44 4.65 12.18
CA ARG A 77 13.11 4.41 13.46
C ARG A 77 14.14 5.49 13.75
N GLU A 78 14.73 6.03 12.70
CA GLU A 78 15.74 7.07 12.84
C GLU A 78 15.14 8.34 13.42
N LEU A 79 13.90 8.64 13.03
CA LEU A 79 13.21 9.83 13.51
C LEU A 79 12.72 9.63 14.94
N LYS A 80 12.71 10.71 15.71
CA LYS A 80 12.27 10.65 17.11
C LYS A 80 10.84 11.17 17.25
N GLU A 81 10.47 12.10 16.37
CA GLU A 81 9.12 12.69 16.40
C GLU A 81 8.44 12.55 15.04
N PRO A 82 7.12 12.31 15.04
CA PRO A 82 6.35 12.16 13.79
C PRO A 82 6.51 13.37 12.87
N PRO A 83 6.77 13.13 11.57
CA PRO A 83 6.94 14.21 10.59
C PRO A 83 5.75 15.17 10.57
N GLN A 84 5.98 16.41 10.16
CA GLN A 84 4.94 17.41 10.10
C GLN A 84 3.90 17.04 9.05
N GLY A 85 2.63 17.03 9.46
CA GLY A 85 1.56 16.68 8.54
C GLY A 85 1.08 15.26 8.70
N ALA A 86 1.93 14.41 9.24
CA ALA A 86 1.59 13.00 9.46
C ALA A 86 0.67 12.85 10.67
N HIS A 87 -0.10 11.77 10.68
CA HIS A 87 -1.02 11.49 11.79
C HIS A 87 -0.29 10.84 12.96
N PHE A 88 0.58 9.90 12.65
CA PHE A 88 1.34 9.19 13.68
C PHE A 88 2.60 8.58 13.10
N LEU A 89 3.60 8.37 13.96
CA LEU A 89 4.87 7.79 13.52
C LEU A 89 5.29 6.66 14.45
N SER A 90 5.77 5.56 13.88
CA SER A 90 6.20 4.42 14.66
C SER A 90 7.63 4.02 14.29
N ARG A 91 8.38 3.51 15.27
CA ARG A 91 9.76 3.11 15.05
C ARG A 91 9.81 1.75 14.34
N SER A 92 8.91 0.85 14.71
CA SER A 92 8.86 -0.47 14.11
C SER A 92 7.43 -0.85 13.77
N LEU A 93 7.27 -1.92 12.98
CA LEU A 93 5.96 -2.40 12.58
C LEU A 93 5.16 -2.85 13.79
N ASP A 94 5.82 -3.54 14.71
CA ASP A 94 5.17 -4.05 15.92
C ASP A 94 4.59 -2.89 16.74
N ASP A 95 5.36 -1.82 16.86
CA ASP A 95 4.92 -0.65 17.63
C ASP A 95 3.71 0.00 16.97
N ALA A 96 3.78 0.18 15.66
CA ALA A 96 2.69 0.78 14.91
C ALA A 96 1.41 -0.03 15.04
N LEU A 97 1.54 -1.35 14.95
CA LEU A 97 0.39 -2.24 15.08
C LEU A 97 -0.25 -2.13 16.46
N LYS A 98 0.59 -1.94 17.47
CA LYS A 98 0.11 -1.82 18.85
C LYS A 98 -0.75 -0.57 19.01
N LEU A 99 -0.29 0.54 18.45
CA LEU A 99 -1.01 1.80 18.53
C LEU A 99 -2.38 1.68 17.87
N THR A 100 -2.42 1.05 16.70
CA THR A 100 -3.66 0.87 15.96
C THR A 100 -4.51 -0.24 16.59
N GLU A 101 -3.85 -1.15 17.30
CA GLU A 101 -4.55 -2.25 17.95
C GLU A 101 -5.08 -1.84 19.33
N GLN A 102 -4.52 -0.77 19.88
CA GLN A 102 -4.95 -0.28 21.19
C GLN A 102 -6.39 0.18 21.15
N PRO A 103 -7.08 0.13 22.30
CA PRO A 103 -8.50 0.55 22.39
C PRO A 103 -8.68 2.04 22.14
N GLU A 104 -7.63 2.81 22.38
CA GLU A 104 -7.67 4.26 22.18
C GLU A 104 -7.81 4.60 20.70
N LEU A 105 -7.14 3.83 19.86
CA LEU A 105 -7.18 4.05 18.41
C LEU A 105 -8.11 3.05 17.73
N ALA A 106 -8.26 1.87 18.33
CA ALA A 106 -9.11 0.83 17.78
C ALA A 106 -10.54 1.34 17.58
N ASN A 107 -10.95 2.30 18.40
CA ASN A 107 -12.28 2.87 18.32
C ASN A 107 -12.42 3.75 17.07
N LYS A 108 -11.32 4.35 16.66
CA LYS A 108 -11.32 5.22 15.48
C LYS A 108 -10.87 4.45 14.24
N VAL A 109 -10.00 3.46 14.44
CA VAL A 109 -9.50 2.66 13.33
C VAL A 109 -10.08 1.25 13.37
N ASP A 110 -10.41 0.72 12.20
CA ASP A 110 -10.99 -0.61 12.10
C ASP A 110 -10.08 -1.54 11.29
N MET A 111 -9.59 -1.04 10.17
CA MET A 111 -8.70 -1.82 9.30
C MET A 111 -7.47 -1.02 8.92
N VAL A 112 -6.39 -1.72 8.60
CA VAL A 112 -5.14 -1.08 8.21
C VAL A 112 -4.79 -1.39 6.76
N TRP A 113 -4.28 -0.38 6.06
CA TRP A 113 -3.90 -0.55 4.65
C TRP A 113 -2.43 -0.23 4.44
N ILE A 114 -1.68 -1.20 3.93
CA ILE A 114 -0.25 -1.02 3.67
C ILE A 114 -0.03 -0.41 2.29
N VAL A 115 0.66 0.72 2.25
CA VAL A 115 0.94 1.40 0.99
C VAL A 115 2.38 1.17 0.55
N GLY A 116 3.32 1.71 1.31
CA GLY A 116 4.73 1.56 0.98
C GLY A 116 5.65 1.85 2.15
N GLY A 117 6.96 1.66 1.99
CA GLY A 117 7.50 1.18 0.72
C GLY A 117 7.65 -0.32 0.68
N SER A 118 8.63 -0.80 -0.07
CA SER A 118 8.88 -2.23 -0.19
C SER A 118 9.31 -2.83 1.15
N SER A 119 10.03 -2.04 1.94
CA SER A 119 10.49 -2.50 3.25
C SER A 119 9.31 -2.89 4.13
N VAL A 120 8.28 -2.05 4.14
CA VAL A 120 7.09 -2.32 4.94
C VAL A 120 6.30 -3.49 4.37
N TYR A 121 6.30 -3.60 3.04
CA TYR A 121 5.58 -4.67 2.36
C TYR A 121 6.23 -6.02 2.67
N LYS A 122 7.55 -6.04 2.71
CA LYS A 122 8.29 -7.26 2.99
C LYS A 122 8.02 -7.75 4.41
N GLU A 123 8.12 -6.84 5.37
CA GLU A 123 7.89 -7.16 6.77
C GLU A 123 6.48 -7.71 6.97
N ALA A 124 5.50 -7.03 6.41
CA ALA A 124 4.10 -7.44 6.53
C ALA A 124 3.85 -8.73 5.77
N MET A 125 4.66 -8.99 4.75
CA MET A 125 4.53 -10.19 3.94
C MET A 125 4.82 -11.45 4.76
N ASN A 126 5.44 -11.26 5.92
CA ASN A 126 5.78 -12.39 6.79
C ASN A 126 4.69 -12.64 7.82
N HIS A 127 3.47 -12.14 7.55
CA HIS A 127 2.36 -12.32 8.46
C HIS A 127 1.61 -13.62 8.15
N PRO A 128 1.46 -14.51 9.16
CA PRO A 128 0.77 -15.78 8.99
C PRO A 128 -0.75 -15.62 8.96
N GLY A 129 -1.25 -14.71 9.75
CA GLY A 129 -2.68 -14.47 9.81
C GLY A 129 -3.26 -14.08 8.46
N HIS A 130 -4.58 -14.04 8.37
CA HIS A 130 -5.25 -13.67 7.13
C HIS A 130 -4.87 -12.26 6.69
N LEU A 131 -4.35 -12.15 5.47
CA LEU A 131 -3.95 -10.85 4.94
C LEU A 131 -4.18 -10.79 3.43
N LYS A 132 -4.58 -9.62 2.95
CA LYS A 132 -4.84 -9.42 1.53
C LYS A 132 -3.70 -8.63 0.88
N LEU A 133 -3.34 -9.01 -0.33
CA LEU A 133 -2.27 -8.34 -1.06
C LEU A 133 -2.70 -8.01 -2.49
N PHE A 134 -2.64 -6.72 -2.84
CA PHE A 134 -3.02 -6.27 -4.17
C PHE A 134 -1.80 -5.84 -4.96
N VAL A 135 -1.48 -6.61 -6.01
CA VAL A 135 -0.33 -6.31 -6.84
C VAL A 135 -0.76 -5.84 -8.23
N THR A 136 -0.13 -4.77 -8.71
CA THR A 136 -0.45 -4.22 -10.02
C THR A 136 0.69 -4.47 -11.01
N ARG A 137 0.39 -5.21 -12.07
CA ARG A 137 1.39 -5.51 -13.09
C ARG A 137 1.32 -4.52 -14.25
N ILE A 138 2.42 -3.82 -14.48
CA ILE A 138 2.49 -2.84 -15.56
C ILE A 138 3.21 -3.41 -16.77
N MET A 139 2.47 -3.63 -17.85
CA MET A 139 3.04 -4.17 -19.08
C MET A 139 3.75 -3.09 -19.87
N GLN A 140 5.02 -2.87 -19.54
CA GLN A 140 5.83 -1.85 -20.22
C GLN A 140 7.30 -1.98 -19.84
N ASP A 141 8.16 -2.04 -20.84
CA ASP A 141 9.60 -2.15 -20.61
C ASP A 141 10.14 -0.91 -19.89
N PHE A 142 10.70 -1.12 -18.70
CA PHE A 142 11.25 -0.02 -17.92
C PHE A 142 12.37 -0.51 -17.01
N GLU A 143 13.22 0.42 -16.58
CA GLU A 143 14.34 0.09 -15.70
C GLU A 143 14.05 0.51 -14.27
N SER A 144 14.31 -0.39 -13.32
CA SER A 144 14.08 -0.11 -11.91
C SER A 144 15.31 -0.46 -11.08
N ASP A 145 15.40 0.14 -9.89
CA ASP A 145 16.53 -0.11 -9.00
C ASP A 145 16.16 -1.13 -7.93
N THR A 146 14.99 -0.95 -7.33
CA THR A 146 14.51 -1.85 -6.29
C THR A 146 13.58 -2.91 -6.87
N PHE A 147 13.97 -4.18 -6.72
CA PHE A 147 13.16 -5.28 -7.23
C PHE A 147 12.20 -5.78 -6.16
N PHE A 148 10.99 -6.17 -6.60
CA PHE A 148 9.98 -6.66 -5.68
C PHE A 148 10.09 -8.18 -5.51
N PRO A 149 10.17 -8.67 -4.26
CA PRO A 149 10.27 -10.11 -3.99
C PRO A 149 9.17 -10.91 -4.67
N GLU A 150 9.48 -12.16 -5.00
CA GLU A 150 8.51 -13.04 -5.67
C GLU A 150 7.51 -13.61 -4.67
N ILE A 151 6.27 -13.75 -5.09
CA ILE A 151 5.23 -14.28 -4.23
C ILE A 151 5.05 -15.79 -4.44
N ASP A 152 5.09 -16.54 -3.33
CA ASP A 152 4.94 -17.99 -3.40
C ASP A 152 3.47 -18.38 -3.54
N LEU A 153 3.20 -19.37 -4.38
CA LEU A 153 1.83 -19.84 -4.60
C LEU A 153 1.40 -20.77 -3.49
N GLU A 154 2.35 -21.50 -2.91
CA GLU A 154 2.06 -22.43 -1.83
C GLU A 154 1.59 -21.69 -0.58
N LYS A 155 2.09 -20.47 -0.39
CA LYS A 155 1.73 -19.65 0.76
C LYS A 155 0.67 -18.63 0.39
N TYR A 156 0.75 -18.11 -0.83
CA TYR A 156 -0.21 -17.11 -1.31
C TYR A 156 -1.07 -17.67 -2.43
N LYS A 157 -2.32 -17.23 -2.49
CA LYS A 157 -3.24 -17.70 -3.53
C LYS A 157 -3.40 -16.65 -4.62
N LEU A 158 -3.41 -17.09 -5.87
CA LEU A 158 -3.55 -16.20 -7.01
C LEU A 158 -5.03 -15.92 -7.30
N LEU A 159 -5.44 -14.67 -7.11
CA LEU A 159 -6.83 -14.27 -7.34
C LEU A 159 -6.92 -13.35 -8.56
N PRO A 160 -7.13 -13.93 -9.75
CA PRO A 160 -7.24 -13.16 -11.00
C PRO A 160 -8.54 -12.35 -11.06
N GLU A 161 -9.64 -12.99 -10.68
CA GLU A 161 -10.95 -12.33 -10.69
C GLU A 161 -11.43 -12.06 -9.27
N TYR A 162 -11.36 -10.79 -8.86
CA TYR A 162 -11.79 -10.40 -7.52
C TYR A 162 -13.00 -9.46 -7.59
N PRO A 163 -13.92 -9.56 -6.61
CA PRO A 163 -15.12 -8.72 -6.58
C PRO A 163 -14.81 -7.26 -6.29
N GLY A 164 -15.23 -6.37 -7.18
CA GLY A 164 -14.99 -4.96 -6.99
C GLY A 164 -13.86 -4.42 -7.85
N VAL A 165 -12.79 -5.20 -7.98
CA VAL A 165 -11.64 -4.77 -8.78
C VAL A 165 -11.94 -4.90 -10.27
N LEU A 166 -11.46 -3.93 -11.05
CA LEU A 166 -11.68 -3.92 -12.49
C LEU A 166 -11.01 -5.14 -13.13
N SER A 167 -11.81 -5.92 -13.87
CA SER A 167 -11.29 -7.10 -14.55
C SER A 167 -10.69 -6.75 -15.89
N ASP A 168 -11.23 -5.72 -16.53
CA ASP A 168 -10.74 -5.28 -17.83
C ASP A 168 -9.36 -4.64 -17.70
N VAL A 169 -8.58 -4.71 -18.77
CA VAL A 169 -7.23 -4.14 -18.78
C VAL A 169 -7.29 -2.62 -18.80
N GLN A 170 -6.48 -1.99 -17.95
CA GLN A 170 -6.44 -0.54 -17.87
C GLN A 170 -5.34 0.02 -18.76
N GLU A 171 -5.56 1.22 -19.30
CA GLU A 171 -4.59 1.86 -20.17
C GLU A 171 -4.58 3.38 -19.96
N GLU A 172 -3.42 3.92 -19.63
CA GLU A 172 -3.28 5.34 -19.40
C GLU A 172 -1.94 5.85 -19.93
N LYS A 173 -1.99 6.93 -20.71
CA LYS A 173 -0.78 7.51 -21.29
C LYS A 173 -0.06 6.50 -22.18
N GLY A 174 -0.83 5.61 -22.80
CA GLY A 174 -0.24 4.62 -23.68
C GLY A 174 0.41 3.49 -22.91
N ILE A 175 0.06 3.35 -21.63
CA ILE A 175 0.61 2.29 -20.80
C ILE A 175 -0.46 1.30 -20.36
N LYS A 176 -0.32 0.05 -20.81
CA LYS A 176 -1.28 -0.99 -20.46
C LYS A 176 -0.83 -1.77 -19.23
N TYR A 177 -1.77 -2.03 -18.33
CA TYR A 177 -1.47 -2.77 -17.10
C TYR A 177 -2.70 -3.50 -16.58
N LYS A 178 -2.48 -4.57 -15.83
CA LYS A 178 -3.58 -5.35 -15.27
C LYS A 178 -3.51 -5.38 -13.75
N PHE A 179 -4.64 -5.68 -13.11
CA PHE A 179 -4.71 -5.73 -11.66
C PHE A 179 -4.85 -7.17 -11.18
N GLU A 180 -3.96 -7.58 -10.29
CA GLU A 180 -3.97 -8.93 -9.74
C GLU A 180 -4.17 -8.91 -8.23
N VAL A 181 -4.90 -9.89 -7.71
CA VAL A 181 -5.15 -9.98 -6.28
C VAL A 181 -4.48 -11.21 -5.67
N TYR A 182 -3.82 -11.02 -4.54
CA TYR A 182 -3.14 -12.11 -3.85
C TYR A 182 -3.65 -12.26 -2.43
N GLU A 183 -3.96 -13.50 -2.04
CA GLU A 183 -4.45 -13.79 -0.70
C GLU A 183 -3.48 -14.67 0.07
N LYS A 184 -3.40 -14.47 1.38
CA LYS A 184 -2.50 -15.25 2.22
C LYS A 184 -3.27 -16.35 2.95
N ASN A 185 -2.67 -17.53 3.01
CA ASN A 185 -3.29 -18.68 3.68
C ASN A 185 -3.08 -18.60 5.18
N ASP A 186 -4.18 -18.58 5.93
CA ASP A 186 -4.11 -18.52 7.39
C ASP A 186 -3.40 -19.75 7.95
PA NDP B . 12.55 2.19 0.95
O1A NDP B . 13.93 1.66 0.88
O2A NDP B . 11.46 1.23 0.75
O5B NDP B . 12.34 3.06 2.26
C5B NDP B . 11.28 2.75 3.19
C4B NDP B . 11.58 3.36 4.54
O4B NDP B . 10.46 3.12 5.44
C3B NDP B . 12.78 2.80 5.27
O3B NDP B . 13.98 3.45 4.85
C2B NDP B . 12.45 3.12 6.72
O2B NDP B . 12.76 4.45 7.08
C1B NDP B . 10.94 2.91 6.75
N9A NDP B . 10.55 1.56 7.17
C8A NDP B . 10.09 0.53 6.37
N7A NDP B . 9.83 -0.56 7.03
C5A NDP B . 10.14 -0.25 8.34
C6A NDP B . 10.07 -0.99 9.55
N6A NDP B . 9.65 -2.26 9.61
N1A NDP B . 10.45 -0.37 10.69
C2A NDP B . 10.86 0.89 10.62
N3A NDP B . 10.97 1.70 9.56
C4A NDP B . 10.59 1.07 8.44
O3 NDP B . 12.41 3.40 -0.16
PN NDP B . 13.09 3.75 -1.61
O1N NDP B . 14.02 4.88 -1.43
O2N NDP B . 13.64 2.51 -2.18
O5D NDP B . 11.77 4.20 -2.37
C5D NDP B . 10.94 3.24 -3.04
C4D NDP B . 10.69 3.66 -4.47
O4D NDP B . 9.91 2.64 -5.14
C3D NDP B . 9.88 4.93 -4.65
O3D NDP B . 10.72 6.09 -4.58
C2D NDP B . 9.30 4.74 -6.05
O2D NDP B . 10.21 5.09 -7.09
C1D NDP B . 9.02 3.24 -6.07
N1N NDP B . 7.65 2.90 -5.68
C2N NDP B . 6.72 2.24 -6.35
C3N NDP B . 5.52 1.97 -5.95
C7N NDP B . 4.82 1.23 -6.96
O7N NDP B . 3.63 1.03 -6.43
N7N NDP B . 5.21 0.81 -8.18
C4N NDP B . 5.11 2.45 -4.58
C5N NDP B . 6.09 3.17 -3.79
C6N NDP B . 7.36 3.43 -4.27
P2B NDP B . 14.19 5.03 7.72
O1X NDP B . 13.74 5.08 9.24
O2X NDP B . 15.10 3.83 7.49
O3X NDP B . 14.19 6.45 7.15
H51A NDP B . 11.19 1.68 3.29
H52A NDP B . 10.34 3.15 2.81
H4B NDP B . 11.73 4.44 4.45
H3B NDP B . 12.87 1.72 5.13
HO3A NDP B . 14.16 3.21 3.93
H2B NDP B . 12.96 2.45 7.41
H1B NDP B . 10.44 3.58 7.44
H8A NDP B . 9.96 0.62 5.30
H61A NDP B . 9.63 -2.73 10.49
H62A NDP B . 9.36 -2.74 8.77
H2A NDP B . 11.15 1.35 11.57
H51N NDP B . 11.42 2.27 -3.02
H52N NDP B . 9.98 3.17 -2.52
H4D NDP B . 11.62 3.80 -5.00
H3D NDP B . 9.07 5.01 -3.92
HO3N NDP B . 10.33 6.73 -4.00
H2D NDP B . 8.39 5.31 -6.20
HO2N NDP B . 10.94 5.59 -6.72
H1D NDP B . 9.17 2.81 -7.05
H2N NDP B . 6.99 1.88 -7.35
H71N NDP B . 4.57 0.28 -8.77
H72N NDP B . 6.15 1.01 -8.51
H41N NDP B . 4.26 3.11 -4.71
H42N NDP B . 4.84 1.56 -4.01
H5N NDP B . 5.80 3.51 -2.80
H6N NDP B . 8.10 3.98 -3.68
N1 TRR C . 0.85 2.75 -6.49
C2 TRR C . 0.44 1.51 -6.04
N2 TRR C . -0.20 0.64 -6.89
N3 TRR C . 0.71 1.14 -4.74
C4 TRR C . 1.36 2.00 -3.88
N4 TRR C . 1.61 1.62 -2.59
C5 TRR C . 1.76 3.26 -4.34
C6 TRR C . 1.50 3.62 -5.65
C7 TRR C . 2.47 4.20 -3.41
C11 TRR C . 2.24 5.65 -3.74
C12 TRR C . 3.19 6.38 -4.44
C13 TRR C . 2.95 7.72 -4.75
C14 TRR C . 1.77 8.34 -4.35
C15 TRR C . 0.80 7.61 -3.65
C16 TRR C . 1.04 6.26 -3.34
O13 TRR C . 3.91 8.46 -5.45
O14 TRR C . 1.54 9.66 -4.66
O15 TRR C . -0.37 8.23 -3.25
C17 TRR C . 5.10 7.84 -5.86
C18 TRR C . 1.87 10.62 -3.69
C19 TRR C . -1.33 7.50 -2.54
H1 TRR C . 0.66 3.02 -7.42
H21 TRR C . -0.39 0.91 -7.82
H22 TRR C . -0.49 -0.24 -6.57
H41 TRR C . 1.32 0.72 -2.26
H42 TRR C . 2.08 2.22 -1.96
H6 TRR C . 1.81 4.61 -6.01
H71 TRR C . 3.56 4.00 -3.46
H72 TRR C . 2.15 4.02 -2.39
H12 TRR C . 4.13 5.89 -4.76
H16 TRR C . 0.29 5.68 -2.78
H171 TRR C . 5.73 7.60 -5.00
H172 TRR C . 5.68 8.49 -6.52
H173 TRR C . 4.91 6.91 -6.39
H181 TRR C . 2.83 10.40 -3.22
H182 TRR C . 1.13 10.67 -2.90
H183 TRR C . 1.95 11.61 -4.13
H191 TRR C . -0.88 6.93 -1.74
H192 TRR C . -1.85 6.78 -3.19
H193 TRR C . -2.09 8.14 -2.10
#